data_6WQ0
#
_entry.id   6WQ0
#
_cell.length_a   1.00
_cell.length_b   1.00
_cell.length_c   1.00
_cell.angle_alpha   90.00
_cell.angle_beta   90.00
_cell.angle_gamma   90.00
#
_symmetry.space_group_name_H-M   'P 1'
#
loop_
_entity.id
_entity.type
_entity.pdbx_description
1 polymer 'DNA (301-MER)'
2 polymer 'DNA (301-MER)'
3 polymer 'Structural protein'
#
loop_
_entity_poly.entity_id
_entity_poly.type
_entity_poly.pdbx_seq_one_letter_code
_entity_poly.pdbx_strand_id
1 'polydeoxyribonucleotide'
;(DA)(DT)(DA)(DT)(DA)(DT)(DA)(DT)(DA)(DT)(DA)(DT)(DA)(DT)(DA)(DT)(DA)(DT)(DA)(DT)
(DA)(DT)(DA)(DT)(DA)(DT)(DA)(DT)(DA)(DT)(DA)(DT)(DA)(DT)(DA)(DT)(DA)(DT)(DA)(DT)
(DA)(DT)(DA)(DT)(DA)(DT)(DA)(DT)(DA)(DT)(DA)(DT)(DA)(DT)(DA)(DT)(DA)(DT)(DA)(DT)
(DA)(DT)(DA)(DT)(DA)(DT)(DA)(DT)(DA)(DT)(DA)(DT)(DA)(DT)(DA)(DT)(DA)(DT)(DA)(DT)
(DA)(DT)(DA)(DT)(DA)(DT)(DA)(DT)(DA)(DT)(DA)(DT)(DA)(DT)(DA)(DT)(DA)(DT)(DA)(DT)
(DA)(DT)(DA)(DT)(DA)(DT)(DA)(DT)(DA)(DT)(DA)(DT)(DA)(DT)(DA)(DT)(DA)(DT)(DA)(DT)
(DA)(DT)(DA)(DT)(DA)(DT)(DA)(DT)(DA)(DT)(DA)(DT)(DA)(DT)(DA)(DT)(DA)(DT)(DA)(DT)
(DA)(DT)(DA)(DT)(DA)(DT)(DA)(DT)(DA)(DT)(DA)(DT)(DA)(DT)(DA)(DT)(DA)(DT)(DA)(DT)
(DA)(DT)(DA)(DT)(DA)(DT)(DA)(DT)(DA)(DT)(DA)(DT)(DA)(DT)(DA)(DT)(DA)(DT)(DA)(DT)
(DA)(DT)(DA)(DT)(DA)(DT)(DA)(DT)(DA)(DT)(DA)(DT)(DA)(DT)(DA)(DT)(DA)(DT)(DA)(DT)
(DA)(DT)(DA)(DT)(DA)(DT)(DA)(DT)(DA)(DT)(DA)(DT)(DA)(DT)(DA)(DT)(DA)(DT)(DA)(DT)
(DA)(DT)(DA)(DT)(DA)(DT)(DA)(DT)(DA)(DT)(DA)(DT)(DA)(DT)(DA)(DT)(DA)(DT)(DA)(DT)
(DA)(DT)(DA)(DT)(DA)(DT)(DA)(DT)(DA)(DT)(DA)(DT)(DA)(DT)(DA)(DT)(DA)(DT)(DA)(DT)
(DA)(DT)(DA)(DT)(DA)(DT)(DA)(DT)(DA)(DT)(DA)(DT)(DA)(DT)(DA)(DT)(DA)(DT)(DA)(DT)
(DA)(DT)(DA)(DT)(DA)(DT)(DA)(DT)(DA)(DT)(DA)(DT)(DA)(DT)(DA)(DT)(DA)(DT)(DA)(DT)
(DA)
;
7
2 'polydeoxyribonucleotide'
;(DT)(DA)(DT)(DA)(DT)(DA)(DT)(DA)(DT)(DA)(DT)(DA)(DT)(DA)(DT)(DA)(DT)(DA)(DT)(DA)
(DT)(DA)(DT)(DA)(DT)(DA)(DT)(DA)(DT)(DA)(DT)(DA)(DT)(DA)(DT)(DA)(DT)(DA)(DT)(DA)
(DT)(DA)(DT)(DA)(DT)(DA)(DT)(DA)(DT)(DA)(DT)(DA)(DT)(DA)(DT)(DA)(DT)(DA)(DT)(DA)
(DT)(DA)(DT)(DA)(DT)(DA)(DT)(DA)(DT)(DA)(DT)(DA)(DT)(DA)(DT)(DA)(DT)(DA)(DT)(DA)
(DT)(DA)(DT)(DA)(DT)(DA)(DT)(DA)(DT)(DA)(DT)(DA)(DT)(DA)(DT)(DA)(DT)(DA)(DT)(DA)
(DT)(DA)(DT)(DA)(DT)(DA)(DT)(DA)(DT)(DA)(DT)(DA)(DT)(DA)(DT)(DA)(DT)(DA)(DT)(DA)
(DT)(DA)(DT)(DA)(DT)(DA)(DT)(DA)(DT)(DA)(DT)(DA)(DT)(DA)(DT)(DA)(DT)(DA)(DT)(DA)
(DT)(DA)(DT)(DA)(DT)(DA)(DT)(DA)(DT)(DA)(DT)(DA)(DT)(DA)(DT)(DA)(DT)(DA)(DT)(DA)
(DT)(DA)(DT)(DA)(DT)(DA)(DT)(DA)(DT)(DA)(DT)(DA)(DT)(DA)(DT)(DA)(DT)(DA)(DT)(DA)
(DT)(DA)(DT)(DA)(DT)(DA)(DT)(DA)(DT)(DA)(DT)(DA)(DT)(DA)(DT)(DA)(DT)(DA)(DT)(DA)
(DT)(DA)(DT)(DA)(DT)(DA)(DT)(DA)(DT)(DA)(DT)(DA)(DT)(DA)(DT)(DA)(DT)(DA)(DT)(DA)
(DT)(DA)(DT)(DA)(DT)(DA)(DT)(DA)(DT)(DA)(DT)(DA)(DT)(DA)(DT)(DA)(DT)(DA)(DT)(DA)
(DT)(DA)(DT)(DA)(DT)(DA)(DT)(DA)(DT)(DA)(DT)(DA)(DT)(DA)(DT)(DA)(DT)(DA)(DT)(DA)
(DT)(DA)(DT)(DA)(DT)(DA)(DT)(DA)(DT)(DA)(DT)(DA)(DT)(DA)(DT)(DA)(DT)(DA)(DT)(DA)
(DT)(DA)(DT)(DA)(DT)(DA)(DT)(DA)(DT)(DA)(DT)(DA)(DT)(DA)(DT)(DA)(DT)(DA)(DT)(DA)
(DT)
;
8
3 'polypeptide(L)'
;MAKGRTPRSFSQRYGKWNAKFTAFSNPTVASTILTNVAPIAQGNFQTNVPKFTSVNEQVSAVLTQYGVTGPSRAIYQGYG
LKVARALNRIGAGPALTNMVAGLKAYYVSAYGANPEILDAVTNIILGSPTGYVS
;
A,B,C,D,E,F,G,H,I,J,K,L,M,N,O,P,Q,R,S,T,U,V,W,a,b,c,d,e,f,g,h,i,j,k,l,m,n,o,p,q,r,s,t,u,v,w
#
# COMPACT_ATOMS: atom_id res chain seq x y z
N ALA C 2 51.19 55.28 3.08
CA ALA C 2 51.27 54.69 4.41
C ALA C 2 51.68 53.23 4.34
N LYS C 3 52.83 52.96 3.73
CA LYS C 3 53.35 51.61 3.59
C LYS C 3 54.71 51.42 4.22
N GLY C 4 55.58 52.41 4.12
CA GLY C 4 56.91 52.31 4.70
C GLY C 4 57.22 53.38 5.73
N ARG C 5 56.27 53.64 6.62
CA ARG C 5 56.38 54.79 7.51
C ARG C 5 56.89 54.42 8.90
N THR C 6 56.70 53.20 9.33
CA THR C 6 57.22 52.73 10.60
C THR C 6 58.24 51.61 10.37
N PRO C 7 59.29 51.54 11.19
CA PRO C 7 60.28 50.47 11.03
C PRO C 7 59.72 49.12 11.45
N ARG C 8 59.97 48.11 10.62
CA ARG C 8 59.53 46.74 10.87
C ARG C 8 60.74 45.86 11.11
N SER C 9 60.69 45.08 12.19
CA SER C 9 61.77 44.19 12.56
C SER C 9 61.57 42.82 11.91
N PHE C 10 62.50 41.89 12.16
CA PHE C 10 62.38 40.59 11.53
C PHE C 10 61.12 39.86 11.97
N SER C 11 60.70 40.04 13.22
CA SER C 11 59.50 39.37 13.71
C SER C 11 58.25 39.86 12.99
N GLN C 12 58.13 41.19 12.81
CA GLN C 12 56.96 41.73 12.14
C GLN C 12 56.97 41.40 10.66
N ARG C 13 58.14 41.53 10.01
CA ARG C 13 58.26 41.15 8.61
C ARG C 13 57.90 39.69 8.41
N TYR C 14 58.43 38.81 9.24
CA TYR C 14 58.16 37.39 9.09
C TYR C 14 56.69 37.08 9.38
N GLY C 15 56.11 37.73 10.39
CA GLY C 15 54.70 37.50 10.68
C GLY C 15 53.80 37.89 9.52
N LYS C 16 54.02 39.09 8.95
CA LYS C 16 53.15 39.52 7.86
C LYS C 16 53.41 38.70 6.60
N TRP C 17 54.67 38.40 6.30
CA TRP C 17 54.96 37.59 5.12
C TRP C 17 54.36 36.21 5.24
N ASN C 18 54.48 35.57 6.41
CA ASN C 18 53.95 34.24 6.59
C ASN C 18 52.42 34.25 6.54
N ALA C 19 51.78 35.28 7.09
CA ALA C 19 50.33 35.38 7.01
C ALA C 19 49.87 35.50 5.56
N LYS C 20 50.53 36.36 4.79
CA LYS C 20 50.12 36.54 3.40
C LYS C 20 50.42 35.31 2.56
N PHE C 21 51.51 34.60 2.85
CA PHE C 21 51.83 33.38 2.13
C PHE C 21 50.83 32.28 2.45
N THR C 22 50.44 32.15 3.71
CA THR C 22 49.42 31.18 4.09
C THR C 22 48.07 31.50 3.47
N ALA C 23 47.75 32.79 3.35
CA ALA C 23 46.51 33.19 2.69
C ALA C 23 46.54 32.84 1.22
N PHE C 24 47.65 33.14 0.54
CA PHE C 24 47.74 32.91 -0.89
C PHE C 24 47.77 31.43 -1.27
N SER C 25 48.05 30.54 -0.31
CA SER C 25 48.02 29.11 -0.59
C SER C 25 46.61 28.53 -0.62
N ASN C 26 45.61 29.31 -0.26
CA ASN C 26 44.23 28.89 -0.39
C ASN C 26 43.91 28.67 -1.87
N PRO C 27 43.11 27.66 -2.21
CA PRO C 27 42.78 27.46 -3.64
C PRO C 27 42.01 28.61 -4.23
N THR C 28 40.98 29.10 -3.52
CA THR C 28 40.15 30.17 -4.05
C THR C 28 40.91 31.49 -4.13
N VAL C 29 41.71 31.81 -3.12
CA VAL C 29 42.44 33.07 -3.13
C VAL C 29 43.40 33.13 -4.32
N ALA C 30 44.29 32.15 -4.41
CA ALA C 30 45.27 32.13 -5.49
C ALA C 30 44.59 32.05 -6.84
N SER C 31 43.59 31.18 -6.97
CA SER C 31 42.88 31.02 -8.24
C SER C 31 42.25 32.32 -8.69
N THR C 32 41.51 32.99 -7.80
CA THR C 32 40.83 34.23 -8.15
C THR C 32 41.84 35.31 -8.53
N ILE C 33 42.90 35.46 -7.74
CA ILE C 33 43.86 36.53 -8.01
C ILE C 33 44.54 36.31 -9.37
N LEU C 34 45.03 35.09 -9.61
CA LEU C 34 45.76 34.84 -10.84
C LEU C 34 44.85 34.88 -12.05
N THR C 35 43.64 34.34 -11.94
CA THR C 35 42.70 34.40 -13.06
C THR C 35 42.33 35.83 -13.39
N ASN C 36 42.21 36.68 -12.37
CA ASN C 36 41.85 38.08 -12.62
C ASN C 36 42.99 38.86 -13.24
N VAL C 37 44.24 38.59 -12.82
CA VAL C 37 45.37 39.35 -13.35
C VAL C 37 45.99 38.72 -14.60
N ALA C 38 45.46 37.60 -15.09
CA ALA C 38 46.03 36.96 -16.27
C ALA C 38 46.10 37.85 -17.50
N PRO C 39 45.02 38.51 -17.94
CA PRO C 39 45.14 39.32 -19.18
C PRO C 39 46.09 40.50 -19.07
N ILE C 40 46.11 41.16 -17.92
CA ILE C 40 47.01 42.29 -17.73
C ILE C 40 48.46 41.83 -17.74
N ALA C 41 48.72 40.66 -17.13
CA ALA C 41 50.07 40.10 -17.13
C ALA C 41 50.51 39.72 -18.54
N GLN C 42 49.62 39.10 -19.31
CA GLN C 42 49.94 38.80 -20.71
C GLN C 42 50.26 40.08 -21.48
N GLY C 43 49.49 41.14 -21.23
CA GLY C 43 49.74 42.39 -21.94
C GLY C 43 51.06 43.03 -21.57
N ASN C 44 51.43 42.99 -20.30
CA ASN C 44 52.73 43.54 -19.89
C ASN C 44 53.88 42.74 -20.48
N PHE C 45 53.75 41.41 -20.47
CA PHE C 45 54.75 40.55 -21.10
C PHE C 45 54.92 40.91 -22.57
N GLN C 46 53.81 40.98 -23.30
CA GLN C 46 53.87 41.29 -24.73
C GLN C 46 54.42 42.68 -24.99
N THR C 47 54.17 43.62 -24.09
CA THR C 47 54.67 44.96 -24.29
C THR C 47 56.18 45.04 -24.08
N ASN C 48 56.71 44.27 -23.13
CA ASN C 48 58.08 44.51 -22.69
C ASN C 48 59.12 43.52 -23.19
N VAL C 49 58.79 42.23 -23.34
CA VAL C 49 59.83 41.23 -23.58
C VAL C 49 60.51 41.32 -24.96
N PRO C 50 59.81 41.71 -26.04
CA PRO C 50 60.51 41.81 -27.34
C PRO C 50 61.78 42.65 -27.33
N LYS C 51 61.77 43.78 -26.60
CA LYS C 51 62.93 44.65 -26.52
C LYS C 51 64.14 43.96 -25.91
N PHE C 52 63.93 42.87 -25.17
CA PHE C 52 65.01 42.15 -24.54
C PHE C 52 65.39 40.88 -25.30
N THR C 53 64.43 40.23 -25.94
CA THR C 53 64.77 39.13 -26.85
C THR C 53 65.64 39.62 -28.00
N SER C 54 65.33 40.80 -28.55
CA SER C 54 66.13 41.32 -29.64
C SER C 54 67.54 41.68 -29.18
N VAL C 55 67.66 42.22 -27.96
CA VAL C 55 68.98 42.49 -27.40
C VAL C 55 69.76 41.21 -27.23
N ASN C 56 69.09 40.14 -26.78
CA ASN C 56 69.76 38.85 -26.66
C ASN C 56 70.34 38.40 -27.98
N GLU C 57 69.53 38.45 -29.05
CA GLU C 57 70.00 37.99 -30.36
C GLU C 57 71.14 38.85 -30.90
N GLN C 58 71.02 40.17 -30.78
CA GLN C 58 72.07 41.05 -31.28
C GLN C 58 73.37 40.90 -30.51
N VAL C 59 73.29 40.80 -29.17
CA VAL C 59 74.51 40.64 -28.39
C VAL C 59 75.15 39.29 -28.66
N SER C 60 74.35 38.25 -28.89
CA SER C 60 74.92 36.96 -29.27
C SER C 60 75.70 37.08 -30.58
N ALA C 61 75.10 37.73 -31.59
CA ALA C 61 75.80 37.94 -32.84
C ALA C 61 77.10 38.71 -32.64
N VAL C 62 77.11 39.68 -31.73
CA VAL C 62 78.33 40.45 -31.48
C VAL C 62 79.37 39.59 -30.78
N LEU C 63 78.94 38.76 -29.83
CA LEU C 63 79.88 37.97 -29.03
C LEU C 63 80.55 36.89 -29.87
N THR C 64 79.83 36.33 -30.84
CA THR C 64 80.45 35.30 -31.69
C THR C 64 81.54 35.88 -32.58
N GLN C 65 81.50 37.19 -32.86
CA GLN C 65 82.55 37.85 -33.62
C GLN C 65 83.79 38.13 -32.77
N TYR C 66 83.73 37.91 -31.46
CA TYR C 66 84.86 38.17 -30.59
C TYR C 66 85.43 36.92 -29.94
N GLY C 67 84.84 35.75 -30.17
CA GLY C 67 85.38 34.51 -29.67
C GLY C 67 84.96 34.13 -28.27
N VAL C 68 83.88 34.70 -27.77
CA VAL C 68 83.45 34.47 -26.39
C VAL C 68 82.55 33.25 -26.35
N THR C 69 82.86 32.31 -25.46
CA THR C 69 82.11 31.07 -25.32
C THR C 69 81.85 30.81 -23.85
N GLY C 70 80.83 29.99 -23.58
CA GLY C 70 80.58 29.48 -22.25
C GLY C 70 79.95 30.49 -21.32
N PRO C 71 80.12 30.28 -20.01
CA PRO C 71 79.58 31.25 -19.04
C PRO C 71 80.14 32.65 -19.18
N SER C 72 81.33 32.80 -19.77
CA SER C 72 81.86 34.13 -20.03
C SER C 72 80.99 34.93 -20.97
N ARG C 73 80.14 34.28 -21.76
CA ARG C 73 79.16 35.02 -22.54
C ARG C 73 78.14 35.70 -21.65
N ALA C 74 77.67 34.98 -20.62
CA ALA C 74 76.61 35.50 -19.76
C ALA C 74 76.95 36.89 -19.23
N ILE C 75 78.21 37.11 -18.85
CA ILE C 75 78.64 38.42 -18.38
C ILE C 75 78.11 39.49 -19.31
N TYR C 76 78.53 39.44 -20.57
CA TYR C 76 78.14 40.48 -21.50
C TYR C 76 76.65 40.47 -21.75
N GLN C 77 76.04 39.28 -21.85
CA GLN C 77 74.59 39.21 -21.95
C GLN C 77 73.95 39.99 -20.82
N GLY C 78 74.37 39.70 -19.59
CA GLY C 78 73.84 40.43 -18.46
C GLY C 78 74.02 41.92 -18.63
N TYR C 79 75.25 42.35 -18.95
CA TYR C 79 75.49 43.78 -19.16
C TYR C 79 74.51 44.32 -20.18
N GLY C 80 74.40 43.66 -21.33
CA GLY C 80 73.49 44.12 -22.35
C GLY C 80 72.10 44.32 -21.80
N LEU C 81 71.56 43.29 -21.13
CA LEU C 81 70.20 43.41 -20.63
C LEU C 81 70.11 44.55 -19.63
N LYS C 82 71.09 44.67 -18.75
CA LYS C 82 71.14 45.79 -17.82
C LYS C 82 71.00 47.11 -18.56
N VAL C 83 71.80 47.31 -19.60
CA VAL C 83 71.74 48.57 -20.35
C VAL C 83 70.34 48.77 -20.91
N ALA C 84 69.77 47.72 -21.51
CA ALA C 84 68.43 47.85 -22.07
C ALA C 84 67.43 48.25 -20.99
N ARG C 85 67.58 47.69 -19.79
CA ARG C 85 66.73 48.09 -18.68
C ARG C 85 66.73 49.60 -18.52
N ALA C 86 67.92 50.20 -18.44
CA ALA C 86 68.01 51.65 -18.30
C ALA C 86 67.26 52.35 -19.42
N LEU C 87 67.48 51.92 -20.67
CA LEU C 87 66.83 52.57 -21.79
C LEU C 87 65.32 52.44 -21.71
N ASN C 88 64.83 51.32 -21.19
CA ASN C 88 63.39 51.14 -21.09
C ASN C 88 62.81 51.99 -19.97
N ARG C 89 63.64 52.34 -18.98
CA ARG C 89 63.12 53.00 -17.79
C ARG C 89 63.10 54.52 -17.94
N ILE C 90 64.26 55.11 -18.23
CA ILE C 90 64.39 56.55 -18.15
C ILE C 90 64.51 57.22 -19.51
N GLY C 91 64.86 56.49 -20.57
CA GLY C 91 64.94 57.04 -21.90
C GLY C 91 66.36 57.47 -22.25
N ALA C 92 66.48 58.01 -23.46
CA ALA C 92 67.76 58.50 -23.96
C ALA C 92 68.00 59.92 -23.48
N GLY C 93 69.26 60.23 -23.17
CA GLY C 93 69.63 61.52 -22.65
C GLY C 93 70.79 61.41 -21.69
N PRO C 94 71.16 62.52 -21.05
CA PRO C 94 72.30 62.49 -20.11
C PRO C 94 72.16 61.47 -18.98
N ALA C 95 70.95 61.18 -18.52
CA ALA C 95 70.78 60.17 -17.48
C ALA C 95 71.22 58.80 -17.97
N LEU C 96 70.87 58.46 -19.22
CA LEU C 96 71.30 57.18 -19.79
C LEU C 96 72.81 57.13 -19.95
N THR C 97 73.44 58.25 -20.27
CA THR C 97 74.91 58.28 -20.35
C THR C 97 75.54 58.03 -19.00
N ASN C 98 75.01 58.68 -17.95
CA ASN C 98 75.49 58.44 -16.60
C ASN C 98 75.35 56.97 -16.21
N MET C 99 74.18 56.39 -16.48
CA MET C 99 73.98 54.99 -16.10
C MET C 99 74.84 54.05 -16.91
N VAL C 100 75.11 54.35 -18.17
CA VAL C 100 75.97 53.47 -18.96
C VAL C 100 77.41 53.52 -18.44
N ALA C 101 77.90 54.72 -18.10
CA ALA C 101 79.23 54.82 -17.52
C ALA C 101 79.32 54.07 -16.20
N GLY C 102 78.29 54.22 -15.35
CA GLY C 102 78.30 53.52 -14.07
C GLY C 102 78.22 52.01 -14.22
N LEU C 103 77.47 51.53 -15.21
CA LEU C 103 77.39 50.09 -15.44
C LEU C 103 78.71 49.53 -15.95
N LYS C 104 79.39 50.27 -16.84
CA LYS C 104 80.70 49.82 -17.29
C LYS C 104 81.68 49.76 -16.13
N ALA C 105 81.70 50.79 -15.28
CA ALA C 105 82.54 50.75 -14.09
C ALA C 105 82.23 49.52 -13.24
N TYR C 106 80.94 49.29 -12.99
CA TYR C 106 80.50 48.13 -12.22
C TYR C 106 81.07 46.84 -12.78
N TYR C 107 80.84 46.58 -14.07
CA TYR C 107 81.21 45.28 -14.63
C TYR C 107 82.73 45.12 -14.73
N VAL C 108 83.44 46.14 -15.19
CA VAL C 108 84.89 46.04 -15.30
C VAL C 108 85.53 45.85 -13.93
N SER C 109 84.99 46.49 -12.88
CA SER C 109 85.67 46.40 -11.59
C SER C 109 85.29 45.16 -10.82
N ALA C 110 84.03 44.72 -10.91
CA ALA C 110 83.61 43.60 -10.09
C ALA C 110 83.76 42.25 -10.80
N TYR C 111 83.50 42.19 -12.10
CA TYR C 111 83.37 40.92 -12.79
C TYR C 111 84.45 40.67 -13.83
N GLY C 112 85.47 41.52 -13.89
CA GLY C 112 86.58 41.29 -14.80
C GLY C 112 86.20 41.31 -16.26
N ALA C 113 85.21 42.10 -16.64
CA ALA C 113 84.79 42.19 -18.02
C ALA C 113 85.81 42.98 -18.84
N ASN C 114 85.77 42.76 -20.14
CA ASN C 114 86.66 43.38 -21.11
C ASN C 114 86.07 44.70 -21.59
N PRO C 115 86.80 45.81 -21.47
CA PRO C 115 86.26 47.09 -21.96
C PRO C 115 85.92 47.10 -23.44
N GLU C 116 86.70 46.39 -24.27
CA GLU C 116 86.46 46.37 -25.70
C GLU C 116 85.13 45.70 -26.04
N ILE C 117 84.85 44.54 -25.45
CA ILE C 117 83.59 43.86 -25.71
C ILE C 117 82.43 44.63 -25.09
N LEU C 118 82.65 45.29 -23.96
CA LEU C 118 81.59 46.13 -23.39
C LEU C 118 81.25 47.27 -24.34
N ASP C 119 82.26 47.88 -24.97
CA ASP C 119 82.00 48.91 -25.96
C ASP C 119 81.26 48.36 -27.16
N ALA C 120 81.62 47.15 -27.62
CA ALA C 120 80.91 46.56 -28.75
C ALA C 120 79.44 46.29 -28.43
N VAL C 121 79.16 45.82 -27.21
CA VAL C 121 77.79 45.52 -26.82
C VAL C 121 76.98 46.80 -26.70
N THR C 122 77.52 47.81 -26.01
CA THR C 122 76.79 49.06 -25.90
C THR C 122 76.66 49.77 -27.24
N ASN C 123 77.53 49.49 -28.20
CA ASN C 123 77.38 50.04 -29.53
C ASN C 123 76.25 49.35 -30.29
N ILE C 124 76.16 48.03 -30.20
CA ILE C 124 75.06 47.36 -30.88
C ILE C 124 73.72 47.72 -30.24
N ILE C 125 73.72 48.09 -28.96
CA ILE C 125 72.45 48.38 -28.29
C ILE C 125 72.04 49.85 -28.45
N LEU C 126 72.92 50.77 -28.08
CA LEU C 126 72.57 52.18 -28.08
C LEU C 126 72.96 52.92 -29.34
N GLY C 127 73.89 52.38 -30.12
CA GLY C 127 74.36 53.01 -31.34
C GLY C 127 75.73 53.62 -31.23
N SER C 128 76.19 53.91 -30.03
CA SER C 128 77.50 54.49 -29.79
C SER C 128 78.11 53.83 -28.55
N PRO C 129 79.44 53.70 -28.51
CA PRO C 129 80.08 53.14 -27.31
C PRO C 129 79.76 53.92 -26.03
N THR C 130 79.86 55.24 -26.06
CA THR C 130 79.50 56.03 -24.88
C THR C 130 77.98 56.14 -24.73
N GLY C 131 77.25 56.11 -25.85
CA GLY C 131 75.80 56.11 -25.80
C GLY C 131 75.13 57.45 -25.97
N TYR C 132 75.87 58.49 -26.35
CA TYR C 132 75.30 59.83 -26.51
C TYR C 132 74.19 59.82 -27.55
N ALA D 2 29.65 65.34 14.80
CA ALA D 2 29.57 64.58 16.03
C ALA D 2 30.48 63.35 15.97
N LYS D 3 31.69 63.53 15.45
CA LYS D 3 32.67 62.47 15.29
C LYS D 3 33.93 62.71 16.10
N GLY D 4 34.43 63.94 16.12
CA GLY D 4 35.62 64.25 16.87
C GLY D 4 35.37 65.25 17.97
N ARG D 5 34.30 65.06 18.72
CA ARG D 5 33.88 66.04 19.71
C ARG D 5 34.41 65.74 21.10
N THR D 6 34.62 64.47 21.43
CA THR D 6 35.23 64.12 22.70
C THR D 6 36.60 63.50 22.47
N PRO D 7 37.55 63.71 23.39
CA PRO D 7 38.89 63.13 23.21
C PRO D 7 38.92 61.63 23.49
N ARG D 8 39.66 60.91 22.66
CA ARG D 8 39.85 59.47 22.80
C ARG D 8 41.31 59.15 23.09
N SER D 9 41.53 58.33 24.12
CA SER D 9 42.84 57.86 24.51
C SER D 9 43.25 56.67 23.65
N PHE D 10 44.41 56.09 23.95
CA PHE D 10 44.86 54.94 23.16
C PHE D 10 43.94 53.75 23.31
N SER D 11 43.43 53.51 24.53
CA SER D 11 42.58 52.35 24.75
C SER D 11 41.27 52.48 23.97
N GLN D 12 40.71 53.68 23.87
CA GLN D 12 39.47 53.86 23.13
C GLN D 12 39.68 53.71 21.63
N ARG D 13 40.71 54.37 21.09
CA ARG D 13 41.04 54.23 19.68
C ARG D 13 41.32 52.78 19.32
N TYR D 14 42.10 52.09 20.15
CA TYR D 14 42.43 50.71 19.85
C TYR D 14 41.21 49.81 19.94
N GLY D 15 40.35 50.04 20.94
CA GLY D 15 39.15 49.22 21.06
C GLY D 15 38.22 49.38 19.88
N LYS D 16 37.98 50.62 19.46
CA LYS D 16 37.08 50.83 18.34
C LYS D 16 37.69 50.35 17.03
N TRP D 17 38.99 50.60 16.81
CA TRP D 17 39.64 50.13 15.60
C TRP D 17 39.63 48.61 15.53
N ASN D 18 39.88 47.94 16.67
CA ASN D 18 39.88 46.49 16.69
C ASN D 18 38.49 45.93 16.46
N ALA D 19 37.46 46.56 17.03
CA ALA D 19 36.09 46.16 16.77
C ALA D 19 35.76 46.27 15.29
N LYS D 20 36.16 47.37 14.66
CA LYS D 20 35.83 47.56 13.25
C LYS D 20 36.61 46.60 12.35
N PHE D 21 37.87 46.32 12.69
CA PHE D 21 38.67 45.38 11.91
C PHE D 21 38.10 43.97 12.01
N THR D 22 37.71 43.55 13.22
CA THR D 22 37.08 42.24 13.38
C THR D 22 35.76 42.16 12.62
N ALA D 23 34.99 43.25 12.62
CA ALA D 23 33.73 43.25 11.89
C ALA D 23 33.98 43.12 10.38
N PHE D 24 34.94 43.88 9.85
CA PHE D 24 35.19 43.88 8.41
C PHE D 24 35.83 42.59 7.92
N SER D 25 36.43 41.79 8.80
CA SER D 25 37.01 40.52 8.40
C SER D 25 35.97 39.46 8.10
N ASN D 26 34.71 39.69 8.45
CA ASN D 26 33.66 38.75 8.13
C ASN D 26 33.49 38.66 6.61
N PRO D 27 33.24 37.47 6.07
CA PRO D 27 33.09 37.36 4.60
C PRO D 27 31.95 38.20 4.05
N THR D 28 30.78 38.11 4.68
CA THR D 28 29.61 38.83 4.19
C THR D 28 29.80 40.33 4.28
N VAL D 29 30.33 40.83 5.40
CA VAL D 29 30.47 42.27 5.59
C VAL D 29 31.41 42.85 4.53
N ALA D 30 32.62 42.29 4.44
CA ALA D 30 33.61 42.78 3.51
C ALA D 30 33.13 42.67 2.07
N SER D 31 32.59 41.51 1.69
CA SER D 31 32.17 41.32 0.32
C SER D 31 31.03 42.26 -0.05
N THR D 32 30.06 42.44 0.86
CA THR D 32 28.94 43.34 0.58
C THR D 32 29.41 44.77 0.41
N ILE D 33 30.25 45.26 1.33
CA ILE D 33 30.72 46.63 1.26
C ILE D 33 31.54 46.87 -0.02
N LEU D 34 32.44 45.94 -0.32
CA LEU D 34 33.34 46.15 -1.47
C LEU D 34 32.60 45.99 -2.79
N THR D 35 31.70 45.02 -2.89
CA THR D 35 30.90 44.87 -4.10
C THR D 35 30.00 46.08 -4.31
N ASN D 36 29.52 46.69 -3.23
CA ASN D 36 28.67 47.86 -3.36
C ASN D 36 29.46 49.09 -3.80
N VAL D 37 30.69 49.27 -3.27
CA VAL D 37 31.45 50.47 -3.59
C VAL D 37 32.35 50.30 -4.81
N ALA D 38 32.35 49.12 -5.44
CA ALA D 38 33.20 48.92 -6.62
C ALA D 38 33.00 49.94 -7.74
N PRO D 39 31.78 50.20 -8.23
CA PRO D 39 31.66 51.14 -9.37
C PRO D 39 32.04 52.58 -9.04
N ILE D 40 31.75 53.04 -7.82
CA ILE D 40 32.10 54.40 -7.44
C ILE D 40 33.62 54.55 -7.34
N ALA D 41 34.28 53.53 -6.80
CA ALA D 41 35.74 53.53 -6.72
C ALA D 41 36.37 53.50 -8.11
N GLN D 42 35.81 52.68 -9.02
CA GLN D 42 36.29 52.68 -10.39
C GLN D 42 36.16 54.05 -11.02
N GLY D 43 35.04 54.72 -10.81
CA GLY D 43 34.86 56.06 -11.34
C GLY D 43 35.85 57.06 -10.77
N ASN D 44 36.09 57.01 -9.46
CA ASN D 44 37.02 57.95 -8.84
C ASN D 44 38.45 57.72 -9.35
N PHE D 45 38.85 56.46 -9.50
CA PHE D 45 40.15 56.16 -10.09
C PHE D 45 40.24 56.72 -11.51
N GLN D 46 39.28 56.37 -12.36
CA GLN D 46 39.28 56.86 -13.74
C GLN D 46 39.28 58.38 -13.83
N THR D 47 38.70 59.05 -12.85
CA THR D 47 38.60 60.50 -12.90
C THR D 47 39.90 61.17 -12.44
N ASN D 48 40.58 60.58 -11.46
CA ASN D 48 41.70 61.28 -10.85
C ASN D 48 43.09 60.83 -11.27
N VAL D 49 43.28 59.56 -11.59
CA VAL D 49 44.64 59.04 -11.80
C VAL D 49 45.32 59.53 -13.07
N PRO D 50 44.64 59.77 -14.19
CA PRO D 50 45.36 60.26 -15.38
C PRO D 50 46.11 61.57 -15.17
N LYS D 51 45.55 62.49 -14.37
CA LYS D 51 46.23 63.73 -14.06
C LYS D 51 47.60 63.51 -13.42
N PHE D 52 47.78 62.37 -12.76
CA PHE D 52 49.04 62.07 -12.09
C PHE D 52 49.96 61.19 -12.91
N THR D 53 49.39 60.28 -13.72
CA THR D 53 50.22 59.56 -14.68
C THR D 53 50.88 60.50 -15.69
N SER D 54 50.12 61.49 -16.16
CA SER D 54 50.68 62.48 -17.08
C SER D 54 51.83 63.23 -16.44
N VAL D 55 51.65 63.64 -15.18
CA VAL D 55 52.71 64.36 -14.47
C VAL D 55 53.94 63.47 -14.32
N ASN D 56 53.73 62.19 -14.02
CA ASN D 56 54.83 61.25 -13.92
C ASN D 56 55.63 61.21 -15.21
N GLU D 57 54.93 61.10 -16.35
CA GLU D 57 55.64 61.02 -17.63
C GLU D 57 56.41 62.30 -17.94
N GLN D 58 55.79 63.46 -17.73
CA GLN D 58 56.46 64.72 -18.05
C GLN D 58 57.65 64.97 -17.13
N VAL D 59 57.52 64.64 -15.84
CA VAL D 59 58.63 64.83 -14.92
C VAL D 59 59.75 63.86 -15.23
N SER D 60 59.43 62.63 -15.65
CA SER D 60 60.47 61.70 -16.09
C SER D 60 61.26 62.28 -17.26
N ALA D 61 60.55 62.83 -18.25
CA ALA D 61 61.22 63.43 -19.40
C ALA D 61 62.12 64.60 -18.97
N VAL D 62 61.64 65.42 -18.04
CA VAL D 62 62.45 66.55 -17.58
C VAL D 62 63.67 66.08 -16.81
N LEU D 63 63.52 65.01 -16.02
CA LEU D 63 64.62 64.53 -15.19
C LEU D 63 65.71 63.87 -16.02
N THR D 64 65.33 63.20 -17.11
CA THR D 64 66.35 62.62 -17.97
C THR D 64 67.25 63.69 -18.58
N GLN D 65 66.72 64.89 -18.84
CA GLN D 65 67.50 65.99 -19.41
C GLN D 65 68.52 66.56 -18.43
N TYR D 66 68.36 66.32 -17.14
CA TYR D 66 69.25 66.86 -16.14
C TYR D 66 70.22 65.85 -15.55
N GLY D 67 70.11 64.58 -15.92
CA GLY D 67 71.05 63.57 -15.48
C GLY D 67 70.74 62.90 -14.17
N VAL D 68 69.51 62.97 -13.69
CA VAL D 68 69.13 62.40 -12.41
C VAL D 68 68.82 60.92 -12.61
N THR D 69 69.43 60.07 -11.77
CA THR D 69 69.28 58.63 -11.89
C THR D 69 69.05 58.03 -10.50
N GLY D 70 68.33 56.91 -10.48
CA GLY D 70 68.16 56.13 -9.27
C GLY D 70 67.14 56.72 -8.31
N PRO D 71 67.32 56.44 -7.02
CA PRO D 71 66.39 56.95 -6.01
C PRO D 71 66.32 58.47 -5.95
N SER D 72 67.37 59.19 -6.36
CA SER D 72 67.30 60.64 -6.43
C SER D 72 66.24 61.13 -7.40
N ARG D 73 65.81 60.28 -8.33
CA ARG D 73 64.67 60.64 -9.17
C ARG D 73 63.39 60.72 -8.35
N ALA D 74 63.18 59.77 -7.44
CA ALA D 74 61.96 59.75 -6.64
C ALA D 74 61.73 61.07 -5.93
N ILE D 75 62.78 61.69 -5.38
CA ILE D 75 62.66 63.00 -4.77
C ILE D 75 61.83 63.92 -5.66
N TYR D 76 62.32 64.14 -6.86
CA TYR D 76 61.65 65.08 -7.74
C TYR D 76 60.28 64.57 -8.14
N GLN D 77 60.17 63.27 -8.42
CA GLN D 77 58.85 62.72 -8.72
C GLN D 77 57.89 63.08 -7.60
N GLY D 78 58.29 62.80 -6.35
CA GLY D 78 57.43 63.12 -5.23
C GLY D 78 57.03 64.57 -5.24
N TYR D 79 58.01 65.47 -5.37
CA TYR D 79 57.69 66.90 -5.36
C TYR D 79 56.64 67.20 -6.42
N GLY D 80 56.87 66.72 -7.64
CA GLY D 80 55.93 66.97 -8.71
C GLY D 80 54.53 66.53 -8.33
N LEU D 81 54.40 65.29 -7.84
CA LEU D 81 53.08 64.80 -7.47
C LEU D 81 52.46 65.69 -6.41
N LYS D 82 53.25 66.07 -5.40
CA LYS D 82 52.76 66.99 -4.39
C LYS D 82 52.17 68.24 -5.02
N VAL D 83 52.92 68.89 -5.91
CA VAL D 83 52.41 70.08 -6.58
C VAL D 83 51.13 69.75 -7.33
N ALA D 84 51.14 68.64 -8.08
CA ALA D 84 49.95 68.27 -8.82
C ALA D 84 48.77 68.09 -7.88
N ARG D 85 48.99 67.47 -6.73
CA ARG D 85 47.92 67.30 -5.77
C ARG D 85 47.33 68.65 -5.40
N ALA D 86 48.19 69.62 -5.10
CA ALA D 86 47.70 70.95 -4.75
C ALA D 86 46.83 71.51 -5.86
N LEU D 87 47.28 71.39 -7.11
CA LEU D 87 46.51 71.93 -8.22
C LEU D 87 45.16 71.24 -8.33
N ASN D 88 45.09 69.97 -7.97
CA ASN D 88 43.82 69.28 -8.06
C ASN D 88 42.89 69.68 -6.93
N ARG D 89 43.43 70.15 -5.82
CA ARG D 89 42.62 70.36 -4.63
C ARG D 89 42.00 71.74 -4.60
N ILE D 90 42.82 72.78 -4.72
CA ILE D 90 42.34 74.14 -4.53
C ILE D 90 42.28 74.96 -5.81
N GLY D 91 42.96 74.52 -6.87
CA GLY D 91 42.92 75.21 -8.14
C GLY D 91 44.07 76.19 -8.29
N ALA D 92 44.05 76.90 -9.41
CA ALA D 92 45.08 77.89 -9.71
C ALA D 92 44.73 79.22 -9.07
N GLY D 93 45.76 79.92 -8.59
CA GLY D 93 45.57 81.19 -7.93
C GLY D 93 46.63 81.45 -6.87
N PRO D 94 46.47 82.54 -6.12
CA PRO D 94 47.47 82.89 -5.08
C PRO D 94 47.68 81.80 -4.04
N ALA D 95 46.64 81.03 -3.71
CA ALA D 95 46.80 79.93 -2.76
C ALA D 95 47.78 78.89 -3.30
N LEU D 96 47.70 78.60 -4.59
CA LEU D 96 48.62 77.65 -5.20
C LEU D 96 50.05 78.19 -5.21
N THR D 97 50.20 79.51 -5.34
CA THR D 97 51.52 80.10 -5.25
C THR D 97 52.12 79.93 -3.86
N ASN D 98 51.32 80.21 -2.83
CA ASN D 98 51.77 80.00 -1.45
C ASN D 98 52.18 78.55 -1.23
N MET D 99 51.35 77.60 -1.69
CA MET D 99 51.69 76.21 -1.46
C MET D 99 52.90 75.75 -2.27
N VAL D 100 53.10 76.27 -3.47
CA VAL D 100 54.28 75.87 -4.23
C VAL D 100 55.55 76.38 -3.57
N ALA D 101 55.53 77.63 -3.09
CA ALA D 101 56.67 78.15 -2.35
C ALA D 101 56.93 77.32 -1.09
N GLY D 102 55.88 76.97 -0.35
CA GLY D 102 56.05 76.15 0.83
C GLY D 102 56.61 74.77 0.55
N LEU D 103 56.15 74.14 -0.53
CA LEU D 103 56.66 72.83 -0.90
C LEU D 103 58.11 72.90 -1.35
N LYS D 104 58.49 73.96 -2.06
CA LYS D 104 59.89 74.12 -2.45
C LYS D 104 60.78 74.27 -1.22
N ALA D 105 60.37 75.10 -0.26
CA ALA D 105 61.13 75.24 0.98
C ALA D 105 61.24 73.90 1.71
N TYR D 106 60.11 73.22 1.85
CA TYR D 106 60.08 71.89 2.46
C TYR D 106 61.13 70.98 1.84
N TYR D 107 61.07 70.80 0.52
CA TYR D 107 61.94 69.81 -0.11
C TYR D 107 63.40 70.23 -0.12
N VAL D 108 63.68 71.50 -0.39
CA VAL D 108 65.06 71.96 -0.42
C VAL D 108 65.72 71.83 0.94
N SER D 109 65.00 72.13 2.02
CA SER D 109 65.66 72.16 3.32
C SER D 109 65.56 70.82 4.06
N ALA D 110 64.62 69.95 3.68
CA ALA D 110 64.54 68.67 4.37
C ALA D 110 65.22 67.54 3.61
N TYR D 111 65.17 67.55 2.28
CA TYR D 111 65.66 66.44 1.49
C TYR D 111 66.82 66.84 0.58
N GLY D 112 67.34 68.05 0.74
CA GLY D 112 68.48 68.48 -0.05
C GLY D 112 68.25 68.48 -1.54
N ALA D 113 67.04 68.80 -1.97
CA ALA D 113 66.75 68.86 -3.39
C ALA D 113 67.41 70.07 -4.04
N ASN D 114 67.64 69.97 -5.32
CA ASN D 114 68.24 71.02 -6.14
C ASN D 114 67.18 72.06 -6.48
N PRO D 115 67.41 73.34 -6.19
CA PRO D 115 66.41 74.36 -6.57
C PRO D 115 66.20 74.47 -8.07
N GLU D 116 67.24 74.22 -8.87
CA GLU D 116 67.11 74.30 -10.32
C GLU D 116 66.18 73.23 -10.87
N ILE D 117 66.35 71.99 -10.41
CA ILE D 117 65.51 70.92 -10.91
C ILE D 117 64.09 71.06 -10.37
N LEU D 118 63.92 71.60 -9.17
CA LEU D 118 62.58 71.88 -8.67
C LEU D 118 61.88 72.94 -9.51
N ASP D 119 62.63 73.99 -9.88
CA ASP D 119 62.08 74.99 -10.79
C ASP D 119 61.69 74.37 -12.13
N ALA D 120 62.52 73.49 -12.65
CA ALA D 120 62.21 72.82 -13.92
C ALA D 120 60.95 71.98 -13.82
N VAL D 121 60.81 71.23 -12.72
CA VAL D 121 59.65 70.36 -12.57
C VAL D 121 58.37 71.18 -12.41
N THR D 122 58.40 72.20 -11.57
CA THR D 122 57.21 73.05 -11.44
C THR D 122 56.95 73.84 -12.71
N ASN D 123 57.95 74.05 -13.56
CA ASN D 123 57.71 74.67 -14.85
C ASN D 123 57.00 73.73 -15.80
N ILE D 124 57.41 72.46 -15.86
CA ILE D 124 56.74 71.52 -16.74
C ILE D 124 55.32 71.25 -16.25
N ILE D 125 55.06 71.42 -14.96
CA ILE D 125 53.73 71.11 -14.43
C ILE D 125 52.80 72.31 -14.51
N LEU D 126 53.21 73.44 -13.93
CA LEU D 126 52.31 74.58 -13.79
C LEU D 126 52.44 75.61 -14.91
N GLY D 127 53.56 75.61 -15.62
CA GLY D 127 53.80 76.56 -16.69
C GLY D 127 54.94 77.52 -16.43
N SER D 128 55.23 77.81 -15.17
CA SER D 128 56.31 78.71 -14.81
C SER D 128 56.93 78.25 -13.51
N PRO D 129 58.20 78.57 -13.26
CA PRO D 129 58.84 78.14 -12.01
C PRO D 129 58.12 78.59 -10.74
N THR D 130 57.60 79.81 -10.72
CA THR D 130 56.85 80.25 -9.54
C THR D 130 55.42 79.77 -9.56
N GLY D 131 54.83 79.61 -10.74
CA GLY D 131 53.48 79.11 -10.87
C GLY D 131 52.40 80.15 -11.05
N TYR D 132 52.75 81.42 -11.25
CA TYR D 132 51.76 82.47 -11.43
C TYR D 132 50.92 82.19 -12.67
N ALA E 2 66.30 36.32 -8.78
CA ALA E 2 66.07 35.95 -7.39
C ALA E 2 65.99 34.44 -7.24
N LYS E 3 66.83 33.72 -7.97
CA LYS E 3 66.83 32.27 -7.97
C LYS E 3 68.12 31.68 -7.41
N GLY E 4 69.26 32.27 -7.72
CA GLY E 4 70.52 31.73 -7.25
C GLY E 4 71.29 32.70 -6.36
N ARG E 5 70.57 33.35 -5.45
CA ARG E 5 71.16 34.43 -4.68
C ARG E 5 71.68 33.98 -3.32
N THR E 6 71.03 33.02 -2.68
CA THR E 6 71.51 32.54 -1.41
C THR E 6 71.94 31.07 -1.52
N PRO E 7 73.00 30.68 -0.82
CA PRO E 7 73.47 29.29 -0.90
C PRO E 7 72.47 28.30 -0.31
N ARG E 8 72.30 27.17 -0.99
CA ARG E 8 71.38 26.12 -0.60
C ARG E 8 72.16 24.85 -0.29
N SER E 9 71.98 24.32 0.91
CA SER E 9 72.66 23.10 1.35
C SER E 9 71.91 21.87 0.87
N PHE E 10 72.41 20.69 1.20
CA PHE E 10 71.76 19.47 0.73
C PHE E 10 70.36 19.32 1.29
N SER E 11 70.15 19.69 2.55
CA SER E 11 68.83 19.55 3.15
C SER E 11 67.83 20.48 2.51
N GLN E 12 68.24 21.72 2.20
CA GLN E 12 67.34 22.66 1.54
C GLN E 12 67.01 22.21 0.12
N ARG E 13 68.03 21.84 -0.66
CA ARG E 13 67.81 21.33 -2.01
C ARG E 13 66.89 20.14 -2.00
N TYR E 14 67.15 19.17 -1.11
CA TYR E 14 66.34 17.96 -1.06
C TYR E 14 64.93 18.27 -0.62
N GLY E 15 64.75 19.15 0.36
CA GLY E 15 63.41 19.50 0.79
C GLY E 15 62.59 20.12 -0.33
N LYS E 16 63.17 21.09 -1.04
CA LYS E 16 62.41 21.73 -2.10
C LYS E 16 62.17 20.79 -3.28
N TRP E 17 63.19 20.01 -3.67
CA TRP E 17 63.00 19.08 -4.77
C TRP E 17 61.94 18.05 -4.42
N ASN E 18 61.93 17.58 -3.18
CA ASN E 18 60.94 16.60 -2.74
C ASN E 18 59.55 17.19 -2.71
N ALA E 19 59.42 18.44 -2.26
CA ALA E 19 58.12 19.09 -2.27
C ALA E 19 57.59 19.25 -3.68
N LYS E 20 58.44 19.67 -4.61
CA LYS E 20 57.99 19.86 -5.99
C LYS E 20 57.68 18.54 -6.66
N PHE E 21 58.43 17.48 -6.35
CA PHE E 21 58.17 16.18 -6.94
C PHE E 21 56.87 15.58 -6.40
N THR E 22 56.63 15.74 -5.10
CA THR E 22 55.38 15.28 -4.51
C THR E 22 54.19 16.05 -5.06
N ALA E 23 54.37 17.34 -5.33
CA ALA E 23 53.28 18.13 -5.91
C ALA E 23 52.99 17.69 -7.34
N PHE E 24 54.04 17.52 -8.15
CA PHE E 24 53.85 17.17 -9.55
C PHE E 24 53.25 15.78 -9.73
N SER E 25 53.32 14.92 -8.70
CA SER E 25 52.73 13.59 -8.76
C SER E 25 51.21 13.59 -8.64
N ASN E 26 50.61 14.71 -8.26
CA ASN E 26 49.17 14.82 -8.21
C ASN E 26 48.60 14.68 -9.63
N PRO E 27 47.48 13.98 -9.79
CA PRO E 27 46.93 13.80 -11.15
C PRO E 27 46.60 15.12 -11.84
N THR E 28 45.94 16.03 -11.14
CA THR E 28 45.51 17.28 -11.75
C THR E 28 46.70 18.17 -12.10
N VAL E 29 47.70 18.24 -11.23
CA VAL E 29 48.85 19.11 -11.47
C VAL E 29 49.60 18.67 -12.73
N ALA E 30 49.99 17.39 -12.77
CA ALA E 30 50.74 16.87 -13.91
C ALA E 30 49.92 16.93 -15.19
N SER E 31 48.65 16.53 -15.11
CA SER E 31 47.78 16.58 -16.27
C SER E 31 47.69 18.00 -16.83
N THR E 32 47.39 18.97 -15.97
CA THR E 32 47.24 20.36 -16.41
C THR E 32 48.53 20.88 -17.05
N ILE E 33 49.66 20.66 -16.39
CA ILE E 33 50.92 21.23 -16.88
C ILE E 33 51.28 20.62 -18.24
N LEU E 34 51.23 19.29 -18.35
CA LEU E 34 51.65 18.66 -19.58
C LEU E 34 50.70 18.94 -20.73
N THR E 35 49.40 18.99 -20.45
CA THR E 35 48.44 19.31 -21.49
C THR E 35 48.58 20.76 -21.94
N ASN E 36 48.99 21.65 -21.04
CA ASN E 36 49.18 23.05 -21.43
C ASN E 36 50.44 23.23 -22.26
N VAL E 37 51.52 22.51 -21.94
CA VAL E 37 52.76 22.69 -22.68
C VAL E 37 52.90 21.76 -23.88
N ALA E 38 51.93 20.90 -24.15
CA ALA E 38 52.04 20.00 -25.32
C ALA E 38 52.33 20.73 -26.62
N PRO E 39 51.57 21.74 -27.06
CA PRO E 39 51.85 22.34 -28.38
C PRO E 39 53.18 23.04 -28.48
N ILE E 40 53.63 23.70 -27.42
CA ILE E 40 54.92 24.38 -27.44
C ILE E 40 56.07 23.37 -27.45
N ALA E 41 55.91 22.28 -26.70
CA ALA E 41 56.91 21.21 -26.73
C ALA E 41 57.01 20.59 -28.12
N GLN E 42 55.87 20.34 -28.77
CA GLN E 42 55.88 19.84 -30.13
C GLN E 42 56.57 20.81 -31.08
N GLY E 43 56.29 22.10 -30.95
CA GLY E 43 56.95 23.08 -31.79
C GLY E 43 58.45 23.13 -31.60
N ASN E 44 58.91 23.09 -30.34
CA ASN E 44 60.35 23.10 -30.08
C ASN E 44 61.02 21.86 -30.64
N PHE E 45 60.40 20.70 -30.46
CA PHE E 45 60.91 19.47 -31.05
C PHE E 45 61.02 19.58 -32.57
N GLN E 46 59.94 20.00 -33.23
CA GLN E 46 59.93 20.10 -34.69
C GLN E 46 60.95 21.11 -35.19
N THR E 47 61.21 22.16 -34.41
CA THR E 47 62.17 23.17 -34.83
C THR E 47 63.60 22.66 -34.71
N ASN E 48 63.90 21.94 -33.64
CA ASN E 48 65.31 21.64 -33.33
C ASN E 48 65.81 20.29 -33.80
N VAL E 49 65.00 19.23 -33.72
CA VAL E 49 65.52 17.87 -33.89
C VAL E 49 65.99 17.54 -35.31
N PRO E 50 65.35 18.04 -36.39
CA PRO E 50 65.84 17.68 -37.74
C PRO E 50 67.32 17.98 -37.98
N LYS E 51 67.84 19.08 -37.42
CA LYS E 51 69.24 19.41 -37.57
C LYS E 51 70.16 18.37 -36.96
N PHE E 52 69.67 17.60 -36.00
CA PHE E 52 70.47 16.58 -35.33
C PHE E 52 70.28 15.20 -35.93
N THR E 53 69.08 14.88 -36.43
CA THR E 53 68.93 13.64 -37.18
C THR E 53 69.71 13.67 -38.48
N SER E 54 69.77 14.84 -39.14
CA SER E 54 70.58 14.97 -40.34
C SER E 54 72.05 14.73 -40.05
N VAL E 55 72.54 15.28 -38.94
CA VAL E 55 73.92 15.07 -38.53
C VAL E 55 74.18 13.59 -38.24
N ASN E 56 73.22 12.93 -37.59
CA ASN E 56 73.35 11.49 -37.34
C ASN E 56 73.55 10.74 -38.65
N GLU E 57 72.72 11.01 -39.66
CA GLU E 57 72.84 10.27 -40.91
C GLU E 57 74.15 10.56 -41.64
N GLN E 58 74.57 11.83 -41.67
CA GLN E 58 75.81 12.18 -42.35
C GLN E 58 77.02 11.57 -41.66
N VAL E 59 77.05 11.61 -40.33
CA VAL E 59 78.18 11.04 -39.61
C VAL E 59 78.19 9.53 -39.75
N SER E 60 77.02 8.90 -39.84
CA SER E 60 76.97 7.46 -40.11
C SER E 60 77.61 7.14 -41.45
N ALA E 61 77.27 7.93 -42.47
CA ALA E 61 77.88 7.74 -43.79
C ALA E 61 79.39 7.90 -43.73
N VAL E 62 79.87 8.90 -42.99
CA VAL E 62 81.31 9.12 -42.89
C VAL E 62 81.99 7.98 -42.14
N LEU E 63 81.31 7.44 -41.11
CA LEU E 63 81.93 6.42 -40.27
C LEU E 63 82.00 5.07 -40.97
N THR E 64 81.03 4.77 -41.84
CA THR E 64 81.10 3.52 -42.58
C THR E 64 82.27 3.53 -43.58
N GLN E 65 82.65 4.71 -44.08
CA GLN E 65 83.78 4.82 -44.99
C GLN E 65 85.12 4.64 -44.31
N TYR E 66 85.18 4.74 -42.99
CA TYR E 66 86.43 4.60 -42.26
C TYR E 66 86.55 3.28 -41.51
N GLY E 67 85.55 2.41 -41.58
CA GLY E 67 85.63 1.11 -40.96
C GLY E 67 85.32 1.07 -39.49
N VAL E 68 84.57 2.02 -38.97
CA VAL E 68 84.28 2.11 -37.54
C VAL E 68 83.01 1.33 -37.25
N THR E 69 83.05 0.50 -36.21
CA THR E 69 81.94 -0.38 -35.87
C THR E 69 81.72 -0.40 -34.37
N GLY E 70 80.51 -0.78 -33.97
CA GLY E 70 80.18 -1.00 -32.59
C GLY E 70 80.15 0.26 -31.78
N PRO E 71 80.36 0.15 -30.47
CA PRO E 71 80.34 1.33 -29.60
C PRO E 71 81.36 2.38 -29.98
N SER E 72 82.46 2.01 -30.63
CA SER E 72 83.43 2.99 -31.11
C SER E 72 82.81 4.00 -32.07
N ARG E 73 81.68 3.66 -32.69
CA ARG E 73 80.97 4.64 -33.50
C ARG E 73 80.41 5.76 -32.64
N ALA E 74 79.78 5.41 -31.52
CA ALA E 74 79.11 6.40 -30.68
C ALA E 74 80.03 7.56 -30.34
N ILE E 75 81.31 7.28 -30.08
CA ILE E 75 82.29 8.34 -29.81
C ILE E 75 82.14 9.45 -30.84
N TYR E 76 82.40 9.11 -32.10
CA TYR E 76 82.33 10.12 -33.13
C TYR E 76 80.91 10.65 -33.29
N GLN E 77 79.91 9.78 -33.21
CA GLN E 77 78.55 10.27 -33.23
C GLN E 77 78.36 11.33 -32.16
N GLY E 78 78.73 10.99 -30.92
CA GLY E 78 78.64 11.97 -29.85
C GLY E 78 79.35 13.25 -30.20
N TYR E 79 80.60 13.14 -30.65
CA TYR E 79 81.36 14.33 -31.02
C TYR E 79 80.59 15.15 -32.03
N GLY E 80 80.10 14.49 -33.09
CA GLY E 80 79.34 15.20 -34.10
C GLY E 80 78.21 16.00 -33.50
N LEU E 81 77.39 15.34 -32.67
CA LEU E 81 76.25 16.04 -32.08
C LEU E 81 76.72 17.21 -31.25
N LYS E 82 77.76 17.02 -30.45
CA LYS E 82 78.32 18.11 -29.67
C LYS E 82 78.63 19.29 -30.58
N VAL E 83 79.32 19.06 -31.69
CA VAL E 83 79.66 20.15 -32.59
C VAL E 83 78.40 20.81 -33.10
N ALA E 84 77.42 20.02 -33.52
CA ALA E 84 76.17 20.60 -33.99
C ALA E 84 75.53 21.47 -32.92
N ARG E 85 75.57 21.01 -31.66
CA ARG E 85 75.00 21.81 -30.58
C ARG E 85 75.61 23.20 -30.57
N ALA E 86 76.93 23.27 -30.69
CA ALA E 86 77.59 24.58 -30.69
C ALA E 86 77.08 25.44 -31.83
N LEU E 87 77.01 24.88 -33.03
CA LEU E 87 76.55 25.66 -34.18
C LEU E 87 75.12 26.14 -33.98
N ASN E 88 74.33 25.41 -33.19
CA ASN E 88 72.96 25.83 -32.98
C ASN E 88 72.87 26.94 -31.94
N ARG E 89 73.81 26.98 -31.00
CA ARG E 89 73.70 27.91 -29.88
C ARG E 89 74.26 29.28 -30.23
N ILE E 90 75.49 29.32 -30.74
CA ILE E 90 76.17 30.59 -30.92
C ILE E 90 76.37 30.98 -32.37
N GLY E 91 76.20 30.06 -33.31
CA GLY E 91 76.38 30.35 -34.72
C GLY E 91 77.82 30.19 -35.14
N ALA E 92 78.05 30.47 -36.43
CA ALA E 92 79.37 30.33 -37.02
C ALA E 92 80.21 31.58 -36.79
N GLY E 93 81.51 31.38 -36.59
CA GLY E 93 82.42 32.47 -36.32
C GLY E 93 83.57 32.03 -35.44
N PRO E 94 84.39 33.00 -35.01
CA PRO E 94 85.55 32.65 -34.16
C PRO E 94 85.21 31.90 -32.88
N ALA E 95 84.08 32.20 -32.24
CA ALA E 95 83.69 31.46 -31.05
C ALA E 95 83.43 30.00 -31.36
N LEU E 96 82.83 29.72 -32.52
CA LEU E 96 82.62 28.34 -32.93
C LEU E 96 83.95 27.64 -33.21
N THR E 97 84.91 28.34 -33.78
CA THR E 97 86.24 27.77 -33.99
C THR E 97 86.90 27.41 -32.66
N ASN E 98 86.80 28.30 -31.68
CA ASN E 98 87.36 28.03 -30.36
C ASN E 98 86.71 26.80 -29.73
N MET E 99 85.39 26.70 -29.82
CA MET E 99 84.73 25.54 -29.24
C MET E 99 85.06 24.26 -29.99
N VAL E 100 85.25 24.32 -31.31
CA VAL E 100 85.59 23.11 -32.05
C VAL E 100 86.99 22.63 -31.67
N ALA E 101 87.94 23.55 -31.54
CA ALA E 101 89.27 23.15 -31.09
C ALA E 101 89.22 22.55 -29.68
N GLY E 102 88.47 23.17 -28.79
CA GLY E 102 88.35 22.64 -27.44
C GLY E 102 87.70 21.28 -27.40
N LEU E 103 86.69 21.05 -28.25
CA LEU E 103 86.02 19.76 -28.29
C LEU E 103 86.94 18.67 -28.85
N LYS E 104 87.75 19.02 -29.85
CA LYS E 104 88.73 18.06 -30.34
C LYS E 104 89.73 17.69 -29.25
N ALA E 105 90.21 18.67 -28.49
CA ALA E 105 91.10 18.38 -27.37
C ALA E 105 90.41 17.48 -26.35
N TYR E 106 89.19 17.83 -25.97
CA TYR E 106 88.40 17.04 -25.03
C TYR E 106 88.34 15.58 -25.46
N TYR E 107 87.89 15.33 -26.68
CA TYR E 107 87.67 13.95 -27.10
C TYR E 107 88.98 13.18 -27.28
N VAL E 108 89.98 13.79 -27.94
CA VAL E 108 91.24 13.10 -28.13
C VAL E 108 91.90 12.75 -26.80
N SER E 109 91.79 13.63 -25.80
CA SER E 109 92.53 13.39 -24.57
C SER E 109 91.76 12.50 -23.60
N ALA E 110 90.43 12.65 -23.51
CA ALA E 110 89.69 11.88 -22.53
C ALA E 110 89.27 10.52 -23.06
N TYR E 111 88.94 10.40 -24.35
CA TYR E 111 88.28 9.21 -24.86
C TYR E 111 89.09 8.49 -25.93
N GLY E 112 90.30 8.94 -26.23
CA GLY E 112 91.12 8.27 -27.23
C GLY E 112 90.53 8.28 -28.62
N ALA E 113 89.93 9.39 -29.04
CA ALA E 113 89.39 9.48 -30.38
C ALA E 113 90.51 9.73 -31.38
N ASN E 114 90.27 9.28 -32.61
CA ASN E 114 91.21 9.42 -33.71
C ASN E 114 91.11 10.82 -34.30
N PRO E 115 92.21 11.56 -34.39
CA PRO E 115 92.14 12.92 -34.97
C PRO E 115 91.68 12.94 -36.41
N GLU E 116 91.99 11.90 -37.20
CA GLU E 116 91.56 11.88 -38.60
C GLU E 116 90.06 11.77 -38.73
N ILE E 117 89.44 10.87 -37.95
CA ILE E 117 87.99 10.72 -38.04
C ILE E 117 87.30 11.92 -37.43
N LEU E 118 87.91 12.56 -36.43
CA LEU E 118 87.35 13.81 -35.91
C LEU E 118 87.40 14.91 -36.95
N ASP E 119 88.48 14.96 -37.74
CA ASP E 119 88.55 15.92 -38.84
C ASP E 119 87.50 15.62 -39.91
N ALA E 120 87.29 14.34 -40.21
CA ALA E 120 86.28 13.98 -41.22
C ALA E 120 84.88 14.34 -40.75
N VAL E 121 84.59 14.12 -39.46
CA VAL E 121 83.28 14.47 -38.92
C VAL E 121 83.09 15.98 -38.93
N THR E 122 84.11 16.73 -38.49
CA THR E 122 84.02 18.18 -38.53
C THR E 122 83.91 18.70 -39.96
N ASN E 123 84.51 18.01 -40.92
CA ASN E 123 84.39 18.40 -42.32
C ASN E 123 82.98 18.18 -42.83
N ILE E 124 82.37 17.04 -42.49
CA ILE E 124 81.01 16.79 -42.99
C ILE E 124 80.00 17.71 -42.31
N ILE E 125 80.30 18.19 -41.10
CA ILE E 125 79.32 19.03 -40.40
C ILE E 125 79.50 20.50 -40.72
N LEU E 126 80.73 21.01 -40.60
CA LEU E 126 80.96 22.45 -40.74
C LEU E 126 81.52 22.84 -42.10
N GLY E 127 81.95 21.88 -42.91
CA GLY E 127 82.50 22.15 -44.21
C GLY E 127 84.01 22.15 -44.28
N SER E 128 84.68 22.24 -43.14
CA SER E 128 86.13 22.27 -43.07
C SER E 128 86.57 21.51 -41.83
N PRO E 129 87.76 20.90 -41.86
CA PRO E 129 88.25 20.21 -40.66
C PRO E 129 88.36 21.11 -39.44
N THR E 130 88.77 22.37 -39.63
CA THR E 130 88.86 23.30 -38.52
C THR E 130 87.56 24.06 -38.30
N GLY E 131 86.82 24.34 -39.37
CA GLY E 131 85.54 25.00 -39.27
C GLY E 131 85.51 26.48 -39.58
N TYR E 132 86.54 27.02 -40.22
CA TYR E 132 86.53 28.44 -40.57
C TYR E 132 85.45 28.71 -41.59
N ALA F 2 4.70 64.61 24.77
CA ALA F 2 4.89 63.80 25.96
C ALA F 2 6.21 63.06 25.92
N LYS F 3 7.29 63.78 25.55
CA LYS F 3 8.61 63.20 25.45
C LYS F 3 9.61 63.84 26.39
N GLY F 4 9.58 65.16 26.54
CA GLY F 4 10.52 65.83 27.42
C GLY F 4 9.86 66.45 28.62
N ARG F 5 8.95 65.72 29.25
CA ARG F 5 8.12 66.28 30.29
C ARG F 5 8.64 66.03 31.70
N THR F 6 9.31 64.91 31.92
CA THR F 6 9.88 64.62 33.23
C THR F 6 11.39 64.58 33.12
N PRO F 7 12.10 65.06 34.15
CA PRO F 7 13.57 65.07 34.09
C PRO F 7 14.14 63.67 34.14
N ARG F 8 15.17 63.42 33.33
CA ARG F 8 15.84 62.14 33.25
C ARG F 8 17.29 62.30 33.72
N SER F 9 17.69 61.47 34.67
CA SER F 9 19.04 61.49 35.22
C SER F 9 19.97 60.64 34.36
N PHE F 10 21.25 60.59 34.73
CA PHE F 10 22.20 59.85 33.93
C PHE F 10 21.83 58.38 33.83
N SER F 11 21.36 57.78 34.94
CA SER F 11 21.06 56.36 34.92
C SER F 11 19.84 56.05 34.05
N GLN F 12 18.86 56.96 34.04
CA GLN F 12 17.68 56.73 33.20
C GLN F 12 18.01 56.88 31.72
N ARG F 13 18.72 57.96 31.36
CA ARG F 13 19.16 58.13 29.98
C ARG F 13 20.02 56.96 29.54
N TYR F 14 20.95 56.53 30.40
CA TYR F 14 21.85 55.44 30.02
C TYR F 14 21.11 54.13 29.87
N GLY F 15 20.17 53.82 30.77
CA GLY F 15 19.43 52.59 30.66
C GLY F 15 18.57 52.55 29.41
N LYS F 16 17.88 53.65 29.11
CA LYS F 16 17.05 53.66 27.91
C LYS F 16 17.89 53.63 26.64
N TRP F 17 18.99 54.40 26.60
CA TRP F 17 19.86 54.38 25.43
C TRP F 17 20.46 53.01 25.21
N ASN F 18 20.88 52.35 26.29
CA ASN F 18 21.45 51.02 26.16
C ASN F 18 20.40 50.00 25.72
N ALA F 19 19.17 50.12 26.21
CA ALA F 19 18.11 49.22 25.77
C ALA F 19 17.84 49.38 24.28
N LYS F 20 17.70 50.62 23.82
CA LYS F 20 17.42 50.86 22.41
C LYS F 20 18.59 50.43 21.53
N PHE F 21 19.83 50.62 22.00
CA PHE F 21 21.00 50.22 21.23
C PHE F 21 21.10 48.70 21.15
N THR F 22 20.82 48.00 22.26
CA THR F 22 20.79 46.55 22.24
C THR F 22 19.72 46.02 21.31
N ALA F 23 18.57 46.70 21.26
CA ALA F 23 17.50 46.27 20.36
C ALA F 23 17.88 46.48 18.91
N PHE F 24 18.40 47.66 18.57
CA PHE F 24 18.73 47.95 17.18
C PHE F 24 19.84 47.05 16.64
N SER F 25 20.64 46.45 17.50
CA SER F 25 21.70 45.54 17.08
C SER F 25 21.18 44.18 16.63
N ASN F 26 19.91 43.88 16.90
CA ASN F 26 19.32 42.65 16.41
C ASN F 26 19.27 42.68 14.88
N PRO F 27 19.57 41.57 14.20
CA PRO F 27 19.64 41.62 12.73
C PRO F 27 18.32 42.01 12.08
N THR F 28 17.21 41.40 12.51
CA THR F 28 15.92 41.67 11.91
C THR F 28 15.49 43.12 12.15
N VAL F 29 15.73 43.64 13.35
CA VAL F 29 15.29 44.99 13.68
C VAL F 29 15.99 46.02 12.79
N ALA F 30 17.33 45.98 12.77
CA ALA F 30 18.10 46.93 11.96
C ALA F 30 17.80 46.77 10.48
N SER F 31 17.78 45.53 10.00
CA SER F 31 17.48 45.27 8.61
C SER F 31 16.13 45.85 8.21
N THR F 32 15.09 45.57 9.00
CA THR F 32 13.75 46.04 8.68
C THR F 32 13.68 47.57 8.68
N ILE F 33 14.18 48.20 9.74
CA ILE F 33 14.06 49.65 9.85
C ILE F 33 14.79 50.34 8.71
N LEU F 34 16.03 49.91 8.42
CA LEU F 34 16.81 50.59 7.41
C LEU F 34 16.28 50.33 6.00
N THR F 35 15.85 49.10 5.73
CA THR F 35 15.27 48.81 4.43
C THR F 35 13.98 49.59 4.21
N ASN F 36 13.24 49.87 5.29
CA ASN F 36 12.02 50.65 5.14
C ASN F 36 12.32 52.13 4.92
N VAL F 37 13.33 52.68 5.60
CA VAL F 37 13.60 54.11 5.48
C VAL F 37 14.54 54.44 4.33
N ALA F 38 15.05 53.45 3.60
CA ALA F 38 15.97 53.74 2.51
C ALA F 38 15.45 54.73 1.48
N PRO F 39 14.25 54.58 0.90
CA PRO F 39 13.83 55.54 -0.14
C PRO F 39 13.62 56.96 0.36
N ILE F 40 13.12 57.12 1.58
CA ILE F 40 12.91 58.46 2.13
C ILE F 40 14.25 59.12 2.42
N ALA F 41 15.21 58.36 2.92
CA ALA F 41 16.54 58.90 3.17
C ALA F 41 17.23 59.31 1.88
N GLN F 42 17.09 58.49 0.83
CA GLN F 42 17.61 58.88 -0.48
C GLN F 42 16.98 60.17 -0.96
N GLY F 43 15.65 60.29 -0.83
CA GLY F 43 14.99 61.52 -1.22
C GLY F 43 15.47 62.73 -0.46
N ASN F 44 15.69 62.60 0.84
CA ASN F 44 16.15 63.74 1.62
C ASN F 44 17.58 64.14 1.28
N PHE F 45 18.46 63.15 1.08
CA PHE F 45 19.80 63.44 0.58
C PHE F 45 19.74 64.20 -0.75
N GLN F 46 18.98 63.67 -1.71
CA GLN F 46 18.91 64.30 -3.02
C GLN F 46 18.30 65.70 -2.97
N THR F 47 17.40 65.94 -2.02
CA THR F 47 16.77 67.25 -1.91
C THR F 47 17.70 68.26 -1.28
N ASN F 48 18.52 67.83 -0.32
CA ASN F 48 19.25 68.79 0.51
C ASN F 48 20.71 68.99 0.12
N VAL F 49 21.43 67.94 -0.23
CA VAL F 49 22.89 68.03 -0.35
C VAL F 49 23.37 68.89 -1.52
N PRO F 50 22.67 68.97 -2.67
CA PRO F 50 23.17 69.83 -3.75
C PRO F 50 23.42 71.28 -3.35
N LYS F 51 22.55 71.85 -2.52
CA LYS F 51 22.72 73.22 -2.05
C LYS F 51 24.01 73.41 -1.27
N PHE F 52 24.47 72.38 -0.59
CA PHE F 52 25.70 72.47 0.19
C PHE F 52 26.94 72.14 -0.60
N THR F 53 26.84 71.21 -1.56
CA THR F 53 27.98 70.97 -2.45
C THR F 53 28.30 72.21 -3.28
N SER F 54 27.27 72.89 -3.79
CA SER F 54 27.51 74.09 -4.58
C SER F 54 28.16 75.18 -3.75
N VAL F 55 27.76 75.30 -2.48
CA VAL F 55 28.40 76.27 -1.58
C VAL F 55 29.85 75.90 -1.37
N ASN F 56 30.15 74.61 -1.24
CA ASN F 56 31.54 74.18 -1.14
C ASN F 56 32.35 74.65 -2.34
N GLU F 57 31.84 74.43 -3.56
CA GLU F 57 32.60 74.86 -4.73
C GLU F 57 32.80 76.36 -4.78
N GLN F 58 31.75 77.13 -4.49
CA GLN F 58 31.87 78.59 -4.57
C GLN F 58 32.81 79.14 -3.51
N VAL F 59 32.69 78.67 -2.27
CA VAL F 59 33.57 79.15 -1.21
C VAL F 59 35.00 78.69 -1.47
N SER F 60 35.20 77.54 -2.12
CA SER F 60 36.55 77.13 -2.51
C SER F 60 37.15 78.11 -3.50
N ALA F 61 36.41 78.43 -4.56
CA ALA F 61 36.89 79.39 -5.55
C ALA F 61 37.21 80.73 -4.89
N VAL F 62 36.41 81.15 -3.91
CA VAL F 62 36.66 82.43 -3.24
C VAL F 62 37.92 82.34 -2.38
N LEU F 63 38.11 81.21 -1.70
CA LEU F 63 39.26 81.08 -0.80
C LEU F 63 40.58 81.02 -1.56
N THR F 64 40.57 80.44 -2.76
CA THR F 64 41.81 80.36 -3.52
C THR F 64 42.30 81.74 -3.95
N GLN F 65 41.39 82.66 -4.27
CA GLN F 65 41.83 83.98 -4.72
C GLN F 65 42.17 84.90 -3.57
N TYR F 66 42.00 84.46 -2.32
CA TYR F 66 42.49 85.19 -1.16
C TYR F 66 43.73 84.56 -0.55
N GLY F 67 44.15 83.39 -1.02
CA GLY F 67 45.39 82.79 -0.57
C GLY F 67 45.30 81.87 0.62
N VAL F 68 44.10 81.44 1.00
CA VAL F 68 43.91 80.60 2.18
C VAL F 68 44.22 79.17 1.80
N THR F 69 45.10 78.53 2.57
CA THR F 69 45.53 77.17 2.31
C THR F 69 45.51 76.36 3.60
N GLY F 70 45.29 75.05 3.47
CA GLY F 70 45.42 74.14 4.57
C GLY F 70 44.19 74.08 5.45
N PRO F 71 44.37 73.70 6.72
CA PRO F 71 43.24 73.65 7.65
C PRO F 71 42.57 75.00 7.86
N SER F 72 43.28 76.10 7.65
CA SER F 72 42.64 77.42 7.74
C SER F 72 41.51 77.57 6.74
N ARG F 73 41.51 76.78 5.66
CA ARG F 73 40.38 76.80 4.76
C ARG F 73 39.13 76.27 5.44
N ALA F 74 39.25 75.18 6.20
CA ALA F 74 38.11 74.59 6.87
C ALA F 74 37.31 75.63 7.64
N ILE F 75 38.00 76.54 8.33
CA ILE F 75 37.32 77.61 9.07
C ILE F 75 36.25 78.23 8.20
N TYR F 76 36.66 78.83 7.08
CA TYR F 76 35.70 79.53 6.25
C TYR F 76 34.70 78.56 5.64
N GLN F 77 35.17 77.39 5.21
CA GLN F 77 34.22 76.39 4.72
C GLN F 77 33.13 76.16 5.75
N GLY F 78 33.53 75.92 6.99
CA GLY F 78 32.54 75.74 8.05
C GLY F 78 31.58 76.90 8.11
N TYR F 79 32.10 78.12 8.21
CA TYR F 79 31.23 79.28 8.29
C TYR F 79 30.26 79.30 7.12
N GLY F 80 30.78 79.06 5.92
CA GLY F 80 29.92 79.06 4.75
C GLY F 80 28.76 78.10 4.92
N LEU F 81 29.07 76.84 5.26
CA LEU F 81 28.01 75.87 5.41
C LEU F 81 27.03 76.32 6.48
N LYS F 82 27.56 76.86 7.59
CA LYS F 82 26.68 77.39 8.63
C LYS F 82 25.69 78.37 8.04
N VAL F 83 26.19 79.36 7.29
CA VAL F 83 25.29 80.35 6.70
C VAL F 83 24.27 79.66 5.80
N ALA F 84 24.74 78.73 4.96
CA ALA F 84 23.81 78.02 4.08
C ALA F 84 22.74 77.32 4.90
N ARG F 85 23.14 76.68 6.01
CA ARG F 85 22.16 76.02 6.86
C ARG F 85 21.07 76.98 7.27
N ALA F 86 21.45 78.18 7.70
CA ALA F 86 20.46 79.17 8.10
C ALA F 86 19.51 79.48 6.96
N LEU F 87 20.05 79.72 5.77
CA LEU F 87 19.19 80.06 4.64
C LEU F 87 18.25 78.91 4.32
N ASN F 88 18.68 77.68 4.59
CA ASN F 88 17.80 76.54 4.31
C ASN F 88 16.72 76.40 5.36
N ARG F 89 16.98 76.87 6.58
CA ARG F 89 16.04 76.64 7.67
C ARG F 89 14.95 77.70 7.72
N ILE F 90 15.33 78.97 7.74
CA ILE F 90 14.37 80.03 8.00
C ILE F 90 14.06 80.90 6.78
N GLY F 91 14.92 80.90 5.77
CA GLY F 91 14.69 81.70 4.58
C GLY F 91 15.29 83.08 4.71
N ALA F 92 15.09 83.88 3.67
CA ALA F 92 15.68 85.21 3.60
C ALA F 92 14.79 86.24 4.28
N GLY F 93 15.42 87.18 4.98
CA GLY F 93 14.71 88.17 5.73
C GLY F 93 15.50 88.62 6.93
N PRO F 94 14.90 89.47 7.76
CA PRO F 94 15.63 90.00 8.93
C PRO F 94 16.18 88.94 9.88
N ALA F 95 15.52 87.79 9.99
CA ALA F 95 16.05 86.73 10.83
C ALA F 95 17.37 86.18 10.28
N LEU F 96 17.47 86.07 8.95
CA LEU F 96 18.74 85.67 8.35
C LEU F 96 19.81 86.72 8.56
N THR F 97 19.44 88.00 8.54
CA THR F 97 20.40 89.06 8.81
C THR F 97 20.94 88.95 10.23
N ASN F 98 20.05 88.73 11.20
CA ASN F 98 20.47 88.58 12.59
C ASN F 98 21.36 87.35 12.76
N MET F 99 21.00 86.25 12.12
CA MET F 99 21.82 85.05 12.23
C MET F 99 23.18 85.22 11.57
N VAL F 100 23.26 85.98 10.47
CA VAL F 100 24.54 86.21 9.83
C VAL F 100 25.43 87.07 10.71
N ALA F 101 24.87 88.11 11.32
CA ALA F 101 25.66 88.92 12.24
C ALA F 101 26.15 88.12 13.43
N GLY F 102 25.28 87.26 13.98
CA GLY F 102 25.68 86.43 15.11
C GLY F 102 26.74 85.42 14.75
N LEU F 103 26.65 84.83 13.56
CA LEU F 103 27.66 83.86 13.14
C LEU F 103 29.00 84.53 12.88
N LYS F 104 28.99 85.72 12.29
CA LYS F 104 30.25 86.43 12.11
C LYS F 104 30.89 86.78 13.44
N ALA F 105 30.10 87.25 14.41
CA ALA F 105 30.64 87.51 15.74
C ALA F 105 31.23 86.24 16.35
N TYR F 106 30.46 85.14 16.29
CA TYR F 106 30.94 83.85 16.76
C TYR F 106 32.31 83.50 16.19
N TYR F 107 32.43 83.48 14.86
CA TYR F 107 33.67 83.01 14.27
C TYR F 107 34.83 83.97 14.49
N VAL F 108 34.58 85.27 14.36
CA VAL F 108 35.66 86.24 14.56
C VAL F 108 36.19 86.21 15.99
N SER F 109 35.31 85.99 16.97
CA SER F 109 35.77 86.08 18.36
C SER F 109 36.30 84.75 18.87
N ALA F 110 35.76 83.62 18.41
CA ALA F 110 36.20 82.36 18.96
C ALA F 110 37.30 81.69 18.15
N TYR F 111 37.29 81.86 16.82
CA TYR F 111 38.21 81.11 15.97
C TYR F 111 39.20 82.00 15.24
N GLY F 112 39.25 83.29 15.56
CA GLY F 112 40.22 84.18 14.96
C GLY F 112 40.08 84.34 13.47
N ALA F 113 38.86 84.29 12.94
CA ALA F 113 38.65 84.42 11.52
C ALA F 113 38.82 85.86 11.06
N ASN F 114 39.00 86.03 9.76
CA ASN F 114 39.22 87.32 9.12
C ASN F 114 37.88 87.93 8.71
N PRO F 115 37.60 89.17 9.11
CA PRO F 115 36.34 89.79 8.67
C PRO F 115 36.23 90.00 7.17
N GLU F 116 37.36 90.26 6.49
CA GLU F 116 37.31 90.44 5.04
C GLU F 116 36.94 89.16 4.32
N ILE F 117 37.54 88.04 4.70
CA ILE F 117 37.22 86.78 4.05
C ILE F 117 35.83 86.31 4.44
N LEU F 118 35.38 86.62 5.66
CA LEU F 118 34.01 86.31 6.03
C LEU F 118 33.02 87.11 5.19
N ASP F 119 33.36 88.37 4.90
CA ASP F 119 32.53 89.17 4.01
C ASP F 119 32.51 88.61 2.60
N ALA F 120 33.67 88.18 2.10
CA ALA F 120 33.72 87.58 0.77
C ALA F 120 32.89 86.32 0.68
N VAL F 121 32.96 85.47 1.71
CA VAL F 121 32.18 84.24 1.72
C VAL F 121 30.69 84.54 1.81
N THR F 122 30.31 85.47 2.68
CA THR F 122 28.91 85.87 2.77
C THR F 122 28.41 86.50 1.47
N ASN F 123 29.29 87.17 0.73
CA ASN F 123 28.90 87.77 -0.53
C ASN F 123 28.71 86.72 -1.61
N ILE F 124 29.56 85.69 -1.64
CA ILE F 124 29.39 84.67 -2.66
C ILE F 124 28.20 83.78 -2.34
N ILE F 125 27.77 83.73 -1.07
CA ILE F 125 26.64 82.88 -0.72
C ILE F 125 25.32 83.63 -0.81
N LEU F 126 25.22 84.79 -0.17
CA LEU F 126 23.94 85.49 -0.05
C LEU F 126 23.77 86.63 -1.04
N GLY F 127 24.86 87.10 -1.66
CA GLY F 127 24.80 88.19 -2.61
C GLY F 127 25.28 89.51 -2.05
N SER F 128 25.35 89.65 -0.73
CA SER F 128 25.81 90.85 -0.08
C SER F 128 26.66 90.47 1.12
N PRO F 129 27.62 91.31 1.50
CA PRO F 129 28.39 91.03 2.73
C PRO F 129 27.54 91.01 3.98
N THR F 130 26.63 91.98 4.13
CA THR F 130 25.72 91.97 5.27
C THR F 130 24.59 90.98 5.08
N GLY F 131 24.20 90.72 3.83
CA GLY F 131 23.20 89.72 3.54
C GLY F 131 21.78 90.23 3.34
N TYR F 132 21.58 91.54 3.25
CA TYR F 132 20.23 92.07 3.05
C TYR F 132 19.72 91.65 1.69
N ALA G 2 71.33 12.26 -19.29
CA ALA G 2 71.17 12.14 -17.84
C ALA G 2 70.44 10.85 -17.46
N LYS G 3 70.88 9.73 -18.03
CA LYS G 3 70.28 8.43 -17.76
C LYS G 3 71.27 7.43 -17.22
N GLY G 4 72.50 7.40 -17.75
CA GLY G 4 73.49 6.46 -17.29
C GLY G 4 74.68 7.11 -16.63
N ARG G 5 74.42 8.07 -15.75
CA ARG G 5 75.48 8.90 -15.19
C ARG G 5 75.92 8.47 -13.81
N THR G 6 75.04 7.91 -13.01
CA THR G 6 75.43 7.36 -11.72
C THR G 6 75.26 5.85 -11.72
N PRO G 7 76.14 5.12 -11.03
CA PRO G 7 76.01 3.66 -11.00
C PRO G 7 74.81 3.21 -10.19
N ARG G 8 74.10 2.20 -10.72
CA ARG G 8 72.92 1.66 -10.08
C ARG G 8 73.18 0.20 -9.70
N SER G 9 72.98 -0.13 -8.43
CA SER G 9 73.22 -1.46 -7.91
C SER G 9 71.99 -2.34 -8.15
N PHE G 10 72.08 -3.61 -7.74
CA PHE G 10 70.98 -4.52 -7.97
C PHE G 10 69.69 -4.05 -7.31
N SER G 11 69.78 -3.51 -6.10
CA SER G 11 68.59 -3.10 -5.38
C SER G 11 67.93 -1.90 -6.05
N GLN G 12 68.72 -0.98 -6.60
CA GLN G 12 68.15 0.17 -7.27
C GLN G 12 67.51 -0.21 -8.60
N ARG G 13 68.22 -1.01 -9.41
CA ARG G 13 67.64 -1.51 -10.65
C ARG G 13 66.36 -2.28 -10.39
N TYR G 14 66.37 -3.14 -9.36
CA TYR G 14 65.19 -3.92 -9.04
C TYR G 14 64.04 -3.03 -8.59
N GLY G 15 64.32 -2.04 -7.74
CA GLY G 15 63.27 -1.16 -7.28
C GLY G 15 62.63 -0.38 -8.41
N LYS G 16 63.45 0.18 -9.30
CA LYS G 16 62.88 0.96 -10.39
C LYS G 16 62.16 0.08 -11.41
N TRP G 17 62.75 -1.07 -11.76
CA TRP G 17 62.08 -1.97 -12.69
C TRP G 17 60.76 -2.45 -12.13
N ASN G 18 60.74 -2.82 -10.85
CA ASN G 18 59.51 -3.28 -10.22
C ASN G 18 58.46 -2.19 -10.18
N ALA G 19 58.86 -0.94 -9.87
CA ALA G 19 57.91 0.15 -9.85
C ALA G 19 57.30 0.40 -11.22
N LYS G 20 58.14 0.42 -12.27
CA LYS G 20 57.62 0.66 -13.61
C LYS G 20 56.76 -0.51 -14.10
N PHE G 21 57.11 -1.74 -13.72
CA PHE G 21 56.32 -2.89 -14.13
C PHE G 21 54.96 -2.91 -13.43
N THR G 22 54.93 -2.51 -12.15
CA THR G 22 53.67 -2.39 -11.45
C THR G 22 52.81 -1.27 -12.02
N ALA G 23 53.45 -0.18 -12.46
CA ALA G 23 52.70 0.90 -13.08
C ALA G 23 52.09 0.46 -14.41
N PHE G 24 52.89 -0.18 -15.27
CA PHE G 24 52.39 -0.57 -16.59
C PHE G 24 51.28 -1.62 -16.52
N SER G 25 51.17 -2.36 -15.42
CA SER G 25 50.11 -3.35 -15.27
C SER G 25 48.74 -2.74 -15.04
N ASN G 26 48.67 -1.43 -14.79
CA ASN G 26 47.39 -0.77 -14.66
C ASN G 26 46.65 -0.82 -16.00
N PRO G 27 45.33 -1.02 -15.99
CA PRO G 27 44.61 -1.09 -17.27
C PRO G 27 44.71 0.19 -18.08
N THR G 28 44.48 1.34 -17.44
CA THR G 28 44.48 2.61 -18.16
C THR G 28 45.87 2.95 -18.70
N VAL G 29 46.90 2.74 -17.89
CA VAL G 29 48.26 3.07 -18.31
C VAL G 29 48.65 2.25 -19.54
N ALA G 30 48.53 0.93 -19.44
CA ALA G 30 48.91 0.04 -20.54
C ALA G 30 48.08 0.31 -21.77
N SER G 31 46.77 0.46 -21.61
CA SER G 31 45.89 0.70 -22.74
C SER G 31 46.24 1.99 -23.45
N THR G 32 46.43 3.08 -22.69
CA THR G 32 46.77 4.36 -23.27
C THR G 32 48.08 4.31 -24.03
N ILE G 33 49.12 3.76 -23.40
CA ILE G 33 50.44 3.73 -24.03
C ILE G 33 50.40 2.90 -25.32
N LEU G 34 49.76 1.73 -25.27
CA LEU G 34 49.80 0.84 -26.42
C LEU G 34 48.94 1.37 -27.57
N THR G 35 47.76 1.91 -27.28
CA THR G 35 46.93 2.45 -28.35
C THR G 35 47.54 3.72 -28.92
N ASN G 36 48.37 4.42 -28.15
CA ASN G 36 49.04 5.58 -28.72
C ASN G 36 50.20 5.18 -29.63
N VAL G 37 50.96 4.14 -29.25
CA VAL G 37 52.12 3.76 -30.06
C VAL G 37 51.78 2.74 -31.14
N ALA G 38 50.53 2.29 -31.24
CA ALA G 38 50.18 1.30 -32.27
C ALA G 38 50.51 1.72 -33.70
N PRO G 39 50.14 2.93 -34.18
CA PRO G 39 50.45 3.27 -35.58
C PRO G 39 51.94 3.35 -35.89
N ILE G 40 52.74 3.87 -34.96
CA ILE G 40 54.17 3.97 -35.19
C ILE G 40 54.81 2.59 -35.18
N ALA G 41 54.31 1.71 -34.30
CA ALA G 41 54.80 0.34 -34.27
C ALA G 41 54.48 -0.39 -35.57
N GLN G 42 53.27 -0.22 -36.09
CA GLN G 42 52.92 -0.80 -37.38
C GLN G 42 53.81 -0.27 -38.49
N GLY G 43 54.07 1.04 -38.49
CA GLY G 43 54.95 1.61 -39.50
C GLY G 43 56.37 1.06 -39.44
N ASN G 44 56.91 0.90 -38.23
CA ASN G 44 58.27 0.39 -38.09
C ASN G 44 58.35 -1.07 -38.51
N PHE G 45 57.36 -1.88 -38.13
CA PHE G 45 57.28 -3.25 -38.61
C PHE G 45 57.26 -3.31 -40.14
N GLN G 46 56.36 -2.54 -40.75
CA GLN G 46 56.24 -2.53 -42.21
C GLN G 46 57.50 -2.05 -42.88
N THR G 47 58.25 -1.15 -42.24
CA THR G 47 59.47 -0.66 -42.85
C THR G 47 60.60 -1.69 -42.77
N ASN G 48 60.70 -2.41 -41.66
CA ASN G 48 61.89 -3.21 -41.42
C ASN G 48 61.78 -4.69 -41.74
N VAL G 49 60.65 -5.34 -41.46
CA VAL G 49 60.56 -6.80 -41.51
C VAL G 49 60.74 -7.40 -42.91
N PRO G 50 60.24 -6.79 -44.00
CA PRO G 50 60.42 -7.42 -45.32
C PRO G 50 61.87 -7.72 -45.68
N LYS G 51 62.80 -6.86 -45.30
CA LYS G 51 64.21 -7.10 -45.57
C LYS G 51 64.71 -8.38 -44.92
N PHE G 52 64.07 -8.82 -43.84
CA PHE G 52 64.49 -10.01 -43.12
C PHE G 52 63.71 -11.25 -43.54
N THR G 53 62.44 -11.11 -43.92
CA THR G 53 61.73 -12.24 -44.52
C THR G 53 62.36 -12.64 -45.85
N SER G 54 62.81 -11.66 -46.64
CA SER G 54 63.49 -11.98 -47.89
C SER G 54 64.77 -12.76 -47.63
N VAL G 55 65.53 -12.35 -46.61
CA VAL G 55 66.74 -13.07 -46.25
C VAL G 55 66.41 -14.50 -45.84
N ASN G 56 65.36 -14.67 -45.02
CA ASN G 56 64.93 -16.00 -44.62
C ASN G 56 64.67 -16.88 -45.83
N GLU G 57 63.92 -16.36 -46.81
CA GLU G 57 63.56 -17.17 -47.98
C GLU G 57 64.77 -17.53 -48.83
N GLN G 58 65.66 -16.56 -49.08
CA GLN G 58 66.83 -16.84 -49.91
C GLN G 58 67.80 -17.80 -49.22
N VAL G 59 68.00 -17.64 -47.91
CA VAL G 59 68.90 -18.53 -47.20
C VAL G 59 68.29 -19.93 -47.12
N SER G 60 66.96 -20.03 -47.03
CA SER G 60 66.31 -21.34 -47.11
C SER G 60 66.64 -22.03 -48.43
N ALA G 61 66.51 -21.28 -49.54
CA ALA G 61 66.83 -21.84 -50.85
C ALA G 61 68.30 -22.30 -50.92
N VAL G 62 69.19 -21.50 -50.34
CA VAL G 62 70.61 -21.86 -50.37
C VAL G 62 70.89 -23.10 -49.53
N LEU G 63 70.24 -23.20 -48.37
CA LEU G 63 70.50 -24.30 -47.46
C LEU G 63 69.95 -25.61 -48.02
N THR G 64 68.85 -25.56 -48.77
CA THR G 64 68.32 -26.79 -49.34
C THR G 64 69.27 -27.38 -50.38
N GLN G 65 70.04 -26.53 -51.07
CA GLN G 65 71.01 -27.01 -52.06
C GLN G 65 72.26 -27.60 -51.44
N TYR G 66 72.53 -27.32 -50.17
CA TYR G 66 73.71 -27.83 -49.49
C TYR G 66 73.42 -29.01 -48.58
N GLY G 67 72.16 -29.41 -48.43
CA GLY G 67 71.82 -30.58 -47.67
C GLY G 67 71.68 -30.37 -46.18
N VAL G 68 71.55 -29.12 -45.73
CA VAL G 68 71.43 -28.82 -44.31
C VAL G 68 69.99 -29.05 -43.89
N THR G 69 69.80 -29.83 -42.82
CA THR G 69 68.47 -30.16 -42.34
C THR G 69 68.41 -29.97 -40.84
N GLY G 70 67.21 -29.73 -40.33
CA GLY G 70 66.96 -29.73 -38.91
C GLY G 70 67.43 -28.47 -38.22
N PRO G 71 67.70 -28.58 -36.91
CA PRO G 71 68.11 -27.41 -36.14
C PRO G 71 69.41 -26.78 -36.62
N SER G 72 70.28 -27.55 -37.28
CA SER G 72 71.50 -26.96 -37.81
C SER G 72 71.23 -25.96 -38.94
N ARG G 73 70.02 -25.97 -39.50
CA ARG G 73 69.65 -24.88 -40.38
C ARG G 73 69.61 -23.55 -39.65
N ALA G 74 69.04 -23.55 -38.43
CA ALA G 74 68.94 -22.32 -37.65
C ALA G 74 70.29 -21.61 -37.57
N ILE G 75 71.36 -22.36 -37.36
CA ILE G 75 72.72 -21.79 -37.32
C ILE G 75 72.89 -20.81 -38.46
N TYR G 76 72.81 -21.31 -39.69
CA TYR G 76 73.09 -20.44 -40.82
C TYR G 76 72.02 -19.39 -40.97
N GLN G 77 70.77 -19.72 -40.69
CA GLN G 77 69.73 -18.70 -40.71
C GLN G 77 70.11 -17.57 -39.79
N GLY G 78 70.49 -17.90 -38.54
CA GLY G 78 70.92 -16.87 -37.62
C GLY G 78 72.02 -16.02 -38.21
N TYR G 79 73.06 -16.66 -38.76
CA TYR G 79 74.16 -15.90 -39.34
C TYR G 79 73.63 -14.92 -40.36
N GLY G 80 72.80 -15.41 -41.29
CA GLY G 80 72.23 -14.55 -42.30
C GLY G 80 71.54 -13.36 -41.69
N LEU G 81 70.63 -13.61 -40.74
CA LEU G 81 69.92 -12.50 -40.12
C LEU G 81 70.90 -11.53 -39.49
N LYS G 82 71.89 -12.05 -38.77
CA LYS G 82 72.91 -11.20 -38.18
C LYS G 82 73.52 -10.30 -39.24
N VAL G 83 73.97 -10.87 -40.36
CA VAL G 83 74.58 -10.05 -41.40
C VAL G 83 73.59 -9.02 -41.90
N ALA G 84 72.33 -9.43 -42.14
CA ALA G 84 71.35 -8.48 -42.61
C ALA G 84 71.22 -7.31 -41.65
N ARG G 85 71.21 -7.61 -40.35
CA ARG G 85 71.10 -6.55 -39.35
C ARG G 85 72.21 -5.53 -39.55
N ALA G 86 73.45 -6.00 -39.72
CA ALA G 86 74.57 -5.09 -39.94
C ALA G 86 74.32 -4.21 -41.15
N LEU G 87 73.89 -4.82 -42.27
CA LEU G 87 73.66 -4.03 -43.47
C LEU G 87 72.59 -2.98 -43.24
N ASN G 88 71.62 -3.29 -42.39
CA ASN G 88 70.56 -2.32 -42.13
C ASN G 88 71.04 -1.19 -41.25
N ARG G 89 72.02 -1.45 -40.37
CA ARG G 89 72.38 -0.48 -39.36
C ARG G 89 73.41 0.52 -39.88
N ILE G 90 74.49 0.04 -40.49
CA ILE G 90 75.59 0.91 -40.85
C ILE G 90 75.73 1.11 -42.36
N GLY G 91 75.20 0.21 -43.18
CA GLY G 91 75.30 0.34 -44.63
C GLY G 91 76.51 -0.37 -45.18
N ALA G 92 76.61 -0.37 -46.50
CA ALA G 92 77.69 -1.04 -47.20
C ALA G 92 78.96 -0.19 -47.17
N GLY G 93 80.11 -0.86 -47.08
CA GLY G 93 81.37 -0.19 -46.98
C GLY G 93 82.36 -0.99 -46.16
N PRO G 94 83.54 -0.40 -45.89
CA PRO G 94 84.56 -1.12 -45.11
C PRO G 94 84.11 -1.57 -43.73
N ALA G 95 83.22 -0.82 -43.07
CA ALA G 95 82.72 -1.24 -41.77
C ALA G 95 81.91 -2.52 -41.87
N LEU G 96 81.09 -2.64 -42.92
CA LEU G 96 80.34 -3.88 -43.13
C LEU G 96 81.27 -5.04 -43.41
N THR G 97 82.38 -4.81 -44.10
CA THR G 97 83.36 -5.86 -44.33
C THR G 97 83.98 -6.33 -43.02
N ASN G 98 84.39 -5.38 -42.17
CA ASN G 98 84.94 -5.74 -40.87
C ASN G 98 83.94 -6.56 -40.06
N MET G 99 82.68 -6.13 -40.05
CA MET G 99 81.68 -6.89 -39.30
C MET G 99 81.39 -8.25 -39.89
N VAL G 100 81.42 -8.40 -41.23
CA VAL G 100 81.20 -9.71 -41.83
C VAL G 100 82.32 -10.67 -41.45
N ALA G 101 83.57 -10.21 -41.51
CA ALA G 101 84.68 -11.06 -41.11
C ALA G 101 84.58 -11.43 -39.63
N GLY G 102 84.20 -10.46 -38.79
CA GLY G 102 84.05 -10.76 -37.37
C GLY G 102 82.93 -11.73 -37.08
N LEU G 103 81.82 -11.64 -37.80
CA LEU G 103 80.71 -12.56 -37.60
C LEU G 103 81.05 -13.96 -38.07
N LYS G 104 81.80 -14.07 -39.18
CA LYS G 104 82.24 -15.39 -39.62
C LYS G 104 83.16 -16.02 -38.59
N ALA G 105 84.11 -15.25 -38.05
CA ALA G 105 84.97 -15.76 -36.99
C ALA G 105 84.14 -16.20 -35.79
N TYR G 106 83.19 -15.36 -35.37
CA TYR G 106 82.28 -15.69 -34.28
C TYR G 106 81.63 -17.05 -34.48
N TYR G 107 80.98 -17.25 -35.63
CA TYR G 107 80.19 -18.47 -35.80
C TYR G 107 81.06 -19.70 -36.01
N VAL G 108 82.14 -19.59 -36.78
CA VAL G 108 83.03 -20.72 -36.99
C VAL G 108 83.68 -21.13 -35.67
N SER G 109 83.92 -20.19 -34.76
CA SER G 109 84.64 -20.55 -33.54
C SER G 109 83.70 -21.01 -32.43
N ALA G 110 82.55 -20.35 -32.27
CA ALA G 110 81.68 -20.70 -31.15
C ALA G 110 80.66 -21.76 -31.49
N TYR G 111 80.22 -21.85 -32.74
CA TYR G 111 79.11 -22.74 -33.08
C TYR G 111 79.47 -23.78 -34.13
N GLY G 112 80.75 -23.89 -34.50
CA GLY G 112 81.19 -24.93 -35.41
C GLY G 112 80.51 -24.93 -36.76
N ALA G 113 80.13 -23.76 -37.25
CA ALA G 113 79.53 -23.66 -38.56
C ALA G 113 80.55 -23.96 -39.65
N ASN G 114 80.04 -24.24 -40.83
CA ASN G 114 80.83 -24.58 -42.01
C ASN G 114 81.23 -23.30 -42.75
N PRO G 115 82.51 -23.11 -43.05
CA PRO G 115 82.91 -21.89 -43.77
C PRO G 115 82.34 -21.79 -45.18
N GLU G 116 82.18 -22.90 -45.90
CA GLU G 116 81.66 -22.81 -47.25
C GLU G 116 80.18 -22.45 -47.26
N ILE G 117 79.41 -22.98 -46.31
CA ILE G 117 78.00 -22.60 -46.25
C ILE G 117 77.85 -21.15 -45.78
N LEU G 118 78.74 -20.69 -44.90
CA LEU G 118 78.74 -19.28 -44.54
C LEU G 118 79.08 -18.40 -45.73
N ASP G 119 80.01 -18.86 -46.57
CA ASP G 119 80.32 -18.15 -47.80
C ASP G 119 79.11 -18.09 -48.72
N ALA G 120 78.39 -19.20 -48.87
CA ALA G 120 77.20 -19.21 -49.72
C ALA G 120 76.13 -18.27 -49.18
N VAL G 121 75.94 -18.23 -47.87
CA VAL G 121 74.94 -17.34 -47.29
C VAL G 121 75.33 -15.89 -47.48
N THR G 122 76.59 -15.56 -47.22
CA THR G 122 77.06 -14.20 -47.46
C THR G 122 76.96 -13.82 -48.93
N ASN G 123 77.16 -14.76 -49.84
CA ASN G 123 77.05 -14.47 -51.25
C ASN G 123 75.62 -14.21 -51.67
N ILE G 124 74.66 -14.96 -51.12
CA ILE G 124 73.27 -14.72 -51.50
C ILE G 124 72.75 -13.44 -50.88
N ILE G 125 73.33 -13.00 -49.75
CA ILE G 125 72.83 -11.80 -49.09
C ILE G 125 73.51 -10.54 -49.62
N LEU G 126 74.84 -10.55 -49.70
CA LEU G 126 75.60 -9.36 -50.05
C LEU G 126 76.07 -9.34 -51.49
N GLY G 127 76.13 -10.49 -52.16
CA GLY G 127 76.57 -10.58 -53.54
C GLY G 127 77.94 -11.19 -53.69
N SER G 128 78.76 -11.17 -52.64
CA SER G 128 80.10 -11.71 -52.66
C SER G 128 80.33 -12.44 -51.36
N PRO G 129 81.18 -13.49 -51.37
CA PRO G 129 81.48 -14.19 -50.10
C PRO G 129 82.09 -13.28 -49.05
N THR G 130 82.97 -12.37 -49.46
CA THR G 130 83.55 -11.42 -48.51
C THR G 130 82.64 -10.23 -48.26
N GLY G 131 81.85 -9.84 -49.26
CA GLY G 131 80.94 -8.73 -49.12
C GLY G 131 81.44 -7.39 -49.62
N TYR G 132 82.53 -7.36 -50.39
CA TYR G 132 83.06 -6.10 -50.89
C TYR G 132 82.05 -5.42 -51.80
N ALA H 2 -18.49 52.87 31.81
CA ALA H 2 -18.00 52.14 32.97
C ALA H 2 -16.49 52.02 32.95
N LYS H 3 -15.80 53.15 32.80
CA LYS H 3 -14.35 53.19 32.71
C LYS H 3 -13.72 53.99 33.84
N GLY H 4 -14.28 55.15 34.18
CA GLY H 4 -13.72 55.96 35.24
C GLY H 4 -14.67 56.15 36.41
N ARG H 5 -15.34 55.07 36.81
CA ARG H 5 -16.40 55.17 37.80
C ARG H 5 -15.92 54.91 39.23
N THR H 6 -14.85 54.15 39.40
CA THR H 6 -14.31 53.93 40.72
C THR H 6 -12.92 54.54 40.83
N PRO H 7 -12.56 55.08 42.00
CA PRO H 7 -11.22 55.66 42.16
C PRO H 7 -10.14 54.59 42.14
N ARG H 8 -9.04 54.88 41.45
CA ARG H 8 -7.93 53.97 41.28
C ARG H 8 -6.67 54.58 41.89
N SER H 9 -6.06 53.86 42.81
CA SER H 9 -4.85 54.32 43.50
C SER H 9 -3.62 53.96 42.67
N PHE H 10 -2.44 54.33 43.18
CA PHE H 10 -1.22 54.06 42.44
C PHE H 10 -0.99 52.57 42.24
N SER H 11 -1.32 51.75 43.24
CA SER H 11 -1.14 50.31 43.10
C SER H 11 -2.01 49.75 41.98
N GLN H 12 -3.27 50.17 41.92
CA GLN H 12 -4.18 49.65 40.91
C GLN H 12 -3.80 50.14 39.52
N ARG H 13 -3.51 51.44 39.38
CA ARG H 13 -3.08 51.98 38.10
C ARG H 13 -1.80 51.30 37.62
N TYR H 14 -0.82 51.14 38.50
CA TYR H 14 0.44 50.54 38.11
C TYR H 14 0.26 49.07 37.75
N GLY H 15 -0.56 48.34 38.52
CA GLY H 15 -0.78 46.94 38.21
C GLY H 15 -1.43 46.73 36.86
N LYS H 16 -2.48 47.52 36.57
CA LYS H 16 -3.13 47.37 35.28
C LYS H 16 -2.24 47.84 34.13
N TRP H 17 -1.55 48.96 34.32
CA TRP H 17 -0.65 49.45 33.27
C TRP H 17 0.45 48.43 32.98
N ASN H 18 1.02 47.84 34.02
CA ASN H 18 2.09 46.87 33.84
C ASN H 18 1.57 45.60 33.19
N ALA H 19 0.35 45.16 33.55
CA ALA H 19 -0.22 43.98 32.91
C ALA H 19 -0.43 44.22 31.41
N LYS H 20 -0.98 45.37 31.06
CA LYS H 20 -1.21 45.67 29.65
C LYS H 20 0.09 45.84 28.88
N PHE H 21 1.11 46.46 29.50
CA PHE H 21 2.39 46.66 28.84
C PHE H 21 3.10 45.32 28.63
N THR H 22 3.03 44.43 29.61
CA THR H 22 3.61 43.10 29.46
C THR H 22 2.88 42.30 28.41
N ALA H 23 1.56 42.44 28.33
CA ALA H 23 0.80 41.72 27.31
C ALA H 23 1.12 42.22 25.91
N PHE H 24 1.34 43.53 25.77
CA PHE H 24 1.61 44.10 24.45
C PHE H 24 3.03 43.82 23.95
N SER H 25 3.95 43.42 24.83
CA SER H 25 5.29 43.08 24.37
C SER H 25 5.36 41.71 23.72
N ASN H 26 4.29 40.93 23.78
CA ASN H 26 4.24 39.67 23.07
C ASN H 26 4.32 39.92 21.57
N PRO H 27 5.04 39.08 20.81
CA PRO H 27 5.13 39.30 19.36
C PRO H 27 3.77 39.26 18.67
N THR H 28 2.94 38.27 19.00
CA THR H 28 1.67 38.11 18.31
C THR H 28 0.69 39.23 18.66
N VAL H 29 0.60 39.61 19.93
CA VAL H 29 -0.33 40.66 20.34
C VAL H 29 0.00 41.95 19.61
N ALA H 30 1.25 42.42 19.75
CA ALA H 30 1.67 43.67 19.14
C ALA H 30 1.53 43.63 17.63
N SER H 31 2.06 42.57 17.01
CA SER H 31 2.00 42.43 15.57
C SER H 31 0.58 42.49 15.05
N THR H 32 -0.32 41.72 15.66
CA THR H 32 -1.70 41.68 15.21
C THR H 32 -2.39 43.03 15.35
N ILE H 33 -2.23 43.67 16.52
CA ILE H 33 -2.90 44.95 16.75
C ILE H 33 -2.42 46.01 15.76
N LEU H 34 -1.10 46.14 15.62
CA LEU H 34 -0.57 47.20 14.77
C LEU H 34 -0.87 46.93 13.30
N THR H 35 -0.77 45.69 12.86
CA THR H 35 -1.08 45.36 11.47
C THR H 35 -2.56 45.59 11.17
N ASN H 36 -3.43 45.38 12.16
CA ASN H 36 -4.86 45.60 11.92
C ASN H 36 -5.19 47.08 11.88
N VAL H 37 -4.54 47.90 12.72
CA VAL H 37 -4.87 49.33 12.75
C VAL H 37 -4.04 50.17 11.80
N ALA H 38 -3.11 49.56 11.04
CA ALA H 38 -2.29 50.34 10.11
C ALA H 38 -3.08 51.19 9.13
N PRO H 39 -4.05 50.69 8.36
CA PRO H 39 -4.72 51.55 7.37
C PRO H 39 -5.52 52.69 7.99
N ILE H 40 -6.16 52.45 9.13
CA ILE H 40 -6.93 53.52 9.77
C ILE H 40 -6.01 54.59 10.31
N ALA H 41 -4.85 54.19 10.84
CA ALA H 41 -3.84 55.13 11.29
C ALA H 41 -3.33 55.98 10.13
N GLN H 42 -3.04 55.35 8.99
CA GLN H 42 -2.61 56.08 7.82
C GLN H 42 -3.67 57.07 7.36
N GLY H 43 -4.94 56.66 7.39
CA GLY H 43 -6.00 57.55 6.99
C GLY H 43 -6.15 58.75 7.92
N ASN H 44 -6.08 58.53 9.23
CA ASN H 44 -6.15 59.64 10.17
C ASN H 44 -4.99 60.60 9.98
N PHE H 45 -3.78 60.06 9.78
CA PHE H 45 -2.61 60.91 9.51
C PHE H 45 -2.82 61.76 8.27
N GLN H 46 -3.19 61.12 7.16
CA GLN H 46 -3.41 61.84 5.91
C GLN H 46 -4.52 62.86 6.02
N THR H 47 -5.50 62.61 6.89
CA THR H 47 -6.60 63.54 7.04
C THR H 47 -6.20 64.77 7.84
N ASN H 48 -5.40 64.60 8.89
CA ASN H 48 -5.18 65.68 9.83
C ASN H 48 -3.88 66.45 9.63
N VAL H 49 -2.78 65.79 9.30
CA VAL H 49 -1.45 66.42 9.37
C VAL H 49 -1.24 67.56 8.37
N PRO H 50 -1.82 67.54 7.15
CA PRO H 50 -1.61 68.68 6.24
C PRO H 50 -2.04 70.03 6.82
N LYS H 51 -3.13 70.06 7.60
CA LYS H 51 -3.58 71.30 8.21
C LYS H 51 -2.53 71.89 9.16
N PHE H 52 -1.67 71.05 9.72
CA PHE H 52 -0.65 71.51 10.65
C PHE H 52 0.68 71.78 9.98
N THR H 53 1.03 71.03 8.92
CA THR H 53 2.22 71.37 8.16
C THR H 53 2.08 72.72 7.45
N SER H 54 0.90 73.01 6.91
CA SER H 54 0.71 74.31 6.27
C SER H 54 0.83 75.45 7.27
N VAL H 55 0.29 75.25 8.48
CA VAL H 55 0.43 76.26 9.53
C VAL H 55 1.88 76.43 9.91
N ASN H 56 2.63 75.33 9.98
CA ASN H 56 4.07 75.42 10.24
C ASN H 56 4.75 76.33 9.23
N GLU H 57 4.48 76.11 7.94
CA GLU H 57 5.14 76.90 6.91
C GLU H 57 4.73 78.37 6.95
N GLN H 58 3.44 78.64 7.18
CA GLN H 58 2.99 80.04 7.21
C GLN H 58 3.53 80.78 8.43
N VAL H 59 3.52 80.14 9.60
CA VAL H 59 4.10 80.79 10.77
C VAL H 59 5.61 80.98 10.61
N SER H 60 6.28 80.07 9.91
CA SER H 60 7.71 80.28 9.65
C SER H 60 7.94 81.51 8.80
N ALA H 61 7.14 81.65 7.72
CA ALA H 61 7.24 82.83 6.88
C ALA H 61 6.99 84.11 7.66
N VAL H 62 6.02 84.09 8.58
CA VAL H 62 5.74 85.27 9.39
C VAL H 62 6.88 85.56 10.36
N LEU H 63 7.44 84.50 10.95
CA LEU H 63 8.50 84.68 11.95
C LEU H 63 9.77 85.24 11.34
N THR H 64 10.05 84.92 10.07
CA THR H 64 11.27 85.44 9.46
C THR H 64 11.18 86.94 9.21
N GLN H 65 9.97 87.49 9.05
CA GLN H 65 9.82 88.92 8.84
C GLN H 65 9.92 89.73 10.12
N TYR H 66 9.83 89.08 11.28
CA TYR H 66 9.99 89.77 12.56
C TYR H 66 11.34 89.54 13.20
N GLY H 67 12.21 88.74 12.59
CA GLY H 67 13.55 88.56 13.09
C GLY H 67 13.71 87.53 14.17
N VAL H 68 12.74 86.65 14.35
CA VAL H 68 12.78 85.65 15.42
C VAL H 68 13.68 84.51 14.99
N THR H 69 14.65 84.16 15.83
CA THR H 69 15.64 83.15 15.51
C THR H 69 15.83 82.22 16.71
N GLY H 70 16.19 80.97 16.41
CA GLY H 70 16.53 80.02 17.44
C GLY H 70 15.32 79.46 18.17
N PRO H 71 15.52 79.01 19.40
CA PRO H 71 14.40 78.41 20.15
C PRO H 71 13.24 79.34 20.38
N SER H 72 13.44 80.66 20.35
CA SER H 72 12.33 81.60 20.45
C SER H 72 11.32 81.40 19.34
N ARG H 73 11.74 80.90 18.18
CA ARG H 73 10.78 80.56 17.15
C ARG H 73 9.81 79.50 17.63
N ALA H 74 10.31 78.46 18.29
CA ALA H 74 9.46 77.36 18.75
C ALA H 74 8.27 77.87 19.53
N ILE H 75 8.49 78.83 20.43
CA ILE H 75 7.39 79.44 21.18
C ILE H 75 6.23 79.75 20.25
N TYR H 76 6.48 80.63 19.28
CA TYR H 76 5.39 81.06 18.41
C TYR H 76 4.89 79.90 17.57
N GLN H 77 5.79 79.05 17.08
CA GLN H 77 5.35 77.87 16.37
C GLN H 77 4.35 77.10 17.22
N GLY H 78 4.73 76.80 18.47
CA GLY H 78 3.83 76.08 19.34
C GLY H 78 2.49 76.77 19.47
N TYR H 79 2.50 78.08 19.70
CA TYR H 79 1.25 78.81 19.84
C TYR H 79 0.38 78.59 18.61
N GLY H 80 0.97 78.76 17.42
CA GLY H 80 0.21 78.55 16.20
C GLY H 80 -0.43 77.18 16.16
N LEU H 81 0.35 76.14 16.46
CA LEU H 81 -0.22 74.80 16.42
C LEU H 81 -1.37 74.67 17.39
N LYS H 82 -1.21 75.21 18.60
CA LYS H 82 -2.30 75.19 19.57
C LYS H 82 -3.55 75.81 18.97
N VAL H 83 -3.41 77.00 18.36
CA VAL H 83 -4.58 77.64 17.77
C VAL H 83 -5.18 76.75 16.69
N ALA H 84 -4.34 76.18 15.84
CA ALA H 84 -4.87 75.29 14.80
C ALA H 84 -5.61 74.12 15.43
N ARG H 85 -5.09 73.58 16.53
CA ARG H 85 -5.77 72.50 17.22
C ARG H 85 -7.20 72.92 17.57
N ALA H 86 -7.34 74.12 18.14
CA ALA H 86 -8.67 74.63 18.46
C ALA H 86 -9.56 74.66 17.24
N LEU H 87 -9.06 75.22 16.14
CA LEU H 87 -9.87 75.34 14.93
C LEU H 87 -10.22 73.95 14.39
N ASN H 88 -9.38 72.96 14.66
CA ASN H 88 -9.70 71.62 14.19
C ASN H 88 -10.72 70.96 15.08
N ARG H 89 -10.75 71.31 16.37
CA ARG H 89 -11.59 70.59 17.31
C ARG H 89 -13.01 71.11 17.31
N ILE H 90 -13.18 72.40 17.56
CA ILE H 90 -14.51 72.95 17.81
C ILE H 90 -15.05 73.78 16.66
N GLY H 91 -14.20 74.27 15.78
CA GLY H 91 -14.64 75.06 14.64
C GLY H 91 -14.59 76.55 14.93
N ALA H 92 -14.92 77.32 13.91
CA ALA H 92 -14.92 78.78 14.02
C ALA H 92 -16.21 79.27 14.66
N GLY H 93 -16.08 80.32 15.48
CA GLY H 93 -17.20 80.87 16.20
C GLY H 93 -16.77 81.45 17.52
N PRO H 94 -17.74 81.84 18.36
CA PRO H 94 -17.39 82.50 19.63
C PRO H 94 -16.52 81.66 20.55
N ALA H 95 -16.69 80.33 20.55
CA ALA H 95 -15.84 79.48 21.36
C ALA H 95 -14.39 79.57 20.93
N LEU H 96 -14.15 79.65 19.61
CA LEU H 96 -12.78 79.83 19.12
C LEU H 96 -12.22 81.18 19.55
N THR H 97 -13.06 82.20 19.63
CA THR H 97 -12.60 83.50 20.12
C THR H 97 -12.17 83.41 21.58
N ASN H 98 -13.00 82.77 22.41
CA ASN H 98 -12.65 82.57 23.81
C ASN H 98 -11.34 81.81 23.95
N MET H 99 -11.16 80.76 23.14
CA MET H 99 -9.94 79.98 23.26
C MET H 99 -8.72 80.73 22.75
N VAL H 100 -8.87 81.56 21.72
CA VAL H 100 -7.74 82.37 21.25
C VAL H 100 -7.33 83.37 22.32
N ALA H 101 -8.30 83.99 22.99
CA ALA H 101 -7.96 84.89 24.09
C ALA H 101 -7.26 84.14 25.23
N GLY H 102 -7.77 82.96 25.57
CA GLY H 102 -7.14 82.17 26.63
C GLY H 102 -5.73 81.74 26.29
N LEU H 103 -5.48 81.41 25.02
CA LEU H 103 -4.14 80.98 24.61
C LEU H 103 -3.17 82.15 24.58
N LYS H 104 -3.61 83.32 24.13
CA LYS H 104 -2.75 84.50 24.20
C LYS H 104 -2.42 84.84 25.63
N ALA H 105 -3.40 84.78 26.53
CA ALA H 105 -3.13 85.04 27.95
C ALA H 105 -2.14 84.03 28.51
N TYR H 106 -2.37 82.74 28.24
CA TYR H 106 -1.45 81.69 28.60
C TYR H 106 -0.03 82.03 28.19
N TYR H 107 0.18 82.29 26.90
CA TYR H 107 1.54 82.43 26.39
C TYR H 107 2.20 83.70 26.88
N VAL H 108 1.50 84.83 26.85
CA VAL H 108 2.08 86.07 27.32
C VAL H 108 2.43 85.99 28.80
N SER H 109 1.58 85.35 29.62
CA SER H 109 1.83 85.37 31.04
C SER H 109 2.85 84.33 31.49
N ALA H 110 2.86 83.15 30.85
CA ALA H 110 3.71 82.08 31.34
C ALA H 110 5.05 82.01 30.61
N TYR H 111 5.08 82.29 29.31
CA TYR H 111 6.27 82.07 28.53
C TYR H 111 6.88 83.35 27.98
N GLY H 112 6.35 84.50 28.36
CA GLY H 112 6.96 85.77 27.98
C GLY H 112 7.00 86.04 26.50
N ALA H 113 6.03 85.53 25.75
CA ALA H 113 5.97 85.77 24.33
C ALA H 113 5.43 87.17 24.04
N ASN H 114 5.83 87.71 22.89
CA ASN H 114 5.52 89.05 22.40
C ASN H 114 4.08 89.11 21.92
N PRO H 115 3.26 90.05 22.42
CA PRO H 115 1.86 90.12 21.97
C PRO H 115 1.73 90.46 20.48
N GLU H 116 2.66 91.25 19.94
CA GLU H 116 2.56 91.65 18.54
C GLU H 116 2.81 90.48 17.60
N ILE H 117 3.82 89.65 17.90
CA ILE H 117 4.06 88.48 17.07
C ILE H 117 2.94 87.46 17.23
N LEU H 118 2.33 87.38 18.41
CA LEU H 118 1.17 86.50 18.58
C LEU H 118 0.00 86.99 17.74
N ASP H 119 -0.20 88.31 17.66
CA ASP H 119 -1.23 88.86 16.79
C ASP H 119 -0.96 88.52 15.34
N ALA H 120 0.29 88.66 14.89
CA ALA H 120 0.63 88.31 13.51
C ALA H 120 0.39 86.83 13.22
N VAL H 121 0.74 85.96 14.17
CA VAL H 121 0.56 84.52 13.97
C VAL H 121 -0.92 84.17 13.88
N THR H 122 -1.72 84.66 14.84
CA THR H 122 -3.15 84.36 14.79
C THR H 122 -3.83 85.04 13.60
N ASN H 123 -3.26 86.12 13.08
CA ASN H 123 -3.77 86.71 11.85
C ASN H 123 -3.50 85.81 10.65
N ILE H 124 -2.28 85.27 10.53
CA ILE H 124 -1.99 84.42 9.39
C ILE H 124 -2.75 83.11 9.49
N ILE H 125 -3.14 82.69 10.69
CA ILE H 125 -3.87 81.43 10.83
C ILE H 125 -5.37 81.61 10.65
N LEU H 126 -5.96 82.55 11.38
CA LEU H 126 -7.42 82.68 11.42
C LEU H 126 -7.95 83.83 10.58
N GLY H 127 -7.10 84.77 10.17
CA GLY H 127 -7.52 85.87 9.34
C GLY H 127 -7.46 87.23 10.00
N SER H 128 -7.62 87.29 11.32
CA SER H 128 -7.58 88.54 12.05
C SER H 128 -6.93 88.32 13.40
N PRO H 129 -6.33 89.36 13.99
CA PRO H 129 -5.67 89.18 15.29
C PRO H 129 -6.58 88.64 16.39
N THR H 130 -7.81 89.13 16.47
CA THR H 130 -8.73 88.61 17.48
C THR H 130 -9.33 87.28 17.06
N GLY H 131 -9.43 87.04 15.76
CA GLY H 131 -9.93 85.79 15.25
C GLY H 131 -11.42 85.72 15.00
N TYR H 132 -12.13 86.84 15.03
CA TYR H 132 -13.57 86.84 14.80
C TYR H 132 -13.87 86.32 13.40
N ALA I 2 65.40 -12.54 -26.55
CA ALA I 2 65.48 -12.65 -25.10
C ALA I 2 64.34 -13.51 -24.56
N LYS I 3 64.24 -14.75 -25.05
CA LYS I 3 63.19 -15.67 -24.64
C LYS I 3 63.73 -16.93 -24.00
N GLY I 4 64.78 -17.52 -24.56
CA GLY I 4 65.33 -18.74 -24.00
C GLY I 4 66.76 -18.58 -23.56
N ARG I 5 67.06 -17.47 -22.89
CA ARG I 5 68.43 -17.13 -22.55
C ARG I 5 68.84 -17.62 -21.17
N THR I 6 67.91 -17.77 -20.26
CA THR I 6 68.20 -18.28 -18.93
C THR I 6 67.46 -19.59 -18.69
N PRO I 7 68.06 -20.52 -17.95
CA PRO I 7 67.39 -21.82 -17.72
C PRO I 7 66.25 -21.69 -16.73
N ARG I 8 65.12 -22.29 -17.07
CA ARG I 8 63.94 -22.33 -16.22
C ARG I 8 63.74 -23.74 -15.69
N SER I 9 63.57 -23.85 -14.38
CA SER I 9 63.29 -25.11 -13.72
C SER I 9 61.81 -25.43 -13.84
N PHE I 10 61.39 -26.54 -13.23
CA PHE I 10 59.99 -26.94 -13.33
C PHE I 10 59.08 -25.94 -12.64
N SER I 11 59.51 -25.35 -11.53
CA SER I 11 58.65 -24.45 -10.78
C SER I 11 58.43 -23.14 -11.53
N GLN I 12 59.46 -22.61 -12.19
CA GLN I 12 59.29 -21.40 -12.98
C GLN I 12 58.41 -21.64 -14.20
N ARG I 13 58.68 -22.73 -14.92
CA ARG I 13 57.83 -23.10 -16.05
C ARG I 13 56.38 -23.25 -15.63
N TYR I 14 56.15 -23.94 -14.51
CA TYR I 14 54.79 -24.19 -14.06
C TYR I 14 54.11 -22.90 -13.62
N GLY I 15 54.82 -22.04 -12.91
CA GLY I 15 54.24 -20.77 -12.50
C GLY I 15 53.84 -19.91 -13.69
N LYS I 16 54.72 -19.80 -14.68
CA LYS I 16 54.38 -18.97 -15.84
C LYS I 16 53.27 -19.59 -16.67
N TRP I 17 53.32 -20.91 -16.89
CA TRP I 17 52.26 -21.57 -17.63
C TRP I 17 50.92 -21.41 -16.93
N ASN I 18 50.90 -21.55 -15.61
CA ASN I 18 49.65 -21.45 -14.87
C ASN I 18 49.12 -20.02 -14.87
N ALA I 19 50.02 -19.04 -14.77
CA ALA I 19 49.61 -17.65 -14.86
C ALA I 19 48.98 -17.35 -16.22
N LYS I 20 49.61 -17.80 -17.30
CA LYS I 20 49.08 -17.53 -18.63
C LYS I 20 47.77 -18.28 -18.89
N PHE I 21 47.65 -19.51 -18.36
CA PHE I 21 46.41 -20.26 -18.53
C PHE I 21 45.27 -19.62 -17.76
N THR I 22 45.54 -19.12 -16.56
CA THR I 22 44.51 -18.41 -15.80
C THR I 22 44.14 -17.09 -16.46
N ALA I 23 45.11 -16.40 -17.06
CA ALA I 23 44.80 -15.17 -17.77
C ALA I 23 43.91 -15.45 -18.98
N PHE I 24 44.27 -16.45 -19.78
CA PHE I 24 43.52 -16.72 -21.00
C PHE I 24 42.09 -17.21 -20.72
N SER I 25 41.82 -17.74 -19.53
CA SER I 25 40.48 -18.23 -19.20
C SER I 25 39.48 -17.11 -18.96
N ASN I 26 39.94 -15.87 -18.85
CA ASN I 26 39.03 -14.74 -18.75
C ASN I 26 38.18 -14.65 -20.01
N PRO I 27 36.89 -14.28 -19.91
CA PRO I 27 36.07 -14.18 -21.12
C PRO I 27 36.58 -13.12 -22.09
N THR I 28 36.88 -11.92 -21.59
CA THR I 28 37.33 -10.84 -22.46
C THR I 28 38.66 -11.19 -23.12
N VAL I 29 39.60 -11.77 -22.37
CA VAL I 29 40.93 -12.03 -22.91
C VAL I 29 40.86 -13.04 -24.04
N ALA I 30 40.27 -14.21 -23.77
CA ALA I 30 40.17 -15.26 -24.78
C ALA I 30 39.35 -14.79 -25.97
N SER I 31 38.20 -14.15 -25.70
CA SER I 31 37.34 -13.69 -26.78
C SER I 31 38.07 -12.71 -27.68
N THR I 32 38.76 -11.73 -27.09
CA THR I 32 39.45 -10.73 -27.88
C THR I 32 40.57 -11.35 -28.71
N ILE I 33 41.40 -12.19 -28.08
CA ILE I 33 42.53 -12.77 -28.80
C ILE I 33 42.04 -13.63 -29.96
N LEU I 34 41.05 -14.48 -29.72
CA LEU I 34 40.61 -15.41 -30.76
C LEU I 34 39.84 -14.71 -31.86
N THR I 35 38.98 -13.74 -31.51
CA THR I 35 38.28 -12.98 -32.52
C THR I 35 39.24 -12.17 -33.37
N ASN I 36 40.35 -11.71 -32.78
CA ASN I 36 41.32 -10.93 -33.54
C ASN I 36 42.15 -11.81 -34.47
N VAL I 37 42.51 -13.02 -34.04
CA VAL I 37 43.33 -13.89 -34.89
C VAL I 37 42.51 -14.81 -35.78
N ALA I 38 41.18 -14.73 -35.73
CA ALA I 38 40.36 -15.60 -36.58
C ALA I 38 40.67 -15.52 -38.07
N PRO I 39 40.71 -14.34 -38.72
CA PRO I 39 40.93 -14.33 -40.18
C PRO I 39 42.31 -14.84 -40.59
N ILE I 40 43.34 -14.58 -39.77
CA ILE I 40 44.68 -15.06 -40.09
C ILE I 40 44.74 -16.57 -39.97
N ALA I 41 44.06 -17.14 -38.96
CA ALA I 41 44.00 -18.58 -38.80
C ALA I 41 43.28 -19.24 -39.97
N GLN I 42 42.15 -18.64 -40.40
CA GLN I 42 41.46 -19.16 -41.57
C GLN I 42 42.36 -19.12 -42.80
N GLY I 43 43.08 -18.02 -42.99
CA GLY I 43 43.98 -17.92 -44.14
C GLY I 43 45.07 -18.97 -44.12
N ASN I 44 45.68 -19.20 -42.95
CA ASN I 44 46.75 -20.20 -42.85
C ASN I 44 46.23 -21.61 -43.07
N PHE I 45 45.03 -21.91 -42.54
CA PHE I 45 44.42 -23.21 -42.81
C PHE I 45 44.16 -23.40 -44.30
N GLN I 46 43.53 -22.42 -44.94
CA GLN I 46 43.25 -22.51 -46.37
C GLN I 46 44.53 -22.62 -47.19
N THR I 47 45.62 -22.02 -46.72
CA THR I 47 46.87 -22.09 -47.46
C THR I 47 47.51 -23.46 -47.35
N ASN I 48 47.51 -24.06 -46.16
CA ASN I 48 48.35 -25.23 -45.93
C ASN I 48 47.63 -26.58 -46.01
N VAL I 49 46.37 -26.68 -45.62
CA VAL I 49 45.74 -28.00 -45.47
C VAL I 49 45.46 -28.72 -46.78
N PRO I 50 45.17 -28.06 -47.92
CA PRO I 50 44.94 -28.82 -49.15
C PRO I 50 46.09 -29.73 -49.55
N LYS I 51 47.33 -29.29 -49.36
CA LYS I 51 48.49 -30.10 -49.70
C LYS I 51 48.54 -31.40 -48.92
N PHE I 52 47.88 -31.47 -47.77
CA PHE I 52 47.88 -32.67 -46.93
C PHE I 52 46.63 -33.51 -47.13
N THR I 53 45.49 -32.89 -47.41
CA THR I 53 44.31 -33.65 -47.80
C THR I 53 44.56 -34.45 -49.08
N SER I 54 45.23 -33.83 -50.06
CA SER I 54 45.52 -34.54 -51.29
C SER I 54 46.46 -35.71 -51.05
N VAL I 55 47.44 -35.54 -50.17
CA VAL I 55 48.35 -36.63 -49.85
C VAL I 55 47.62 -37.77 -49.16
N ASN I 56 46.71 -37.43 -48.25
CA ASN I 56 45.86 -38.45 -47.64
C ASN I 56 45.15 -39.29 -48.69
N GLU I 57 44.51 -38.62 -49.65
CA GLU I 57 43.75 -39.33 -50.68
C GLU I 57 44.64 -40.22 -51.54
N GLN I 58 45.80 -39.69 -51.97
CA GLN I 58 46.67 -40.47 -52.85
C GLN I 58 47.31 -41.64 -52.11
N VAL I 59 47.65 -41.47 -50.83
CA VAL I 59 48.25 -42.56 -50.09
C VAL I 59 47.22 -43.63 -49.80
N SER I 60 45.96 -43.27 -49.53
CA SER I 60 44.94 -44.29 -49.36
C SER I 60 44.72 -45.06 -50.65
N ALA I 61 44.75 -44.36 -51.79
CA ALA I 61 44.66 -45.06 -53.08
C ALA I 61 45.79 -46.06 -53.25
N VAL I 62 47.01 -45.68 -52.86
CA VAL I 62 48.14 -46.60 -52.99
C VAL I 62 48.02 -47.76 -52.01
N LEU I 63 47.52 -47.50 -50.80
CA LEU I 63 47.45 -48.54 -49.77
C LEU I 63 46.40 -49.59 -50.11
N THR I 64 45.28 -49.17 -50.69
CA THR I 64 44.26 -50.14 -51.09
C THR I 64 44.80 -51.13 -52.12
N GLN I 65 45.79 -50.72 -52.91
CA GLN I 65 46.40 -51.59 -53.91
C GLN I 65 47.31 -52.65 -53.32
N TYR I 66 47.84 -52.42 -52.12
CA TYR I 66 48.77 -53.35 -51.50
C TYR I 66 48.13 -54.22 -50.43
N GLY I 67 46.84 -54.08 -50.17
CA GLY I 67 46.15 -54.92 -49.23
C GLY I 67 46.29 -54.53 -47.78
N VAL I 68 46.63 -53.27 -47.50
CA VAL I 68 46.81 -52.80 -46.13
C VAL I 68 45.47 -52.37 -45.57
N THR I 69 45.14 -52.86 -44.38
CA THR I 69 43.86 -52.59 -43.75
C THR I 69 44.06 -52.24 -42.28
N GLY I 70 43.12 -51.48 -41.74
CA GLY I 70 43.07 -51.21 -40.31
C GLY I 70 44.09 -50.20 -39.85
N PRO I 71 44.46 -50.27 -38.57
CA PRO I 71 45.46 -49.34 -38.03
C PRO I 71 46.81 -49.42 -38.72
N SER I 72 47.13 -50.54 -39.38
CA SER I 72 48.36 -50.62 -40.15
C SER I 72 48.39 -49.62 -41.29
N ARG I 73 47.22 -49.19 -41.77
CA ARG I 73 47.20 -48.09 -42.72
C ARG I 73 47.77 -46.82 -42.11
N ALA I 74 47.39 -46.51 -40.87
CA ALA I 74 47.84 -45.28 -40.22
C ALA I 74 49.33 -45.10 -40.33
N ILE I 75 50.10 -46.16 -40.12
CA ILE I 75 51.56 -46.10 -40.22
C ILE I 75 51.96 -45.36 -41.48
N TYR I 76 51.56 -45.89 -42.62
CA TYR I 76 52.00 -45.31 -43.88
C TYR I 76 51.42 -43.92 -44.09
N GLN I 77 50.16 -43.73 -43.69
CA GLN I 77 49.60 -42.39 -43.78
C GLN I 77 50.49 -41.40 -43.03
N GLY I 78 50.86 -41.74 -41.80
CA GLY I 78 51.74 -40.87 -41.04
C GLY I 78 53.04 -40.62 -41.76
N TYR I 79 53.66 -41.68 -42.27
CA TYR I 79 54.88 -41.50 -43.04
C TYR I 79 54.66 -40.50 -44.16
N GLY I 80 53.60 -40.71 -44.95
CA GLY I 80 53.32 -39.81 -46.04
C GLY I 80 53.23 -38.38 -45.57
N LEU I 81 52.47 -38.15 -44.49
CA LEU I 81 52.32 -36.79 -44.01
C LEU I 81 53.66 -36.21 -43.60
N LYS I 82 54.47 -37.01 -42.89
CA LYS I 82 55.81 -36.58 -42.55
C LYS I 82 56.57 -36.12 -43.78
N VAL I 83 56.56 -36.94 -44.84
CA VAL I 83 57.28 -36.55 -46.05
C VAL I 83 56.73 -35.25 -46.60
N ALA I 84 55.39 -35.14 -46.66
CA ALA I 84 54.80 -33.91 -47.15
C ALA I 84 55.26 -32.73 -46.33
N ARG I 85 55.32 -32.89 -45.00
CA ARG I 85 55.78 -31.81 -44.14
C ARG I 85 57.16 -31.34 -44.59
N ALA I 86 58.08 -32.29 -44.80
CA ALA I 86 59.42 -31.91 -45.23
C ALA I 86 59.37 -31.10 -46.51
N LEU I 87 58.61 -31.58 -47.50
CA LEU I 87 58.56 -30.88 -48.78
C LEU I 87 57.99 -29.48 -48.62
N ASN I 88 57.10 -29.30 -47.65
CA ASN I 88 56.52 -27.99 -47.44
C ASN I 88 57.50 -27.06 -46.74
N ARG I 89 58.35 -27.60 -45.87
CA ARG I 89 59.17 -26.75 -45.01
C ARG I 89 60.42 -26.27 -45.75
N ILE I 90 61.16 -27.19 -46.35
CA ILE I 90 62.46 -26.85 -46.91
C ILE I 90 62.50 -26.90 -48.43
N GLY I 91 61.55 -27.55 -49.07
CA GLY I 91 61.50 -27.62 -50.51
C GLY I 91 62.22 -28.85 -51.05
N ALA I 92 62.20 -28.96 -52.36
CA ALA I 92 62.86 -30.08 -53.04
C ALA I 92 64.33 -29.78 -53.24
N GLY I 93 65.16 -30.82 -53.09
CA GLY I 93 66.59 -30.68 -53.20
C GLY I 93 67.32 -31.70 -52.33
N PRO I 94 68.65 -31.60 -52.26
CA PRO I 94 69.42 -32.60 -51.50
C PRO I 94 69.01 -32.73 -50.03
N ALA I 95 68.56 -31.64 -49.41
CA ALA I 95 68.10 -31.71 -48.04
C ALA I 95 66.86 -32.59 -47.92
N LEU I 96 65.97 -32.51 -48.91
CA LEU I 96 64.80 -33.39 -48.92
C LEU I 96 65.21 -34.85 -49.10
N THR I 97 66.28 -35.11 -49.86
CA THR I 97 66.77 -36.47 -50.00
C THR I 97 67.29 -37.00 -48.67
N ASN I 98 68.06 -36.19 -47.95
CA ASN I 98 68.55 -36.59 -46.64
C ASN I 98 67.40 -36.87 -45.68
N MET I 99 66.40 -35.98 -45.67
CA MET I 99 65.29 -36.18 -44.75
C MET I 99 64.44 -37.38 -45.11
N VAL I 100 64.25 -37.68 -46.40
CA VAL I 100 63.46 -38.84 -46.78
C VAL I 100 64.19 -40.12 -46.40
N ALA I 101 65.50 -40.17 -46.61
CA ALA I 101 66.27 -41.34 -46.16
C ALA I 101 66.17 -41.51 -44.65
N GLY I 102 66.29 -40.42 -43.90
CA GLY I 102 66.20 -40.51 -42.45
C GLY I 102 64.84 -40.96 -41.98
N LEU I 103 63.78 -40.48 -42.63
CA LEU I 103 62.42 -40.88 -42.24
C LEU I 103 62.16 -42.34 -42.58
N LYS I 104 62.69 -42.82 -43.69
CA LYS I 104 62.54 -44.24 -44.00
C LYS I 104 63.24 -45.10 -42.97
N ALA I 105 64.47 -44.72 -42.59
CA ALA I 105 65.17 -45.46 -41.54
C ALA I 105 64.38 -45.42 -40.22
N TYR I 106 63.89 -44.25 -39.86
CA TYR I 106 63.06 -44.09 -38.66
C TYR I 106 61.90 -45.07 -38.66
N TYR I 107 61.06 -45.03 -39.70
CA TYR I 107 59.85 -45.83 -39.71
C TYR I 107 60.15 -47.32 -39.80
N VAL I 108 61.12 -47.72 -40.62
CA VAL I 108 61.43 -49.14 -40.73
C VAL I 108 62.00 -49.68 -39.43
N SER I 109 62.86 -48.93 -38.75
CA SER I 109 63.51 -49.46 -37.55
C SER I 109 62.61 -49.39 -36.32
N ALA I 110 61.79 -48.36 -36.21
CA ALA I 110 60.99 -48.21 -35.00
C ALA I 110 59.64 -48.91 -35.10
N TYR I 111 58.96 -48.79 -36.24
CA TYR I 111 57.57 -49.21 -36.33
C TYR I 111 57.36 -50.43 -37.22
N GLY I 112 58.44 -51.09 -37.64
CA GLY I 112 58.31 -52.31 -38.41
C GLY I 112 57.58 -52.14 -39.73
N ALA I 113 57.67 -50.97 -40.34
CA ALA I 113 57.03 -50.73 -41.62
C ALA I 113 57.74 -51.48 -42.73
N ASN I 114 57.02 -51.65 -43.84
CA ASN I 114 57.48 -52.36 -45.03
C ASN I 114 58.21 -51.40 -45.96
N PRO I 115 59.45 -51.70 -46.34
CA PRO I 115 60.16 -50.78 -47.24
C PRO I 115 59.52 -50.64 -48.60
N GLU I 116 58.89 -51.69 -49.11
CA GLU I 116 58.25 -51.62 -50.43
C GLU I 116 57.09 -50.64 -50.43
N ILE I 117 56.25 -50.68 -49.40
CA ILE I 117 55.11 -49.76 -49.34
C ILE I 117 55.57 -48.35 -49.02
N LEU I 118 56.67 -48.21 -48.26
CA LEU I 118 57.23 -46.87 -48.06
C LEU I 118 57.72 -46.29 -49.38
N ASP I 119 58.36 -47.11 -50.20
CA ASP I 119 58.75 -46.69 -51.55
C ASP I 119 57.54 -46.28 -52.38
N ALA I 120 56.47 -47.07 -52.33
CA ALA I 120 55.28 -46.72 -53.08
C ALA I 120 54.69 -45.38 -52.62
N VAL I 121 54.69 -45.13 -51.32
CA VAL I 121 54.12 -43.89 -50.80
C VAL I 121 54.97 -42.70 -51.19
N THR I 122 56.28 -42.77 -50.99
CA THR I 122 57.14 -41.65 -51.37
C THR I 122 57.17 -41.48 -52.89
N ASN I 123 56.86 -42.52 -53.65
CA ASN I 123 56.76 -42.39 -55.10
C ASN I 123 55.51 -41.62 -55.50
N ILE I 124 54.36 -41.92 -54.87
CA ILE I 124 53.16 -41.17 -55.20
C ILE I 124 53.27 -39.72 -54.71
N ILE I 125 54.11 -39.46 -53.71
CA ILE I 125 54.23 -38.09 -53.19
C ILE I 125 55.26 -37.28 -53.98
N LEU I 126 56.51 -37.74 -54.02
CA LEU I 126 57.60 -36.95 -54.56
C LEU I 126 57.98 -37.33 -55.99
N GLY I 127 57.46 -38.42 -56.52
CA GLY I 127 57.70 -38.82 -57.89
C GLY I 127 58.59 -40.03 -58.05
N SER I 128 59.45 -40.32 -57.07
CA SER I 128 60.32 -41.46 -57.14
C SER I 128 60.57 -42.02 -55.75
N PRO I 129 60.94 -43.30 -55.64
CA PRO I 129 61.21 -43.88 -54.31
C PRO I 129 62.24 -43.13 -53.48
N THR I 130 63.35 -42.69 -54.09
CA THR I 130 64.36 -41.97 -53.32
C THR I 130 64.04 -40.48 -53.23
N GLY I 131 63.41 -39.92 -54.26
CA GLY I 131 63.01 -38.53 -54.25
C GLY I 131 63.94 -37.56 -54.93
N TYR I 132 64.88 -38.04 -55.74
CA TYR I 132 65.80 -37.15 -56.45
C TYR I 132 65.03 -36.23 -57.38
N ALA J 2 -35.53 32.49 35.01
CA ALA J 2 -34.87 31.82 36.13
C ALA J 2 -33.43 32.28 36.29
N LYS J 3 -33.23 33.59 36.28
CA LYS J 3 -31.90 34.19 36.39
C LYS J 3 -31.76 35.08 37.63
N GLY J 4 -32.80 35.83 37.98
CA GLY J 4 -32.75 36.67 39.15
C GLY J 4 -33.78 36.29 40.19
N ARG J 5 -33.91 34.99 40.46
CA ARG J 5 -34.99 34.51 41.31
C ARG J 5 -34.58 34.33 42.76
N THR J 6 -33.33 34.00 43.00
CA THR J 6 -32.82 33.86 44.36
C THR J 6 -31.79 34.94 44.66
N PRO J 7 -31.74 35.43 45.89
CA PRO J 7 -30.75 36.46 46.23
C PRO J 7 -29.35 35.87 46.31
N ARG J 8 -28.40 36.55 45.69
CA ARG J 8 -26.99 36.16 45.72
C ARG J 8 -26.21 37.16 46.57
N SER J 9 -25.42 36.64 47.50
CA SER J 9 -24.57 37.44 48.36
C SER J 9 -23.30 37.82 47.62
N PHE J 10 -22.37 38.47 48.32
CA PHE J 10 -21.13 38.86 47.67
C PHE J 10 -20.28 37.65 47.32
N SER J 11 -20.23 36.65 48.19
CA SER J 11 -19.40 35.48 47.92
C SER J 11 -19.91 34.70 46.71
N GLN J 12 -21.23 34.58 46.56
CA GLN J 12 -21.78 33.87 45.41
C GLN J 12 -21.56 34.64 44.11
N ARG J 13 -21.84 35.94 44.12
CA ARG J 13 -21.56 36.78 42.96
C ARG J 13 -20.10 36.71 42.56
N TYR J 14 -19.21 36.88 43.53
CA TYR J 14 -17.78 36.85 43.24
C TYR J 14 -17.35 35.49 42.72
N GLY J 15 -17.86 34.41 43.30
CA GLY J 15 -17.49 33.09 42.84
C GLY J 15 -17.90 32.84 41.41
N LYS J 16 -19.15 33.19 41.07
CA LYS J 16 -19.59 32.94 39.70
C LYS J 16 -18.89 33.85 38.70
N TRP J 17 -18.71 35.13 39.05
CA TRP J 17 -17.99 36.03 38.16
C TRP J 17 -16.56 35.55 37.93
N ASN J 18 -15.89 35.09 38.99
CA ASN J 18 -14.51 34.67 38.85
C ASN J 18 -14.40 33.40 38.04
N ALA J 19 -15.36 32.47 38.21
CA ALA J 19 -15.35 31.26 37.41
C ALA J 19 -15.55 31.58 35.93
N LYS J 20 -16.49 32.47 35.63
CA LYS J 20 -16.73 32.82 34.23
C LYS J 20 -15.55 33.57 33.62
N PHE J 21 -14.90 34.44 34.40
CA PHE J 21 -13.74 35.17 33.90
C PHE J 21 -12.57 34.23 33.63
N THR J 22 -12.32 33.28 34.53
CA THR J 22 -11.27 32.31 34.31
C THR J 22 -11.58 31.41 33.12
N ALA J 23 -12.86 31.09 32.92
CA ALA J 23 -13.23 30.27 31.77
C ALA J 23 -13.01 31.02 30.46
N PHE J 24 -13.42 32.29 30.42
CA PHE J 24 -13.32 33.06 29.17
C PHE J 24 -11.88 33.41 28.80
N SER J 25 -10.94 33.37 29.75
CA SER J 25 -9.55 33.65 29.45
C SER J 25 -8.85 32.53 28.69
N ASN J 26 -9.53 31.40 28.50
CA ASN J 26 -8.99 30.32 27.70
C ASN J 26 -8.81 30.79 26.25
N PRO J 27 -7.75 30.35 25.56
CA PRO J 27 -7.59 30.76 24.15
C PRO J 27 -8.75 30.32 23.27
N THR J 28 -9.10 29.03 23.32
CA THR J 28 -10.14 28.48 22.48
C THR J 28 -11.50 29.07 22.79
N VAL J 29 -11.82 29.23 24.08
CA VAL J 29 -13.14 29.70 24.48
C VAL J 29 -13.38 31.11 23.97
N ALA J 30 -12.47 32.02 24.29
CA ALA J 30 -12.63 33.41 23.88
C ALA J 30 -12.60 33.54 22.37
N SER J 31 -11.66 32.86 21.70
CA SER J 31 -11.57 32.96 20.26
C SER J 31 -12.85 32.49 19.60
N THR J 32 -13.37 31.34 20.02
CA THR J 32 -14.59 30.81 19.42
C THR J 32 -15.77 31.74 19.65
N ILE J 33 -15.95 32.20 20.88
CA ILE J 33 -17.10 33.06 21.19
C ILE J 33 -17.04 34.34 20.36
N LEU J 34 -15.88 35.00 20.34
CA LEU J 34 -15.80 36.30 19.68
C LEU J 34 -15.84 36.17 18.17
N THR J 35 -15.18 35.14 17.62
CA THR J 35 -15.25 34.91 16.19
C THR J 35 -16.67 34.56 15.75
N ASN J 36 -17.46 33.95 16.63
CA ASN J 36 -18.84 33.65 16.28
C ASN J 36 -19.71 34.89 16.34
N VAL J 37 -19.51 35.76 17.34
CA VAL J 37 -20.36 36.93 17.48
C VAL J 37 -19.87 38.13 16.68
N ALA J 38 -18.75 38.01 15.95
CA ALA J 38 -18.23 39.15 15.20
C ALA J 38 -19.22 39.75 14.20
N PRO J 39 -19.84 39.00 13.28
CA PRO J 39 -20.71 39.66 12.29
C PRO J 39 -21.93 40.33 12.89
N ILE J 40 -22.51 39.74 13.93
CA ILE J 40 -23.68 40.35 14.57
C ILE J 40 -23.29 41.63 15.30
N ALA J 41 -22.10 41.65 15.90
CA ALA J 41 -21.60 42.85 16.56
C ALA J 41 -21.36 43.96 15.55
N GLN J 42 -20.74 43.63 14.41
CA GLN J 42 -20.58 44.60 13.34
C GLN J 42 -21.93 45.15 12.88
N GLY J 43 -22.92 44.27 12.73
CA GLY J 43 -24.23 44.72 12.30
C GLY J 43 -24.88 45.66 13.30
N ASN J 44 -24.80 45.34 14.59
CA ASN J 44 -25.39 46.21 15.60
C ASN J 44 -24.69 47.55 15.66
N PHE J 45 -23.36 47.56 15.53
CA PHE J 45 -22.63 48.82 15.46
C PHE J 45 -23.12 49.66 14.28
N GLN J 46 -23.13 49.07 13.09
CA GLN J 46 -23.54 49.80 11.90
C GLN J 46 -24.98 50.28 11.99
N THR J 47 -25.81 49.57 12.74
CA THR J 47 -27.20 49.98 12.88
C THR J 47 -27.34 51.17 13.82
N ASN J 48 -26.59 51.17 14.93
CA ASN J 48 -26.89 52.11 16.01
C ASN J 48 -25.98 53.32 16.09
N VAL J 49 -24.72 53.23 15.72
CA VAL J 49 -23.77 54.31 16.03
C VAL J 49 -23.93 55.56 15.17
N PRO J 50 -24.28 55.48 13.87
CA PRO J 50 -24.48 56.72 13.10
C PRO J 50 -25.45 57.71 13.73
N LYS J 51 -26.51 57.24 14.38
CA LYS J 51 -27.46 58.12 15.04
C LYS J 51 -26.82 58.97 16.12
N PHE J 52 -25.79 58.46 16.78
CA PHE J 52 -25.12 59.19 17.85
C PHE J 52 -23.95 60.01 17.35
N THR J 53 -23.28 59.57 16.29
CA THR J 53 -22.28 60.42 15.65
C THR J 53 -22.92 61.70 15.08
N SER J 54 -24.10 61.57 14.49
CA SER J 54 -24.83 62.75 14.01
C SER J 54 -25.12 63.71 15.14
N VAL J 55 -25.52 63.18 16.30
CA VAL J 55 -25.83 64.02 17.45
C VAL J 55 -24.57 64.72 17.94
N ASN J 56 -23.44 64.02 17.96
CA ASN J 56 -22.18 64.64 18.35
C ASN J 56 -21.87 65.83 17.45
N GLU J 57 -21.94 65.65 16.14
CA GLU J 57 -21.63 66.75 15.22
C GLU J 57 -22.59 67.92 15.37
N GLN J 58 -23.89 67.64 15.50
CA GLN J 58 -24.87 68.73 15.60
C GLN J 58 -24.73 69.49 16.91
N VAL J 59 -24.56 68.77 18.03
CA VAL J 59 -24.40 69.43 19.31
C VAL J 59 -23.08 70.20 19.35
N SER J 60 -22.04 69.73 18.68
CA SER J 60 -20.81 70.49 18.59
C SER J 60 -21.04 71.81 17.86
N ALA J 61 -21.77 71.76 16.75
CA ALA J 61 -22.14 72.98 16.04
C ALA J 61 -22.91 73.94 16.96
N VAL J 62 -23.84 73.40 17.75
CA VAL J 62 -24.66 74.24 18.61
C VAL J 62 -23.83 74.83 19.76
N LEU J 63 -22.85 74.06 20.25
CA LEU J 63 -22.04 74.49 21.38
C LEU J 63 -21.03 75.55 20.97
N THR J 64 -20.51 75.47 19.75
CA THR J 64 -19.55 76.47 19.30
C THR J 64 -20.17 77.86 19.23
N GLN J 65 -21.45 77.96 18.85
CA GLN J 65 -22.09 79.27 18.74
C GLN J 65 -22.57 79.81 20.07
N TYR J 66 -22.39 79.08 21.17
CA TYR J 66 -22.70 79.58 22.49
C TYR J 66 -21.46 79.86 23.33
N GLY J 67 -20.27 79.53 22.84
CA GLY J 67 -19.05 79.86 23.54
C GLY J 67 -18.57 78.84 24.55
N VAL J 68 -19.03 77.60 24.46
CA VAL J 68 -18.69 76.57 25.43
C VAL J 68 -17.41 75.86 24.99
N THR J 69 -16.46 75.74 25.91
CA THR J 69 -15.15 75.17 25.61
C THR J 69 -14.71 74.26 26.74
N GLY J 70 -13.92 73.25 26.39
CA GLY J 70 -13.29 72.39 27.36
C GLY J 70 -14.19 71.27 27.87
N PRO J 71 -13.91 70.80 29.09
CA PRO J 71 -14.78 69.77 29.68
C PRO J 71 -16.21 70.19 29.85
N SER J 72 -16.48 71.50 29.96
CA SER J 72 -17.86 71.98 29.99
C SER J 72 -18.63 71.59 28.75
N ARG J 73 -17.95 71.34 27.63
CA ARG J 73 -18.64 70.82 26.46
C ARG J 73 -19.15 69.42 26.70
N ALA J 74 -18.33 68.57 27.31
CA ALA J 74 -18.72 67.19 27.57
C ALA J 74 -20.08 67.12 28.24
N ILE J 75 -20.32 67.99 29.22
CA ILE J 75 -21.62 68.05 29.90
C ILE J 75 -22.74 67.96 28.88
N TYR J 76 -22.79 68.93 27.97
CA TYR J 76 -23.91 68.99 27.05
C TYR J 76 -23.85 67.85 26.05
N GLN J 77 -22.64 67.48 25.60
CA GLN J 77 -22.52 66.30 24.77
C GLN J 77 -23.17 65.11 25.46
N GLY J 78 -22.82 64.90 26.73
CA GLY J 78 -23.45 63.83 27.49
C GLY J 78 -24.95 63.94 27.49
N TYR J 79 -25.48 65.12 27.85
CA TYR J 79 -26.93 65.31 27.84
C TYR J 79 -27.49 64.95 26.49
N GLY J 80 -26.87 65.45 25.42
CA GLY J 80 -27.37 65.17 24.10
C GLY J 80 -27.47 63.68 23.84
N LEU J 81 -26.38 62.95 24.12
CA LEU J 81 -26.41 61.52 23.89
C LEU J 81 -27.48 60.87 24.72
N LYS J 82 -27.62 61.31 25.98
CA LYS J 82 -28.69 60.81 26.84
C LYS J 82 -30.04 60.94 26.14
N VAL J 83 -30.35 62.14 25.66
CA VAL J 83 -31.64 62.34 24.99
C VAL J 83 -31.74 61.43 23.77
N ALA J 84 -30.67 61.38 22.97
CA ALA J 84 -30.69 60.51 21.81
C ALA J 84 -31.01 59.08 22.21
N ARG J 85 -30.44 58.62 23.32
CA ARG J 85 -30.70 57.27 23.78
C ARG J 85 -32.19 57.04 23.95
N ALA J 86 -32.86 57.95 24.66
CA ALA J 86 -34.29 57.81 24.89
C ALA J 86 -35.05 57.71 23.57
N LEU J 87 -34.67 58.55 22.60
CA LEU J 87 -35.38 58.54 21.34
C LEU J 87 -35.18 57.22 20.61
N ASN J 88 -34.01 56.62 20.74
CA ASN J 88 -33.78 55.34 20.11
C ASN J 88 -34.47 54.22 20.85
N ARG J 89 -34.73 54.41 22.14
CA ARG J 89 -35.23 53.30 22.96
C ARG J 89 -36.75 53.23 22.91
N ILE J 90 -37.43 54.31 23.26
CA ILE J 90 -38.87 54.26 23.45
C ILE J 90 -39.64 55.00 22.36
N GLY J 91 -38.99 55.87 21.60
CA GLY J 91 -39.65 56.58 20.51
C GLY J 91 -40.26 57.88 20.95
N ALA J 92 -40.82 58.59 19.98
CA ALA J 92 -41.41 59.90 20.22
C ALA J 92 -42.83 59.76 20.74
N GLY J 93 -43.19 60.63 21.68
CA GLY J 93 -44.46 60.59 22.33
C GLY J 93 -44.38 61.17 23.73
N PRO J 94 -45.47 61.08 24.50
CA PRO J 94 -45.45 61.62 25.86
C PRO J 94 -44.36 61.05 26.74
N ALA J 95 -43.96 59.79 26.53
CA ALA J 95 -42.87 59.22 27.32
C ALA J 95 -41.55 59.92 27.05
N LEU J 96 -41.32 60.30 25.79
CA LEU J 96 -40.08 60.99 25.47
C LEU J 96 -40.04 62.36 26.13
N THR J 97 -41.18 63.05 26.21
CA THR J 97 -41.21 64.35 26.88
C THR J 97 -41.02 64.19 28.38
N ASN J 98 -41.62 63.14 28.97
CA ASN J 98 -41.37 62.87 30.39
C ASN J 98 -39.88 62.66 30.65
N MET J 99 -39.23 61.84 29.83
CA MET J 99 -37.81 61.61 30.03
C MET J 99 -36.97 62.84 29.75
N VAL J 100 -37.37 63.69 28.80
CA VAL J 100 -36.63 64.93 28.55
C VAL J 100 -36.73 65.86 29.75
N ALA J 101 -37.91 66.00 30.34
CA ALA J 101 -38.05 66.84 31.52
C ALA J 101 -37.24 66.29 32.69
N GLY J 102 -37.28 64.97 32.88
CA GLY J 102 -36.51 64.36 33.95
C GLY J 102 -35.01 64.52 33.76
N LEU J 103 -34.54 64.40 32.52
CA LEU J 103 -33.11 64.55 32.24
C LEU J 103 -32.66 66.00 32.40
N LYS J 104 -33.51 66.95 32.02
CA LYS J 104 -33.15 68.35 32.21
C LYS J 104 -33.05 68.69 33.69
N ALA J 105 -34.02 68.22 34.49
CA ALA J 105 -33.92 68.44 35.94
C ALA J 105 -32.67 67.79 36.50
N TYR J 106 -32.41 66.54 36.11
CA TYR J 106 -31.19 65.83 36.50
C TYR J 106 -29.95 66.68 36.24
N TYR J 107 -29.77 67.12 35.00
CA TYR J 107 -28.53 67.80 34.64
C TYR J 107 -28.42 69.17 35.29
N VAL J 108 -29.51 69.94 35.31
CA VAL J 108 -29.46 71.28 35.89
C VAL J 108 -29.16 71.20 37.39
N SER J 109 -29.77 70.27 38.11
CA SER J 109 -29.61 70.28 39.56
C SER J 109 -28.42 69.48 40.03
N ALA J 110 -27.95 68.51 39.25
CA ALA J 110 -26.80 67.72 39.67
C ALA J 110 -25.48 68.28 39.18
N TYR J 111 -25.43 68.78 37.94
CA TYR J 111 -24.16 69.15 37.33
C TYR J 111 -24.08 70.63 37.00
N GLY J 112 -25.06 71.43 37.41
CA GLY J 112 -25.03 72.86 37.17
C GLY J 112 -25.02 73.25 35.71
N ALA J 113 -25.75 72.53 34.87
CA ALA J 113 -25.85 72.88 33.46
C ALA J 113 -26.75 74.11 33.29
N ASN J 114 -26.60 74.75 32.14
CA ASN J 114 -27.34 75.95 31.76
C ASN J 114 -28.65 75.56 31.11
N PRO J 115 -29.79 76.06 31.61
CA PRO J 115 -31.07 75.73 30.96
C PRO J 115 -31.17 76.18 29.52
N GLU J 116 -30.55 77.30 29.15
CA GLU J 116 -30.63 77.79 27.78
C GLU J 116 -29.88 76.88 26.82
N ILE J 117 -28.68 76.44 27.19
CA ILE J 117 -27.92 75.56 26.30
C ILE J 117 -28.55 74.18 26.25
N LEU J 118 -29.19 73.74 27.33
CA LEU J 118 -29.92 72.48 27.29
C LEU J 118 -31.13 72.57 26.38
N ASP J 119 -31.82 73.72 26.39
CA ASP J 119 -32.90 73.95 25.44
C ASP J 119 -32.39 73.95 24.01
N ALA J 120 -31.21 74.53 23.78
CA ALA J 120 -30.63 74.55 22.43
C ALA J 120 -30.28 73.15 21.95
N VAL J 121 -29.68 72.34 22.83
CA VAL J 121 -29.34 70.96 22.48
C VAL J 121 -30.61 70.16 22.20
N THR J 122 -31.64 70.31 23.04
CA THR J 122 -32.88 69.60 22.81
C THR J 122 -33.56 70.05 21.52
N ASN J 123 -33.44 71.33 21.18
CA ASN J 123 -34.01 71.81 19.93
C ASN J 123 -33.30 71.20 18.72
N ILE J 124 -31.97 71.18 18.73
CA ILE J 124 -31.26 70.62 17.58
C ILE J 124 -31.48 69.11 17.47
N ILE J 125 -31.74 68.43 18.58
CA ILE J 125 -31.91 66.98 18.52
C ILE J 125 -33.33 66.58 18.18
N LEU J 126 -34.31 67.07 18.94
CA LEU J 126 -35.68 66.61 18.81
C LEU J 126 -36.57 67.54 18.02
N GLY J 127 -36.19 68.80 17.83
CA GLY J 127 -36.95 69.74 17.04
C GLY J 127 -37.59 70.85 17.83
N SER J 128 -37.70 70.71 19.14
CA SER J 128 -38.24 71.76 19.98
C SER J 128 -37.61 71.66 21.37
N PRO J 129 -37.61 72.75 22.14
CA PRO J 129 -36.99 72.69 23.48
C PRO J 129 -37.63 71.68 24.41
N THR J 130 -38.96 71.64 24.47
CA THR J 130 -39.63 70.67 25.34
C THR J 130 -39.70 69.30 24.70
N GLY J 131 -39.61 69.22 23.38
CA GLY J 131 -39.57 67.95 22.69
C GLY J 131 -40.89 67.43 22.15
N TYR J 132 -41.95 68.23 22.18
CA TYR J 132 -43.25 67.79 21.70
C TYR J 132 -43.21 67.49 20.21
N ALA K 2 49.74 -33.98 -30.24
CA ALA K 2 49.85 -33.85 -28.80
C ALA K 2 48.51 -34.11 -28.13
N LYS K 3 47.90 -35.25 -28.45
CA LYS K 3 46.61 -35.64 -27.89
C LYS K 3 46.68 -36.93 -27.10
N GLY K 4 47.31 -37.96 -27.64
CA GLY K 4 47.41 -39.22 -26.93
C GLY K 4 48.83 -39.60 -26.59
N ARG K 5 49.60 -38.63 -26.12
CA ARG K 5 51.04 -38.80 -25.93
C ARG K 5 51.41 -39.29 -24.54
N THR K 6 50.62 -38.96 -23.53
CA THR K 6 50.88 -39.44 -22.19
C THR K 6 49.75 -40.36 -21.72
N PRO K 7 50.07 -41.37 -20.91
CA PRO K 7 49.02 -42.26 -20.40
C PRO K 7 48.07 -41.55 -19.45
N ARG K 8 46.79 -41.86 -19.58
CA ARG K 8 45.74 -41.27 -18.75
C ARG K 8 45.02 -42.39 -18.01
N SER K 9 44.93 -42.25 -16.69
CA SER K 9 44.29 -43.25 -15.84
C SER K 9 42.81 -42.94 -15.71
N PHE K 10 42.09 -43.77 -14.94
CA PHE K 10 40.65 -43.57 -14.81
C PHE K 10 40.32 -42.23 -14.17
N SER K 11 41.10 -41.79 -13.19
CA SER K 11 40.82 -40.52 -12.54
C SER K 11 40.96 -39.36 -13.51
N GLN K 12 42.00 -39.39 -14.35
CA GLN K 12 42.23 -38.30 -15.29
C GLN K 12 41.19 -38.29 -16.40
N ARG K 13 40.89 -39.46 -16.95
CA ARG K 13 39.84 -39.58 -17.95
C ARG K 13 38.50 -39.13 -17.42
N TYR K 14 38.15 -39.57 -16.21
CA TYR K 14 36.86 -39.19 -15.65
C TYR K 14 36.80 -37.71 -15.33
N GLY K 15 37.88 -37.15 -14.79
CA GLY K 15 37.88 -35.73 -14.49
C GLY K 15 37.73 -34.87 -15.72
N LYS K 16 38.46 -35.21 -16.79
CA LYS K 16 38.34 -34.41 -18.01
C LYS K 16 37.00 -34.63 -18.71
N TRP K 17 36.52 -35.87 -18.79
CA TRP K 17 35.22 -36.12 -19.39
C TRP K 17 34.12 -35.39 -18.62
N ASN K 18 34.19 -35.39 -17.30
CA ASN K 18 33.18 -34.73 -16.50
C ASN K 18 33.26 -33.22 -16.64
N ALA K 19 34.47 -32.67 -16.73
CA ALA K 19 34.62 -31.24 -16.97
C ALA K 19 34.00 -30.83 -18.29
N LYS K 20 34.26 -31.61 -19.34
CA LYS K 20 33.72 -31.28 -20.66
C LYS K 20 32.20 -31.45 -20.70
N PHE K 21 31.67 -32.47 -20.02
CA PHE K 21 30.23 -32.69 -19.99
C PHE K 21 29.52 -31.57 -19.24
N THR K 22 30.07 -31.16 -18.10
CA THR K 22 29.50 -30.05 -17.34
C THR K 22 29.58 -28.75 -18.13
N ALA K 23 30.68 -28.53 -18.86
CA ALA K 23 30.78 -27.34 -19.69
C ALA K 23 29.74 -27.33 -20.80
N PHE K 24 29.57 -28.45 -21.48
CA PHE K 24 28.66 -28.50 -22.61
C PHE K 24 27.20 -28.37 -22.20
N SER K 25 26.86 -28.69 -20.96
CA SER K 25 25.47 -28.58 -20.49
C SER K 25 25.04 -27.13 -20.30
N ASN K 26 25.96 -26.17 -20.37
CA ASN K 26 25.60 -24.77 -20.34
C ASN K 26 24.75 -24.44 -21.55
N PRO K 27 23.71 -23.61 -21.40
CA PRO K 27 22.84 -23.31 -22.55
C PRO K 27 23.58 -22.64 -23.70
N THR K 28 24.40 -21.63 -23.39
CA THR K 28 25.09 -20.91 -24.45
C THR K 28 26.10 -21.80 -25.15
N VAL K 29 26.86 -22.60 -24.40
CA VAL K 29 27.92 -23.41 -25.01
C VAL K 29 27.32 -24.40 -26.00
N ALA K 30 26.35 -25.20 -25.54
CA ALA K 30 25.73 -26.20 -26.41
C ALA K 30 25.01 -25.55 -27.57
N SER K 31 24.25 -24.48 -27.30
CA SER K 31 23.51 -23.81 -28.35
C SER K 31 24.45 -23.30 -29.44
N THR K 32 25.52 -22.62 -29.05
CA THR K 32 26.46 -22.06 -30.03
C THR K 32 27.12 -23.16 -30.83
N ILE K 33 27.62 -24.20 -30.16
CA ILE K 33 28.36 -25.25 -30.87
C ILE K 33 27.44 -25.95 -31.88
N LEU K 34 26.25 -26.34 -31.45
CA LEU K 34 25.36 -27.08 -32.34
C LEU K 34 24.85 -26.21 -33.47
N THR K 35 24.53 -24.94 -33.19
CA THR K 35 24.03 -24.06 -34.24
C THR K 35 25.11 -23.76 -35.26
N ASN K 36 26.37 -23.73 -34.83
CA ASN K 36 27.47 -23.51 -35.77
C ASN K 36 27.73 -24.75 -36.63
N VAL K 37 27.62 -25.96 -36.04
CA VAL K 37 27.92 -27.16 -36.80
C VAL K 37 26.73 -27.76 -37.52
N ALA K 38 25.54 -27.16 -37.41
CA ALA K 38 24.36 -27.70 -38.10
C ALA K 38 24.52 -27.88 -39.60
N PRO K 39 24.91 -26.88 -40.39
CA PRO K 39 24.98 -27.10 -41.85
C PRO K 39 25.99 -28.15 -42.27
N ILE K 40 27.11 -28.25 -41.58
CA ILE K 40 28.12 -29.25 -41.93
C ILE K 40 27.63 -30.64 -41.59
N ALA K 41 26.93 -30.78 -40.46
CA ALA K 41 26.32 -32.05 -40.10
C ALA K 41 25.29 -32.48 -41.13
N GLN K 42 24.47 -31.53 -41.60
CA GLN K 42 23.49 -31.84 -42.64
C GLN K 42 24.18 -32.28 -43.93
N GLY K 43 25.24 -31.58 -44.32
CA GLY K 43 25.97 -31.95 -45.52
C GLY K 43 26.58 -33.34 -45.43
N ASN K 44 27.11 -33.69 -44.26
CA ASN K 44 27.72 -35.01 -44.09
C ASN K 44 26.66 -36.11 -44.11
N PHE K 45 25.53 -35.88 -43.43
CA PHE K 45 24.43 -36.84 -43.49
C PHE K 45 23.96 -37.05 -44.93
N GLN K 46 23.74 -35.95 -45.66
CA GLN K 46 23.28 -36.04 -47.04
C GLN K 46 24.30 -36.73 -47.93
N THR K 47 25.58 -36.54 -47.66
CA THR K 47 26.61 -37.18 -48.47
C THR K 47 26.67 -38.69 -48.23
N ASN K 48 26.50 -39.12 -46.98
CA ASN K 48 26.84 -40.48 -46.63
C ASN K 48 25.67 -41.45 -46.52
N VAL K 49 24.52 -41.03 -46.01
CA VAL K 49 23.48 -41.99 -45.62
C VAL K 49 22.78 -42.68 -46.81
N PRO K 50 22.58 -42.04 -47.97
CA PRO K 50 21.95 -42.77 -49.09
C PRO K 50 22.60 -44.09 -49.44
N LYS K 51 23.94 -44.16 -49.39
CA LYS K 51 24.65 -45.39 -49.70
C LYS K 51 24.31 -46.52 -48.75
N PHE K 52 23.83 -46.21 -47.55
CA PHE K 52 23.49 -47.22 -46.57
C PHE K 52 22.01 -47.54 -46.55
N THR K 53 21.14 -46.57 -46.85
CA THR K 53 19.73 -46.88 -47.01
C THR K 53 19.49 -47.77 -48.22
N SER K 54 20.21 -47.53 -49.32
CA SER K 54 20.06 -48.38 -50.49
C SER K 54 20.53 -49.80 -50.20
N VAL K 55 21.60 -49.93 -49.43
CA VAL K 55 22.08 -51.25 -49.02
C VAL K 55 21.05 -51.94 -48.15
N ASN K 56 20.40 -51.20 -47.26
CA ASN K 56 19.34 -51.76 -46.44
C ASN K 56 18.23 -52.35 -47.31
N GLU K 57 17.77 -51.59 -48.30
CA GLU K 57 16.68 -52.06 -49.16
C GLU K 57 17.10 -53.27 -50.00
N GLN K 58 18.32 -53.26 -50.53
CA GLN K 58 18.78 -54.39 -51.35
C GLN K 58 18.96 -55.65 -50.51
N VAL K 59 19.55 -55.53 -49.32
CA VAL K 59 19.74 -56.71 -48.49
C VAL K 59 18.40 -57.23 -47.99
N SER K 60 17.43 -56.33 -47.76
CA SER K 60 16.09 -56.79 -47.40
C SER K 60 15.47 -57.61 -48.52
N ALA K 61 15.59 -57.13 -49.76
CA ALA K 61 15.09 -57.87 -50.91
C ALA K 61 15.76 -59.23 -51.03
N VAL K 62 17.06 -59.30 -50.72
CA VAL K 62 17.77 -60.57 -50.81
C VAL K 62 17.33 -61.52 -49.70
N LEU K 63 17.09 -60.99 -48.50
CA LEU K 63 16.75 -61.83 -47.36
C LEU K 63 15.35 -62.40 -47.48
N THR K 64 14.42 -61.63 -48.07
CA THR K 64 13.05 -62.15 -48.23
C THR K 64 13.01 -63.32 -49.21
N GLN K 65 14.00 -63.43 -50.10
CA GLN K 65 14.08 -64.56 -51.02
C GLN K 65 14.64 -65.81 -50.37
N TYR K 66 15.12 -65.72 -49.13
CA TYR K 66 15.72 -66.85 -48.45
C TYR K 66 14.95 -67.30 -47.23
N GLY K 67 13.84 -66.65 -46.89
CA GLY K 67 13.04 -67.05 -45.76
C GLY K 67 13.56 -66.60 -44.42
N VAL K 68 14.37 -65.55 -44.38
CA VAL K 68 14.92 -65.05 -43.13
C VAL K 68 13.92 -64.08 -42.52
N THR K 69 13.53 -64.33 -41.28
CA THR K 69 12.51 -63.55 -40.60
C THR K 69 12.98 -63.21 -39.19
N GLY K 70 12.54 -62.07 -38.68
CA GLY K 70 12.76 -61.70 -37.30
C GLY K 70 14.15 -61.16 -37.04
N PRO K 71 14.61 -61.27 -35.80
CA PRO K 71 15.93 -60.73 -35.45
C PRO K 71 17.07 -61.37 -36.21
N SER K 72 16.90 -62.58 -36.73
CA SER K 72 17.91 -63.20 -37.58
C SER K 72 18.20 -62.36 -38.83
N ARG K 73 17.26 -61.52 -39.25
CA ARG K 73 17.56 -60.62 -40.35
C ARG K 73 18.63 -59.62 -39.98
N ALA K 74 18.57 -59.10 -38.75
CA ALA K 74 19.53 -58.07 -38.32
C ALA K 74 20.96 -58.52 -38.54
N ILE K 75 21.26 -59.78 -38.22
CA ILE K 75 22.59 -60.33 -38.47
C ILE K 75 23.06 -59.94 -39.85
N TYR K 76 22.33 -60.39 -40.87
CA TYR K 76 22.76 -60.13 -42.23
C TYR K 76 22.71 -58.65 -42.55
N GLN K 77 21.69 -57.94 -42.08
CA GLN K 77 21.66 -56.50 -42.27
C GLN K 77 22.93 -55.88 -41.72
N GLY K 78 23.27 -56.23 -40.48
CA GLY K 78 24.50 -55.71 -39.91
C GLY K 78 25.69 -56.03 -40.77
N TYR K 79 25.83 -57.29 -41.17
CA TYR K 79 26.95 -57.66 -42.02
C TYR K 79 26.99 -56.77 -43.26
N GLY K 80 25.84 -56.62 -43.92
CA GLY K 80 25.79 -55.78 -45.10
C GLY K 80 26.33 -54.40 -44.83
N LEU K 81 25.84 -53.74 -43.79
CA LEU K 81 26.30 -52.40 -43.51
C LEU K 81 27.78 -52.37 -43.24
N LYS K 82 28.29 -53.38 -42.50
CA LYS K 82 29.72 -53.49 -42.29
C LYS K 82 30.47 -53.46 -43.60
N VAL K 83 30.07 -54.31 -44.55
CA VAL K 83 30.72 -54.33 -45.85
C VAL K 83 30.67 -52.95 -46.48
N ALA K 84 29.50 -52.32 -46.46
CA ALA K 84 29.38 -51.00 -47.07
C ALA K 84 30.33 -50.01 -46.43
N ARG K 85 30.48 -50.07 -45.10
CA ARG K 85 31.42 -49.18 -44.44
C ARG K 85 32.81 -49.34 -45.03
N ALA K 86 33.26 -50.58 -45.17
CA ALA K 86 34.55 -50.83 -45.79
C ALA K 86 34.63 -50.19 -47.16
N LEU K 87 33.63 -50.42 -48.00
CA LEU K 87 33.67 -49.89 -49.35
C LEU K 87 33.68 -48.37 -49.34
N ASN K 88 33.06 -47.76 -48.32
CA ASN K 88 33.06 -46.31 -48.23
C ASN K 88 34.40 -45.79 -47.76
N ARG K 89 35.13 -46.56 -46.96
CA ARG K 89 36.33 -46.05 -46.31
C ARG K 89 37.54 -46.14 -47.22
N ILE K 90 37.89 -47.35 -47.66
CA ILE K 90 39.14 -47.56 -48.37
C ILE K 90 38.95 -47.80 -49.87
N GLY K 91 37.77 -48.20 -50.30
CA GLY K 91 37.50 -48.41 -51.71
C GLY K 91 37.65 -49.86 -52.12
N ALA K 92 37.65 -50.06 -53.44
CA ALA K 92 37.79 -51.40 -54.00
C ALA K 92 39.25 -51.70 -54.32
N GLY K 93 39.62 -52.96 -54.17
CA GLY K 93 40.99 -53.38 -54.32
C GLY K 93 41.30 -54.55 -53.41
N PRO K 94 42.54 -55.05 -53.43
CA PRO K 94 42.89 -56.19 -52.58
C PRO K 94 42.59 -55.99 -51.10
N ALA K 95 42.68 -54.76 -50.60
CA ALA K 95 42.36 -54.52 -49.19
C ALA K 95 40.89 -54.81 -48.90
N LEU K 96 40.01 -54.49 -49.84
CA LEU K 96 38.60 -54.80 -49.66
C LEU K 96 38.35 -56.31 -49.69
N THR K 97 39.09 -57.04 -50.51
CA THR K 97 39.02 -58.49 -50.47
C THR K 97 39.42 -59.03 -49.10
N ASN K 98 40.52 -58.52 -48.56
CA ASN K 98 40.95 -58.95 -47.23
C ASN K 98 39.90 -58.65 -46.17
N MET K 99 39.32 -57.45 -46.22
CA MET K 99 38.33 -57.11 -45.21
C MET K 99 37.05 -57.91 -45.36
N VAL K 100 36.64 -58.25 -46.59
CA VAL K 100 35.44 -59.08 -46.74
C VAL K 100 35.70 -60.48 -46.21
N ALA K 101 36.88 -61.03 -46.46
CA ALA K 101 37.21 -62.34 -45.89
C ALA K 101 37.20 -62.30 -44.36
N GLY K 102 37.81 -61.27 -43.78
CA GLY K 102 37.82 -61.15 -42.32
C GLY K 102 36.45 -60.95 -41.72
N LEU K 103 35.59 -60.19 -42.39
CA LEU K 103 34.23 -59.97 -41.90
C LEU K 103 33.40 -61.24 -41.98
N LYS K 104 33.53 -62.00 -43.07
CA LYS K 104 32.83 -63.27 -43.16
C LYS K 104 33.29 -64.23 -42.07
N ALA K 105 34.60 -64.31 -41.83
CA ALA K 105 35.09 -65.16 -40.75
C ALA K 105 34.55 -64.73 -39.40
N TYR K 106 34.57 -63.42 -39.14
CA TYR K 106 33.96 -62.86 -37.94
C TYR K 106 32.53 -63.36 -37.75
N TYR K 107 31.68 -63.14 -38.75
CA TYR K 107 30.26 -63.44 -38.57
C TYR K 107 30.00 -64.93 -38.49
N VAL K 108 30.68 -65.74 -39.30
CA VAL K 108 30.47 -67.18 -39.25
C VAL K 108 30.92 -67.76 -37.92
N SER K 109 32.04 -67.29 -37.38
CA SER K 109 32.54 -67.91 -36.15
C SER K 109 31.83 -67.38 -34.92
N ALA K 110 31.57 -66.08 -34.84
CA ALA K 110 31.03 -65.51 -33.62
C ALA K 110 29.51 -65.54 -33.59
N TYR K 111 28.83 -65.31 -34.72
CA TYR K 111 27.40 -65.10 -34.70
C TYR K 111 26.62 -66.20 -35.40
N GLY K 112 27.29 -67.26 -35.84
CA GLY K 112 26.58 -68.40 -36.40
C GLY K 112 25.77 -68.09 -37.64
N ALA K 113 26.21 -67.14 -38.45
CA ALA K 113 25.53 -66.80 -39.68
C ALA K 113 25.80 -67.84 -40.75
N ASN K 114 24.94 -67.86 -41.75
CA ASN K 114 24.97 -68.81 -42.84
C ASN K 114 25.93 -68.34 -43.92
N PRO K 115 26.90 -69.15 -44.33
CA PRO K 115 27.80 -68.72 -45.42
C PRO K 115 27.09 -68.45 -46.74
N GLU K 116 26.01 -69.18 -47.04
CA GLU K 116 25.31 -68.98 -48.30
C GLU K 116 24.59 -67.63 -48.33
N ILE K 117 23.93 -67.25 -47.24
CA ILE K 117 23.26 -65.96 -47.20
C ILE K 117 24.27 -64.83 -47.14
N LEU K 118 25.41 -65.03 -46.47
CA LEU K 118 26.47 -64.04 -46.50
C LEU K 118 27.00 -63.85 -47.91
N ASP K 119 27.10 -64.94 -48.68
CA ASP K 119 27.51 -64.85 -50.07
C ASP K 119 26.50 -64.06 -50.89
N ALA K 120 25.21 -64.33 -50.69
CA ALA K 120 24.19 -63.58 -51.42
C ALA K 120 24.21 -62.10 -51.07
N VAL K 121 24.47 -61.77 -49.80
CA VAL K 121 24.53 -60.37 -49.39
C VAL K 121 25.74 -59.68 -50.00
N THR K 122 26.91 -60.31 -49.91
CA THR K 122 28.11 -59.77 -50.53
C THR K 122 27.95 -59.63 -52.04
N ASN K 123 27.19 -60.53 -52.67
CA ASN K 123 26.95 -60.46 -54.10
C ASN K 123 26.07 -59.28 -54.46
N ILE K 124 25.02 -59.02 -53.66
CA ILE K 124 24.17 -57.88 -53.97
C ILE K 124 24.87 -56.57 -53.66
N ILE K 125 25.86 -56.57 -52.77
CA ILE K 125 26.52 -55.31 -52.40
C ILE K 125 27.70 -55.03 -53.32
N LEU K 126 28.66 -55.95 -53.40
CA LEU K 126 29.91 -55.70 -54.12
C LEU K 126 29.89 -56.19 -55.55
N GLY K 127 28.97 -57.06 -55.92
CA GLY K 127 28.86 -57.59 -57.26
C GLY K 127 29.27 -59.03 -57.39
N SER K 128 30.07 -59.54 -56.45
CA SER K 128 30.58 -60.90 -56.49
C SER K 128 30.60 -61.45 -55.06
N PRO K 129 30.46 -62.77 -54.90
CA PRO K 129 30.54 -63.34 -53.55
C PRO K 129 31.86 -63.05 -52.83
N THR K 130 32.99 -63.13 -53.54
CA THR K 130 34.27 -62.82 -52.91
C THR K 130 34.58 -61.34 -52.97
N GLY K 131 34.08 -60.63 -53.98
CA GLY K 131 34.23 -59.20 -54.06
C GLY K 131 35.34 -58.70 -54.97
N TYR K 132 35.96 -59.57 -55.77
CA TYR K 132 37.02 -59.14 -56.67
C TYR K 132 36.47 -58.15 -57.69
N ALA L 2 -43.17 6.71 34.07
CA ALA L 2 -42.59 6.35 35.35
C ALA L 2 -41.48 7.32 35.76
N LYS L 3 -41.86 8.58 35.98
CA LYS L 3 -40.90 9.62 36.32
C LYS L 3 -41.24 10.30 37.64
N GLY L 4 -42.51 10.57 37.90
CA GLY L 4 -42.92 11.24 39.11
C GLY L 4 -43.78 10.37 40.00
N ARG L 5 -43.36 9.12 40.18
CA ARG L 5 -44.20 8.13 40.85
C ARG L 5 -43.81 7.88 42.29
N THR L 6 -42.54 8.00 42.63
CA THR L 6 -42.11 7.90 44.01
C THR L 6 -41.57 9.24 44.49
N PRO L 7 -41.81 9.59 45.75
CA PRO L 7 -41.34 10.88 46.27
C PRO L 7 -39.83 10.92 46.42
N ARG L 8 -39.25 12.08 46.16
CA ARG L 8 -37.80 12.29 46.22
C ARG L 8 -37.48 13.38 47.22
N SER L 9 -36.62 13.05 48.19
CA SER L 9 -36.19 14.00 49.21
C SER L 9 -35.10 14.90 48.65
N PHE L 10 -34.59 15.80 49.49
CA PHE L 10 -33.55 16.71 49.03
C PHE L 10 -32.28 15.96 48.65
N SER L 11 -31.92 14.93 49.41
CA SER L 11 -30.68 14.21 49.13
C SER L 11 -30.76 13.43 47.81
N GLN L 12 -31.92 12.86 47.51
CA GLN L 12 -32.08 12.14 46.25
C GLN L 12 -32.06 13.09 45.05
N ARG L 13 -32.80 14.20 45.15
CA ARG L 13 -32.78 15.21 44.10
C ARG L 13 -31.38 15.75 43.89
N TYR L 14 -30.67 16.04 44.98
CA TYR L 14 -29.32 16.59 44.85
C TYR L 14 -28.37 15.56 44.25
N GLY L 15 -28.48 14.30 44.67
CA GLY L 15 -27.62 13.27 44.11
C GLY L 15 -27.81 13.12 42.61
N LYS L 16 -29.06 13.09 42.16
CA LYS L 16 -29.28 12.88 40.74
C LYS L 16 -28.93 14.13 39.92
N TRP L 17 -29.30 15.32 40.41
CA TRP L 17 -28.94 16.55 39.71
C TRP L 17 -27.42 16.68 39.63
N ASN L 18 -26.71 16.32 40.69
CA ASN L 18 -25.26 16.43 40.69
C ASN L 18 -24.62 15.42 39.75
N ALA L 19 -25.10 14.18 39.75
CA ALA L 19 -24.58 13.19 38.81
C ALA L 19 -24.78 13.62 37.37
N LYS L 20 -25.96 14.17 37.06
CA LYS L 20 -26.23 14.57 35.69
C LYS L 20 -25.42 15.81 35.30
N PHE L 21 -25.24 16.76 36.23
CA PHE L 21 -24.43 17.94 35.93
C PHE L 21 -22.96 17.57 35.74
N THR L 22 -22.48 16.58 36.49
CA THR L 22 -21.10 16.13 36.31
C THR L 22 -20.94 15.38 35.00
N ALA L 23 -21.93 14.58 34.61
CA ALA L 23 -21.85 13.87 33.34
C ALA L 23 -21.86 14.85 32.17
N PHE L 24 -22.77 15.83 32.20
CA PHE L 24 -22.88 16.77 31.10
C PHE L 24 -21.63 17.62 30.92
N SER L 25 -20.81 17.78 31.96
CA SER L 25 -19.61 18.60 31.87
C SER L 25 -18.49 17.92 31.10
N ASN L 26 -18.62 16.64 30.80
CA ASN L 26 -17.65 15.95 29.95
C ASN L 26 -17.67 16.59 28.56
N PRO L 27 -16.52 16.79 27.93
CA PRO L 27 -16.51 17.44 26.61
C PRO L 27 -17.31 16.68 25.56
N THR L 28 -17.12 15.36 25.49
CA THR L 28 -17.79 14.56 24.49
C THR L 28 -19.30 14.56 24.69
N VAL L 29 -19.76 14.41 25.94
CA VAL L 29 -21.18 14.35 26.20
C VAL L 29 -21.87 15.63 25.78
N ALA L 30 -21.37 16.77 26.27
CA ALA L 30 -21.98 18.06 25.97
C ALA L 30 -21.91 18.37 24.48
N SER L 31 -20.74 18.17 23.86
CA SER L 31 -20.60 18.48 22.44
C SER L 31 -21.54 17.63 21.60
N THR L 32 -21.61 16.32 21.89
CA THR L 32 -22.47 15.44 21.12
C THR L 32 -23.94 15.83 21.27
N ILE L 33 -24.39 16.01 22.51
CA ILE L 33 -25.80 16.33 22.73
C ILE L 33 -26.18 17.64 22.05
N LEU L 34 -25.36 18.67 22.21
CA LEU L 34 -25.72 19.98 21.69
C LEU L 34 -25.61 20.03 20.18
N THR L 35 -24.60 19.37 19.60
CA THR L 35 -24.49 19.33 18.15
C THR L 35 -25.63 18.53 17.53
N ASN L 36 -26.14 17.53 18.25
CA ASN L 36 -27.27 16.78 17.72
C ASN L 36 -28.56 17.59 17.79
N VAL L 37 -28.77 18.35 18.88
CA VAL L 37 -30.02 19.09 19.03
C VAL L 37 -29.97 20.48 18.41
N ALA L 38 -28.85 20.90 17.82
CA ALA L 38 -28.78 22.24 17.25
C ALA L 38 -29.84 22.53 16.19
N PRO L 39 -30.06 21.70 15.16
CA PRO L 39 -31.06 22.06 14.15
C PRO L 39 -32.49 22.15 14.68
N ILE L 40 -32.86 21.26 15.60
CA ILE L 40 -34.20 21.28 16.17
C ILE L 40 -34.38 22.52 17.04
N ALA L 41 -33.34 22.88 17.79
CA ALA L 41 -33.37 24.10 18.58
C ALA L 41 -33.55 25.34 17.70
N GLN L 42 -32.81 25.40 16.59
CA GLN L 42 -32.96 26.51 15.66
C GLN L 42 -34.37 26.56 15.09
N GLY L 43 -34.93 25.41 14.74
CA GLY L 43 -36.29 25.38 14.22
C GLY L 43 -37.33 25.87 15.22
N ASN L 44 -37.21 25.41 16.48
CA ASN L 44 -38.15 25.84 17.50
C ASN L 44 -38.03 27.34 17.77
N PHE L 45 -36.81 27.86 17.81
CA PHE L 45 -36.62 29.30 17.98
C PHE L 45 -37.26 30.07 16.83
N GLN L 46 -36.97 29.67 15.60
CA GLN L 46 -37.51 30.34 14.42
C GLN L 46 -39.02 30.29 14.38
N THR L 47 -39.64 29.22 14.88
CA THR L 47 -41.10 29.15 14.80
C THR L 47 -41.78 29.89 15.94
N ASN L 48 -41.11 30.05 17.09
CA ASN L 48 -41.80 30.62 18.23
C ASN L 48 -41.48 32.07 18.53
N VAL L 49 -40.24 32.53 18.36
CA VAL L 49 -39.85 33.85 18.86
C VAL L 49 -40.49 35.02 18.11
N PRO L 50 -40.74 34.94 16.79
CA PRO L 50 -41.37 36.09 16.12
C PRO L 50 -42.68 36.56 16.74
N LYS L 51 -43.52 35.62 17.20
CA LYS L 51 -44.77 35.98 17.84
C LYS L 51 -44.57 36.83 19.08
N PHE L 52 -43.41 36.73 19.72
CA PHE L 52 -43.14 37.48 20.94
C PHE L 52 -42.37 38.76 20.67
N THR L 53 -41.50 38.79 19.66
CA THR L 53 -40.88 40.05 19.27
C THR L 53 -41.92 41.03 18.73
N SER L 54 -42.90 40.53 17.98
CA SER L 54 -43.98 41.39 17.51
C SER L 54 -44.76 42.00 18.66
N VAL L 55 -45.06 41.18 19.68
CA VAL L 55 -45.76 41.67 20.86
C VAL L 55 -44.93 42.73 21.57
N ASN L 56 -43.63 42.50 21.69
CA ASN L 56 -42.74 43.48 22.31
C ASN L 56 -42.84 44.83 21.62
N GLU L 57 -42.73 44.82 20.28
CA GLU L 57 -42.76 46.08 19.54
C GLU L 57 -44.09 46.80 19.69
N GLN L 58 -45.21 46.07 19.59
CA GLN L 58 -46.51 46.72 19.69
C GLN L 58 -46.77 47.26 21.09
N VAL L 59 -46.40 46.51 22.12
CA VAL L 59 -46.60 46.99 23.49
C VAL L 59 -45.70 48.17 23.76
N SER L 60 -44.50 48.20 23.18
CA SER L 60 -43.65 49.39 23.28
C SER L 60 -44.36 50.61 22.72
N ALA L 61 -44.93 50.47 21.51
CA ALA L 61 -45.65 51.59 20.91
C ALA L 61 -46.80 52.06 21.80
N VAL L 62 -47.55 51.11 22.37
CA VAL L 62 -48.69 51.48 23.20
C VAL L 62 -48.22 52.16 24.49
N LEU L 63 -47.12 51.70 25.07
CA LEU L 63 -46.62 52.25 26.32
C LEU L 63 -46.09 53.66 26.13
N THR L 64 -45.48 53.95 24.99
CA THR L 64 -45.02 55.32 24.73
C THR L 64 -46.19 56.29 24.65
N GLN L 65 -47.35 55.82 24.18
CA GLN L 65 -48.55 56.65 24.09
C GLN L 65 -49.12 57.04 25.44
N TYR L 66 -48.89 56.23 26.47
CA TYR L 66 -49.42 56.51 27.80
C TYR L 66 -48.41 57.14 28.74
N GLY L 67 -47.15 57.27 28.33
CA GLY L 67 -46.15 57.94 29.13
C GLY L 67 -45.43 57.08 30.13
N VAL L 68 -45.42 55.77 29.95
CA VAL L 68 -44.73 54.86 30.86
C VAL L 68 -43.27 54.82 30.48
N THR L 69 -42.40 55.12 31.45
CA THR L 69 -40.97 55.18 31.24
C THR L 69 -40.26 54.32 32.27
N GLY L 70 -39.05 53.88 31.94
CA GLY L 70 -38.20 53.21 32.88
C GLY L 70 -38.68 51.83 33.25
N PRO L 71 -38.28 51.35 34.43
CA PRO L 71 -38.64 49.99 34.84
C PRO L 71 -40.14 49.72 34.89
N SER L 72 -40.98 50.74 35.08
CA SER L 72 -42.42 50.52 35.07
C SER L 72 -42.92 50.02 33.74
N ARG L 73 -42.16 50.21 32.66
CA ARG L 73 -42.53 49.60 31.40
C ARG L 73 -42.46 48.09 31.48
N ALA L 74 -41.43 47.55 32.14
CA ALA L 74 -41.26 46.11 32.24
C ALA L 74 -42.52 45.41 32.71
N ILE L 75 -43.21 45.99 33.71
CA ILE L 75 -44.46 45.43 34.19
C ILE L 75 -45.35 45.06 33.01
N TYR L 76 -45.72 46.05 32.21
CA TYR L 76 -46.65 45.80 31.13
C TYR L 76 -46.04 44.89 30.08
N GLN L 77 -44.74 45.04 29.79
CA GLN L 77 -44.13 44.11 28.86
C GLN L 77 -44.34 42.69 29.34
N GLY L 78 -44.04 42.42 30.61
CA GLY L 78 -44.29 41.09 31.15
C GLY L 78 -45.71 40.65 30.94
N TYR L 79 -46.67 41.50 31.34
CA TYR L 79 -48.07 41.14 31.16
C TYR L 79 -48.34 40.77 29.71
N GLY L 80 -47.88 41.61 28.78
CA GLY L 80 -48.06 41.32 27.39
C GLY L 80 -47.55 39.94 27.03
N LEU L 81 -46.28 39.68 27.35
CA LEU L 81 -45.71 38.39 27.01
C LEU L 81 -46.50 37.26 27.65
N LYS L 82 -46.89 37.43 28.91
CA LYS L 82 -47.71 36.42 29.56
C LYS L 82 -48.96 36.13 28.75
N VAL L 83 -49.70 37.18 28.38
CA VAL L 83 -50.90 36.98 27.58
C VAL L 83 -50.55 36.24 26.30
N ALA L 84 -49.48 36.68 25.62
CA ALA L 84 -49.12 36.02 24.37
C ALA L 84 -48.88 34.54 24.59
N ARG L 85 -48.21 34.19 25.69
CA ARG L 85 -47.94 32.78 25.97
C ARG L 85 -49.22 31.99 26.03
N ALA L 86 -50.25 32.54 26.69
CA ALA L 86 -51.52 31.84 26.77
C ALA L 86 -52.08 31.59 25.38
N LEU L 87 -52.06 32.62 24.52
CA LEU L 87 -52.58 32.45 23.18
C LEU L 87 -51.77 31.42 22.41
N ASN L 88 -50.49 31.30 22.74
CA ASN L 88 -49.67 30.31 22.05
C ASN L 88 -49.96 28.91 22.55
N ARG L 89 -50.41 28.78 23.80
CA ARG L 89 -50.51 27.45 24.39
C ARG L 89 -51.87 26.82 24.15
N ILE L 90 -52.94 27.53 24.47
CA ILE L 90 -54.26 26.92 24.47
C ILE L 90 -55.16 27.42 23.34
N GLY L 91 -54.89 28.59 22.77
CA GLY L 91 -55.68 29.13 21.68
C GLY L 91 -56.77 30.07 22.16
N ALA L 92 -57.50 30.60 21.18
CA ALA L 92 -58.58 31.53 21.48
C ALA L 92 -59.86 30.80 21.83
N GLY L 93 -60.61 31.36 22.76
CA GLY L 93 -61.80 30.73 23.27
C GLY L 93 -62.03 31.11 24.72
N PRO L 94 -63.04 30.50 25.35
CA PRO L 94 -63.35 30.84 26.75
C PRO L 94 -62.20 30.62 27.71
N ALA L 95 -61.35 29.62 27.45
CA ALA L 95 -60.19 29.38 28.31
C ALA L 95 -59.24 30.57 28.30
N LEU L 96 -59.01 31.16 27.12
CA LEU L 96 -58.17 32.34 27.04
C LEU L 96 -58.79 33.52 27.77
N THR L 97 -60.12 33.63 27.76
CA THR L 97 -60.78 34.68 28.52
C THR L 97 -60.56 34.51 30.02
N ASN L 98 -60.75 33.28 30.52
CA ASN L 98 -60.50 33.01 31.93
C ASN L 98 -59.06 33.36 32.32
N MET L 99 -58.09 32.94 31.49
CA MET L 99 -56.71 33.23 31.83
C MET L 99 -56.37 34.71 31.73
N VAL L 100 -56.97 35.44 30.78
CA VAL L 100 -56.70 36.87 30.69
C VAL L 100 -57.24 37.59 31.93
N ALA L 101 -58.45 37.23 32.36
CA ALA L 101 -58.99 37.85 33.57
C ALA L 101 -58.14 37.51 34.79
N GLY L 102 -57.68 36.26 34.89
CA GLY L 102 -56.84 35.87 36.00
C GLY L 102 -55.50 36.59 36.02
N LEU L 103 -54.92 36.83 34.83
CA LEU L 103 -53.67 37.54 34.74
C LEU L 103 -53.83 39.02 35.08
N LYS L 104 -54.96 39.61 34.69
CA LYS L 104 -55.22 40.99 35.10
C LYS L 104 -55.34 41.10 36.61
N ALA L 105 -56.07 40.17 37.24
CA ALA L 105 -56.14 40.15 38.69
C ALA L 105 -54.76 40.00 39.32
N TYR L 106 -53.98 39.03 38.81
CA TYR L 106 -52.60 38.84 39.25
C TYR L 106 -51.83 40.14 39.28
N TYR L 107 -51.72 40.81 38.13
CA TYR L 107 -50.82 41.95 38.04
C TYR L 107 -51.36 43.16 38.78
N VAL L 108 -52.67 43.41 38.71
CA VAL L 108 -53.25 44.54 39.43
C VAL L 108 -53.08 44.38 40.94
N SER L 109 -53.21 43.15 41.45
CA SER L 109 -53.19 42.99 42.90
C SER L 109 -51.78 42.83 43.45
N ALA L 110 -50.87 42.21 42.70
CA ALA L 110 -49.54 41.96 43.23
C ALA L 110 -48.54 43.04 42.86
N TYR L 111 -48.63 43.60 41.66
CA TYR L 111 -47.60 44.50 41.16
C TYR L 111 -48.11 45.92 40.96
N GLY L 112 -49.33 46.22 41.39
CA GLY L 112 -49.85 47.58 41.33
C GLY L 112 -49.91 48.16 39.94
N ALA L 113 -50.25 47.35 38.94
CA ALA L 113 -50.35 47.83 37.58
C ALA L 113 -51.63 48.62 37.38
N ASN L 114 -51.63 49.48 36.37
CA ASN L 114 -52.77 50.32 36.01
C ASN L 114 -53.78 49.49 35.22
N PRO L 115 -55.04 49.44 35.64
CA PRO L 115 -56.02 48.66 34.87
C PRO L 115 -56.24 49.17 33.47
N GLU L 116 -56.19 50.49 33.26
CA GLU L 116 -56.45 51.05 31.93
C GLU L 116 -55.31 50.73 30.97
N ILE L 117 -54.07 50.78 31.43
CA ILE L 117 -52.96 50.40 30.57
C ILE L 117 -52.95 48.90 30.31
N LEU L 118 -53.39 48.10 31.29
CA LEU L 118 -53.52 46.66 31.05
C LEU L 118 -54.58 46.37 30.00
N ASP L 119 -55.68 47.11 30.03
CA ASP L 119 -56.69 47.00 28.98
C ASP L 119 -56.13 47.39 27.62
N ALA L 120 -55.34 48.47 27.58
CA ALA L 120 -54.75 48.88 26.31
C ALA L 120 -53.81 47.83 25.75
N VAL L 121 -53.03 47.19 26.62
CA VAL L 121 -52.08 46.18 26.16
C VAL L 121 -52.81 44.94 25.67
N THR L 122 -53.79 44.46 26.45
CA THR L 122 -54.54 43.31 25.97
C THR L 122 -55.39 43.64 24.74
N ASN L 123 -55.68 44.92 24.51
CA ASN L 123 -56.38 45.32 23.30
C ASN L 123 -55.46 45.26 22.09
N ILE L 124 -54.23 45.74 22.22
CA ILE L 124 -53.31 45.65 21.09
C ILE L 124 -52.92 44.20 20.82
N ILE L 125 -53.00 43.33 21.82
CA ILE L 125 -52.60 41.93 21.61
C ILE L 125 -53.75 41.08 21.09
N LEU L 126 -54.87 41.04 21.83
CA LEU L 126 -55.95 40.12 21.49
C LEU L 126 -57.04 40.75 20.62
N GLY L 127 -57.11 42.08 20.56
CA GLY L 127 -58.10 42.77 19.77
C GLY L 127 -59.20 43.40 20.59
N SER L 128 -59.40 42.96 21.82
CA SER L 128 -60.41 43.51 22.71
C SER L 128 -59.81 43.62 24.10
N PRO L 129 -60.26 44.58 24.91
CA PRO L 129 -59.78 44.64 26.30
C PRO L 129 -60.10 43.39 27.11
N THR L 130 -61.27 42.78 26.87
CA THR L 130 -61.61 41.55 27.58
C THR L 130 -61.02 40.32 26.91
N GLY L 131 -60.79 40.37 25.61
CA GLY L 131 -60.23 39.26 24.88
C GLY L 131 -61.23 38.36 24.18
N TYR L 132 -62.51 38.72 24.16
CA TYR L 132 -63.52 37.90 23.50
C TYR L 132 -63.21 37.79 22.02
N ALA M 2 26.40 -47.73 -30.09
CA ALA M 2 26.83 -47.44 -28.74
C ALA M 2 25.66 -47.13 -27.84
N LYS M 3 24.56 -47.87 -28.01
CA LYS M 3 23.34 -47.64 -27.25
C LYS M 3 23.01 -48.81 -26.32
N GLY M 4 23.17 -50.03 -26.78
CA GLY M 4 22.89 -51.19 -25.94
C GLY M 4 24.10 -52.04 -25.67
N ARG M 5 25.22 -51.41 -25.34
CA ARG M 5 26.49 -52.11 -25.23
C ARG M 5 26.79 -52.61 -23.83
N THR M 6 26.39 -51.88 -22.81
CA THR M 6 26.60 -52.34 -21.45
C THR M 6 25.28 -52.66 -20.78
N PRO M 7 25.26 -53.62 -19.84
CA PRO M 7 24.01 -53.97 -19.17
C PRO M 7 23.53 -52.85 -18.26
N ARG M 8 22.22 -52.60 -18.29
CA ARG M 8 21.58 -51.58 -17.49
C ARG M 8 20.57 -52.23 -16.56
N SER M 9 20.74 -52.03 -15.26
CA SER M 9 19.88 -52.62 -14.24
C SER M 9 18.64 -51.76 -14.06
N PHE M 10 17.74 -52.19 -13.17
CA PHE M 10 16.52 -51.42 -12.95
C PHE M 10 16.80 -50.01 -12.49
N SER M 11 17.78 -49.84 -11.60
CA SER M 11 18.10 -48.50 -11.09
C SER M 11 18.53 -47.57 -12.22
N GLN M 12 19.36 -48.06 -13.14
CA GLN M 12 19.86 -47.22 -14.21
C GLN M 12 18.77 -46.91 -15.23
N ARG M 13 17.99 -47.92 -15.62
CA ARG M 13 16.86 -47.69 -16.53
C ARG M 13 15.89 -46.68 -15.94
N TYR M 14 15.52 -46.87 -14.68
CA TYR M 14 14.57 -45.96 -14.04
C TYR M 14 15.13 -44.56 -13.92
N GLY M 15 16.41 -44.43 -13.56
CA GLY M 15 17.00 -43.11 -13.44
C GLY M 15 17.02 -42.36 -14.77
N LYS M 16 17.46 -43.04 -15.83
CA LYS M 16 17.52 -42.37 -17.12
C LYS M 16 16.13 -42.08 -17.68
N TRP M 17 15.20 -43.02 -17.54
CA TRP M 17 13.84 -42.79 -18.01
C TRP M 17 13.20 -41.62 -17.28
N ASN M 18 13.40 -41.55 -15.96
CA ASN M 18 12.81 -40.48 -15.17
C ASN M 18 13.43 -39.13 -15.52
N ALA M 19 14.75 -39.11 -15.77
CA ALA M 19 15.39 -37.87 -16.20
C ALA M 19 14.82 -37.38 -17.52
N LYS M 20 14.70 -38.27 -18.50
CA LYS M 20 14.19 -37.86 -19.80
C LYS M 20 12.72 -37.45 -19.72
N PHE M 21 11.95 -38.11 -18.86
CA PHE M 21 10.55 -37.75 -18.71
C PHE M 21 10.39 -36.39 -18.06
N THR M 22 11.16 -36.12 -17.01
CA THR M 22 11.11 -34.81 -16.38
C THR M 22 11.60 -33.71 -17.31
N ALA M 23 12.54 -34.05 -18.20
CA ALA M 23 13.02 -33.05 -19.16
C ALA M 23 11.98 -32.76 -20.22
N PHE M 24 11.31 -33.80 -20.74
CA PHE M 24 10.31 -33.61 -21.79
C PHE M 24 9.08 -32.87 -21.30
N SER M 25 8.85 -32.81 -19.99
CA SER M 25 7.69 -32.12 -19.43
C SER M 25 7.87 -30.61 -19.35
N ASN M 26 9.08 -30.11 -19.59
CA ASN M 26 9.29 -28.68 -19.72
C ASN M 26 8.50 -28.15 -20.92
N PRO M 27 7.86 -26.98 -20.79
CA PRO M 27 7.02 -26.50 -21.90
C PRO M 27 7.80 -26.27 -23.19
N THR M 28 8.99 -25.67 -23.09
CA THR M 28 9.77 -25.35 -24.28
C THR M 28 10.31 -26.62 -24.94
N VAL M 29 10.77 -27.58 -24.15
CA VAL M 29 11.33 -28.81 -24.71
C VAL M 29 10.28 -29.55 -25.52
N ALA M 30 9.15 -29.86 -24.90
CA ALA M 30 8.08 -30.58 -25.58
C ALA M 30 7.56 -29.80 -26.77
N SER M 31 7.31 -28.50 -26.58
CA SER M 31 6.80 -27.67 -27.67
C SER M 31 7.73 -27.71 -28.87
N THR M 32 9.03 -27.50 -28.65
CA THR M 32 9.99 -27.47 -29.75
C THR M 32 10.06 -28.81 -30.45
N ILE M 33 10.20 -29.90 -29.69
CA ILE M 33 10.34 -31.21 -30.31
C ILE M 33 9.12 -31.55 -31.15
N LEU M 34 7.93 -31.33 -30.60
CA LEU M 34 6.72 -31.75 -31.30
C LEU M 34 6.42 -30.86 -32.50
N THR M 35 6.64 -29.55 -32.36
CA THR M 35 6.43 -28.65 -33.48
C THR M 35 7.41 -28.92 -34.61
N ASN M 36 8.63 -29.38 -34.28
CA ASN M 36 9.58 -29.70 -35.35
C ASN M 36 9.26 -31.03 -36.01
N VAL M 37 8.78 -32.02 -35.27
CA VAL M 37 8.50 -33.32 -35.87
C VAL M 37 7.10 -33.43 -36.46
N ALA M 38 6.25 -32.42 -36.32
CA ALA M 38 4.89 -32.50 -36.86
C ALA M 38 4.82 -32.89 -38.33
N PRO M 39 5.49 -32.21 -39.28
CA PRO M 39 5.29 -32.58 -40.70
C PRO M 39 5.77 -33.98 -41.05
N ILE M 40 6.85 -34.44 -40.42
CA ILE M 40 7.35 -35.78 -40.71
C ILE M 40 6.39 -36.83 -40.16
N ALA M 41 5.82 -36.57 -38.97
CA ALA M 41 4.82 -37.48 -38.42
C ALA M 41 3.59 -37.54 -39.31
N GLN M 42 3.13 -36.39 -39.80
CA GLN M 42 2.00 -36.37 -40.73
C GLN M 42 2.30 -37.18 -41.99
N GLY M 43 3.50 -37.02 -42.55
CA GLY M 43 3.88 -37.78 -43.71
C GLY M 43 3.92 -39.29 -43.46
N ASN M 44 4.44 -39.69 -42.30
CA ASN M 44 4.51 -41.12 -41.99
C ASN M 44 3.11 -41.71 -41.78
N PHE M 45 2.23 -40.98 -41.09
CA PHE M 45 0.84 -41.42 -40.97
C PHE M 45 0.19 -41.57 -42.33
N GLN M 46 0.30 -40.54 -43.18
CA GLN M 46 -0.34 -40.59 -44.49
C GLN M 46 0.23 -41.68 -45.37
N THR M 47 1.50 -42.02 -45.19
CA THR M 47 2.11 -43.08 -45.98
C THR M 47 1.66 -44.46 -45.51
N ASN M 48 1.52 -44.65 -44.21
CA ASN M 48 1.35 -46.01 -43.69
C ASN M 48 -0.08 -46.42 -43.39
N VAL M 49 -0.92 -45.53 -42.89
CA VAL M 49 -2.21 -45.93 -42.32
C VAL M 49 -3.22 -46.45 -43.35
N PRO M 50 -3.32 -45.89 -44.57
CA PRO M 50 -4.31 -46.41 -45.53
C PRO M 50 -4.21 -47.91 -45.79
N LYS M 51 -3.00 -48.46 -45.82
CA LYS M 51 -2.82 -49.89 -46.04
C LYS M 51 -3.45 -50.73 -44.95
N PHE M 52 -3.63 -50.18 -43.75
CA PHE M 52 -4.22 -50.89 -42.63
C PHE M 52 -5.70 -50.59 -42.48
N THR M 53 -6.14 -49.38 -42.82
CA THR M 53 -7.56 -49.09 -42.83
C THR M 53 -8.29 -49.93 -43.88
N SER M 54 -7.68 -50.12 -45.05
CA SER M 54 -8.31 -50.96 -46.06
C SER M 54 -8.40 -52.41 -45.61
N VAL M 55 -7.37 -52.88 -44.90
CA VAL M 55 -7.41 -54.23 -44.35
C VAL M 55 -8.53 -54.37 -43.34
N ASN M 56 -8.70 -53.36 -42.49
CA ASN M 56 -9.83 -53.35 -41.56
C ASN M 56 -11.15 -53.51 -42.30
N GLU M 57 -11.33 -52.76 -43.38
CA GLU M 57 -12.61 -52.78 -44.10
C GLU M 57 -12.85 -54.13 -44.77
N GLN M 58 -11.83 -54.70 -45.41
CA GLN M 58 -12.01 -55.98 -46.09
C GLN M 58 -12.21 -57.12 -45.10
N VAL M 59 -11.50 -57.08 -43.97
CA VAL M 59 -11.69 -58.13 -42.97
C VAL M 59 -13.06 -58.00 -42.33
N SER M 60 -13.58 -56.78 -42.18
CA SER M 60 -14.96 -56.63 -41.72
C SER M 60 -15.93 -57.28 -42.68
N ALA M 61 -15.76 -57.02 -43.98
CA ALA M 61 -16.61 -57.65 -44.98
C ALA M 61 -16.56 -59.17 -44.88
N VAL M 62 -15.36 -59.73 -44.67
CA VAL M 62 -15.22 -61.18 -44.59
C VAL M 62 -15.85 -61.72 -43.31
N LEU M 63 -15.69 -61.00 -42.20
CA LEU M 63 -16.19 -61.48 -40.91
C LEU M 63 -17.71 -61.46 -40.86
N THR M 64 -18.34 -60.53 -41.57
CA THR M 64 -19.80 -60.52 -41.57
C THR M 64 -20.38 -61.73 -42.32
N GLN M 65 -19.66 -62.27 -43.30
CA GLN M 65 -20.17 -63.42 -44.04
C GLN M 65 -20.04 -64.72 -43.26
N TYR M 66 -19.18 -64.77 -42.25
CA TYR M 66 -19.01 -65.97 -41.45
C TYR M 66 -19.75 -65.91 -40.12
N GLY M 67 -20.46 -64.82 -39.84
CA GLY M 67 -21.27 -64.74 -38.65
C GLY M 67 -20.55 -64.36 -37.38
N VAL M 68 -19.33 -63.84 -37.49
CA VAL M 68 -18.55 -63.47 -36.31
C VAL M 68 -19.04 -62.14 -35.79
N THR M 69 -19.26 -62.07 -34.48
CA THR M 69 -19.81 -60.88 -33.85
C THR M 69 -19.07 -60.57 -32.56
N GLY M 70 -19.08 -59.31 -32.16
CA GLY M 70 -18.60 -58.90 -30.87
C GLY M 70 -17.09 -58.90 -30.75
N PRO M 71 -16.58 -59.11 -29.53
CA PRO M 71 -15.13 -59.13 -29.34
C PRO M 71 -14.43 -60.23 -30.10
N SER M 72 -15.12 -61.32 -30.42
CA SER M 72 -14.53 -62.37 -31.24
C SER M 72 -14.10 -61.86 -32.60
N ARG M 73 -14.69 -60.75 -33.06
CA ARG M 73 -14.22 -60.13 -34.30
C ARG M 73 -12.80 -59.60 -34.14
N ALA M 74 -12.51 -58.94 -33.02
CA ALA M 74 -11.20 -58.37 -32.79
C ALA M 74 -10.09 -59.38 -33.07
N ILE M 75 -10.27 -60.62 -32.61
CA ILE M 75 -9.31 -61.68 -32.86
C ILE M 75 -8.88 -61.66 -34.31
N TYR M 76 -9.82 -61.89 -35.21
CA TYR M 76 -9.47 -61.98 -36.61
C TYR M 76 -8.99 -60.64 -37.13
N GLN M 77 -9.62 -59.55 -36.71
CA GLN M 77 -9.10 -58.24 -37.09
C GLN M 77 -7.63 -58.14 -36.72
N GLY M 78 -7.31 -58.46 -35.47
CA GLY M 78 -5.93 -58.43 -35.03
C GLY M 78 -5.04 -59.25 -35.93
N TYR M 79 -5.44 -60.51 -36.19
CA TYR M 79 -4.61 -61.37 -37.01
C TYR M 79 -4.36 -60.73 -38.36
N GLY M 80 -5.43 -60.19 -38.97
CA GLY M 80 -5.26 -59.55 -40.25
C GLY M 80 -4.24 -58.44 -40.20
N LEU M 81 -4.36 -57.55 -39.22
CA LEU M 81 -3.41 -56.45 -39.11
C LEU M 81 -1.99 -56.99 -38.97
N LYS M 82 -1.82 -58.03 -38.16
CA LYS M 82 -0.51 -58.64 -38.02
C LYS M 82 0.06 -59.01 -39.38
N VAL M 83 -0.73 -59.72 -40.19
CA VAL M 83 -0.26 -60.12 -41.51
C VAL M 83 0.12 -58.89 -42.32
N ALA M 84 -0.74 -57.87 -42.30
CA ALA M 84 -0.43 -56.66 -43.07
C ALA M 84 0.89 -56.07 -42.62
N ARG M 85 1.16 -56.06 -41.32
CA ARG M 85 2.43 -55.56 -40.81
C ARG M 85 3.58 -56.28 -41.49
N ALA M 86 3.51 -57.61 -41.54
CA ALA M 86 4.57 -58.38 -42.19
C ALA M 86 4.74 -57.96 -43.63
N LEU M 87 3.63 -57.85 -44.36
CA LEU M 87 3.73 -57.47 -45.76
C LEU M 87 4.32 -56.08 -45.91
N ASN M 88 4.09 -55.21 -44.93
CA ASN M 88 4.66 -53.88 -45.02
C ASN M 88 6.14 -53.90 -44.69
N ARG M 89 6.59 -54.84 -43.86
CA ARG M 89 7.94 -54.79 -43.34
C ARG M 89 8.93 -55.46 -44.26
N ILE M 90 8.70 -56.74 -44.59
CA ILE M 90 9.70 -57.52 -45.28
C ILE M 90 9.36 -57.76 -46.76
N GLY M 91 8.14 -57.49 -47.18
CA GLY M 91 7.74 -57.72 -48.55
C GLY M 91 7.19 -59.12 -48.75
N ALA M 92 6.77 -59.37 -49.99
CA ALA M 92 6.22 -60.68 -50.34
C ALA M 92 7.33 -61.63 -50.76
N GLY M 93 7.15 -62.91 -50.43
CA GLY M 93 8.17 -63.89 -50.67
C GLY M 93 8.14 -64.99 -49.63
N PRO M 94 9.11 -65.90 -49.66
CA PRO M 94 9.11 -67.02 -48.71
C PRO M 94 9.18 -66.63 -47.25
N ALA M 95 9.82 -65.51 -46.91
CA ALA M 95 9.81 -65.06 -45.53
C ALA M 95 8.39 -64.72 -45.08
N LEU M 96 7.61 -64.11 -45.97
CA LEU M 96 6.21 -63.82 -45.64
C LEU M 96 5.40 -65.09 -45.45
N THR M 97 5.70 -66.13 -46.24
CA THR M 97 5.05 -67.42 -46.05
C THR M 97 5.37 -68.00 -44.68
N ASN M 98 6.66 -67.97 -44.29
CA ASN M 98 7.05 -68.50 -42.99
C ASN M 98 6.37 -67.74 -41.86
N MET M 99 6.28 -66.42 -41.99
CA MET M 99 5.61 -65.65 -40.94
C MET M 99 4.10 -65.88 -40.93
N VAL M 100 3.48 -66.09 -42.09
CA VAL M 100 2.04 -66.38 -42.09
C VAL M 100 1.76 -67.70 -41.39
N ALA M 101 2.57 -68.72 -41.66
CA ALA M 101 2.41 -69.99 -40.94
C ALA M 101 2.62 -69.80 -39.44
N GLY M 102 3.66 -69.05 -39.07
CA GLY M 102 3.91 -68.81 -37.65
C GLY M 102 2.77 -68.08 -36.96
N LEU M 103 2.20 -67.09 -37.64
CA LEU M 103 1.09 -66.33 -37.07
C LEU M 103 -0.17 -67.18 -36.94
N LYS M 104 -0.43 -68.04 -37.93
CA LYS M 104 -1.59 -68.92 -37.84
C LYS M 104 -1.45 -69.89 -36.67
N ALA M 105 -0.27 -70.48 -36.51
CA ALA M 105 -0.04 -71.36 -35.35
C ALA M 105 -0.20 -70.60 -34.05
N TYR M 106 0.38 -69.40 -33.97
CA TYR M 106 0.24 -68.54 -32.80
C TYR M 106 -1.23 -68.36 -32.43
N TYR M 107 -2.03 -67.85 -33.37
CA TYR M 107 -3.41 -67.51 -33.03
C TYR M 107 -4.26 -68.74 -32.76
N VAL M 108 -4.07 -69.82 -33.53
CA VAL M 108 -4.88 -71.01 -33.35
C VAL M 108 -4.60 -71.67 -32.01
N SER M 109 -3.34 -71.69 -31.55
CA SER M 109 -3.06 -72.43 -30.34
C SER M 109 -3.10 -71.54 -29.09
N ALA M 110 -2.92 -70.23 -29.22
CA ALA M 110 -2.98 -69.37 -28.05
C ALA M 110 -4.37 -68.78 -27.82
N TYR M 111 -5.09 -68.44 -28.89
CA TYR M 111 -6.33 -67.69 -28.75
C TYR M 111 -7.54 -68.47 -29.23
N GLY M 112 -7.38 -69.72 -29.62
CA GLY M 112 -8.52 -70.53 -30.03
C GLY M 112 -9.23 -70.00 -31.26
N ALA M 113 -8.49 -69.42 -32.20
CA ALA M 113 -9.09 -68.93 -33.42
C ALA M 113 -9.44 -70.09 -34.35
N ASN M 114 -10.33 -69.82 -35.27
CA ASN M 114 -10.84 -70.79 -36.25
C ASN M 114 -9.93 -70.83 -37.47
N PRO M 115 -9.41 -71.99 -37.86
CA PRO M 115 -8.55 -72.04 -39.04
C PRO M 115 -9.25 -71.61 -40.33
N GLU M 116 -10.56 -71.85 -40.43
CA GLU M 116 -11.29 -71.48 -41.64
C GLU M 116 -11.35 -69.96 -41.81
N ILE M 117 -11.69 -69.24 -40.74
CA ILE M 117 -11.78 -67.80 -40.83
C ILE M 117 -10.38 -67.19 -40.98
N LEU M 118 -9.36 -67.85 -40.44
CA LEU M 118 -8.00 -67.38 -40.66
C LEU M 118 -7.59 -67.54 -42.12
N ASP M 119 -8.01 -68.64 -42.75
CA ASP M 119 -7.80 -68.80 -44.19
C ASP M 119 -8.53 -67.74 -44.98
N ALA M 120 -9.77 -67.42 -44.58
CA ALA M 120 -10.53 -66.39 -45.29
C ALA M 120 -9.89 -65.02 -45.17
N VAL M 121 -9.40 -64.67 -43.98
CA VAL M 121 -8.73 -63.39 -43.79
C VAL M 121 -7.44 -63.34 -44.60
N THR M 122 -6.65 -64.41 -44.53
CA THR M 122 -5.41 -64.44 -45.29
C THR M 122 -5.66 -64.38 -46.79
N ASN M 123 -6.75 -64.99 -47.27
CA ASN M 123 -7.11 -64.92 -48.67
C ASN M 123 -7.53 -63.51 -49.08
N ILE M 124 -8.25 -62.80 -48.22
CA ILE M 124 -8.66 -61.45 -48.59
C ILE M 124 -7.47 -60.48 -48.53
N ILE M 125 -6.44 -60.80 -47.74
CA ILE M 125 -5.30 -59.89 -47.62
C ILE M 125 -4.21 -60.18 -48.64
N LEU M 126 -3.74 -61.43 -48.68
CA LEU M 126 -2.59 -61.78 -49.50
C LEU M 126 -2.96 -62.38 -50.84
N GLY M 127 -4.19 -62.85 -51.01
CA GLY M 127 -4.64 -63.44 -52.25
C GLY M 127 -4.78 -64.95 -52.20
N SER M 128 -4.07 -65.61 -51.30
CA SER M 128 -4.14 -67.05 -51.13
C SER M 128 -4.24 -67.37 -49.65
N PRO M 129 -4.85 -68.50 -49.29
CA PRO M 129 -4.85 -68.91 -47.87
C PRO M 129 -3.46 -69.09 -47.30
N THR M 130 -2.54 -69.65 -48.09
CA THR M 130 -1.16 -69.82 -47.63
C THR M 130 -0.33 -68.57 -47.90
N GLY M 131 -0.62 -67.85 -48.98
CA GLY M 131 0.09 -66.64 -49.30
C GLY M 131 1.21 -66.76 -50.32
N TYR M 132 1.26 -67.86 -51.06
CA TYR M 132 2.30 -68.01 -52.09
C TYR M 132 2.07 -67.00 -53.20
N ALA N 2 -40.59 -19.31 30.40
CA ALA N 2 -39.67 -19.67 31.46
C ALA N 2 -39.02 -18.44 32.06
N LYS N 3 -39.80 -17.38 32.25
CA LYS N 3 -39.31 -16.11 32.79
C LYS N 3 -39.93 -15.77 34.13
N GLY N 4 -41.22 -16.05 34.32
CA GLY N 4 -41.88 -15.75 35.57
C GLY N 4 -42.41 -16.99 36.27
N ARG N 5 -41.59 -18.04 36.31
CA ARG N 5 -42.05 -19.35 36.76
C ARG N 5 -41.81 -19.61 38.23
N THR N 6 -40.71 -19.10 38.78
CA THR N 6 -40.45 -19.25 40.19
C THR N 6 -40.50 -17.89 40.88
N PRO N 7 -40.90 -17.84 42.15
CA PRO N 7 -40.97 -16.55 42.86
C PRO N 7 -39.58 -15.97 43.13
N ARG N 8 -39.48 -14.66 42.99
CA ARG N 8 -38.25 -13.93 43.21
C ARG N 8 -38.46 -12.90 44.32
N SER N 9 -37.63 -12.98 45.36
CA SER N 9 -37.71 -12.07 46.49
C SER N 9 -36.97 -10.78 46.17
N PHE N 10 -36.97 -9.84 47.12
CA PHE N 10 -36.29 -8.57 46.89
C PHE N 10 -34.80 -8.77 46.64
N SER N 11 -34.19 -9.73 47.31
CA SER N 11 -32.76 -9.97 47.13
C SER N 11 -32.46 -10.46 45.72
N GLN N 12 -33.25 -11.39 45.21
CA GLN N 12 -33.00 -11.93 43.88
C GLN N 12 -33.29 -10.89 42.80
N ARG N 13 -34.41 -10.17 42.93
CA ARG N 13 -34.73 -9.10 41.98
C ARG N 13 -33.64 -8.04 41.98
N TYR N 14 -33.23 -7.60 43.16
CA TYR N 14 -32.20 -6.55 43.23
C TYR N 14 -30.87 -7.04 42.68
N GLY N 15 -30.51 -8.30 42.96
CA GLY N 15 -29.26 -8.83 42.44
C GLY N 15 -29.24 -8.89 40.92
N LYS N 16 -30.28 -9.45 40.33
CA LYS N 16 -30.31 -9.54 38.86
C LYS N 16 -30.42 -8.16 38.23
N TRP N 17 -31.23 -7.27 38.80
CA TRP N 17 -31.37 -5.93 38.24
C TRP N 17 -30.05 -5.18 38.30
N ASN N 18 -29.32 -5.31 39.41
CA ASN N 18 -28.07 -4.59 39.56
C ASN N 18 -26.99 -5.17 38.67
N ALA N 19 -27.00 -6.49 38.46
CA ALA N 19 -26.08 -7.09 37.50
C ALA N 19 -26.33 -6.57 36.10
N LYS N 20 -27.59 -6.54 35.69
CA LYS N 20 -27.91 -6.07 34.33
C LYS N 20 -27.60 -4.59 34.17
N PHE N 21 -27.84 -3.79 35.21
CA PHE N 21 -27.55 -2.35 35.13
C PHE N 21 -26.06 -2.09 35.07
N THR N 22 -25.27 -2.84 35.85
CA THR N 22 -23.83 -2.69 35.79
C THR N 22 -23.27 -3.17 34.46
N ALA N 23 -23.89 -4.18 33.86
CA ALA N 23 -23.45 -4.64 32.54
C ALA N 23 -23.76 -3.62 31.46
N PHE N 24 -24.97 -3.07 31.47
CA PHE N 24 -25.38 -2.11 30.43
C PHE N 24 -24.59 -0.80 30.51
N SER N 25 -23.99 -0.49 31.66
CA SER N 25 -23.20 0.72 31.81
C SER N 25 -21.84 0.65 31.13
N ASN N 26 -21.45 -0.53 30.66
CA ASN N 26 -20.22 -0.66 29.89
C ASN N 26 -20.34 0.11 28.57
N PRO N 27 -19.27 0.75 28.11
CA PRO N 27 -19.36 1.51 26.84
C PRO N 27 -19.75 0.64 25.66
N THR N 28 -19.10 -0.50 25.49
CA THR N 28 -19.32 -1.34 24.32
C THR N 28 -20.70 -1.97 24.34
N VAL N 29 -21.15 -2.43 25.51
CA VAL N 29 -22.45 -3.10 25.60
C VAL N 29 -23.56 -2.13 25.20
N ALA N 30 -23.61 -0.98 25.87
CA ALA N 30 -24.65 0.01 25.59
C ALA N 30 -24.56 0.50 24.15
N SER N 31 -23.35 0.81 23.70
CA SER N 31 -23.15 1.28 22.33
C SER N 31 -23.71 0.28 21.32
N THR N 32 -23.34 -0.98 21.46
CA THR N 32 -23.77 -2.02 20.52
C THR N 32 -25.28 -2.19 20.54
N ILE N 33 -25.88 -2.29 21.72
CA ILE N 33 -27.32 -2.53 21.80
C ILE N 33 -28.08 -1.36 21.18
N LEU N 34 -27.71 -0.13 21.55
CA LEU N 34 -28.49 1.02 21.11
C LEU N 34 -28.29 1.30 19.62
N THR N 35 -27.06 1.13 19.13
CA THR N 35 -26.81 1.33 17.72
C THR N 35 -27.49 0.26 16.89
N ASN N 36 -27.68 -0.93 17.46
CA ASN N 36 -28.38 -1.99 16.72
C ASN N 36 -29.88 -1.76 16.69
N VAL N 37 -30.45 -1.25 17.79
CA VAL N 37 -31.91 -1.09 17.84
C VAL N 37 -32.39 0.28 17.36
N ALA N 38 -31.48 1.19 17.01
CA ALA N 38 -31.91 2.52 16.54
C ALA N 38 -32.94 2.48 15.42
N PRO N 39 -32.74 1.78 14.30
CA PRO N 39 -33.74 1.85 13.22
C PRO N 39 -35.11 1.30 13.58
N ILE N 40 -35.15 0.23 14.39
CA ILE N 40 -36.43 -0.36 14.77
C ILE N 40 -37.17 0.56 15.73
N ALA N 41 -36.45 1.19 16.65
CA ALA N 41 -37.06 2.17 17.55
C ALA N 41 -37.60 3.36 16.78
N GLN N 42 -36.85 3.83 15.78
CA GLN N 42 -37.33 4.90 14.93
C GLN N 42 -38.62 4.50 14.22
N GLY N 43 -38.65 3.29 13.66
CA GLY N 43 -39.86 2.82 13.00
C GLY N 43 -41.06 2.72 13.94
N ASN N 44 -40.84 2.25 15.16
CA ASN N 44 -41.95 2.11 16.11
C ASN N 44 -42.48 3.47 16.53
N PHE N 45 -41.58 4.42 16.80
CA PHE N 45 -41.99 5.80 17.07
C PHE N 45 -42.81 6.35 15.92
N GLN N 46 -42.31 6.22 14.69
CA GLN N 46 -43.00 6.76 13.53
C GLN N 46 -44.35 6.10 13.31
N THR N 47 -44.48 4.82 13.67
CA THR N 47 -45.74 4.12 13.49
C THR N 47 -46.77 4.55 14.52
N ASN N 48 -46.35 4.80 15.76
CA ASN N 48 -47.31 4.97 16.85
C ASN N 48 -47.61 6.41 17.23
N VAL N 49 -46.62 7.29 17.32
CA VAL N 49 -46.79 8.60 17.96
C VAL N 49 -47.78 9.53 17.25
N PRO N 50 -47.87 9.56 15.91
CA PRO N 50 -48.83 10.48 15.28
C PRO N 50 -50.27 10.32 15.77
N LYS N 51 -50.70 9.09 16.05
CA LYS N 51 -52.05 8.86 16.56
C LYS N 51 -52.28 9.53 17.90
N PHE N 52 -51.23 9.83 18.65
CA PHE N 52 -51.35 10.45 19.96
C PHE N 52 -51.13 11.95 19.92
N THR N 53 -50.26 12.44 19.04
CA THR N 53 -50.18 13.88 18.84
C THR N 53 -51.48 14.43 18.28
N SER N 54 -52.14 13.68 17.38
CA SER N 54 -53.45 14.12 16.90
C SER N 54 -54.45 14.22 18.02
N VAL N 55 -54.42 13.27 18.96
CA VAL N 55 -55.33 13.31 20.10
C VAL N 55 -55.04 14.52 20.97
N ASN N 56 -53.76 14.81 21.21
CA ASN N 56 -53.41 16.00 21.98
C ASN N 56 -54.00 17.26 21.35
N GLU N 57 -53.83 17.40 20.03
CA GLU N 57 -54.31 18.60 19.35
C GLU N 57 -55.84 18.71 19.42
N GLN N 58 -56.55 17.62 19.13
CA GLN N 58 -58.01 17.67 19.16
C GLN N 58 -58.55 17.89 20.56
N VAL N 59 -57.97 17.25 21.57
CA VAL N 59 -58.45 17.43 22.93
C VAL N 59 -58.15 18.83 23.41
N SER N 60 -57.04 19.43 22.96
CA SER N 60 -56.79 20.84 23.26
C SER N 60 -57.89 21.71 22.70
N ALA N 61 -58.26 21.46 21.44
CA ALA N 61 -59.38 22.20 20.83
C ALA N 61 -60.65 22.06 21.65
N VAL N 62 -60.95 20.85 22.12
CA VAL N 62 -62.17 20.62 22.89
C VAL N 62 -62.11 21.32 24.24
N LEU N 63 -60.93 21.30 24.87
CA LEU N 63 -60.80 21.84 26.22
C LEU N 63 -60.86 23.37 26.23
N THR N 64 -60.41 24.01 25.15
CA THR N 64 -60.51 25.47 25.11
C THR N 64 -61.96 25.93 25.01
N GLN N 65 -62.83 25.16 24.35
CA GLN N 65 -64.23 25.55 24.26
C GLN N 65 -65.01 25.31 25.54
N TYR N 66 -64.46 24.55 26.49
CA TYR N 66 -65.11 24.32 27.76
C TYR N 66 -64.50 25.14 28.89
N GLY N 67 -63.44 25.89 28.63
CA GLY N 67 -62.90 26.80 29.61
C GLY N 67 -61.91 26.21 30.58
N VAL N 68 -61.32 25.07 30.28
CA VAL N 68 -60.38 24.41 31.18
C VAL N 68 -59.00 25.00 30.97
N THR N 69 -58.37 25.42 32.06
CA THR N 69 -57.05 26.05 32.00
C THR N 69 -56.17 25.48 33.10
N GLY N 70 -54.87 25.42 32.82
CA GLY N 70 -53.89 25.06 33.81
C GLY N 70 -53.70 23.56 33.94
N PRO N 71 -53.21 23.12 35.10
CA PRO N 71 -53.03 21.68 35.32
C PRO N 71 -54.31 20.88 35.20
N SER N 72 -55.47 21.50 35.44
CA SER N 72 -56.74 20.80 35.26
C SER N 72 -56.97 20.38 33.82
N ARG N 73 -56.19 20.91 32.88
CA ARG N 73 -56.25 20.39 31.51
C ARG N 73 -55.64 19.00 31.43
N ALA N 74 -54.50 18.80 32.10
CA ALA N 74 -53.79 17.52 32.00
C ALA N 74 -54.71 16.35 32.28
N ILE N 75 -55.61 16.48 33.27
CA ILE N 75 -56.57 15.43 33.59
C ILE N 75 -57.19 14.90 32.31
N TYR N 76 -57.92 15.77 31.60
CA TYR N 76 -58.61 15.32 30.41
C TYR N 76 -57.64 14.90 29.34
N GLN N 77 -56.53 15.63 29.20
CA GLN N 77 -55.50 15.18 28.26
C GLN N 77 -55.12 13.74 28.57
N GLY N 78 -54.80 13.46 29.84
CA GLY N 78 -54.47 12.11 30.21
C GLY N 78 -55.57 11.14 29.85
N TYR N 79 -56.82 11.45 30.21
CA TYR N 79 -57.92 10.57 29.87
C TYR N 79 -57.95 10.31 28.38
N GLY N 80 -57.84 11.38 27.59
CA GLY N 80 -57.82 11.22 26.15
C GLY N 80 -56.78 10.20 25.71
N LEU N 81 -55.54 10.38 26.16
CA LEU N 81 -54.49 9.46 25.75
C LEU N 81 -54.82 8.05 26.18
N LYS N 82 -55.31 7.88 27.41
CA LYS N 82 -55.73 6.57 27.88
C LYS N 82 -56.68 5.92 26.89
N VAL N 83 -57.74 6.65 26.51
CA VAL N 83 -58.72 6.08 25.59
C VAL N 83 -58.05 5.69 24.28
N ALA N 84 -57.19 6.57 23.76
CA ALA N 84 -56.52 6.25 22.50
C ALA N 84 -55.70 4.98 22.63
N ARG N 85 -55.00 4.83 23.76
CA ARG N 85 -54.21 3.61 23.98
C ARG N 85 -55.10 2.39 23.85
N ALA N 86 -56.29 2.44 24.44
CA ALA N 86 -57.22 1.33 24.31
C ALA N 86 -57.56 1.08 22.85
N LEU N 87 -57.93 2.13 22.12
CA LEU N 87 -58.27 1.95 20.71
C LEU N 87 -57.09 1.39 19.93
N ASN N 88 -55.88 1.65 20.40
CA ASN N 88 -54.72 1.15 19.68
C ASN N 88 -54.46 -0.31 19.99
N ARG N 89 -54.82 -0.75 21.21
CA ARG N 89 -54.44 -2.09 21.64
C ARG N 89 -55.43 -3.13 21.15
N ILE N 90 -56.72 -2.89 21.32
CA ILE N 90 -57.71 -3.93 21.05
C ILE N 90 -58.63 -3.62 19.87
N GLY N 91 -58.77 -2.36 19.49
CA GLY N 91 -59.66 -1.98 18.41
C GLY N 91 -61.04 -1.58 18.92
N ALA N 92 -61.95 -1.40 17.98
CA ALA N 92 -63.31 -1.01 18.30
C ALA N 92 -64.22 -2.22 18.45
N GLY N 93 -65.15 -2.13 19.39
CA GLY N 93 -66.05 -3.22 19.68
C GLY N 93 -66.56 -3.18 21.10
N PRO N 94 -67.24 -4.24 21.53
CA PRO N 94 -67.72 -4.28 22.92
C PRO N 94 -66.63 -4.12 23.97
N ALA N 95 -65.43 -4.64 23.71
CA ALA N 95 -64.33 -4.50 24.65
C ALA N 95 -63.92 -3.04 24.82
N LEU N 96 -63.91 -2.29 23.73
CA LEU N 96 -63.58 -0.87 23.82
C LEU N 96 -64.67 -0.10 24.57
N THR N 97 -65.94 -0.47 24.40
CA THR N 97 -67.00 0.12 25.19
C THR N 97 -66.78 -0.14 26.68
N ASN N 98 -66.42 -1.38 27.03
CA ASN N 98 -66.18 -1.72 28.43
C ASN N 98 -65.01 -0.93 29.01
N MET N 99 -63.91 -0.83 28.25
CA MET N 99 -62.77 -0.08 28.75
C MET N 99 -63.06 1.41 28.85
N VAL N 100 -63.83 1.98 27.92
CA VAL N 100 -64.18 3.40 28.03
C VAL N 100 -65.05 3.64 29.25
N ALA N 101 -66.00 2.76 29.53
CA ALA N 101 -66.81 2.92 30.73
C ALA N 101 -65.97 2.80 32.00
N GLY N 102 -65.04 1.86 32.03
CA GLY N 102 -64.17 1.72 33.19
C GLY N 102 -63.25 2.91 33.37
N LEU N 103 -62.76 3.48 32.27
CA LEU N 103 -61.90 4.65 32.37
C LEU N 103 -62.67 5.87 32.86
N LYS N 104 -63.92 6.03 32.41
CA LYS N 104 -64.73 7.13 32.93
C LYS N 104 -65.00 6.95 34.43
N ALA N 105 -65.33 5.74 34.85
CA ALA N 105 -65.53 5.49 36.29
C ALA N 105 -64.26 5.81 37.07
N TYR N 106 -63.12 5.30 36.60
CA TYR N 106 -61.83 5.60 37.19
C TYR N 106 -61.63 7.10 37.39
N TYR N 107 -61.77 7.88 36.33
CA TYR N 107 -61.41 9.29 36.41
C TYR N 107 -62.42 10.08 37.24
N VAL N 108 -63.71 9.84 37.05
CA VAL N 108 -64.72 10.56 37.82
C VAL N 108 -64.59 10.26 39.31
N SER N 109 -64.24 9.02 39.68
CA SER N 109 -64.21 8.69 41.10
C SER N 109 -62.88 9.05 41.76
N ALA N 110 -61.76 8.93 41.04
CA ALA N 110 -60.48 9.14 41.69
C ALA N 110 -59.96 10.56 41.54
N TYR N 111 -60.22 11.22 40.41
CA TYR N 111 -59.58 12.50 40.11
C TYR N 111 -60.55 13.65 40.01
N GLY N 112 -61.82 13.45 40.34
CA GLY N 112 -62.78 14.53 40.35
C GLY N 112 -63.03 15.16 39.00
N ALA N 113 -62.99 14.38 37.93
CA ALA N 113 -63.21 14.90 36.59
C ALA N 113 -64.70 15.09 36.32
N ASN N 114 -64.99 16.00 35.41
CA ASN N 114 -66.32 16.38 34.95
C ASN N 114 -66.84 15.38 33.94
N PRO N 115 -68.02 14.79 34.15
CA PRO N 115 -68.54 13.84 33.16
C PRO N 115 -68.84 14.45 31.80
N GLU N 116 -69.20 15.74 31.75
CA GLU N 116 -69.51 16.37 30.47
C GLU N 116 -68.27 16.55 29.62
N ILE N 117 -67.16 16.98 30.22
CA ILE N 117 -65.93 17.12 29.45
C ILE N 117 -65.37 15.76 29.09
N LEU N 118 -65.61 14.74 29.92
CA LEU N 118 -65.23 13.38 29.55
C LEU N 118 -66.03 12.89 28.35
N ASP N 119 -67.32 13.22 28.30
CA ASP N 119 -68.13 12.91 27.13
C ASP N 119 -67.61 13.64 25.89
N ALA N 120 -67.25 14.91 26.04
CA ALA N 120 -66.73 15.66 24.90
C ALA N 120 -65.42 15.06 24.38
N VAL N 121 -64.54 14.64 25.29
CA VAL N 121 -63.28 14.04 24.87
C VAL N 121 -63.51 12.69 24.19
N THR N 122 -64.34 11.86 24.79
CA THR N 122 -64.67 10.57 24.18
C THR N 122 -65.35 10.75 22.83
N ASN N 123 -66.10 11.84 22.65
CA ASN N 123 -66.77 12.11 21.39
C ASN N 123 -65.78 12.56 20.32
N ILE N 124 -64.86 13.46 20.67
CA ILE N 124 -63.88 13.90 19.68
C ILE N 124 -62.93 12.77 19.31
N ILE N 125 -62.72 11.79 20.19
CA ILE N 125 -61.78 10.72 19.90
C ILE N 125 -62.46 9.56 19.18
N LEU N 126 -63.57 9.08 19.70
CA LEU N 126 -64.21 7.87 19.16
C LEU N 126 -65.45 8.16 18.32
N GLY N 127 -65.99 9.37 18.37
CA GLY N 127 -67.15 9.73 17.58
C GLY N 127 -68.44 9.76 18.37
N SER N 128 -68.48 9.20 19.57
CA SER N 128 -69.69 9.12 20.37
C SER N 128 -69.31 9.23 21.84
N PRO N 129 -70.20 9.79 22.67
CA PRO N 129 -69.90 9.83 24.12
C PRO N 129 -69.68 8.46 24.73
N THR N 130 -70.48 7.47 24.34
CA THR N 130 -70.29 6.12 24.83
C THR N 130 -69.22 5.36 24.06
N GLY N 131 -69.10 5.62 22.76
CA GLY N 131 -68.09 4.99 21.94
C GLY N 131 -68.56 3.81 21.12
N TYR N 132 -69.86 3.58 21.00
CA TYR N 132 -70.37 2.45 20.23
C TYR N 132 -69.95 2.58 18.76
N ALA O 2 0.16 -50.76 -26.51
CA ALA O 2 0.76 -50.68 -25.18
C ALA O 2 -0.10 -49.84 -24.25
N LYS O 3 -1.39 -50.16 -24.17
CA LYS O 3 -2.33 -49.43 -23.34
C LYS O 3 -2.99 -50.30 -22.28
N GLY O 4 -3.38 -51.51 -22.63
CA GLY O 4 -4.05 -52.40 -21.69
C GLY O 4 -3.24 -53.64 -21.40
N ARG O 5 -1.94 -53.47 -21.16
CA ARG O 5 -1.02 -54.59 -21.04
C ARG O 5 -0.74 -54.97 -19.60
N THR O 6 -0.66 -54.02 -18.69
CA THR O 6 -0.50 -54.33 -17.29
C THR O 6 -1.80 -54.04 -16.54
N PRO O 7 -2.12 -54.84 -15.51
CA PRO O 7 -3.36 -54.60 -14.77
C PRO O 7 -3.28 -53.36 -13.89
N ARG O 8 -4.38 -52.62 -13.83
CA ARG O 8 -4.45 -51.36 -13.10
C ARG O 8 -5.45 -51.49 -11.96
N SER O 9 -5.00 -51.25 -10.74
CA SER O 9 -5.85 -51.30 -9.56
C SER O 9 -6.69 -50.05 -9.47
N PHE O 10 -7.55 -49.97 -8.45
CA PHE O 10 -8.41 -48.81 -8.31
C PHE O 10 -7.62 -47.54 -8.05
N SER O 11 -6.56 -47.62 -7.25
CA SER O 11 -5.77 -46.43 -6.97
C SER O 11 -5.06 -45.91 -8.22
N GLN O 12 -4.58 -46.81 -9.08
CA GLN O 12 -3.91 -46.38 -10.31
C GLN O 12 -4.90 -45.76 -11.28
N ARG O 13 -6.05 -46.40 -11.48
CA ARG O 13 -7.10 -45.85 -12.34
C ARG O 13 -7.54 -44.49 -11.83
N TYR O 14 -7.77 -44.38 -10.52
CA TYR O 14 -8.22 -43.11 -9.97
C TYR O 14 -7.17 -42.03 -10.10
N GLY O 15 -5.90 -42.37 -9.84
CA GLY O 15 -4.84 -41.39 -9.97
C GLY O 15 -4.73 -40.85 -11.37
N LYS O 16 -4.75 -41.74 -12.36
CA LYS O 16 -4.61 -41.26 -13.74
C LYS O 16 -5.85 -40.51 -14.21
N TRP O 17 -7.05 -41.02 -13.90
CA TRP O 17 -8.27 -40.32 -14.29
C TRP O 17 -8.33 -38.94 -13.66
N ASN O 18 -7.90 -38.83 -12.40
CA ASN O 18 -7.97 -37.56 -11.71
C ASN O 18 -6.93 -36.58 -12.25
N ALA O 19 -5.72 -37.06 -12.54
CA ALA O 19 -4.72 -36.20 -13.16
C ALA O 19 -5.22 -35.67 -14.50
N LYS O 20 -5.84 -36.53 -15.31
CA LYS O 20 -6.29 -36.09 -16.63
C LYS O 20 -7.49 -35.15 -16.52
N PHE O 21 -8.40 -35.39 -15.58
CA PHE O 21 -9.53 -34.48 -15.39
C PHE O 21 -9.06 -33.11 -14.92
N THR O 22 -8.05 -33.08 -14.04
CA THR O 22 -7.52 -31.81 -13.58
C THR O 22 -6.79 -31.09 -14.70
N ALA O 23 -6.07 -31.82 -15.55
CA ALA O 23 -5.37 -31.18 -16.67
C ALA O 23 -6.36 -30.60 -17.68
N PHE O 24 -7.42 -31.34 -18.00
CA PHE O 24 -8.39 -30.86 -18.97
C PHE O 24 -9.16 -29.64 -18.48
N SER O 25 -9.29 -29.45 -17.17
CA SER O 25 -10.02 -28.31 -16.63
C SER O 25 -9.29 -26.99 -16.82
N ASN O 26 -8.02 -27.02 -17.21
CA ASN O 26 -7.30 -25.80 -17.52
C ASN O 26 -7.98 -25.12 -18.71
N PRO O 27 -8.08 -23.78 -18.71
CA PRO O 27 -8.74 -23.10 -19.84
C PRO O 27 -8.04 -23.34 -21.16
N THR O 28 -6.72 -23.20 -21.21
CA THR O 28 -5.98 -23.35 -22.45
C THR O 28 -6.09 -24.76 -23.00
N VAL O 29 -5.93 -25.77 -22.14
CA VAL O 29 -5.94 -27.16 -22.60
C VAL O 29 -7.28 -27.50 -23.22
N ALA O 30 -8.36 -27.25 -22.49
CA ALA O 30 -9.69 -27.60 -22.97
C ALA O 30 -10.06 -26.81 -24.22
N SER O 31 -9.83 -25.50 -24.21
CA SER O 31 -10.18 -24.69 -25.37
C SER O 31 -9.41 -25.13 -26.60
N THR O 32 -8.11 -25.39 -26.45
CA THR O 32 -7.30 -25.82 -27.59
C THR O 32 -7.78 -27.15 -28.13
N ILE O 33 -7.97 -28.14 -27.26
CA ILE O 33 -8.36 -29.47 -27.72
C ILE O 33 -9.71 -29.42 -28.42
N LEU O 34 -10.68 -28.72 -27.83
CA LEU O 34 -12.02 -28.73 -28.39
C LEU O 34 -12.09 -27.91 -29.67
N THR O 35 -11.39 -26.78 -29.73
CA THR O 35 -11.37 -25.99 -30.95
C THR O 35 -10.67 -26.73 -32.08
N ASN O 36 -9.71 -27.59 -31.75
CA ASN O 36 -9.06 -28.37 -32.80
C ASN O 36 -9.94 -29.51 -33.29
N VAL O 37 -10.66 -30.19 -32.38
CA VAL O 37 -11.49 -31.32 -32.79
C VAL O 37 -12.90 -30.92 -33.19
N ALA O 38 -13.24 -29.64 -33.19
CA ALA O 38 -14.59 -29.23 -33.55
C ALA O 38 -15.01 -29.63 -34.97
N PRO O 39 -14.23 -29.35 -36.03
CA PRO O 39 -14.69 -29.74 -37.38
C PRO O 39 -14.86 -31.24 -37.57
N ILE O 40 -13.99 -32.05 -36.97
CA ILE O 40 -14.09 -33.49 -37.11
C ILE O 40 -15.32 -34.01 -36.37
N ALA O 41 -15.60 -33.44 -35.20
CA ALA O 41 -16.81 -33.79 -34.46
C ALA O 41 -18.06 -33.44 -35.25
N GLN O 42 -18.09 -32.26 -35.87
CA GLN O 42 -19.23 -31.88 -36.70
C GLN O 42 -19.41 -32.85 -37.86
N GLY O 43 -18.31 -33.24 -38.51
CA GLY O 43 -18.41 -34.17 -39.62
C GLY O 43 -18.91 -35.54 -39.20
N ASN O 44 -18.43 -36.05 -38.06
CA ASN O 44 -18.89 -37.35 -37.58
C ASN O 44 -20.36 -37.32 -37.20
N PHE O 45 -20.81 -36.24 -36.53
CA PHE O 45 -22.23 -36.09 -36.24
C PHE O 45 -23.05 -36.07 -37.51
N GLN O 46 -22.61 -35.28 -38.51
CA GLN O 46 -23.36 -35.14 -39.75
C GLN O 46 -23.44 -36.44 -40.52
N THR O 47 -22.40 -37.28 -40.46
CA THR O 47 -22.46 -38.51 -41.23
C THR O 47 -23.22 -39.60 -40.49
N ASN O 48 -23.27 -39.55 -39.16
CA ASN O 48 -23.85 -40.68 -38.43
C ASN O 48 -25.27 -40.47 -37.91
N VAL O 49 -25.65 -39.29 -37.45
CA VAL O 49 -26.92 -39.12 -36.74
C VAL O 49 -28.15 -39.25 -37.65
N PRO O 50 -28.14 -38.80 -38.91
CA PRO O 50 -29.33 -39.00 -39.76
C PRO O 50 -29.86 -40.42 -39.79
N LYS O 51 -28.96 -41.42 -39.84
CA LYS O 51 -29.39 -42.82 -39.84
C LYS O 51 -30.20 -43.18 -38.61
N PHE O 52 -30.02 -42.48 -37.51
CA PHE O 52 -30.72 -42.77 -36.28
C PHE O 52 -31.95 -41.89 -36.07
N THR O 53 -31.94 -40.65 -36.56
CA THR O 53 -33.17 -39.86 -36.55
C THR O 53 -34.24 -40.49 -37.44
N SER O 54 -33.84 -41.04 -38.59
CA SER O 54 -34.79 -41.75 -39.44
C SER O 54 -35.39 -42.95 -38.72
N VAL O 55 -34.57 -43.70 -37.99
CA VAL O 55 -35.06 -44.84 -37.23
C VAL O 55 -36.05 -44.37 -36.17
N ASN O 56 -35.73 -43.29 -35.47
CA ASN O 56 -36.66 -42.75 -34.48
C ASN O 56 -38.02 -42.47 -35.10
N GLU O 57 -38.03 -41.75 -36.23
CA GLU O 57 -39.29 -41.42 -36.90
C GLU O 57 -40.08 -42.66 -37.30
N GLN O 58 -39.41 -43.65 -37.90
CA GLN O 58 -40.13 -44.81 -38.42
C GLN O 58 -40.64 -45.71 -37.30
N VAL O 59 -39.85 -45.89 -36.24
CA VAL O 59 -40.33 -46.68 -35.10
C VAL O 59 -41.46 -45.95 -34.40
N SER O 60 -41.44 -44.62 -34.36
CA SER O 60 -42.57 -43.88 -33.82
C SER O 60 -43.84 -44.18 -34.61
N ALA O 61 -43.75 -44.10 -35.94
CA ALA O 61 -44.87 -44.43 -36.80
C ALA O 61 -45.39 -45.84 -36.52
N VAL O 62 -44.50 -46.81 -36.36
CA VAL O 62 -44.93 -48.19 -36.13
C VAL O 62 -45.57 -48.34 -34.76
N LEU O 63 -45.03 -47.63 -33.76
CA LEU O 63 -45.53 -47.78 -32.40
C LEU O 63 -46.89 -47.15 -32.22
N THR O 64 -47.20 -46.10 -33.00
CA THR O 64 -48.53 -45.49 -32.88
C THR O 64 -49.62 -46.43 -33.38
N GLN O 65 -49.34 -47.25 -34.39
CA GLN O 65 -50.33 -48.17 -34.92
C GLN O 65 -50.59 -49.36 -34.00
N TYR O 66 -49.71 -49.63 -33.04
CA TYR O 66 -49.88 -50.73 -32.12
C TYR O 66 -50.40 -50.32 -30.75
N GLY O 67 -50.56 -49.02 -30.50
CA GLY O 67 -51.15 -48.55 -29.28
C GLY O 67 -50.19 -48.35 -28.12
N VAL O 68 -48.89 -48.33 -28.37
CA VAL O 68 -47.90 -48.19 -27.31
C VAL O 68 -47.78 -46.73 -26.94
N THR O 69 -47.93 -46.42 -25.66
CA THR O 69 -47.85 -45.06 -25.16
C THR O 69 -46.90 -45.01 -23.97
N GLY O 70 -46.35 -43.82 -23.72
CA GLY O 70 -45.59 -43.57 -22.53
C GLY O 70 -44.18 -44.12 -22.54
N PRO O 71 -43.63 -44.40 -21.35
CA PRO O 71 -42.27 -44.94 -21.28
C PRO O 71 -42.13 -46.30 -21.95
N SER O 72 -43.21 -47.04 -22.13
CA SER O 72 -43.15 -48.29 -22.86
C SER O 72 -42.72 -48.08 -24.31
N ARG O 73 -42.88 -46.88 -24.84
CA ARG O 73 -42.32 -46.60 -26.16
C ARG O 73 -40.81 -46.62 -26.13
N ALA O 74 -40.21 -46.06 -25.08
CA ALA O 74 -38.75 -46.07 -24.95
C ALA O 74 -38.18 -47.46 -25.18
N ILE O 75 -38.80 -48.48 -24.58
CA ILE O 75 -38.36 -49.86 -24.78
C ILE O 75 -38.10 -50.11 -26.25
N TYR O 76 -39.16 -50.01 -27.07
CA TYR O 76 -39.01 -50.34 -28.47
C TYR O 76 -38.10 -49.35 -29.17
N GLN O 77 -38.19 -48.06 -28.82
CA GLN O 77 -37.27 -47.11 -29.42
C GLN O 77 -35.84 -47.56 -29.18
N GLY O 78 -35.53 -47.90 -27.92
CA GLY O 78 -34.20 -48.40 -27.62
C GLY O 78 -33.84 -49.58 -28.47
N TYR O 79 -34.73 -50.58 -28.53
CA TYR O 79 -34.47 -51.76 -29.35
C TYR O 79 -34.11 -51.35 -30.76
N GLY O 80 -34.92 -50.48 -31.37
CA GLY O 80 -34.65 -50.06 -32.72
C GLY O 80 -33.27 -49.50 -32.87
N LEU O 81 -32.90 -48.56 -31.99
CA LEU O 81 -31.59 -47.95 -32.09
C LEU O 81 -30.50 -48.98 -32.00
N LYS O 82 -30.64 -49.95 -31.08
CA LYS O 82 -29.66 -51.01 -30.96
C LYS O 82 -29.46 -51.71 -32.29
N VAL O 83 -30.55 -52.11 -32.93
CA VAL O 83 -30.44 -52.80 -34.22
C VAL O 83 -29.75 -51.89 -35.23
N ALA O 84 -30.14 -50.62 -35.28
CA ALA O 84 -29.50 -49.70 -36.21
C ALA O 84 -28.01 -49.63 -35.95
N ARG O 85 -27.61 -49.61 -34.67
CA ARG O 85 -26.19 -49.60 -34.34
C ARG O 85 -25.48 -50.76 -35.00
N ALA O 86 -26.04 -51.96 -34.87
CA ALA O 86 -25.44 -53.15 -35.47
C ALA O 86 -25.29 -52.96 -36.97
N LEU O 87 -26.33 -52.44 -37.63
CA LEU O 87 -26.26 -52.25 -39.07
C LEU O 87 -25.18 -51.25 -39.43
N ASN O 88 -24.98 -50.25 -38.58
CA ASN O 88 -23.93 -49.28 -38.86
C ASN O 88 -22.55 -49.87 -38.63
N ARG O 89 -22.45 -50.90 -37.79
CA ARG O 89 -21.14 -51.37 -37.35
C ARG O 89 -20.59 -52.45 -38.27
N ILE O 90 -21.34 -53.53 -38.46
CA ILE O 90 -20.80 -54.70 -39.13
C ILE O 90 -21.44 -54.97 -40.50
N GLY O 91 -22.58 -54.36 -40.80
CA GLY O 91 -23.22 -54.52 -42.09
C GLY O 91 -24.23 -55.64 -42.08
N ALA O 92 -24.84 -55.85 -43.25
CA ALA O 92 -25.86 -56.88 -43.40
C ALA O 92 -25.23 -58.22 -43.75
N GLY O 93 -25.85 -59.29 -43.28
CA GLY O 93 -25.33 -60.62 -43.46
C GLY O 93 -25.61 -61.50 -42.27
N PRO O 94 -25.03 -62.70 -42.24
CA PRO O 94 -25.30 -63.63 -41.13
C PRO O 94 -24.94 -63.09 -39.76
N ALA O 95 -23.94 -62.22 -39.67
CA ALA O 95 -23.58 -61.63 -38.39
C ALA O 95 -24.69 -60.71 -37.87
N LEU O 96 -25.28 -59.91 -38.75
CA LEU O 96 -26.41 -59.08 -38.36
C LEU O 96 -27.61 -59.93 -37.94
N THR O 97 -27.79 -61.08 -38.58
CA THR O 97 -28.86 -61.99 -38.17
C THR O 97 -28.63 -62.52 -36.76
N ASN O 98 -27.41 -62.96 -36.47
CA ASN O 98 -27.09 -63.43 -35.13
C ASN O 98 -27.32 -62.34 -34.10
N MET O 99 -26.88 -61.12 -34.40
CA MET O 99 -27.05 -60.04 -33.43
C MET O 99 -28.51 -59.64 -33.25
N VAL O 100 -29.31 -59.68 -34.31
CA VAL O 100 -30.73 -59.36 -34.17
C VAL O 100 -31.42 -60.40 -33.30
N ALA O 101 -31.12 -61.69 -33.53
CA ALA O 101 -31.70 -62.72 -32.68
C ALA O 101 -31.28 -62.56 -31.22
N GLY O 102 -30.01 -62.26 -30.98
CA GLY O 102 -29.54 -62.07 -29.62
C GLY O 102 -30.18 -60.87 -28.95
N LEU O 103 -30.38 -59.78 -29.69
CA LEU O 103 -31.01 -58.59 -29.13
C LEU O 103 -32.48 -58.83 -28.83
N LYS O 104 -33.18 -59.57 -29.68
CA LYS O 104 -34.56 -59.92 -29.39
C LYS O 104 -34.65 -60.76 -28.12
N ALA O 105 -33.75 -61.73 -27.97
CA ALA O 105 -33.73 -62.53 -26.74
C ALA O 105 -33.46 -61.65 -25.53
N TYR O 106 -32.46 -60.77 -25.64
CA TYR O 106 -32.14 -59.82 -24.58
C TYR O 106 -33.38 -59.06 -24.12
N TYR O 107 -34.06 -58.41 -25.06
CA TYR O 107 -35.15 -57.52 -24.68
C TYR O 107 -36.38 -58.28 -24.21
N VAL O 108 -36.72 -59.39 -24.87
CA VAL O 108 -37.87 -60.17 -24.41
C VAL O 108 -37.64 -60.73 -23.01
N SER O 109 -36.43 -61.19 -22.71
CA SER O 109 -36.20 -61.84 -21.43
C SER O 109 -35.97 -60.83 -20.30
N ALA O 110 -35.35 -59.69 -20.59
CA ALA O 110 -35.01 -58.78 -19.50
C ALA O 110 -36.05 -57.70 -19.30
N TYR O 111 -36.72 -57.24 -20.35
CA TYR O 111 -37.57 -56.07 -20.25
C TYR O 111 -39.03 -56.37 -20.55
N GLY O 112 -39.40 -57.64 -20.69
CA GLY O 112 -40.78 -58.00 -20.92
C GLY O 112 -41.38 -57.39 -22.17
N ALA O 113 -40.59 -57.27 -23.23
CA ALA O 113 -41.09 -56.70 -24.47
C ALA O 113 -41.96 -57.70 -25.21
N ASN O 114 -42.81 -57.18 -26.07
CA ASN O 114 -43.72 -57.97 -26.89
C ASN O 114 -42.99 -58.46 -28.13
N PRO O 115 -43.01 -59.77 -28.41
CA PRO O 115 -42.36 -60.26 -29.64
C PRO O 115 -42.96 -59.71 -30.92
N GLU O 116 -44.27 -59.46 -30.94
CA GLU O 116 -44.91 -58.94 -32.15
C GLU O 116 -44.40 -57.55 -32.50
N ILE O 117 -44.31 -56.66 -31.50
CA ILE O 117 -43.86 -55.31 -31.77
C ILE O 117 -42.36 -55.29 -32.07
N LEU O 118 -41.60 -56.21 -31.49
CA LEU O 118 -40.18 -56.32 -31.85
C LEU O 118 -40.04 -56.74 -33.30
N ASP O 119 -40.86 -57.70 -33.75
CA ASP O 119 -40.89 -58.06 -35.16
C ASP O 119 -41.27 -56.86 -36.02
N ALA O 120 -42.23 -56.05 -35.58
CA ALA O 120 -42.66 -54.90 -36.38
C ALA O 120 -41.55 -53.87 -36.51
N VAL O 121 -40.82 -53.60 -35.42
CA VAL O 121 -39.71 -52.66 -35.48
C VAL O 121 -38.60 -53.21 -36.37
N THR O 122 -38.29 -54.50 -36.23
CA THR O 122 -37.28 -55.09 -37.10
C THR O 122 -37.70 -55.09 -38.55
N ASN O 123 -38.99 -55.23 -38.83
CA ASN O 123 -39.48 -55.19 -40.19
C ASN O 123 -39.37 -53.79 -40.79
N ILE O 124 -39.64 -52.76 -39.98
CA ILE O 124 -39.53 -51.40 -40.52
C ILE O 124 -38.08 -50.98 -40.66
N ILE O 125 -37.16 -51.57 -39.90
CA ILE O 125 -35.76 -51.17 -39.98
C ILE O 125 -35.00 -51.98 -41.02
N LEU O 126 -34.99 -53.30 -40.89
CA LEU O 126 -34.18 -54.15 -41.74
C LEU O 126 -34.90 -54.66 -42.97
N GLY O 127 -36.23 -54.62 -42.98
CA GLY O 127 -37.03 -55.05 -44.10
C GLY O 127 -37.79 -56.33 -43.88
N SER O 128 -37.37 -57.15 -42.94
CA SER O 128 -38.06 -58.40 -42.62
C SER O 128 -38.00 -58.63 -41.13
N PRO O 129 -38.93 -59.42 -40.57
CA PRO O 129 -38.89 -59.68 -39.12
C PRO O 129 -37.59 -60.31 -38.63
N THR O 130 -37.08 -61.32 -39.34
CA THR O 130 -35.84 -61.96 -38.93
C THR O 130 -34.61 -61.17 -39.35
N GLY O 131 -34.73 -60.37 -40.40
CA GLY O 131 -33.65 -59.52 -40.83
C GLY O 131 -32.76 -60.06 -41.94
N TYR O 132 -33.13 -61.17 -42.57
CA TYR O 132 -32.31 -61.75 -43.64
C TYR O 132 -32.18 -60.77 -44.78
N ALA P 2 -26.90 -42.04 24.39
CA ALA P 2 -26.03 -41.99 25.55
C ALA P 2 -26.08 -40.63 26.21
N LYS P 3 -27.29 -40.11 26.43
CA LYS P 3 -27.48 -38.81 27.05
C LYS P 3 -28.26 -38.89 28.34
N GLY P 4 -29.34 -39.65 28.38
CA GLY P 4 -30.14 -39.77 29.60
C GLY P 4 -30.21 -41.16 30.15
N ARG P 5 -29.08 -41.86 30.14
CA ARG P 5 -29.05 -43.28 30.46
C ARG P 5 -28.79 -43.58 31.92
N THR P 6 -28.09 -42.70 32.62
CA THR P 6 -27.82 -42.90 34.03
C THR P 6 -28.49 -41.79 34.85
N PRO P 7 -28.96 -42.11 36.05
CA PRO P 7 -29.60 -41.09 36.89
C PRO P 7 -28.60 -40.07 37.42
N ARG P 8 -28.98 -38.80 37.37
CA ARG P 8 -28.16 -37.70 37.83
C ARG P 8 -28.85 -36.98 38.99
N SER P 9 -28.12 -36.81 40.09
CA SER P 9 -28.63 -36.16 41.29
C SER P 9 -28.43 -34.66 41.17
N PHE P 10 -28.87 -33.92 42.20
CA PHE P 10 -28.73 -32.47 42.15
C PHE P 10 -27.27 -32.06 42.08
N SER P 11 -26.38 -32.78 42.74
CA SER P 11 -24.96 -32.43 42.72
C SER P 11 -24.39 -32.54 41.32
N GLN P 12 -24.67 -33.63 40.62
CA GLN P 12 -24.12 -33.82 39.27
C GLN P 12 -24.74 -32.84 38.29
N ARG P 13 -26.06 -32.66 38.34
CA ARG P 13 -26.72 -31.68 37.50
C ARG P 13 -26.15 -30.29 37.71
N TYR P 14 -26.03 -29.87 38.97
CA TYR P 14 -25.54 -28.53 39.25
C TYR P 14 -24.09 -28.37 38.82
N GLY P 15 -23.25 -29.38 39.09
CA GLY P 15 -21.87 -29.29 38.68
C GLY P 15 -21.71 -29.15 37.18
N LYS P 16 -22.45 -29.95 36.42
CA LYS P 16 -22.32 -29.90 34.97
C LYS P 16 -22.92 -28.62 34.39
N TRP P 17 -24.09 -28.21 34.89
CA TRP P 17 -24.67 -26.96 34.44
C TRP P 17 -23.74 -25.79 34.73
N ASN P 18 -23.12 -25.78 35.91
CA ASN P 18 -22.21 -24.70 36.26
C ASN P 18 -20.96 -24.72 35.40
N ALA P 19 -20.45 -25.91 35.08
CA ALA P 19 -19.28 -26.02 34.21
C ALA P 19 -19.60 -25.47 32.83
N LYS P 20 -20.74 -25.84 32.26
CA LYS P 20 -21.10 -25.37 30.93
C LYS P 20 -21.39 -23.88 30.93
N PHE P 21 -22.03 -23.36 31.99
CA PHE P 21 -22.31 -21.93 32.07
C PHE P 21 -21.03 -21.11 32.21
N THR P 22 -20.07 -21.60 33.01
CA THR P 22 -18.80 -20.91 33.15
C THR P 22 -18.00 -20.97 31.86
N ALA P 23 -18.10 -22.07 31.11
CA ALA P 23 -17.44 -22.16 29.82
C ALA P 23 -18.04 -21.15 28.84
N PHE P 24 -19.37 -21.07 28.78
CA PHE P 24 -20.01 -20.20 27.81
C PHE P 24 -19.78 -18.72 28.07
N SER P 25 -19.49 -18.34 29.32
CA SER P 25 -19.24 -16.94 29.64
C SER P 25 -17.91 -16.44 29.09
N ASN P 26 -17.06 -17.32 28.58
CA ASN P 26 -15.85 -16.91 27.90
C ASN P 26 -16.20 -16.07 26.68
N PRO P 27 -15.45 -15.02 26.38
CA PRO P 27 -15.79 -14.19 25.20
C PRO P 27 -15.70 -14.96 23.90
N THR P 28 -14.64 -15.74 23.71
CA THR P 28 -14.45 -16.46 22.45
C THR P 28 -15.49 -17.56 22.28
N VAL P 29 -15.80 -18.30 23.34
CA VAL P 29 -16.75 -19.41 23.23
C VAL P 29 -18.12 -18.88 22.82
N ALA P 30 -18.64 -17.92 23.57
CA ALA P 30 -19.97 -17.38 23.28
C ALA P 30 -20.00 -16.69 21.92
N SER P 31 -19.00 -15.87 21.64
CA SER P 31 -18.93 -15.18 20.35
C SER P 31 -18.96 -16.17 19.19
N THR P 32 -18.10 -17.18 19.24
CA THR P 32 -17.99 -18.14 18.15
C THR P 32 -19.29 -18.92 17.98
N ILE P 33 -19.85 -19.42 19.09
CA ILE P 33 -21.05 -20.26 18.99
C ILE P 33 -22.21 -19.46 18.41
N LEU P 34 -22.44 -18.26 18.94
CA LEU P 34 -23.57 -17.47 18.48
C LEU P 34 -23.40 -16.99 17.05
N THR P 35 -22.18 -16.56 16.70
CA THR P 35 -21.93 -16.10 15.33
C THR P 35 -22.07 -17.24 14.33
N ASN P 36 -21.76 -18.46 14.75
CA ASN P 36 -21.90 -19.60 13.85
C ASN P 36 -23.35 -20.02 13.69
N VAL P 37 -24.15 -19.92 14.76
CA VAL P 37 -25.55 -20.35 14.67
C VAL P 37 -26.51 -19.23 14.27
N ALA P 38 -26.03 -18.02 14.05
CA ALA P 38 -26.92 -16.90 13.72
C ALA P 38 -27.80 -17.13 12.50
N PRO P 39 -27.29 -17.50 11.31
CA PRO P 39 -28.19 -17.61 10.16
C PRO P 39 -29.21 -18.73 10.27
N ILE P 40 -28.86 -19.84 10.91
CA ILE P 40 -29.83 -20.92 11.12
C ILE P 40 -30.93 -20.47 12.07
N ALA P 41 -30.55 -19.72 13.10
CA ALA P 41 -31.52 -19.17 14.04
C ALA P 41 -32.48 -18.21 13.33
N GLN P 42 -31.95 -17.35 12.46
CA GLN P 42 -32.81 -16.46 11.69
C GLN P 42 -33.75 -17.24 10.78
N GLY P 43 -33.24 -18.29 10.14
CA GLY P 43 -34.10 -19.10 9.29
C GLY P 43 -35.22 -19.78 10.05
N ASN P 44 -34.94 -20.27 11.25
CA ASN P 44 -35.98 -20.90 12.05
C ASN P 44 -37.02 -19.88 12.52
N PHE P 45 -36.56 -18.70 12.94
CA PHE P 45 -37.49 -17.64 13.33
C PHE P 45 -38.41 -17.27 12.17
N GLN P 46 -37.81 -17.03 10.99
CA GLN P 46 -38.60 -16.65 9.82
C GLN P 46 -39.55 -17.76 9.39
N THR P 47 -39.15 -19.02 9.58
CA THR P 47 -40.01 -20.12 9.18
C THR P 47 -41.19 -20.28 10.12
N ASN P 48 -41.00 -20.03 11.41
CA ASN P 48 -42.02 -20.43 12.37
C ASN P 48 -42.90 -19.31 12.91
N VAL P 49 -42.38 -18.10 13.10
CA VAL P 49 -43.12 -17.10 13.88
C VAL P 49 -44.34 -16.51 13.17
N PRO P 50 -44.36 -16.34 11.84
CA PRO P 50 -45.58 -15.80 11.21
C PRO P 50 -46.86 -16.56 11.53
N LYS P 51 -46.78 -17.88 11.64
CA LYS P 51 -47.95 -18.69 11.99
C LYS P 51 -48.50 -18.36 13.36
N PHE P 52 -47.69 -17.76 14.23
CA PHE P 52 -48.14 -17.39 15.56
C PHE P 52 -48.51 -15.93 15.67
N THR P 53 -47.85 -15.04 14.92
CA THR P 53 -48.29 -13.65 14.88
C THR P 53 -49.68 -13.53 14.27
N SER P 54 -49.96 -14.30 13.21
CA SER P 54 -51.28 -14.24 12.61
C SER P 54 -52.34 -14.79 13.55
N VAL P 55 -52.00 -15.83 14.32
CA VAL P 55 -52.93 -16.36 15.31
C VAL P 55 -53.20 -15.32 16.38
N ASN P 56 -52.16 -14.60 16.81
CA ASN P 56 -52.37 -13.52 17.78
C ASN P 56 -53.35 -12.49 17.25
N GLU P 57 -53.19 -12.07 15.99
CA GLU P 57 -54.07 -11.04 15.44
C GLU P 57 -55.51 -11.52 15.29
N GLN P 58 -55.69 -12.75 14.81
CA GLN P 58 -57.05 -13.27 14.65
C GLN P 58 -57.74 -13.47 16.01
N VAL P 59 -57.01 -14.00 17.00
CA VAL P 59 -57.62 -14.18 18.30
C VAL P 59 -57.93 -12.84 18.95
N SER P 60 -57.10 -11.82 18.72
CA SER P 60 -57.42 -10.48 19.21
C SER P 60 -58.71 -9.97 18.61
N ALA P 61 -58.87 -10.13 17.29
CA ALA P 61 -60.12 -9.74 16.64
C ALA P 61 -61.32 -10.46 17.25
N VAL P 62 -61.17 -11.76 17.55
CA VAL P 62 -62.28 -12.52 18.11
C VAL P 62 -62.59 -12.07 19.53
N LEU P 63 -61.54 -11.76 20.31
CA LEU P 63 -61.74 -11.38 21.70
C LEU P 63 -62.37 -10.00 21.83
N THR P 64 -62.08 -9.09 20.90
CA THR P 64 -62.73 -7.80 20.95
C THR P 64 -64.22 -7.90 20.68
N GLN P 65 -64.66 -8.93 19.97
CA GLN P 65 -66.07 -9.14 19.70
C GLN P 65 -66.83 -9.64 20.91
N TYR P 66 -66.16 -10.25 21.87
CA TYR P 66 -66.79 -10.81 23.05
C TYR P 66 -66.63 -9.95 24.30
N GLY P 67 -65.93 -8.83 24.21
CA GLY P 67 -65.81 -7.92 25.33
C GLY P 67 -64.72 -8.26 26.31
N VAL P 68 -63.77 -9.09 25.94
CA VAL P 68 -62.71 -9.51 26.84
C VAL P 68 -61.65 -8.42 26.89
N THR P 69 -61.37 -7.92 28.08
CA THR P 69 -60.41 -6.85 28.29
C THR P 69 -59.41 -7.25 29.36
N GLY P 70 -58.24 -6.64 29.31
CA GLY P 70 -57.26 -6.79 30.36
C GLY P 70 -56.54 -8.11 30.34
N PRO P 71 -55.96 -8.49 31.49
CA PRO P 71 -55.20 -9.75 31.55
C PRO P 71 -56.02 -10.98 31.22
N SER P 72 -57.35 -10.93 31.33
CA SER P 72 -58.18 -12.05 30.93
C SER P 72 -58.04 -12.38 29.46
N ARG P 73 -57.59 -11.43 28.64
CA ARG P 73 -57.32 -11.77 27.24
C ARG P 73 -56.19 -12.76 27.14
N ALA P 74 -55.14 -12.60 27.96
CA ALA P 74 -53.98 -13.47 27.88
C ALA P 74 -54.37 -14.94 27.94
N ILE P 75 -55.30 -15.29 28.83
CA ILE P 75 -55.80 -16.67 28.92
C ILE P 75 -56.10 -17.18 27.52
N TYR P 76 -57.06 -16.55 26.86
CA TYR P 76 -57.46 -17.02 25.54
C TYR P 76 -56.31 -16.92 24.56
N GLN P 77 -55.56 -15.83 24.59
CA GLN P 77 -54.38 -15.73 23.75
C GLN P 77 -53.48 -16.94 23.96
N GLY P 78 -53.14 -17.21 25.22
CA GLY P 78 -52.30 -18.36 25.49
C GLY P 78 -52.90 -19.63 24.94
N TYR P 79 -54.18 -19.86 25.21
CA TYR P 79 -54.83 -21.05 24.69
C TYR P 79 -54.67 -21.14 23.18
N GLY P 80 -54.98 -20.04 22.49
CA GLY P 80 -54.85 -20.04 21.04
C GLY P 80 -53.48 -20.49 20.61
N LEU P 81 -52.44 -19.89 21.21
CA LEU P 81 -51.09 -20.23 20.79
C LEU P 81 -50.81 -21.71 21.04
N LYS P 82 -51.26 -22.23 22.18
CA LYS P 82 -51.14 -23.65 22.45
C LYS P 82 -51.67 -24.47 21.29
N VAL P 83 -52.89 -24.17 20.85
CA VAL P 83 -53.48 -24.94 19.75
C VAL P 83 -52.61 -24.83 18.51
N ALA P 84 -52.16 -23.62 18.19
CA ALA P 84 -51.28 -23.46 17.04
C ALA P 84 -50.05 -24.34 17.17
N ARG P 85 -49.44 -24.37 18.37
CA ARG P 85 -48.30 -25.25 18.60
C ARG P 85 -48.63 -26.67 18.20
N ALA P 86 -49.76 -27.19 18.69
CA ALA P 86 -50.16 -28.54 18.35
C ALA P 86 -50.28 -28.70 16.84
N LEU P 87 -50.97 -27.79 16.18
CA LEU P 87 -51.16 -27.92 14.73
C LEU P 87 -49.83 -27.87 14.00
N ASN P 88 -48.86 -27.14 14.56
CA ASN P 88 -47.56 -27.07 13.92
C ASN P 88 -46.76 -28.34 14.13
N ARG P 89 -46.97 -29.01 15.26
CA ARG P 89 -46.12 -30.16 15.61
C ARG P 89 -46.58 -31.43 14.90
N ILE P 90 -47.82 -31.85 15.15
CA ILE P 90 -48.27 -33.15 14.69
C ILE P 90 -49.15 -33.09 13.45
N GLY P 91 -49.73 -31.93 13.15
CA GLY P 91 -50.57 -31.77 11.97
C GLY P 91 -52.04 -31.98 12.28
N ALA P 92 -52.83 -31.93 11.22
CA ALA P 92 -54.27 -32.12 11.33
C ALA P 92 -54.63 -33.60 11.27
N GLY P 93 -55.62 -33.99 12.06
CA GLY P 93 -56.03 -35.36 12.14
C GLY P 93 -56.60 -35.69 13.51
N PRO P 94 -56.86 -36.97 13.77
CA PRO P 94 -57.42 -37.35 15.09
C PRO P 94 -56.55 -36.97 16.27
N ALA P 95 -55.23 -36.99 16.12
CA ALA P 95 -54.36 -36.59 17.22
C ALA P 95 -54.58 -35.12 17.59
N LEU P 96 -54.75 -34.26 16.58
CA LEU P 96 -55.04 -32.87 16.87
C LEU P 96 -56.37 -32.71 17.57
N THR P 97 -57.37 -33.52 17.21
CA THR P 97 -58.65 -33.48 17.91
C THR P 97 -58.49 -33.86 19.37
N ASN P 98 -57.75 -34.93 19.64
CA ASN P 98 -57.51 -35.35 21.02
C ASN P 98 -56.81 -34.25 21.81
N MET P 99 -55.78 -33.64 21.22
CA MET P 99 -55.07 -32.59 21.94
C MET P 99 -55.93 -31.35 22.14
N VAL P 100 -56.79 -31.01 21.18
CA VAL P 100 -57.66 -29.85 21.34
C VAL P 100 -58.65 -30.09 22.48
N ALA P 101 -59.22 -31.29 22.56
CA ALA P 101 -60.12 -31.61 23.67
C ALA P 101 -59.39 -31.55 25.01
N GLY P 102 -58.19 -32.12 25.06
CA GLY P 102 -57.43 -32.08 26.30
C GLY P 102 -57.06 -30.68 26.73
N LEU P 103 -56.72 -29.82 25.78
CA LEU P 103 -56.38 -28.43 26.09
C LEU P 103 -57.60 -27.65 26.55
N LYS P 104 -58.76 -27.92 25.97
CA LYS P 104 -59.98 -27.27 26.46
C LYS P 104 -60.27 -27.69 27.89
N ALA P 105 -60.15 -29.00 28.19
CA ALA P 105 -60.33 -29.46 29.56
C ALA P 105 -59.35 -28.76 30.50
N TYR P 106 -58.08 -28.73 30.10
CA TYR P 106 -57.03 -28.06 30.88
C TYR P 106 -57.43 -26.63 31.22
N TYR P 107 -57.73 -25.82 30.21
CA TYR P 107 -57.96 -24.40 30.44
C TYR P 107 -59.24 -24.15 31.22
N VAL P 108 -60.32 -24.84 30.89
CA VAL P 108 -61.58 -24.61 31.59
C VAL P 108 -61.47 -25.04 33.04
N SER P 109 -60.81 -26.16 33.32
CA SER P 109 -60.82 -26.67 34.69
C SER P 109 -59.76 -26.00 35.56
N ALA P 110 -58.64 -25.57 34.98
CA ALA P 110 -57.57 -25.02 35.79
C ALA P 110 -57.63 -23.49 35.88
N TYR P 111 -58.07 -22.80 34.82
CA TYR P 111 -57.99 -21.34 34.80
C TYR P 111 -59.34 -20.67 34.67
N GLY P 112 -60.44 -21.43 34.79
CA GLY P 112 -61.76 -20.83 34.77
C GLY P 112 -62.11 -20.14 33.48
N ALA P 113 -61.62 -20.65 32.35
CA ALA P 113 -61.89 -20.05 31.06
C ALA P 113 -63.33 -20.35 30.62
N ASN P 114 -63.86 -19.47 29.80
CA ASN P 114 -65.22 -19.57 29.26
C ASN P 114 -65.25 -20.57 28.12
N PRO P 115 -66.12 -21.58 28.17
CA PRO P 115 -66.15 -22.56 27.08
C PRO P 115 -66.56 -21.98 25.72
N GLU P 116 -67.47 -21.01 25.68
CA GLU P 116 -67.90 -20.49 24.39
C GLU P 116 -66.81 -19.64 23.73
N ILE P 117 -66.03 -18.91 24.53
CA ILE P 117 -64.92 -18.16 23.95
C ILE P 117 -63.81 -19.09 23.51
N LEU P 118 -63.60 -20.20 24.22
CA LEU P 118 -62.66 -21.21 23.75
C LEU P 118 -63.13 -21.81 22.43
N ASP P 119 -64.44 -22.01 22.28
CA ASP P 119 -64.98 -22.47 21.00
C ASP P 119 -64.73 -21.45 19.89
N ALA P 120 -64.93 -20.17 20.18
CA ALA P 120 -64.72 -19.13 19.16
C ALA P 120 -63.26 -19.03 18.75
N VAL P 121 -62.34 -19.15 19.70
CA VAL P 121 -60.91 -19.14 19.37
C VAL P 121 -60.54 -20.37 18.56
N THR P 122 -61.02 -21.55 18.98
CA THR P 122 -60.74 -22.76 18.22
C THR P 122 -61.33 -22.68 16.81
N ASN P 123 -62.46 -22.02 16.64
CA ASN P 123 -63.08 -21.88 15.34
C ASN P 123 -62.29 -20.94 14.44
N ILE P 124 -61.77 -19.84 14.99
CA ILE P 124 -60.97 -18.94 14.17
C ILE P 124 -59.64 -19.59 13.79
N ILE P 125 -59.13 -20.49 14.62
CA ILE P 125 -57.82 -21.07 14.35
C ILE P 125 -57.89 -22.30 13.46
N LEU P 126 -58.78 -23.24 13.78
CA LEU P 126 -58.79 -24.52 13.10
C LEU P 126 -59.91 -24.68 12.10
N GLY P 127 -61.00 -23.93 12.23
CA GLY P 127 -62.11 -24.00 11.31
C GLY P 127 -63.40 -24.47 11.93
N SER P 128 -63.34 -25.19 13.03
CA SER P 128 -64.54 -25.65 13.73
C SER P 128 -64.25 -25.72 15.22
N PRO P 129 -65.27 -25.55 16.06
CA PRO P 129 -65.04 -25.57 17.52
C PRO P 129 -64.38 -26.85 18.01
N THR P 130 -64.75 -28.00 17.45
CA THR P 130 -64.14 -29.26 17.85
C THR P 130 -62.82 -29.50 17.14
N GLY P 131 -62.65 -28.95 15.95
CA GLY P 131 -61.41 -29.07 15.22
C GLY P 131 -61.35 -30.18 14.20
N TYR P 132 -62.47 -30.84 13.88
CA TYR P 132 -62.47 -31.91 12.89
C TYR P 132 -62.00 -31.38 11.53
N ALA Q 2 -24.91 -43.05 -20.56
CA ALA Q 2 -24.08 -43.02 -19.37
C ALA Q 2 -24.42 -41.82 -18.50
N LYS Q 3 -25.72 -41.56 -18.33
CA LYS Q 3 -26.20 -40.41 -17.58
C LYS Q 3 -26.99 -40.82 -16.35
N GLY Q 4 -27.82 -41.85 -16.45
CA GLY Q 4 -28.58 -42.33 -15.31
C GLY Q 4 -28.27 -43.76 -14.94
N ARG Q 5 -26.99 -44.10 -14.94
CA ARG Q 5 -26.59 -45.49 -14.74
C ARG Q 5 -26.33 -45.84 -13.28
N THR Q 6 -25.94 -44.86 -12.48
CA THR Q 6 -25.71 -45.08 -11.06
C THR Q 6 -26.69 -44.27 -10.24
N PRO Q 7 -27.13 -44.80 -9.08
CA PRO Q 7 -28.06 -44.04 -8.24
C PRO Q 7 -27.37 -42.89 -7.53
N ARG Q 8 -28.01 -41.72 -7.59
CA ARG Q 8 -27.57 -40.53 -6.86
C ARG Q 8 -28.52 -40.24 -5.71
N SER Q 9 -27.96 -39.96 -4.55
CA SER Q 9 -28.70 -39.57 -3.36
C SER Q 9 -28.95 -38.07 -3.38
N PHE Q 10 -29.58 -37.55 -2.32
CA PHE Q 10 -29.87 -36.12 -2.30
C PHE Q 10 -28.61 -35.28 -2.26
N SER Q 11 -27.58 -35.73 -1.55
CA SER Q 11 -26.35 -34.94 -1.45
C SER Q 11 -25.64 -34.84 -2.78
N GLN Q 12 -25.63 -35.93 -3.56
CA GLN Q 12 -24.97 -35.88 -4.86
C GLN Q 12 -25.75 -35.03 -5.86
N ARG Q 13 -27.07 -35.19 -5.89
CA ARG Q 13 -27.91 -34.35 -6.74
C ARG Q 13 -27.76 -32.88 -6.38
N TYR Q 14 -27.78 -32.56 -5.09
CA TYR Q 14 -27.65 -31.18 -4.67
C TYR Q 14 -26.26 -30.64 -5.02
N GLY Q 15 -25.21 -31.45 -4.83
CA GLY Q 15 -23.88 -30.97 -5.15
C GLY Q 15 -23.71 -30.67 -6.62
N LYS Q 16 -24.17 -31.57 -7.49
CA LYS Q 16 -24.02 -31.32 -8.91
C LYS Q 16 -24.92 -30.18 -9.39
N TRP Q 17 -26.17 -30.12 -8.91
CA TRP Q 17 -27.04 -29.01 -9.28
C TRP Q 17 -26.45 -27.68 -8.83
N ASN Q 18 -25.92 -27.62 -7.62
CA ASN Q 18 -25.37 -26.38 -7.11
C ASN Q 18 -24.13 -25.97 -7.89
N ALA Q 19 -23.28 -26.93 -8.25
CA ALA Q 19 -22.09 -26.62 -9.03
C ALA Q 19 -22.48 -26.06 -10.39
N LYS Q 20 -23.43 -26.69 -11.06
CA LYS Q 20 -23.85 -26.22 -12.38
C LYS Q 20 -24.55 -24.87 -12.32
N PHE Q 21 -25.36 -24.65 -11.28
CA PHE Q 21 -26.04 -23.36 -11.12
C PHE Q 21 -25.04 -22.25 -10.84
N THR Q 22 -24.03 -22.52 -10.02
CA THR Q 22 -23.00 -21.52 -9.75
C THR Q 22 -22.17 -21.24 -11.00
N ALA Q 23 -21.90 -22.26 -11.81
CA ALA Q 23 -21.16 -22.05 -13.04
C ALA Q 23 -21.96 -21.20 -14.01
N PHE Q 24 -23.24 -21.49 -14.19
CA PHE Q 24 -24.04 -20.77 -15.17
C PHE Q 24 -24.26 -19.31 -14.80
N SER Q 25 -24.12 -18.95 -13.52
CA SER Q 25 -24.29 -17.57 -13.08
C SER Q 25 -23.14 -16.66 -13.50
N ASN Q 26 -22.07 -17.22 -14.05
CA ASN Q 26 -20.98 -16.41 -14.57
C ASN Q 26 -21.49 -15.57 -15.74
N PRO Q 27 -21.02 -14.33 -15.90
CA PRO Q 27 -21.46 -13.53 -17.04
C PRO Q 27 -21.12 -14.16 -18.38
N THR Q 28 -19.86 -14.57 -18.55
CA THR Q 28 -19.41 -15.12 -19.83
C THR Q 28 -20.09 -16.44 -20.13
N VAL Q 29 -20.21 -17.33 -19.14
CA VAL Q 29 -20.79 -18.65 -19.37
C VAL Q 29 -22.23 -18.50 -19.86
N ALA Q 30 -23.05 -17.81 -19.08
CA ALA Q 30 -24.46 -17.66 -19.42
C ALA Q 30 -24.64 -16.93 -20.75
N SER Q 31 -23.92 -15.82 -20.93
CA SER Q 31 -24.08 -15.04 -22.16
C SER Q 31 -23.69 -15.86 -23.39
N THR Q 32 -22.57 -16.57 -23.31
CA THR Q 32 -22.13 -17.39 -24.45
C THR Q 32 -23.14 -18.48 -24.77
N ILE Q 33 -23.56 -19.23 -23.76
CA ILE Q 33 -24.50 -20.33 -24.00
C ILE Q 33 -25.80 -19.81 -24.59
N LEU Q 34 -26.35 -18.74 -24.03
CA LEU Q 34 -27.66 -18.27 -24.46
C LEU Q 34 -27.60 -17.60 -25.82
N THR Q 35 -26.55 -16.83 -26.09
CA THR Q 35 -26.37 -16.23 -27.40
C THR Q 35 -26.15 -17.29 -28.47
N ASN Q 36 -25.54 -18.42 -28.09
CA ASN Q 36 -25.34 -19.50 -29.05
C ASN Q 36 -26.64 -20.24 -29.34
N VAL Q 37 -27.49 -20.44 -28.32
CA VAL Q 37 -28.73 -21.18 -28.54
C VAL Q 37 -29.90 -20.30 -28.96
N ALA Q 38 -29.70 -18.98 -29.05
CA ALA Q 38 -30.81 -18.09 -29.42
C ALA Q 38 -31.52 -18.47 -30.72
N PRO Q 39 -30.84 -18.65 -31.87
CA PRO Q 39 -31.59 -18.93 -33.10
C PRO Q 39 -32.31 -20.25 -33.10
N ILE Q 40 -31.73 -21.28 -32.47
CA ILE Q 40 -32.39 -22.58 -32.41
C ILE Q 40 -33.64 -22.52 -31.54
N ALA Q 41 -33.56 -21.76 -30.43
CA ALA Q 41 -34.72 -21.58 -29.58
C ALA Q 41 -35.83 -20.81 -30.30
N GLN Q 42 -35.46 -19.77 -31.04
CA GLN Q 42 -36.47 -19.07 -31.84
C GLN Q 42 -37.13 -20.00 -32.83
N GLY Q 43 -36.33 -20.83 -33.52
CA GLY Q 43 -36.89 -21.74 -34.49
C GLY Q 43 -37.82 -22.77 -33.87
N ASN Q 44 -37.46 -23.31 -32.71
CA ASN Q 44 -38.32 -24.28 -32.04
C ASN Q 44 -39.63 -23.64 -31.57
N PHE Q 45 -39.54 -22.42 -31.02
CA PHE Q 45 -40.75 -21.68 -30.64
C PHE Q 45 -41.66 -21.49 -31.85
N GLN Q 46 -41.10 -21.01 -32.95
CA GLN Q 46 -41.89 -20.76 -34.15
C GLN Q 46 -42.48 -22.04 -34.73
N THR Q 47 -41.78 -23.16 -34.56
CA THR Q 47 -42.29 -24.42 -35.09
C THR Q 47 -43.45 -24.94 -34.25
N ASN Q 48 -43.38 -24.79 -32.94
CA ASN Q 48 -44.30 -25.53 -32.08
C ASN Q 48 -45.45 -24.72 -31.50
N VAL Q 49 -45.27 -23.43 -31.21
CA VAL Q 49 -46.27 -22.70 -30.43
C VAL Q 49 -47.57 -22.38 -31.18
N PRO Q 50 -47.57 -22.16 -32.51
CA PRO Q 50 -48.86 -21.90 -33.19
C PRO Q 50 -49.88 -23.02 -33.04
N LYS Q 51 -49.44 -24.28 -33.03
CA LYS Q 51 -50.36 -25.39 -32.82
C LYS Q 51 -51.08 -25.31 -31.49
N PHE Q 52 -50.53 -24.57 -30.54
CA PHE Q 52 -51.13 -24.45 -29.22
C PHE Q 52 -51.90 -23.15 -29.03
N THR Q 53 -51.46 -22.06 -29.66
CA THR Q 53 -52.28 -20.84 -29.65
C THR Q 53 -53.59 -21.06 -30.40
N SER Q 54 -53.57 -21.82 -31.50
CA SER Q 54 -54.82 -22.11 -32.20
C SER Q 54 -55.76 -22.95 -31.34
N VAL Q 55 -55.20 -23.90 -30.58
CA VAL Q 55 -56.01 -24.70 -29.68
C VAL Q 55 -56.62 -23.83 -28.59
N ASN Q 56 -55.83 -22.88 -28.06
CA ASN Q 56 -56.36 -21.95 -27.08
C ASN Q 56 -57.55 -21.19 -27.62
N GLU Q 57 -57.42 -20.64 -28.83
CA GLU Q 57 -58.51 -19.86 -29.43
C GLU Q 57 -59.75 -20.71 -29.66
N GLN Q 58 -59.58 -21.91 -30.21
CA GLN Q 58 -60.75 -22.76 -30.51
C GLN Q 58 -61.44 -23.24 -29.23
N VAL Q 59 -60.66 -23.62 -28.22
CA VAL Q 59 -61.29 -24.10 -26.98
C VAL Q 59 -61.96 -22.96 -26.26
N SER Q 60 -61.41 -21.75 -26.32
CA SER Q 60 -62.10 -20.60 -25.74
C SER Q 60 -63.44 -20.38 -26.44
N ALA Q 61 -63.46 -20.46 -27.76
CA ALA Q 61 -64.71 -20.32 -28.50
C ALA Q 61 -65.72 -21.38 -28.07
N VAL Q 62 -65.25 -22.61 -27.86
CA VAL Q 62 -66.15 -23.68 -27.43
C VAL Q 62 -66.67 -23.43 -26.03
N LEU Q 63 -65.80 -22.93 -25.14
CA LEU Q 63 -66.16 -22.77 -23.73
C LEU Q 63 -67.16 -21.65 -23.54
N THR Q 64 -67.09 -20.59 -24.37
CA THR Q 64 -68.08 -19.53 -24.26
C THR Q 64 -69.48 -20.01 -24.60
N GLN Q 65 -69.60 -21.03 -25.44
CA GLN Q 65 -70.90 -21.56 -25.80
C GLN Q 65 -71.53 -22.41 -24.71
N TYR Q 66 -70.79 -22.76 -23.67
CA TYR Q 66 -71.30 -23.60 -22.60
C TYR Q 66 -71.46 -22.88 -21.27
N GLY Q 67 -71.12 -21.61 -21.19
CA GLY Q 67 -71.31 -20.85 -19.98
C GLY Q 67 -70.20 -20.98 -18.96
N VAL Q 68 -69.02 -21.41 -19.37
CA VAL Q 68 -67.90 -21.61 -18.46
C VAL Q 68 -67.16 -20.29 -18.29
N THR Q 69 -66.98 -19.87 -17.04
CA THR Q 69 -66.36 -18.60 -16.70
C THR Q 69 -65.36 -18.80 -15.59
N GLY Q 70 -64.35 -17.93 -15.55
CA GLY Q 70 -63.41 -17.89 -14.45
C GLY Q 70 -62.40 -19.01 -14.47
N PRO Q 71 -61.86 -19.35 -13.29
CA PRO Q 71 -60.86 -20.42 -13.22
C PRO Q 71 -61.34 -21.75 -13.75
N SER Q 72 -62.65 -22.01 -13.72
CA SER Q 72 -63.19 -23.24 -14.28
C SER Q 72 -62.88 -23.41 -15.76
N ARG Q 73 -62.61 -22.31 -16.47
CA ARG Q 73 -62.19 -22.43 -17.86
C ARG Q 73 -60.83 -23.12 -17.95
N ALA Q 74 -59.90 -22.74 -17.08
CA ALA Q 74 -58.54 -23.28 -17.13
C ALA Q 74 -58.56 -24.80 -17.19
N ILE Q 75 -59.41 -25.44 -16.39
CA ILE Q 75 -59.53 -26.89 -16.40
C ILE Q 75 -59.58 -27.40 -17.83
N TYR Q 76 -60.63 -26.98 -18.55
CA TYR Q 76 -60.80 -27.48 -19.90
C TYR Q 76 -59.70 -26.98 -20.81
N GLN Q 77 -59.27 -25.73 -20.67
CA GLN Q 77 -58.13 -25.26 -21.44
C GLN Q 77 -56.94 -26.18 -21.23
N GLY Q 78 -56.64 -26.50 -19.96
CA GLY Q 78 -55.55 -27.41 -19.69
C GLY Q 78 -55.74 -28.74 -20.39
N TYR Q 79 -56.92 -29.33 -20.28
CA TYR Q 79 -57.18 -30.59 -20.96
C TYR Q 79 -56.88 -30.45 -22.45
N GLY Q 80 -57.39 -29.39 -23.07
CA GLY Q 80 -57.12 -29.18 -24.47
C GLY Q 80 -55.64 -29.22 -24.78
N LEU Q 81 -54.86 -28.41 -24.04
CA LEU Q 81 -53.43 -28.40 -24.30
C LEU Q 81 -52.84 -29.77 -24.12
N LYS Q 82 -53.24 -30.47 -23.05
CA LYS Q 82 -52.81 -31.84 -22.84
C LYS Q 82 -53.05 -32.68 -24.08
N VAL Q 83 -54.28 -32.69 -24.58
CA VAL Q 83 -54.59 -33.48 -25.77
C VAL Q 83 -53.69 -33.07 -26.93
N ALA Q 84 -53.55 -31.76 -27.14
CA ALA Q 84 -52.74 -31.29 -28.26
C ALA Q 84 -51.31 -31.80 -28.13
N ARG Q 85 -50.77 -31.81 -26.91
CA ARG Q 85 -49.43 -32.35 -26.70
C ARG Q 85 -49.33 -33.76 -27.26
N ALA Q 86 -50.27 -34.63 -26.89
CA ALA Q 86 -50.25 -35.99 -27.39
C ALA Q 86 -50.24 -36.02 -28.91
N LEU Q 87 -51.12 -35.23 -29.54
CA LEU Q 87 -51.18 -35.23 -31.00
C LEU Q 87 -49.87 -34.79 -31.61
N ASN Q 88 -49.20 -33.83 -30.96
CA ASN Q 88 -47.94 -33.35 -31.52
C ASN Q 88 -46.82 -34.35 -31.30
N ARG Q 89 -46.96 -35.25 -30.33
CA ARG Q 89 -45.86 -36.11 -29.95
C ARG Q 89 -45.90 -37.44 -30.69
N ILE Q 90 -47.05 -38.13 -30.65
CA ILE Q 90 -47.11 -39.48 -31.17
C ILE Q 90 -47.92 -39.60 -32.45
N GLY Q 91 -48.76 -38.63 -32.77
CA GLY Q 91 -49.52 -38.63 -34.00
C GLY Q 91 -50.90 -39.24 -33.82
N ALA Q 92 -51.63 -39.30 -34.93
CA ALA Q 92 -52.98 -39.85 -34.93
C ALA Q 92 -52.94 -41.37 -35.09
N GLY Q 93 -53.81 -42.05 -34.36
CA GLY Q 93 -53.85 -43.49 -34.38
C GLY Q 93 -54.34 -44.08 -33.08
N PRO Q 94 -54.27 -45.40 -32.94
CA PRO Q 94 -54.74 -46.04 -31.69
C PRO Q 94 -54.07 -45.54 -30.43
N ALA Q 95 -52.79 -45.16 -30.49
CA ALA Q 95 -52.13 -44.62 -29.32
C ALA Q 95 -52.74 -43.31 -28.87
N LEU Q 96 -53.13 -42.46 -29.83
CA LEU Q 96 -53.81 -41.23 -29.49
C LEU Q 96 -55.17 -41.50 -28.87
N THR Q 97 -55.84 -42.55 -29.32
CA THR Q 97 -57.10 -42.95 -28.71
C THR Q 97 -56.90 -43.38 -27.26
N ASN Q 98 -55.88 -44.19 -27.01
CA ASN Q 98 -55.58 -44.63 -25.65
C ASN Q 98 -55.27 -43.44 -24.74
N MET Q 99 -54.45 -42.50 -25.23
CA MET Q 99 -54.12 -41.35 -24.40
C MET Q 99 -55.31 -40.43 -24.19
N VAL Q 100 -56.20 -40.29 -25.17
CA VAL Q 100 -57.38 -39.46 -24.97
C VAL Q 100 -58.29 -40.08 -23.92
N ALA Q 101 -58.47 -41.40 -23.96
CA ALA Q 101 -59.28 -42.06 -22.94
C ALA Q 101 -58.65 -41.91 -21.56
N GLY Q 102 -57.33 -42.09 -21.46
CA GLY Q 102 -56.66 -41.93 -20.18
C GLY Q 102 -56.76 -40.52 -19.63
N LEU Q 103 -56.63 -39.52 -20.50
CA LEU Q 103 -56.72 -38.13 -20.06
C LEU Q 103 -58.14 -37.77 -19.65
N LYS Q 104 -59.14 -38.30 -20.34
CA LYS Q 104 -60.52 -38.07 -19.92
C LYS Q 104 -60.75 -38.65 -18.52
N ALA Q 105 -60.32 -39.88 -18.29
CA ALA Q 105 -60.46 -40.47 -16.96
C ALA Q 105 -59.74 -39.64 -15.91
N TYR Q 106 -58.50 -39.25 -16.22
CA TYR Q 106 -57.73 -38.36 -15.35
C TYR Q 106 -58.54 -37.14 -14.93
N TYR Q 107 -59.04 -36.38 -15.91
CA TYR Q 107 -59.66 -35.11 -15.58
C TYR Q 107 -61.00 -35.29 -14.87
N VAL Q 108 -61.83 -36.22 -15.34
CA VAL Q 108 -63.13 -36.45 -14.71
C VAL Q 108 -62.96 -36.91 -13.27
N SER Q 109 -61.97 -37.75 -12.99
CA SER Q 109 -61.92 -38.35 -11.66
C SER Q 109 -61.04 -37.56 -10.70
N ALA Q 110 -60.11 -36.76 -11.21
CA ALA Q 110 -59.24 -36.00 -10.33
C ALA Q 110 -59.70 -34.57 -10.12
N TYR Q 111 -60.20 -33.91 -11.17
CA TYR Q 111 -60.52 -32.49 -11.07
C TYR Q 111 -62.01 -32.20 -11.25
N GLY Q 112 -62.85 -33.22 -11.28
CA GLY Q 112 -64.28 -33.01 -11.35
C GLY Q 112 -64.75 -32.31 -12.60
N ALA Q 113 -64.09 -32.53 -13.73
CA ALA Q 113 -64.49 -31.92 -14.98
C ALA Q 113 -65.76 -32.58 -15.50
N ASN Q 114 -66.45 -31.85 -16.38
CA ASN Q 114 -67.71 -32.26 -16.99
C ASN Q 114 -67.43 -33.12 -18.22
N PRO Q 115 -67.97 -34.34 -18.29
CA PRO Q 115 -67.70 -35.19 -19.46
C PRO Q 115 -68.17 -34.59 -20.78
N GLU Q 116 -69.27 -33.85 -20.77
CA GLU Q 116 -69.80 -33.27 -22.01
C GLU Q 116 -68.85 -32.21 -22.57
N ILE Q 117 -68.32 -31.35 -21.70
CA ILE Q 117 -67.41 -30.31 -22.18
C ILE Q 117 -66.08 -30.91 -22.60
N LEU Q 118 -65.66 -32.00 -21.96
CA LEU Q 118 -64.45 -32.69 -22.41
C LEU Q 118 -64.66 -33.30 -23.79
N ASP Q 119 -65.84 -33.87 -24.04
CA ASP Q 119 -66.16 -34.36 -25.37
C ASP Q 119 -66.17 -33.23 -26.38
N ALA Q 120 -66.69 -32.06 -26.00
CA ALA Q 120 -66.73 -30.94 -26.92
C ALA Q 120 -65.34 -30.41 -27.25
N VAL Q 121 -64.44 -30.38 -26.26
CA VAL Q 121 -63.08 -29.92 -26.51
C VAL Q 121 -62.34 -30.93 -27.38
N THR Q 122 -62.51 -32.22 -27.10
CA THR Q 122 -61.91 -33.25 -27.94
C THR Q 122 -62.45 -33.20 -29.35
N ASN Q 123 -63.72 -32.85 -29.52
CA ASN Q 123 -64.31 -32.70 -30.84
C ASN Q 123 -63.69 -31.52 -31.59
N ILE Q 124 -63.52 -30.38 -30.93
CA ILE Q 124 -62.96 -29.24 -31.64
C ILE Q 124 -61.49 -29.46 -31.97
N ILE Q 125 -60.79 -30.27 -31.19
CA ILE Q 125 -59.36 -30.48 -31.43
C ILE Q 125 -59.11 -31.59 -32.43
N LEU Q 126 -59.66 -32.78 -32.17
CA LEU Q 126 -59.34 -33.95 -32.98
C LEU Q 126 -60.38 -34.25 -34.05
N GLY Q 127 -61.59 -33.72 -33.92
CA GLY Q 127 -62.64 -33.94 -34.89
C GLY Q 127 -63.72 -34.89 -34.43
N SER Q 128 -63.50 -35.60 -33.34
CA SER Q 128 -64.46 -36.54 -32.79
C SER Q 128 -64.36 -36.53 -31.27
N PRO Q 129 -65.46 -36.81 -30.58
CA PRO Q 129 -65.37 -36.91 -29.11
C PRO Q 129 -64.42 -37.99 -28.63
N THR Q 130 -64.44 -39.17 -29.23
CA THR Q 130 -63.50 -40.22 -28.85
C THR Q 130 -62.14 -40.02 -29.49
N GLY Q 131 -62.08 -39.34 -30.62
CA GLY Q 131 -60.82 -39.03 -31.26
C GLY Q 131 -60.38 -39.98 -32.36
N TYR Q 132 -61.23 -40.93 -32.76
CA TYR Q 132 -60.85 -41.88 -33.80
C TYR Q 132 -60.61 -41.16 -35.12
N ALA R 2 -5.45 -56.35 17.91
CA ALA R 2 -4.76 -56.24 19.19
C ALA R 2 -5.37 -55.14 20.05
N LYS R 3 -6.69 -55.13 20.18
CA LYS R 3 -7.39 -54.12 20.96
C LYS R 3 -8.16 -54.72 22.13
N GLY R 4 -8.86 -55.83 21.92
CA GLY R 4 -9.62 -56.44 22.99
C GLY R 4 -9.17 -57.83 23.32
N ARG R 5 -7.85 -58.04 23.40
CA ARG R 5 -7.29 -59.37 23.56
C ARG R 5 -7.01 -59.74 25.01
N THR R 6 -6.66 -58.78 25.83
CA THR R 6 -6.45 -59.03 27.25
C THR R 6 -7.53 -58.33 28.06
N PRO R 7 -7.98 -58.94 29.17
CA PRO R 7 -9.03 -58.31 29.97
C PRO R 7 -8.54 -57.07 30.70
N ARG R 8 -9.40 -56.05 30.73
CA ARG R 8 -9.10 -54.79 31.40
C ARG R 8 -10.08 -54.58 32.54
N SER R 9 -9.55 -54.30 33.72
CA SER R 9 -10.36 -54.07 34.91
C SER R 9 -10.80 -52.61 34.95
N PHE R 10 -11.50 -52.23 36.01
CA PHE R 10 -11.99 -50.85 36.11
C PHE R 10 -10.84 -49.86 36.24
N SER R 11 -9.79 -50.23 36.96
CA SER R 11 -8.66 -49.31 37.13
C SER R 11 -7.94 -49.06 35.82
N GLN R 12 -7.79 -50.09 34.98
CA GLN R 12 -7.12 -49.91 33.69
C GLN R 12 -7.98 -49.11 32.73
N ARG R 13 -9.26 -49.48 32.61
CA ARG R 13 -10.19 -48.71 31.78
C ARG R 13 -10.22 -47.25 32.20
N TYR R 14 -10.33 -47.00 33.50
CA TYR R 14 -10.42 -45.63 33.98
C TYR R 14 -9.13 -44.87 33.74
N GLY R 15 -7.98 -45.51 33.96
CA GLY R 15 -6.71 -44.84 33.74
C GLY R 15 -6.51 -44.45 32.29
N LYS R 16 -6.78 -45.37 31.37
CA LYS R 16 -6.60 -45.06 29.96
C LYS R 16 -7.63 -44.05 29.47
N TRP R 17 -8.89 -44.18 29.90
CA TRP R 17 -9.91 -43.21 29.51
C TRP R 17 -9.55 -41.82 30.02
N ASN R 18 -9.04 -41.72 31.24
CA ASN R 18 -8.68 -40.43 31.80
C ASN R 18 -7.47 -39.84 31.08
N ALA R 19 -6.49 -40.66 30.73
CA ALA R 19 -5.34 -40.17 29.98
C ALA R 19 -5.77 -39.64 28.62
N LYS R 20 -6.68 -40.34 27.94
CA LYS R 20 -7.12 -39.89 26.63
C LYS R 20 -7.98 -38.64 26.71
N PHE R 21 -8.84 -38.55 27.73
CA PHE R 21 -9.64 -37.35 27.92
C PHE R 21 -8.77 -36.14 28.22
N THR R 22 -7.73 -36.34 29.05
CA THR R 22 -6.82 -35.24 29.35
C THR R 22 -6.02 -34.82 28.12
N ALA R 23 -5.59 -35.79 27.30
CA ALA R 23 -4.87 -35.44 26.08
C ALA R 23 -5.75 -34.66 25.12
N PHE R 24 -7.01 -35.07 24.97
CA PHE R 24 -7.88 -34.42 24.00
C PHE R 24 -8.26 -33.01 24.40
N SER R 25 -8.23 -32.68 25.70
CA SER R 25 -8.60 -31.34 26.15
C SER R 25 -7.55 -30.29 25.81
N ASN R 26 -6.37 -30.70 25.38
CA ASN R 26 -5.37 -29.74 24.90
C ASN R 26 -5.95 -28.97 23.71
N PRO R 27 -5.69 -27.67 23.61
CA PRO R 27 -6.24 -26.91 22.47
C PRO R 27 -5.74 -27.40 21.12
N THR R 28 -4.43 -27.64 21.01
CA THR R 28 -3.86 -28.07 19.74
C THR R 28 -4.37 -29.45 19.34
N VAL R 29 -4.44 -30.38 20.30
CA VAL R 29 -4.86 -31.74 19.98
C VAL R 29 -6.30 -31.76 19.47
N ALA R 30 -7.22 -31.19 20.24
CA ALA R 30 -8.62 -31.17 19.85
C ALA R 30 -8.80 -30.42 18.54
N SER R 31 -8.19 -29.25 18.42
CA SER R 31 -8.35 -28.45 17.21
C SER R 31 -7.85 -29.21 15.98
N THR R 32 -6.67 -29.81 16.07
CA THR R 32 -6.12 -30.52 14.93
C THR R 32 -6.97 -31.72 14.54
N ILE R 33 -7.36 -32.55 15.52
CA ILE R 33 -8.15 -33.73 15.23
C ILE R 33 -9.47 -33.34 14.59
N LEU R 34 -10.18 -32.37 15.18
CA LEU R 34 -11.52 -32.05 14.71
C LEU R 34 -11.49 -31.33 13.38
N THR R 35 -10.55 -30.39 13.19
CA THR R 35 -10.41 -29.72 11.92
C THR R 35 -10.05 -30.70 10.81
N ASN R 36 -9.28 -31.75 11.14
CA ASN R 36 -8.91 -32.72 10.13
C ASN R 36 -10.08 -33.63 9.77
N VAL R 37 -10.89 -34.04 10.75
CA VAL R 37 -12.00 -34.95 10.45
C VAL R 37 -13.30 -34.23 10.09
N ALA R 38 -13.30 -32.89 10.05
CA ALA R 38 -14.53 -32.17 9.74
C ALA R 38 -15.17 -32.54 8.40
N PRO R 39 -14.45 -32.56 7.26
CA PRO R 39 -15.15 -32.87 5.99
C PRO R 39 -15.69 -34.28 5.91
N ILE R 40 -15.01 -35.25 6.52
CA ILE R 40 -15.50 -36.62 6.50
C ILE R 40 -16.76 -36.76 7.34
N ALA R 41 -16.80 -36.06 8.48
CA ALA R 41 -18.01 -36.04 9.31
C ALA R 41 -19.17 -35.40 8.56
N GLN R 42 -18.91 -34.27 7.88
CA GLN R 42 -19.96 -33.65 7.08
C GLN R 42 -20.49 -34.59 6.02
N GLY R 43 -19.58 -35.30 5.33
CA GLY R 43 -20.01 -36.24 4.31
C GLY R 43 -20.82 -37.40 4.87
N ASN R 44 -20.44 -37.91 6.03
CA ASN R 44 -21.18 -39.02 6.62
C ASN R 44 -22.56 -38.58 7.09
N PHE R 45 -22.66 -37.37 7.65
CA PHE R 45 -23.97 -36.82 8.00
C PHE R 45 -24.85 -36.68 6.77
N GLN R 46 -24.33 -36.04 5.71
CA GLN R 46 -25.09 -35.87 4.48
C GLN R 46 -25.46 -37.21 3.84
N THR R 47 -24.65 -38.25 4.06
CA THR R 47 -24.93 -39.54 3.45
C THR R 47 -26.01 -40.30 4.20
N ASN R 48 -26.03 -40.21 5.53
CA ASN R 48 -26.89 -41.09 6.31
C ASN R 48 -28.14 -40.45 6.86
N VAL R 49 -28.12 -39.18 7.23
CA VAL R 49 -29.24 -38.60 8.00
C VAL R 49 -30.52 -38.41 7.20
N PRO R 50 -30.50 -38.13 5.88
CA PRO R 50 -31.78 -38.01 5.15
C PRO R 50 -32.68 -39.24 5.24
N LYS R 51 -32.10 -40.44 5.22
CA LYS R 51 -32.88 -41.65 5.35
C LYS R 51 -33.68 -41.70 6.63
N PHE R 52 -33.22 -41.04 7.68
CA PHE R 52 -33.88 -41.06 8.98
C PHE R 52 -34.79 -39.86 9.17
N THR R 53 -34.45 -38.71 8.58
CA THR R 53 -35.39 -37.58 8.56
C THR R 53 -36.68 -37.96 7.82
N SER R 54 -36.55 -38.63 6.68
CA SER R 54 -37.74 -39.03 5.93
C SER R 54 -38.59 -40.01 6.73
N VAL R 55 -37.93 -40.93 7.46
CA VAL R 55 -38.65 -41.88 8.29
C VAL R 55 -39.40 -41.18 9.41
N ASN R 56 -38.75 -40.20 10.05
CA ASN R 56 -39.43 -39.41 11.07
C ASN R 56 -40.69 -38.76 10.52
N GLU R 57 -40.58 -38.13 9.35
CA GLU R 57 -41.73 -37.44 8.78
C GLU R 57 -42.87 -38.40 8.46
N GLN R 58 -42.55 -39.54 7.86
CA GLN R 58 -43.60 -40.49 7.48
C GLN R 58 -44.24 -41.14 8.70
N VAL R 59 -43.45 -41.45 9.73
CA VAL R 59 -44.01 -42.07 10.92
C VAL R 59 -44.89 -41.09 11.67
N SER R 60 -44.50 -39.80 11.72
CA SER R 60 -45.39 -38.82 12.32
C SER R 60 -46.71 -38.72 11.55
N ALA R 61 -46.64 -38.73 10.22
CA ALA R 61 -47.86 -38.76 9.41
C ALA R 61 -48.75 -39.93 9.79
N VAL R 62 -48.16 -41.12 9.93
CA VAL R 62 -48.94 -42.31 10.26
C VAL R 62 -49.49 -42.22 11.68
N LEU R 63 -48.75 -41.59 12.59
CA LEU R 63 -49.16 -41.53 13.99
C LEU R 63 -50.30 -40.54 14.20
N THR R 64 -50.37 -39.49 13.38
CA THR R 64 -51.48 -38.55 13.50
C THR R 64 -52.80 -39.20 13.12
N GLN R 65 -52.79 -40.15 12.18
CA GLN R 65 -54.01 -40.84 11.77
C GLN R 65 -54.52 -41.80 12.84
N TYR R 66 -53.70 -42.18 13.81
CA TYR R 66 -54.10 -43.12 14.84
C TYR R 66 -54.39 -42.47 16.18
N GLY R 67 -54.20 -41.16 16.31
CA GLY R 67 -54.55 -40.46 17.52
C GLY R 67 -53.51 -40.48 18.61
N VAL R 68 -52.25 -40.73 18.28
CA VAL R 68 -51.19 -40.84 19.27
C VAL R 68 -50.61 -39.46 19.52
N THR R 69 -50.54 -39.07 20.80
CA THR R 69 -50.07 -37.75 21.19
C THR R 69 -49.09 -37.88 22.35
N GLY R 70 -48.23 -36.88 22.49
CA GLY R 70 -47.35 -36.78 23.62
C GLY R 70 -46.14 -37.70 23.54
N PRO R 71 -45.55 -38.00 24.69
CA PRO R 71 -44.39 -38.93 24.71
C PRO R 71 -44.71 -40.31 24.19
N SER R 72 -45.99 -40.71 24.19
CA SER R 72 -46.37 -41.98 23.59
C SER R 72 -46.00 -42.04 22.11
N ARG R 73 -45.88 -40.89 21.44
CA ARG R 73 -45.41 -40.89 20.07
C ARG R 73 -43.97 -41.36 19.98
N ALA R 74 -43.12 -40.91 20.92
CA ALA R 74 -41.70 -41.26 20.86
C ALA R 74 -41.49 -42.76 20.74
N ILE R 75 -42.26 -43.55 21.50
CA ILE R 75 -42.18 -45.00 21.42
C ILE R 75 -42.13 -45.44 19.97
N TYR R 76 -43.18 -45.10 19.22
CA TYR R 76 -43.27 -45.56 17.84
C TYR R 76 -42.19 -44.94 16.99
N GLN R 77 -41.91 -43.65 17.17
CA GLN R 77 -40.79 -43.06 16.44
C GLN R 77 -39.53 -43.86 16.69
N GLY R 78 -39.26 -44.17 17.96
CA GLY R 78 -38.09 -44.98 18.26
C GLY R 78 -38.09 -46.28 17.49
N TYR R 79 -39.19 -47.03 17.58
CA TYR R 79 -39.28 -48.28 16.82
C TYR R 79 -38.93 -48.03 15.36
N GLY R 80 -39.56 -47.02 14.75
CA GLY R 80 -39.31 -46.75 13.35
C GLY R 80 -37.84 -46.54 13.08
N LEU R 81 -37.21 -45.67 13.86
CA LEU R 81 -35.80 -45.39 13.61
C LEU R 81 -34.98 -46.66 13.75
N LYS R 82 -35.25 -47.45 14.78
CA LYS R 82 -34.55 -48.72 14.95
C LYS R 82 -34.68 -49.57 13.70
N VAL R 83 -35.90 -49.71 13.17
CA VAL R 83 -36.10 -50.48 11.95
C VAL R 83 -35.28 -49.91 10.81
N ALA R 84 -35.33 -48.59 10.63
CA ALA R 84 -34.54 -47.99 9.56
C ALA R 84 -33.08 -48.33 9.73
N ARG R 85 -32.59 -48.32 10.97
CA ARG R 85 -31.21 -48.69 11.25
C ARG R 85 -30.89 -50.05 10.65
N ALA R 86 -31.72 -51.05 10.94
CA ALA R 86 -31.50 -52.38 10.41
C ALA R 86 -31.44 -52.35 8.88
N LEU R 87 -32.38 -51.64 8.25
CA LEU R 87 -32.39 -51.59 6.80
C LEU R 87 -31.13 -50.94 6.26
N ASN R 88 -30.59 -49.97 6.99
CA ASN R 88 -29.35 -49.34 6.55
C ASN R 88 -28.17 -50.27 6.75
N ARG R 89 -28.22 -51.13 7.75
CA ARG R 89 -27.04 -51.90 8.14
C ARG R 89 -26.89 -53.16 7.30
N ILE R 90 -27.94 -53.99 7.25
CA ILE R 90 -27.80 -55.31 6.68
C ILE R 90 -28.50 -55.47 5.34
N GLY R 91 -29.45 -54.60 5.00
CA GLY R 91 -30.18 -54.68 3.76
C GLY R 91 -31.49 -55.44 3.92
N ALA R 92 -32.19 -55.57 2.80
CA ALA R 92 -33.46 -56.29 2.79
C ALA R 92 -33.23 -57.77 2.51
N GLY R 93 -34.04 -58.61 3.14
CA GLY R 93 -33.90 -60.04 3.02
C GLY R 93 -34.37 -60.74 4.28
N PRO R 94 -34.09 -62.05 4.38
CA PRO R 94 -34.54 -62.80 5.57
C PRO R 94 -33.99 -62.28 6.89
N ALA R 95 -32.76 -61.75 6.90
CA ALA R 95 -32.19 -61.22 8.14
C ALA R 95 -32.98 -60.01 8.62
N LEU R 96 -33.44 -59.18 7.69
CA LEU R 96 -34.27 -58.03 8.07
C LEU R 96 -35.62 -58.48 8.61
N THR R 97 -36.18 -59.55 8.06
CA THR R 97 -37.40 -60.13 8.62
C THR R 97 -37.19 -60.58 10.06
N ASN R 98 -36.08 -61.28 10.31
CA ASN R 98 -35.79 -61.74 11.66
C ASN R 98 -35.65 -60.56 12.62
N MET R 99 -34.92 -59.52 12.21
CA MET R 99 -34.74 -58.39 13.11
C MET R 99 -36.03 -57.61 13.31
N VAL R 100 -36.91 -57.55 12.30
CA VAL R 100 -38.19 -56.87 12.50
C VAL R 100 -39.05 -57.63 13.49
N ALA R 101 -39.10 -58.96 13.38
CA ALA R 101 -39.86 -59.74 14.35
C ALA R 101 -39.30 -59.56 15.76
N GLY R 102 -37.97 -59.57 15.89
CA GLY R 102 -37.36 -59.36 17.19
C GLY R 102 -37.63 -58.00 17.78
N LEU R 103 -37.64 -56.96 16.93
CA LEU R 103 -37.91 -55.61 17.40
C LEU R 103 -39.36 -55.45 17.83
N LYS R 104 -40.29 -56.05 17.08
CA LYS R 104 -41.68 -55.98 17.49
C LYS R 104 -41.88 -56.66 18.83
N ALA R 105 -41.28 -57.84 19.02
CA ALA R 105 -41.39 -58.52 20.32
C ALA R 105 -40.77 -57.68 21.43
N TYR R 106 -39.59 -57.12 21.18
CA TYR R 106 -38.94 -56.22 22.13
C TYR R 106 -39.88 -55.11 22.58
N TYR R 107 -40.43 -54.37 21.62
CA TYR R 107 -41.22 -53.19 21.98
C TYR R 107 -42.55 -53.56 22.62
N VAL R 108 -43.23 -54.58 22.11
CA VAL R 108 -44.50 -55.00 22.71
C VAL R 108 -44.31 -55.51 24.12
N SER R 109 -43.22 -56.24 24.39
CA SER R 109 -43.07 -56.84 25.71
C SER R 109 -42.47 -55.88 26.72
N ALA R 110 -41.55 -55.01 26.29
CA ALA R 110 -40.88 -54.14 27.25
C ALA R 110 -41.58 -52.80 27.44
N TYR R 111 -42.21 -52.27 26.40
CA TYR R 111 -42.68 -50.89 26.42
C TYR R 111 -44.19 -50.76 26.23
N GLY R 112 -44.92 -51.87 26.20
CA GLY R 112 -46.35 -51.82 26.08
C GLY R 112 -46.87 -51.14 24.83
N ALA R 113 -46.15 -51.24 23.72
CA ALA R 113 -46.59 -50.65 22.48
C ALA R 113 -47.73 -51.47 21.87
N ASN R 114 -48.54 -50.80 21.06
CA ASN R 114 -49.69 -51.36 20.35
C ASN R 114 -49.22 -52.13 19.13
N PRO R 115 -49.60 -53.40 18.97
CA PRO R 115 -49.13 -54.15 17.80
C PRO R 115 -49.61 -53.61 16.47
N GLU R 116 -50.83 -53.07 16.41
CA GLU R 116 -51.34 -52.56 15.14
C GLU R 116 -50.59 -51.30 14.69
N ILE R 117 -50.25 -50.42 15.64
CA ILE R 117 -49.51 -49.23 15.25
C ILE R 117 -48.08 -49.58 14.87
N LEU R 118 -47.51 -50.62 15.48
CA LEU R 118 -46.20 -51.10 15.04
C LEU R 118 -46.27 -51.66 13.63
N ASP R 119 -47.35 -52.40 13.32
CA ASP R 119 -47.59 -52.84 11.96
C ASP R 119 -47.69 -51.66 11.00
N ALA R 120 -48.39 -50.61 11.40
CA ALA R 120 -48.54 -49.45 10.53
C ALA R 120 -47.20 -48.76 10.28
N VAL R 121 -46.35 -48.67 11.30
CA VAL R 121 -45.05 -48.03 11.13
C VAL R 121 -44.15 -48.88 10.23
N THR R 122 -44.08 -50.18 10.47
CA THR R 122 -43.27 -51.00 9.59
C THR R 122 -43.85 -51.08 8.19
N ASN R 123 -45.15 -50.83 8.03
CA ASN R 123 -45.77 -50.76 6.72
C ASN R 123 -45.33 -49.49 5.97
N ILE R 124 -45.31 -48.36 6.65
CA ILE R 124 -44.89 -47.13 5.97
C ILE R 124 -43.39 -47.18 5.67
N ILE R 125 -42.61 -47.91 6.47
CA ILE R 125 -41.16 -47.91 6.26
C ILE R 125 -40.75 -48.97 5.24
N LEU R 126 -41.12 -50.23 5.47
CA LEU R 126 -40.57 -51.34 4.69
C LEU R 126 -41.47 -51.82 3.57
N GLY R 127 -42.76 -51.52 3.61
CA GLY R 127 -43.69 -51.89 2.56
C GLY R 127 -44.79 -52.83 2.99
N SER R 128 -44.56 -53.66 4.00
CA SER R 128 -45.55 -54.59 4.50
C SER R 128 -45.38 -54.72 6.00
N PRO R 129 -46.41 -55.16 6.71
CA PRO R 129 -46.29 -55.31 8.18
C PRO R 129 -45.20 -56.27 8.59
N THR R 130 -45.02 -57.38 7.86
CA THR R 130 -43.97 -58.32 8.19
C THR R 130 -42.63 -57.92 7.59
N GLY R 131 -42.66 -57.22 6.45
CA GLY R 131 -41.45 -56.71 5.84
C GLY R 131 -40.83 -57.56 4.75
N TYR R 132 -41.53 -58.60 4.28
CA TYR R 132 -40.99 -59.47 3.24
C TYR R 132 -40.73 -58.67 1.98
N ALA S 2 -43.96 -25.66 -14.12
CA ALA S 2 -43.15 -25.79 -12.92
C ALA S 2 -42.97 -24.44 -12.25
N LYS S 3 -44.08 -23.75 -12.01
CA LYS S 3 -44.05 -22.43 -11.39
C LYS S 3 -44.78 -22.38 -10.06
N GLY S 4 -45.98 -22.95 -9.99
CA GLY S 4 -46.74 -22.93 -8.75
C GLY S 4 -46.91 -24.29 -8.14
N ARG S 5 -45.85 -25.09 -8.14
CA ARG S 5 -45.95 -26.50 -7.78
C ARG S 5 -45.64 -26.77 -6.32
N THR S 6 -44.76 -26.00 -5.71
CA THR S 6 -44.50 -26.20 -4.29
C THR S 6 -45.02 -25.01 -3.48
N PRO S 7 -45.53 -25.25 -2.28
CA PRO S 7 -46.01 -24.14 -1.44
C PRO S 7 -44.85 -23.24 -1.01
N ARG S 8 -45.09 -21.94 -1.08
CA ARG S 8 -44.09 -20.93 -0.74
C ARG S 8 -44.59 -20.10 0.42
N SER S 9 -43.81 -20.05 1.50
CA SER S 9 -44.16 -19.32 2.70
C SER S 9 -43.80 -17.85 2.54
N PHE S 10 -44.07 -17.04 3.56
CA PHE S 10 -43.80 -15.61 3.47
C PHE S 10 -42.32 -15.32 3.30
N SER S 11 -41.46 -16.07 3.99
CA SER S 11 -40.03 -15.79 3.89
C SER S 11 -39.50 -16.10 2.50
N GLN S 12 -39.97 -17.18 1.87
CA GLN S 12 -39.53 -17.51 0.53
C GLN S 12 -40.04 -16.51 -0.49
N ARG S 13 -41.31 -16.12 -0.39
CA ARG S 13 -41.87 -15.09 -1.26
C ARG S 13 -41.10 -13.78 -1.14
N TYR S 14 -40.86 -13.34 0.09
CA TYR S 14 -40.16 -12.09 0.31
C TYR S 14 -38.73 -12.17 -0.19
N GLY S 15 -38.04 -13.29 0.04
CA GLY S 15 -36.69 -13.43 -0.45
C GLY S 15 -36.60 -13.37 -1.96
N LYS S 16 -37.46 -14.11 -2.66
CA LYS S 16 -37.39 -14.08 -4.12
C LYS S 16 -37.83 -12.73 -4.67
N TRP S 17 -38.87 -12.13 -4.10
CA TRP S 17 -39.33 -10.84 -4.58
C TRP S 17 -38.26 -9.78 -4.37
N ASN S 18 -37.58 -9.81 -3.22
CA ASN S 18 -36.55 -8.82 -2.95
C ASN S 18 -35.33 -9.04 -3.84
N ALA S 19 -34.97 -10.30 -4.12
CA ALA S 19 -33.86 -10.56 -5.03
C ALA S 19 -34.16 -10.03 -6.43
N LYS S 20 -35.38 -10.26 -6.92
CA LYS S 20 -35.74 -9.78 -8.25
C LYS S 20 -35.85 -8.26 -8.29
N PHE S 21 -36.38 -7.65 -7.24
CA PHE S 21 -36.48 -6.19 -7.19
C PHE S 21 -35.11 -5.54 -7.12
N THR S 22 -34.19 -6.12 -6.34
CA THR S 22 -32.83 -5.60 -6.27
C THR S 22 -32.08 -5.79 -7.58
N ALA S 23 -32.36 -6.89 -8.29
CA ALA S 23 -31.72 -7.10 -9.59
C ALA S 23 -32.24 -6.11 -10.62
N PHE S 24 -33.55 -5.83 -10.61
CA PHE S 24 -34.13 -4.94 -11.60
C PHE S 24 -33.72 -3.49 -11.40
N SER S 25 -33.25 -3.12 -10.21
CA SER S 25 -32.81 -1.74 -9.96
C SER S 25 -31.47 -1.41 -10.59
N ASN S 26 -30.75 -2.40 -11.10
CA ASN S 26 -29.51 -2.14 -11.82
C ASN S 26 -29.81 -1.30 -13.06
N PRO S 27 -28.96 -0.34 -13.41
CA PRO S 27 -29.22 0.45 -14.63
C PRO S 27 -29.28 -0.42 -15.88
N THR S 28 -28.33 -1.35 -16.04
CA THR S 28 -28.28 -2.16 -17.25
C THR S 28 -29.45 -3.11 -17.35
N VAL S 29 -29.79 -3.80 -16.27
CA VAL S 29 -30.87 -4.79 -16.30
C VAL S 29 -32.18 -4.13 -16.70
N ALA S 30 -32.56 -3.08 -15.96
CA ALA S 30 -33.82 -2.39 -16.23
C ALA S 30 -33.83 -1.77 -17.62
N SER S 31 -32.77 -1.04 -17.96
CA SER S 31 -32.68 -0.39 -19.26
C SER S 31 -32.85 -1.40 -20.38
N THR S 32 -32.14 -2.53 -20.31
CA THR S 32 -32.19 -3.53 -21.36
C THR S 32 -33.58 -4.14 -21.49
N ILE S 33 -34.19 -4.51 -20.36
CA ILE S 33 -35.50 -5.15 -20.40
C ILE S 33 -36.54 -4.21 -20.99
N LEU S 34 -36.58 -2.96 -20.50
CA LEU S 34 -37.62 -2.04 -20.92
C LEU S 34 -37.42 -1.58 -22.36
N THR S 35 -36.17 -1.36 -22.77
CA THR S 35 -35.90 -1.00 -24.15
C THR S 35 -36.26 -2.14 -25.10
N ASN S 36 -36.06 -3.39 -24.66
CA ASN S 36 -36.41 -4.52 -25.53
C ASN S 36 -37.92 -4.69 -25.64
N VAL S 37 -38.66 -4.50 -24.54
CA VAL S 37 -40.10 -4.74 -24.59
C VAL S 37 -40.91 -3.52 -24.99
N ALA S 38 -40.28 -2.38 -25.26
CA ALA S 38 -41.02 -1.18 -25.65
C ALA S 38 -41.96 -1.39 -26.84
N PRO S 39 -41.52 -1.91 -28.01
CA PRO S 39 -42.46 -1.98 -29.15
C PRO S 39 -43.63 -2.92 -28.93
N ILE S 40 -43.42 -4.03 -28.22
CA ILE S 40 -44.53 -4.95 -27.95
C ILE S 40 -45.52 -4.33 -26.96
N ALA S 41 -45.00 -3.59 -25.97
CA ALA S 41 -45.88 -2.88 -25.05
C ALA S 41 -46.72 -1.83 -25.77
N GLN S 42 -46.10 -1.08 -26.68
CA GLN S 42 -46.85 -0.12 -27.49
C GLN S 42 -47.91 -0.81 -28.33
N GLY S 43 -47.57 -1.97 -28.91
CA GLY S 43 -48.54 -2.69 -29.72
C GLY S 43 -49.72 -3.20 -28.92
N ASN S 44 -49.46 -3.71 -27.72
CA ASN S 44 -50.56 -4.17 -26.87
C ASN S 44 -51.44 -3.01 -26.43
N PHE S 45 -50.83 -1.88 -26.05
CA PHE S 45 -51.60 -0.69 -25.69
C PHE S 45 -52.49 -0.26 -26.84
N GLN S 46 -51.91 -0.12 -28.04
CA GLN S 46 -52.68 0.33 -29.19
C GLN S 46 -53.77 -0.67 -29.57
N THR S 47 -53.55 -1.95 -29.33
CA THR S 47 -54.57 -2.95 -29.65
C THR S 47 -55.73 -2.88 -28.67
N ASN S 48 -55.46 -2.69 -27.39
CA ASN S 48 -56.50 -2.89 -26.37
C ASN S 48 -57.19 -1.62 -25.90
N VAL S 49 -56.47 -0.52 -25.69
CA VAL S 49 -57.02 0.63 -24.95
C VAL S 49 -58.17 1.35 -25.67
N PRO S 50 -58.19 1.43 -27.01
CA PRO S 50 -59.35 2.09 -27.66
C PRO S 50 -60.70 1.53 -27.25
N LYS S 51 -60.81 0.22 -27.08
CA LYS S 51 -62.07 -0.39 -26.67
C LYS S 51 -62.55 0.08 -25.31
N PHE S 52 -61.64 0.57 -24.47
CA PHE S 52 -62.00 1.05 -23.15
C PHE S 52 -62.18 2.55 -23.08
N THR S 53 -61.44 3.31 -23.91
CA THR S 53 -61.75 4.73 -24.02
C THR S 53 -63.13 4.95 -24.63
N SER S 54 -63.53 4.08 -25.57
CA SER S 54 -64.88 4.19 -26.13
C SER S 54 -65.95 3.97 -25.07
N VAL S 55 -65.76 2.95 -24.23
CA VAL S 55 -66.70 2.69 -23.14
C VAL S 55 -66.72 3.87 -22.17
N ASN S 56 -65.56 4.45 -21.88
CA ASN S 56 -65.52 5.62 -21.02
C ASN S 56 -66.41 6.73 -21.55
N GLU S 57 -66.23 7.10 -22.83
CA GLU S 57 -67.00 8.20 -23.39
C GLU S 57 -68.49 7.88 -23.45
N GLN S 58 -68.85 6.65 -23.83
CA GLN S 58 -70.26 6.29 -23.93
C GLN S 58 -70.95 6.25 -22.57
N VAL S 59 -70.29 5.66 -21.57
CA VAL S 59 -70.88 5.63 -20.24
C VAL S 59 -70.96 7.02 -19.65
N SER S 60 -70.02 7.91 -20.01
CA SER S 60 -70.14 9.29 -19.56
C SER S 60 -71.39 9.93 -20.13
N ALA S 61 -71.62 9.75 -21.44
CA ALA S 61 -72.83 10.26 -22.08
C ALA S 61 -74.08 9.71 -21.40
N VAL S 62 -74.08 8.44 -21.04
CA VAL S 62 -75.25 7.83 -20.41
C VAL S 62 -75.46 8.37 -19.00
N LEU S 63 -74.37 8.54 -18.25
CA LEU S 63 -74.48 8.98 -16.86
C LEU S 63 -74.94 10.43 -16.77
N THR S 64 -74.54 11.27 -17.73
CA THR S 64 -75.00 12.66 -17.71
C THR S 64 -76.49 12.76 -17.94
N GLN S 65 -77.09 11.81 -18.66
CA GLN S 65 -78.53 11.79 -18.88
C GLN S 65 -79.31 11.34 -17.66
N TYR S 66 -78.66 10.68 -16.69
CA TYR S 66 -79.34 10.20 -15.50
C TYR S 66 -79.07 11.04 -14.27
N GLY S 67 -78.26 12.09 -14.38
CA GLY S 67 -78.04 13.00 -13.26
C GLY S 67 -76.97 12.59 -12.29
N VAL S 68 -76.06 11.71 -12.68
CA VAL S 68 -75.04 11.20 -11.78
C VAL S 68 -73.85 12.15 -11.82
N THR S 69 -73.37 12.54 -10.63
CA THR S 69 -72.27 13.49 -10.52
C THR S 69 -71.30 13.01 -9.44
N GLY S 70 -70.06 13.44 -9.55
CA GLY S 70 -69.06 13.17 -8.55
C GLY S 70 -68.60 11.74 -8.53
N PRO S 71 -68.11 11.28 -7.37
CA PRO S 71 -67.56 9.91 -7.30
C PRO S 71 -68.60 8.83 -7.57
N SER S 72 -69.88 9.12 -7.40
CA SER S 72 -70.92 8.17 -7.78
C SER S 72 -70.86 7.81 -9.25
N ARG S 73 -70.27 8.65 -10.09
CA ARG S 73 -70.05 8.26 -11.47
C ARG S 73 -69.04 7.13 -11.57
N ALA S 74 -67.96 7.21 -10.81
CA ALA S 74 -66.91 6.19 -10.87
C ALA S 74 -67.48 4.79 -10.75
N ILE S 75 -68.43 4.60 -9.83
CA ILE S 75 -69.08 3.29 -9.67
C ILE S 75 -69.46 2.73 -11.03
N TYR S 76 -70.33 3.45 -11.73
CA TYR S 76 -70.82 2.95 -13.00
C TYR S 76 -69.70 2.87 -14.02
N GLN S 77 -68.81 3.86 -14.04
CA GLN S 77 -67.67 3.75 -14.92
C GLN S 77 -66.95 2.43 -14.68
N GLY S 78 -66.61 2.15 -13.41
CA GLY S 78 -65.96 0.90 -13.10
C GLY S 78 -66.74 -0.28 -13.62
N TYR S 79 -68.04 -0.32 -13.33
CA TYR S 79 -68.86 -1.43 -13.77
C TYR S 79 -68.76 -1.58 -15.28
N GLY S 80 -68.94 -0.48 -16.00
CA GLY S 80 -68.84 -0.55 -17.44
C GLY S 80 -67.53 -1.14 -17.89
N LEU S 81 -66.43 -0.65 -17.34
CA LEU S 81 -65.12 -1.18 -17.73
C LEU S 81 -65.05 -2.67 -17.43
N LYS S 82 -65.51 -3.08 -16.25
CA LYS S 82 -65.52 -4.49 -15.92
C LYS S 82 -66.27 -5.28 -16.98
N VAL S 83 -67.44 -4.80 -17.38
CA VAL S 83 -68.20 -5.50 -18.42
C VAL S 83 -67.37 -5.63 -19.68
N ALA S 84 -66.77 -4.52 -20.13
CA ALA S 84 -65.96 -4.58 -21.34
C ALA S 84 -64.86 -5.61 -21.20
N ARG S 85 -64.25 -5.70 -20.00
CA ARG S 85 -63.19 -6.68 -19.79
C ARG S 85 -63.67 -8.08 -20.16
N ALA S 86 -64.85 -8.46 -19.66
CA ALA S 86 -65.39 -9.78 -19.98
C ALA S 86 -65.59 -9.92 -21.47
N LEU S 87 -66.15 -8.91 -22.13
CA LEU S 87 -66.38 -9.00 -23.57
C LEU S 87 -65.05 -9.14 -24.30
N ASN S 88 -63.98 -8.58 -23.74
CA ASN S 88 -62.69 -8.70 -24.40
C ASN S 88 -62.07 -10.06 -24.14
N ARG S 89 -62.34 -10.66 -22.98
CA ARG S 89 -61.66 -11.88 -22.60
C ARG S 89 -62.33 -13.09 -23.20
N ILE S 90 -63.63 -13.26 -22.95
CA ILE S 90 -64.31 -14.49 -23.30
C ILE S 90 -65.20 -14.37 -24.53
N GLY S 91 -65.65 -13.17 -24.87
CA GLY S 91 -66.49 -12.98 -26.05
C GLY S 91 -67.96 -13.11 -25.74
N ALA S 92 -68.77 -12.92 -26.77
CA ALA S 92 -70.21 -12.91 -26.62
C ALA S 92 -70.75 -14.34 -26.57
N GLY S 93 -71.80 -14.53 -25.77
CA GLY S 93 -72.39 -15.83 -25.59
C GLY S 93 -72.90 -16.06 -24.18
N PRO S 94 -73.27 -17.30 -23.87
CA PRO S 94 -73.80 -17.61 -22.54
C PRO S 94 -72.86 -17.27 -21.39
N ALA S 95 -71.54 -17.38 -21.59
CA ALA S 95 -70.61 -17.04 -20.52
C ALA S 95 -70.63 -15.55 -20.22
N LEU S 96 -70.74 -14.71 -21.26
CA LEU S 96 -70.86 -13.28 -21.03
C LEU S 96 -72.15 -12.94 -20.32
N THR S 97 -73.23 -13.66 -20.60
CA THR S 97 -74.49 -13.47 -19.88
C THR S 97 -74.32 -13.80 -18.40
N ASN S 98 -73.69 -14.93 -18.10
CA ASN S 98 -73.47 -15.32 -16.71
C ASN S 98 -72.60 -14.30 -15.98
N MET S 99 -71.55 -13.81 -16.63
CA MET S 99 -70.71 -12.82 -15.97
C MET S 99 -71.41 -11.48 -15.81
N VAL S 100 -72.27 -11.08 -16.75
CA VAL S 100 -72.99 -9.83 -16.58
C VAL S 100 -73.96 -9.93 -15.41
N ALA S 101 -74.61 -11.08 -15.26
CA ALA S 101 -75.50 -11.29 -14.11
C ALA S 101 -74.72 -11.24 -12.80
N GLY S 102 -73.57 -11.92 -12.75
CA GLY S 102 -72.77 -11.91 -11.54
C GLY S 102 -72.20 -10.54 -11.21
N LEU S 103 -71.82 -9.78 -12.24
CA LEU S 103 -71.30 -8.43 -12.01
C LEU S 103 -72.39 -7.49 -11.52
N LYS S 104 -73.60 -7.62 -12.05
CA LYS S 104 -74.70 -6.80 -11.55
C LYS S 104 -75.01 -7.12 -10.10
N ALA S 105 -75.07 -8.41 -9.74
CA ALA S 105 -75.28 -8.78 -8.34
C ALA S 105 -74.18 -8.21 -7.46
N TYR S 106 -72.92 -8.41 -7.87
CA TYR S 106 -71.77 -7.88 -7.16
C TYR S 106 -71.94 -6.39 -6.87
N TYR S 107 -72.15 -5.59 -7.91
CA TYR S 107 -72.19 -4.15 -7.72
C TYR S 107 -73.40 -3.71 -6.91
N VAL S 108 -74.58 -4.25 -7.21
CA VAL S 108 -75.79 -3.79 -6.53
C VAL S 108 -75.74 -4.13 -5.04
N SER S 109 -75.23 -5.30 -4.67
CA SER S 109 -75.29 -5.64 -3.26
C SER S 109 -74.05 -5.18 -2.49
N ALA S 110 -72.89 -5.09 -3.13
CA ALA S 110 -71.69 -4.68 -2.40
C ALA S 110 -71.52 -3.17 -2.37
N TYR S 111 -71.79 -2.46 -3.47
CA TYR S 111 -71.48 -1.04 -3.56
C TYR S 111 -72.71 -0.15 -3.65
N GLY S 112 -73.91 -0.71 -3.54
CA GLY S 112 -75.12 0.09 -3.55
C GLY S 112 -75.39 0.78 -4.87
N ALA S 113 -75.05 0.15 -5.98
CA ALA S 113 -75.34 0.74 -7.28
C ALA S 113 -76.81 0.60 -7.62
N ASN S 114 -77.28 1.48 -8.49
CA ASN S 114 -78.67 1.57 -8.95
C ASN S 114 -78.90 0.55 -10.06
N PRO S 115 -79.89 -0.34 -9.93
CA PRO S 115 -80.12 -1.33 -10.99
C PRO S 115 -80.49 -0.72 -12.33
N GLU S 116 -81.21 0.40 -12.33
CA GLU S 116 -81.64 0.99 -13.60
C GLU S 116 -80.46 1.58 -14.37
N ILE S 117 -79.53 2.24 -13.67
CA ILE S 117 -78.36 2.76 -14.34
C ILE S 117 -77.42 1.64 -14.76
N LEU S 118 -77.39 0.54 -14.01
CA LEU S 118 -76.63 -0.63 -14.46
C LEU S 118 -77.22 -1.20 -15.74
N ASP S 119 -78.55 -1.20 -15.84
CA ASP S 119 -79.20 -1.60 -17.09
C ASP S 119 -78.84 -0.67 -18.24
N ALA S 120 -78.85 0.64 -17.99
CA ALA S 120 -78.52 1.60 -19.04
C ALA S 120 -77.07 1.46 -19.49
N VAL S 121 -76.16 1.20 -18.57
CA VAL S 121 -74.75 1.04 -18.93
C VAL S 121 -74.55 -0.25 -19.72
N THR S 122 -75.14 -1.35 -19.25
CA THR S 122 -75.04 -2.60 -19.98
C THR S 122 -75.70 -2.50 -21.34
N ASN S 123 -76.72 -1.64 -21.49
CA ASN S 123 -77.38 -1.47 -22.77
C ASN S 123 -76.52 -0.66 -23.73
N ILE S 124 -75.84 0.36 -23.25
CA ILE S 124 -74.97 1.12 -24.15
C ILE S 124 -73.74 0.31 -24.52
N ILE S 125 -73.32 -0.63 -23.66
CA ILE S 125 -72.10 -1.39 -23.95
C ILE S 125 -72.40 -2.61 -24.81
N LEU S 126 -73.35 -3.43 -24.39
CA LEU S 126 -73.60 -4.70 -25.05
C LEU S 126 -74.79 -4.68 -26.00
N GLY S 127 -75.64 -3.67 -25.92
CA GLY S 127 -76.79 -3.54 -26.79
C GLY S 127 -78.09 -3.95 -26.14
N SER S 128 -78.04 -4.64 -25.00
CA SER S 128 -79.22 -5.09 -24.29
C SER S 128 -78.93 -4.97 -22.80
N PRO S 129 -79.97 -4.78 -21.98
CA PRO S 129 -79.75 -4.78 -20.52
C PRO S 129 -79.19 -6.07 -19.98
N THR S 130 -79.67 -7.21 -20.49
CA THR S 130 -79.18 -8.51 -20.03
C THR S 130 -77.92 -8.94 -20.79
N GLY S 131 -77.75 -8.46 -22.02
CA GLY S 131 -76.58 -8.78 -22.80
C GLY S 131 -76.71 -9.96 -23.73
N TYR S 132 -77.92 -10.47 -23.96
CA TYR S 132 -78.11 -11.61 -24.85
C TYR S 132 -77.72 -11.25 -26.27
N ALA T 2 20.34 -60.66 12.38
CA ALA T 2 20.88 -60.52 13.72
C ALA T 2 19.90 -59.81 14.65
N LYS T 3 18.66 -60.30 14.69
CA LYS T 3 17.60 -59.74 15.51
C LYS T 3 17.03 -60.72 16.51
N GLY T 4 16.88 -61.98 16.13
CA GLY T 4 16.33 -62.97 17.02
C GLY T 4 17.29 -64.10 17.32
N ARG T 5 18.54 -63.77 17.61
CA ARG T 5 19.59 -64.77 17.73
C ARG T 5 19.90 -65.14 19.17
N THR T 6 19.72 -64.23 20.11
CA THR T 6 19.89 -64.57 21.51
C THR T 6 18.56 -64.47 22.24
N PRO T 7 18.33 -65.36 23.22
CA PRO T 7 17.05 -65.32 23.96
C PRO T 7 16.95 -64.08 24.84
N ARG T 8 15.76 -63.48 24.86
CA ARG T 8 15.49 -62.28 25.62
C ARG T 8 14.39 -62.55 26.64
N SER T 9 14.69 -62.32 27.91
CA SER T 9 13.78 -62.58 29.00
C SER T 9 12.83 -61.41 29.20
N PHE T 10 11.96 -61.51 30.20
CA PHE T 10 10.97 -60.46 30.41
C PHE T 10 11.63 -59.11 30.69
N SER T 11 12.66 -59.08 31.52
CA SER T 11 13.26 -57.82 31.90
C SER T 11 13.97 -57.15 30.72
N GLN T 12 14.56 -57.95 29.84
CA GLN T 12 15.22 -57.37 28.67
C GLN T 12 14.21 -56.83 27.67
N ARG T 13 13.16 -57.61 27.38
CA ARG T 13 12.10 -57.13 26.52
C ARG T 13 11.46 -55.86 27.08
N TYR T 14 11.21 -55.85 28.38
CA TYR T 14 10.59 -54.68 28.99
C TYR T 14 11.52 -53.48 28.95
N GLY T 15 12.80 -53.67 29.21
CA GLY T 15 13.74 -52.57 29.15
C GLY T 15 13.83 -51.96 27.77
N LYS T 16 13.93 -52.81 26.74
CA LYS T 16 14.06 -52.27 25.40
C LYS T 16 12.76 -51.65 24.91
N TRP T 17 11.62 -52.30 25.17
CA TRP T 17 10.33 -51.73 24.78
C TRP T 17 10.10 -50.39 25.46
N ASN T 18 10.43 -50.28 26.75
CA ASN T 18 10.23 -49.04 27.47
C ASN T 18 11.14 -47.95 26.94
N ALA T 19 12.39 -48.29 26.63
CA ALA T 19 13.30 -47.30 26.04
C ALA T 19 12.75 -46.78 24.72
N LYS T 20 12.33 -47.68 23.84
CA LYS T 20 11.84 -47.24 22.54
C LYS T 20 10.53 -46.45 22.66
N PHE T 21 9.67 -46.84 23.61
CA PHE T 21 8.41 -46.13 23.79
C PHE T 21 8.63 -44.73 24.36
N THR T 22 9.58 -44.58 25.29
CA THR T 22 9.91 -43.27 25.80
C THR T 22 10.58 -42.41 24.74
N ALA T 23 11.36 -43.02 23.86
CA ALA T 23 11.99 -42.25 22.79
C ALA T 23 10.94 -41.76 21.78
N PHE T 24 9.99 -42.62 21.41
CA PHE T 24 8.98 -42.21 20.43
C PHE T 24 8.03 -41.15 20.97
N SER T 25 7.92 -40.99 22.29
CA SER T 25 7.07 -39.96 22.87
C SER T 25 7.63 -38.57 22.70
N ASN T 26 8.90 -38.44 22.33
CA ASN T 26 9.47 -37.14 22.06
C ASN T 26 8.74 -36.50 20.87
N PRO T 27 8.44 -35.20 20.94
CA PRO T 27 7.71 -34.57 19.82
C PRO T 27 8.46 -34.65 18.50
N THR T 28 9.76 -34.35 18.51
CA THR T 28 10.55 -34.35 17.28
C THR T 28 10.67 -35.75 16.69
N VAL T 29 10.90 -36.77 17.53
CA VAL T 29 11.08 -38.13 17.04
C VAL T 29 9.81 -38.61 16.35
N ALA T 30 8.68 -38.54 17.05
CA ALA T 30 7.42 -39.02 16.51
C ALA T 30 7.02 -38.23 15.28
N SER T 31 7.12 -36.90 15.35
CA SER T 31 6.76 -36.05 14.21
C SER T 31 7.59 -36.41 12.98
N THR T 32 8.91 -36.54 13.15
CA THR T 32 9.78 -36.84 12.02
C THR T 32 9.45 -38.19 11.42
N ILE T 33 9.34 -39.23 12.26
CA ILE T 33 9.10 -40.57 11.74
C ILE T 33 7.77 -40.63 11.00
N LEU T 34 6.72 -40.07 11.59
CA LEU T 34 5.40 -40.20 10.99
C LEU T 34 5.27 -39.35 9.73
N THR T 35 5.86 -38.15 9.73
CA THR T 35 5.84 -37.32 8.54
C THR T 35 6.60 -37.97 7.40
N ASN T 36 7.68 -38.70 7.71
CA ASN T 36 8.43 -39.34 6.64
C ASN T 36 7.71 -40.57 6.10
N VAL T 37 7.04 -41.34 6.96
CA VAL T 37 6.37 -42.55 6.49
C VAL T 37 4.95 -42.31 6.03
N ALA T 38 4.43 -41.08 6.11
CA ALA T 38 3.06 -40.83 5.66
C ALA T 38 2.78 -41.23 4.21
N PRO T 39 3.57 -40.82 3.20
CA PRO T 39 3.23 -41.20 1.82
C PRO T 39 3.26 -42.69 1.56
N ILE T 40 4.23 -43.41 2.13
CA ILE T 40 4.32 -44.85 1.93
C ILE T 40 3.17 -45.56 2.62
N ALA T 41 2.76 -45.05 3.79
CA ALA T 41 1.62 -45.61 4.49
C ALA T 41 0.33 -45.43 3.70
N GLN T 42 0.12 -44.22 3.15
CA GLN T 42 -1.03 -43.98 2.29
C GLN T 42 -1.02 -44.92 1.09
N GLY T 43 0.14 -45.13 0.48
CA GLY T 43 0.21 -46.03 -0.66
C GLY T 43 -0.10 -47.47 -0.31
N ASN T 44 0.42 -47.95 0.81
CA ASN T 44 0.13 -49.32 1.22
C ASN T 44 -1.35 -49.51 1.55
N PHE T 45 -1.93 -48.54 2.26
CA PHE T 45 -3.37 -48.56 2.51
C PHE T 45 -4.15 -48.63 1.21
N GLN T 46 -3.83 -47.75 0.26
CA GLN T 46 -4.58 -47.69 -1.00
C GLN T 46 -4.44 -48.97 -1.80
N THR T 47 -3.28 -49.62 -1.75
CA THR T 47 -3.15 -50.84 -2.54
C THR T 47 -3.82 -52.03 -1.86
N ASN T 48 -3.92 -52.03 -0.53
CA ASN T 48 -4.37 -53.24 0.14
C ASN T 48 -5.83 -53.25 0.57
N VAL T 49 -6.38 -52.13 1.04
CA VAL T 49 -7.68 -52.16 1.71
C VAL T 49 -8.88 -52.43 0.78
N PRO T 50 -8.89 -51.96 -0.48
CA PRO T 50 -10.05 -52.26 -1.34
C PRO T 50 -10.40 -53.74 -1.46
N LYS T 51 -9.39 -54.62 -1.55
CA LYS T 51 -9.63 -56.05 -1.62
C LYS T 51 -10.41 -56.58 -0.42
N PHE T 52 -10.32 -55.90 0.72
CA PHE T 52 -11.01 -56.32 1.92
C PHE T 52 -12.35 -55.64 2.12
N THR T 53 -12.48 -54.38 1.71
CA THR T 53 -13.81 -53.76 1.72
C THR T 53 -14.77 -54.48 0.78
N SER T 54 -14.27 -54.92 -0.38
CA SER T 54 -15.12 -55.67 -1.31
C SER T 54 -15.61 -56.97 -0.70
N VAL T 55 -14.72 -57.67 0.00
CA VAL T 55 -15.10 -58.88 0.71
C VAL T 55 -16.17 -58.55 1.74
N ASN T 56 -16.03 -57.43 2.43
CA ASN T 56 -17.05 -57.04 3.41
C ASN T 56 -18.42 -56.91 2.78
N GLU T 57 -18.51 -56.18 1.66
CA GLU T 57 -19.82 -56.02 1.01
C GLU T 57 -20.39 -57.36 0.53
N GLN T 58 -19.55 -58.19 -0.10
CA GLN T 58 -20.07 -59.44 -0.64
C GLN T 58 -20.52 -60.39 0.46
N VAL T 59 -19.74 -60.51 1.53
CA VAL T 59 -20.12 -61.39 2.63
C VAL T 59 -21.33 -60.85 3.35
N SER T 60 -21.49 -59.52 3.42
CA SER T 60 -22.71 -58.94 3.97
C SER T 60 -23.93 -59.37 3.17
N ALA T 61 -23.84 -59.28 1.85
CA ALA T 61 -24.93 -59.72 0.98
C ALA T 61 -25.25 -61.20 1.20
N VAL T 62 -24.21 -62.03 1.31
CA VAL T 62 -24.42 -63.47 1.48
C VAL T 62 -25.08 -63.76 2.84
N LEU T 63 -24.67 -63.04 3.87
CA LEU T 63 -25.19 -63.29 5.21
C LEU T 63 -26.63 -62.83 5.35
N THR T 64 -27.00 -61.75 4.66
CA THR T 64 -28.40 -61.32 4.72
C THR T 64 -29.34 -62.34 4.10
N GLN T 65 -28.89 -63.05 3.06
CA GLN T 65 -29.70 -64.07 2.42
C GLN T 65 -29.88 -65.31 3.28
N TYR T 66 -29.02 -65.54 4.25
CA TYR T 66 -29.09 -66.71 5.11
C TYR T 66 -29.70 -66.43 6.47
N GLY T 67 -29.98 -65.17 6.80
CA GLY T 67 -30.67 -64.84 8.03
C GLY T 67 -29.79 -64.64 9.24
N VAL T 68 -28.49 -64.40 9.04
CA VAL T 68 -27.57 -64.17 10.15
C VAL T 68 -27.66 -62.72 10.57
N THR T 69 -27.88 -62.49 11.86
CA THR T 69 -28.06 -61.15 12.39
C THR T 69 -27.17 -60.97 13.62
N GLY T 70 -26.83 -59.72 13.91
CA GLY T 70 -26.15 -59.37 15.13
C GLY T 70 -24.70 -59.78 15.14
N PRO T 71 -24.15 -60.02 16.33
CA PRO T 71 -22.74 -60.43 16.43
C PRO T 71 -22.44 -61.75 15.73
N SER T 72 -23.44 -62.60 15.51
CA SER T 72 -23.22 -63.82 14.74
C SER T 72 -22.79 -63.53 13.31
N ARG T 73 -23.08 -62.34 12.81
CA ARG T 73 -22.52 -61.96 11.51
C ARG T 73 -21.01 -61.86 11.58
N ALA T 74 -20.49 -61.23 12.64
CA ALA T 74 -19.06 -61.00 12.77
C ALA T 74 -18.26 -62.27 12.57
N ILE T 75 -18.73 -63.38 13.13
CA ILE T 75 -18.08 -64.67 12.94
C ILE T 75 -17.75 -64.87 11.48
N TYR T 76 -18.78 -64.94 10.64
CA TYR T 76 -18.55 -65.22 9.23
C TYR T 76 -17.77 -64.10 8.57
N GLN T 77 -18.03 -62.85 8.95
CA GLN T 77 -17.24 -61.76 8.40
C GLN T 77 -15.76 -62.03 8.65
N GLY T 78 -15.41 -62.32 9.90
CA GLY T 78 -14.01 -62.62 10.21
C GLY T 78 -13.47 -63.72 9.34
N TYR T 79 -14.20 -64.83 9.24
CA TYR T 79 -13.72 -65.94 8.43
C TYR T 79 -13.42 -65.48 7.02
N GLY T 80 -14.35 -64.75 6.42
CA GLY T 80 -14.13 -64.25 5.07
C GLY T 80 -12.83 -63.48 4.97
N LEU T 81 -12.63 -62.52 5.88
CA LEU T 81 -11.41 -61.73 5.82
C LEU T 81 -10.19 -62.60 5.93
N LYS T 82 -10.22 -63.58 6.84
CA LYS T 82 -9.11 -64.52 6.96
C LYS T 82 -8.79 -65.15 5.62
N VAL T 83 -9.81 -65.70 4.96
CA VAL T 83 -9.59 -66.31 3.65
C VAL T 83 -8.97 -65.31 2.70
N ALA T 84 -9.53 -64.09 2.67
CA ALA T 84 -8.98 -63.07 1.78
C ALA T 84 -7.52 -62.82 2.08
N ARG T 85 -7.16 -62.75 3.36
CA ARG T 85 -5.76 -62.54 3.74
C ARG T 85 -4.87 -63.59 3.09
N ALA T 86 -5.32 -64.85 3.13
CA ALA T 86 -4.54 -65.92 2.52
C ALA T 86 -4.34 -65.68 1.03
N LEU T 87 -5.42 -65.31 0.34
CA LEU T 87 -5.30 -65.06 -1.10
C LEU T 87 -4.38 -63.89 -1.36
N ASN T 88 -4.27 -62.96 -0.42
CA ASN T 88 -3.35 -61.85 -0.62
C ASN T 88 -1.90 -62.29 -0.42
N ARG T 89 -1.66 -63.26 0.46
CA ARG T 89 -0.30 -63.55 0.88
C ARG T 89 0.37 -64.55 -0.05
N ILE T 90 -0.23 -65.71 -0.24
CA ILE T 90 0.42 -66.79 -0.97
C ILE T 90 -0.15 -67.03 -2.37
N GLY T 91 -1.36 -66.56 -2.65
CA GLY T 91 -1.95 -66.71 -3.97
C GLY T 91 -2.82 -67.95 -4.07
N ALA T 92 -3.28 -68.20 -5.29
CA ALA T 92 -4.15 -69.34 -5.55
C ALA T 92 -3.33 -70.58 -5.89
N GLY T 93 -3.80 -71.73 -5.43
CA GLY T 93 -3.11 -72.98 -5.65
C GLY T 93 -3.37 -73.97 -4.54
N PRO T 94 -2.63 -75.08 -4.53
CA PRO T 94 -2.85 -76.10 -3.50
C PRO T 94 -2.60 -75.61 -2.07
N ALA T 95 -1.69 -74.65 -1.90
CA ALA T 95 -1.45 -74.09 -0.58
C ALA T 95 -2.67 -73.34 -0.07
N LEU T 96 -3.34 -72.58 -0.96
CA LEU T 96 -4.57 -71.89 -0.57
C LEU T 96 -5.67 -72.88 -0.24
N THR T 97 -5.70 -74.02 -0.92
CA THR T 97 -6.66 -75.07 -0.58
C THR T 97 -6.41 -75.61 0.82
N ASN T 98 -5.15 -75.89 1.14
CA ASN T 98 -4.80 -76.37 2.48
C ASN T 98 -5.18 -75.35 3.54
N MET T 99 -4.89 -74.07 3.28
CA MET T 99 -5.22 -73.02 4.24
C MET T 99 -6.72 -72.87 4.42
N VAL T 100 -7.50 -72.98 3.35
CA VAL T 100 -8.95 -72.87 3.46
C VAL T 100 -9.52 -74.02 4.26
N ALA T 101 -9.03 -75.24 4.01
CA ALA T 101 -9.50 -76.38 4.79
C ALA T 101 -9.15 -76.22 6.27
N GLY T 102 -7.94 -75.74 6.56
CA GLY T 102 -7.56 -75.52 7.94
C GLY T 102 -8.38 -74.44 8.63
N LEU T 103 -8.70 -73.37 7.90
CA LEU T 103 -9.50 -72.30 8.47
C LEU T 103 -10.93 -72.76 8.74
N LYS T 104 -11.50 -73.56 7.83
CA LYS T 104 -12.83 -74.10 8.10
C LYS T 104 -12.82 -75.00 9.33
N ALA T 105 -11.82 -75.87 9.44
CA ALA T 105 -11.70 -76.70 10.64
C ALA T 105 -11.60 -75.83 11.90
N TYR T 106 -10.74 -74.81 11.85
CA TYR T 106 -10.58 -73.88 12.96
C TYR T 106 -11.93 -73.30 13.41
N TYR T 107 -12.66 -72.69 12.48
CA TYR T 107 -13.87 -71.98 12.88
C TYR T 107 -14.98 -72.92 13.29
N VAL T 108 -15.16 -74.04 12.59
CA VAL T 108 -16.21 -74.97 12.96
C VAL T 108 -15.92 -75.64 14.30
N SER T 109 -14.64 -75.78 14.67
CA SER T 109 -14.35 -76.44 15.93
C SER T 109 -14.34 -75.46 17.10
N ALA T 110 -13.86 -74.24 16.89
CA ALA T 110 -13.69 -73.35 18.03
C ALA T 110 -14.85 -72.38 18.23
N TYR T 111 -15.54 -71.97 17.16
CA TYR T 111 -16.51 -70.89 17.28
C TYR T 111 -17.93 -71.32 16.90
N GLY T 112 -18.16 -72.60 16.68
CA GLY T 112 -19.50 -73.08 16.37
C GLY T 112 -20.09 -72.52 15.10
N ALA T 113 -19.25 -72.24 14.11
CA ALA T 113 -19.74 -71.72 12.85
C ALA T 113 -20.46 -72.81 12.07
N ASN T 114 -21.38 -72.39 11.23
CA ASN T 114 -22.17 -73.28 10.38
C ASN T 114 -21.36 -73.67 9.15
N PRO T 115 -21.22 -74.96 8.85
CA PRO T 115 -20.44 -75.35 7.67
C PRO T 115 -20.99 -74.82 6.35
N GLU T 116 -22.31 -74.77 6.18
CA GLU T 116 -22.86 -74.37 4.89
C GLU T 116 -22.72 -72.86 4.67
N ILE T 117 -22.83 -72.06 5.72
CA ILE T 117 -22.62 -70.63 5.54
C ILE T 117 -21.14 -70.35 5.28
N LEU T 118 -20.24 -71.13 5.88
CA LEU T 118 -18.83 -71.00 5.55
C LEU T 118 -18.56 -71.39 4.11
N ASP T 119 -19.27 -72.40 3.61
CA ASP T 119 -19.19 -72.74 2.19
C ASP T 119 -19.66 -71.59 1.32
N ALA T 120 -20.76 -70.94 1.69
CA ALA T 120 -21.28 -69.82 0.90
C ALA T 120 -20.31 -68.64 0.91
N VAL T 121 -19.65 -68.39 2.04
CA VAL T 121 -18.67 -67.31 2.10
C VAL T 121 -17.46 -67.64 1.24
N THR T 122 -16.96 -68.88 1.34
CA THR T 122 -15.86 -69.29 0.48
C THR T 122 -16.24 -69.23 -0.98
N ASN T 123 -17.52 -69.43 -1.30
CA ASN T 123 -17.99 -69.39 -2.68
C ASN T 123 -18.03 -67.95 -3.20
N ILE T 124 -18.51 -67.02 -2.39
CA ILE T 124 -18.54 -65.64 -2.86
C ILE T 124 -17.12 -65.07 -2.96
N ILE T 125 -16.18 -65.58 -2.18
CA ILE T 125 -14.83 -65.03 -2.20
C ILE T 125 -13.96 -65.70 -3.26
N LEU T 126 -13.83 -67.02 -3.19
CA LEU T 126 -12.87 -67.74 -4.03
C LEU T 126 -13.46 -68.31 -5.31
N GLY T 127 -14.77 -68.47 -5.38
CA GLY T 127 -15.43 -69.01 -6.55
C GLY T 127 -16.00 -70.40 -6.36
N SER T 128 -15.52 -71.14 -5.37
CA SER T 128 -15.96 -72.50 -5.10
C SER T 128 -16.02 -72.71 -3.59
N PRO T 129 -16.87 -73.62 -3.13
CA PRO T 129 -16.89 -73.92 -1.68
C PRO T 129 -15.56 -74.43 -1.16
N THR T 130 -14.88 -75.30 -1.91
CA THR T 130 -13.55 -75.74 -1.52
C THR T 130 -12.48 -74.75 -1.95
N GLY T 131 -12.70 -74.03 -3.04
CA GLY T 131 -11.78 -73.01 -3.48
C GLY T 131 -10.73 -73.44 -4.47
N TYR T 132 -10.88 -74.58 -5.14
CA TYR T 132 -9.89 -75.03 -6.11
C TYR T 132 -9.76 -74.03 -7.24
N ALA U 2 -54.36 -1.32 -8.62
CA ALA U 2 -53.48 -1.79 -7.56
C ALA U 2 -52.63 -0.66 -7.00
N LYS U 3 -53.26 0.50 -6.78
CA LYS U 3 -52.57 1.68 -6.26
C LYS U 3 -53.12 2.11 -4.91
N GLY U 4 -54.43 2.07 -4.73
CA GLY U 4 -55.01 2.51 -3.48
C GLY U 4 -55.68 1.37 -2.72
N ARG U 5 -54.99 0.24 -2.65
CA ARG U 5 -55.60 -0.97 -2.10
C ARG U 5 -55.26 -1.21 -0.64
N THR U 6 -54.10 -0.75 -0.18
CA THR U 6 -53.76 -0.88 1.23
C THR U 6 -53.65 0.49 1.87
N PRO U 7 -54.03 0.62 3.14
CA PRO U 7 -53.93 1.92 3.81
C PRO U 7 -52.48 2.32 4.05
N ARG U 8 -52.20 3.61 3.81
CA ARG U 8 -50.87 4.17 3.98
C ARG U 8 -50.89 5.20 5.10
N SER U 9 -49.98 5.06 6.05
CA SER U 9 -49.89 5.96 7.19
C SER U 9 -49.03 7.17 6.82
N PHE U 10 -48.89 8.11 7.75
CA PHE U 10 -48.13 9.32 7.46
C PHE U 10 -46.68 9.00 7.12
N SER U 11 -46.05 8.06 7.82
CA SER U 11 -44.65 7.75 7.57
C SER U 11 -44.46 7.05 6.23
N GLN U 12 -45.44 6.23 5.82
CA GLN U 12 -45.34 5.59 4.52
C GLN U 12 -45.51 6.61 3.40
N ARG U 13 -46.55 7.45 3.48
CA ARG U 13 -46.74 8.51 2.49
C ARG U 13 -45.52 9.41 2.42
N TYR U 14 -44.97 9.77 3.59
CA TYR U 14 -43.85 10.70 3.61
C TYR U 14 -42.58 10.06 3.05
N GLY U 15 -42.31 8.80 3.41
CA GLY U 15 -41.14 8.14 2.86
C GLY U 15 -41.21 8.00 1.37
N LYS U 16 -42.38 7.65 0.83
CA LYS U 16 -42.49 7.49 -0.62
C LYS U 16 -42.43 8.84 -1.34
N TRP U 17 -43.14 9.85 -0.82
CA TRP U 17 -43.09 11.17 -1.41
C TRP U 17 -41.67 11.73 -1.40
N ASN U 18 -40.95 11.53 -0.30
CA ASN U 18 -39.58 11.99 -0.21
C ASN U 18 -38.67 11.24 -1.18
N ALA U 19 -38.84 9.92 -1.30
CA ALA U 19 -38.04 9.16 -2.25
C ALA U 19 -38.26 9.66 -3.67
N LYS U 20 -39.51 9.86 -4.06
CA LYS U 20 -39.80 10.28 -5.43
C LYS U 20 -39.34 11.72 -5.68
N PHE U 21 -39.43 12.59 -4.66
CA PHE U 21 -38.97 13.96 -4.80
C PHE U 21 -37.44 14.01 -4.92
N THR U 22 -36.74 13.20 -4.13
CA THR U 22 -35.29 13.13 -4.24
C THR U 22 -34.86 12.57 -5.60
N ALA U 23 -35.63 11.60 -6.13
CA ALA U 23 -35.31 11.06 -7.44
C ALA U 23 -35.52 12.10 -8.53
N PHE U 24 -36.66 12.79 -8.51
CA PHE U 24 -36.97 13.74 -9.57
C PHE U 24 -36.03 14.94 -9.58
N SER U 25 -35.33 15.21 -8.47
CA SER U 25 -34.37 16.30 -8.43
C SER U 25 -33.07 15.98 -9.14
N ASN U 26 -32.86 14.73 -9.53
CA ASN U 26 -31.69 14.38 -10.33
C ASN U 26 -31.78 15.09 -11.68
N PRO U 27 -30.67 15.62 -12.20
CA PRO U 27 -30.75 16.36 -13.47
C PRO U 27 -31.25 15.52 -14.64
N THR U 28 -30.69 14.32 -14.81
CA THR U 28 -31.07 13.47 -15.92
C THR U 28 -32.53 13.04 -15.82
N VAL U 29 -32.99 12.71 -14.62
CA VAL U 29 -34.37 12.23 -14.44
C VAL U 29 -35.36 13.33 -14.84
N ALA U 30 -35.25 14.49 -14.20
CA ALA U 30 -36.17 15.59 -14.46
C ALA U 30 -36.10 16.03 -15.91
N SER U 31 -34.88 16.18 -16.44
CA SER U 31 -34.72 16.63 -17.82
C SER U 31 -35.36 15.66 -18.80
N THR U 32 -35.12 14.36 -18.61
CA THR U 32 -35.68 13.36 -19.51
C THR U 32 -37.21 13.35 -19.45
N ILE U 33 -37.77 13.34 -18.24
CA ILE U 33 -39.22 13.25 -18.11
C ILE U 33 -39.88 14.48 -18.73
N LEU U 34 -39.37 15.67 -18.42
CA LEU U 34 -40.02 16.89 -18.91
C LEU U 34 -39.85 17.06 -20.41
N THR U 35 -38.67 16.73 -20.94
CA THR U 35 -38.45 16.83 -22.38
C THR U 35 -39.31 15.83 -23.13
N ASN U 36 -39.61 14.68 -22.52
CA ASN U 36 -40.49 13.72 -23.19
C ASN U 36 -41.94 14.16 -23.14
N VAL U 37 -42.39 14.76 -22.03
CA VAL U 37 -43.80 15.12 -21.92
C VAL U 37 -44.11 16.51 -22.47
N ALA U 38 -43.10 17.27 -22.93
CA ALA U 38 -43.35 18.61 -23.43
C ALA U 38 -44.41 18.68 -24.54
N PRO U 39 -44.33 17.92 -25.63
CA PRO U 39 -45.36 18.08 -26.69
C PRO U 39 -46.77 17.73 -26.24
N ILE U 40 -46.93 16.72 -25.39
CA ILE U 40 -48.26 16.33 -24.93
C ILE U 40 -48.83 17.39 -24.00
N ALA U 41 -47.99 17.98 -23.16
CA ALA U 41 -48.42 19.06 -22.28
C ALA U 41 -48.84 20.28 -23.09
N GLN U 42 -48.06 20.62 -24.13
CA GLN U 42 -48.46 21.71 -25.01
C GLN U 42 -49.80 21.44 -25.65
N GLY U 43 -50.02 20.21 -26.14
CA GLY U 43 -51.29 19.88 -26.74
C GLY U 43 -52.46 19.99 -25.77
N ASN U 44 -52.27 19.54 -24.53
CA ASN U 44 -53.35 19.61 -23.55
C ASN U 44 -53.66 21.05 -23.16
N PHE U 45 -52.63 21.86 -22.94
CA PHE U 45 -52.83 23.28 -22.71
C PHE U 45 -53.62 23.92 -23.85
N GLN U 46 -53.20 23.64 -25.10
CA GLN U 46 -53.85 24.25 -26.25
C GLN U 46 -55.29 23.83 -26.40
N THR U 47 -55.61 22.58 -26.09
CA THR U 47 -56.99 22.14 -26.27
C THR U 47 -57.88 22.56 -25.11
N ASN U 48 -57.32 22.86 -23.95
CA ASN U 48 -58.17 23.15 -22.79
C ASN U 48 -58.28 24.61 -22.42
N VAL U 49 -57.18 25.38 -22.40
CA VAL U 49 -57.19 26.73 -21.80
C VAL U 49 -58.09 27.74 -22.53
N PRO U 50 -58.22 27.69 -23.87
CA PRO U 50 -59.11 28.67 -24.52
C PRO U 50 -60.53 28.71 -23.97
N LYS U 51 -61.10 27.55 -23.63
CA LYS U 51 -62.45 27.49 -23.07
C LYS U 51 -62.57 28.28 -21.77
N PHE U 52 -61.48 28.45 -21.05
CA PHE U 52 -61.49 29.14 -19.77
C PHE U 52 -61.10 30.61 -19.88
N THR U 53 -60.22 30.95 -20.82
CA THR U 53 -59.97 32.36 -21.09
C THR U 53 -61.22 33.05 -21.64
N SER U 54 -62.00 32.34 -22.47
CA SER U 54 -63.26 32.90 -22.94
C SER U 54 -64.20 33.21 -21.77
N VAL U 55 -64.30 32.29 -20.81
CA VAL U 55 -65.15 32.50 -19.65
C VAL U 55 -64.64 33.68 -18.84
N ASN U 56 -63.33 33.80 -18.69
CA ASN U 56 -62.76 34.94 -17.96
C ASN U 56 -63.20 36.25 -18.58
N GLU U 57 -63.07 36.38 -19.90
CA GLU U 57 -63.45 37.63 -20.57
C GLU U 57 -64.94 37.91 -20.44
N GLN U 58 -65.79 36.90 -20.67
CA GLN U 58 -67.22 37.12 -20.61
C GLN U 58 -67.69 37.49 -19.21
N VAL U 59 -67.15 36.81 -18.19
CA VAL U 59 -67.55 37.10 -16.82
C VAL U 59 -67.02 38.47 -16.40
N SER U 60 -65.86 38.88 -16.92
CA SER U 60 -65.39 40.23 -16.67
C SER U 60 -66.38 41.26 -17.19
N ALA U 61 -66.83 41.08 -18.44
CA ALA U 61 -67.82 41.99 -19.00
C ALA U 61 -69.09 42.03 -18.17
N VAL U 62 -69.58 40.85 -17.75
CA VAL U 62 -70.81 40.81 -16.96
C VAL U 62 -70.61 41.49 -15.61
N LEU U 63 -69.43 41.34 -15.02
CA LEU U 63 -69.19 41.89 -13.69
C LEU U 63 -69.09 43.41 -13.72
N THR U 64 -68.56 43.98 -14.81
CA THR U 64 -68.48 45.43 -14.88
C THR U 64 -69.86 46.08 -14.96
N GLN U 65 -70.83 45.40 -15.57
CA GLN U 65 -72.20 45.93 -15.64
C GLN U 65 -72.92 45.91 -14.30
N TYR U 66 -72.41 45.16 -13.33
CA TYR U 66 -73.02 45.08 -12.02
C TYR U 66 -72.26 45.84 -10.95
N GLY U 67 -71.10 46.40 -11.26
CA GLY U 67 -70.39 47.25 -10.34
C GLY U 67 -69.45 46.55 -9.38
N VAL U 68 -69.04 45.32 -9.69
CA VAL U 68 -68.19 44.55 -8.80
C VAL U 68 -66.74 44.96 -9.05
N THR U 69 -66.05 45.36 -7.98
CA THR U 69 -64.67 45.83 -8.07
C THR U 69 -63.83 45.10 -7.04
N GLY U 70 -62.53 44.98 -7.33
CA GLY U 70 -61.58 44.48 -6.37
C GLY U 70 -61.61 42.98 -6.20
N PRO U 71 -61.12 42.50 -5.06
CA PRO U 71 -61.09 41.04 -4.83
C PRO U 71 -62.46 40.39 -4.84
N SER U 72 -63.53 41.13 -4.57
CA SER U 72 -64.86 40.55 -4.65
C SER U 72 -65.24 40.18 -6.08
N ARG U 73 -64.48 40.63 -7.07
CA ARG U 73 -64.65 40.09 -8.41
C ARG U 73 -64.25 38.62 -8.47
N ALA U 74 -63.11 38.28 -7.84
CA ALA U 74 -62.57 36.92 -7.91
C ALA U 74 -63.63 35.88 -7.58
N ILE U 75 -64.48 36.16 -6.59
CA ILE U 75 -65.56 35.25 -6.21
C ILE U 75 -66.27 34.76 -7.46
N TYR U 76 -66.91 35.69 -8.18
CA TYR U 76 -67.68 35.28 -9.35
C TYR U 76 -66.79 34.72 -10.43
N GLN U 77 -65.59 35.29 -10.61
CA GLN U 77 -64.66 34.69 -11.56
C GLN U 77 -64.43 33.24 -11.21
N GLY U 78 -64.10 32.97 -9.95
CA GLY U 78 -63.95 31.59 -9.52
C GLY U 78 -65.17 30.77 -9.82
N TYR U 79 -66.34 31.27 -9.42
CA TYR U 79 -67.57 30.52 -9.67
C TYR U 79 -67.72 30.22 -11.15
N GLY U 80 -67.48 31.23 -11.99
CA GLY U 80 -67.58 31.01 -13.41
C GLY U 80 -66.71 29.86 -13.86
N LEU U 81 -65.43 29.89 -13.48
CA LEU U 81 -64.53 28.83 -13.88
C LEU U 81 -65.03 27.48 -13.37
N LYS U 82 -65.50 27.43 -12.13
CA LYS U 82 -66.04 26.18 -11.60
C LYS U 82 -67.11 25.64 -12.51
N VAL U 83 -68.09 26.48 -12.90
CA VAL U 83 -69.14 26.01 -13.78
C VAL U 83 -68.53 25.54 -15.10
N ALA U 84 -67.61 26.31 -15.67
CA ALA U 84 -67.00 25.90 -16.92
C ALA U 84 -66.34 24.55 -16.78
N ARG U 85 -65.70 24.30 -15.64
CA ARG U 85 -65.07 23.01 -15.41
C ARG U 85 -66.06 21.88 -15.57
N ALA U 86 -67.23 22.02 -14.96
CA ALA U 86 -68.25 20.98 -15.06
C ALA U 86 -68.67 20.76 -16.50
N LEU U 87 -68.84 21.85 -17.25
CA LEU U 87 -69.24 21.69 -18.65
C LEU U 87 -68.16 20.96 -19.43
N ASN U 88 -66.91 21.10 -19.01
CA ASN U 88 -65.84 20.41 -19.69
C ASN U 88 -65.76 18.95 -19.29
N ARG U 89 -66.24 18.62 -18.09
CA ARG U 89 -66.04 17.28 -17.55
C ARG U 89 -67.16 16.34 -17.96
N ILE U 90 -68.40 16.73 -17.70
CA ILE U 90 -69.52 15.80 -17.83
C ILE U 90 -70.48 16.14 -18.97
N GLY U 91 -70.43 17.36 -19.49
CA GLY U 91 -71.33 17.77 -20.57
C GLY U 91 -72.60 18.40 -20.04
N ALA U 92 -73.45 18.80 -20.98
CA ALA U 92 -74.74 19.41 -20.64
C ALA U 92 -75.80 18.34 -20.44
N GLY U 93 -76.71 18.60 -19.50
CA GLY U 93 -77.74 17.66 -19.17
C GLY U 93 -78.16 17.76 -17.72
N PRO U 94 -78.93 16.78 -17.24
CA PRO U 94 -79.38 16.82 -15.84
C PRO U 94 -78.25 16.85 -14.81
N ALA U 95 -77.13 16.18 -15.09
CA ALA U 95 -76.00 16.23 -14.18
C ALA U 95 -75.45 17.64 -14.06
N LEU U 96 -75.41 18.39 -15.17
CA LEU U 96 -74.93 19.76 -15.11
C LEU U 96 -75.89 20.65 -14.35
N THR U 97 -77.19 20.39 -14.43
CA THR U 97 -78.15 21.14 -13.63
C THR U 97 -77.93 20.88 -12.14
N ASN U 98 -77.75 19.60 -11.78
CA ASN U 98 -77.49 19.27 -10.39
C ASN U 98 -76.23 19.96 -9.88
N MET U 99 -75.15 19.93 -10.66
CA MET U 99 -73.92 20.56 -10.20
C MET U 99 -74.02 22.07 -10.17
N VAL U 100 -74.74 22.70 -11.09
CA VAL U 100 -74.88 24.14 -11.06
C VAL U 100 -75.67 24.57 -9.82
N ALA U 101 -76.74 23.84 -9.50
CA ALA U 101 -77.48 24.13 -8.27
C ALA U 101 -76.59 23.95 -7.04
N GLY U 102 -75.82 22.86 -6.99
CA GLY U 102 -74.95 22.65 -5.85
C GLY U 102 -73.87 23.70 -5.72
N LEU U 103 -73.33 24.18 -6.85
CA LEU U 103 -72.31 25.22 -6.80
C LEU U 103 -72.88 26.55 -6.35
N LYS U 104 -74.11 26.86 -6.78
CA LYS U 104 -74.75 28.08 -6.31
C LYS U 104 -74.97 28.03 -4.80
N ALA U 105 -75.44 26.89 -4.29
CA ALA U 105 -75.59 26.73 -2.85
C ALA U 105 -74.26 26.89 -2.13
N TYR U 106 -73.23 26.21 -2.63
CA TYR U 106 -71.88 26.34 -2.11
C TYR U 106 -71.49 27.80 -1.96
N TYR U 107 -71.54 28.56 -3.06
CA TYR U 107 -71.00 29.92 -3.02
C TYR U 107 -71.88 30.87 -2.21
N VAL U 108 -73.19 30.75 -2.31
CA VAL U 108 -74.07 31.64 -1.55
C VAL U 108 -73.91 31.39 -0.05
N SER U 109 -73.78 30.13 0.37
CA SER U 109 -73.74 29.87 1.80
C SER U 109 -72.35 30.04 2.39
N ALA U 110 -71.29 29.77 1.62
CA ALA U 110 -69.96 29.83 2.21
C ALA U 110 -69.26 31.16 1.98
N TYR U 111 -69.51 31.83 0.84
CA TYR U 111 -68.74 33.02 0.50
C TYR U 111 -69.59 34.26 0.36
N GLY U 112 -70.89 34.20 0.67
CA GLY U 112 -71.72 35.38 0.67
C GLY U 112 -71.88 36.03 -0.69
N ALA U 113 -71.93 35.24 -1.75
CA ALA U 113 -72.12 35.79 -3.08
C ALA U 113 -73.57 36.21 -3.29
N ASN U 114 -73.78 37.11 -4.25
CA ASN U 114 -75.08 37.62 -4.64
C ASN U 114 -75.76 36.63 -5.59
N PRO U 115 -76.98 36.19 -5.31
CA PRO U 115 -77.64 35.24 -6.23
C PRO U 115 -77.91 35.83 -7.60
N GLU U 116 -78.18 37.13 -7.70
CA GLU U 116 -78.45 37.73 -9.00
C GLU U 116 -77.20 37.74 -9.88
N ILE U 117 -76.04 38.03 -9.30
CA ILE U 117 -74.82 38.03 -10.09
C ILE U 117 -74.39 36.61 -10.45
N LEU U 118 -74.71 35.64 -9.58
CA LEU U 118 -74.46 34.25 -9.94
C LEU U 118 -75.34 33.82 -11.10
N ASP U 119 -76.60 34.27 -11.10
CA ASP U 119 -77.48 34.03 -12.24
C ASP U 119 -76.93 34.66 -13.51
N ALA U 120 -76.44 35.91 -13.41
CA ALA U 120 -75.89 36.57 -14.59
C ALA U 120 -74.66 35.83 -15.12
N VAL U 121 -73.81 35.32 -14.23
CA VAL U 121 -72.62 34.62 -14.66
C VAL U 121 -72.98 33.30 -15.33
N THR U 122 -73.85 32.51 -14.70
CA THR U 122 -74.24 31.25 -15.30
C THR U 122 -75.08 31.46 -16.55
N ASN U 123 -75.68 32.64 -16.73
CA ASN U 123 -76.41 32.94 -17.95
C ASN U 123 -75.46 33.29 -19.08
N ILE U 124 -74.37 34.01 -18.79
CA ILE U 124 -73.40 34.28 -19.84
C ILE U 124 -72.63 33.02 -20.20
N ILE U 125 -72.53 32.06 -19.27
CA ILE U 125 -71.75 30.85 -19.55
C ILE U 125 -72.60 29.77 -20.20
N LEU U 126 -73.70 29.38 -19.56
CA LEU U 126 -74.49 28.26 -20.03
C LEU U 126 -75.67 28.66 -20.90
N GLY U 127 -76.08 29.92 -20.87
CA GLY U 127 -77.19 30.41 -21.66
C GLY U 127 -78.44 30.66 -20.87
N SER U 128 -78.58 30.07 -19.69
CA SER U 128 -79.74 30.25 -18.85
C SER U 128 -79.28 30.33 -17.40
N PRO U 129 -80.03 31.04 -16.55
CA PRO U 129 -79.67 31.08 -15.12
C PRO U 129 -79.70 29.71 -14.45
N THR U 130 -80.65 28.86 -14.84
CA THR U 130 -80.70 27.52 -14.28
C THR U 130 -79.80 26.54 -15.03
N GLY U 131 -79.55 26.80 -16.31
CA GLY U 131 -78.69 25.94 -17.10
C GLY U 131 -79.39 24.90 -17.94
N TYR U 132 -80.71 24.94 -18.04
CA TYR U 132 -81.43 23.95 -18.83
C TYR U 132 -81.12 24.14 -20.30
N ALA V 2 46.11 -53.98 9.99
CA ALA V 2 46.41 -53.70 11.39
C ALA V 2 45.14 -53.64 12.22
N LYS V 3 44.23 -54.57 11.97
CA LYS V 3 42.94 -54.60 12.67
C LYS V 3 42.75 -55.85 13.50
N GLY V 4 43.11 -57.01 12.98
CA GLY V 4 42.94 -58.24 13.73
C GLY V 4 44.26 -58.91 14.04
N ARG V 5 45.24 -58.11 14.46
CA ARG V 5 46.61 -58.59 14.60
C ARG V 5 46.95 -59.05 16.00
N THR V 6 46.38 -58.44 17.02
CA THR V 6 46.61 -58.87 18.39
C THR V 6 45.31 -59.41 18.99
N PRO V 7 45.40 -60.41 19.86
CA PRO V 7 44.18 -60.97 20.47
C PRO V 7 43.51 -59.98 21.41
N ARG V 8 42.18 -59.99 21.39
CA ARG V 8 41.36 -59.09 22.20
C ARG V 8 40.47 -59.89 23.13
N SER V 9 40.57 -59.63 24.43
CA SER V 9 39.77 -60.32 25.42
C SER V 9 38.41 -59.65 25.54
N PHE V 10 37.56 -60.18 26.44
CA PHE V 10 36.23 -59.62 26.60
C PHE V 10 36.26 -58.18 27.08
N SER V 11 37.12 -57.87 28.06
CA SER V 11 37.14 -56.52 28.59
C SER V 11 37.62 -55.52 27.55
N GLN V 12 38.55 -55.93 26.68
CA GLN V 12 39.03 -55.03 25.63
C GLN V 12 37.96 -54.79 24.57
N ARG V 13 37.34 -55.86 24.07
CA ARG V 13 36.26 -55.71 23.11
C ARG V 13 35.13 -54.87 23.67
N TYR V 14 34.75 -55.13 24.92
CA TYR V 14 33.67 -54.39 25.54
C TYR V 14 34.03 -52.93 25.74
N GLY V 15 35.26 -52.65 26.16
CA GLY V 15 35.68 -51.27 26.31
C GLY V 15 35.63 -50.50 25.02
N LYS V 16 36.17 -51.08 23.94
CA LYS V 16 36.16 -50.37 22.67
C LYS V 16 34.75 -50.23 22.12
N TRP V 17 33.94 -51.29 22.21
CA TRP V 17 32.58 -51.23 21.70
C TRP V 17 31.77 -50.19 22.46
N ASN V 18 31.91 -50.15 23.78
CA ASN V 18 31.18 -49.19 24.60
C ASN V 18 31.64 -47.77 24.32
N ALA V 19 32.94 -47.57 24.10
CA ALA V 19 33.44 -46.24 23.76
C ALA V 19 32.85 -45.76 22.43
N LYS V 20 32.88 -46.62 21.41
CA LYS V 20 32.36 -46.23 20.11
C LYS V 20 30.85 -46.02 20.14
N PHE V 21 30.14 -46.81 20.94
CA PHE V 21 28.69 -46.65 21.05
C PHE V 21 28.33 -45.36 21.79
N THR V 22 29.07 -45.03 22.84
CA THR V 22 28.86 -43.78 23.54
C THR V 22 29.16 -42.58 22.64
N ALA V 23 30.21 -42.69 21.83
CA ALA V 23 30.52 -41.62 20.89
C ALA V 23 29.42 -41.44 19.86
N PHE V 24 28.97 -42.54 19.25
CA PHE V 24 27.98 -42.44 18.18
C PHE V 24 26.63 -41.93 18.67
N SER V 25 26.35 -41.98 19.97
CA SER V 25 25.09 -41.47 20.51
C SER V 25 25.07 -39.94 20.59
N ASN V 26 26.20 -39.28 20.36
CA ASN V 26 26.22 -37.83 20.29
C ASN V 26 25.41 -37.35 19.09
N PRO V 27 24.64 -36.27 19.23
CA PRO V 27 23.82 -35.81 18.09
C PRO V 27 24.64 -35.45 16.87
N THR V 28 25.72 -34.69 17.03
CA THR V 28 26.51 -34.24 15.89
C THR V 28 27.21 -35.41 15.20
N VAL V 29 27.74 -36.35 15.98
CA VAL V 29 28.46 -37.50 15.40
C VAL V 29 27.53 -38.31 14.51
N ALA V 30 26.42 -38.77 15.08
CA ALA V 30 25.49 -39.62 14.35
C ALA V 30 24.89 -38.88 13.17
N SER V 31 24.47 -37.63 13.38
CA SER V 31 23.89 -36.83 12.31
C SER V 31 24.85 -36.69 11.15
N THR V 32 26.10 -36.29 11.43
CA THR V 32 27.09 -36.10 10.38
C THR V 32 27.35 -37.40 9.63
N ILE V 33 27.57 -38.50 10.35
CA ILE V 33 27.93 -39.74 9.68
C ILE V 33 26.80 -40.22 8.78
N LEU V 34 25.58 -40.23 9.30
CA LEU V 34 24.47 -40.76 8.53
C LEU V 34 24.11 -39.86 7.35
N THR V 35 24.17 -38.54 7.54
CA THR V 35 23.91 -37.62 6.44
C THR V 35 24.97 -37.74 5.35
N ASN V 36 26.21 -38.04 5.74
CA ASN V 36 27.26 -38.18 4.73
C ASN V 36 27.12 -39.49 3.96
N VAL V 37 26.70 -40.57 4.63
CA VAL V 37 26.60 -41.87 3.94
C VAL V 37 25.23 -42.13 3.34
N ALA V 38 24.28 -41.21 3.47
CA ALA V 38 22.95 -41.45 2.89
C ALA V 38 22.97 -41.77 1.40
N PRO V 39 23.60 -40.99 0.51
CA PRO V 39 23.51 -41.32 -0.93
C PRO V 39 24.15 -42.66 -1.31
N ILE V 40 25.26 -43.01 -0.66
CA ILE V 40 25.92 -44.27 -0.98
C ILE V 40 25.10 -45.45 -0.49
N ALA V 41 24.48 -45.31 0.69
CA ALA V 41 23.60 -46.35 1.20
C ALA V 41 22.39 -46.55 0.30
N GLN V 42 21.77 -45.45 -0.15
CA GLN V 42 20.68 -45.55 -1.11
C GLN V 42 21.13 -46.24 -2.39
N GLY V 43 22.32 -45.91 -2.88
CA GLY V 43 22.81 -46.54 -4.09
C GLY V 43 23.06 -48.04 -3.92
N ASN V 44 23.60 -48.43 -2.77
CA ASN V 44 23.83 -49.86 -2.53
C ASN V 44 22.51 -50.62 -2.41
N PHE V 45 21.55 -50.05 -1.71
CA PHE V 45 20.22 -50.65 -1.63
C PHE V 45 19.62 -50.83 -3.03
N GLN V 46 19.63 -49.76 -3.83
CA GLN V 46 19.05 -49.84 -5.17
C GLN V 46 19.80 -50.82 -6.06
N THR V 47 21.10 -50.97 -5.85
CA THR V 47 21.88 -51.88 -6.68
C THR V 47 21.61 -53.33 -6.31
N ASN V 48 21.38 -53.63 -5.03
CA ASN V 48 21.36 -55.01 -4.59
C ASN V 48 19.97 -55.61 -4.36
N VAL V 49 19.04 -54.88 -3.78
CA VAL V 49 17.81 -55.47 -3.26
C VAL V 49 16.86 -56.05 -4.32
N PRO V 50 16.73 -55.45 -5.52
CA PRO V 50 15.81 -56.06 -6.52
C PRO V 50 16.10 -57.51 -6.83
N LYS V 51 17.38 -57.92 -6.82
CA LYS V 51 17.73 -59.31 -7.06
C LYS V 51 17.17 -60.25 -6.00
N PHE V 52 16.86 -59.74 -4.81
CA PHE V 52 16.33 -60.56 -3.74
C PHE V 52 14.83 -60.46 -3.61
N THR V 53 14.23 -59.33 -3.95
CA THR V 53 12.77 -59.29 -4.05
C THR V 53 12.27 -60.18 -5.20
N SER V 54 13.02 -60.24 -6.30
CA SER V 54 12.65 -61.14 -7.38
C SER V 54 12.68 -62.60 -6.92
N VAL V 55 13.69 -62.96 -6.15
CA VAL V 55 13.79 -64.31 -5.61
C VAL V 55 12.64 -64.60 -4.67
N ASN V 56 12.29 -63.64 -3.82
CA ASN V 56 11.14 -63.82 -2.94
C ASN V 56 9.89 -64.14 -3.75
N GLU V 57 9.65 -63.37 -4.81
CA GLU V 57 8.41 -63.58 -5.58
C GLU V 57 8.41 -64.92 -6.32
N GLN V 58 9.53 -65.29 -6.94
CA GLN V 58 9.57 -66.56 -7.66
C GLN V 58 9.48 -67.76 -6.72
N VAL V 59 10.18 -67.71 -5.58
CA VAL V 59 10.09 -68.82 -4.64
C VAL V 59 8.70 -68.90 -4.04
N SER V 60 8.02 -67.76 -3.87
CA SER V 60 6.64 -67.80 -3.41
C SER V 60 5.75 -68.52 -4.42
N ALA V 61 5.93 -68.19 -5.71
CA ALA V 61 5.20 -68.89 -6.76
C ALA V 61 5.45 -70.40 -6.70
N VAL V 62 6.70 -70.80 -6.52
CA VAL V 62 7.03 -72.23 -6.48
C VAL V 62 6.44 -72.88 -5.24
N LEU V 63 6.44 -72.17 -4.10
CA LEU V 63 5.97 -72.76 -2.86
C LEU V 63 4.46 -72.96 -2.86
N THR V 64 3.72 -72.04 -3.49
CA THR V 64 2.27 -72.21 -3.54
C THR V 64 1.87 -73.42 -4.38
N GLN V 65 2.69 -73.78 -5.37
CA GLN V 65 2.40 -74.96 -6.19
C GLN V 65 2.64 -76.26 -5.45
N TYR V 66 3.42 -76.25 -4.37
CA TYR V 66 3.74 -77.46 -3.63
C TYR V 66 2.95 -77.61 -2.35
N GLY V 67 2.07 -76.67 -2.02
CA GLY V 67 1.24 -76.79 -0.85
C GLY V 67 1.89 -76.39 0.46
N VAL V 68 2.92 -75.57 0.41
CA VAL V 68 3.66 -75.18 1.62
C VAL V 68 3.03 -73.93 2.19
N THR V 69 2.68 -73.98 3.46
CA THR V 69 1.98 -72.88 4.13
C THR V 69 2.61 -72.60 5.48
N GLY V 70 2.55 -71.34 5.88
CA GLY V 70 2.94 -70.93 7.20
C GLY V 70 4.43 -70.75 7.36
N PRO V 71 4.93 -70.92 8.59
CA PRO V 71 6.37 -70.79 8.82
C PRO V 71 7.22 -71.76 8.01
N SER V 72 6.68 -72.91 7.60
CA SER V 72 7.42 -73.82 6.73
C SER V 72 7.82 -73.16 5.42
N ARG V 73 7.13 -72.10 5.01
CA ARG V 73 7.56 -71.35 3.84
C ARG V 73 8.88 -70.65 4.09
N ALA V 74 9.03 -70.02 5.25
CA ALA V 74 10.26 -69.29 5.56
C ALA V 74 11.48 -70.13 5.30
N ILE V 75 11.45 -71.41 5.71
CA ILE V 75 12.56 -72.33 5.47
C ILE V 75 13.03 -72.20 4.03
N TYR V 76 12.15 -72.54 3.09
CA TYR V 76 12.56 -72.53 1.70
C TYR V 76 12.87 -71.13 1.23
N GLN V 77 12.09 -70.13 1.68
CA GLN V 77 12.44 -68.76 1.33
C GLN V 77 13.86 -68.47 1.75
N GLY V 78 14.20 -68.78 3.00
CA GLY V 78 15.56 -68.57 3.46
C GLY V 78 16.56 -69.27 2.57
N TYR V 79 16.31 -70.55 2.27
CA TYR V 79 17.23 -71.28 1.42
C TYR V 79 17.42 -70.54 0.11
N GLY V 80 16.31 -70.12 -0.50
CA GLY V 80 16.41 -69.39 -1.74
C GLY V 80 17.31 -68.20 -1.61
N LEU V 81 17.08 -67.36 -0.61
CA LEU V 81 17.90 -66.16 -0.45
C LEU V 81 19.36 -66.54 -0.28
N LYS V 82 19.63 -67.58 0.52
CA LYS V 82 21.00 -68.02 0.68
C LYS V 82 21.63 -68.31 -0.68
N VAL V 83 20.96 -69.10 -1.51
CA VAL V 83 21.49 -69.40 -2.84
C VAL V 83 21.74 -68.11 -3.61
N ALA V 84 20.76 -67.21 -3.59
CA ALA V 84 20.93 -65.95 -4.32
C ALA V 84 22.14 -65.19 -3.83
N ARG V 85 22.37 -65.17 -2.51
CA ARG V 85 23.54 -64.51 -1.96
C ARG V 85 24.81 -65.08 -2.56
N ALA V 86 24.89 -66.40 -2.64
CA ALA V 86 26.05 -67.03 -3.27
C ALA V 86 26.23 -66.54 -4.69
N LEU V 87 25.15 -66.54 -5.48
CA LEU V 87 25.26 -66.10 -6.86
C LEU V 87 25.71 -64.66 -6.95
N ASN V 88 25.35 -63.85 -5.96
CA ASN V 88 25.77 -62.45 -5.99
C ASN V 88 27.23 -62.31 -5.61
N ARG V 89 27.73 -63.17 -4.74
CA ARG V 89 29.05 -62.96 -4.18
C ARG V 89 30.13 -63.46 -5.11
N ILE V 90 30.03 -64.71 -5.55
CA ILE V 90 31.11 -65.35 -6.28
C ILE V 90 30.79 -65.61 -7.74
N GLY V 91 29.52 -65.57 -8.14
CA GLY V 91 29.15 -65.77 -9.53
C GLY V 91 28.86 -67.22 -9.84
N ALA V 92 28.68 -67.48 -11.13
CA ALA V 92 28.38 -68.83 -11.60
C ALA V 92 29.65 -69.57 -11.96
N GLY V 93 29.66 -70.88 -11.70
CA GLY V 93 30.83 -71.70 -11.92
C GLY V 93 30.89 -72.83 -10.91
N PRO V 94 31.99 -73.58 -10.93
CA PRO V 94 32.10 -74.73 -10.00
C PRO V 94 31.98 -74.37 -8.53
N ALA V 95 32.43 -73.18 -8.13
CA ALA V 95 32.29 -72.77 -6.74
C ALA V 95 30.82 -72.63 -6.35
N LEU V 96 30.00 -72.13 -7.28
CA LEU V 96 28.57 -72.05 -7.01
C LEU V 96 27.94 -73.43 -6.88
N THR V 97 28.44 -74.41 -7.64
CA THR V 97 27.95 -75.78 -7.50
C THR V 97 28.30 -76.35 -6.13
N ASN V 98 29.55 -76.15 -5.71
CA ASN V 98 29.96 -76.62 -4.38
C ASN V 98 29.11 -75.97 -3.29
N MET V 99 28.85 -74.66 -3.41
CA MET V 99 28.10 -73.98 -2.37
C MET V 99 26.63 -74.39 -2.37
N VAL V 100 26.03 -74.62 -3.55
CA VAL V 100 24.65 -75.09 -3.57
C VAL V 100 24.53 -76.46 -2.95
N ALA V 101 25.49 -77.36 -3.22
CA ALA V 101 25.47 -78.67 -2.58
C ALA V 101 25.61 -78.55 -1.07
N GLY V 102 26.53 -77.69 -0.60
CA GLY V 102 26.69 -77.51 0.82
C GLY V 102 25.47 -76.93 1.49
N LEU V 103 24.78 -76.00 0.81
CA LEU V 103 23.57 -75.42 1.38
C LEU V 103 22.43 -76.42 1.43
N LYS V 104 22.31 -77.28 0.42
CA LYS V 104 21.29 -78.33 0.47
C LYS V 104 21.56 -79.30 1.61
N ALA V 105 22.81 -79.74 1.77
CA ALA V 105 23.15 -80.60 2.89
C ALA V 105 22.84 -79.92 4.21
N TYR V 106 23.22 -78.65 4.34
CA TYR V 106 22.93 -77.87 5.54
C TYR V 106 21.45 -77.88 5.87
N TYR V 107 20.61 -77.47 4.93
CA TYR V 107 19.19 -77.33 5.23
C TYR V 107 18.52 -78.68 5.46
N VAL V 108 18.87 -79.69 4.67
CA VAL V 108 18.29 -81.01 4.84
C VAL V 108 18.65 -81.60 6.19
N SER V 109 19.89 -81.42 6.65
CA SER V 109 20.30 -82.10 7.87
C SER V 109 19.94 -81.30 9.12
N ALA V 110 19.94 -79.98 9.05
CA ALA V 110 19.70 -79.20 10.25
C ALA V 110 18.23 -78.84 10.44
N TYR V 111 17.48 -78.66 9.34
CA TYR V 111 16.11 -78.14 9.46
C TYR V 111 15.07 -79.07 8.87
N GLY V 112 15.46 -80.25 8.40
CA GLY V 112 14.48 -81.22 7.92
C GLY V 112 13.67 -80.75 6.74
N ALA V 113 14.30 -80.06 5.80
CA ALA V 113 13.61 -79.60 4.60
C ALA V 113 13.46 -80.76 3.61
N ASN V 114 12.54 -80.58 2.69
CA ASN V 114 12.25 -81.57 1.65
C ASN V 114 13.23 -81.38 0.50
N PRO V 115 13.95 -82.43 0.09
CA PRO V 115 14.88 -82.28 -1.04
C PRO V 115 14.19 -81.90 -2.34
N GLU V 116 12.93 -82.33 -2.54
CA GLU V 116 12.22 -82.00 -3.77
C GLU V 116 11.95 -80.51 -3.88
N ILE V 117 11.48 -79.88 -2.80
CA ILE V 117 11.20 -78.45 -2.85
C ILE V 117 12.50 -77.65 -2.90
N LEU V 118 13.58 -78.16 -2.30
CA LEU V 118 14.88 -77.51 -2.45
C LEU V 118 15.35 -77.55 -3.90
N ASP V 119 15.09 -78.68 -4.59
CA ASP V 119 15.37 -78.77 -6.01
C ASP V 119 14.54 -77.78 -6.81
N ALA V 120 13.25 -77.65 -6.49
CA ALA V 120 12.41 -76.71 -7.23
C ALA V 120 12.84 -75.27 -6.99
N VAL V 121 13.26 -74.94 -5.78
CA VAL V 121 13.74 -73.59 -5.47
C VAL V 121 15.04 -73.32 -6.23
N THR V 122 15.98 -74.27 -6.18
CA THR V 122 17.22 -74.10 -6.93
C THR V 122 16.97 -74.04 -8.43
N ASN V 123 15.90 -74.67 -8.91
CA ASN V 123 15.59 -74.64 -10.33
C ASN V 123 15.02 -73.28 -10.74
N ILE V 124 14.13 -72.72 -9.93
CA ILE V 124 13.59 -71.41 -10.26
C ILE V 124 14.66 -70.32 -10.11
N ILE V 125 15.69 -70.54 -9.27
CA ILE V 125 16.70 -69.51 -9.08
C ILE V 125 17.84 -69.63 -10.08
N LEU V 126 18.40 -70.83 -10.24
CA LEU V 126 19.59 -71.02 -11.06
C LEU V 126 19.30 -71.61 -12.43
N GLY V 127 18.18 -72.30 -12.60
CA GLY V 127 17.82 -72.89 -13.87
C GLY V 127 17.91 -74.39 -13.88
N SER V 128 18.67 -74.98 -12.97
CA SER V 128 18.83 -76.41 -12.85
C SER V 128 18.78 -76.78 -11.37
N PRO V 129 18.30 -77.98 -11.04
CA PRO V 129 18.32 -78.38 -9.62
C PRO V 129 19.71 -78.43 -9.02
N THR V 130 20.71 -78.87 -9.78
CA THR V 130 22.07 -78.90 -9.27
C THR V 130 22.76 -77.55 -9.40
N GLY V 131 22.35 -76.74 -10.36
CA GLY V 131 22.89 -75.41 -10.53
C GLY V 131 24.01 -75.26 -11.53
N TYR V 132 24.29 -76.29 -12.34
CA TYR V 132 25.36 -76.21 -13.33
C TYR V 132 25.04 -75.13 -14.34
N ALA W 2 -53.32 24.94 -5.48
CA ALA W 2 -52.55 24.47 -4.34
C ALA W 2 -51.36 25.40 -4.07
N LYS W 3 -51.62 26.69 -3.93
CA LYS W 3 -50.58 27.67 -3.67
C LYS W 3 -50.81 28.45 -2.38
N GLY W 4 -52.04 28.83 -2.09
CA GLY W 4 -52.34 29.56 -0.88
C GLY W 4 -53.26 28.82 0.05
N ARG W 5 -53.02 27.52 0.22
CA ARG W 5 -53.95 26.67 0.95
C ARG W 5 -53.56 26.43 2.39
N THR W 6 -52.29 26.51 2.73
CA THR W 6 -51.84 26.39 4.10
C THR W 6 -51.10 27.65 4.53
N PRO W 7 -51.24 28.07 5.79
CA PRO W 7 -50.57 29.30 6.23
C PRO W 7 -49.07 29.12 6.34
N ARG W 8 -48.33 30.14 5.92
CA ARG W 8 -46.88 30.10 5.93
C ARG W 8 -46.37 31.21 6.85
N SER W 9 -45.53 30.82 7.81
CA SER W 9 -44.97 31.74 8.79
C SER W 9 -43.77 32.45 8.20
N PHE W 10 -43.13 33.32 8.99
CA PHE W 10 -41.97 34.04 8.48
C PHE W 10 -40.83 33.10 8.13
N SER W 11 -40.64 32.02 8.90
CA SER W 11 -39.55 31.11 8.62
C SER W 11 -39.77 30.35 7.32
N GLN W 12 -41.01 29.92 7.06
CA GLN W 12 -41.28 29.20 5.83
C GLN W 12 -41.19 30.12 4.62
N ARG W 13 -41.75 31.33 4.73
CA ARG W 13 -41.64 32.31 3.65
C ARG W 13 -40.19 32.64 3.36
N TYR W 14 -39.39 32.88 4.40
CA TYR W 14 -38.00 33.25 4.20
C TYR W 14 -37.20 32.08 3.64
N GLY W 15 -37.47 30.86 4.12
CA GLY W 15 -36.78 29.71 3.58
C GLY W 15 -37.03 29.50 2.10
N LYS W 16 -38.30 29.59 1.69
CA LYS W 16 -38.61 29.40 0.28
C LYS W 16 -38.08 30.55 -0.57
N TRP W 17 -38.26 31.80 -0.12
CA TRP W 17 -37.75 32.94 -0.88
C TRP W 17 -36.24 32.87 -1.04
N ASN W 18 -35.52 32.46 0.01
CA ASN W 18 -34.08 32.40 -0.06
C ASN W 18 -33.62 31.26 -0.95
N ALA W 19 -34.30 30.11 -0.89
CA ALA W 19 -33.99 29.01 -1.80
C ALA W 19 -34.17 29.43 -3.25
N LYS W 20 -35.27 30.10 -3.55
CA LYS W 20 -35.54 30.50 -4.93
C LYS W 20 -34.58 31.58 -5.40
N PHE W 21 -34.21 32.52 -4.53
CA PHE W 21 -33.26 33.56 -4.88
C PHE W 21 -31.88 32.97 -5.15
N THR W 22 -31.43 32.04 -4.32
CA THR W 22 -30.15 31.39 -4.55
C THR W 22 -30.17 30.57 -5.84
N ALA W 23 -31.30 29.92 -6.14
CA ALA W 23 -31.41 29.20 -7.40
C ALA W 23 -31.30 30.14 -8.60
N PHE W 24 -32.00 31.28 -8.54
CA PHE W 24 -32.03 32.18 -9.68
C PHE W 24 -30.72 32.94 -9.89
N SER W 25 -29.83 32.96 -8.90
CA SER W 25 -28.54 33.63 -9.06
C SER W 25 -27.56 32.80 -9.86
N ASN W 26 -27.87 31.54 -10.15
CA ASN W 26 -27.04 30.72 -11.00
C ASN W 26 -26.97 31.33 -12.40
N PRO W 27 -25.81 31.29 -13.06
CA PRO W 27 -25.74 31.86 -14.42
C PRO W 27 -26.66 31.16 -15.41
N THR W 28 -26.63 29.83 -15.41
CA THR W 28 -27.44 29.07 -16.37
C THR W 28 -28.93 29.26 -16.12
N VAL W 29 -29.36 29.25 -14.86
CA VAL W 29 -30.78 29.31 -14.54
C VAL W 29 -31.36 30.66 -14.98
N ALA W 30 -30.75 31.75 -14.50
CA ALA W 30 -31.22 33.07 -14.85
C ALA W 30 -31.12 33.32 -16.35
N SER W 31 -30.00 32.92 -16.96
CA SER W 31 -29.83 33.09 -18.40
C SER W 31 -30.93 32.39 -19.18
N THR W 32 -31.20 31.13 -18.84
CA THR W 32 -32.22 30.37 -19.57
C THR W 32 -33.60 30.98 -19.39
N ILE W 33 -33.97 31.30 -18.15
CA ILE W 33 -35.31 31.83 -17.90
C ILE W 33 -35.51 33.15 -18.62
N LEU W 34 -34.52 34.04 -18.54
CA LEU W 34 -34.68 35.38 -19.11
C LEU W 34 -34.62 35.35 -20.63
N THR W 35 -33.73 34.53 -21.20
CA THR W 35 -33.68 34.41 -22.65
C THR W 35 -34.97 33.80 -23.18
N ASN W 36 -35.60 32.90 -22.41
CA ASN W 36 -36.84 32.32 -22.88
C ASN W 36 -38.00 33.31 -22.80
N VAL W 37 -38.09 34.10 -21.72
CA VAL W 37 -39.22 35.00 -21.57
C VAL W 37 -39.00 36.37 -22.22
N ALA W 38 -37.84 36.60 -22.84
CA ALA W 38 -37.58 37.89 -23.49
C ALA W 38 -38.65 38.29 -24.51
N PRO W 39 -39.00 37.47 -25.52
CA PRO W 39 -39.97 37.96 -26.52
C PRO W 39 -41.37 38.18 -25.98
N ILE W 40 -41.82 37.37 -25.02
CA ILE W 40 -43.15 37.56 -24.44
C ILE W 40 -43.18 38.84 -23.62
N ALA W 41 -42.10 39.12 -22.90
CA ALA W 41 -42.02 40.36 -22.14
C ALA W 41 -41.99 41.57 -23.06
N GLN W 42 -41.26 41.48 -24.17
CA GLN W 42 -41.27 42.56 -25.17
C GLN W 42 -42.67 42.79 -25.71
N GLY W 43 -43.40 41.71 -26.00
CA GLY W 43 -44.75 41.86 -26.49
C GLY W 43 -45.69 42.48 -25.47
N ASN W 44 -45.54 42.12 -24.19
CA ASN W 44 -46.41 42.68 -23.16
C ASN W 44 -46.12 44.16 -22.94
N PHE W 45 -44.83 44.54 -22.96
CA PHE W 45 -44.47 45.96 -22.90
C PHE W 45 -45.09 46.72 -24.07
N GLN W 46 -44.87 46.23 -25.29
CA GLN W 46 -45.41 46.90 -26.47
C GLN W 46 -46.92 46.98 -26.45
N THR W 47 -47.59 46.01 -25.82
CA THR W 47 -49.03 46.04 -25.76
C THR W 47 -49.54 47.05 -24.73
N ASN W 48 -48.87 47.17 -23.59
CA ASN W 48 -49.48 47.90 -22.48
C ASN W 48 -48.93 49.29 -22.23
N VAL W 49 -47.67 49.58 -22.53
CA VAL W 49 -47.07 50.84 -22.10
C VAL W 49 -47.56 52.06 -22.88
N PRO W 50 -47.85 52.00 -24.18
CA PRO W 50 -48.34 53.21 -24.88
C PRO W 50 -49.56 53.85 -24.23
N LYS W 51 -50.50 53.04 -23.73
CA LYS W 51 -51.67 53.58 -23.06
C LYS W 51 -51.31 54.46 -21.87
N PHE W 52 -50.15 54.25 -21.26
CA PHE W 52 -49.74 54.99 -20.08
C PHE W 52 -48.81 56.14 -20.40
N THR W 53 -47.96 56.02 -21.42
CA THR W 53 -47.21 57.19 -21.88
C THR W 53 -48.15 58.26 -22.42
N SER W 54 -49.21 57.85 -23.14
CA SER W 54 -50.19 58.82 -23.63
C SER W 54 -50.85 59.55 -22.47
N VAL W 55 -51.19 58.82 -21.41
CA VAL W 55 -51.81 59.44 -20.24
C VAL W 55 -50.84 60.41 -19.59
N ASN W 56 -49.57 60.03 -19.48
CA ASN W 56 -48.56 60.93 -18.93
C ASN W 56 -48.52 62.24 -19.69
N GLU W 57 -48.46 62.17 -21.02
CA GLU W 57 -48.38 63.40 -21.82
C GLU W 57 -49.64 64.25 -21.67
N GLN W 58 -50.82 63.63 -21.70
CA GLN W 58 -52.06 64.39 -21.60
C GLN W 58 -52.22 65.04 -20.23
N VAL W 59 -51.93 64.29 -19.16
CA VAL W 59 -52.07 64.83 -17.82
C VAL W 59 -51.05 65.92 -17.57
N SER W 60 -49.84 65.82 -18.13
CA SER W 60 -48.88 66.90 -17.97
C SER W 60 -49.36 68.16 -18.68
N ALA W 61 -49.90 68.01 -19.90
CA ALA W 61 -50.49 69.15 -20.59
C ALA W 61 -51.58 69.81 -19.75
N VAL W 62 -52.41 69.00 -19.08
CA VAL W 62 -53.45 69.56 -18.22
C VAL W 62 -52.85 70.27 -17.02
N LEU W 63 -51.80 69.69 -16.43
CA LEU W 63 -51.23 70.24 -15.21
C LEU W 63 -50.52 71.57 -15.47
N THR W 64 -49.97 71.74 -16.67
CA THR W 64 -49.32 73.01 -16.98
C THR W 64 -50.33 74.16 -17.03
N GLN W 65 -51.58 73.89 -17.42
CA GLN W 65 -52.60 74.92 -17.47
C GLN W 65 -53.12 75.31 -16.09
N TYR W 66 -52.83 74.54 -15.06
CA TYR W 66 -53.28 74.86 -13.71
C TYR W 66 -52.17 75.37 -12.81
N GLY W 67 -50.93 75.43 -13.29
CA GLY W 67 -49.84 76.00 -12.51
C GLY W 67 -49.19 75.06 -11.54
N VAL W 68 -49.33 73.75 -11.71
CA VAL W 68 -48.76 72.78 -10.80
C VAL W 68 -47.33 72.50 -11.22
N THR W 69 -46.40 72.64 -10.26
CA THR W 69 -44.98 72.48 -10.53
C THR W 69 -44.38 71.56 -9.48
N GLY W 70 -43.22 70.98 -9.80
CA GLY W 70 -42.45 70.22 -8.86
C GLY W 70 -43.06 68.90 -8.47
N PRO W 71 -42.70 68.40 -7.28
CA PRO W 71 -43.25 67.11 -6.83
C PRO W 71 -44.76 67.09 -6.70
N SER W 72 -45.41 68.25 -6.56
CA SER W 72 -46.87 68.29 -6.54
C SER W 72 -47.46 67.79 -7.84
N ARG W 73 -46.72 67.86 -8.94
CA ARG W 73 -47.20 67.25 -10.18
C ARG W 73 -47.33 65.74 -10.03
N ALA W 74 -46.36 65.10 -9.39
CA ALA W 74 -46.39 63.65 -9.24
C ALA W 74 -47.71 63.16 -8.69
N ILE W 75 -48.24 63.84 -7.67
CA ILE W 75 -49.53 63.49 -7.09
C ILE W 75 -50.54 63.23 -8.20
N TYR W 76 -50.80 64.26 -9.00
CA TYR W 76 -51.83 64.12 -10.02
C TYR W 76 -51.43 63.12 -11.07
N GLN W 77 -50.16 63.10 -11.47
CA GLN W 77 -49.72 62.09 -12.41
C GLN W 77 -50.06 60.71 -11.87
N GLY W 78 -49.72 60.45 -10.61
CA GLY W 78 -50.06 59.17 -10.02
C GLY W 78 -51.53 58.87 -10.13
N TYR W 79 -52.37 59.83 -9.72
CA TYR W 79 -53.81 59.62 -9.81
C TYR W 79 -54.20 59.20 -11.22
N GLY W 80 -53.71 59.94 -12.22
CA GLY W 80 -54.07 59.62 -13.58
C GLY W 80 -53.71 58.20 -13.94
N LEU W 81 -52.47 57.79 -13.63
CA LEU W 81 -52.04 56.44 -13.96
C LEU W 81 -52.95 55.43 -13.28
N LYS W 82 -53.31 55.68 -12.02
CA LYS W 82 -54.24 54.81 -11.32
C LYS W 82 -55.53 54.64 -12.13
N VAL W 83 -56.14 55.74 -12.55
CA VAL W 83 -57.36 55.65 -13.33
C VAL W 83 -57.13 54.84 -14.59
N ALA W 84 -56.02 55.11 -15.29
CA ALA W 84 -55.72 54.36 -16.49
C ALA W 84 -55.65 52.87 -16.19
N ARG W 85 -54.99 52.51 -15.09
CA ARG W 85 -54.92 51.10 -14.71
C ARG W 85 -56.31 50.49 -14.62
N ALA W 86 -57.22 51.17 -13.92
CA ALA W 86 -58.56 50.63 -13.79
C ALA W 86 -59.22 50.46 -15.14
N LEU W 87 -59.06 51.44 -16.02
CA LEU W 87 -59.68 51.34 -17.34
C LEU W 87 -59.09 50.17 -18.12
N ASN W 88 -57.81 49.90 -17.92
CA ASN W 88 -57.20 48.77 -18.62
C ASN W 88 -57.65 47.45 -18.01
N ARG W 89 -58.01 47.45 -16.73
CA ARG W 89 -58.25 46.19 -16.04
C ARG W 89 -59.68 45.72 -16.26
N ILE W 90 -60.66 46.54 -15.89
CA ILE W 90 -62.04 46.08 -15.85
C ILE W 90 -62.90 46.68 -16.96
N GLY W 91 -62.48 47.77 -17.58
CA GLY W 91 -63.23 48.39 -18.65
C GLY W 91 -64.19 49.45 -18.15
N ALA W 92 -64.82 50.13 -19.10
CA ALA W 92 -65.74 51.22 -18.79
C ALA W 92 -67.11 50.66 -18.40
N GLY W 93 -67.76 51.33 -17.46
CA GLY W 93 -69.02 50.89 -16.93
C GLY W 93 -69.22 51.34 -15.50
N PRO W 94 -70.26 50.83 -14.84
CA PRO W 94 -70.52 51.23 -13.45
C PRO W 94 -69.37 50.92 -12.49
N ALA W 95 -68.65 49.83 -12.73
CA ALA W 95 -67.52 49.49 -11.86
C ALA W 95 -66.42 50.55 -11.94
N LEU W 96 -66.15 51.06 -13.14
CA LEU W 96 -65.15 52.11 -13.29
C LEU W 96 -65.61 53.39 -12.59
N THR W 97 -66.92 53.66 -12.58
CA THR W 97 -67.42 54.82 -11.85
C THR W 97 -67.19 54.68 -10.35
N ASN W 98 -67.52 53.49 -9.82
CA ASN W 98 -67.25 53.24 -8.40
C ASN W 98 -65.78 53.41 -8.07
N MET W 99 -64.90 52.87 -8.91
CA MET W 99 -63.48 52.98 -8.63
C MET W 99 -62.97 54.41 -8.75
N VAL W 100 -63.52 55.21 -9.68
CA VAL W 100 -63.09 56.60 -9.79
C VAL W 100 -63.49 57.38 -8.55
N ALA W 101 -64.73 57.19 -8.07
CA ALA W 101 -65.14 57.84 -6.83
C ALA W 101 -64.25 57.41 -5.67
N GLY W 102 -63.94 56.12 -5.57
CA GLY W 102 -63.08 55.64 -4.50
C GLY W 102 -61.68 56.20 -4.56
N LEU W 103 -61.10 56.28 -5.76
CA LEU W 103 -59.75 56.82 -5.91
C LEU W 103 -59.71 58.32 -5.63
N LYS W 104 -60.75 59.05 -6.01
CA LYS W 104 -60.79 60.47 -5.67
C LYS W 104 -60.87 60.67 -4.16
N ALA W 105 -61.67 59.86 -3.47
CA ALA W 105 -61.69 59.92 -2.01
C ALA W 105 -60.31 59.60 -1.44
N TYR W 106 -59.69 58.51 -1.93
CA TYR W 106 -58.34 58.15 -1.53
C TYR W 106 -57.40 59.35 -1.60
N TYR W 107 -57.29 59.97 -2.78
CA TYR W 107 -56.28 61.00 -2.97
C TYR W 107 -56.62 62.28 -2.24
N VAL W 108 -57.88 62.72 -2.28
CA VAL W 108 -58.27 63.96 -1.62
C VAL W 108 -58.08 63.86 -0.11
N SER W 109 -58.35 62.70 0.49
CA SER W 109 -58.31 62.65 1.95
C SER W 109 -56.96 62.18 2.48
N ALA W 110 -56.17 61.46 1.67
CA ALA W 110 -54.87 61.00 2.16
C ALA W 110 -53.73 61.94 1.78
N TYR W 111 -53.80 62.57 0.60
CA TYR W 111 -52.66 63.31 0.08
C TYR W 111 -52.97 64.78 -0.16
N GLY W 112 -54.11 65.27 0.31
CA GLY W 112 -54.43 66.68 0.17
C GLY W 112 -54.50 67.18 -1.25
N ALA W 113 -54.92 66.33 -2.18
CA ALA W 113 -55.04 66.74 -3.58
C ALA W 113 -56.27 67.61 -3.79
N ASN W 114 -56.19 68.47 -4.80
CA ASN W 114 -57.22 69.42 -5.17
C ASN W 114 -58.33 68.71 -5.94
N PRO W 115 -59.59 68.83 -5.54
CA PRO W 115 -60.67 68.19 -6.30
C PRO W 115 -60.84 68.74 -7.70
N GLU W 116 -60.56 70.02 -7.92
CA GLU W 116 -60.70 70.60 -9.26
C GLU W 116 -59.69 69.99 -10.22
N ILE W 117 -58.43 69.88 -9.81
CA ILE W 117 -57.42 69.32 -10.70
C ILE W 117 -57.63 67.82 -10.88
N LEU W 118 -58.18 67.14 -9.87
CA LEU W 118 -58.51 65.72 -10.04
C LEU W 118 -59.64 65.55 -11.04
N ASP W 119 -60.65 66.42 -10.98
CA ASP W 119 -61.71 66.41 -11.98
C ASP W 119 -61.15 66.68 -13.37
N ALA W 120 -60.20 67.61 -13.48
CA ALA W 120 -59.62 67.91 -14.79
C ALA W 120 -58.84 66.72 -15.34
N VAL W 121 -58.08 66.05 -14.49
CA VAL W 121 -57.31 64.88 -14.94
C VAL W 121 -58.24 63.76 -15.38
N THR W 122 -59.24 63.44 -14.55
CA THR W 122 -60.16 62.38 -14.95
C THR W 122 -61.00 62.77 -16.15
N ASN W 123 -61.22 64.06 -16.36
CA ASN W 123 -61.93 64.52 -17.56
C ASN W 123 -61.10 64.32 -18.80
N ILE W 124 -59.79 64.60 -18.73
CA ILE W 124 -58.98 64.40 -19.92
C ILE W 124 -58.75 62.91 -20.18
N ILE W 125 -58.83 62.08 -19.15
CA ILE W 125 -58.58 60.65 -19.35
C ILE W 125 -59.83 59.91 -19.80
N LEU W 126 -60.93 60.07 -19.05
CA LEU W 126 -62.12 59.28 -19.31
C LEU W 126 -63.14 59.98 -20.19
N GLY W 127 -63.10 61.31 -20.26
CA GLY W 127 -64.03 62.08 -21.06
C GLY W 127 -64.97 62.94 -20.25
N SER W 128 -65.18 62.64 -18.97
CA SER W 128 -66.02 63.44 -18.10
C SER W 128 -65.45 63.40 -16.70
N PRO W 129 -65.74 64.42 -15.88
CA PRO W 129 -65.23 64.42 -14.50
C PRO W 129 -65.67 63.22 -13.67
N THR W 130 -66.94 62.82 -13.75
CA THR W 130 -67.38 61.65 -13.01
C THR W 130 -66.98 60.36 -13.71
N GLY W 131 -66.84 60.37 -15.03
CA GLY W 131 -66.44 59.20 -15.77
C GLY W 131 -67.56 58.41 -16.41
N TYR W 132 -68.79 58.91 -16.38
CA TYR W 132 -69.92 58.21 -17.00
C TYR W 132 -69.69 58.08 -18.50
N ALA X 2 67.26 -37.34 11.02
CA ALA X 2 67.34 -37.37 12.48
C ALA X 2 66.04 -37.88 13.09
N LYS X 3 65.63 -39.09 12.70
CA LYS X 3 64.40 -39.69 13.19
C LYS X 3 64.63 -41.00 13.92
N GLY X 4 65.46 -41.87 13.37
CA GLY X 4 65.72 -43.15 14.00
C GLY X 4 67.18 -43.32 14.38
N ARG X 5 67.77 -42.29 14.95
CA ARG X 5 69.21 -42.26 15.19
C ARG X 5 69.59 -42.70 16.59
N THR X 6 68.71 -42.55 17.55
CA THR X 6 68.95 -43.00 18.91
C THR X 6 67.95 -44.08 19.29
N PRO X 7 68.36 -45.08 20.07
CA PRO X 7 67.42 -46.13 20.48
C PRO X 7 66.39 -45.61 21.46
N ARG X 8 65.13 -45.96 21.23
CA ARG X 8 64.03 -45.55 22.07
C ARG X 8 63.42 -46.77 22.73
N SER X 9 63.38 -46.77 24.07
CA SER X 9 62.85 -47.88 24.84
C SER X 9 61.33 -47.76 24.93
N PHE X 10 60.71 -48.67 25.68
CA PHE X 10 59.25 -48.68 25.74
C PHE X 10 58.70 -47.43 26.41
N SER X 11 59.37 -46.93 27.44
CA SER X 11 58.87 -45.75 28.13
C SER X 11 58.95 -44.52 27.24
N GLN X 12 60.02 -44.38 26.45
CA GLN X 12 60.12 -43.24 25.55
C GLN X 12 59.11 -43.32 24.42
N ARG X 13 58.97 -44.49 23.81
CA ARG X 13 57.97 -44.68 22.76
C ARG X 13 56.58 -44.39 23.27
N TYR X 14 56.24 -44.95 24.44
CA TYR X 14 54.90 -44.74 24.98
C TYR X 14 54.67 -43.29 25.35
N GLY X 15 55.67 -42.62 25.94
CA GLY X 15 55.52 -41.21 26.26
C GLY X 15 55.25 -40.36 25.04
N LYS X 16 56.07 -40.53 23.98
CA LYS X 16 55.88 -39.70 22.81
C LYS X 16 54.58 -40.05 22.08
N TRP X 17 54.25 -41.34 21.98
CA TRP X 17 53.00 -41.73 21.33
C TRP X 17 51.80 -41.18 22.07
N ASN X 18 51.81 -41.26 23.40
CA ASN X 18 50.69 -40.76 24.18
C ASN X 18 50.57 -39.26 24.08
N ALA X 19 51.72 -38.55 24.04
CA ALA X 19 51.67 -37.10 23.86
C ALA X 19 51.05 -36.74 22.53
N LYS X 20 51.49 -37.39 21.46
CA LYS X 20 50.95 -37.08 20.13
C LYS X 20 49.47 -37.47 20.01
N PHE X 21 49.07 -38.57 20.65
CA PHE X 21 47.67 -38.99 20.61
C PHE X 21 46.79 -38.01 21.38
N THR X 22 47.26 -37.53 22.53
CA THR X 22 46.52 -36.53 23.27
C THR X 22 46.43 -35.23 22.51
N ALA X 23 47.49 -34.88 21.77
CA ALA X 23 47.44 -33.68 20.93
C ALA X 23 46.40 -33.83 19.83
N PHE X 24 46.40 -34.95 19.13
CA PHE X 24 45.51 -35.12 17.98
C PHE X 24 44.04 -35.25 18.38
N SER X 25 43.75 -35.55 19.66
CA SER X 25 42.36 -35.60 20.10
C SER X 25 41.75 -34.22 20.31
N ASN X 26 42.54 -33.17 20.26
CA ASN X 26 42.02 -31.81 20.32
C ASN X 26 41.12 -31.57 19.10
N PRO X 27 40.00 -30.86 19.25
CA PRO X 27 39.14 -30.62 18.10
C PRO X 27 39.80 -29.82 16.99
N THR X 28 40.48 -28.72 17.34
CA THR X 28 41.11 -27.87 16.34
C THR X 28 42.26 -28.59 15.66
N VAL X 29 43.11 -29.27 16.42
CA VAL X 29 44.26 -29.97 15.83
C VAL X 29 43.79 -30.98 14.80
N ALA X 30 42.90 -31.89 15.22
CA ALA X 30 42.42 -32.94 14.34
C ALA X 30 41.70 -32.38 13.13
N SER X 31 40.77 -31.45 13.35
CA SER X 31 39.97 -30.93 12.24
C SER X 31 40.84 -30.17 11.25
N THR X 32 41.78 -29.35 11.74
CA THR X 32 42.67 -28.62 10.85
C THR X 32 43.52 -29.58 10.03
N ILE X 33 44.16 -30.56 10.68
CA ILE X 33 45.05 -31.46 9.96
C ILE X 33 44.28 -32.24 8.90
N LEU X 34 43.11 -32.76 9.27
CA LEU X 34 42.38 -33.62 8.33
C LEU X 34 41.75 -32.82 7.21
N THR X 35 41.21 -31.64 7.51
CA THR X 35 40.69 -30.77 6.47
C THR X 35 41.78 -30.34 5.50
N ASN X 36 43.00 -30.13 6.00
CA ASN X 36 44.09 -29.72 5.11
C ASN X 36 44.56 -30.88 4.23
N VAL X 37 44.63 -32.10 4.77
CA VAL X 37 45.11 -33.22 3.97
C VAL X 37 44.03 -33.91 3.16
N ALA X 38 42.76 -33.46 3.27
CA ALA X 38 41.68 -34.13 2.54
C ALA X 38 41.88 -34.22 1.03
N PRO X 39 42.15 -33.13 0.30
CA PRO X 39 42.29 -33.28 -1.17
C PRO X 39 43.44 -34.17 -1.60
N ILE X 40 44.54 -34.16 -0.87
CA ILE X 40 45.69 -34.99 -1.21
C ILE X 40 45.36 -36.46 -0.95
N ALA X 41 44.67 -36.74 0.15
CA ALA X 41 44.23 -38.10 0.42
C ALA X 41 43.29 -38.60 -0.66
N GLN X 42 42.36 -37.76 -1.09
CA GLN X 42 41.48 -38.12 -2.19
C GLN X 42 42.27 -38.43 -3.45
N GLY X 43 43.29 -37.62 -3.75
CA GLY X 43 44.09 -37.85 -4.94
C GLY X 43 44.87 -39.14 -4.89
N ASN X 44 45.48 -39.44 -3.75
CA ASN X 44 46.23 -40.70 -3.62
C ASN X 44 45.30 -41.91 -3.71
N PHE X 45 44.13 -41.81 -3.09
CA PHE X 45 43.15 -42.89 -3.19
C PHE X 45 42.74 -43.13 -4.64
N GLN X 46 42.35 -42.07 -5.34
CA GLN X 46 41.94 -42.18 -6.73
C GLN X 46 43.07 -42.69 -7.61
N THR X 47 44.32 -42.37 -7.26
CA THR X 47 45.44 -42.80 -8.08
C THR X 47 45.72 -44.28 -7.89
N ASN X 48 45.55 -44.80 -6.67
CA ASN X 48 46.07 -46.12 -6.36
C ASN X 48 45.04 -47.24 -6.27
N VAL X 49 43.81 -46.97 -5.83
CA VAL X 49 42.90 -48.07 -5.52
C VAL X 49 42.36 -48.82 -6.74
N PRO X 50 42.12 -48.19 -7.91
CA PRO X 50 41.61 -48.97 -9.04
C PRO X 50 42.48 -50.16 -9.43
N LYS X 51 43.80 -50.02 -9.33
CA LYS X 51 44.71 -51.12 -9.64
C LYS X 51 44.51 -52.32 -8.74
N PHE X 52 43.86 -52.14 -7.60
CA PHE X 52 43.60 -53.23 -6.67
C PHE X 52 42.17 -53.73 -6.72
N THR X 53 41.21 -52.84 -6.99
CA THR X 53 39.84 -53.28 -7.24
C THR X 53 39.76 -54.17 -8.47
N SER X 54 40.49 -53.82 -9.54
CA SER X 54 40.49 -54.65 -10.73
C SER X 54 41.10 -56.03 -10.45
N VAL X 55 42.16 -56.07 -9.65
CA VAL X 55 42.77 -57.34 -9.28
C VAL X 55 41.80 -58.18 -8.47
N ASN X 56 41.06 -57.54 -7.57
CA ASN X 56 40.03 -58.27 -6.81
C ASN X 56 39.03 -58.94 -7.74
N GLU X 57 38.51 -58.18 -8.72
CA GLU X 57 37.52 -58.76 -9.63
C GLU X 57 38.11 -59.89 -10.47
N GLN X 58 39.32 -59.71 -10.99
CA GLN X 58 39.92 -60.75 -11.84
C GLN X 58 40.24 -62.01 -11.05
N VAL X 59 40.75 -61.86 -9.82
CA VAL X 59 41.06 -63.03 -9.02
C VAL X 59 39.79 -63.74 -8.59
N SER X 60 38.71 -62.99 -8.32
CA SER X 60 37.44 -63.64 -8.01
C SER X 60 36.95 -64.47 -9.19
N ALA X 61 37.04 -63.92 -10.40
CA ALA X 61 36.69 -64.68 -11.60
C ALA X 61 37.51 -65.95 -11.71
N VAL X 62 38.81 -65.87 -11.38
CA VAL X 62 39.67 -67.05 -11.48
C VAL X 62 39.33 -68.07 -10.40
N LEU X 63 38.99 -67.61 -9.20
CA LEU X 63 38.73 -68.52 -8.09
C LEU X 63 37.40 -69.25 -8.27
N THR X 64 36.44 -68.63 -8.96
CA THR X 64 35.16 -69.29 -9.16
C THR X 64 35.29 -70.52 -10.05
N GLN X 65 36.21 -70.50 -11.02
CA GLN X 65 36.34 -71.66 -11.90
C GLN X 65 37.23 -72.75 -11.33
N TYR X 66 37.91 -72.50 -10.20
CA TYR X 66 38.65 -73.53 -9.51
C TYR X 66 37.92 -74.11 -8.31
N GLY X 67 36.72 -73.62 -8.00
CA GLY X 67 35.93 -74.19 -6.94
C GLY X 67 36.27 -73.74 -5.54
N VAL X 68 36.91 -72.58 -5.39
CA VAL X 68 37.32 -72.09 -4.08
C VAL X 68 36.19 -71.26 -3.48
N THR X 69 35.78 -71.60 -2.27
CA THR X 69 34.66 -70.97 -1.59
C THR X 69 35.02 -70.69 -0.14
N GLY X 70 34.40 -69.64 0.40
CA GLY X 70 34.54 -69.31 1.81
C GLY X 70 35.82 -68.59 2.14
N PRO X 71 36.26 -68.69 3.39
CA PRO X 71 37.52 -68.03 3.79
C PRO X 71 38.72 -68.50 2.99
N SER X 72 38.69 -69.70 2.42
CA SER X 72 39.78 -70.15 1.57
C SER X 72 40.01 -69.23 0.38
N ARG X 73 38.98 -68.48 -0.05
CA ARG X 73 39.20 -67.51 -1.10
C ARG X 73 40.12 -66.40 -0.65
N ALA X 74 39.94 -65.93 0.59
CA ALA X 74 40.74 -64.81 1.10
C ALA X 74 42.23 -65.07 0.92
N ILE X 75 42.68 -66.29 1.23
CA ILE X 75 44.08 -66.67 1.03
C ILE X 75 44.56 -66.17 -0.32
N TYR X 76 43.92 -66.64 -1.38
CA TYR X 76 44.40 -66.31 -2.71
C TYR X 76 44.22 -64.83 -3.01
N GLN X 77 43.10 -64.25 -2.59
CA GLN X 77 42.94 -62.81 -2.73
C GLN X 77 44.12 -62.10 -2.11
N GLY X 78 44.49 -62.49 -0.88
CA GLY X 78 45.64 -61.88 -0.25
C GLY X 78 46.89 -61.96 -1.11
N TYR X 79 47.22 -63.17 -1.57
CA TYR X 79 48.38 -63.32 -2.44
C TYR X 79 48.29 -62.36 -3.62
N GLY X 80 47.13 -62.34 -4.28
CA GLY X 80 46.97 -61.47 -5.42
C GLY X 80 47.30 -60.04 -5.07
N LEU X 81 46.70 -59.52 -4.00
CA LEU X 81 46.97 -58.13 -3.64
C LEU X 81 48.44 -57.93 -3.35
N LYS X 82 49.05 -58.86 -2.61
CA LYS X 82 50.48 -58.79 -2.35
C LYS X 82 51.25 -58.66 -3.65
N VAL X 83 50.95 -59.53 -4.63
CA VAL X 83 51.65 -59.47 -5.90
C VAL X 83 51.46 -58.11 -6.54
N ALA X 84 50.21 -57.63 -6.59
CA ALA X 84 49.95 -56.33 -7.18
C ALA X 84 50.76 -55.26 -6.48
N ARG X 85 50.87 -55.35 -5.15
CA ARG X 85 51.65 -54.37 -4.40
C ARG X 85 53.06 -54.28 -4.93
N ALA X 86 53.71 -55.44 -5.11
CA ALA X 86 55.07 -55.44 -5.63
C ALA X 86 55.15 -54.73 -6.97
N LEU X 87 54.20 -55.00 -7.87
CA LEU X 87 54.22 -54.36 -9.18
C LEU X 87 54.08 -52.86 -9.06
N ASN X 88 53.28 -52.40 -8.09
CA ASN X 88 53.09 -50.97 -7.94
C ASN X 88 54.33 -50.31 -7.35
N ARG X 89 55.18 -51.09 -6.66
CA ARG X 89 56.30 -50.48 -5.95
C ARG X 89 57.55 -50.43 -6.81
N ILE X 90 58.00 -51.58 -7.29
CA ILE X 90 59.30 -51.67 -7.96
C ILE X 90 59.18 -51.84 -9.47
N GLY X 91 58.05 -52.31 -9.97
CA GLY X 91 57.84 -52.46 -11.39
C GLY X 91 58.29 -53.82 -11.90
N ALA X 92 58.10 -54.01 -13.20
CA ALA X 92 58.39 -55.30 -13.82
C ALA X 92 59.88 -55.42 -14.12
N GLY X 93 60.41 -56.62 -13.93
CA GLY X 93 61.81 -56.90 -14.11
C GLY X 93 62.28 -58.02 -13.22
N PRO X 94 63.60 -58.26 -13.16
CA PRO X 94 64.10 -59.34 -12.31
C PRO X 94 63.71 -59.23 -10.84
N ALA X 95 63.59 -58.01 -10.33
CA ALA X 95 63.20 -57.83 -8.93
C ALA X 95 61.78 -58.33 -8.69
N LEU X 96 60.85 -58.05 -9.62
CA LEU X 96 59.50 -58.55 -9.47
C LEU X 96 59.45 -60.07 -9.54
N THR X 97 60.32 -60.68 -10.36
CA THR X 97 60.39 -62.14 -10.41
C THR X 97 60.85 -62.71 -9.06
N ASN X 98 61.89 -62.11 -8.48
CA ASN X 98 62.35 -62.54 -7.16
C ASN X 98 61.24 -62.39 -6.12
N MET X 99 60.51 -61.27 -6.17
CA MET X 99 59.42 -61.05 -5.25
C MET X 99 58.32 -62.09 -5.41
N VAL X 100 57.97 -62.45 -6.65
CA VAL X 100 56.91 -63.42 -6.87
C VAL X 100 57.33 -64.79 -6.37
N ALA X 101 58.58 -65.19 -6.61
CA ALA X 101 59.06 -66.47 -6.11
C ALA X 101 59.03 -66.51 -4.58
N GLY X 102 59.46 -65.43 -3.94
CA GLY X 102 59.44 -65.39 -2.49
C GLY X 102 58.05 -65.41 -1.90
N LEU X 103 57.11 -64.70 -2.55
CA LEU X 103 55.73 -64.70 -2.08
C LEU X 103 55.07 -66.06 -2.24
N LYS X 104 55.37 -66.76 -3.34
CA LYS X 104 54.86 -68.11 -3.52
C LYS X 104 55.39 -69.05 -2.44
N ALA X 105 56.70 -68.99 -2.16
CA ALA X 105 57.26 -69.80 -1.08
C ALA X 105 56.58 -69.46 0.25
N TYR X 106 56.41 -68.17 0.52
CA TYR X 106 55.72 -67.71 1.73
C TYR X 106 54.36 -68.37 1.87
N TYR X 107 53.52 -68.25 0.85
CA TYR X 107 52.14 -68.71 0.97
C TYR X 107 52.05 -70.23 1.01
N VAL X 108 52.83 -70.93 0.18
CA VAL X 108 52.78 -72.38 0.17
C VAL X 108 53.27 -72.96 1.49
N SER X 109 54.34 -72.40 2.06
CA SER X 109 54.92 -73.00 3.26
C SER X 109 54.20 -72.55 4.53
N ALA X 110 53.63 -71.36 4.56
CA ALA X 110 53.03 -70.88 5.79
C ALA X 110 51.53 -71.12 5.86
N TYR X 111 50.83 -71.11 4.73
CA TYR X 111 49.38 -71.14 4.73
C TYR X 111 48.79 -72.30 3.95
N GLY X 112 49.63 -73.19 3.44
CA GLY X 112 49.13 -74.35 2.72
C GLY X 112 48.35 -74.00 1.47
N ALA X 113 48.75 -72.96 0.76
CA ALA X 113 48.09 -72.59 -0.48
C ALA X 113 48.41 -73.59 -1.58
N ASN X 114 47.51 -73.68 -2.55
CA ASN X 114 47.65 -74.58 -3.69
C ASN X 114 48.56 -73.95 -4.74
N PRO X 115 49.63 -74.63 -5.15
CA PRO X 115 50.51 -74.05 -6.18
C PRO X 115 49.81 -73.84 -7.53
N GLU X 116 48.86 -74.69 -7.89
CA GLU X 116 48.12 -74.48 -9.14
C GLU X 116 47.34 -73.18 -9.12
N ILE X 117 46.64 -72.90 -8.01
CA ILE X 117 45.84 -71.70 -7.94
C ILE X 117 46.72 -70.47 -7.77
N LEU X 118 47.87 -70.60 -7.11
CA LEU X 118 48.81 -69.49 -7.08
C LEU X 118 49.34 -69.17 -8.47
N ASP X 119 49.64 -70.22 -9.25
CA ASP X 119 50.02 -70.05 -10.64
C ASP X 119 48.93 -69.33 -11.43
N ALA X 120 47.67 -69.73 -11.23
CA ALA X 120 46.57 -69.11 -11.96
C ALA X 120 46.39 -67.65 -11.58
N VAL X 121 46.56 -67.33 -10.30
CA VAL X 121 46.38 -65.95 -9.85
C VAL X 121 47.51 -65.06 -10.39
N THR X 122 48.76 -65.53 -10.27
CA THR X 122 49.85 -64.73 -10.81
C THR X 122 49.79 -64.67 -12.33
N ASN X 123 49.14 -65.63 -12.98
CA ASN X 123 48.97 -65.55 -14.43
C ASN X 123 47.92 -64.52 -14.81
N ILE X 124 46.82 -64.44 -14.06
CA ILE X 124 45.82 -63.41 -14.38
C ILE X 124 46.36 -62.03 -14.05
N ILE X 125 47.28 -61.92 -13.10
CA ILE X 125 47.79 -60.60 -12.72
C ILE X 125 48.93 -60.14 -13.62
N LEU X 126 49.97 -60.97 -13.76
CA LEU X 126 51.17 -60.54 -14.46
C LEU X 126 51.29 -61.09 -15.89
N GLY X 127 50.49 -62.09 -16.25
CA GLY X 127 50.50 -62.63 -17.59
C GLY X 127 51.18 -63.98 -17.71
N SER X 128 51.97 -64.36 -16.71
CA SER X 128 52.69 -65.62 -16.73
C SER X 128 52.73 -66.19 -15.33
N PRO X 129 52.81 -67.51 -15.19
CA PRO X 129 52.95 -68.10 -13.84
C PRO X 129 54.19 -67.65 -13.10
N THR X 130 55.34 -67.55 -13.77
CA THR X 130 56.54 -67.04 -13.11
C THR X 130 56.58 -65.52 -13.09
N GLY X 131 55.98 -64.87 -14.09
CA GLY X 131 55.94 -63.43 -14.15
C GLY X 131 57.00 -62.76 -14.98
N TYR X 132 57.71 -63.51 -15.82
CA TYR X 132 58.76 -62.92 -16.65
C TYR X 132 58.16 -61.94 -17.64
N ALA Y 2 -42.48 49.35 -6.08
CA ALA Y 2 -41.84 48.76 -4.92
C ALA Y 2 -40.36 49.09 -4.88
N LYS Y 3 -40.02 50.37 -4.89
CA LYS Y 3 -38.64 50.83 -4.88
C LYS Y 3 -38.31 51.69 -3.68
N GLY Y 4 -39.22 52.58 -3.28
CA GLY Y 4 -38.97 53.44 -2.14
C GLY Y 4 -39.98 53.27 -1.02
N ARG Y 5 -40.34 52.02 -0.73
CA ARG Y 5 -41.44 51.76 0.19
C ARG Y 5 -41.01 51.55 1.62
N THR Y 6 -39.82 51.01 1.85
CA THR Y 6 -39.28 50.84 3.18
C THR Y 6 -38.10 51.79 3.39
N PRO Y 7 -37.91 52.30 4.61
CA PRO Y 7 -36.77 53.21 4.85
C PRO Y 7 -35.45 52.46 4.89
N ARG Y 8 -34.42 53.06 4.30
CA ARG Y 8 -33.09 52.47 4.24
C ARG Y 8 -32.10 53.36 4.98
N SER Y 9 -31.34 52.77 5.89
CA SER Y 9 -30.36 53.50 6.67
C SER Y 9 -29.05 53.63 5.90
N PHE Y 10 -28.06 54.28 6.50
CA PHE Y 10 -26.78 54.42 5.83
C PHE Y 10 -26.13 53.06 5.56
N SER Y 11 -26.31 52.11 6.49
CA SER Y 11 -25.72 50.79 6.30
C SER Y 11 -26.31 50.08 5.10
N GLN Y 12 -27.64 50.12 4.94
CA GLN Y 12 -28.28 49.43 3.83
C GLN Y 12 -28.01 50.14 2.51
N ARG Y 13 -28.12 51.46 2.51
CA ARG Y 13 -27.77 52.24 1.32
C ARG Y 13 -26.35 51.94 0.87
N TYR Y 14 -25.40 51.97 1.81
CA TYR Y 14 -24.00 51.76 1.46
C TYR Y 14 -23.77 50.32 1.01
N GLY Y 15 -24.38 49.35 1.67
CA GLY Y 15 -24.20 47.97 1.26
C GLY Y 15 -24.69 47.72 -0.16
N LYS Y 16 -25.89 48.23 -0.47
CA LYS Y 16 -26.41 48.00 -1.82
C LYS Y 16 -25.63 48.78 -2.87
N TRP Y 17 -25.27 50.03 -2.58
CA TRP Y 17 -24.48 50.80 -3.53
C TRP Y 17 -23.13 50.15 -3.79
N ASN Y 18 -22.47 49.67 -2.74
CA ASN Y 18 -21.17 49.04 -2.89
C ASN Y 18 -21.28 47.75 -3.67
N ALA Y 19 -22.32 46.96 -3.42
CA ALA Y 19 -22.54 45.73 -4.18
C ALA Y 19 -22.72 46.03 -5.66
N LYS Y 20 -23.54 47.03 -5.98
CA LYS Y 20 -23.79 47.34 -7.38
C LYS Y 20 -22.57 47.93 -8.07
N PHE Y 21 -21.78 48.73 -7.34
CA PHE Y 21 -20.56 49.30 -7.91
C PHE Y 21 -19.51 48.22 -8.16
N THR Y 22 -19.39 47.27 -7.24
CA THR Y 22 -18.46 46.16 -7.44
C THR Y 22 -18.91 45.27 -8.58
N ALA Y 23 -20.23 45.10 -8.75
CA ALA Y 23 -20.73 44.33 -9.88
C ALA Y 23 -20.44 45.03 -11.19
N PHE Y 24 -20.66 46.34 -11.25
CA PHE Y 24 -20.46 47.08 -12.50
C PHE Y 24 -18.98 47.18 -12.90
N SER Y 25 -18.05 46.99 -11.96
CA SER Y 25 -16.64 47.01 -12.28
C SER Y 25 -16.18 45.77 -13.03
N ASN Y 26 -17.03 44.75 -13.13
CA ASN Y 26 -16.73 43.59 -13.96
C ASN Y 26 -16.57 44.04 -15.40
N PRO Y 27 -15.65 43.44 -16.16
CA PRO Y 27 -15.51 43.82 -17.57
C PRO Y 27 -16.74 43.49 -18.40
N THR Y 28 -17.27 42.27 -18.25
CA THR Y 28 -18.40 41.85 -19.06
C THR Y 28 -19.67 42.61 -18.69
N VAL Y 29 -19.91 42.82 -17.40
CA VAL Y 29 -21.12 43.52 -16.97
C VAL Y 29 -21.16 44.92 -17.57
N ALA Y 30 -20.12 45.71 -17.32
CA ALA Y 30 -20.08 47.08 -17.81
C ALA Y 30 -20.08 47.13 -19.33
N SER Y 31 -19.26 46.29 -19.97
CA SER Y 31 -19.19 46.27 -21.41
C SER Y 31 -20.54 45.97 -22.03
N THR Y 32 -21.24 44.94 -21.55
CA THR Y 32 -22.54 44.58 -22.09
C THR Y 32 -23.55 45.70 -21.89
N ILE Y 33 -23.63 46.24 -20.67
CA ILE Y 33 -24.62 47.27 -20.39
C ILE Y 33 -24.41 48.49 -21.27
N LEU Y 34 -23.17 48.98 -21.33
CA LEU Y 34 -22.91 50.21 -22.07
C LEU Y 34 -23.02 50.00 -23.58
N THR Y 35 -22.51 48.88 -24.09
CA THR Y 35 -22.65 48.60 -25.51
C THR Y 35 -24.11 48.48 -25.91
N ASN Y 36 -24.96 47.96 -25.01
CA ASN Y 36 -26.38 47.84 -25.33
C ASN Y 36 -27.08 49.20 -25.28
N VAL Y 37 -26.73 50.06 -24.33
CA VAL Y 37 -27.41 51.35 -24.22
C VAL Y 37 -26.77 52.45 -25.06
N ALA Y 38 -25.72 52.14 -25.82
CA ALA Y 38 -25.06 53.17 -26.62
C ALA Y 38 -26.00 53.87 -27.62
N PRO Y 39 -26.74 53.18 -28.49
CA PRO Y 39 -27.56 53.92 -29.46
C PRO Y 39 -28.67 54.75 -28.84
N ILE Y 40 -29.30 54.25 -27.79
CA ILE Y 40 -30.38 55.00 -27.13
C ILE Y 40 -29.82 56.25 -26.47
N ALA Y 41 -28.63 56.14 -25.87
CA ALA Y 41 -27.97 57.29 -25.28
C ALA Y 41 -27.61 58.33 -26.33
N GLN Y 42 -27.07 57.88 -27.48
CA GLN Y 42 -26.78 58.82 -28.56
C GLN Y 42 -28.04 59.52 -29.03
N GLY Y 43 -29.15 58.79 -29.12
CA GLY Y 43 -30.40 59.39 -29.53
C GLY Y 43 -30.91 60.42 -28.55
N ASN Y 44 -30.78 60.14 -27.25
CA ASN Y 44 -31.21 61.12 -26.25
C ASN Y 44 -30.36 62.37 -26.27
N PHE Y 45 -29.04 62.20 -26.41
CA PHE Y 45 -28.15 63.35 -26.55
C PHE Y 45 -28.56 64.21 -27.74
N GLN Y 46 -28.68 63.58 -28.91
CA GLN Y 46 -29.07 64.31 -30.12
C GLN Y 46 -30.43 64.98 -29.98
N THR Y 47 -31.34 64.37 -29.23
CA THR Y 47 -32.68 64.93 -29.10
C THR Y 47 -32.69 66.15 -28.19
N ASN Y 48 -31.89 66.13 -27.12
CA ASN Y 48 -32.03 67.14 -26.08
C ASN Y 48 -30.98 68.24 -26.08
N VAL Y 49 -29.73 67.97 -26.45
CA VAL Y 49 -28.65 68.93 -26.21
C VAL Y 49 -28.69 70.16 -27.11
N PRO Y 50 -29.15 70.09 -28.38
CA PRO Y 50 -29.24 71.31 -29.19
C PRO Y 50 -30.01 72.46 -28.53
N LYS Y 51 -31.11 72.16 -27.84
CA LYS Y 51 -31.90 73.19 -27.18
C LYS Y 51 -31.11 73.92 -26.12
N PHE Y 52 -30.04 73.32 -25.60
CA PHE Y 52 -29.25 73.94 -24.56
C PHE Y 52 -27.98 74.60 -25.10
N THR Y 53 -27.39 74.05 -26.17
CA THR Y 53 -26.28 74.74 -26.82
C THR Y 53 -26.74 76.06 -27.43
N SER Y 54 -27.95 76.09 -27.99
CA SER Y 54 -28.44 77.35 -28.56
C SER Y 54 -28.69 78.38 -27.47
N VAL Y 55 -29.19 77.94 -26.31
CA VAL Y 55 -29.38 78.85 -25.19
C VAL Y 55 -28.04 79.38 -24.71
N ASN Y 56 -27.02 78.52 -24.66
CA ASN Y 56 -25.68 78.98 -24.31
C ASN Y 56 -25.24 80.10 -25.24
N GLU Y 57 -25.37 79.89 -26.55
CA GLU Y 57 -24.92 80.90 -27.51
C GLU Y 57 -25.70 82.21 -27.38
N GLN Y 58 -27.02 82.13 -27.25
CA GLN Y 58 -27.82 83.35 -27.16
C GLN Y 58 -27.57 84.11 -25.86
N VAL Y 59 -27.45 83.40 -24.74
CA VAL Y 59 -27.19 84.07 -23.48
C VAL Y 59 -25.80 84.67 -23.48
N SER Y 60 -24.83 84.04 -24.14
CA SER Y 60 -23.52 84.64 -24.27
C SER Y 60 -23.59 85.96 -25.03
N ALA Y 61 -24.34 85.97 -26.15
CA ALA Y 61 -24.50 87.21 -26.89
C ALA Y 61 -25.16 88.29 -26.03
N VAL Y 62 -26.13 87.91 -25.21
CA VAL Y 62 -26.83 88.88 -24.37
C VAL Y 62 -25.91 89.40 -23.26
N LEU Y 63 -25.04 88.53 -22.74
CA LEU Y 63 -24.16 88.91 -21.63
C LEU Y 63 -23.03 89.81 -22.10
N THR Y 64 -22.61 89.67 -23.37
CA THR Y 64 -21.57 90.56 -23.87
C THR Y 64 -22.05 91.99 -24.01
N GLN Y 65 -23.35 92.20 -24.25
CA GLN Y 65 -23.90 93.54 -24.37
C GLN Y 65 -24.02 94.25 -23.03
N TYR Y 66 -23.96 93.53 -21.92
CA TYR Y 66 -24.13 94.11 -20.60
C TYR Y 66 -22.84 94.23 -19.81
N GLY Y 67 -21.70 93.84 -20.39
CA GLY Y 67 -20.43 94.01 -19.73
C GLY Y 67 -20.07 92.94 -18.74
N VAL Y 68 -20.70 91.78 -18.78
CA VAL Y 68 -20.44 90.71 -17.82
C VAL Y 68 -19.26 89.89 -18.31
N THR Y 69 -18.30 89.63 -17.40
CA THR Y 69 -17.08 88.93 -17.74
C THR Y 69 -16.68 88.02 -16.59
N GLY Y 70 -15.96 86.95 -16.92
CA GLY Y 70 -15.40 86.05 -15.94
C GLY Y 70 -16.41 85.09 -15.35
N PRO Y 71 -16.13 84.61 -14.12
CA PRO Y 71 -17.07 83.69 -13.47
C PRO Y 71 -18.46 84.27 -13.27
N SER Y 72 -18.60 85.59 -13.19
CA SER Y 72 -19.92 86.20 -13.12
C SER Y 72 -20.80 85.84 -14.31
N ARG Y 73 -20.21 85.52 -15.46
CA ARG Y 73 -21.01 85.06 -16.58
C ARG Y 73 -21.70 83.73 -16.25
N ALA Y 74 -20.97 82.82 -15.60
CA ALA Y 74 -21.53 81.51 -15.27
C ALA Y 74 -22.87 81.64 -14.57
N ILE Y 75 -22.98 82.55 -13.61
CA ILE Y 75 -24.23 82.80 -12.90
C ILE Y 75 -25.39 82.84 -13.89
N TYR Y 76 -25.32 83.79 -14.83
CA TYR Y 76 -26.43 83.98 -15.73
C TYR Y 76 -26.58 82.80 -16.68
N GLN Y 77 -25.46 82.25 -17.15
CA GLN Y 77 -25.55 81.02 -17.93
C GLN Y 77 -26.36 79.98 -17.18
N GLY Y 78 -25.99 79.74 -15.92
CA GLY Y 78 -26.73 78.77 -15.13
C GLY Y 78 -28.20 79.08 -15.10
N TYR Y 79 -28.55 80.32 -14.76
CA TYR Y 79 -29.95 80.70 -14.72
C TYR Y 79 -30.63 80.37 -16.04
N GLY Y 80 -30.01 80.78 -17.15
CA GLY Y 80 -30.58 80.49 -18.44
C GLY Y 80 -30.84 79.01 -18.63
N LEU Y 81 -29.84 78.19 -18.36
CA LEU Y 81 -30.02 76.75 -18.54
C LEU Y 81 -31.14 76.26 -17.65
N LYS Y 82 -31.17 76.73 -16.40
CA LYS Y 82 -32.26 76.38 -15.50
C LYS Y 82 -33.60 76.67 -16.14
N VAL Y 83 -33.78 77.89 -16.65
CA VAL Y 83 -35.05 78.24 -17.27
C VAL Y 83 -35.34 77.31 -18.44
N ALA Y 84 -34.34 77.07 -19.28
CA ALA Y 84 -34.54 76.17 -20.41
C ALA Y 84 -34.98 74.80 -19.94
N ARG Y 85 -34.40 74.32 -18.83
CA ARG Y 85 -34.80 73.03 -18.29
C ARG Y 85 -36.30 73.00 -18.05
N ALA Y 86 -36.83 74.03 -17.39
CA ALA Y 86 -38.26 74.08 -17.14
C ALA Y 86 -39.04 73.99 -18.44
N LEU Y 87 -38.64 74.77 -19.45
CA LEU Y 87 -39.36 74.76 -20.71
C LEU Y 87 -39.34 73.38 -21.35
N ASN Y 88 -38.28 72.63 -21.15
CA ASN Y 88 -38.22 71.30 -21.75
C ASN Y 88 -39.11 70.32 -20.98
N ARG Y 89 -39.29 70.53 -19.68
CA ARG Y 89 -39.98 69.54 -18.87
C ARG Y 89 -41.49 69.72 -18.92
N ILE Y 90 -41.96 70.90 -18.54
CA ILE Y 90 -43.39 71.11 -18.34
C ILE Y 90 -44.05 71.94 -19.44
N GLY Y 91 -43.27 72.64 -20.25
CA GLY Y 91 -43.80 73.41 -21.36
C GLY Y 91 -44.19 74.81 -20.95
N ALA Y 92 -44.80 75.52 -21.90
CA ALA Y 92 -45.22 76.89 -21.68
C ALA Y 92 -46.63 76.96 -21.10
N GLY Y 93 -46.85 77.92 -20.21
CA GLY Y 93 -48.11 78.07 -19.52
C GLY Y 93 -47.91 78.67 -18.14
N PRO Y 94 -48.98 78.75 -17.35
CA PRO Y 94 -48.85 79.31 -16.00
C PRO Y 94 -47.83 78.61 -15.12
N ALA Y 95 -47.62 77.31 -15.31
CA ALA Y 95 -46.61 76.61 -14.53
C ALA Y 95 -45.21 77.11 -14.85
N LEU Y 96 -44.92 77.37 -16.13
CA LEU Y 96 -43.64 77.96 -16.49
C LEU Y 96 -43.48 79.35 -15.90
N THR Y 97 -44.56 80.12 -15.82
CA THR Y 97 -44.50 81.43 -15.19
C THR Y 97 -44.13 81.33 -13.72
N ASN Y 98 -44.77 80.40 -13.00
CA ASN Y 98 -44.44 80.17 -11.60
C ASN Y 98 -42.99 79.72 -11.45
N MET Y 99 -42.55 78.82 -12.32
CA MET Y 99 -41.15 78.37 -12.27
C MET Y 99 -40.18 79.51 -12.49
N VAL Y 100 -40.46 80.39 -13.45
CA VAL Y 100 -39.52 81.47 -13.75
C VAL Y 100 -39.47 82.47 -12.61
N ALA Y 101 -40.62 82.79 -12.01
CA ALA Y 101 -40.62 83.69 -10.86
C ALA Y 101 -39.84 83.09 -9.70
N GLY Y 102 -40.05 81.79 -9.44
CA GLY Y 102 -39.31 81.14 -8.36
C GLY Y 102 -37.81 81.12 -8.62
N LEU Y 103 -37.40 80.88 -9.86
CA LEU Y 103 -35.98 80.85 -10.19
C LEU Y 103 -35.35 82.24 -10.06
N LYS Y 104 -36.06 83.29 -10.44
CA LYS Y 104 -35.51 84.63 -10.28
C LYS Y 104 -35.38 85.00 -8.80
N ALA Y 105 -36.38 84.65 -7.99
CA ALA Y 105 -36.24 84.86 -6.55
C ALA Y 105 -35.05 84.09 -6.01
N TYR Y 106 -34.91 82.84 -6.42
CA TYR Y 106 -33.76 82.02 -6.04
C TYR Y 106 -32.44 82.73 -6.32
N TYR Y 107 -32.26 83.18 -7.56
CA TYR Y 107 -30.96 83.71 -7.95
C TYR Y 107 -30.67 85.08 -7.32
N VAL Y 108 -31.66 85.97 -7.29
CA VAL Y 108 -31.44 87.27 -6.68
C VAL Y 108 -31.23 87.15 -5.18
N SER Y 109 -31.84 86.17 -4.52
CA SER Y 109 -31.72 86.09 -3.07
C SER Y 109 -30.51 85.29 -2.63
N ALA Y 110 -30.08 84.30 -3.41
CA ALA Y 110 -28.98 83.46 -2.98
C ALA Y 110 -27.64 83.85 -3.59
N TYR Y 111 -27.64 84.45 -4.78
CA TYR Y 111 -26.40 84.62 -5.53
C TYR Y 111 -26.12 86.06 -5.93
N GLY Y 112 -26.94 87.02 -5.50
CA GLY Y 112 -26.69 88.40 -5.80
C GLY Y 112 -26.65 88.71 -7.29
N ALA Y 113 -27.45 88.02 -8.08
CA ALA Y 113 -27.53 88.29 -9.50
C ALA Y 113 -28.32 89.58 -9.75
N ASN Y 114 -28.08 90.17 -10.91
CA ASN Y 114 -28.70 91.43 -11.28
C ASN Y 114 -30.09 91.18 -11.87
N PRO Y 115 -31.13 91.82 -11.34
CA PRO Y 115 -32.48 91.60 -11.91
C PRO Y 115 -32.61 92.04 -13.36
N GLU Y 116 -31.91 93.09 -13.79
CA GLU Y 116 -32.00 93.53 -15.17
C GLU Y 116 -31.40 92.50 -16.12
N ILE Y 117 -30.25 91.93 -15.77
CA ILE Y 117 -29.64 90.93 -16.63
C ILE Y 117 -30.43 89.63 -16.59
N LEU Y 118 -31.08 89.32 -15.47
CA LEU Y 118 -31.97 88.16 -15.45
C LEU Y 118 -33.16 88.38 -16.36
N ASP Y 119 -33.70 89.60 -16.38
CA ASP Y 119 -34.77 89.92 -17.33
C ASP Y 119 -34.29 89.78 -18.77
N ALA Y 120 -33.08 90.24 -19.06
CA ALA Y 120 -32.57 90.15 -20.44
C ALA Y 120 -32.36 88.70 -20.86
N VAL Y 121 -31.87 87.86 -19.95
CA VAL Y 121 -31.71 86.44 -20.24
C VAL Y 121 -33.07 85.78 -20.47
N THR Y 122 -34.03 86.04 -19.58
CA THR Y 122 -35.35 85.46 -19.75
C THR Y 122 -36.02 85.95 -21.03
N ASN Y 123 -35.74 87.18 -21.44
CA ASN Y 123 -36.30 87.71 -22.67
C ASN Y 123 -35.70 87.03 -23.89
N ILE Y 124 -34.39 86.78 -23.89
CA ILE Y 124 -33.80 86.10 -25.03
C ILE Y 124 -34.25 84.64 -25.08
N ILE Y 125 -34.62 84.05 -23.94
CA ILE Y 125 -35.01 82.64 -23.94
C ILE Y 125 -36.49 82.46 -24.26
N LEU Y 126 -37.37 83.09 -23.49
CA LEU Y 126 -38.80 82.86 -23.63
C LEU Y 126 -39.51 83.91 -24.46
N GLY Y 127 -38.90 85.05 -24.72
CA GLY Y 127 -39.49 86.11 -25.51
C GLY Y 127 -40.03 87.26 -24.71
N SER Y 128 -40.22 87.08 -23.41
CA SER Y 128 -40.69 88.13 -22.52
C SER Y 128 -39.97 88.02 -21.20
N PRO Y 129 -39.73 89.14 -20.52
CA PRO Y 129 -39.05 89.08 -19.21
C PRO Y 129 -39.77 88.22 -18.18
N THR Y 130 -41.10 88.31 -18.12
CA THR Y 130 -41.85 87.48 -17.18
C THR Y 130 -42.12 86.09 -17.74
N GLY Y 131 -42.10 85.94 -19.06
CA GLY Y 131 -42.27 84.64 -19.68
C GLY Y 131 -43.68 84.27 -20.07
N TYR Y 132 -44.62 85.22 -20.06
CA TYR Y 132 -46.00 84.92 -20.42
C TYR Y 132 -46.07 84.43 -21.87
N ALA Z 2 70.08 20.48 -19.79
CA ALA Z 2 69.19 20.50 -20.93
C ALA Z 2 68.08 21.52 -20.74
N LYS Z 3 68.45 22.73 -20.33
CA LYS Z 3 67.49 23.80 -20.09
C LYS Z 3 67.74 25.02 -20.97
N GLY Z 4 69.00 25.38 -21.19
CA GLY Z 4 69.30 26.52 -22.02
C GLY Z 4 70.16 26.18 -23.22
N ARG Z 5 69.85 25.06 -23.87
CA ARG Z 5 70.72 24.54 -24.90
C ARG Z 5 70.37 25.03 -26.30
N THR Z 6 69.11 25.32 -26.56
CA THR Z 6 68.73 25.85 -27.85
C THR Z 6 68.19 27.27 -27.70
N PRO Z 7 68.39 28.13 -28.69
CA PRO Z 7 67.87 29.50 -28.60
C PRO Z 7 66.36 29.54 -28.70
N ARG Z 8 65.74 30.39 -27.90
CA ARG Z 8 64.30 30.59 -27.89
C ARG Z 8 63.97 32.03 -28.25
N SER Z 9 63.12 32.19 -29.26
CA SER Z 9 62.70 33.51 -29.72
C SER Z 9 61.58 34.03 -28.85
N PHE Z 10 61.06 35.21 -29.19
CA PHE Z 10 59.98 35.78 -28.39
C PHE Z 10 58.72 34.91 -28.47
N SER Z 11 58.46 34.30 -29.63
CA SER Z 11 57.28 33.46 -29.76
C SER Z 11 57.34 32.26 -28.84
N GLN Z 12 58.49 31.58 -28.80
CA GLN Z 12 58.62 30.38 -27.98
C GLN Z 12 58.61 30.73 -26.49
N ARG Z 13 59.34 31.78 -26.11
CA ARG Z 13 59.32 32.24 -24.72
C ARG Z 13 57.91 32.61 -24.29
N TYR Z 14 57.20 33.40 -25.09
CA TYR Z 14 55.85 33.81 -24.72
C TYR Z 14 54.91 32.62 -24.67
N GLY Z 15 55.01 31.70 -25.63
CA GLY Z 15 54.15 30.54 -25.62
C GLY Z 15 54.33 29.69 -24.38
N LYS Z 16 55.58 29.38 -24.04
CA LYS Z 16 55.80 28.54 -22.87
C LYS Z 16 55.45 29.27 -21.57
N TRP Z 17 55.78 30.55 -21.47
CA TRP Z 17 55.43 31.30 -20.26
C TRP Z 17 53.92 31.38 -20.09
N ASN Z 18 53.19 31.61 -21.18
CA ASN Z 18 51.75 31.68 -21.11
C ASN Z 18 51.14 30.34 -20.76
N ALA Z 19 51.69 29.25 -21.29
CA ALA Z 19 51.19 27.92 -20.93
C ALA Z 19 51.38 27.65 -19.45
N LYS Z 20 52.58 27.93 -18.94
CA LYS Z 20 52.84 27.68 -17.52
C LYS Z 20 52.01 28.59 -16.62
N PHE Z 21 51.78 29.84 -17.04
CA PHE Z 21 50.96 30.76 -16.23
C PHE Z 21 49.51 30.33 -16.22
N THR Z 22 48.99 29.88 -17.37
CA THR Z 22 47.62 29.38 -17.42
C THR Z 22 47.48 28.10 -16.61
N ALA Z 23 48.51 27.26 -16.58
CA ALA Z 23 48.47 26.06 -15.74
C ALA Z 23 48.45 26.43 -14.27
N PHE Z 24 49.32 27.35 -13.84
CA PHE Z 24 49.40 27.71 -12.43
C PHE Z 24 48.13 28.41 -11.93
N SER Z 25 47.30 28.94 -12.81
CA SER Z 25 46.07 29.61 -12.41
C SER Z 25 44.98 28.63 -11.99
N ASN Z 26 45.16 27.34 -12.21
CA ASN Z 26 44.22 26.34 -11.74
C ASN Z 26 44.17 26.38 -10.21
N PRO Z 27 43.00 26.19 -9.60
CA PRO Z 27 42.95 26.17 -8.13
C PRO Z 27 43.77 25.04 -7.54
N THR Z 28 43.62 23.83 -8.07
CA THR Z 28 44.30 22.67 -7.53
C THR Z 28 45.81 22.78 -7.71
N VAL Z 29 46.27 23.18 -8.90
CA VAL Z 29 47.70 23.24 -9.18
C VAL Z 29 48.37 24.23 -8.23
N ALA Z 30 47.84 25.44 -8.16
CA ALA Z 30 48.42 26.49 -7.32
C ALA Z 30 48.39 26.10 -5.86
N SER Z 31 47.23 25.66 -5.37
CA SER Z 31 47.12 25.31 -3.96
C SER Z 31 48.05 24.16 -3.59
N THR Z 32 48.15 23.16 -4.47
CA THR Z 32 49.00 22.01 -4.19
C THR Z 32 50.47 22.41 -4.14
N ILE Z 33 50.93 23.17 -5.13
CA ILE Z 33 52.35 23.54 -5.16
C ILE Z 33 52.71 24.42 -3.96
N LEU Z 34 51.84 25.38 -3.65
CA LEU Z 34 52.16 26.30 -2.56
C LEU Z 34 52.07 25.62 -1.20
N THR Z 35 51.08 24.75 -1.01
CA THR Z 35 50.95 24.04 0.26
C THR Z 35 52.08 23.03 0.44
N ASN Z 36 52.64 22.51 -0.65
CA ASN Z 36 53.77 21.62 -0.53
C ASN Z 36 55.06 22.37 -0.23
N VAL Z 37 55.25 23.56 -0.82
CA VAL Z 37 56.51 24.28 -0.60
C VAL Z 37 56.46 25.25 0.58
N ALA Z 38 55.33 25.34 1.29
CA ALA Z 38 55.24 26.28 2.41
C ALA Z 38 56.31 26.09 3.48
N PRO Z 39 56.55 24.89 4.05
CA PRO Z 39 57.55 24.80 5.12
C PRO Z 39 58.98 25.07 4.67
N ILE Z 40 59.33 24.68 3.44
CA ILE Z 40 60.67 24.96 2.94
C ILE Z 40 60.85 26.45 2.73
N ALA Z 41 59.81 27.12 2.22
CA ALA Z 41 59.87 28.58 2.04
C ALA Z 41 60.01 29.29 3.38
N GLN Z 42 59.26 28.85 4.39
CA GLN Z 42 59.40 29.43 5.73
C GLN Z 42 60.80 29.22 6.28
N GLY Z 43 61.37 28.02 6.09
CA GLY Z 43 62.71 27.78 6.58
C GLY Z 43 63.75 28.63 5.89
N ASN Z 44 63.60 28.84 4.58
CA ASN Z 44 64.53 29.70 3.86
C ASN Z 44 64.43 31.14 4.30
N PHE Z 45 63.20 31.64 4.47
CA PHE Z 45 63.00 32.99 4.99
C PHE Z 45 63.66 33.15 6.36
N GLN Z 46 63.38 32.22 7.28
CA GLN Z 46 63.96 32.30 8.62
C GLN Z 46 65.47 32.21 8.61
N THR Z 47 66.03 31.45 7.68
CA THR Z 47 67.48 31.31 7.63
C THR Z 47 68.14 32.57 7.09
N ASN Z 48 67.50 33.25 6.13
CA ASN Z 48 68.21 34.29 5.40
C ASN Z 48 67.89 35.73 5.83
N VAL Z 49 66.65 36.04 6.20
CA VAL Z 49 66.25 37.45 6.33
C VAL Z 49 66.87 38.20 7.51
N PRO Z 50 67.13 37.57 8.67
CA PRO Z 50 67.75 38.35 9.77
C PRO Z 50 69.07 39.01 9.42
N LYS Z 51 69.88 38.36 8.59
CA LYS Z 51 71.15 38.95 8.16
C LYS Z 51 70.96 40.25 7.41
N PHE Z 52 69.78 40.49 6.86
CA PHE Z 52 69.50 41.71 6.11
C PHE Z 52 68.71 42.72 6.91
N THR Z 53 67.84 42.27 7.82
CA THR Z 53 67.21 43.22 8.74
C THR Z 53 68.24 43.86 9.67
N SER Z 54 69.25 43.10 10.08
CA SER Z 54 70.31 43.68 10.90
C SER Z 54 71.07 44.75 10.14
N VAL Z 55 71.34 44.50 8.86
CA VAL Z 55 72.03 45.47 8.03
C VAL Z 55 71.18 46.73 7.85
N ASN Z 56 69.87 46.55 7.67
CA ASN Z 56 68.97 47.71 7.63
C ASN Z 56 69.12 48.56 8.88
N GLU Z 57 69.07 47.91 10.04
CA GLU Z 57 69.11 48.67 11.30
C GLU Z 57 70.45 49.38 11.50
N GLN Z 58 71.56 48.69 11.21
CA GLN Z 58 72.87 49.30 11.38
C GLN Z 58 73.11 50.44 10.39
N VAL Z 59 72.74 50.24 9.12
CA VAL Z 59 72.94 51.28 8.13
C VAL Z 59 72.05 52.48 8.44
N SER Z 60 70.84 52.25 8.97
CA SER Z 60 70.02 53.38 9.40
C SER Z 60 70.69 54.16 10.51
N ALA Z 61 71.22 53.46 11.52
CA ALA Z 61 71.94 54.14 12.59
C ALA Z 61 73.11 54.96 12.06
N VAL Z 62 73.78 54.46 11.01
CA VAL Z 62 74.91 55.19 10.45
C VAL Z 62 74.44 56.40 9.65
N LEU Z 63 73.34 56.25 8.90
CA LEU Z 63 72.87 57.32 8.03
C LEU Z 63 72.31 58.47 8.85
N THR Z 64 71.75 58.19 10.03
CA THR Z 64 71.25 59.28 10.86
C THR Z 64 72.38 60.16 11.39
N GLN Z 65 73.55 59.57 11.63
CA GLN Z 65 74.71 60.35 12.07
C GLN Z 65 75.32 61.19 10.97
N TYR Z 66 74.96 60.96 9.71
CA TYR Z 66 75.50 61.72 8.60
C TYR Z 66 74.51 62.69 7.99
N GLY Z 67 73.27 62.72 8.47
CA GLY Z 67 72.30 63.70 8.03
C GLY Z 67 71.50 63.32 6.80
N VAL Z 68 71.48 62.05 6.42
CA VAL Z 68 70.81 61.63 5.20
C VAL Z 68 69.34 61.42 5.48
N THR Z 69 68.49 62.12 4.73
CA THR Z 69 67.05 62.09 4.92
C THR Z 69 66.36 61.85 3.59
N GLY Z 70 65.23 61.16 3.63
CA GLY Z 70 64.39 60.98 2.47
C GLY Z 70 64.86 59.87 1.56
N PRO Z 71 64.47 59.93 0.28
CA PRO Z 71 64.87 58.88 -0.66
C PRO Z 71 66.37 58.70 -0.80
N SER Z 72 67.17 59.72 -0.47
CA SER Z 72 68.62 59.57 -0.49
C SER Z 72 69.11 58.51 0.47
N ARG Z 73 68.36 58.21 1.53
CA ARG Z 73 68.72 57.08 2.37
C ARG Z 73 68.68 55.79 1.59
N ALA Z 74 67.66 55.62 0.75
CA ALA Z 74 67.51 54.39 -0.02
C ALA Z 74 68.79 54.03 -0.77
N ILE Z 75 69.42 55.01 -1.42
CA ILE Z 75 70.68 54.75 -2.11
C ILE Z 75 71.60 53.94 -1.23
N TYR Z 76 72.00 54.51 -0.10
CA TYR Z 76 72.96 53.84 0.76
C TYR Z 76 72.38 52.55 1.31
N GLN Z 77 71.10 52.55 1.69
CA GLN Z 77 70.48 51.32 2.13
C GLN Z 77 70.61 50.24 1.07
N GLY Z 78 70.25 50.57 -0.16
CA GLY Z 78 70.42 49.60 -1.23
C GLY Z 78 71.84 49.12 -1.33
N TYR Z 79 72.80 50.05 -1.33
CA TYR Z 79 74.20 49.66 -1.38
C TYR Z 79 74.51 48.66 -0.29
N GLY Z 80 74.12 48.99 0.95
CA GLY Z 80 74.41 48.09 2.05
C GLY Z 80 73.88 46.70 1.79
N LEU Z 81 72.63 46.60 1.35
CA LEU Z 81 72.06 45.28 1.12
C LEU Z 81 72.86 44.53 0.07
N LYS Z 82 73.25 45.22 -1.00
CA LYS Z 82 74.07 44.59 -2.03
C LYS Z 82 75.33 43.98 -1.42
N VAL Z 83 76.03 44.75 -0.59
CA VAL Z 83 77.24 44.23 0.04
C VAL Z 83 76.90 42.98 0.85
N ALA Z 84 75.84 43.06 1.66
CA ALA Z 84 75.43 41.90 2.43
C ALA Z 84 75.14 40.71 1.53
N ARG Z 85 74.50 40.95 0.39
CA ARG Z 85 74.26 39.88 -0.57
C ARG Z 85 75.56 39.18 -0.92
N ALA Z 86 76.58 39.95 -1.30
CA ALA Z 86 77.86 39.35 -1.63
C ALA Z 86 78.37 38.51 -0.47
N LEU Z 87 78.29 39.04 0.75
CA LEU Z 87 78.82 38.31 1.90
C LEU Z 87 78.05 37.02 2.11
N ASN Z 88 76.75 37.02 1.80
CA ASN Z 88 75.98 35.80 1.95
C ASN Z 88 76.36 34.78 0.90
N ARG Z 89 76.78 35.24 -0.28
CA ARG Z 89 76.93 34.33 -1.41
C ARG Z 89 78.33 33.71 -1.45
N ILE Z 90 79.36 34.53 -1.53
CA ILE Z 90 80.70 34.03 -1.80
C ILE Z 90 81.59 33.98 -0.56
N GLY Z 91 81.26 34.75 0.47
CA GLY Z 91 82.04 34.75 1.70
C GLY Z 91 83.13 35.79 1.69
N ALA Z 92 83.83 35.87 2.82
CA ALA Z 92 84.88 36.85 3.00
C ALA Z 92 86.18 36.37 2.35
N GLY Z 93 86.94 37.31 1.80
CA GLY Z 93 88.14 37.00 1.07
C GLY Z 93 88.35 37.95 -0.09
N PRO Z 94 89.34 37.66 -0.93
CA PRO Z 94 89.64 38.58 -2.06
C PRO Z 94 88.49 38.80 -3.02
N ALA Z 95 87.64 37.79 -3.24
CA ALA Z 95 86.50 37.98 -4.12
C ALA Z 95 85.55 39.02 -3.55
N LEU Z 96 85.31 39.00 -2.24
CA LEU Z 96 84.47 40.00 -1.62
C LEU Z 96 85.08 41.39 -1.73
N THR Z 97 86.41 41.49 -1.67
CA THR Z 97 87.07 42.76 -1.87
C THR Z 97 86.83 43.30 -3.29
N ASN Z 98 87.00 42.44 -4.29
CA ASN Z 98 86.75 42.85 -5.66
C ASN Z 98 85.31 43.31 -5.85
N MET Z 99 84.37 42.60 -5.23
CA MET Z 99 82.97 42.98 -5.37
C MET Z 99 82.65 44.27 -4.64
N VAL Z 100 83.27 44.54 -3.49
CA VAL Z 100 83.07 45.82 -2.82
C VAL Z 100 83.60 46.96 -3.68
N ALA Z 101 84.76 46.79 -4.29
CA ALA Z 101 85.30 47.84 -5.15
C ALA Z 101 84.39 48.08 -6.35
N GLY Z 102 83.92 47.01 -6.98
CA GLY Z 102 83.03 47.16 -8.12
C GLY Z 102 81.70 47.79 -7.76
N LEU Z 103 81.15 47.44 -6.60
CA LEU Z 103 79.89 48.04 -6.16
C LEU Z 103 80.07 49.52 -5.83
N LYS Z 104 81.20 49.88 -5.24
CA LYS Z 104 81.45 51.29 -4.96
C LYS Z 104 81.55 52.09 -6.27
N ALA Z 105 82.28 51.56 -7.25
CA ALA Z 105 82.36 52.25 -8.54
C ALA Z 105 80.97 52.37 -9.17
N TYR Z 106 80.22 51.27 -9.19
CA TYR Z 106 78.84 51.28 -9.67
C TYR Z 106 78.05 52.42 -9.06
N TYR Z 107 77.95 52.44 -7.73
CA TYR Z 107 77.09 53.42 -7.07
C TYR Z 107 77.60 54.85 -7.24
N VAL Z 108 78.89 55.08 -7.05
CA VAL Z 108 79.43 56.43 -7.16
C VAL Z 108 79.21 57.00 -8.55
N SER Z 109 79.45 56.22 -9.60
CA SER Z 109 79.43 56.82 -10.93
C SER Z 109 78.06 56.74 -11.58
N ALA Z 110 77.20 55.83 -11.14
CA ALA Z 110 75.88 55.73 -11.74
C ALA Z 110 74.84 56.55 -10.97
N TYR Z 111 74.92 56.59 -9.64
CA TYR Z 111 73.88 57.21 -8.84
C TYR Z 111 74.38 58.41 -8.03
N GLY Z 112 75.63 58.84 -8.24
CA GLY Z 112 76.12 60.02 -7.57
C GLY Z 112 76.19 59.90 -6.07
N ALA Z 113 76.44 58.71 -5.55
CA ALA Z 113 76.56 58.51 -4.11
C ALA Z 113 77.85 59.13 -3.59
N ASN Z 114 77.83 59.42 -2.30
CA ASN Z 114 78.96 60.03 -1.58
C ASN Z 114 79.97 58.96 -1.19
N PRO Z 115 81.24 59.13 -1.56
CA PRO Z 115 82.24 58.11 -1.18
C PRO Z 115 82.41 57.95 0.32
N GLU Z 116 82.30 59.03 1.09
CA GLU Z 116 82.48 58.96 2.53
C GLU Z 116 81.39 58.12 3.19
N ILE Z 117 80.13 58.33 2.80
CA ILE Z 117 79.05 57.56 3.40
C ILE Z 117 79.09 56.12 2.92
N LEU Z 118 79.55 55.87 1.70
CA LEU Z 118 79.74 54.50 1.26
C LEU Z 118 80.82 53.81 2.09
N ASP Z 119 81.88 54.54 2.44
CA ASP Z 119 82.90 53.98 3.32
C ASP Z 119 82.34 53.68 4.71
N ALA Z 120 81.52 54.58 5.26
CA ALA Z 120 80.95 54.35 6.57
C ALA Z 120 80.00 53.14 6.56
N VAL Z 121 79.24 52.97 5.48
CA VAL Z 121 78.34 51.82 5.38
C VAL Z 121 79.14 50.53 5.27
N THR Z 122 80.18 50.54 4.43
CA THR Z 122 81.03 49.37 4.32
C THR Z 122 81.75 49.06 5.62
N ASN Z 123 82.05 50.08 6.42
CA ASN Z 123 82.67 49.86 7.72
C ASN Z 123 81.69 49.21 8.70
N ILE Z 124 80.44 49.67 8.72
CA ILE Z 124 79.49 49.10 9.66
C ILE Z 124 79.10 47.68 9.25
N ILE Z 125 79.22 47.35 7.96
CA ILE Z 125 78.83 46.01 7.52
C ILE Z 125 79.99 45.02 7.62
N LEU Z 126 81.14 45.38 7.04
CA LEU Z 126 82.23 44.43 6.91
C LEU Z 126 83.36 44.65 7.91
N GLY Z 127 83.40 45.79 8.58
CA GLY Z 127 84.42 46.06 9.59
C GLY Z 127 85.51 46.99 9.12
N SER Z 128 85.67 47.16 7.82
CA SER Z 128 86.67 48.06 7.26
C SER Z 128 86.05 48.80 6.09
N PRO Z 129 86.54 50.01 5.78
CA PRO Z 129 86.02 50.71 4.59
C PRO Z 129 86.26 49.96 3.30
N THR Z 130 87.41 49.27 3.19
CA THR Z 130 87.71 48.52 1.98
C THR Z 130 87.20 47.08 2.05
N GLY Z 131 87.02 46.56 3.25
CA GLY Z 131 86.46 45.23 3.44
C GLY Z 131 87.45 44.11 3.61
N TYR Z 132 88.74 44.41 3.78
CA TYR Z 132 89.75 43.37 3.95
C TYR Z 132 89.44 42.52 5.17
N ALA AA 2 61.93 43.56 -8.78
CA ALA AA 2 61.20 43.32 -10.02
C ALA AA 2 59.75 43.79 -9.91
N LYS AA 3 59.56 44.97 -9.33
CA LYS AA 3 58.23 45.54 -9.14
C LYS AA 3 58.04 46.86 -9.87
N GLY AA 4 59.03 47.74 -9.84
CA GLY AA 4 58.92 49.03 -10.49
C GLY AA 4 59.94 49.24 -11.58
N ARG AA 5 60.15 48.22 -12.41
CA ARG AA 5 61.25 48.22 -13.35
C ARG AA 5 60.86 48.68 -14.75
N THR AA 6 59.65 48.38 -15.20
CA THR AA 6 59.21 48.90 -16.47
C THR AA 6 58.17 49.98 -16.26
N PRO AA 7 58.12 50.98 -17.14
CA PRO AA 7 57.14 52.06 -16.98
C PRO AA 7 55.72 51.58 -17.26
N ARG AA 8 54.79 51.99 -16.39
CA ARG AA 8 53.39 51.62 -16.50
C ARG AA 8 52.57 52.86 -16.81
N SER AA 9 51.73 52.78 -17.85
CA SER AA 9 50.89 53.90 -18.25
C SER AA 9 49.55 53.85 -17.51
N PHE AA 10 48.67 54.81 -17.81
CA PHE AA 10 47.40 54.86 -17.09
C PHE AA 10 46.57 53.60 -17.30
N SER AA 11 46.50 53.09 -18.52
CA SER AA 11 45.66 51.94 -18.79
C SER AA 11 46.20 50.69 -18.09
N GLN AA 12 47.51 50.55 -18.01
CA GLN AA 12 48.09 49.40 -17.31
C GLN AA 12 47.83 49.47 -15.81
N ARG AA 13 48.07 50.62 -15.20
CA ARG AA 13 47.76 50.82 -13.79
C ARG AA 13 46.30 50.54 -13.51
N TYR AA 14 45.40 51.12 -14.31
CA TYR AA 14 43.98 50.93 -14.09
C TYR AA 14 43.58 49.46 -14.25
N GLY AA 15 44.13 48.78 -15.25
CA GLY AA 15 43.79 47.38 -15.45
C GLY AA 15 44.22 46.50 -14.29
N LYS AA 16 45.46 46.67 -13.83
CA LYS AA 16 45.93 45.84 -12.72
C LYS AA 16 45.21 46.19 -11.42
N TRP AA 17 45.00 47.48 -11.15
CA TRP AA 17 44.27 47.87 -9.96
C TRP AA 17 42.86 47.29 -9.97
N ASN AA 18 42.19 47.34 -11.12
CA ASN AA 18 40.84 46.85 -11.23
C ASN AA 18 40.79 45.33 -11.07
N ALA AA 19 41.79 44.63 -11.61
CA ALA AA 19 41.87 43.18 -11.44
C ALA AA 19 42.02 42.80 -9.97
N LYS AA 20 42.96 43.45 -9.28
CA LYS AA 20 43.17 43.14 -7.87
C LYS AA 20 41.97 43.54 -7.02
N PHE AA 21 41.29 44.63 -7.38
CA PHE AA 21 40.12 45.07 -6.61
C PHE AA 21 38.95 44.11 -6.80
N THR AA 22 38.73 43.67 -8.04
CA THR AA 22 37.70 42.67 -8.30
C THR AA 22 38.01 41.36 -7.57
N ALA AA 23 39.29 40.99 -7.49
CA ALA AA 23 39.65 39.77 -6.78
C ALA AA 23 39.41 39.90 -5.29
N PHE AA 24 39.80 41.03 -4.69
CA PHE AA 24 39.68 41.20 -3.25
C PHE AA 24 38.22 41.29 -2.79
N SER AA 25 37.28 41.61 -3.69
CA SER AA 25 35.87 41.69 -3.36
C SER AA 25 35.22 40.33 -3.19
N ASN AA 26 35.88 39.26 -3.61
CA ASN AA 26 35.38 37.92 -3.36
C ASN AA 26 35.27 37.69 -1.85
N PRO AA 27 34.24 36.97 -1.40
CA PRO AA 27 34.12 36.74 0.05
C PRO AA 27 35.28 35.95 0.64
N THR AA 28 35.68 34.88 -0.04
CA THR AA 28 36.73 34.01 0.49
C THR AA 28 38.09 34.71 0.48
N VAL AA 29 38.38 35.48 -0.56
CA VAL AA 29 39.68 36.15 -0.65
C VAL AA 29 39.85 37.15 0.48
N ALA AA 30 38.92 38.09 0.58
CA ALA AA 30 39.00 39.12 1.63
C ALA AA 30 38.96 38.49 3.01
N SER AA 31 38.04 37.55 3.22
CA SER AA 31 37.93 36.89 4.53
C SER AA 31 39.26 36.25 4.92
N THR AA 32 39.83 35.44 4.02
CA THR AA 32 41.07 34.73 4.31
C THR AA 32 42.21 35.70 4.61
N ILE AA 33 42.41 36.70 3.76
CA ILE AA 33 43.54 37.61 3.93
C ILE AA 33 43.42 38.38 5.24
N LEU AA 34 42.23 38.94 5.51
CA LEU AA 34 42.09 39.78 6.70
C LEU AA 34 42.13 38.97 7.98
N THR AA 35 41.50 37.79 7.98
CA THR AA 35 41.57 36.91 9.14
C THR AA 35 43.00 36.47 9.41
N ASN AA 36 43.80 36.28 8.35
CA ASN AA 36 45.18 35.87 8.55
C ASN AA 36 46.04 37.01 9.05
N VAL AA 37 45.78 38.24 8.62
CA VAL AA 37 46.64 39.36 9.04
C VAL AA 37 46.17 40.05 10.30
N ALA AA 38 45.02 39.66 10.87
CA ALA AA 38 44.53 40.32 12.08
C ALA AA 38 45.56 40.42 13.20
N PRO AA 39 46.22 39.33 13.65
CA PRO AA 39 47.12 39.47 14.82
C PRO AA 39 48.34 40.36 14.57
N ILE AA 40 48.91 40.31 13.36
CA ILE AA 40 50.07 41.14 13.07
C ILE AA 40 49.67 42.61 13.01
N ALA AA 41 48.50 42.91 12.45
CA ALA AA 41 48.01 44.27 12.41
C ALA AA 41 47.72 44.79 13.81
N GLN AA 42 47.13 43.95 14.66
CA GLN AA 42 46.92 44.32 16.06
C GLN AA 42 48.24 44.64 16.74
N GLY AA 43 49.25 43.81 16.56
CA GLY AA 43 50.55 44.08 17.16
C GLY AA 43 51.20 45.35 16.64
N ASN AA 44 51.05 45.64 15.35
CA ASN AA 44 51.63 46.85 14.80
C ASN AA 44 50.94 48.10 15.34
N PHE AA 45 49.61 48.05 15.43
CA PHE AA 45 48.86 49.13 16.08
C PHE AA 45 49.35 49.33 17.51
N GLN AA 46 49.39 48.25 18.30
CA GLN AA 46 49.79 48.36 19.69
C GLN AA 46 51.21 48.86 19.84
N THR AA 47 52.08 48.57 18.88
CA THR AA 47 53.47 49.03 18.97
C THR AA 47 53.59 50.51 18.63
N ASN AA 48 52.85 50.98 17.63
CA ASN AA 48 53.14 52.31 17.11
C ASN AA 48 52.23 53.42 17.62
N VAL AA 49 50.93 53.15 17.83
CA VAL AA 49 49.96 54.23 18.07
C VAL AA 49 50.12 54.96 19.40
N PRO AA 50 50.52 54.32 20.51
CA PRO AA 50 50.68 55.08 21.76
C PRO AA 50 51.63 56.26 21.66
N LYS AA 51 52.70 56.13 20.88
CA LYS AA 51 53.63 57.24 20.67
C LYS AA 51 52.96 58.46 20.07
N PHE AA 52 51.87 58.27 19.33
CA PHE AA 52 51.18 59.36 18.67
C PHE AA 52 50.00 59.88 19.47
N THR AA 53 49.31 59.02 20.22
CA THR AA 53 48.31 59.53 21.16
C THR AA 53 48.95 60.37 22.25
N SER AA 54 50.15 60.00 22.70
CA SER AA 54 50.84 60.82 23.69
C SER AA 54 51.17 62.20 23.13
N VAL AA 55 51.64 62.25 21.88
CA VAL AA 55 51.93 63.53 21.24
C VAL AA 55 50.68 64.36 21.11
N ASN AA 56 49.55 63.73 20.76
CA ASN AA 56 48.29 64.45 20.69
C ASN AA 56 47.95 65.12 22.02
N GLU AA 57 48.04 64.36 23.12
CA GLU AA 57 47.68 64.93 24.41
C GLU AA 57 48.62 66.05 24.84
N GLN AA 58 49.93 65.87 24.63
CA GLN AA 58 50.87 66.91 25.04
C GLN AA 58 50.72 68.18 24.19
N VAL AA 59 50.53 68.02 22.88
CA VAL AA 59 50.37 69.19 22.02
C VAL AA 59 49.05 69.89 22.32
N SER AA 60 48.02 69.13 22.71
CA SER AA 60 46.78 69.76 23.17
C SER AA 60 47.03 70.64 24.38
N ALA AA 61 47.75 70.11 25.36
CA ALA AA 61 48.06 70.89 26.56
C ALA AA 61 48.84 72.16 26.20
N VAL AA 62 49.78 72.06 25.25
CA VAL AA 62 50.57 73.21 24.84
C VAL AA 62 49.71 74.22 24.11
N LEU AA 63 48.77 73.74 23.28
CA LEU AA 63 47.97 74.64 22.45
C LEU AA 63 46.95 75.40 23.29
N THR AA 64 46.45 74.80 24.36
CA THR AA 64 45.50 75.51 25.21
C THR AA 64 46.17 76.64 25.97
N GLN AA 65 47.48 76.53 26.22
CA GLN AA 65 48.22 77.60 26.89
C GLN AA 65 48.46 78.80 25.99
N TYR AA 66 48.45 78.61 24.68
CA TYR AA 66 48.69 79.69 23.74
C TYR AA 66 47.40 80.24 23.14
N GLY AA 67 46.24 79.75 23.55
CA GLY AA 67 44.98 80.30 23.10
C GLY AA 67 44.54 79.90 21.72
N VAL AA 68 45.04 78.80 21.20
CA VAL AA 68 44.69 78.35 19.85
C VAL AA 68 43.42 77.50 19.92
N THR AA 69 42.43 77.86 19.11
CA THR AA 69 41.13 77.20 19.13
C THR AA 69 40.70 76.88 17.71
N GLY AA 70 39.82 75.89 17.60
CA GLY AA 70 39.16 75.59 16.35
C GLY AA 70 40.03 74.81 15.38
N PRO AA 71 39.69 74.88 14.09
CA PRO AA 71 40.52 74.19 13.09
C PRO AA 71 41.95 74.65 13.06
N SER AA 72 42.23 75.88 13.50
CA SER AA 72 43.60 76.36 13.57
C SER AA 72 44.46 75.54 14.51
N ARG AA 73 43.85 74.75 15.40
CA ARG AA 73 44.63 73.82 16.21
C ARG AA 73 45.19 72.70 15.36
N ALA AA 74 44.39 72.15 14.45
CA ALA AA 74 44.81 71.00 13.66
C ALA AA 74 46.18 71.21 13.04
N ILE AA 75 46.46 72.41 12.56
CA ILE AA 75 47.75 72.75 11.97
C ILE AA 75 48.87 72.23 12.87
N TYR AA 76 48.94 72.77 14.07
CA TYR AA 76 50.03 72.39 14.97
C TYR AA 76 49.95 70.92 15.34
N GLN AA 77 48.73 70.41 15.57
CA GLN AA 77 48.60 68.99 15.82
C GLN AA 77 49.24 68.20 14.70
N GLY AA 78 48.88 68.52 13.45
CA GLY AA 78 49.47 67.82 12.33
C GLY AA 78 50.98 67.94 12.34
N TYR AA 79 51.48 69.17 12.53
CA TYR AA 79 52.93 69.37 12.55
C TYR AA 79 53.56 68.49 13.61
N GLY AA 80 52.95 68.47 14.80
CA GLY AA 80 53.48 67.60 15.86
C GLY AA 80 53.59 66.17 15.40
N LEU AA 81 52.51 65.62 14.86
CA LEU AA 81 52.55 64.24 14.41
C LEU AA 81 53.62 64.05 13.36
N LYS AA 82 53.75 65.01 12.44
CA LYS AA 82 54.80 64.96 11.44
C LYS AA 82 56.15 64.78 12.10
N VAL AA 83 56.48 65.62 13.09
CA VAL AA 83 57.76 65.50 13.76
C VAL AA 83 57.88 64.14 14.42
N ALA AA 84 56.82 63.69 15.09
CA ALA AA 84 56.88 62.38 15.73
C ALA AA 84 57.16 61.30 14.71
N ARG AA 85 56.56 61.40 13.53
CA ARG AA 85 56.82 60.43 12.46
C ARG AA 85 58.31 60.33 12.20
N ALA AA 86 58.97 61.48 12.06
CA ALA AA 86 60.41 61.48 11.82
C ALA AA 86 61.14 60.76 12.94
N LEU AA 87 60.79 61.06 14.19
CA LEU AA 87 61.46 60.43 15.31
C LEU AA 87 61.26 58.92 15.29
N ASN AA 88 60.11 58.47 14.78
CA ASN AA 88 59.88 57.03 14.74
C ASN AA 88 60.67 56.39 13.60
N ARG AA 89 60.90 57.12 12.50
CA ARG AA 89 61.48 56.51 11.33
C ARG AA 89 63.00 56.45 11.41
N ILE AA 90 63.65 57.59 11.65
CA ILE AA 90 65.09 57.66 11.58
C ILE AA 90 65.77 57.80 12.94
N GLY AA 91 65.06 58.26 13.96
CA GLY AA 91 65.62 58.44 15.28
C GLY AA 91 66.32 59.78 15.43
N ALA AA 92 66.82 60.01 16.63
CA ALA AA 92 67.45 61.28 16.97
C ALA AA 92 68.85 61.36 16.39
N GLY AA 93 69.25 62.57 16.00
CA GLY AA 93 70.52 62.79 15.36
C GLY AA 93 70.44 63.94 14.37
N PRO AA 94 71.53 64.19 13.64
CA PRO AA 94 71.55 65.31 12.69
C PRO AA 94 70.49 65.25 11.61
N ALA AA 95 70.12 64.05 11.16
CA ALA AA 95 69.06 63.92 10.17
C ALA AA 95 67.73 64.41 10.72
N LEU AA 96 67.46 64.13 12.00
CA LEU AA 96 66.25 64.64 12.62
C LEU AA 96 66.25 66.15 12.70
N THR AA 97 67.42 66.76 12.91
CA THR AA 97 67.51 68.22 12.91
C THR AA 97 67.20 68.78 11.52
N ASN AA 98 67.77 68.17 10.49
CA ASN AA 98 67.47 68.61 9.12
C ASN AA 98 65.98 68.50 8.82
N MET AA 99 65.36 67.39 9.23
CA MET AA 99 63.94 67.23 8.96
C MET AA 99 63.08 68.20 9.75
N VAL AA 100 63.47 68.51 11.00
CA VAL AA 100 62.70 69.48 11.77
C VAL AA 100 62.78 70.86 11.14
N ALA AA 101 63.97 71.27 10.70
CA ALA AA 101 64.10 72.56 10.02
C ALA AA 101 63.26 72.59 8.75
N GLY AA 102 63.30 71.51 7.97
CA GLY AA 102 62.53 71.47 6.74
C GLY AA 102 61.03 71.48 6.98
N LEU AA 103 60.58 70.83 8.04
CA LEU AA 103 59.15 70.81 8.37
C LEU AA 103 58.68 72.17 8.85
N LYS AA 104 59.52 72.87 9.62
CA LYS AA 104 59.17 74.23 10.03
C LYS AA 104 59.06 75.15 8.83
N ALA AA 105 60.03 75.07 7.90
CA ALA AA 105 59.93 75.85 6.66
C ALA AA 105 58.64 75.52 5.91
N TYR AA 106 58.37 74.23 5.72
CA TYR AA 106 57.14 73.78 5.07
C TYR AA 106 55.92 74.46 5.68
N TYR AA 107 55.72 74.30 6.99
CA TYR AA 107 54.48 74.76 7.59
C TYR AA 107 54.40 76.28 7.63
N VAL AA 108 55.49 76.97 7.93
CA VAL AA 108 55.46 78.43 7.98
C VAL AA 108 55.19 79.02 6.61
N SER AA 109 55.77 78.45 5.55
CA SER AA 109 55.63 79.06 4.24
C SER AA 109 54.32 78.67 3.56
N ALA AA 110 53.88 77.43 3.72
CA ALA AA 110 52.70 76.99 2.99
C ALA AA 110 51.41 77.20 3.77
N TYR AA 111 51.41 77.00 5.08
CA TYR AA 111 50.18 76.99 5.86
C TYR AA 111 50.08 78.17 6.82
N GLY AA 112 51.06 79.06 6.83
CA GLY AA 112 50.96 80.27 7.62
C GLY AA 112 50.95 80.05 9.12
N ALA AA 113 51.67 79.04 9.60
CA ALA AA 113 51.73 78.78 11.03
C ALA AA 113 52.67 79.75 11.72
N ASN AA 114 52.50 79.87 13.04
CA ASN AA 114 53.29 80.78 13.88
C ASN AA 114 54.58 80.10 14.31
N PRO AA 115 55.73 80.73 14.10
CA PRO AA 115 57.00 80.09 14.52
C PRO AA 115 57.10 79.85 16.01
N GLU AA 116 56.50 80.71 16.85
CA GLU AA 116 56.60 80.53 18.29
C GLU AA 116 55.87 79.27 18.75
N ILE AA 117 54.65 79.06 18.24
CA ILE AA 117 53.92 77.86 18.63
C ILE AA 117 54.58 76.62 18.03
N LEU AA 118 55.22 76.75 16.87
CA LEU AA 118 55.97 75.63 16.32
C LEU AA 118 57.16 75.28 17.21
N ASP AA 119 57.86 76.29 17.71
CA ASP AA 119 58.93 76.06 18.67
C ASP AA 119 58.43 75.38 19.94
N ALA AA 120 57.28 75.84 20.46
CA ALA AA 120 56.73 75.24 21.67
C ALA AA 120 56.34 73.78 21.45
N VAL AA 121 55.78 73.47 20.28
CA VAL AA 121 55.37 72.09 19.99
C VAL AA 121 56.59 71.19 19.85
N THR AA 122 57.58 71.63 19.08
CA THR AA 122 58.78 70.81 18.95
C THR AA 122 59.57 70.75 20.24
N ASN AA 123 59.36 71.70 21.15
CA ASN AA 123 59.99 71.64 22.46
C ASN AA 123 59.33 70.60 23.35
N ILE AA 124 57.99 70.53 23.31
CA ILE AA 124 57.32 69.49 24.09
C ILE AA 124 57.58 68.11 23.50
N ILE AA 125 57.87 68.02 22.20
CA ILE AA 125 58.06 66.71 21.58
C ILE AA 125 59.50 66.23 21.68
N LEU AA 126 60.45 67.03 21.22
CA LEU AA 126 61.83 66.58 21.13
C LEU AA 126 62.70 67.04 22.29
N GLY AA 127 62.25 68.01 23.07
CA GLY AA 127 63.00 68.53 24.21
C GLY AA 127 63.62 69.88 23.98
N SER AA 128 63.77 70.30 22.73
CA SER AA 128 64.37 71.58 22.41
C SER AA 128 63.65 72.18 21.21
N PRO AA 129 63.62 73.51 21.10
CA PRO AA 129 63.03 74.12 19.89
C PRO AA 129 63.72 73.71 18.60
N THR AA 130 65.05 73.63 18.61
CA THR AA 130 65.76 73.16 17.42
C THR AA 130 65.74 71.65 17.30
N GLY AA 131 65.67 70.95 18.42
CA GLY AA 131 65.61 69.50 18.41
C GLY AA 131 66.93 68.77 18.58
N TYR AA 132 68.01 69.47 18.90
CA TYR AA 132 69.31 68.82 19.07
C TYR AA 132 69.25 67.82 20.20
N ALA BA 2 67.40 -4.76 -28.07
CA ALA BA 2 66.50 -4.57 -29.20
C ALA BA 2 65.88 -3.18 -29.16
N LYS BA 3 66.72 -2.16 -28.96
CA LYS BA 3 66.26 -0.78 -28.88
C LYS BA 3 66.86 0.10 -29.96
N GLY BA 4 68.16 -0.01 -30.21
CA GLY BA 4 68.80 0.80 -31.22
C GLY BA 4 69.35 -0.01 -32.37
N ARG BA 5 68.57 -0.96 -32.86
CA ARG BA 5 69.06 -1.90 -33.87
C ARG BA 5 68.73 -1.48 -35.29
N THR BA 6 67.65 -0.74 -35.49
CA THR BA 6 67.32 -0.23 -36.81
C THR BA 6 67.38 1.29 -36.80
N PRO BA 7 67.80 1.91 -37.91
CA PRO BA 7 67.88 3.38 -37.95
C PRO BA 7 66.51 4.02 -37.96
N ARG BA 8 66.37 5.12 -37.22
CA ARG BA 8 65.12 5.84 -37.08
C ARG BA 8 65.28 7.24 -37.64
N SER BA 9 64.37 7.65 -38.52
CA SER BA 9 64.42 8.96 -39.14
C SER BA 9 63.67 9.97 -38.26
N PHE BA 10 63.69 11.25 -38.68
CA PHE BA 10 63.02 12.27 -37.89
C PHE BA 10 61.53 12.00 -37.76
N SER BA 11 60.91 11.46 -38.81
CA SER BA 11 59.48 11.16 -38.75
C SER BA 11 59.18 10.10 -37.70
N GLN BA 12 60.00 9.05 -37.64
CA GLN BA 12 59.76 7.98 -36.68
C GLN BA 12 60.03 8.44 -35.26
N ARG BA 13 61.16 9.14 -35.05
CA ARG BA 13 61.46 9.70 -33.73
C ARG BA 13 60.34 10.61 -33.27
N TYR BA 14 59.90 11.52 -34.14
CA TYR BA 14 58.87 12.46 -33.76
C TYR BA 14 57.54 11.77 -33.48
N GLY BA 15 57.19 10.78 -34.30
CA GLY BA 15 55.94 10.07 -34.07
C GLY BA 15 55.92 9.32 -32.76
N LYS BA 16 57.02 8.62 -32.44
CA LYS BA 16 57.03 7.86 -31.20
C LYS BA 16 57.14 8.78 -29.99
N TRP BA 17 57.95 9.84 -30.08
CA TRP BA 17 58.02 10.80 -29.00
C TRP BA 17 56.67 11.45 -28.74
N ASN BA 18 55.95 11.82 -29.81
CA ASN BA 18 54.66 12.48 -29.64
C ASN BA 18 53.64 11.51 -29.08
N ALA BA 19 53.66 10.25 -29.50
CA ALA BA 19 52.79 9.24 -28.93
C ALA BA 19 53.03 9.09 -27.43
N LYS BA 20 54.29 8.95 -27.04
CA LYS BA 20 54.60 8.75 -25.63
C LYS BA 20 54.28 9.98 -24.79
N PHE BA 21 54.52 11.18 -25.33
CA PHE BA 21 54.20 12.41 -24.62
C PHE BA 21 52.70 12.56 -24.44
N THR BA 22 51.92 12.28 -25.48
CA THR BA 22 50.47 12.33 -25.36
C THR BA 22 49.95 11.31 -24.37
N ALA BA 23 50.55 10.11 -24.34
CA ALA BA 23 50.15 9.11 -23.36
C ALA BA 23 50.44 9.58 -21.93
N PHE BA 24 51.63 10.15 -21.71
CA PHE BA 24 52.01 10.56 -20.37
C PHE BA 24 51.19 11.73 -19.84
N SER BA 25 50.54 12.50 -20.71
CA SER BA 25 49.74 13.64 -20.26
C SER BA 25 48.42 13.22 -19.66
N ASN BA 26 48.04 11.96 -19.78
CA ASN BA 26 46.84 11.45 -19.13
C ASN BA 26 46.99 11.56 -17.62
N PRO BA 27 45.95 11.94 -16.89
CA PRO BA 27 46.08 12.05 -15.42
C PRO BA 27 46.45 10.74 -14.77
N THR BA 28 45.74 9.66 -15.12
CA THR BA 28 45.98 8.36 -14.51
C THR BA 28 47.38 7.84 -14.82
N VAL BA 29 47.80 7.93 -16.08
CA VAL BA 29 49.09 7.41 -16.49
C VAL BA 29 50.22 8.10 -15.72
N ALA BA 30 50.24 9.43 -15.79
CA ALA BA 30 51.29 10.20 -15.16
C ALA BA 30 51.29 10.01 -13.64
N SER BA 31 50.13 10.14 -13.02
CA SER BA 31 50.06 10.01 -11.56
C SER BA 31 50.51 8.63 -11.12
N THR BA 32 50.12 7.59 -11.86
CA THR BA 32 50.51 6.23 -11.50
C THR BA 32 52.01 6.03 -11.61
N ILE BA 33 52.58 6.40 -12.75
CA ILE BA 33 54.03 6.21 -12.94
C ILE BA 33 54.81 6.97 -11.87
N LEU BA 34 54.42 8.23 -11.61
CA LEU BA 34 55.20 9.06 -10.71
C LEU BA 34 55.04 8.63 -9.25
N THR BA 35 53.82 8.26 -8.85
CA THR BA 35 53.61 7.79 -7.50
C THR BA 35 54.29 6.44 -7.27
N ASN BA 36 54.46 5.65 -8.32
CA ASN BA 36 55.18 4.39 -8.17
C ASN BA 36 56.68 4.61 -8.07
N VAL BA 37 57.24 5.53 -8.85
CA VAL BA 37 58.70 5.73 -8.82
C VAL BA 37 59.15 6.74 -7.77
N ALA BA 38 58.23 7.35 -7.01
CA ALA BA 38 58.63 8.33 -6.01
C ALA BA 38 59.67 7.84 -5.00
N PRO BA 39 59.49 6.70 -4.32
CA PRO BA 39 60.52 6.30 -3.33
C PRO BA 39 61.88 5.99 -3.92
N ILE BA 40 61.92 5.40 -5.12
CA ILE BA 40 63.19 5.09 -5.75
C ILE BA 40 63.91 6.38 -6.15
N ALA BA 41 63.15 7.36 -6.64
CA ALA BA 41 63.74 8.66 -6.97
C ALA BA 41 64.29 9.34 -5.74
N GLN BA 42 63.53 9.33 -4.64
CA GLN BA 42 64.02 9.90 -3.39
C GLN BA 42 65.30 9.22 -2.93
N GLY BA 43 65.35 7.89 -3.04
CA GLY BA 43 66.54 7.17 -2.62
C GLY BA 43 67.76 7.49 -3.47
N ASN BA 44 67.58 7.59 -4.78
CA ASN BA 44 68.71 7.93 -5.65
C ASN BA 44 69.19 9.35 -5.41
N PHE BA 45 68.26 10.28 -5.14
CA PHE BA 45 68.65 11.63 -4.78
C PHE BA 45 69.48 11.65 -3.49
N GLN BA 46 68.96 10.99 -2.45
CA GLN BA 46 69.66 10.94 -1.17
C GLN BA 46 71.01 10.24 -1.29
N THR BA 47 71.14 9.32 -2.24
CA THR BA 47 72.40 8.61 -2.41
C THR BA 47 73.43 9.48 -3.12
N ASN BA 48 73.02 10.25 -4.12
CA ASN BA 48 74.01 10.85 -5.01
C ASN BA 48 74.25 12.35 -4.80
N VAL BA 49 73.28 13.13 -4.36
CA VAL BA 49 73.45 14.58 -4.36
C VAL BA 49 74.43 15.11 -3.30
N PRO BA 50 74.55 14.52 -2.11
CA PRO BA 50 75.53 15.05 -1.14
C PRO BA 50 76.96 15.16 -1.66
N LYS BA 51 77.40 14.16 -2.44
CA LYS BA 51 78.74 14.20 -3.04
C LYS BA 51 78.96 15.44 -3.89
N PHE BA 52 77.88 16.03 -4.41
CA PHE BA 52 77.98 17.20 -5.28
C PHE BA 52 77.74 18.50 -4.54
N THR BA 53 76.88 18.50 -3.52
CA THR BA 53 76.75 19.70 -2.68
C THR BA 53 78.06 20.00 -1.95
N SER BA 54 78.73 18.97 -1.45
CA SER BA 54 80.01 19.20 -0.77
C SER BA 54 81.05 19.74 -1.73
N VAL BA 55 81.07 19.23 -2.96
CA VAL BA 55 82.00 19.75 -3.97
C VAL BA 55 81.69 21.20 -4.27
N ASN BA 56 80.41 21.55 -4.39
CA ASN BA 56 80.03 22.94 -4.57
C ASN BA 56 80.61 23.83 -3.48
N GLU BA 57 80.44 23.43 -2.22
CA GLU BA 57 80.91 24.27 -1.13
C GLU BA 57 82.43 24.38 -1.09
N GLN BA 58 83.13 23.27 -1.32
CA GLN BA 58 84.60 23.31 -1.30
C GLN BA 58 85.15 24.16 -2.45
N VAL BA 59 84.56 24.03 -3.64
CA VAL BA 59 85.04 24.81 -4.77
C VAL BA 59 84.72 26.27 -4.58
N SER BA 60 83.59 26.59 -3.97
CA SER BA 60 83.30 27.98 -3.63
C SER BA 60 84.37 28.55 -2.70
N ALA BA 61 84.75 27.77 -1.68
CA ALA BA 61 85.79 28.22 -0.76
C ALA BA 61 87.12 28.43 -1.48
N VAL BA 62 87.46 27.54 -2.41
CA VAL BA 62 88.70 27.70 -3.17
C VAL BA 62 88.64 28.92 -4.08
N LEU BA 63 87.47 29.20 -4.64
CA LEU BA 63 87.34 30.27 -5.62
C LEU BA 63 87.35 31.64 -4.97
N THR BA 64 86.85 31.74 -3.73
CA THR BA 64 86.92 33.03 -3.04
C THR BA 64 88.37 33.44 -2.75
N GLN BA 65 89.25 32.47 -2.48
CA GLN BA 65 90.65 32.77 -2.23
C GLN BA 65 91.41 33.19 -3.48
N TYR BA 66 90.86 32.93 -4.67
CA TYR BA 66 91.51 33.28 -5.91
C TYR BA 66 90.90 34.50 -6.59
N GLY BA 67 89.84 35.08 -6.05
CA GLY BA 67 89.30 36.32 -6.54
C GLY BA 67 88.31 36.19 -7.68
N VAL BA 68 87.73 35.03 -7.88
CA VAL BA 68 86.80 34.80 -8.99
C VAL BA 68 85.41 35.23 -8.54
N THR BA 69 84.78 36.11 -9.32
CA THR BA 69 83.46 36.65 -9.02
C THR BA 69 82.57 36.56 -10.25
N GLY BA 70 81.27 36.43 -10.01
CA GLY BA 70 80.29 36.49 -11.07
C GLY BA 70 80.20 35.22 -11.88
N PRO BA 71 79.74 35.33 -13.14
CA PRO BA 71 79.60 34.12 -13.97
C PRO BA 71 80.91 33.38 -14.20
N SER BA 72 82.05 34.05 -14.07
CA SER BA 72 83.33 33.36 -14.17
C SER BA 72 83.48 32.28 -13.11
N ARG BA 73 82.77 32.38 -11.99
CA ARG BA 73 82.77 31.30 -11.02
C ARG BA 73 82.12 30.05 -11.58
N ALA BA 74 81.02 30.20 -12.31
CA ALA BA 74 80.30 29.05 -12.86
C ALA BA 74 81.24 28.13 -13.62
N ILE BA 75 82.12 28.69 -14.45
CA ILE BA 75 83.10 27.90 -15.20
C ILE BA 75 83.72 26.86 -14.28
N TYR BA 76 84.38 27.33 -13.23
CA TYR BA 76 85.10 26.41 -12.37
C TYR BA 76 84.16 25.51 -11.60
N GLN BA 77 83.02 26.05 -11.14
CA GLN BA 77 82.04 25.19 -10.51
C GLN BA 77 81.66 24.06 -11.44
N GLY BA 78 81.34 24.40 -12.70
CA GLY BA 78 81.03 23.38 -13.67
C GLY BA 78 82.14 22.36 -13.79
N TYR BA 79 83.38 22.83 -13.94
CA TYR BA 79 84.50 21.91 -14.04
C TYR BA 79 84.51 20.97 -12.85
N GLY BA 80 84.40 21.52 -11.64
CA GLY BA 80 84.41 20.69 -10.46
C GLY BA 80 83.36 19.61 -10.53
N LEU BA 81 82.13 20.00 -10.87
CA LEU BA 81 81.07 19.02 -10.93
C LEU BA 81 81.40 17.92 -11.92
N LYS BA 82 81.89 18.31 -13.11
CA LYS BA 82 82.29 17.32 -14.09
C LYS BA 82 83.27 16.33 -13.50
N VAL BA 83 84.31 16.84 -12.82
CA VAL BA 83 85.30 15.95 -12.23
C VAL BA 83 84.64 15.01 -11.24
N ALA BA 84 83.80 15.55 -10.37
CA ALA BA 84 83.13 14.70 -9.39
C ALA BA 84 82.30 13.64 -10.07
N ARG BA 85 81.64 13.99 -11.17
CA ARG BA 85 80.86 13.02 -11.92
C ARG BA 85 81.73 11.83 -12.30
N ALA BA 86 82.92 12.10 -12.86
CA ALA BA 86 83.82 11.03 -13.24
C ALA BA 86 84.16 10.15 -12.04
N LEU BA 87 84.42 10.77 -10.89
CA LEU BA 87 84.80 9.98 -9.72
C LEU BA 87 83.65 9.10 -9.27
N ASN BA 88 82.42 9.58 -9.45
CA ASN BA 88 81.28 8.77 -9.06
C ASN BA 88 81.06 7.61 -10.03
N ARG BA 89 81.55 7.75 -11.26
CA ARG BA 89 81.18 6.79 -12.30
C ARG BA 89 82.16 5.63 -12.35
N ILE BA 90 83.45 5.92 -12.55
CA ILE BA 90 84.42 4.87 -12.82
C ILE BA 90 85.38 4.63 -11.67
N GLY BA 91 85.53 5.58 -10.76
CA GLY BA 91 86.40 5.42 -9.61
C GLY BA 91 87.80 5.94 -9.86
N ALA BA 92 88.60 5.90 -8.81
CA ALA BA 92 89.98 6.38 -8.87
C ALA BA 92 90.88 5.35 -9.54
N GLY BA 93 91.83 5.84 -10.32
CA GLY BA 93 92.74 5.00 -11.06
C GLY BA 93 93.24 5.68 -12.30
N PRO BA 94 93.91 4.93 -13.18
CA PRO BA 94 94.42 5.55 -14.43
C PRO BA 94 93.33 6.16 -15.30
N ALA BA 95 92.14 5.59 -15.31
CA ALA BA 95 91.05 6.15 -16.12
C ALA BA 95 90.65 7.53 -15.61
N LEU BA 96 90.61 7.71 -14.30
CA LEU BA 96 90.32 9.02 -13.74
C LEU BA 96 91.40 10.04 -14.11
N THR BA 97 92.65 9.61 -14.16
CA THR BA 97 93.72 10.50 -14.59
C THR BA 97 93.53 10.93 -16.05
N ASN BA 98 93.20 9.98 -16.92
CA ASN BA 98 92.94 10.29 -18.32
C ASN BA 98 91.80 11.28 -18.46
N MET BA 99 90.70 11.04 -17.74
CA MET BA 99 89.55 11.93 -17.87
C MET BA 99 89.82 13.30 -17.26
N VAL BA 100 90.62 13.39 -16.20
CA VAL BA 100 90.96 14.69 -15.64
C VAL BA 100 91.81 15.49 -16.63
N ALA BA 101 92.81 14.84 -17.23
CA ALA BA 101 93.61 15.53 -18.24
C ALA BA 101 92.76 15.98 -19.42
N GLY BA 102 91.85 15.13 -19.88
CA GLY BA 102 91.00 15.49 -20.99
C GLY BA 102 90.04 16.63 -20.66
N LEU BA 103 89.52 16.65 -19.44
CA LEU BA 103 88.63 17.71 -19.02
C LEU BA 103 89.37 19.04 -18.87
N LYS BA 104 90.62 19.00 -18.40
CA LYS BA 104 91.39 20.23 -18.33
C LYS BA 104 91.71 20.77 -19.72
N ALA BA 105 92.08 19.88 -20.65
CA ALA BA 105 92.26 20.31 -22.03
C ALA BA 105 90.98 20.92 -22.58
N TYR BA 106 89.85 20.27 -22.35
CA TYR BA 106 88.55 20.79 -22.76
C TYR BA 106 88.33 22.20 -22.27
N TYR BA 107 88.41 22.42 -20.96
CA TYR BA 107 88.04 23.72 -20.40
C TYR BA 107 89.04 24.80 -20.77
N VAL BA 108 90.34 24.51 -20.72
CA VAL BA 108 91.31 25.53 -21.08
C VAL BA 108 91.20 25.92 -22.54
N SER BA 109 90.98 24.95 -23.44
CA SER BA 109 91.02 25.26 -24.86
C SER BA 109 89.68 25.76 -25.39
N ALA BA 110 88.58 25.47 -24.70
CA ALA BA 110 87.28 25.91 -25.19
C ALA BA 110 86.78 27.15 -24.47
N TYR BA 111 86.95 27.24 -23.15
CA TYR BA 111 86.28 28.26 -22.36
C TYR BA 111 87.24 29.25 -21.73
N GLY BA 112 88.50 29.24 -22.12
CA GLY BA 112 89.46 30.19 -21.58
C GLY BA 112 89.66 30.09 -20.09
N ALA BA 113 89.60 28.87 -19.53
CA ALA BA 113 89.78 28.71 -18.11
C ALA BA 113 91.24 28.89 -17.73
N ASN BA 114 91.45 29.31 -16.49
CA ASN BA 114 92.77 29.50 -15.94
C ASN BA 114 93.35 28.17 -15.48
N PRO BA 115 94.52 27.77 -15.98
CA PRO BA 115 95.06 26.46 -15.57
C PRO BA 115 95.37 26.37 -14.09
N GLU BA 116 95.85 27.47 -13.48
CA GLU BA 116 96.18 27.44 -12.06
C GLU BA 116 94.95 27.21 -11.19
N ILE BA 117 93.84 27.88 -11.52
CA ILE BA 117 92.61 27.67 -10.75
C ILE BA 117 92.03 26.29 -11.01
N LEU BA 118 92.24 25.73 -12.20
CA LEU BA 118 91.78 24.37 -12.46
C LEU BA 118 92.59 23.37 -11.66
N ASP BA 119 93.89 23.59 -11.51
CA ASP BA 119 94.69 22.75 -10.63
C ASP BA 119 94.25 22.90 -9.17
N ALA BA 120 93.90 24.12 -8.76
CA ALA BA 120 93.41 24.32 -7.40
C ALA BA 120 92.11 23.55 -7.15
N VAL BA 121 91.19 23.58 -8.11
CA VAL BA 121 89.91 22.88 -7.95
C VAL BA 121 90.13 21.37 -7.96
N THR BA 122 90.96 20.88 -8.88
CA THR BA 122 91.28 19.46 -8.88
C THR BA 122 91.97 19.02 -7.59
N ASN BA 123 92.77 19.89 -6.99
CA ASN BA 123 93.42 19.58 -5.73
C ASN BA 123 92.43 19.49 -4.59
N ILE BA 124 91.46 20.40 -4.53
CA ILE BA 124 90.49 20.34 -3.44
C ILE BA 124 89.56 19.15 -3.62
N ILE BA 125 89.34 18.70 -4.86
CA ILE BA 125 88.39 17.61 -5.08
C ILE BA 125 89.06 16.24 -4.96
N LEU BA 126 90.10 16.01 -5.75
CA LEU BA 126 90.70 14.68 -5.83
C LEU BA 126 91.87 14.48 -4.90
N GLY BA 127 92.53 15.55 -4.47
CA GLY BA 127 93.67 15.47 -3.57
C GLY BA 127 94.99 15.84 -4.19
N SER BA 128 95.06 15.94 -5.52
CA SER BA 128 96.27 16.31 -6.21
C SER BA 128 95.89 17.11 -7.45
N PRO BA 129 96.77 17.99 -7.92
CA PRO BA 129 96.46 18.74 -9.16
C PRO BA 129 96.21 17.84 -10.35
N THR BA 130 96.99 16.77 -10.50
CA THR BA 130 96.77 15.84 -11.61
C THR BA 130 95.77 14.75 -11.25
N GLY BA 131 95.68 14.39 -9.98
CA GLY BA 131 94.72 13.41 -9.53
C GLY BA 131 95.26 12.02 -9.28
N TYR BA 132 96.57 11.83 -9.30
CA TYR BA 132 97.17 10.51 -9.05
C TYR BA 132 96.78 10.02 -7.66
N ALA CA 2 44.65 59.99 3.37
CA ALA CA 2 44.18 59.86 2.00
C ALA CA 2 42.67 59.72 1.94
N LYS CA 3 41.96 60.66 2.56
CA LYS CA 3 40.50 60.66 2.60
C LYS CA 3 39.89 61.90 1.95
N GLY CA 4 40.44 63.07 2.21
CA GLY CA 4 39.89 64.29 1.65
C GLY CA 4 40.86 64.99 0.72
N ARG CA 5 41.50 64.23 -0.15
CA ARG CA 5 42.58 64.76 -0.98
C ARG CA 5 42.12 65.18 -2.37
N THR CA 6 41.12 64.52 -2.93
CA THR CA 6 40.57 64.96 -4.20
C THR CA 6 39.16 65.50 -3.98
N PRO CA 7 38.77 66.52 -4.74
CA PRO CA 7 37.42 67.09 -4.57
C PRO CA 7 36.35 66.13 -5.08
N ARG CA 8 35.22 66.11 -4.38
CA ARG CA 8 34.11 65.22 -4.70
C ARG CA 8 32.85 66.03 -4.98
N SER CA 9 32.21 65.77 -6.11
CA SER CA 9 31.02 66.49 -6.53
C SER CA 9 29.79 65.89 -5.86
N PHE CA 10 28.61 66.43 -6.17
CA PHE CA 10 27.40 65.89 -5.58
C PHE CA 10 27.15 64.45 -6.00
N SER CA 11 27.39 64.13 -7.26
CA SER CA 11 27.10 62.78 -7.74
C SER CA 11 28.04 61.75 -7.13
N GLN CA 12 29.30 62.12 -6.91
CA GLN CA 12 30.24 61.21 -6.26
C GLN CA 12 29.87 60.97 -4.81
N ARG CA 13 29.61 62.04 -4.07
CA ARG CA 13 29.17 61.91 -2.69
C ARG CA 13 27.90 61.06 -2.59
N TYR CA 14 26.92 61.34 -3.45
CA TYR CA 14 25.67 60.61 -3.37
C TYR CA 14 25.87 59.15 -3.73
N GLY CA 15 26.68 58.86 -4.74
CA GLY CA 15 26.93 57.48 -5.10
C GLY CA 15 27.61 56.70 -3.99
N LYS CA 16 28.62 57.29 -3.36
CA LYS CA 16 29.31 56.56 -2.30
C LYS CA 16 28.46 56.44 -1.05
N TRP CA 17 27.75 57.52 -0.66
CA TRP CA 17 26.85 57.44 0.47
C TRP CA 17 25.77 56.40 0.26
N ASN CA 18 25.23 56.32 -0.96
CA ASN CA 18 24.18 55.36 -1.24
C ASN CA 18 24.71 53.93 -1.24
N ALA CA 19 25.91 53.72 -1.78
CA ALA CA 19 26.54 52.40 -1.72
C ALA CA 19 26.72 51.96 -0.26
N LYS CA 20 27.23 52.86 0.57
CA LYS CA 20 27.47 52.49 1.97
C LYS CA 20 26.16 52.25 2.72
N PHE CA 21 25.14 53.08 2.46
CA PHE CA 21 23.86 52.91 3.14
C PHE CA 21 23.17 51.62 2.71
N THR CA 22 23.29 51.26 1.44
CA THR CA 22 22.75 49.99 0.97
C THR CA 22 23.49 48.81 1.58
N ALA CA 23 24.81 48.93 1.74
CA ALA CA 23 25.57 47.85 2.36
C ALA CA 23 25.18 47.68 3.82
N PHE CA 24 25.02 48.77 4.55
CA PHE CA 24 24.71 48.67 5.97
C PHE CA 24 23.31 48.12 6.23
N SER CA 25 22.39 48.22 5.27
CA SER CA 25 21.04 47.70 5.46
C SER CA 25 20.99 46.18 5.44
N ASN CA 26 22.05 45.52 5.01
CA ASN CA 26 22.11 44.07 5.06
C ASN CA 26 22.03 43.62 6.53
N PRO CA 27 21.30 42.54 6.82
CA PRO CA 27 21.18 42.11 8.22
C PRO CA 27 22.52 41.74 8.84
N THR CA 28 23.34 40.99 8.12
CA THR CA 28 24.61 40.52 8.66
C THR CA 28 25.58 41.67 8.88
N VAL CA 29 25.65 42.61 7.94
CA VAL CA 29 26.61 43.71 8.06
C VAL CA 29 26.28 44.56 9.28
N ALA CA 30 25.03 45.04 9.36
CA ALA CA 30 24.62 45.88 10.47
C ALA CA 30 24.75 45.14 11.80
N SER CA 31 24.27 43.89 11.84
CA SER CA 31 24.35 43.11 13.07
C SER CA 31 25.78 42.96 13.55
N THR CA 32 26.68 42.56 12.65
CA THR CA 32 28.07 42.33 13.02
C THR CA 32 28.72 43.61 13.51
N ILE CA 33 28.59 44.70 12.75
CA ILE CA 33 29.24 45.95 13.12
C ILE CA 33 28.72 46.45 14.47
N LEU CA 34 27.40 46.41 14.66
CA LEU CA 34 26.82 47.00 15.86
C LEU CA 34 27.12 46.15 17.09
N THR CA 35 27.04 44.83 16.99
CA THR CA 35 27.35 44.00 18.15
C THR CA 35 28.85 44.04 18.46
N ASN CA 36 29.68 44.31 17.46
CA ASN CA 36 31.11 44.45 17.72
C ASN CA 36 31.44 45.76 18.42
N VAL CA 37 30.80 46.87 18.03
CA VAL CA 37 31.10 48.15 18.64
C VAL CA 37 30.25 48.45 19.86
N ALA CA 38 29.35 47.55 20.26
CA ALA CA 38 28.50 47.80 21.42
C ALA CA 38 29.27 48.12 22.70
N PRO CA 39 30.25 47.32 23.16
CA PRO CA 39 30.89 47.64 24.44
C PRO CA 39 31.71 48.93 24.44
N ILE CA 40 32.35 49.26 23.32
CA ILE CA 40 33.11 50.50 23.24
C ILE CA 40 32.18 51.70 23.26
N ALA CA 41 31.04 51.59 22.59
CA ALA CA 41 30.03 52.65 22.64
C ALA CA 41 29.49 52.82 24.06
N GLN CA 42 29.22 51.72 24.76
CA GLN CA 42 28.77 51.80 26.14
C GLN CA 42 29.82 52.50 27.01
N GLY CA 43 31.09 52.15 26.83
CA GLY CA 43 32.13 52.81 27.61
C GLY CA 43 32.26 54.29 27.32
N ASN CA 44 32.15 54.68 26.04
CA ASN CA 44 32.23 56.09 25.68
C ASN CA 44 31.07 56.87 26.27
N PHE CA 45 29.87 56.32 26.19
CA PHE CA 45 28.70 56.94 26.82
C PHE CA 45 28.94 57.11 28.32
N GLN CA 46 29.35 56.04 28.99
CA GLN CA 46 29.52 56.06 30.43
C GLN CA 46 30.58 57.06 30.87
N THR CA 47 31.61 57.27 30.05
CA THR CA 47 32.67 58.20 30.46
C THR CA 47 32.31 59.64 30.13
N ASN CA 48 31.45 59.88 29.14
CA ASN CA 48 31.22 61.25 28.72
C ASN CA 48 29.91 61.87 29.22
N VAL CA 49 28.81 61.14 29.21
CA VAL CA 49 27.49 61.75 29.45
C VAL CA 49 27.27 62.32 30.85
N PRO CA 50 27.84 61.75 31.93
CA PRO CA 50 27.64 62.36 33.25
C PRO CA 50 28.06 63.82 33.35
N LYS CA 51 29.15 64.20 32.68
CA LYS CA 51 29.58 65.60 32.69
C LYS CA 51 28.53 66.54 32.12
N PHE CA 52 27.65 66.03 31.24
CA PHE CA 52 26.63 66.86 30.62
C PHE CA 52 25.29 66.78 31.33
N THR CA 53 24.96 65.64 31.92
CA THR CA 53 23.79 65.56 32.79
C THR CA 53 23.96 66.45 34.01
N SER CA 54 25.17 66.52 34.56
CA SER CA 54 25.42 67.41 35.69
C SER CA 54 25.20 68.86 35.29
N VAL CA 55 25.70 69.25 34.11
CA VAL CA 55 25.52 70.61 33.62
C VAL CA 55 24.03 70.90 33.43
N ASN CA 56 23.28 69.94 32.90
CA ASN CA 56 21.85 70.13 32.73
C ASN CA 56 21.17 70.45 34.04
N GLU CA 57 21.44 69.66 35.08
CA GLU CA 57 20.80 69.90 36.38
C GLU CA 57 21.23 71.23 36.98
N GLN CA 58 22.51 71.58 36.89
CA GLN CA 58 22.97 72.84 37.48
C GLN CA 58 22.39 74.06 36.76
N VAL CA 59 22.35 74.01 35.43
CA VAL CA 59 21.78 75.12 34.67
C VAL CA 59 20.28 75.21 34.91
N SER CA 60 19.60 74.08 35.07
CA SER CA 60 18.19 74.11 35.43
C SER CA 60 17.97 74.85 36.74
N ALA CA 61 18.78 74.52 37.76
CA ALA CA 61 18.69 75.21 39.04
C ALA CA 61 18.92 76.71 38.88
N VAL CA 62 19.90 77.09 38.06
CA VAL CA 62 20.19 78.52 37.88
C VAL CA 62 19.03 79.21 37.16
N LEU CA 63 18.44 78.55 36.17
CA LEU CA 63 17.37 79.18 35.39
C LEU CA 63 16.10 79.35 36.22
N THR CA 64 15.82 78.41 37.12
CA THR CA 64 14.63 78.57 37.96
C THR CA 64 14.75 79.77 38.89
N GLN CA 65 15.97 80.12 39.29
CA GLN CA 65 16.20 81.31 40.11
C GLN CA 65 16.01 82.61 39.36
N TYR CA 66 16.04 82.58 38.02
CA TYR CA 66 15.92 83.79 37.21
C TYR CA 66 14.56 83.90 36.53
N GLY CA 67 13.70 82.90 36.63
CA GLY CA 67 12.36 82.99 36.11
C GLY CA 67 12.19 82.61 34.66
N VAL CA 68 13.14 81.90 34.08
CA VAL CA 68 13.08 81.51 32.68
C VAL CA 68 12.20 80.27 32.57
N THR CA 69 11.24 80.31 31.65
CA THR CA 69 10.28 79.23 31.46
C THR CA 69 10.14 78.92 29.98
N GLY CA 70 9.74 77.69 29.68
CA GLY CA 70 9.41 77.30 28.34
C GLY CA 70 10.60 77.13 27.42
N PRO CA 71 10.37 77.28 26.11
CA PRO CA 71 11.49 77.13 25.15
C PRO CA 71 12.62 78.10 25.38
N SER CA 72 12.39 79.24 26.04
CA SER CA 72 13.48 80.16 26.35
C SER CA 72 14.54 79.52 27.23
N ARG CA 73 14.19 78.48 27.98
CA ARG CA 73 15.20 77.76 28.73
C ARG CA 73 16.18 77.05 27.82
N ALA CA 74 15.68 76.45 26.73
CA ALA CA 74 16.53 75.75 25.77
C ALA CA 74 17.73 76.60 25.39
N ILE CA 75 17.50 77.87 25.05
CA ILE CA 75 18.59 78.79 24.71
C ILE CA 75 19.73 78.62 25.70
N TYR CA 76 19.44 78.93 26.97
CA TYR CA 76 20.49 78.90 27.96
C TYR CA 76 21.02 77.50 28.18
N GLN CA 77 20.14 76.50 28.19
CA GLN CA 77 20.63 75.13 28.31
C GLN CA 77 21.61 74.84 27.20
N GLY CA 78 21.24 75.19 25.97
CA GLY CA 78 22.14 74.99 24.85
C GLY CA 78 23.48 75.65 25.10
N TYR CA 79 23.45 76.92 25.49
CA TYR CA 79 24.70 77.63 25.77
C TYR CA 79 25.54 76.84 26.75
N GLY CA 80 24.93 76.42 27.87
CA GLY CA 80 25.68 75.67 28.86
C GLY CA 80 26.35 74.46 28.26
N LEU CA 81 25.59 73.65 27.52
CA LEU CA 81 26.17 72.45 26.95
C LEU CA 81 27.32 72.79 26.03
N LYS CA 82 27.14 73.84 25.21
CA LYS CA 82 28.22 74.28 24.34
C LYS CA 82 29.47 74.55 25.16
N VAL CA 83 29.35 75.33 26.23
CA VAL CA 83 30.52 75.63 27.04
C VAL CA 83 31.11 74.35 27.61
N ALA CA 84 30.25 73.46 28.10
CA ALA CA 84 30.76 72.21 28.64
C ALA CA 84 31.55 71.45 27.59
N ARG CA 85 31.04 71.43 26.35
CA ARG CA 85 31.75 70.77 25.27
C ARG CA 85 33.18 71.28 25.17
N ALA CA 86 33.34 72.61 25.19
CA ALA CA 86 34.66 73.18 25.06
C ALA CA 86 35.57 72.70 26.18
N LEU CA 87 35.05 72.67 27.41
CA LEU CA 87 35.89 72.25 28.53
C LEU CA 87 36.27 70.78 28.37
N ASN CA 88 35.43 70.00 27.73
CA ASN CA 88 35.76 68.60 27.51
C ASN CA 88 36.79 68.44 26.41
N ARG CA 89 36.82 69.36 25.46
CA ARG CA 89 37.66 69.16 24.27
C ARG CA 89 39.07 69.68 24.50
N ILE CA 90 39.20 70.94 24.93
CA ILE CA 90 40.50 71.58 24.99
C ILE CA 90 40.99 71.81 26.42
N GLY CA 91 40.10 71.82 27.40
CA GLY CA 91 40.49 72.00 28.78
C GLY CA 91 40.48 73.46 29.20
N ALA CA 92 40.90 73.69 30.45
CA ALA CA 92 40.95 75.03 31.00
C ALA CA 92 42.22 75.74 30.57
N GLY CA 93 42.12 77.05 30.35
CA GLY CA 93 43.22 77.84 29.87
C GLY CA 93 42.74 78.98 29.01
N PRO CA 94 43.68 79.76 28.45
CA PRO CA 94 43.27 80.90 27.62
C PRO CA 94 42.43 80.54 26.41
N ALA CA 95 42.65 79.37 25.82
CA ALA CA 95 41.82 78.92 24.72
C ALA CA 95 40.36 78.79 25.15
N LEU CA 96 40.13 78.29 26.36
CA LEU CA 96 38.76 78.15 26.86
C LEU CA 96 38.10 79.50 27.06
N THR CA 97 38.83 80.52 27.52
CA THR CA 97 38.23 81.84 27.69
C THR CA 97 37.94 82.49 26.35
N ASN CA 98 38.82 82.27 25.36
CA ASN CA 98 38.54 82.75 24.01
C ASN CA 98 37.26 82.14 23.47
N MET CA 99 37.10 80.82 23.64
CA MET CA 99 35.87 80.19 23.16
C MET CA 99 34.65 80.64 23.96
N VAL CA 100 34.79 80.91 25.26
CA VAL CA 100 33.65 81.39 26.03
C VAL CA 100 33.23 82.77 25.55
N ALA CA 101 34.19 83.67 25.31
CA ALA CA 101 33.85 84.98 24.77
C ALA CA 101 33.19 84.86 23.41
N GLY CA 102 33.69 83.98 22.55
CA GLY CA 102 33.09 83.79 21.25
C GLY CA 102 31.69 83.23 21.31
N LEU CA 103 31.44 82.30 22.23
CA LEU CA 103 30.11 81.73 22.38
C LEU CA 103 29.13 82.74 22.94
N LYS CA 104 29.58 83.61 23.85
CA LYS CA 104 28.70 84.65 24.36
C LYS CA 104 28.33 85.63 23.26
N ALA CA 105 29.31 86.04 22.45
CA ALA CA 105 29.02 86.88 21.29
C ALA CA 105 28.02 86.20 20.36
N TYR CA 106 28.29 84.95 20.00
CA TYR CA 106 27.39 84.15 19.19
C TYR CA 106 25.96 84.22 19.71
N TYR CA 107 25.74 83.80 20.95
CA TYR CA 107 24.38 83.63 21.45
C TYR CA 107 23.69 84.97 21.67
N VAL CA 108 24.39 85.96 22.21
CA VAL CA 108 23.77 87.27 22.43
C VAL CA 108 23.38 87.91 21.10
N SER CA 109 24.22 87.78 20.07
CA SER CA 109 23.95 88.50 18.84
C SER CA 109 22.98 87.76 17.94
N ALA CA 110 22.95 86.43 17.99
CA ALA CA 110 22.08 85.70 17.08
C ALA CA 110 20.74 85.35 17.69
N TYR CA 111 20.71 84.96 18.97
CA TYR CA 111 19.50 84.39 19.56
C TYR CA 111 18.87 85.27 20.62
N GLY CA 112 19.37 86.49 20.81
CA GLY CA 112 18.77 87.39 21.77
C GLY CA 112 18.81 86.92 23.20
N ALA CA 113 19.89 86.24 23.60
CA ALA CA 113 20.04 85.80 24.97
C ALA CA 113 20.38 86.98 25.88
N ASN CA 114 20.05 86.82 27.15
CA ASN CA 114 20.35 87.81 28.18
C ASN CA 114 21.78 87.66 28.65
N PRO CA 115 22.60 88.71 28.60
CA PRO CA 115 24.00 88.58 29.05
C PRO CA 115 24.12 88.22 30.52
N GLU CA 116 23.19 88.68 31.37
CA GLU CA 116 23.26 88.35 32.80
C GLU CA 116 23.08 86.87 33.05
N ILE CA 117 22.13 86.24 32.36
CA ILE CA 117 21.91 84.81 32.56
C ILE CA 117 23.02 84.01 31.91
N LEU CA 118 23.63 84.52 30.85
CA LEU CA 118 24.80 83.84 30.29
C LEU CA 118 25.97 83.88 31.26
N ASP CA 119 26.16 85.02 31.94
CA ASP CA 119 27.16 85.10 33.00
C ASP CA 119 26.86 84.12 34.12
N ALA CA 120 25.59 84.03 34.54
CA ALA CA 120 25.23 83.11 35.60
C ALA CA 120 25.49 81.65 35.21
N VAL CA 121 25.17 81.29 33.97
CA VAL CA 121 25.36 79.91 33.52
C VAL CA 121 26.85 79.57 33.43
N THR CA 122 27.65 80.45 32.82
CA THR CA 122 29.07 80.17 32.75
C THR CA 122 29.73 80.23 34.12
N ASN CA 123 29.15 80.96 35.07
CA ASN CA 123 29.65 80.97 36.44
C ASN CA 123 29.37 79.64 37.14
N ILE CA 124 28.18 79.07 36.95
CA ILE CA 124 27.90 77.79 37.59
C ILE CA 124 28.69 76.66 36.93
N ILE CA 125 29.06 76.81 35.65
CA ILE CA 125 29.79 75.75 34.98
C ILE CA 125 31.29 75.86 35.25
N LEU CA 126 31.88 77.02 34.99
CA LEU CA 126 33.32 77.18 35.06
C LEU CA 126 33.81 77.77 36.37
N GLY CA 127 32.96 78.46 37.13
CA GLY CA 127 33.34 79.06 38.38
C GLY CA 127 33.46 80.56 38.34
N SER CA 128 33.48 81.15 37.15
CA SER CA 128 33.58 82.60 36.99
C SER CA 128 32.77 83.00 35.76
N PRO CA 129 32.26 84.23 35.72
CA PRO CA 129 31.59 84.69 34.49
C PRO CA 129 32.50 84.73 33.27
N THR CA 130 33.71 85.28 33.42
CA THR CA 130 34.63 85.29 32.29
C THR CA 130 35.27 83.93 32.07
N GLY CA 131 35.31 83.09 33.09
CA GLY CA 131 35.85 81.75 32.96
C GLY CA 131 37.32 81.60 33.29
N TYR CA 132 37.97 82.64 33.79
CA TYR CA 132 39.40 82.56 34.11
C TYR CA 132 39.63 81.54 35.22
N ALA DA 2 54.43 -27.69 -32.83
CA ALA DA 2 53.51 -27.35 -33.90
C ALA DA 2 53.39 -25.84 -34.06
N LYS DA 3 54.53 -25.14 -34.03
CA LYS DA 3 54.58 -23.70 -34.14
C LYS DA 3 55.42 -23.22 -35.31
N GLY DA 4 56.54 -23.87 -35.59
CA GLY DA 4 57.40 -23.44 -36.68
C GLY DA 4 57.43 -24.45 -37.80
N ARG DA 5 56.28 -24.97 -38.19
CA ARG DA 5 56.22 -26.09 -39.10
C ARG DA 5 55.96 -25.69 -40.55
N THR DA 6 55.11 -24.70 -40.78
CA THR DA 6 54.91 -24.22 -42.14
C THR DA 6 55.56 -22.85 -42.31
N PRO DA 7 56.09 -22.55 -43.48
CA PRO DA 7 56.72 -21.23 -43.69
C PRO DA 7 55.70 -20.10 -43.69
N ARG DA 8 56.07 -18.99 -43.07
CA ARG DA 8 55.23 -17.81 -42.99
C ARG DA 8 55.90 -16.66 -43.73
N SER DA 9 55.14 -15.99 -44.59
CA SER DA 9 55.65 -14.90 -45.41
C SER DA 9 55.45 -13.57 -44.68
N PHE DA 10 55.82 -12.46 -45.33
CA PHE DA 10 55.68 -11.17 -44.68
C PHE DA 10 54.23 -10.84 -44.34
N SER DA 11 53.31 -11.07 -45.28
CA SER DA 11 51.92 -10.77 -45.01
C SER DA 11 51.37 -11.61 -43.87
N GLN DA 12 51.79 -12.87 -43.77
CA GLN DA 12 51.30 -13.73 -42.70
C GLN DA 12 51.86 -13.32 -41.34
N ARG DA 13 53.17 -13.09 -41.26
CA ARG DA 13 53.77 -12.61 -40.02
C ARG DA 13 53.15 -11.29 -39.59
N TYR DA 14 53.01 -10.35 -40.54
CA TYR DA 14 52.43 -9.05 -40.21
C TYR DA 14 50.99 -9.17 -39.76
N GLY DA 15 50.20 -10.03 -40.41
CA GLY DA 15 48.82 -10.20 -40.01
C GLY DA 15 48.69 -10.75 -38.61
N LYS DA 16 49.45 -11.80 -38.29
CA LYS DA 16 49.35 -12.37 -36.95
C LYS DA 16 49.90 -11.43 -35.89
N TRP DA 17 51.03 -10.78 -36.18
CA TRP DA 17 51.60 -9.83 -35.23
C TRP DA 17 50.64 -8.68 -34.97
N ASN DA 18 50.01 -8.15 -36.02
CA ASN DA 18 49.08 -7.05 -35.85
C ASN DA 18 47.85 -7.48 -35.07
N ALA DA 19 47.34 -8.68 -35.33
CA ALA DA 19 46.21 -9.19 -34.57
C ALA DA 19 46.54 -9.30 -33.09
N LYS DA 20 47.70 -9.89 -32.76
CA LYS DA 20 48.05 -10.05 -31.35
C LYS DA 20 48.33 -8.71 -30.69
N PHE DA 21 48.96 -7.78 -31.41
CA PHE DA 21 49.27 -6.46 -30.85
C PHE DA 21 48.01 -5.65 -30.60
N THR DA 22 47.04 -5.74 -31.52
CA THR DA 22 45.76 -5.08 -31.31
C THR DA 22 45.02 -5.70 -30.14
N ALA DA 23 45.12 -7.01 -29.97
CA ALA DA 23 44.45 -7.67 -28.86
C ALA DA 23 45.05 -7.25 -27.52
N PHE DA 24 46.39 -7.20 -27.43
CA PHE DA 24 47.04 -6.84 -26.18
C PHE DA 24 46.76 -5.40 -25.76
N SER DA 25 46.38 -4.53 -26.69
CA SER DA 25 46.09 -3.14 -26.37
C SER DA 25 44.78 -2.95 -25.65
N ASN DA 26 43.94 -3.97 -25.58
CA ASN DA 26 42.72 -3.89 -24.81
C ASN DA 26 43.07 -3.71 -23.33
N PRO DA 27 42.32 -2.88 -22.58
CA PRO DA 27 42.66 -2.70 -21.17
C PRO DA 27 42.61 -3.99 -20.37
N THR DA 28 41.55 -4.78 -20.55
CA THR DA 28 41.36 -5.98 -19.77
C THR DA 28 42.41 -7.03 -20.10
N VAL DA 29 42.74 -7.20 -21.39
CA VAL DA 29 43.69 -8.24 -21.78
C VAL DA 29 45.06 -7.97 -21.17
N ALA DA 30 45.60 -6.78 -21.41
CA ALA DA 30 46.92 -6.43 -20.89
C ALA DA 30 46.93 -6.43 -19.37
N SER DA 31 45.92 -5.81 -18.76
CA SER DA 31 45.85 -5.77 -17.30
C SER DA 31 45.86 -7.16 -16.70
N THR DA 32 45.02 -8.06 -17.23
CA THR DA 32 44.93 -9.42 -16.72
C THR DA 32 46.24 -10.17 -16.89
N ILE DA 33 46.81 -10.15 -18.09
CA ILE DA 33 48.03 -10.91 -18.34
C ILE DA 33 49.16 -10.42 -17.45
N LEU DA 34 49.31 -9.10 -17.33
CA LEU DA 34 50.43 -8.55 -16.58
C LEU DA 34 50.27 -8.76 -15.08
N THR DA 35 49.06 -8.59 -14.55
CA THR DA 35 48.89 -8.82 -13.12
C THR DA 35 48.93 -10.29 -12.78
N ASN DA 36 48.75 -11.17 -13.76
CA ASN DA 36 48.92 -12.59 -13.50
C ASN DA 36 50.39 -13.00 -13.54
N VAL DA 37 51.18 -12.43 -14.45
CA VAL DA 37 52.59 -12.82 -14.56
C VAL DA 37 53.52 -11.98 -13.71
N ALA DA 38 53.01 -10.98 -12.99
CA ALA DA 38 53.89 -10.15 -12.16
C ALA DA 38 54.72 -10.92 -11.14
N PRO DA 39 54.16 -11.81 -10.31
CA PRO DA 39 55.01 -12.51 -9.32
C PRO DA 39 56.09 -13.38 -9.96
N ILE DA 40 55.79 -14.04 -11.07
CA ILE DA 40 56.78 -14.90 -11.73
C ILE DA 40 57.88 -14.05 -12.36
N ALA DA 41 57.51 -12.91 -12.95
CA ALA DA 41 58.49 -11.99 -13.49
C ALA DA 41 59.40 -11.44 -12.41
N GLN DA 42 58.84 -11.08 -11.25
CA GLN DA 42 59.65 -10.62 -10.13
C GLN DA 42 60.60 -11.71 -9.66
N GLY DA 43 60.12 -12.95 -9.55
CA GLY DA 43 60.97 -14.05 -9.18
C GLY DA 43 62.12 -14.27 -10.14
N ASN DA 44 61.85 -14.16 -11.45
CA ASN DA 44 62.90 -14.39 -12.44
C ASN DA 44 63.93 -13.26 -12.42
N PHE DA 45 63.48 -12.01 -12.30
CA PHE DA 45 64.41 -10.90 -12.12
C PHE DA 45 65.30 -11.13 -10.90
N GLN DA 46 64.69 -11.49 -9.77
CA GLN DA 46 65.45 -11.68 -8.54
C GLN DA 46 66.42 -12.84 -8.64
N THR DA 47 66.07 -13.86 -9.43
CA THR DA 47 66.95 -15.02 -9.56
C THR DA 47 68.12 -14.71 -10.49
N ASN DA 48 67.93 -13.83 -11.47
CA ASN DA 48 68.93 -13.71 -12.53
C ASN DA 48 69.80 -12.48 -12.47
N VAL DA 49 69.26 -11.31 -12.16
CA VAL DA 49 70.00 -10.06 -12.36
C VAL DA 49 71.19 -9.85 -11.43
N PRO DA 50 71.20 -10.37 -10.18
CA PRO DA 50 72.40 -10.19 -9.35
C PRO DA 50 73.68 -10.70 -9.98
N LYS DA 51 73.62 -11.84 -10.71
CA LYS DA 51 74.79 -12.38 -11.37
C LYS DA 51 75.36 -11.44 -12.41
N PHE DA 52 74.55 -10.54 -12.96
CA PHE DA 52 75.00 -9.61 -13.97
C PHE DA 52 75.38 -8.25 -13.41
N THR DA 53 74.73 -7.79 -12.34
CA THR DA 53 75.20 -6.58 -11.65
C THR DA 53 76.57 -6.80 -11.05
N SER DA 54 76.83 -8.01 -10.52
CA SER DA 54 78.16 -8.30 -10.00
C SER DA 54 79.22 -8.23 -11.09
N VAL DA 55 78.92 -8.81 -12.26
CA VAL DA 55 79.84 -8.78 -13.39
C VAL DA 55 80.08 -7.34 -13.81
N ASN DA 56 79.02 -6.53 -13.87
CA ASN DA 56 79.18 -5.11 -14.17
C ASN DA 56 80.18 -4.45 -13.24
N GLU DA 57 80.02 -4.63 -11.94
CA GLU DA 57 80.89 -3.98 -10.97
C GLU DA 57 82.34 -4.44 -11.11
N GLN DA 58 82.56 -5.75 -11.23
CA GLN DA 58 83.92 -6.26 -11.31
C GLN DA 58 84.61 -5.85 -12.60
N VAL DA 59 83.88 -5.85 -13.72
CA VAL DA 59 84.48 -5.43 -14.97
C VAL DA 59 84.75 -3.93 -14.95
N SER DA 60 83.91 -3.15 -14.27
CA SER DA 60 84.21 -1.74 -14.07
C SER DA 60 85.54 -1.56 -13.35
N ALA DA 61 85.73 -2.33 -12.28
CA ALA DA 61 86.99 -2.25 -11.53
C ALA DA 61 88.18 -2.62 -12.41
N VAL DA 62 88.04 -3.66 -13.23
CA VAL DA 62 89.13 -4.06 -14.12
C VAL DA 62 89.41 -2.96 -15.15
N LEU DA 63 88.34 -2.35 -15.69
CA LEU DA 63 88.51 -1.37 -16.76
C LEU DA 63 89.18 -0.10 -16.25
N THR DA 64 88.88 0.31 -15.01
CA THR DA 64 89.52 1.51 -14.49
C THR DA 64 91.03 1.32 -14.34
N GLN DA 65 91.48 0.11 -14.02
CA GLN DA 65 92.92 -0.15 -13.86
C GLN DA 65 93.66 -0.16 -15.19
N TYR DA 66 92.97 -0.27 -16.32
CA TYR DA 66 93.60 -0.26 -17.62
C TYR DA 66 93.42 1.05 -18.36
N GLY DA 67 92.69 2.01 -17.81
CA GLY DA 67 92.57 3.33 -18.40
C GLY DA 67 91.50 3.47 -19.44
N VAL DA 68 90.57 2.53 -19.55
CA VAL DA 68 89.51 2.60 -20.55
C VAL DA 68 88.47 3.58 -20.06
N THR DA 69 88.16 4.58 -20.88
CA THR DA 69 87.20 5.62 -20.55
C THR DA 69 86.19 5.77 -21.69
N GLY DA 70 84.98 6.19 -21.34
CA GLY DA 70 83.99 6.55 -22.32
C GLY DA 70 83.26 5.39 -22.93
N PRO DA 71 82.72 5.58 -24.14
CA PRO DA 71 81.98 4.49 -24.78
C PRO DA 71 82.82 3.25 -25.04
N SER DA 72 84.14 3.39 -25.11
CA SER DA 72 85.01 2.23 -25.25
C SER DA 72 84.88 1.26 -24.09
N ARG DA 73 84.41 1.73 -22.92
CA ARG DA 73 84.13 0.80 -21.83
C ARG DA 73 83.00 -0.13 -22.17
N ALA DA 74 81.96 0.39 -22.84
CA ALA DA 74 80.82 -0.42 -23.23
C ALA DA 74 81.26 -1.71 -23.92
N ILE DA 75 82.20 -1.61 -24.85
CA ILE DA 75 82.72 -2.79 -25.55
C ILE DA 75 83.01 -3.88 -24.54
N TYR DA 76 83.93 -3.61 -23.61
CA TYR DA 76 84.34 -4.63 -22.68
C TYR DA 76 83.21 -5.03 -21.76
N GLN DA 77 82.41 -4.04 -21.31
CA GLN DA 77 81.25 -4.39 -20.51
C GLN DA 77 80.38 -5.37 -21.28
N GLY DA 78 80.08 -5.07 -22.54
CA GLY DA 78 79.30 -5.99 -23.35
C GLY DA 78 79.91 -7.38 -23.36
N TYR DA 79 81.20 -7.45 -23.67
CA TYR DA 79 81.86 -8.75 -23.72
C TYR DA 79 81.67 -9.48 -22.40
N GLY DA 80 81.93 -8.78 -21.30
CA GLY DA 80 81.73 -9.39 -20.00
C GLY DA 80 80.36 -10.01 -19.86
N LEU DA 81 79.33 -9.22 -20.12
CA LEU DA 81 77.97 -9.74 -19.99
C LEU DA 81 77.76 -10.94 -20.87
N LYS DA 82 78.23 -10.88 -22.12
CA LYS DA 82 78.10 -12.03 -23.02
C LYS DA 82 78.66 -13.28 -22.38
N VAL DA 83 79.90 -13.20 -21.88
CA VAL DA 83 80.52 -14.37 -21.25
C VAL DA 83 79.66 -14.87 -20.12
N ALA DA 84 79.17 -13.96 -19.28
CA ALA DA 84 78.35 -14.37 -18.15
C ALA DA 84 77.12 -15.12 -18.62
N ARG DA 85 76.50 -14.66 -19.70
CA ARG DA 85 75.34 -15.35 -20.25
C ARG DA 85 75.66 -16.81 -20.52
N ALA DA 86 76.81 -17.05 -21.15
CA ALA DA 86 77.20 -18.43 -21.44
C ALA DA 86 77.33 -19.23 -20.17
N LEU DA 87 77.98 -18.66 -19.15
CA LEU DA 87 78.15 -19.37 -17.90
C LEU DA 87 76.79 -19.66 -17.27
N ASN DA 88 75.82 -18.78 -17.48
CA ASN DA 88 74.50 -19.03 -16.94
C ASN DA 88 73.72 -20.03 -17.77
N ARG DA 89 74.01 -20.11 -19.07
CA ARG DA 89 73.17 -20.90 -19.95
C ARG DA 89 73.58 -22.37 -19.97
N ILE DA 90 74.87 -22.63 -20.21
CA ILE DA 90 75.32 -24.00 -20.41
C ILE DA 90 76.20 -24.53 -19.28
N GLY DA 91 76.79 -23.66 -18.47
CA GLY DA 91 77.63 -24.09 -17.37
C GLY DA 91 79.10 -24.11 -17.75
N ALA DA 92 79.92 -24.52 -16.79
CA ALA DA 92 81.36 -24.57 -16.98
C ALA DA 92 81.79 -25.91 -17.56
N GLY DA 93 82.78 -25.87 -18.45
CA GLY DA 93 83.26 -27.05 -19.12
C GLY DA 93 83.80 -26.75 -20.50
N PRO DA 94 84.03 -27.79 -21.30
CA PRO DA 94 84.57 -27.58 -22.65
C PRO DA 94 83.69 -26.70 -23.53
N ALA DA 95 82.38 -26.80 -23.42
CA ALA DA 95 81.49 -25.97 -24.21
C ALA DA 95 81.69 -24.49 -23.90
N LEU DA 96 81.89 -24.16 -22.62
CA LEU DA 96 82.17 -22.78 -22.23
C LEU DA 96 83.51 -22.32 -22.75
N THR DA 97 84.50 -23.20 -22.79
CA THR DA 97 85.79 -22.87 -23.40
C THR DA 97 85.61 -22.49 -24.87
N ASN DA 98 84.86 -23.31 -25.61
CA ASN DA 98 84.63 -23.03 -27.02
C ASN DA 98 83.90 -21.70 -27.20
N MET DA 99 82.89 -21.44 -26.38
CA MET DA 99 82.15 -20.19 -26.53
C MET DA 99 82.99 -18.97 -26.14
N VAL DA 100 83.88 -19.10 -25.16
CA VAL DA 100 84.74 -17.98 -24.80
C VAL DA 100 85.72 -17.68 -25.93
N ALA DA 101 86.31 -18.72 -26.52
CA ALA DA 101 87.20 -18.51 -27.65
C ALA DA 101 86.46 -17.84 -28.82
N GLY DA 102 85.23 -18.29 -29.09
CA GLY DA 102 84.46 -17.69 -30.16
C GLY DA 102 84.09 -16.25 -29.90
N LEU DA 103 83.75 -15.92 -28.65
CA LEU DA 103 83.39 -14.54 -28.33
C LEU DA 103 84.60 -13.62 -28.42
N LYS DA 104 85.78 -14.10 -28.02
CA LYS DA 104 86.98 -13.29 -28.17
C LYS DA 104 87.30 -13.04 -29.64
N ALA DA 105 87.19 -14.09 -30.47
CA ALA DA 105 87.40 -13.90 -31.90
C ALA DA 105 86.40 -12.89 -32.48
N TYR DA 106 85.12 -13.04 -32.09
CA TYR DA 106 84.08 -12.12 -32.50
C TYR DA 106 84.45 -10.68 -32.19
N TYR DA 107 84.76 -10.38 -30.93
CA TYR DA 107 84.98 -8.99 -30.54
C TYR DA 107 86.27 -8.42 -31.11
N VAL DA 108 87.35 -9.21 -31.10
CA VAL DA 108 88.61 -8.75 -31.67
C VAL DA 108 88.47 -8.45 -33.16
N SER DA 109 87.69 -9.25 -33.89
CA SER DA 109 87.63 -9.05 -35.34
C SER DA 109 86.61 -8.01 -35.75
N ALA DA 110 85.47 -7.93 -35.05
CA ALA DA 110 84.44 -7.01 -35.49
C ALA DA 110 84.53 -5.64 -34.82
N TYR DA 111 84.91 -5.58 -33.55
CA TYR DA 111 84.76 -4.36 -32.78
C TYR DA 111 86.09 -3.75 -32.34
N GLY DA 112 87.22 -4.29 -32.81
CA GLY DA 112 88.51 -3.72 -32.49
C GLY DA 112 88.87 -3.76 -31.02
N ALA DA 113 88.45 -4.80 -30.31
CA ALA DA 113 88.78 -4.92 -28.90
C ALA DA 113 90.23 -5.35 -28.72
N ASN DA 114 90.78 -4.98 -27.56
CA ASN DA 114 92.15 -5.30 -27.17
C ASN DA 114 92.21 -6.70 -26.58
N PRO DA 115 93.08 -7.59 -27.07
CA PRO DA 115 93.15 -8.93 -26.49
C PRO DA 115 93.56 -8.95 -25.03
N GLU DA 116 94.44 -8.04 -24.60
CA GLU DA 116 94.88 -8.04 -23.20
C GLU DA 116 93.74 -7.68 -22.25
N ILE DA 117 92.94 -6.68 -22.61
CA ILE DA 117 91.84 -6.30 -21.74
C ILE DA 117 90.74 -7.37 -21.78
N LEU DA 118 90.57 -8.04 -22.92
CA LEU DA 118 89.62 -9.15 -22.97
C LEU DA 118 90.06 -10.30 -22.06
N ASP DA 119 91.36 -10.57 -22.04
CA ASP DA 119 91.91 -11.55 -21.10
C ASP DA 119 91.66 -11.12 -19.66
N ALA DA 120 91.86 -9.84 -19.34
CA ALA DA 120 91.63 -9.37 -17.98
C ALA DA 120 90.16 -9.51 -17.57
N VAL DA 121 89.24 -9.18 -18.48
CA VAL DA 121 87.82 -9.31 -18.18
C VAL DA 121 87.43 -10.77 -17.97
N THR DA 122 87.83 -11.65 -18.90
CA THR DA 122 87.48 -13.05 -18.71
C THR DA 122 88.18 -13.67 -17.52
N ASN DA 123 89.31 -13.12 -17.09
CA ASN DA 123 89.96 -13.59 -15.87
C ASN DA 123 89.19 -13.18 -14.64
N ILE DA 124 88.69 -11.94 -14.60
CA ILE DA 124 87.91 -11.53 -13.44
C ILE DA 124 86.57 -12.26 -13.40
N ILE DA 125 86.07 -12.71 -14.54
CA ILE DA 125 84.75 -13.35 -14.56
C ILE DA 125 84.85 -14.85 -14.30
N LEU DA 126 85.64 -15.56 -15.12
CA LEU DA 126 85.67 -17.01 -15.05
C LEU DA 126 86.79 -17.58 -14.19
N GLY DA 127 87.84 -16.81 -13.94
CA GLY DA 127 88.95 -17.25 -13.13
C GLY DA 127 90.27 -17.30 -13.85
N SER DA 128 90.28 -17.49 -15.15
CA SER DA 128 91.50 -17.54 -15.94
C SER DA 128 91.25 -16.95 -17.32
N PRO DA 129 92.29 -16.49 -18.01
CA PRO DA 129 92.10 -15.96 -19.36
C PRO DA 129 91.45 -16.93 -20.34
N THR DA 130 91.84 -18.20 -20.31
CA THR DA 130 91.24 -19.17 -21.23
C THR DA 130 89.90 -19.67 -20.71
N GLY DA 131 89.73 -19.74 -19.40
CA GLY DA 131 88.48 -20.18 -18.80
C GLY DA 131 88.41 -21.65 -18.44
N TYR DA 132 89.53 -22.37 -18.47
CA TYR DA 132 89.53 -23.79 -18.14
C TYR DA 132 89.12 -23.99 -16.68
N ALA EA 2 21.27 66.94 14.61
CA ALA EA 2 21.03 66.60 13.21
C ALA EA 2 19.68 65.94 13.02
N LYS EA 3 18.66 66.49 13.67
CA LYS EA 3 17.30 65.95 13.60
C LYS EA 3 16.30 66.96 13.07
N GLY EA 4 16.41 68.23 13.46
CA GLY EA 4 15.49 69.24 12.99
C GLY EA 4 16.16 70.36 12.22
N ARG EA 5 17.08 70.00 11.33
CA ARG EA 5 17.94 70.99 10.69
C ARG EA 5 17.44 71.43 9.33
N THR EA 6 16.81 70.54 8.58
CA THR EA 6 16.23 70.89 7.31
C THR EA 6 14.71 70.80 7.38
N PRO EA 7 13.99 71.67 6.68
CA PRO EA 7 12.52 71.64 6.74
C PRO EA 7 11.95 70.43 6.02
N ARG EA 8 10.98 69.79 6.65
CA ARG EA 8 10.33 68.59 6.13
C ARG EA 8 8.86 68.90 5.83
N SER EA 9 8.43 68.60 4.61
CA SER EA 9 7.08 68.87 4.18
C SER EA 9 6.17 67.70 4.53
N PHE EA 10 4.90 67.80 4.12
CA PHE EA 10 3.96 66.73 4.44
C PHE EA 10 4.35 65.42 3.78
N SER EA 11 4.87 65.47 2.56
CA SER EA 11 5.28 64.23 1.89
C SER EA 11 6.42 63.56 2.62
N GLN EA 12 7.42 64.34 3.04
CA GLN EA 12 8.57 63.76 3.73
C GLN EA 12 8.19 63.24 5.10
N ARG EA 13 7.45 64.04 5.87
CA ARG EA 13 6.99 63.60 7.17
C ARG EA 13 6.16 62.33 7.07
N TYR EA 14 5.21 62.29 6.12
CA TYR EA 14 4.35 61.13 5.97
C TYR EA 14 5.14 59.91 5.51
N GLY EA 15 6.08 60.09 4.59
CA GLY EA 15 6.88 58.97 4.14
C GLY EA 15 7.69 58.36 5.25
N LYS EA 16 8.37 59.19 6.05
CA LYS EA 16 9.17 58.64 7.13
C LYS EA 16 8.31 58.04 8.22
N TRP EA 17 7.21 58.70 8.60
CA TRP EA 17 6.31 58.15 9.60
C TRP EA 17 5.75 56.81 9.15
N ASN EA 18 5.38 56.71 7.89
CA ASN EA 18 4.79 55.47 7.39
C ASN EA 18 5.82 54.35 7.33
N ALA EA 19 7.05 54.66 6.92
CA ALA EA 19 8.09 53.65 6.92
C ALA EA 19 8.38 53.14 8.33
N LYS EA 20 8.48 54.05 9.29
CA LYS EA 20 8.76 53.64 10.66
C LYS EA 20 7.59 52.86 11.27
N PHE EA 21 6.35 53.25 10.97
CA PHE EA 21 5.20 52.52 11.48
C PHE EA 21 5.11 51.13 10.87
N THR EA 22 5.40 51.01 9.58
CA THR EA 22 5.41 49.69 8.95
C THR EA 22 6.52 48.81 9.52
N ALA EA 23 7.67 49.41 9.84
CA ALA EA 23 8.76 48.63 10.43
C ALA EA 23 8.39 48.15 11.83
N PHE EA 24 7.78 49.01 12.63
CA PHE EA 24 7.48 48.64 14.01
C PHE EA 24 6.39 47.58 14.10
N SER EA 25 5.60 47.38 13.04
CA SER EA 25 4.56 46.35 13.04
C SER EA 25 5.13 44.95 12.87
N ASN EA 26 6.39 44.81 12.51
CA ASN EA 26 7.02 43.51 12.45
C ASN EA 26 6.97 42.84 13.82
N PRO EA 27 6.72 41.54 13.89
CA PRO EA 27 6.66 40.89 15.21
C PRO EA 27 7.96 41.00 15.97
N THR EA 28 9.08 40.70 15.32
CA THR EA 28 10.38 40.73 15.97
C THR EA 28 10.76 42.13 16.39
N VAL EA 29 10.55 43.12 15.53
CA VAL EA 29 10.96 44.49 15.83
C VAL EA 29 10.22 45.01 17.06
N ALA EA 30 8.89 44.92 17.04
CA ALA EA 30 8.08 45.40 18.14
C ALA EA 30 8.40 44.66 19.43
N SER EA 31 8.45 43.33 19.38
CA SER EA 31 8.67 42.56 20.59
C SER EA 31 10.06 42.83 21.17
N THR EA 32 11.09 42.88 20.32
CA THR EA 32 12.44 43.13 20.81
C THR EA 32 12.56 44.50 21.44
N ILE EA 33 12.04 45.54 20.76
CA ILE EA 33 12.17 46.89 21.29
C ILE EA 33 11.42 47.03 22.61
N LEU EA 34 10.19 46.53 22.67
CA LEU EA 34 9.39 46.71 23.87
C LEU EA 34 9.93 45.86 25.02
N THR EA 35 10.40 44.65 24.73
CA THR EA 35 10.95 43.79 25.77
C THR EA 35 12.25 44.37 26.32
N ASN EA 36 13.02 45.05 25.47
CA ASN EA 36 14.24 45.68 25.96
C ASN EA 36 13.94 46.91 26.80
N VAL EA 37 12.92 47.69 26.44
CA VAL EA 37 12.64 48.92 27.19
C VAL EA 37 11.68 48.72 28.35
N ALA EA 38 11.19 47.49 28.57
CA ALA EA 38 10.24 47.26 29.67
C ALA EA 38 10.76 47.66 31.05
N PRO EA 39 11.95 47.26 31.51
CA PRO EA 39 12.37 47.66 32.86
C PRO EA 39 12.54 49.16 33.05
N ILE EA 40 13.02 49.88 32.02
CA ILE EA 40 13.20 51.32 32.14
C ILE EA 40 11.85 52.02 32.21
N ALA EA 41 10.89 51.55 31.42
CA ALA EA 41 9.54 52.10 31.47
C ALA EA 41 8.89 51.86 32.82
N GLN EA 42 9.06 50.65 33.37
CA GLN EA 42 8.57 50.38 34.72
C GLN EA 42 9.19 51.33 35.74
N GLY EA 43 10.50 51.55 35.63
CA GLY EA 43 11.17 52.46 36.55
C GLY EA 43 10.65 53.89 36.46
N ASN EA 44 10.48 54.39 35.23
CA ASN EA 44 10.01 55.76 35.08
C ASN EA 44 8.59 55.92 35.58
N PHE EA 45 7.74 54.93 35.34
CA PHE EA 45 6.39 54.95 35.89
C PHE EA 45 6.42 55.01 37.41
N GLN EA 46 7.16 54.08 38.03
CA GLN EA 46 7.26 54.04 39.49
C GLN EA 46 7.85 55.33 40.05
N THR EA 47 8.68 56.02 39.27
CA THR EA 47 9.31 57.23 39.77
C THR EA 47 8.36 58.42 39.71
N ASN EA 48 7.55 58.51 38.65
CA ASN EA 48 6.82 59.75 38.41
C ASN EA 48 5.34 59.71 38.75
N VAL EA 49 4.66 58.59 38.61
CA VAL EA 49 3.20 58.57 38.75
C VAL EA 49 2.69 58.78 40.17
N PRO EA 50 3.39 58.35 41.24
CA PRO EA 50 2.87 58.63 42.59
C PRO EA 50 2.64 60.11 42.89
N LYS EA 51 3.52 60.99 42.41
CA LYS EA 51 3.36 62.42 42.62
C LYS EA 51 2.08 62.95 42.03
N PHE EA 52 1.55 62.31 40.99
CA PHE EA 52 0.34 62.76 40.33
C PHE EA 52 -0.91 62.08 40.87
N THR EA 53 -0.81 60.82 41.31
CA THR EA 53 -1.92 60.21 42.03
C THR EA 53 -2.21 60.97 43.33
N SER EA 54 -1.16 61.43 44.01
CA SER EA 54 -1.36 62.22 45.22
C SER EA 54 -2.13 63.50 44.93
N VAL EA 55 -1.75 64.19 43.85
CA VAL EA 55 -2.45 65.42 43.45
C VAL EA 55 -3.90 65.11 43.12
N ASN EA 56 -4.14 64.00 42.42
CA ASN EA 56 -5.51 63.60 42.12
C ASN EA 56 -6.33 63.48 43.39
N GLU EA 57 -5.83 62.73 44.37
CA GLU EA 57 -6.59 62.50 45.60
C GLU EA 57 -6.82 63.78 46.39
N GLN EA 58 -5.80 64.63 46.50
CA GLN EA 58 -5.94 65.86 47.26
C GLN EA 58 -6.89 66.83 46.58
N VAL EA 59 -6.80 66.98 45.26
CA VAL EA 59 -7.69 67.89 44.57
C VAL EA 59 -9.12 67.37 44.61
N SER EA 60 -9.31 66.04 44.58
CA SER EA 60 -10.66 65.51 44.74
C SER EA 60 -11.24 65.89 46.10
N ALA EA 61 -10.44 65.73 47.15
CA ALA EA 61 -10.89 66.16 48.48
C ALA EA 61 -11.25 67.63 48.52
N VAL EA 62 -10.46 68.46 47.84
CA VAL EA 62 -10.72 69.90 47.84
C VAL EA 62 -11.98 70.23 47.04
N LEU EA 63 -12.21 69.49 45.95
CA LEU EA 63 -13.36 69.77 45.09
C LEU EA 63 -14.67 69.32 45.72
N THR EA 64 -14.63 68.27 46.55
CA THR EA 64 -15.85 67.84 47.21
C THR EA 64 -16.34 68.86 48.22
N GLN EA 65 -15.45 69.62 48.84
CA GLN EA 65 -15.89 70.61 49.81
C GLN EA 65 -16.29 71.94 49.18
N TYR EA 66 -16.12 72.10 47.87
CA TYR EA 66 -16.58 73.27 47.17
C TYR EA 66 -17.82 73.03 46.31
N GLY EA 67 -18.34 71.81 46.27
CA GLY EA 67 -19.58 71.53 45.59
C GLY EA 67 -19.47 71.25 44.12
N VAL EA 68 -18.31 70.88 43.63
CA VAL EA 68 -18.09 70.66 42.20
C VAL EA 68 -18.39 69.21 41.87
N THR EA 69 -19.26 69.00 40.88
CA THR EA 69 -19.67 67.66 40.46
C THR EA 69 -19.64 67.58 38.93
N GLY EA 70 -19.42 66.37 38.43
CA GLY EA 70 -19.50 66.09 37.02
C GLY EA 70 -18.24 66.44 36.25
N PRO EA 71 -18.38 66.67 34.94
CA PRO EA 71 -17.21 67.05 34.13
C PRO EA 71 -16.58 68.36 34.56
N SER EA 72 -17.31 69.21 35.27
CA SER EA 72 -16.71 70.42 35.82
C SER EA 72 -15.58 70.11 36.78
N ARG EA 73 -15.56 68.92 37.37
CA ARG EA 73 -14.42 68.54 38.18
C ARG EA 73 -13.18 68.34 37.33
N ALA EA 74 -13.33 67.74 36.15
CA ALA EA 74 -12.19 67.51 35.26
C ALA EA 74 -11.37 68.76 35.07
N ILE EA 75 -12.04 69.90 34.81
CA ILE EA 75 -11.36 71.18 34.66
C ILE EA 75 -10.31 71.33 35.74
N TYR EA 76 -10.74 71.32 37.00
CA TYR EA 76 -9.81 71.60 38.08
C TYR EA 76 -8.79 70.49 38.22
N GLN EA 77 -9.21 69.24 38.07
CA GLN EA 77 -8.23 68.17 38.05
C GLN EA 77 -7.14 68.47 37.05
N GLY EA 78 -7.53 68.81 35.82
CA GLY EA 78 -6.54 69.13 34.80
C GLY EA 78 -5.60 70.22 35.25
N TYR EA 79 -6.15 71.33 35.76
CA TYR EA 79 -5.31 72.41 36.23
C TYR EA 79 -4.31 71.89 37.26
N GLY EA 80 -4.81 71.16 38.26
CA GLY EA 80 -3.92 70.62 39.27
C GLY EA 80 -2.79 69.83 38.67
N LEU EA 81 -3.11 68.92 37.76
CA LEU EA 81 -2.08 68.10 37.14
C LEU EA 81 -1.09 68.98 36.40
N LYS EA 82 -1.60 69.93 35.63
CA LYS EA 82 -0.71 70.87 34.94
C LYS EA 82 0.23 71.55 35.92
N VAL EA 83 -0.30 72.04 37.04
CA VAL EA 83 0.55 72.66 38.05
C VAL EA 83 1.61 71.69 38.51
N ALA EA 84 1.19 70.47 38.90
CA ALA EA 84 2.17 69.49 39.33
C ALA EA 84 3.23 69.25 38.28
N ARG EA 85 2.82 69.22 37.01
CA ARG EA 85 3.79 69.03 35.93
C ARG EA 85 4.90 70.06 36.02
N ALA EA 86 4.53 71.34 36.12
CA ALA EA 86 5.53 72.39 36.24
C ALA EA 86 6.45 72.14 37.42
N LEU EA 87 5.87 71.81 38.58
CA LEU EA 87 6.68 71.61 39.78
C LEU EA 87 7.65 70.47 39.58
N ASN EA 88 7.28 69.48 38.78
CA ASN EA 88 8.18 68.35 38.55
C ASN EA 88 9.27 68.72 37.57
N ARG EA 89 8.99 69.62 36.62
CA ARG EA 89 9.94 69.88 35.55
C ARG EA 89 11.02 70.85 35.98
N ILE EA 90 10.63 72.00 36.50
CA ILE EA 90 11.57 73.08 36.73
C ILE EA 90 11.89 73.31 38.21
N GLY EA 91 11.03 72.84 39.12
CA GLY EA 91 11.25 73.02 40.53
C GLY EA 91 10.61 74.29 41.06
N ALA EA 92 10.77 74.49 42.37
CA ALA EA 92 10.17 75.62 43.05
C ALA EA 92 11.05 76.85 42.95
N GLY EA 93 10.41 78.00 42.74
CA GLY EA 93 11.12 79.24 42.57
C GLY EA 93 10.34 80.25 41.74
N PRO EA 94 10.99 81.34 41.35
CA PRO EA 94 10.29 82.37 40.56
C PRO EA 94 9.74 81.89 39.24
N ALA EA 95 10.41 80.95 38.58
CA ALA EA 95 9.88 80.40 37.33
C ALA EA 95 8.56 79.68 37.57
N LEU EA 96 8.46 78.93 38.66
CA LEU EA 96 7.22 78.26 39.00
C LEU EA 96 6.11 79.26 39.28
N THR EA 97 6.43 80.41 39.86
CA THR EA 97 5.44 81.46 40.07
C THR EA 97 4.93 82.01 38.75
N ASN EA 98 5.85 82.28 37.81
CA ASN EA 98 5.44 82.74 36.49
C ASN EA 98 4.53 81.73 35.81
N MET EA 99 4.89 80.45 35.89
CA MET EA 99 4.08 79.43 35.24
C MET EA 99 2.72 79.26 35.91
N VAL EA 100 2.64 79.40 37.23
CA VAL EA 100 1.35 79.29 37.90
C VAL EA 100 0.45 80.45 37.51
N ALA EA 101 1.00 81.67 37.45
CA ALA EA 101 0.21 82.81 37.00
C ALA EA 101 -0.29 82.60 35.58
N GLY EA 102 0.58 82.12 34.69
CA GLY EA 102 0.17 81.89 33.31
C GLY EA 102 -0.88 80.81 33.17
N LEU EA 103 -0.82 79.78 34.01
CA LEU EA 103 -1.81 78.72 33.95
C LEU EA 103 -3.15 79.17 34.49
N LYS EA 104 -3.16 79.98 35.55
CA LYS EA 104 -4.42 80.54 36.02
C LYS EA 104 -5.05 81.43 34.95
N ALA EA 105 -4.24 82.28 34.31
CA ALA EA 105 -4.75 83.12 33.23
C ALA EA 105 -5.32 82.26 32.10
N TYR EA 106 -4.57 81.24 31.69
CA TYR EA 106 -5.04 80.29 30.68
C TYR EA 106 -6.42 79.74 31.02
N TYR EA 107 -6.55 79.17 32.23
CA TYR EA 107 -7.80 78.46 32.56
C TYR EA 107 -8.97 79.42 32.74
N VAL EA 108 -8.76 80.55 33.42
CA VAL EA 108 -9.84 81.51 33.59
C VAL EA 108 -10.29 82.07 32.24
N SER EA 109 -9.35 82.35 31.33
CA SER EA 109 -9.73 83.04 30.10
C SER EA 109 -10.25 82.07 29.04
N ALA EA 110 -9.83 80.81 29.06
CA ALA EA 110 -10.24 79.89 28.02
C ALA EA 110 -11.40 79.00 28.45
N TYR EA 111 -11.42 78.53 29.70
CA TYR EA 111 -12.35 77.50 30.10
C TYR EA 111 -13.33 77.94 31.18
N GLY EA 112 -13.38 79.23 31.50
CA GLY EA 112 -14.34 79.72 32.46
C GLY EA 112 -14.20 79.15 33.86
N ALA EA 113 -12.98 78.90 34.30
CA ALA EA 113 -12.76 78.36 35.64
C ALA EA 113 -13.00 79.43 36.69
N ASN EA 114 -13.34 78.98 37.89
CA ASN EA 114 -13.56 79.83 39.05
C ASN EA 114 -12.21 80.18 39.68
N PRO EA 115 -11.87 81.47 39.81
CA PRO EA 115 -10.57 81.81 40.40
C PRO EA 115 -10.41 81.35 41.83
N GLU EA 116 -11.50 81.31 42.60
CA GLU EA 116 -11.42 80.88 43.99
C GLU EA 116 -11.07 79.40 44.12
N ILE EA 117 -11.67 78.56 43.28
CA ILE EA 117 -11.34 77.14 43.32
C ILE EA 117 -9.94 76.90 42.76
N LEU EA 118 -9.50 77.72 41.82
CA LEU EA 118 -8.12 77.61 41.34
C LEU EA 118 -7.14 77.95 42.46
N ASP EA 119 -7.45 79.00 43.23
CA ASP EA 119 -6.65 79.31 44.42
C ASP EA 119 -6.63 78.14 45.40
N ALA EA 120 -7.79 77.50 45.62
CA ALA EA 120 -7.83 76.37 46.53
C ALA EA 120 -6.97 75.21 46.03
N VAL EA 121 -7.00 74.95 44.73
CA VAL EA 121 -6.24 73.83 44.17
C VAL EA 121 -4.75 74.10 44.28
N THR EA 122 -4.30 75.28 43.87
CA THR EA 122 -2.89 75.61 43.99
C THR EA 122 -2.46 75.72 45.44
N ASN EA 123 -3.38 76.00 46.36
CA ASN EA 123 -3.05 75.99 47.77
C ASN EA 123 -2.81 74.58 48.29
N ILE EA 124 -3.64 73.62 47.89
CA ILE EA 124 -3.41 72.25 48.36
C ILE EA 124 -2.18 71.65 47.69
N ILE EA 125 -1.82 72.13 46.50
CA ILE EA 125 -0.67 71.55 45.80
C ILE EA 125 0.64 72.18 46.25
N LEU EA 126 0.76 73.51 46.12
CA LEU EA 126 2.02 74.17 46.40
C LEU EA 126 2.11 74.73 47.81
N GLY EA 127 0.99 74.97 48.47
CA GLY EA 127 0.98 75.48 49.82
C GLY EA 127 0.45 76.88 49.97
N SER EA 128 0.33 77.63 48.87
CA SER EA 128 -0.20 78.98 48.90
C SER EA 128 -0.92 79.26 47.59
N PRO EA 129 -1.89 80.18 47.60
CA PRO EA 129 -2.59 80.51 46.35
C PRO EA 129 -1.69 81.05 45.25
N THR EA 130 -0.71 81.89 45.60
CA THR EA 130 0.17 82.43 44.57
C THR EA 130 1.30 81.47 44.24
N GLY EA 131 1.66 80.58 45.16
CA GLY EA 131 2.71 79.62 44.95
C GLY EA 131 4.07 79.98 45.50
N TYR EA 132 4.19 81.12 46.19
CA TYR EA 132 5.47 81.55 46.72
C TYR EA 132 6.01 80.56 47.74
N ALA FA 2 32.76 -43.94 -33.83
CA ALA FA 2 32.05 -43.24 -34.89
C ALA FA 2 32.64 -41.86 -35.13
N LYS FA 3 33.96 -41.79 -35.26
CA LYS FA 3 34.66 -40.53 -35.48
C LYS FA 3 35.42 -40.51 -36.80
N GLY FA 4 36.13 -41.57 -37.14
CA GLY FA 4 36.92 -41.57 -38.35
C GLY FA 4 36.47 -42.61 -39.36
N ARG FA 5 35.17 -42.74 -39.54
CA ARG FA 5 34.62 -43.84 -40.33
C ARG FA 5 34.31 -43.46 -41.77
N THR FA 6 34.00 -42.21 -42.04
CA THR FA 6 33.78 -41.78 -43.40
C THR FA 6 34.88 -40.81 -43.83
N PRO FA 7 35.32 -40.88 -45.09
CA PRO FA 7 36.37 -39.96 -45.55
C PRO FA 7 35.88 -38.52 -45.63
N ARG FA 8 36.75 -37.59 -45.24
CA ARG FA 8 36.44 -36.17 -45.23
C ARG FA 8 37.38 -35.43 -46.17
N SER FA 9 36.82 -34.64 -47.08
CA SER FA 9 37.60 -33.87 -48.04
C SER FA 9 38.01 -32.54 -47.42
N PHE FA 10 38.71 -31.71 -48.20
CA PHE FA 10 39.17 -30.43 -47.67
C PHE FA 10 38.01 -29.52 -47.30
N SER FA 11 36.95 -29.50 -48.10
CA SER FA 11 35.84 -28.61 -47.80
C SER FA 11 35.12 -29.01 -46.53
N GLN FA 12 34.98 -30.31 -46.28
CA GLN FA 12 34.35 -30.77 -45.04
C GLN FA 12 35.21 -30.47 -43.82
N ARG FA 13 36.51 -30.79 -43.90
CA ARG FA 13 37.42 -30.48 -42.81
C ARG FA 13 37.45 -28.99 -42.51
N TYR FA 14 37.55 -28.17 -43.56
CA TYR FA 14 37.60 -26.72 -43.34
C TYR FA 14 36.29 -26.20 -42.77
N GLY FA 15 35.16 -26.68 -43.27
CA GLY FA 15 33.88 -26.21 -42.76
C GLY FA 15 33.69 -26.56 -41.29
N LYS FA 16 34.03 -27.79 -40.90
CA LYS FA 16 33.83 -28.16 -39.51
C LYS FA 16 34.84 -27.47 -38.60
N TRP FA 17 36.10 -27.37 -39.03
CA TRP FA 17 37.08 -26.66 -38.24
C TRP FA 17 36.70 -25.20 -38.06
N ASN FA 18 36.18 -24.57 -39.12
CA ASN FA 18 35.80 -23.18 -39.04
C ASN FA 18 34.58 -22.98 -38.14
N ALA FA 19 33.63 -23.92 -38.20
CA ALA FA 19 32.48 -23.84 -37.31
C ALA FA 19 32.90 -23.95 -35.85
N LYS FA 20 33.76 -24.92 -35.54
CA LYS FA 20 34.20 -25.11 -34.16
C LYS FA 20 35.04 -23.93 -33.69
N PHE FA 21 35.88 -23.39 -34.56
CA PHE FA 21 36.71 -22.24 -34.19
C PHE FA 21 35.85 -21.00 -33.93
N THR FA 22 34.87 -20.76 -34.80
CA THR FA 22 33.96 -19.63 -34.61
C THR FA 22 33.15 -19.79 -33.33
N ALA FA 23 32.75 -21.01 -33.01
CA ALA FA 23 31.99 -21.24 -31.78
C ALA FA 23 32.87 -21.01 -30.55
N PHE FA 24 34.10 -21.51 -30.57
CA PHE FA 24 34.97 -21.35 -29.41
C PHE FA 24 35.39 -19.91 -29.17
N SER FA 25 35.30 -19.04 -30.17
CA SER FA 25 35.62 -17.64 -30.00
C SER FA 25 34.55 -16.87 -29.25
N ASN FA 26 33.39 -17.47 -29.00
CA ASN FA 26 32.37 -16.85 -28.17
C ASN FA 26 32.91 -16.66 -26.75
N PRO FA 27 32.61 -15.54 -26.09
CA PRO FA 27 33.13 -15.34 -24.73
C PRO FA 27 32.71 -16.43 -23.76
N THR FA 28 31.42 -16.75 -23.73
CA THR FA 28 30.92 -17.72 -22.76
C THR FA 28 31.45 -19.12 -23.03
N VAL FA 29 31.56 -19.51 -24.31
CA VAL FA 29 32.00 -20.86 -24.64
C VAL FA 29 33.42 -21.09 -24.16
N ALA FA 30 34.34 -20.21 -24.57
CA ALA FA 30 35.73 -20.32 -24.18
C ALA FA 30 35.88 -20.23 -22.66
N SER FA 31 35.25 -19.22 -22.06
CA SER FA 31 35.32 -19.06 -20.61
C SER FA 31 34.89 -20.33 -19.89
N THR FA 32 33.72 -20.87 -20.24
CA THR FA 32 33.18 -22.03 -19.54
C THR FA 32 34.08 -23.25 -19.72
N ILE FA 33 34.51 -23.53 -20.95
CA ILE FA 33 35.32 -24.72 -21.20
C ILE FA 33 36.64 -24.65 -20.44
N LEU FA 34 37.35 -23.52 -20.58
CA LEU FA 34 38.67 -23.42 -19.98
C LEU FA 34 38.61 -23.37 -18.47
N THR FA 35 37.60 -22.68 -17.91
CA THR FA 35 37.45 -22.64 -16.47
C THR FA 35 37.10 -24.00 -15.92
N ASN FA 36 36.34 -24.80 -16.67
CA ASN FA 36 35.98 -26.13 -16.20
C ASN FA 36 37.17 -27.08 -16.27
N VAL FA 37 38.03 -26.95 -17.28
CA VAL FA 37 39.15 -27.88 -17.42
C VAL FA 37 40.42 -27.40 -16.74
N ALA FA 38 40.42 -26.22 -16.12
CA ALA FA 38 41.63 -25.72 -15.47
C ALA FA 38 42.26 -26.69 -14.47
N PRO FA 39 41.55 -27.24 -13.47
CA PRO FA 39 42.24 -28.08 -12.48
C PRO FA 39 42.82 -29.36 -13.06
N ILE FA 40 42.15 -29.95 -14.05
CA ILE FA 40 42.66 -31.16 -14.67
C ILE FA 40 43.89 -30.87 -15.51
N ALA FA 41 43.90 -29.72 -16.20
CA ALA FA 41 45.09 -29.31 -16.93
C ALA FA 41 46.26 -29.09 -15.99
N GLN FA 42 46.02 -28.43 -14.86
CA GLN FA 42 47.08 -28.24 -13.87
C GLN FA 42 47.60 -29.58 -13.37
N GLY FA 43 46.69 -30.52 -13.10
CA GLY FA 43 47.11 -31.83 -12.61
C GLY FA 43 47.94 -32.60 -13.63
N ASN FA 44 47.56 -32.53 -14.90
CA ASN FA 44 48.31 -33.23 -15.94
C ASN FA 44 49.70 -32.62 -16.12
N PHE FA 45 49.77 -31.29 -16.10
CA PHE FA 45 51.06 -30.62 -16.15
C PHE FA 45 51.95 -31.04 -14.99
N GLN FA 46 51.41 -30.99 -13.77
CA GLN FA 46 52.19 -31.37 -12.59
C GLN FA 46 52.61 -32.82 -12.62
N THR FA 47 51.80 -33.69 -13.21
CA THR FA 47 52.14 -35.10 -13.27
C THR FA 47 53.23 -35.37 -14.29
N ASN FA 48 53.22 -34.67 -15.42
CA ASN FA 48 54.09 -35.06 -16.53
C ASN FA 48 55.38 -34.25 -16.65
N VAL FA 49 55.34 -32.94 -16.48
CA VAL FA 49 56.46 -32.07 -16.88
C VAL FA 49 57.75 -32.29 -16.07
N PRO FA 50 57.71 -32.62 -14.78
CA PRO FA 50 58.99 -32.86 -14.07
C PRO FA 50 59.89 -33.90 -14.72
N LYS FA 51 59.31 -34.96 -15.29
CA LYS FA 51 60.10 -36.01 -15.95
C LYS FA 51 60.84 -35.48 -17.16
N PHE FA 52 60.40 -34.37 -17.74
CA PHE FA 52 61.03 -33.82 -18.93
C PHE FA 52 61.96 -32.65 -18.61
N THR FA 53 61.66 -31.87 -17.57
CA THR FA 53 62.61 -30.88 -17.11
C THR FA 53 63.86 -31.53 -16.53
N SER FA 54 63.69 -32.67 -15.84
CA SER FA 54 64.85 -33.40 -15.35
C SER FA 54 65.73 -33.88 -16.49
N VAL FA 55 65.11 -34.36 -17.57
CA VAL FA 55 65.85 -34.81 -18.74
C VAL FA 55 66.58 -33.64 -19.39
N ASN FA 56 65.93 -32.47 -19.45
CA ASN FA 56 66.60 -31.28 -19.96
C ASN FA 56 67.87 -30.99 -19.17
N GLU FA 57 67.78 -30.99 -17.84
CA GLU FA 57 68.94 -30.66 -17.03
C GLU FA 57 70.06 -31.68 -17.17
N GLN FA 58 69.73 -32.97 -17.15
CA GLN FA 58 70.76 -33.99 -17.31
C GLN FA 58 71.42 -33.95 -18.68
N VAL FA 59 70.62 -33.77 -19.73
CA VAL FA 59 71.20 -33.75 -21.07
C VAL FA 59 72.04 -32.50 -21.26
N SER FA 60 71.67 -31.39 -20.62
CA SER FA 60 72.53 -30.22 -20.65
C SER FA 60 73.87 -30.51 -20.00
N ALA FA 61 73.85 -31.18 -18.85
CA ALA FA 61 75.09 -31.59 -18.20
C ALA FA 61 75.96 -32.44 -19.12
N VAL FA 62 75.33 -33.36 -19.86
CA VAL FA 62 76.09 -34.24 -20.76
C VAL FA 62 76.65 -33.46 -21.94
N LEU FA 63 75.88 -32.51 -22.47
CA LEU FA 63 76.30 -31.78 -23.67
C LEU FA 63 77.43 -30.81 -23.35
N THR FA 64 77.45 -30.24 -22.15
CA THR FA 64 78.55 -29.33 -21.81
C THR FA 64 79.87 -30.09 -21.69
N GLN FA 65 79.83 -31.37 -21.33
CA GLN FA 65 81.05 -32.16 -21.23
C GLN FA 65 81.61 -32.58 -22.58
N TYR FA 66 80.82 -32.47 -23.65
CA TYR FA 66 81.27 -32.85 -24.97
C TYR FA 66 81.56 -31.68 -25.88
N GLY FA 67 81.32 -30.44 -25.43
CA GLY FA 67 81.64 -29.27 -26.21
C GLY FA 67 80.59 -28.82 -27.19
N VAL FA 68 79.35 -29.26 -27.03
CA VAL FA 68 78.28 -28.91 -27.96
C VAL FA 68 77.72 -27.56 -27.56
N THR FA 69 77.73 -26.61 -28.50
CA THR FA 69 77.29 -25.26 -28.24
C THR FA 69 76.33 -24.80 -29.33
N GLY FA 70 75.41 -23.92 -28.96
CA GLY FA 70 74.54 -23.28 -29.91
C GLY FA 70 73.36 -24.13 -30.31
N PRO FA 71 72.82 -23.87 -31.50
CA PRO FA 71 71.65 -24.64 -31.96
C PRO FA 71 71.93 -26.14 -32.08
N SER FA 72 73.18 -26.54 -32.29
CA SER FA 72 73.52 -27.97 -32.31
C SER FA 72 73.17 -28.67 -31.01
N ARG FA 73 72.98 -27.92 -29.92
CA ARG FA 73 72.50 -28.55 -28.69
C ARG FA 73 71.07 -29.01 -28.84
N ALA FA 74 70.21 -28.17 -29.43
CA ALA FA 74 68.80 -28.52 -29.61
C ALA FA 74 68.63 -29.93 -30.15
N ILE FA 75 69.43 -30.30 -31.16
CA ILE FA 75 69.37 -31.64 -31.73
C ILE FA 75 69.34 -32.67 -30.63
N TYR FA 76 70.43 -32.75 -29.87
CA TYR FA 76 70.52 -33.78 -28.85
C TYR FA 76 69.46 -33.57 -27.78
N GLN FA 77 69.19 -32.32 -27.43
CA GLN FA 77 68.13 -32.06 -26.47
C GLN FA 77 66.82 -32.66 -26.97
N GLY FA 78 66.44 -32.32 -28.20
CA GLY FA 78 65.22 -32.87 -28.75
C GLY FA 78 65.24 -34.39 -28.71
N TYR FA 79 66.38 -34.97 -29.09
CA TYR FA 79 66.46 -36.43 -29.11
C TYR FA 79 66.20 -36.98 -27.72
N GLY FA 80 66.85 -36.41 -26.71
CA GLY FA 80 66.61 -36.83 -25.36
C GLY FA 80 65.13 -36.83 -25.03
N LEU FA 81 64.46 -35.72 -25.34
CA LEU FA 81 63.04 -35.63 -25.03
C LEU FA 81 62.26 -36.73 -25.73
N LYS FA 82 62.55 -36.98 -27.00
CA LYS FA 82 61.88 -38.05 -27.71
C LYS FA 82 61.99 -39.35 -26.94
N VAL FA 83 63.20 -39.69 -26.49
CA VAL FA 83 63.38 -40.94 -25.75
C VAL FA 83 62.54 -40.93 -24.49
N ALA FA 84 62.56 -39.82 -23.75
CA ALA FA 84 61.75 -39.73 -22.55
C ALA FA 84 60.28 -39.98 -22.86
N ARG FA 85 59.82 -39.44 -23.99
CA ARG FA 85 58.43 -39.65 -24.39
C ARG FA 85 58.13 -41.14 -24.50
N ALA FA 86 59.01 -41.89 -25.17
CA ALA FA 86 58.80 -43.32 -25.30
C ALA FA 86 58.69 -43.97 -23.93
N LEU FA 87 59.59 -43.61 -23.01
CA LEU FA 87 59.58 -44.23 -21.69
C LEU FA 87 58.30 -43.87 -20.96
N ASN FA 88 57.75 -42.69 -21.21
CA ASN FA 88 56.52 -42.33 -20.55
C ASN FA 88 55.32 -43.05 -21.16
N ARG FA 89 55.41 -43.40 -22.44
CA ARG FA 89 54.26 -43.97 -23.12
C ARG FA 89 54.16 -45.47 -22.90
N ILE FA 90 55.20 -46.20 -23.27
CA ILE FA 90 55.10 -47.66 -23.32
C ILE FA 90 55.84 -48.36 -22.20
N GLY FA 91 56.76 -47.68 -21.52
CA GLY FA 91 57.52 -48.28 -20.44
C GLY FA 91 58.78 -48.95 -20.94
N ALA FA 92 59.48 -49.58 -20.01
CA ALA FA 92 60.74 -50.24 -20.32
C ALA FA 92 60.49 -51.67 -20.79
N GLY FA 93 61.31 -52.13 -21.73
CA GLY FA 93 61.16 -53.43 -22.31
C GLY FA 93 61.65 -53.47 -23.73
N PRO FA 94 61.44 -54.58 -24.43
CA PRO FA 94 61.90 -54.69 -25.83
C PRO FA 94 61.31 -53.66 -26.76
N ALA FA 95 60.08 -53.20 -26.52
CA ALA FA 95 59.51 -52.13 -27.34
C ALA FA 95 60.34 -50.86 -27.22
N LEU FA 96 60.83 -50.56 -26.02
CA LEU FA 96 61.68 -49.38 -25.84
C LEU FA 96 63.02 -49.55 -26.53
N THR FA 97 63.55 -50.77 -26.58
CA THR FA 97 64.79 -51.01 -27.32
C THR FA 97 64.57 -50.76 -28.81
N ASN FA 98 63.46 -51.26 -29.36
CA ASN FA 98 63.15 -51.02 -30.76
C ASN FA 98 62.99 -49.52 -31.05
N MET FA 99 62.27 -48.82 -30.18
CA MET FA 99 62.07 -47.40 -30.40
C MET FA 99 63.36 -46.60 -30.27
N VAL FA 100 64.25 -47.00 -29.37
CA VAL FA 100 65.52 -46.28 -29.23
C VAL FA 100 66.40 -46.50 -30.45
N ALA FA 101 66.45 -47.73 -30.97
CA ALA FA 101 67.21 -47.96 -32.19
C ALA FA 101 66.62 -47.17 -33.37
N GLY FA 102 65.30 -47.12 -33.46
CA GLY FA 102 64.68 -46.35 -34.53
C GLY FA 102 64.95 -44.87 -34.42
N LEU FA 103 64.97 -44.35 -33.19
CA LEU FA 103 65.26 -42.93 -32.99
C LEU FA 103 66.71 -42.60 -33.30
N LYS FA 104 67.64 -43.48 -32.93
CA LYS FA 104 69.02 -43.26 -33.32
C LYS FA 104 69.19 -43.25 -34.83
N ALA FA 105 68.56 -44.20 -35.51
CA ALA FA 105 68.60 -44.21 -36.98
C ALA FA 105 68.03 -42.93 -37.54
N TYR FA 106 66.86 -42.51 -37.05
CA TYR FA 106 66.21 -41.28 -37.47
C TYR FA 106 67.15 -40.09 -37.37
N TYR FA 107 67.68 -39.83 -36.18
CA TYR FA 107 68.48 -38.64 -35.99
C TYR FA 107 69.80 -38.69 -36.74
N VAL FA 108 70.49 -39.82 -36.73
CA VAL FA 108 71.77 -39.91 -37.42
C VAL FA 108 71.58 -39.77 -38.93
N SER FA 109 70.48 -40.28 -39.48
CA SER FA 109 70.33 -40.23 -40.92
C SER FA 109 69.77 -38.91 -41.42
N ALA FA 110 68.85 -38.30 -40.67
CA ALA FA 110 68.20 -37.09 -41.16
C ALA FA 110 68.90 -35.81 -40.72
N TYR FA 111 69.49 -35.78 -39.52
CA TYR FA 111 69.97 -34.52 -38.95
C TYR FA 111 71.48 -34.51 -38.73
N GLY FA 112 72.20 -35.55 -39.13
CA GLY FA 112 73.64 -35.56 -38.97
C GLY FA 112 74.10 -35.55 -37.54
N ALA FA 113 73.40 -36.24 -36.66
CA ALA FA 113 73.79 -36.31 -35.26
C ALA FA 113 74.98 -37.25 -35.07
N ASN FA 114 75.76 -36.96 -34.04
CA ASN FA 114 76.93 -37.75 -33.68
C ASN FA 114 76.50 -38.99 -32.91
N PRO FA 115 76.88 -40.19 -33.35
CA PRO FA 115 76.48 -41.40 -32.61
C PRO FA 115 76.99 -41.44 -31.18
N GLU FA 116 78.19 -40.89 -30.93
CA GLU FA 116 78.75 -40.91 -29.57
C GLU FA 116 77.91 -40.09 -28.61
N ILE FA 117 77.53 -38.88 -29.01
CA ILE FA 117 76.74 -38.04 -28.12
C ILE FA 117 75.34 -38.60 -27.95
N LEU FA 118 74.80 -39.26 -28.98
CA LEU FA 118 73.52 -39.93 -28.82
C LEU FA 118 73.62 -41.08 -27.83
N ASP FA 119 74.74 -41.82 -27.86
CA ASP FA 119 74.97 -42.86 -26.87
C ASP FA 119 75.05 -42.28 -25.46
N ALA FA 120 75.74 -41.16 -25.30
CA ALA FA 120 75.87 -40.54 -23.98
C ALA FA 120 74.53 -40.03 -23.46
N VAL FA 121 73.71 -39.46 -24.35
CA VAL FA 121 72.40 -38.97 -23.96
C VAL FA 121 71.50 -40.14 -23.56
N THR FA 122 71.50 -41.21 -24.36
CA THR FA 122 70.73 -42.40 -24.02
C THR FA 122 71.24 -43.03 -22.73
N ASN FA 123 72.52 -42.89 -22.43
CA ASN FA 123 73.08 -43.40 -21.18
C ASN FA 123 72.58 -42.61 -19.99
N ILE FA 124 72.57 -41.28 -20.09
CA ILE FA 124 72.10 -40.49 -18.96
C ILE FA 124 70.60 -40.68 -18.77
N ILE FA 125 69.86 -41.03 -19.82
CA ILE FA 125 68.41 -41.15 -19.68
C ILE FA 125 68.00 -42.55 -19.23
N LEU FA 126 68.46 -43.58 -19.94
CA LEU FA 126 67.96 -44.94 -19.72
C LEU FA 126 68.89 -45.81 -18.89
N GLY FA 127 70.16 -45.44 -18.76
CA GLY FA 127 71.12 -46.21 -18.00
C GLY FA 127 72.14 -46.94 -18.84
N SER FA 128 71.86 -47.14 -20.12
CA SER FA 128 72.75 -47.83 -21.04
C SER FA 128 72.69 -47.13 -22.39
N PRO FA 129 73.74 -47.23 -23.19
CA PRO FA 129 73.65 -46.68 -24.55
C PRO FA 129 72.55 -47.31 -25.39
N THR FA 130 72.37 -48.63 -25.26
CA THR FA 130 71.33 -49.31 -26.03
C THR FA 130 69.97 -49.22 -25.35
N GLY FA 131 69.95 -49.05 -24.04
CA GLY FA 131 68.71 -48.95 -23.31
C GLY FA 131 68.13 -50.24 -22.77
N TYR FA 132 68.90 -51.32 -22.75
CA TYR FA 132 68.41 -52.60 -22.24
C TYR FA 132 68.06 -52.47 -20.77
N ALA GA 2 -3.34 62.94 23.98
CA ALA GA 2 -3.44 62.86 22.53
C ALA GA 2 -4.36 61.73 22.11
N LYS GA 3 -5.56 61.70 22.69
CA LYS GA 3 -6.55 60.67 22.40
C LYS GA 3 -7.82 61.23 21.80
N GLY GA 4 -8.34 62.33 22.33
CA GLY GA 4 -9.57 62.88 21.82
C GLY GA 4 -9.40 64.27 21.24
N ARG GA 5 -8.33 64.46 20.48
CA ARG GA 5 -7.94 65.79 20.03
C ARG GA 5 -8.49 66.15 18.66
N THR GA 6 -8.65 65.19 17.78
CA THR GA 6 -9.23 65.45 16.47
C THR GA 6 -10.58 64.78 16.34
N PRO GA 7 -11.53 65.38 15.63
CA PRO GA 7 -12.85 64.77 15.47
C PRO GA 7 -12.79 63.50 14.62
N ARG GA 8 -13.63 62.53 14.97
CA ARG GA 8 -13.71 61.26 14.28
C ARG GA 8 -15.13 61.03 13.77
N SER GA 9 -15.27 60.83 12.47
CA SER GA 9 -16.56 60.58 11.84
C SER GA 9 -16.97 59.14 12.08
N PHE GA 10 -18.15 58.76 11.56
CA PHE GA 10 -18.62 57.40 11.76
C PHE GA 10 -17.70 56.38 11.10
N SER GA 11 -17.21 56.67 9.90
CA SER GA 11 -16.37 55.69 9.22
C SER GA 11 -15.05 55.48 9.95
N GLN GA 12 -14.50 56.52 10.55
CA GLN GA 12 -13.25 56.36 11.30
C GLN GA 12 -13.46 55.60 12.60
N ARG GA 13 -14.49 55.96 13.36
CA ARG GA 13 -14.83 55.21 14.57
C ARG GA 13 -15.07 53.74 14.25
N TYR GA 14 -15.85 53.48 13.20
CA TYR GA 14 -16.17 52.09 12.84
C TYR GA 14 -14.94 51.34 12.37
N GLY GA 15 -14.09 51.97 11.57
CA GLY GA 15 -12.89 51.30 11.10
C GLY GA 15 -11.94 50.94 12.23
N LYS GA 16 -11.73 51.87 13.15
CA LYS GA 16 -10.83 51.56 14.26
C LYS GA 16 -11.44 50.54 15.22
N TRP GA 17 -12.73 50.68 15.52
CA TRP GA 17 -13.40 49.69 16.36
C TRP GA 17 -13.32 48.31 15.75
N ASN GA 18 -13.55 48.21 14.44
CA ASN GA 18 -13.51 46.93 13.75
C ASN GA 18 -12.10 46.36 13.73
N ALA GA 19 -11.09 47.20 13.53
CA ALA GA 19 -9.71 46.72 13.58
C ALA GA 19 -9.39 46.13 14.94
N LYS GA 20 -9.73 46.84 16.02
CA LYS GA 20 -9.41 46.36 17.35
C LYS GA 20 -10.22 45.11 17.70
N PHE GA 21 -11.48 45.05 17.29
CA PHE GA 21 -12.32 43.88 17.58
C PHE GA 21 -11.82 42.65 16.83
N THR GA 22 -11.43 42.83 15.57
CA THR GA 22 -10.87 41.72 14.81
C THR GA 22 -9.54 41.28 15.38
N ALA GA 23 -8.74 42.21 15.89
CA ALA GA 23 -7.47 41.84 16.51
C ALA GA 23 -7.70 41.05 17.79
N PHE GA 24 -8.67 41.46 18.61
CA PHE GA 24 -8.90 40.79 19.88
C PHE GA 24 -9.48 39.40 19.72
N SER GA 25 -10.10 39.08 18.58
CA SER GA 25 -10.64 37.75 18.34
C SER GA 25 -9.56 36.71 18.12
N ASN GA 26 -8.31 37.12 17.95
CA ASN GA 26 -7.20 36.18 17.87
C ASN GA 26 -7.11 35.39 19.17
N PRO GA 27 -6.82 34.09 19.11
CA PRO GA 27 -6.69 33.32 20.36
C PRO GA 27 -5.59 33.84 21.27
N THR GA 28 -4.40 34.08 20.70
CA THR GA 28 -3.26 34.51 21.49
C THR GA 28 -3.47 35.89 22.07
N VAL GA 29 -3.98 36.83 21.28
CA VAL GA 29 -4.15 38.21 21.75
C VAL GA 29 -5.07 38.24 22.96
N ALA GA 30 -6.26 37.65 22.82
CA ALA GA 30 -7.25 37.68 23.89
C ALA GA 30 -6.76 36.92 25.11
N SER GA 31 -6.26 35.69 24.90
CA SER GA 31 -5.80 34.90 26.04
C SER GA 31 -4.70 35.62 26.80
N THR GA 32 -3.75 36.22 26.08
CA THR GA 32 -2.65 36.93 26.74
C THR GA 32 -3.15 38.12 27.54
N ILE GA 33 -4.01 38.95 26.93
CA ILE GA 33 -4.49 40.15 27.64
C ILE GA 33 -5.28 39.75 28.89
N LEU GA 34 -6.21 38.81 28.74
CA LEU GA 34 -7.08 38.47 29.85
C LEU GA 34 -6.33 37.74 30.96
N THR GA 35 -5.41 36.86 30.59
CA THR GA 35 -4.61 36.16 31.58
C THR GA 35 -3.69 37.12 32.33
N ASN GA 36 -3.23 38.18 31.65
CA ASN GA 36 -2.37 39.15 32.32
C ASN GA 36 -3.16 40.05 33.26
N VAL GA 37 -4.39 40.41 32.89
CA VAL GA 37 -5.17 41.32 33.73
C VAL GA 37 -6.07 40.60 34.72
N ALA GA 38 -6.06 39.27 34.77
CA ALA GA 38 -6.92 38.54 35.70
C ALA GA 38 -6.74 38.95 37.17
N PRO GA 39 -5.53 38.97 37.75
CA PRO GA 39 -5.43 39.31 39.18
C PRO GA 39 -5.82 40.73 39.52
N ILE GA 40 -5.54 41.69 38.63
CA ILE GA 40 -5.93 43.07 38.89
C ILE GA 40 -7.45 43.23 38.81
N ALA GA 41 -8.08 42.52 37.87
CA ALA GA 41 -9.54 42.53 37.78
C ALA GA 41 -10.17 41.92 39.02
N GLN GA 42 -9.62 40.79 39.50
CA GLN GA 42 -10.12 40.19 40.72
C GLN GA 42 -9.98 41.13 41.91
N GLY GA 43 -8.83 41.82 42.01
CA GLY GA 43 -8.64 42.75 43.09
C GLY GA 43 -9.60 43.93 43.04
N ASN GA 44 -9.86 44.46 41.84
CA ASN GA 44 -10.79 45.57 41.71
C ASN GA 44 -12.20 45.13 42.09
N PHE GA 45 -12.61 43.94 41.65
CA PHE GA 45 -13.91 43.39 42.05
C PHE GA 45 -14.00 43.26 43.57
N GLN GA 46 -13.00 42.64 44.19
CA GLN GA 46 -13.02 42.44 45.65
C GLN GA 46 -13.01 43.76 46.39
N THR GA 47 -12.38 44.78 45.83
CA THR GA 47 -12.33 46.07 46.51
C THR GA 47 -13.66 46.81 46.42
N ASN GA 48 -14.35 46.73 45.29
CA ASN GA 48 -15.49 47.61 45.07
C ASN GA 48 -16.85 46.98 45.30
N VAL GA 49 -17.07 45.72 44.94
CA VAL GA 49 -18.43 45.16 44.90
C VAL GA 49 -19.10 45.04 46.27
N PRO GA 50 -18.40 44.72 47.38
CA PRO GA 50 -19.10 44.62 48.67
C PRO GA 50 -19.92 45.86 49.05
N LYS GA 51 -19.43 47.06 48.73
CA LYS GA 51 -20.16 48.28 49.04
C LYS GA 51 -21.49 48.37 48.32
N PHE GA 52 -21.66 47.63 47.23
CA PHE GA 52 -22.89 47.64 46.46
C PHE GA 52 -23.79 46.45 46.78
N THR GA 53 -23.21 45.30 47.10
CA THR GA 53 -24.00 44.20 47.61
C THR GA 53 -24.68 44.57 48.93
N SER GA 54 -23.96 45.27 49.81
CA SER GA 54 -24.57 45.71 51.06
C SER GA 54 -25.73 46.66 50.82
N VAL GA 55 -25.58 47.58 49.86
CA VAL GA 55 -26.66 48.51 49.54
C VAL GA 55 -27.86 47.75 48.99
N ASN GA 56 -27.62 46.75 48.14
CA ASN GA 56 -28.71 45.92 47.65
C ASN GA 56 -29.49 45.31 48.82
N GLU GA 57 -28.79 44.71 49.77
CA GLU GA 57 -29.45 44.03 50.87
C GLU GA 57 -30.24 45.01 51.74
N GLN GA 58 -29.66 46.17 52.04
CA GLN GA 58 -30.35 47.13 52.90
C GLN GA 58 -31.55 47.76 52.22
N VAL GA 59 -31.40 48.15 50.95
CA VAL GA 59 -32.53 48.73 50.24
C VAL GA 59 -33.63 47.70 50.06
N SER GA 60 -33.27 46.42 49.93
CA SER GA 60 -34.29 45.38 49.88
C SER GA 60 -35.07 45.32 51.18
N ALA GA 61 -34.35 45.31 52.31
CA ALA GA 61 -35.02 45.31 53.61
C ALA GA 61 -35.93 46.53 53.77
N VAL GA 62 -35.53 47.67 53.22
CA VAL GA 62 -36.33 48.88 53.34
C VAL GA 62 -37.56 48.81 52.43
N LEU GA 63 -37.41 48.22 51.25
CA LEU GA 63 -38.52 48.16 50.30
C LEU GA 63 -39.58 47.17 50.74
N THR GA 64 -39.19 46.11 51.45
CA THR GA 64 -40.20 45.18 51.94
C THR GA 64 -41.07 45.82 53.01
N GLN GA 65 -40.54 46.80 53.75
CA GLN GA 65 -41.33 47.48 54.77
C GLN GA 65 -42.31 48.49 54.18
N TYR GA 66 -42.12 48.90 52.94
CA TYR GA 66 -42.99 49.86 52.29
C TYR GA 66 -43.94 49.24 51.27
N GLY GA 67 -43.93 47.92 51.12
CA GLY GA 67 -44.89 47.25 50.27
C GLY GA 67 -44.57 47.22 48.80
N VAL GA 68 -43.32 47.47 48.42
CA VAL GA 68 -42.95 47.56 47.01
C VAL GA 68 -42.62 46.16 46.50
N THR GA 69 -43.24 45.78 45.38
CA THR GA 69 -43.06 44.45 44.80
C THR GA 69 -42.86 44.59 43.30
N GLY GA 70 -42.15 43.62 42.74
CA GLY GA 70 -42.01 43.50 41.31
C GLY GA 70 -40.99 44.45 40.72
N PRO GA 71 -41.13 44.75 39.42
CA PRO GA 71 -40.18 45.64 38.77
C PRO GA 71 -40.08 47.02 39.39
N SER GA 72 -41.13 47.50 40.07
CA SER GA 72 -41.05 48.77 40.77
C SER GA 72 -39.95 48.81 41.80
N ARG GA 73 -39.53 47.66 42.31
CA ARG GA 73 -38.40 47.64 43.24
C ARG GA 73 -37.11 48.05 42.53
N ALA GA 74 -36.91 47.57 41.31
CA ALA GA 74 -35.71 47.92 40.55
C ALA GA 74 -35.49 49.42 40.54
N ILE GA 75 -36.55 50.20 40.33
CA ILE GA 75 -36.44 51.66 40.37
C ILE GA 75 -35.65 52.09 41.58
N TYR GA 76 -36.17 51.78 42.77
CA TYR GA 76 -35.51 52.23 43.97
C TYR GA 76 -34.15 51.58 44.13
N GLN GA 77 -34.04 50.29 43.81
CA GLN GA 77 -32.72 49.68 43.85
C GLN GA 77 -31.76 50.46 42.99
N GLY GA 78 -32.14 50.74 41.75
CA GLY GA 78 -31.27 51.52 40.88
C GLY GA 78 -30.87 52.82 41.53
N TYR GA 79 -31.84 53.56 42.05
CA TYR GA 79 -31.54 54.84 42.66
C TYR GA 79 -30.49 54.66 43.75
N GLY GA 80 -30.71 53.70 44.64
CA GLY GA 80 -29.75 53.47 45.70
C GLY GA 80 -28.36 53.24 45.17
N LEU GA 81 -28.22 52.36 44.17
CA LEU GA 81 -26.91 52.08 43.65
C LEU GA 81 -26.28 53.34 43.08
N LYS GA 82 -27.06 54.13 42.35
CA LYS GA 82 -26.55 55.40 41.85
C LYS GA 82 -25.98 56.24 42.97
N VAL GA 83 -26.72 56.38 44.07
CA VAL GA 83 -26.23 57.18 45.19
C VAL GA 83 -24.93 56.59 45.72
N ALA GA 84 -24.89 55.27 45.90
CA ALA GA 84 -23.66 54.66 46.38
C ALA GA 84 -22.51 54.95 45.44
N ARG GA 85 -22.78 54.94 44.13
CA ARG GA 85 -21.75 55.29 43.16
C ARG GA 85 -21.15 56.65 43.47
N ALA GA 86 -22.01 57.65 43.71
CA ALA GA 86 -21.51 58.97 44.07
C ALA GA 86 -20.64 58.92 45.31
N LEU GA 87 -21.08 58.18 46.33
CA LEU GA 87 -20.32 58.10 47.56
C LEU GA 87 -18.97 57.43 47.33
N ASN GA 88 -18.92 56.52 46.37
CA ASN GA 88 -17.65 55.88 46.07
C ASN GA 88 -16.71 56.81 45.33
N ARG GA 89 -17.26 57.74 44.54
CA ARG GA 89 -16.46 58.52 43.62
C ARG GA 89 -15.90 59.77 44.29
N ILE GA 90 -16.79 60.64 44.77
CA ILE GA 90 -16.38 61.96 45.22
C ILE GA 90 -16.33 62.09 46.74
N GLY GA 91 -16.99 61.20 47.47
CA GLY GA 91 -16.96 61.21 48.92
C GLY GA 91 -18.03 62.10 49.50
N ALA GA 92 -18.09 62.08 50.83
CA ALA GA 92 -19.10 62.83 51.56
C ALA GA 92 -18.73 64.31 51.62
N GLY GA 93 -19.74 65.17 51.49
CA GLY GA 93 -19.52 66.59 51.45
C GLY GA 93 -20.62 67.30 50.67
N PRO GA 94 -20.44 68.60 50.42
CA PRO GA 94 -21.45 69.34 49.66
C PRO GA 94 -21.69 68.82 48.25
N ALA GA 95 -20.66 68.29 47.58
CA ALA GA 95 -20.85 67.73 46.25
C ALA GA 95 -21.78 66.52 46.29
N LEU GA 96 -21.67 65.70 47.34
CA LEU GA 96 -22.57 64.57 47.49
C LEU GA 96 -24.01 65.02 47.70
N THR GA 97 -24.22 66.10 48.44
CA THR GA 97 -25.56 66.66 48.60
C THR GA 97 -26.12 67.14 47.27
N ASN GA 98 -25.29 67.85 46.50
CA ASN GA 98 -25.72 68.32 45.17
C ASN GA 98 -26.13 67.16 44.29
N MET GA 99 -25.34 66.08 44.27
CA MET GA 99 -25.67 64.96 43.43
C MET GA 99 -26.89 64.20 43.93
N VAL GA 100 -27.11 64.13 45.24
CA VAL GA 100 -28.30 63.46 45.76
C VAL GA 100 -29.56 64.24 45.37
N ALA GA 101 -29.50 65.57 45.47
CA ALA GA 101 -30.63 66.38 45.04
C ALA GA 101 -30.90 66.20 43.54
N GLY GA 102 -29.84 66.18 42.74
CA GLY GA 102 -30.00 65.98 41.32
C GLY GA 102 -30.56 64.62 40.96
N LEU GA 103 -30.15 63.58 41.69
CA LEU GA 103 -30.64 62.24 41.44
C LEU GA 103 -32.10 62.09 41.85
N LYS GA 104 -32.49 62.70 42.96
CA LYS GA 104 -33.90 62.67 43.35
C LYS GA 104 -34.76 63.39 42.32
N ALA GA 105 -34.32 64.57 41.87
CA ALA GA 105 -35.04 65.27 40.80
C ALA GA 105 -35.15 64.38 39.56
N TYR GA 106 -34.03 63.77 39.16
CA TYR GA 106 -34.01 62.89 38.00
C TYR GA 106 -35.05 61.79 38.11
N TYR GA 107 -35.03 61.03 39.20
CA TYR GA 107 -35.90 59.88 39.33
C TYR GA 107 -37.36 60.28 39.48
N VAL GA 108 -37.66 61.30 40.28
CA VAL GA 108 -39.04 61.72 40.46
C VAL GA 108 -39.63 62.28 39.17
N SER GA 109 -38.82 62.96 38.35
CA SER GA 109 -39.40 63.56 37.15
C SER GA 109 -39.46 62.58 35.99
N ALA GA 110 -38.44 61.73 35.82
CA ALA GA 110 -38.42 60.86 34.66
C ALA GA 110 -39.13 59.53 34.87
N TYR GA 111 -39.10 58.98 36.09
CA TYR GA 111 -39.54 57.61 36.30
C TYR GA 111 -40.71 57.49 37.27
N GLY GA 112 -41.29 58.60 37.70
CA GLY GA 112 -42.45 58.55 38.57
C GLY GA 112 -42.21 57.87 39.89
N ALA GA 113 -41.01 57.98 40.44
CA ALA GA 113 -40.70 57.37 41.72
C ALA GA 113 -41.32 58.17 42.86
N ASN GA 114 -41.52 57.49 43.98
CA ASN GA 114 -42.14 58.07 45.17
C ASN GA 114 -41.10 58.82 45.99
N PRO GA 115 -41.33 60.09 46.31
CA PRO GA 115 -40.33 60.83 47.12
C PRO GA 115 -40.13 60.25 48.50
N GLU GA 116 -41.16 59.66 49.10
CA GLU GA 116 -41.02 59.07 50.43
C GLU GA 116 -40.08 57.87 50.43
N ILE GA 117 -40.24 56.98 49.45
CA ILE GA 117 -39.38 55.81 49.40
C ILE GA 117 -37.96 56.21 48.99
N LEU GA 118 -37.82 57.23 48.15
CA LEU GA 118 -36.48 57.74 47.85
C LEU GA 118 -35.82 58.30 49.10
N ASP GA 119 -36.60 58.97 49.96
CA ASP GA 119 -36.06 59.47 51.23
C ASP GA 119 -35.62 58.32 52.12
N ALA GA 120 -36.43 57.28 52.23
CA ALA GA 120 -36.06 56.14 53.07
C ALA GA 120 -34.83 55.43 52.53
N VAL GA 121 -34.70 55.33 51.22
CA VAL GA 121 -33.54 54.68 50.62
C VAL GA 121 -32.27 55.49 50.88
N THR GA 122 -32.30 56.79 50.60
CA THR GA 122 -31.11 57.59 50.86
C THR GA 122 -30.84 57.73 52.34
N ASN GA 123 -31.83 57.53 53.20
CA ASN GA 123 -31.60 57.48 54.63
C ASN GA 123 -30.84 56.22 55.03
N ILE GA 124 -31.27 55.06 54.53
CA ILE GA 124 -30.58 53.83 54.90
C ILE GA 124 -29.18 53.81 54.29
N ILE GA 125 -28.93 54.57 53.23
CA ILE GA 125 -27.61 54.58 52.61
C ILE GA 125 -26.68 55.62 53.25
N LEU GA 126 -27.11 56.87 53.31
CA LEU GA 126 -26.23 57.95 53.73
C LEU GA 126 -26.44 58.36 55.19
N GLY GA 127 -27.57 58.03 55.79
CA GLY GA 127 -27.85 58.37 57.16
C GLY GA 127 -28.89 59.44 57.35
N SER GA 128 -29.22 60.18 56.30
CA SER GA 128 -30.20 61.25 56.38
C SER GA 128 -30.96 61.34 55.07
N PRO GA 129 -32.21 61.80 55.09
CA PRO GA 129 -32.95 61.98 53.83
C PRO GA 129 -32.28 62.94 52.86
N THR GA 130 -31.85 64.11 53.33
CA THR GA 130 -31.14 65.04 52.46
C THR GA 130 -29.71 64.60 52.22
N GLY GA 131 -29.09 63.94 53.19
CA GLY GA 131 -27.77 63.40 53.04
C GLY GA 131 -26.63 64.22 53.61
N TYR GA 132 -26.92 65.26 54.39
CA TYR GA 132 -25.88 66.10 54.96
C TYR GA 132 -25.00 65.29 55.91
N ALA HA 2 6.91 -50.21 -31.09
CA ALA HA 2 6.44 -49.43 -32.23
C ALA HA 2 7.47 -48.42 -32.69
N LYS HA 3 8.69 -48.90 -32.93
CA LYS HA 3 9.80 -48.04 -33.35
C LYS HA 3 10.35 -48.43 -34.71
N GLY HA 4 10.53 -49.71 -34.97
CA GLY HA 4 11.06 -50.13 -36.26
C GLY HA 4 10.13 -51.03 -37.04
N ARG HA 5 8.85 -50.68 -37.07
CA ARG HA 5 7.84 -51.56 -37.64
C ARG HA 5 7.53 -51.27 -39.10
N THR HA 6 7.75 -50.04 -39.55
CA THR HA 6 7.54 -49.67 -40.93
C THR HA 6 8.84 -49.22 -41.56
N PRO HA 7 9.08 -49.54 -42.84
CA PRO HA 7 10.36 -49.16 -43.47
C PRO HA 7 10.45 -47.67 -43.70
N ARG HA 8 11.66 -47.13 -43.55
CA ARG HA 8 11.92 -45.70 -43.67
C ARG HA 8 12.99 -45.48 -44.74
N SER HA 9 12.67 -44.64 -45.73
CA SER HA 9 13.58 -44.34 -46.81
C SER HA 9 14.56 -43.25 -46.39
N PHE HA 10 15.39 -42.79 -47.33
CA PHE HA 10 16.36 -41.76 -46.98
C PHE HA 10 15.69 -40.43 -46.65
N SER HA 11 14.65 -40.06 -47.40
CA SER HA 11 13.98 -38.80 -47.13
C SER HA 11 13.31 -38.79 -45.77
N GLN HA 12 12.72 -39.92 -45.37
CA GLN HA 12 12.08 -39.99 -44.07
C GLN HA 12 13.11 -39.94 -42.94
N ARG HA 13 14.18 -40.73 -43.05
CA ARG HA 13 15.25 -40.69 -42.05
C ARG HA 13 15.85 -39.30 -41.95
N TYR HA 14 16.15 -38.68 -43.09
CA TYR HA 14 16.76 -37.36 -43.08
C TYR HA 14 15.81 -36.32 -42.49
N GLY HA 15 14.52 -36.40 -42.83
CA GLY HA 15 13.57 -35.46 -42.27
C GLY HA 15 13.45 -35.55 -40.76
N LYS HA 16 13.35 -36.77 -40.25
CA LYS HA 16 13.21 -36.91 -38.80
C LYS HA 16 14.50 -36.55 -38.08
N TRP HA 17 15.64 -36.99 -38.63
CA TRP HA 17 16.92 -36.65 -38.02
C TRP HA 17 17.16 -35.15 -38.00
N ASN HA 18 16.83 -34.47 -39.10
CA ASN HA 18 17.02 -33.02 -39.16
C ASN HA 18 16.07 -32.31 -38.21
N ALA HA 19 14.83 -32.78 -38.09
CA ALA HA 19 13.90 -32.17 -37.16
C ALA HA 19 14.41 -32.28 -35.73
N LYS HA 20 14.86 -33.47 -35.34
CA LYS HA 20 15.34 -33.67 -33.98
C LYS HA 20 16.63 -32.90 -33.72
N PHE HA 21 17.50 -32.80 -34.71
CA PHE HA 21 18.74 -32.05 -34.55
C PHE HA 21 18.47 -30.55 -34.39
N THR HA 22 17.55 -30.01 -35.21
CA THR HA 22 17.17 -28.62 -35.06
C THR HA 22 16.50 -28.36 -33.72
N ALA HA 23 15.69 -29.29 -33.24
CA ALA HA 23 15.06 -29.12 -31.94
C ALA HA 23 16.09 -29.13 -30.82
N PHE HA 24 17.11 -29.99 -30.93
CA PHE HA 24 18.10 -30.10 -29.87
C PHE HA 24 19.04 -28.91 -29.81
N SER HA 25 19.16 -28.12 -30.87
CA SER HA 25 20.04 -26.96 -30.85
C SER HA 25 19.43 -25.78 -30.11
N ASN HA 26 18.16 -25.85 -29.74
CA ASN HA 26 17.56 -24.84 -28.87
C ASN HA 26 18.33 -24.80 -27.56
N PRO HA 27 18.57 -23.60 -27.00
CA PRO HA 27 19.34 -23.54 -25.75
C PRO HA 27 18.63 -24.22 -24.59
N THR HA 28 17.35 -23.93 -24.41
CA THR HA 28 16.59 -24.51 -23.32
C THR HA 28 16.46 -26.02 -23.46
N VAL HA 29 16.15 -26.51 -24.66
CA VAL HA 29 15.96 -27.94 -24.87
C VAL HA 29 17.22 -28.70 -24.50
N ALA HA 30 18.34 -28.31 -25.09
CA ALA HA 30 19.60 -29.01 -24.87
C ALA HA 30 20.03 -28.91 -23.41
N SER HA 31 20.01 -27.71 -22.84
CA SER HA 31 20.47 -27.56 -21.47
C SER HA 31 19.61 -28.35 -20.50
N THR HA 32 18.29 -28.32 -20.69
CA THR HA 32 17.39 -29.09 -19.83
C THR HA 32 17.70 -30.58 -19.90
N ILE HA 33 17.74 -31.13 -21.12
CA ILE HA 33 17.97 -32.56 -21.26
C ILE HA 33 19.32 -32.96 -20.66
N LEU HA 34 20.36 -32.16 -20.93
CA LEU HA 34 21.69 -32.55 -20.50
C LEU HA 34 21.87 -32.42 -18.99
N THR HA 35 21.41 -31.32 -18.38
CA THR HA 35 21.53 -31.20 -16.94
C THR HA 35 20.65 -32.22 -16.22
N ASN HA 36 19.58 -32.68 -16.87
CA ASN HA 36 18.79 -33.74 -16.26
C ASN HA 36 19.51 -35.08 -16.30
N VAL HA 37 20.16 -35.41 -17.42
CA VAL HA 37 20.83 -36.71 -17.52
C VAL HA 37 22.24 -36.70 -16.96
N ALA HA 38 22.73 -35.55 -16.47
CA ALA HA 38 24.10 -35.49 -15.95
C ALA HA 38 24.43 -36.52 -14.87
N PRO HA 39 23.66 -36.65 -13.78
CA PRO HA 39 24.07 -37.62 -12.74
C PRO HA 39 24.01 -39.07 -13.19
N ILE HA 40 23.03 -39.44 -14.00
CA ILE HA 40 22.94 -40.82 -14.49
C ILE HA 40 24.11 -41.13 -15.41
N ALA HA 41 24.50 -40.17 -16.24
CA ALA HA 41 25.64 -40.35 -17.13
C ALA HA 41 26.94 -40.46 -16.34
N GLN HA 42 27.12 -39.63 -15.32
CA GLN HA 42 28.29 -39.76 -14.45
C GLN HA 42 28.33 -41.12 -13.80
N GLY HA 43 27.19 -41.61 -13.32
CA GLY HA 43 27.16 -42.91 -12.70
C GLY HA 43 27.47 -44.05 -13.65
N ASN HA 44 27.01 -43.94 -14.90
CA ASN HA 44 27.31 -44.98 -15.88
C ASN HA 44 28.78 -44.99 -16.25
N PHE HA 45 29.37 -43.81 -16.43
CA PHE HA 45 30.81 -43.71 -16.63
C PHE HA 45 31.57 -44.36 -15.48
N GLN HA 46 31.23 -43.97 -14.25
CA GLN HA 46 31.90 -44.52 -13.07
C GLN HA 46 31.72 -46.02 -12.95
N THR HA 47 30.58 -46.55 -13.41
CA THR HA 47 30.34 -47.98 -13.29
C THR HA 47 31.11 -48.77 -14.33
N ASN HA 48 31.30 -48.22 -15.53
CA ASN HA 48 31.79 -49.04 -16.63
C ASN HA 48 33.23 -48.79 -17.04
N VAL HA 49 33.76 -47.58 -16.93
CA VAL HA 49 35.06 -47.28 -17.54
C VAL HA 49 36.27 -47.89 -16.82
N PRO HA 50 36.28 -48.06 -15.49
CA PRO HA 50 37.46 -48.71 -14.87
C PRO HA 50 37.80 -50.08 -15.44
N LYS HA 51 36.79 -50.89 -15.79
CA LYS HA 51 37.04 -52.20 -16.36
C LYS HA 51 37.81 -52.13 -17.67
N PHE HA 52 37.75 -50.99 -18.36
CA PHE HA 52 38.43 -50.83 -19.63
C PHE HA 52 39.77 -50.12 -19.51
N THR HA 53 39.89 -49.17 -18.57
CA THR HA 53 41.22 -48.60 -18.31
C THR HA 53 42.17 -49.65 -17.74
N SER HA 54 41.66 -50.58 -16.93
CA SER HA 54 42.49 -51.67 -16.45
C SER HA 54 42.97 -52.56 -17.59
N VAL HA 55 42.08 -52.88 -18.52
CA VAL HA 55 42.45 -53.68 -19.68
C VAL HA 55 43.49 -52.95 -20.50
N ASN HA 56 43.34 -51.63 -20.65
CA ASN HA 56 44.33 -50.86 -21.39
C ASN HA 56 45.72 -50.98 -20.76
N GLU HA 57 45.80 -50.81 -19.44
CA GLU HA 57 47.10 -50.89 -18.78
C GLU HA 57 47.71 -52.29 -18.86
N GLN HA 58 46.89 -53.34 -18.67
CA GLN HA 58 47.42 -54.70 -18.73
C GLN HA 58 47.88 -55.07 -20.14
N VAL HA 59 47.10 -54.72 -21.15
CA VAL HA 59 47.49 -55.03 -22.51
C VAL HA 59 48.72 -54.23 -22.91
N SER HA 60 48.86 -52.99 -22.44
CA SER HA 60 50.07 -52.23 -22.70
C SER HA 60 51.29 -52.95 -22.11
N ALA HA 61 51.17 -53.39 -20.86
CA ALA HA 61 52.27 -54.12 -20.22
C ALA HA 61 52.63 -55.36 -21.02
N VAL HA 62 51.62 -56.07 -21.56
CA VAL HA 62 51.89 -57.28 -22.34
C VAL HA 62 52.56 -56.93 -23.67
N LEU HA 63 52.12 -55.85 -24.32
CA LEU HA 63 52.63 -55.49 -25.63
C LEU HA 63 54.07 -55.00 -25.55
N THR HA 64 54.45 -54.37 -24.43
CA THR HA 64 55.85 -53.94 -24.28
C THR HA 64 56.78 -55.14 -24.17
N GLN HA 65 56.27 -56.30 -23.76
CA GLN HA 65 57.08 -57.51 -23.66
C GLN HA 65 57.30 -58.19 -25.00
N TYR HA 66 56.49 -57.88 -26.01
CA TYR HA 66 56.60 -58.51 -27.31
C TYR HA 66 57.18 -57.59 -28.38
N GLY HA 67 57.57 -56.37 -28.03
CA GLY HA 67 58.25 -55.49 -28.95
C GLY HA 67 57.36 -54.68 -29.85
N VAL HA 68 56.09 -54.53 -29.53
CA VAL HA 68 55.13 -53.88 -30.40
C VAL HA 68 55.13 -52.39 -30.13
N THR HA 69 55.35 -51.60 -31.18
CA THR HA 69 55.41 -50.15 -31.07
C THR HA 69 54.54 -49.52 -32.15
N GLY HA 70 53.99 -48.35 -31.85
CA GLY HA 70 53.32 -47.54 -32.83
C GLY HA 70 51.87 -47.89 -33.02
N PRO HA 71 51.33 -47.59 -34.20
CA PRO HA 71 49.93 -47.91 -34.49
C PRO HA 71 49.62 -49.40 -34.40
N SER HA 72 50.61 -50.26 -34.57
CA SER HA 72 50.41 -51.69 -34.39
C SER HA 72 49.94 -52.03 -32.98
N ARG HA 73 50.29 -51.20 -31.99
CA ARG HA 73 49.75 -51.43 -30.65
C ARG HA 73 48.23 -51.28 -30.64
N ALA HA 74 47.72 -50.24 -31.33
CA ALA HA 74 46.28 -50.01 -31.37
C ALA HA 74 45.53 -51.27 -31.75
N ILE HA 75 46.02 -51.98 -32.77
CA ILE HA 75 45.40 -53.24 -33.19
C ILE HA 75 45.10 -54.10 -31.98
N TYR HA 76 46.14 -54.50 -31.26
CA TYR HA 76 45.94 -55.41 -30.15
C TYR HA 76 45.16 -54.74 -29.05
N GLN HA 77 45.43 -53.46 -28.79
CA GLN HA 77 44.61 -52.74 -27.83
C GLN HA 77 43.15 -52.86 -28.20
N GLY HA 78 42.81 -52.53 -29.45
CA GLY HA 78 41.44 -52.63 -29.89
C GLY HA 78 40.88 -54.02 -29.64
N TYR HA 79 41.64 -55.05 -30.03
CA TYR HA 79 41.18 -56.42 -29.79
C TYR HA 79 40.84 -56.62 -28.33
N GLY HA 80 41.77 -56.27 -27.44
CA GLY HA 80 41.52 -56.43 -26.01
C GLY HA 80 40.23 -55.74 -25.60
N LEU HA 81 40.05 -54.50 -26.03
CA LEU HA 81 38.85 -53.79 -25.62
C LEU HA 81 37.61 -54.52 -26.11
N LYS HA 82 37.63 -54.96 -27.37
CA LYS HA 82 36.54 -55.77 -27.89
C LYS HA 82 36.23 -56.93 -26.97
N VAL HA 83 37.26 -57.69 -26.58
CA VAL HA 83 37.04 -58.84 -25.72
C VAL HA 83 36.41 -58.40 -24.40
N ALA HA 84 36.93 -57.33 -23.82
CA ALA HA 84 36.34 -56.83 -22.58
C ALA HA 84 34.87 -56.53 -22.77
N ARG HA 85 34.50 -55.89 -23.89
CA ARG HA 85 33.10 -55.61 -24.17
C ARG HA 85 32.27 -56.88 -24.04
N ALA HA 86 32.73 -57.95 -24.70
CA ALA HA 86 32.00 -59.21 -24.64
C ALA HA 86 31.81 -59.66 -23.20
N LEU HA 87 32.90 -59.67 -22.42
CA LEU HA 87 32.81 -60.15 -21.05
C LEU HA 87 31.86 -59.29 -20.22
N ASN HA 88 31.75 -58.02 -20.56
CA ASN HA 88 30.87 -57.15 -19.80
C ASN HA 88 29.41 -57.37 -20.17
N ARG HA 89 29.16 -57.80 -21.42
CA ARG HA 89 27.79 -57.85 -21.91
C ARG HA 89 27.12 -59.18 -21.55
N ILE HA 90 27.75 -60.29 -21.92
CA ILE HA 90 27.09 -61.59 -21.82
C ILE HA 90 27.64 -62.45 -20.68
N GLY HA 91 28.82 -62.16 -20.17
CA GLY HA 91 29.41 -62.93 -19.10
C GLY HA 91 30.23 -64.09 -19.61
N ALA HA 92 30.90 -64.75 -18.67
CA ALA HA 92 31.76 -65.88 -18.98
C ALA HA 92 30.95 -67.16 -19.14
N GLY HA 93 31.35 -67.99 -20.10
CA GLY HA 93 30.62 -69.18 -20.45
C GLY HA 93 30.86 -69.58 -21.89
N PRO HA 94 30.08 -70.53 -22.39
CA PRO HA 94 30.26 -70.96 -23.79
C PRO HA 94 30.06 -69.85 -24.82
N ALA HA 95 29.16 -68.90 -24.55
CA ALA HA 95 28.96 -67.79 -25.47
C ALA HA 95 30.20 -66.91 -25.57
N LEU HA 96 30.87 -66.68 -24.43
CA LEU HA 96 32.10 -65.93 -24.46
C LEU HA 96 33.19 -66.66 -25.22
N THR HA 97 33.25 -67.99 -25.11
CA THR HA 97 34.21 -68.76 -25.89
C THR HA 97 33.96 -68.59 -27.39
N ASN HA 98 32.70 -68.72 -27.81
CA ASN HA 98 32.37 -68.55 -29.22
C ASN HA 98 32.74 -67.15 -29.71
N MET HA 99 32.43 -66.13 -28.92
CA MET HA 99 32.75 -64.77 -29.36
C MET HA 99 34.25 -64.52 -29.36
N VAL HA 100 35.01 -65.11 -28.45
CA VAL HA 100 36.46 -64.95 -28.49
C VAL HA 100 37.04 -65.60 -29.73
N ALA HA 101 36.56 -66.79 -30.09
CA ALA HA 101 37.03 -67.43 -31.31
C ALA HA 101 36.68 -66.59 -32.54
N GLY HA 102 35.48 -66.05 -32.58
CA GLY HA 102 35.09 -65.22 -33.71
C GLY HA 102 35.89 -63.95 -33.83
N LEU HA 103 36.20 -63.32 -32.69
CA LEU HA 103 37.01 -62.10 -32.70
C LEU HA 103 38.44 -62.39 -33.14
N LYS HA 104 39.00 -63.51 -32.70
CA LYS HA 104 40.34 -63.89 -33.15
C LYS HA 104 40.37 -64.11 -34.66
N ALA HA 105 39.39 -64.86 -35.19
CA ALA HA 105 39.32 -65.06 -36.63
C ALA HA 105 39.17 -63.73 -37.36
N TYR HA 106 38.29 -62.87 -36.87
CA TYR HA 106 38.10 -61.53 -37.43
C TYR HA 106 39.43 -60.79 -37.53
N TYR HA 107 40.15 -60.65 -36.43
CA TYR HA 107 41.35 -59.83 -36.42
C TYR HA 107 42.47 -60.44 -37.25
N VAL HA 108 42.67 -61.76 -37.15
CA VAL HA 108 43.75 -62.39 -37.90
C VAL HA 108 43.49 -62.33 -39.40
N SER HA 109 42.22 -62.46 -39.83
CA SER HA 109 41.95 -62.50 -41.25
C SER HA 109 41.85 -61.11 -41.85
N ALA HA 110 41.35 -60.13 -41.09
CA ALA HA 110 41.09 -58.82 -41.67
C ALA HA 110 42.23 -57.84 -41.46
N TYR HA 111 42.96 -57.93 -40.35
CA TYR HA 111 43.92 -56.90 -39.99
C TYR HA 111 45.35 -57.42 -39.87
N GLY HA 112 45.59 -58.68 -40.21
CA GLY HA 112 46.94 -59.20 -40.17
C GLY HA 112 47.55 -59.25 -38.78
N ALA HA 113 46.73 -59.46 -37.76
CA ALA HA 113 47.25 -59.55 -36.40
C ALA HA 113 47.96 -60.89 -36.19
N ASN HA 114 48.90 -60.88 -35.25
CA ASN HA 114 49.71 -62.04 -34.88
C ASN HA 114 48.92 -62.94 -33.92
N PRO HA 115 48.76 -64.22 -34.23
CA PRO HA 115 48.00 -65.09 -33.33
C PRO HA 115 48.64 -65.24 -31.96
N GLU HA 116 49.97 -65.20 -31.86
CA GLU HA 116 50.62 -65.36 -30.55
C GLU HA 116 50.32 -64.18 -29.64
N ILE HA 117 50.40 -62.96 -30.17
CA ILE HA 117 50.10 -61.78 -29.36
C ILE HA 117 48.61 -61.73 -29.03
N LEU HA 118 47.76 -62.24 -29.91
CA LEU HA 118 46.33 -62.32 -29.58
C LEU HA 118 46.10 -63.29 -28.44
N ASP HA 119 46.83 -64.41 -28.43
CA ASP HA 119 46.76 -65.33 -27.31
C ASP HA 119 47.24 -64.68 -26.02
N ALA HA 120 48.31 -63.88 -26.10
CA ALA HA 120 48.83 -63.24 -24.90
C ALA HA 120 47.85 -62.21 -24.35
N VAL HA 121 47.19 -61.45 -25.23
CA VAL HA 121 46.19 -60.49 -24.79
C VAL HA 121 44.99 -61.21 -24.18
N THR HA 122 44.50 -62.26 -24.84
CA THR HA 122 43.40 -63.02 -24.28
C THR HA 122 43.77 -63.65 -22.95
N ASN HA 123 45.03 -64.03 -22.78
CA ASN HA 123 45.47 -64.62 -21.52
C ASN HA 123 45.50 -63.60 -20.40
N ILE HA 124 45.96 -62.38 -20.69
CA ILE HA 124 45.97 -61.37 -19.63
C ILE HA 124 44.55 -60.91 -19.30
N ILE HA 125 43.62 -61.00 -20.25
CA ILE HA 125 42.26 -60.52 -19.97
C ILE HA 125 41.43 -61.60 -19.29
N LEU HA 126 41.25 -62.75 -19.95
CA LEU HA 126 40.33 -63.78 -19.49
C LEU HA 126 40.98 -64.85 -18.64
N GLY HA 127 42.31 -64.96 -18.65
CA GLY HA 127 43.02 -65.94 -17.86
C GLY HA 127 43.63 -67.07 -18.64
N SER HA 128 43.16 -67.30 -19.87
CA SER HA 128 43.59 -68.41 -20.69
C SER HA 128 43.58 -67.99 -22.15
N PRO HA 129 44.39 -68.63 -23.00
CA PRO HA 129 44.38 -68.26 -24.42
C PRO HA 129 43.04 -68.48 -25.11
N THR HA 130 42.37 -69.59 -24.83
CA THR HA 130 41.08 -69.85 -25.45
C THR HA 130 39.94 -69.19 -24.68
N GLY HA 131 40.09 -69.01 -23.38
CA GLY HA 131 39.11 -68.30 -22.58
C GLY HA 131 38.13 -69.17 -21.82
N TYR HA 132 38.36 -70.48 -21.72
CA TYR HA 132 37.44 -71.35 -20.99
C TYR HA 132 37.38 -70.95 -19.53
N ALA IA 2 -25.18 48.30 30.00
CA ALA IA 2 -25.09 48.45 28.55
C ALA IA 2 -25.50 47.17 27.84
N LYS IA 3 -26.64 46.61 28.25
CA LYS IA 3 -27.14 45.36 27.68
C LYS IA 3 -28.48 45.53 27.01
N GLY IA 4 -29.42 46.23 27.63
CA GLY IA 4 -30.74 46.40 27.05
C GLY IA 4 -31.01 47.82 26.63
N ARG IA 5 -30.04 48.45 25.97
CA ARG IA 5 -30.12 49.88 25.70
C ARG IA 5 -30.62 50.20 24.29
N THR IA 6 -30.41 49.31 23.34
CA THR IA 6 -30.98 49.52 22.02
C THR IA 6 -31.98 48.42 21.70
N PRO IA 7 -33.05 48.74 20.95
CA PRO IA 7 -34.03 47.71 20.59
C PRO IA 7 -33.44 46.68 19.63
N ARG IA 8 -33.75 45.41 19.87
CA ARG IA 8 -33.29 44.30 19.06
C ARG IA 8 -34.48 43.58 18.42
N SER IA 9 -34.47 43.50 17.09
CA SER IA 9 -35.53 42.85 16.35
C SER IA 9 -35.32 41.34 16.33
N PHE IA 10 -36.27 40.60 15.72
CA PHE IA 10 -36.15 39.15 15.68
C PHE IA 10 -34.88 38.71 14.99
N SER IA 11 -34.51 39.37 13.89
CA SER IA 11 -33.30 38.99 13.16
C SER IA 11 -32.06 39.11 14.03
N GLN IA 12 -31.96 40.20 14.80
CA GLN IA 12 -30.80 40.41 15.65
C GLN IA 12 -30.76 39.43 16.81
N ARG IA 13 -31.89 39.26 17.51
CA ARG IA 13 -31.94 38.29 18.60
C ARG IA 13 -31.58 36.90 18.10
N TYR IA 14 -32.14 36.50 16.96
CA TYR IA 14 -31.86 35.17 16.43
C TYR IA 14 -30.39 35.03 16.03
N GLY IA 15 -29.82 36.06 15.41
CA GLY IA 15 -28.42 35.98 15.01
C GLY IA 15 -27.49 35.84 16.20
N LYS IA 16 -27.71 36.65 17.24
CA LYS IA 16 -26.83 36.57 18.39
C LYS IA 16 -27.04 35.28 19.18
N TRP IA 17 -28.29 34.86 19.34
CA TRP IA 17 -28.56 33.61 20.03
C TRP IA 17 -27.94 32.44 19.29
N ASN IA 18 -28.02 32.45 17.96
CA ASN IA 18 -27.45 31.37 17.18
C ASN IA 18 -25.93 31.36 17.27
N ALA IA 19 -25.31 32.54 17.25
CA ALA IA 19 -23.86 32.62 17.42
C ALA IA 19 -23.44 32.03 18.76
N LYS IA 20 -24.12 32.41 19.84
CA LYS IA 20 -23.75 31.91 21.16
C LYS IA 20 -24.03 30.41 21.29
N PHE IA 21 -25.12 29.93 20.70
CA PHE IA 21 -25.46 28.52 20.80
C PHE IA 21 -24.47 27.67 20.00
N THR IA 22 -24.03 28.18 18.85
CA THR IA 22 -23.03 27.48 18.07
C THR IA 22 -21.68 27.48 18.76
N ALA IA 23 -21.35 28.57 19.46
CA ALA IA 23 -20.09 28.63 20.19
C ALA IA 23 -20.08 27.66 21.37
N PHE IA 24 -21.20 27.60 22.11
CA PHE IA 24 -21.25 26.73 23.28
C PHE IA 24 -21.16 25.25 22.93
N SER IA 25 -21.52 24.87 21.70
CA SER IA 25 -21.47 23.48 21.27
C SER IA 25 -20.05 22.96 21.05
N ASN IA 26 -19.07 23.85 21.00
CA ASN IA 26 -17.68 23.44 20.93
C ASN IA 26 -17.34 22.60 22.16
N PRO IA 27 -16.59 21.50 22.02
CA PRO IA 27 -16.27 20.69 23.20
C PRO IA 27 -15.50 21.46 24.27
N THR IA 28 -14.49 22.23 23.85
CA THR IA 28 -13.64 22.94 24.80
C THR IA 28 -14.41 24.04 25.51
N VAL IA 29 -15.24 24.78 24.78
CA VAL IA 29 -15.99 25.89 25.37
C VAL IA 29 -16.94 25.39 26.45
N ALA IA 30 -17.80 24.43 26.08
CA ALA IA 30 -18.76 23.88 27.03
C ALA IA 30 -18.07 23.23 28.21
N SER IA 31 -17.08 22.37 27.93
CA SER IA 31 -16.36 21.69 29.00
C SER IA 31 -15.75 22.68 29.97
N THR IA 32 -15.07 23.70 29.46
CA THR IA 32 -14.39 24.67 30.32
C THR IA 32 -15.39 25.44 31.16
N ILE IA 33 -16.43 25.99 30.53
CA ILE IA 33 -17.38 26.82 31.28
C ILE IA 33 -18.04 26.00 32.38
N LEU IA 34 -18.50 24.79 32.05
CA LEU IA 34 -19.24 24.01 33.04
C LEU IA 34 -18.32 23.49 34.15
N THR IA 35 -17.12 23.04 33.80
CA THR IA 35 -16.19 22.58 34.83
C THR IA 35 -15.78 23.73 35.75
N ASN IA 36 -15.76 24.96 35.24
CA ASN IA 36 -15.41 26.08 36.09
C ASN IA 36 -16.56 26.49 36.99
N VAL IA 37 -17.81 26.40 36.52
CA VAL IA 37 -18.93 26.84 37.34
C VAL IA 37 -19.54 25.74 38.19
N ALA IA 38 -19.05 24.50 38.09
CA ALA IA 38 -19.64 23.40 38.86
C ALA IA 38 -19.70 23.65 40.36
N PRO IA 39 -18.63 24.07 41.06
CA PRO IA 39 -18.74 24.23 42.52
C PRO IA 39 -19.70 25.33 42.94
N ILE IA 40 -19.78 26.42 42.18
CA ILE IA 40 -20.69 27.50 42.52
C ILE IA 40 -22.14 27.05 42.31
N ALA IA 41 -22.39 26.28 41.25
CA ALA IA 41 -23.72 25.73 41.02
C ALA IA 41 -24.13 24.78 42.12
N GLN IA 42 -23.22 23.93 42.58
CA GLN IA 42 -23.52 23.04 43.69
C GLN IA 42 -23.82 23.83 44.96
N GLY IA 43 -23.03 24.87 45.24
CA GLY IA 43 -23.30 25.71 46.39
C GLY IA 43 -24.67 26.37 46.34
N ASN IA 44 -25.06 26.90 45.18
CA ASN IA 44 -26.35 27.55 45.06
C ASN IA 44 -27.49 26.55 45.20
N PHE IA 45 -27.33 25.37 44.61
CA PHE IA 45 -28.32 24.30 44.77
C PHE IA 45 -28.49 23.93 46.23
N GLN IA 46 -27.39 23.70 46.94
CA GLN IA 46 -27.46 23.31 48.34
C GLN IA 46 -28.01 24.42 49.21
N THR IA 47 -27.81 25.67 48.82
CA THR IA 47 -28.33 26.78 49.62
C THR IA 47 -29.84 26.93 49.42
N ASN IA 48 -30.34 26.68 48.22
CA ASN IA 48 -31.72 27.04 47.91
C ASN IA 48 -32.72 25.90 47.95
N VAL IA 49 -32.38 24.72 47.43
CA VAL IA 49 -33.38 23.68 47.19
C VAL IA 49 -34.01 23.09 48.45
N PRO IA 50 -33.31 22.98 49.59
CA PRO IA 50 -33.98 22.49 50.81
C PRO IA 50 -35.24 23.24 51.19
N LYS IA 51 -35.24 24.58 51.05
CA LYS IA 51 -36.41 25.37 51.41
C LYS IA 51 -37.63 25.02 50.59
N PHE IA 52 -37.45 24.50 49.38
CA PHE IA 52 -38.56 24.14 48.51
C PHE IA 52 -38.93 22.67 48.62
N THR IA 53 -37.97 21.80 48.88
CA THR IA 53 -38.29 20.40 49.17
C THR IA 53 -39.13 20.29 50.44
N SER IA 54 -38.80 21.09 51.46
CA SER IA 54 -39.60 21.10 52.68
C SER IA 54 -41.03 21.55 52.41
N VAL IA 55 -41.20 22.59 51.59
CA VAL IA 55 -42.53 23.08 51.26
C VAL IA 55 -43.31 22.01 50.52
N ASN IA 56 -42.66 21.29 49.61
CA ASN IA 56 -43.31 20.19 48.91
C ASN IA 56 -43.85 19.16 49.90
N GLU IA 57 -43.02 18.72 50.84
CA GLU IA 57 -43.46 17.72 51.80
C GLU IA 57 -44.64 18.20 52.64
N GLN IA 58 -44.57 19.44 53.13
CA GLN IA 58 -45.64 19.97 53.97
C GLN IA 58 -46.95 20.12 53.19
N VAL IA 59 -46.87 20.64 51.97
CA VAL IA 59 -48.08 20.82 51.18
C VAL IA 59 -48.67 19.48 50.79
N SER IA 60 -47.83 18.46 50.59
CA SER IA 60 -48.35 17.11 50.37
C SER IA 60 -49.17 16.64 51.57
N ALA IA 61 -48.61 16.81 52.76
CA ALA IA 61 -49.34 16.44 53.98
C ALA IA 61 -50.67 17.16 54.07
N VAL IA 62 -50.68 18.46 53.75
CA VAL IA 62 -51.92 19.25 53.83
C VAL IA 62 -52.93 18.80 52.78
N LEU IA 63 -52.45 18.49 51.57
CA LEU IA 63 -53.35 18.13 50.48
C LEU IA 63 -54.00 16.78 50.71
N THR IA 64 -53.29 15.84 51.35
CA THR IA 64 -53.91 14.55 51.63
C THR IA 64 -55.06 14.69 52.62
N GLN IA 65 -54.98 15.63 53.55
CA GLN IA 65 -56.03 15.86 54.54
C GLN IA 65 -57.28 16.47 53.93
N TYR IA 66 -57.20 17.05 52.75
CA TYR IA 66 -58.35 17.64 52.08
C TYR IA 66 -58.88 16.81 50.93
N GLY IA 67 -58.24 15.70 50.60
CA GLY IA 67 -58.74 14.78 49.60
C GLY IA 67 -58.40 15.10 48.17
N VAL IA 68 -57.35 15.87 47.93
CA VAL IA 68 -56.95 16.25 46.58
C VAL IA 68 -56.07 15.15 46.00
N THR IA 69 -56.40 14.68 44.81
CA THR IA 69 -55.67 13.62 44.15
C THR IA 69 -55.43 13.99 42.69
N GLY IA 70 -54.32 13.50 42.15
CA GLY IA 70 -54.03 13.64 40.75
C GLY IA 70 -53.44 14.98 40.39
N PRO IA 71 -53.62 15.40 39.13
CA PRO IA 71 -53.04 16.68 38.69
C PRO IA 71 -53.60 17.89 39.42
N SER IA 72 -54.78 17.79 40.02
CA SER IA 72 -55.28 18.88 40.85
C SER IA 72 -54.37 19.16 42.04
N ARG IA 73 -53.57 18.18 42.46
CA ARG IA 73 -52.57 18.46 43.47
C ARG IA 73 -51.53 19.43 42.95
N ALA IA 74 -51.10 19.26 41.70
CA ALA IA 74 -50.09 20.15 41.12
C ALA IA 74 -50.45 21.61 41.29
N ILE IA 75 -51.71 21.98 41.05
CA ILE IA 75 -52.16 23.35 41.25
C ILE IA 75 -51.63 23.88 42.58
N TYR IA 76 -52.02 23.22 43.66
CA TYR IA 76 -51.64 23.72 44.97
C TYR IA 76 -50.15 23.62 45.20
N GLN IA 77 -49.52 22.54 44.74
CA GLN IA 77 -48.07 22.48 44.85
C GLN IA 77 -47.46 23.70 44.18
N GLY IA 78 -47.87 23.99 42.94
CA GLY IA 78 -47.38 25.16 42.27
C GLY IA 78 -47.60 26.41 43.10
N TYR IA 79 -48.82 26.61 43.58
CA TYR IA 79 -49.11 27.81 44.36
C TYR IA 79 -48.15 27.90 45.53
N GLY IA 80 -48.00 26.80 46.28
CA GLY IA 80 -47.09 26.82 47.41
C GLY IA 80 -45.70 27.26 47.01
N LEU IA 81 -45.15 26.64 45.97
CA LEU IA 81 -43.81 26.98 45.55
C LEU IA 81 -43.69 28.46 45.25
N LYS IA 82 -44.68 29.04 44.56
CA LYS IA 82 -44.64 30.45 44.26
C LYS IA 82 -44.51 31.26 45.54
N VAL IA 83 -45.35 31.00 46.54
CA VAL IA 83 -45.26 31.72 47.79
C VAL IA 83 -43.87 31.57 48.38
N ALA IA 84 -43.34 30.35 48.38
CA ALA IA 84 -42.00 30.14 48.92
C ALA IA 84 -40.98 30.99 48.17
N ARG IA 85 -41.07 31.00 46.84
CA ARG IA 85 -40.19 31.86 46.04
C ARG IA 85 -40.24 33.29 46.55
N ALA IA 86 -41.44 33.80 46.80
CA ALA IA 86 -41.59 35.16 47.28
C ALA IA 86 -40.87 35.37 48.60
N LEU IA 87 -41.05 34.45 49.54
CA LEU IA 87 -40.39 34.58 50.83
C LEU IA 87 -38.88 34.51 50.67
N ASN IA 88 -38.41 33.81 49.63
CA ASN IA 88 -36.98 33.71 49.42
C ASN IA 88 -36.42 34.98 48.81
N ARG IA 89 -37.25 35.73 48.09
CA ARG IA 89 -36.74 36.84 47.30
C ARG IA 89 -36.77 38.15 48.09
N ILE IA 90 -37.92 38.49 48.66
CA ILE IA 90 -38.10 39.79 49.27
C ILE IA 90 -38.18 39.75 50.80
N GLY IA 91 -38.47 38.60 51.39
CA GLY IA 91 -38.60 38.47 52.82
C GLY IA 91 -40.01 38.74 53.29
N ALA IA 92 -40.20 38.60 54.60
CA ALA IA 92 -41.51 38.80 55.22
C ALA IA 92 -41.79 40.27 55.45
N GLY IA 93 -43.05 40.67 55.28
CA GLY IA 93 -43.45 42.04 55.44
C GLY IA 93 -44.63 42.40 54.57
N PRO IA 94 -44.99 43.68 54.53
CA PRO IA 94 -46.13 44.11 53.69
C PRO IA 94 -45.99 43.76 52.22
N ALA IA 95 -44.78 43.75 51.68
CA ALA IA 95 -44.59 43.35 50.28
C ALA IA 95 -45.00 41.90 50.08
N LEU IA 96 -44.63 41.02 51.03
CA LEU IA 96 -45.04 39.63 50.95
C LEU IA 96 -46.55 39.48 51.08
N THR IA 97 -47.20 40.33 51.87
CA THR IA 97 -48.65 40.30 51.97
C THR IA 97 -49.30 40.66 50.64
N ASN IA 98 -48.81 41.74 50.00
CA ASN IA 98 -49.31 42.12 48.69
C ASN IA 98 -49.13 40.99 47.69
N MET IA 99 -47.96 40.36 47.69
CA MET IA 99 -47.69 39.29 46.74
C MET IA 99 -48.56 38.07 47.01
N VAL IA 100 -48.83 37.74 48.26
CA VAL IA 100 -49.66 36.57 48.57
C VAL IA 100 -51.11 36.82 48.14
N ALA IA 101 -51.60 38.04 48.37
CA ALA IA 101 -52.93 38.38 47.89
C ALA IA 101 -53.02 38.31 46.38
N GLY IA 102 -52.00 38.83 45.69
CA GLY IA 102 -51.99 38.77 44.23
C GLY IA 102 -51.91 37.35 43.70
N LEU IA 103 -51.14 36.48 44.36
CA LEU IA 103 -51.05 35.09 43.92
C LEU IA 103 -52.35 34.36 44.15
N LYS IA 104 -53.03 34.64 45.27
CA LYS IA 104 -54.33 34.03 45.51
C LYS IA 104 -55.34 34.44 44.43
N ALA IA 105 -55.40 35.74 44.13
CA ALA IA 105 -56.28 36.22 43.06
C ALA IA 105 -55.94 35.53 41.74
N TYR IA 106 -54.65 35.47 41.41
CA TYR IA 106 -54.20 34.84 40.18
C TYR IA 106 -54.71 33.41 40.06
N TYR IA 107 -54.40 32.56 41.06
CA TYR IA 107 -54.77 31.15 40.95
C TYR IA 107 -56.27 30.93 41.01
N VAL IA 108 -56.98 31.66 41.88
CA VAL IA 108 -58.43 31.49 41.95
C VAL IA 108 -59.09 31.88 40.63
N SER IA 109 -58.65 32.97 40.00
CA SER IA 109 -59.34 33.44 38.81
C SER IA 109 -58.93 32.67 37.55
N ALA IA 110 -57.67 32.26 37.46
CA ALA IA 110 -57.24 31.65 36.21
C ALA IA 110 -57.33 30.13 36.23
N TYR IA 111 -57.14 29.49 37.38
CA TYR IA 111 -57.03 28.04 37.44
C TYR IA 111 -58.13 27.39 38.28
N GLY IA 112 -59.09 28.17 38.77
CA GLY IA 112 -60.20 27.62 39.52
C GLY IA 112 -59.81 26.91 40.80
N ALA IA 113 -58.79 27.39 41.48
CA ALA IA 113 -58.37 26.81 42.74
C ALA IA 113 -59.37 27.15 43.84
N ASN IA 114 -59.42 26.29 44.85
CA ASN IA 114 -60.29 26.42 46.01
C ASN IA 114 -59.70 27.40 47.01
N PRO IA 115 -60.45 28.44 47.42
CA PRO IA 115 -59.88 29.39 48.39
C PRO IA 115 -59.52 28.76 49.73
N GLU IA 116 -60.28 27.77 50.20
CA GLU IA 116 -59.99 27.15 51.49
C GLU IA 116 -58.68 26.38 51.45
N ILE IA 117 -58.41 25.67 50.37
CA ILE IA 117 -57.16 24.92 50.29
C ILE IA 117 -55.98 25.86 50.07
N LEU IA 118 -56.20 26.98 49.38
CA LEU IA 118 -55.15 28.00 49.29
C LEU IA 118 -54.84 28.59 50.66
N ASP IA 119 -55.88 28.83 51.46
CA ASP IA 119 -55.68 29.28 52.84
C ASP IA 119 -54.87 28.27 53.64
N ALA IA 120 -55.22 26.99 53.54
CA ALA IA 120 -54.49 25.96 54.27
C ALA IA 120 -53.03 25.89 53.84
N VAL IA 121 -52.77 26.00 52.54
CA VAL IA 121 -51.40 25.92 52.04
C VAL IA 121 -50.58 27.11 52.52
N THR IA 122 -51.12 28.31 52.37
CA THR IA 122 -50.37 29.48 52.83
C THR IA 122 -50.25 29.52 54.34
N ASN IA 123 -51.12 28.83 55.06
CA ASN IA 123 -50.96 28.69 56.50
C ASN IA 123 -49.82 27.75 56.85
N ILE IA 124 -49.73 26.61 56.17
CA ILE IA 124 -48.63 25.69 56.46
C ILE IA 124 -47.29 26.30 56.04
N ILE IA 125 -47.30 27.23 55.10
CA ILE IA 125 -46.05 27.84 54.64
C ILE IA 125 -45.67 29.06 55.46
N LEU IA 126 -46.57 30.02 55.57
CA LEU IA 126 -46.24 31.30 56.20
C LEU IA 126 -46.66 31.40 57.66
N GLY IA 127 -47.61 30.59 58.10
CA GLY IA 127 -48.08 30.60 59.46
C GLY IA 127 -49.48 31.14 59.62
N SER IA 128 -49.97 31.90 58.65
CA SER IA 128 -51.30 32.49 58.69
C SER IA 128 -51.88 32.47 57.28
N PRO IA 129 -53.21 32.34 57.16
CA PRO IA 129 -53.82 32.40 55.82
C PRO IA 129 -53.55 33.72 55.09
N THR IA 130 -53.56 34.84 55.80
CA THR IA 130 -53.23 36.11 55.17
C THR IA 130 -51.72 36.31 55.01
N GLY IA 131 -50.93 35.67 55.88
CA GLY IA 131 -49.50 35.78 55.82
C GLY IA 131 -48.89 36.87 56.68
N TYR IA 132 -49.68 37.56 57.50
CA TYR IA 132 -49.16 38.65 58.33
C TYR IA 132 -48.13 38.13 59.31
N ALA JA 2 -18.76 -45.76 -25.79
CA ALA JA 2 -19.14 -44.85 -26.87
C ALA JA 2 -17.91 -44.32 -27.60
N LYS JA 3 -16.96 -45.21 -27.87
CA LYS JA 3 -15.72 -44.85 -28.55
C LYS JA 3 -15.53 -45.59 -29.85
N GLY JA 4 -15.79 -46.89 -29.88
CA GLY JA 4 -15.60 -47.67 -31.09
C GLY JA 4 -16.91 -48.16 -31.65
N ARG JA 5 -17.91 -47.28 -31.70
CA ARG JA 5 -19.26 -47.68 -32.07
C ARG JA 5 -19.57 -47.45 -33.54
N THR JA 6 -19.01 -46.43 -34.15
CA THR JA 6 -19.23 -46.23 -35.56
C THR JA 6 -17.93 -46.43 -36.34
N PRO JA 7 -18.00 -46.95 -37.56
CA PRO JA 7 -16.77 -47.16 -38.34
C PRO JA 7 -16.13 -45.85 -38.75
N ARG JA 8 -14.80 -45.83 -38.71
CA ARG JA 8 -14.01 -44.65 -39.04
C ARG JA 8 -13.13 -44.94 -40.25
N SER JA 9 -13.22 -44.10 -41.27
CA SER JA 9 -12.41 -44.23 -42.47
C SER JA 9 -11.05 -43.57 -42.26
N PHE JA 10 -10.21 -43.64 -43.28
CA PHE JA 10 -8.88 -43.04 -43.16
C PHE JA 10 -8.98 -41.53 -43.00
N SER JA 11 -9.93 -40.89 -43.67
CA SER JA 11 -10.08 -39.44 -43.54
C SER JA 11 -10.41 -39.04 -42.12
N GLN JA 12 -11.33 -39.76 -41.48
CA GLN JA 12 -11.73 -39.41 -40.13
C GLN JA 12 -10.63 -39.70 -39.12
N ARG JA 13 -9.99 -40.86 -39.23
CA ARG JA 13 -8.87 -41.19 -38.36
C ARG JA 13 -7.76 -40.16 -38.49
N TYR JA 14 -7.37 -39.85 -39.73
CA TYR JA 14 -6.30 -38.88 -39.93
C TYR JA 14 -6.68 -37.50 -39.41
N GLY JA 15 -7.92 -37.07 -39.66
CA GLY JA 15 -8.34 -35.76 -39.19
C GLY JA 15 -8.35 -35.64 -37.68
N LYS JA 16 -8.89 -36.65 -37.00
CA LYS JA 16 -8.92 -36.58 -35.54
C LYS JA 16 -7.52 -36.73 -34.94
N TRP JA 17 -6.73 -37.66 -35.47
CA TRP JA 17 -5.36 -37.80 -34.99
C TRP JA 17 -4.58 -36.51 -35.18
N ASN JA 18 -4.80 -35.82 -36.31
CA ASN JA 18 -4.06 -34.60 -36.60
C ASN JA 18 -4.51 -33.45 -35.71
N ALA JA 19 -5.81 -33.34 -35.47
CA ALA JA 19 -6.32 -32.33 -34.54
C ALA JA 19 -5.72 -32.53 -33.15
N LYS JA 20 -5.68 -33.78 -32.68
CA LYS JA 20 -5.15 -34.04 -31.35
C LYS JA 20 -3.64 -33.83 -31.29
N PHE JA 21 -2.91 -34.23 -32.33
CA PHE JA 21 -1.47 -34.02 -32.36
C PHE JA 21 -1.13 -32.54 -32.37
N THR JA 22 -1.88 -31.75 -33.15
CA THR JA 22 -1.65 -30.32 -33.17
C THR JA 22 -1.98 -29.67 -31.83
N ALA JA 23 -3.06 -30.13 -31.18
CA ALA JA 23 -3.40 -29.58 -29.87
C ALA JA 23 -2.32 -29.90 -28.84
N PHE JA 24 -1.82 -31.13 -28.83
CA PHE JA 24 -0.83 -31.52 -27.83
C PHE JA 24 0.51 -30.81 -28.02
N SER JA 25 0.80 -30.30 -29.22
CA SER JA 25 2.04 -29.57 -29.49
C SER JA 25 2.08 -28.21 -28.83
N ASN JA 26 0.94 -27.70 -28.37
CA ASN JA 26 0.91 -26.44 -27.64
C ASN JA 26 1.77 -26.55 -26.38
N PRO JA 27 2.54 -25.53 -26.03
CA PRO JA 27 3.39 -25.64 -24.84
C PRO JA 27 2.62 -25.87 -23.56
N THR JA 28 1.56 -25.07 -23.35
CA THR JA 28 0.75 -25.17 -22.15
C THR JA 28 0.09 -26.53 -22.04
N VAL JA 29 -0.48 -27.02 -23.14
CA VAL JA 29 -1.24 -28.27 -23.11
C VAL JA 29 -0.34 -29.43 -22.74
N ALA JA 30 0.77 -29.59 -23.46
CA ALA JA 30 1.69 -30.69 -23.21
C ALA JA 30 2.30 -30.60 -21.83
N SER JA 31 2.76 -29.42 -21.44
CA SER JA 31 3.38 -29.26 -20.13
C SER JA 31 2.40 -29.60 -19.02
N THR JA 32 1.15 -29.11 -19.14
CA THR JA 32 0.15 -29.37 -18.11
C THR JA 32 -0.16 -30.86 -18.01
N ILE JA 33 -0.41 -31.51 -19.15
CA ILE JA 33 -0.79 -32.92 -19.12
C ILE JA 33 0.35 -33.76 -18.53
N LEU JA 34 1.58 -33.54 -18.99
CA LEU JA 34 2.68 -34.38 -18.56
C LEU JA 34 3.07 -34.09 -17.11
N THR JA 35 3.00 -32.84 -16.68
CA THR JA 35 3.32 -32.51 -15.31
C THR JA 35 2.27 -33.06 -14.36
N ASN JA 36 1.02 -33.18 -14.82
CA ASN JA 36 0.00 -33.79 -13.99
C ASN JA 36 0.16 -35.30 -13.92
N VAL JA 37 0.54 -35.95 -15.02
CA VAL JA 37 0.61 -37.42 -15.02
C VAL JA 37 1.97 -37.96 -14.60
N ALA JA 38 2.95 -37.10 -14.32
CA ALA JA 38 4.27 -37.59 -13.92
C ALA JA 38 4.27 -38.55 -12.74
N PRO JA 39 3.64 -38.25 -11.59
CA PRO JA 39 3.73 -39.18 -10.46
C PRO JA 39 3.10 -40.54 -10.72
N ILE JA 40 1.98 -40.58 -11.43
CA ILE JA 40 1.33 -41.86 -11.72
C ILE JA 40 2.18 -42.68 -12.68
N ALA JA 41 2.80 -42.01 -13.66
CA ALA JA 41 3.71 -42.71 -14.57
C ALA JA 41 4.91 -43.28 -13.83
N GLN JA 42 5.50 -42.50 -12.91
CA GLN JA 42 6.61 -43.01 -12.12
C GLN JA 42 6.18 -44.20 -11.28
N GLY JA 43 5.01 -44.14 -10.67
CA GLY JA 43 4.52 -45.26 -9.88
C GLY JA 43 4.30 -46.51 -10.70
N ASN JA 44 3.72 -46.37 -11.89
CA ASN JA 44 3.49 -47.53 -12.75
C ASN JA 44 4.81 -48.13 -13.24
N PHE JA 45 5.78 -47.29 -13.57
CA PHE JA 45 7.10 -47.79 -13.92
C PHE JA 45 7.72 -48.58 -12.77
N GLN JA 46 7.70 -48.00 -11.57
CA GLN JA 46 8.28 -48.66 -10.40
C GLN JA 46 7.54 -49.94 -10.06
N THR JA 47 6.26 -50.03 -10.39
CA THR JA 47 5.49 -51.23 -10.08
C THR JA 47 5.75 -52.34 -11.08
N ASN JA 48 6.01 -51.99 -12.34
CA ASN JA 48 6.00 -53.02 -13.37
C ASN JA 48 7.37 -53.41 -13.91
N VAL JA 49 8.34 -52.51 -14.00
CA VAL JA 49 9.57 -52.81 -14.72
C VAL JA 49 10.49 -53.82 -14.03
N PRO JA 50 10.60 -53.87 -12.69
CA PRO JA 50 11.52 -54.84 -12.09
C PRO JA 50 11.25 -56.30 -12.48
N LYS JA 51 9.97 -56.67 -12.63
CA LYS JA 51 9.63 -58.02 -13.08
C LYS JA 51 10.20 -58.36 -14.44
N PHE JA 52 10.49 -57.36 -15.26
CA PHE JA 52 11.04 -57.59 -16.59
C PHE JA 52 12.54 -57.42 -16.64
N THR JA 53 13.09 -56.53 -15.82
CA THR JA 53 14.54 -56.44 -15.68
C THR JA 53 15.13 -57.75 -15.13
N SER JA 54 14.44 -58.35 -14.15
CA SER JA 54 14.92 -59.62 -13.61
C SER JA 54 14.85 -60.73 -14.65
N VAL JA 55 13.79 -60.75 -15.46
CA VAL JA 55 13.70 -61.73 -16.54
C VAL JA 55 14.85 -61.54 -17.52
N ASN JA 56 15.16 -60.28 -17.85
CA ASN JA 56 16.30 -60.01 -18.73
C ASN JA 56 17.57 -60.63 -18.18
N GLU JA 57 17.87 -60.38 -16.91
CA GLU JA 57 19.12 -60.89 -16.33
C GLU JA 57 19.14 -62.42 -16.29
N GLN JA 58 18.04 -63.04 -15.87
CA GLN JA 58 18.02 -64.50 -15.78
C GLN JA 58 18.11 -65.16 -17.15
N VAL JA 59 17.40 -64.64 -18.14
CA VAL JA 59 17.47 -65.22 -19.48
C VAL JA 59 18.84 -65.00 -20.09
N SER JA 60 19.49 -63.88 -19.77
CA SER JA 60 20.87 -63.69 -20.20
C SER JA 60 21.76 -64.79 -19.63
N ALA JA 61 21.61 -65.08 -18.34
CA ALA JA 61 22.39 -66.13 -17.72
C ALA JA 61 22.14 -67.48 -18.39
N VAL JA 62 20.88 -67.75 -18.73
CA VAL JA 62 20.54 -69.02 -19.37
C VAL JA 62 21.11 -69.09 -20.77
N LEU JA 63 21.06 -67.98 -21.51
CA LEU JA 63 21.52 -67.97 -22.90
C LEU JA 63 23.02 -68.11 -22.99
N THR JA 64 23.77 -67.55 -22.03
CA THR JA 64 25.21 -67.72 -22.04
C THR JA 64 25.61 -69.18 -21.88
N GLN JA 65 24.83 -69.95 -21.14
CA GLN JA 65 25.11 -71.38 -20.96
C GLN JA 65 24.89 -72.20 -22.22
N TYR JA 66 24.27 -71.63 -23.24
CA TYR JA 66 23.98 -72.35 -24.48
C TYR JA 66 24.75 -71.81 -25.68
N GLY JA 67 25.58 -70.79 -25.51
CA GLY JA 67 26.40 -70.28 -26.58
C GLY JA 67 25.69 -69.35 -27.55
N VAL JA 68 24.52 -68.83 -27.19
CA VAL JA 68 23.77 -67.94 -28.06
C VAL JA 68 24.39 -66.56 -27.97
N THR JA 69 24.68 -65.96 -29.13
CA THR JA 69 25.39 -64.70 -29.21
C THR JA 69 24.73 -63.81 -30.25
N GLY JA 70 24.91 -62.50 -30.09
CA GLY JA 70 24.49 -61.53 -31.07
C GLY JA 70 22.99 -61.33 -31.13
N PRO JA 71 22.50 -60.92 -32.30
CA PRO JA 71 21.05 -60.74 -32.46
C PRO JA 71 20.24 -61.99 -32.20
N SER JA 72 20.84 -63.18 -32.34
CA SER JA 72 20.13 -64.41 -32.02
C SER JA 72 19.69 -64.46 -30.57
N ARG JA 73 20.36 -63.74 -29.69
CA ARG JA 73 19.90 -63.65 -28.31
C ARG JA 73 18.58 -62.92 -28.22
N ALA JA 74 18.43 -61.84 -28.99
CA ALA JA 74 17.20 -61.05 -28.97
C ALA JA 74 15.98 -61.93 -29.09
N ILE JA 75 16.00 -62.89 -30.02
CA ILE JA 75 14.89 -63.81 -30.19
C ILE JA 75 14.43 -64.33 -28.84
N TYR JA 76 15.32 -65.02 -28.15
CA TYR JA 76 14.95 -65.62 -26.88
C TYR JA 76 14.63 -64.57 -25.84
N GLN JA 77 15.39 -63.48 -25.80
CA GLN JA 77 15.03 -62.41 -24.88
C GLN JA 77 13.60 -61.97 -25.13
N GLY JA 78 13.26 -61.71 -26.38
CA GLY JA 78 11.90 -61.34 -26.70
C GLY JA 78 10.91 -62.38 -26.20
N TYR JA 79 11.15 -63.65 -26.51
CA TYR JA 79 10.27 -64.71 -26.03
C TYR JA 79 10.07 -64.58 -24.53
N GLY JA 80 11.17 -64.48 -23.79
CA GLY JA 80 11.06 -64.40 -22.35
C GLY JA 80 10.15 -63.27 -21.92
N LEU JA 81 10.37 -62.08 -22.47
CA LEU JA 81 9.54 -60.95 -22.07
C LEU JA 81 8.08 -61.21 -22.39
N LYS JA 82 7.82 -61.75 -23.58
CA LYS JA 82 6.45 -62.12 -23.94
C LYS JA 82 5.84 -63.00 -22.86
N VAL JA 83 6.55 -64.06 -22.48
CA VAL JA 83 6.02 -64.96 -21.46
C VAL JA 83 5.79 -64.22 -20.17
N ALA JA 84 6.75 -63.40 -19.75
CA ALA JA 84 6.58 -62.64 -18.53
C ALA JA 84 5.32 -61.78 -18.61
N ARG JA 85 5.10 -61.14 -19.77
CA ARG JA 85 3.91 -60.33 -19.95
C ARG JA 85 2.65 -61.13 -19.66
N ALA JA 86 2.59 -62.35 -20.19
CA ALA JA 86 1.44 -63.20 -19.93
C ALA JA 86 1.25 -63.41 -18.44
N LEU JA 87 2.33 -63.78 -17.73
CA LEU JA 87 2.22 -64.01 -16.31
C LEU JA 87 1.78 -62.75 -15.58
N ASN JA 88 2.16 -61.58 -16.08
CA ASN JA 88 1.77 -60.34 -15.43
C ASN JA 88 0.30 -60.04 -15.66
N ARG JA 89 -0.25 -60.46 -16.79
CA ARG JA 89 -1.57 -60.01 -17.21
C ARG JA 89 -2.68 -60.86 -16.63
N ILE JA 90 -2.64 -62.17 -16.89
CA ILE JA 90 -3.74 -63.04 -16.55
C ILE JA 90 -3.49 -63.90 -15.31
N GLY JA 91 -2.23 -64.11 -14.94
CA GLY JA 91 -1.90 -64.92 -13.78
C GLY JA 91 -1.58 -66.36 -14.15
N ALA JA 92 -1.15 -67.10 -13.14
CA ALA JA 92 -0.80 -68.51 -13.31
C ALA JA 92 -2.05 -69.37 -13.33
N GLY JA 93 -2.04 -70.39 -14.18
CA GLY JA 93 -3.19 -71.25 -14.35
C GLY JA 93 -3.24 -71.81 -15.75
N PRO JA 94 -4.33 -72.52 -16.08
CA PRO JA 94 -4.45 -73.12 -17.43
C PRO JA 94 -4.34 -72.12 -18.57
N ALA JA 95 -4.84 -70.90 -18.39
CA ALA JA 95 -4.73 -69.88 -19.42
C ALA JA 95 -3.26 -69.58 -19.73
N LEU JA 96 -2.42 -69.56 -18.69
CA LEU JA 96 -1.00 -69.30 -18.90
C LEU JA 96 -0.33 -70.43 -19.67
N THR JA 97 -0.74 -71.68 -19.43
CA THR JA 97 -0.14 -72.79 -20.19
C THR JA 97 -0.58 -72.76 -21.65
N ASN JA 98 -1.86 -72.41 -21.89
CA ASN JA 98 -2.32 -72.24 -23.27
C ASN JA 98 -1.52 -71.16 -23.99
N MET JA 99 -1.31 -70.03 -23.32
CA MET JA 99 -0.56 -68.96 -23.97
C MET JA 99 0.92 -69.31 -24.15
N VAL JA 100 1.51 -70.07 -23.22
CA VAL JA 100 2.91 -70.45 -23.38
C VAL JA 100 3.06 -71.41 -24.55
N ALA JA 101 2.14 -72.36 -24.70
CA ALA JA 101 2.16 -73.24 -25.87
C ALA JA 101 1.99 -72.45 -27.15
N GLY JA 102 1.06 -71.49 -27.16
CA GLY JA 102 0.87 -70.67 -28.34
C GLY JA 102 2.09 -69.86 -28.71
N LEU JA 103 2.77 -69.29 -27.71
CA LEU JA 103 3.97 -68.51 -27.97
C LEU JA 103 5.12 -69.38 -28.45
N LYS JA 104 5.22 -70.60 -27.93
CA LYS JA 104 6.26 -71.51 -28.42
C LYS JA 104 6.03 -71.85 -29.87
N ALA JA 105 4.78 -72.17 -30.23
CA ALA JA 105 4.47 -72.43 -31.64
C ALA JA 105 4.80 -71.22 -32.50
N TYR JA 106 4.36 -70.03 -32.07
CA TYR JA 106 4.66 -68.80 -32.76
C TYR JA 106 6.14 -68.67 -33.06
N TYR JA 107 6.99 -68.75 -32.03
CA TYR JA 107 8.40 -68.45 -32.23
C TYR JA 107 9.12 -69.54 -33.00
N VAL JA 108 8.82 -70.82 -32.73
CA VAL JA 108 9.47 -71.89 -33.45
C VAL JA 108 9.13 -71.85 -34.93
N SER JA 109 7.87 -71.58 -35.27
CA SER JA 109 7.49 -71.69 -36.68
C SER JA 109 7.71 -70.39 -37.44
N ALA JA 110 7.73 -69.24 -36.76
CA ALA JA 110 7.93 -68.00 -37.48
C ALA JA 110 9.40 -67.56 -37.51
N TYR JA 111 10.13 -67.73 -36.41
CA TYR JA 111 11.46 -67.16 -36.28
C TYR JA 111 12.56 -68.22 -36.20
N GLY JA 112 12.24 -69.49 -36.39
CA GLY JA 112 13.24 -70.53 -36.34
C GLY JA 112 13.96 -70.65 -35.01
N ALA JA 113 13.27 -70.40 -33.91
CA ALA JA 113 13.85 -70.53 -32.59
C ALA JA 113 14.07 -72.00 -32.25
N ASN JA 114 15.01 -72.23 -31.36
CA ASN JA 114 15.36 -73.57 -30.89
C ASN JA 114 14.41 -74.01 -29.79
N PRO JA 115 13.77 -75.17 -29.93
CA PRO JA 115 12.84 -75.62 -28.87
C PRO JA 115 13.51 -75.87 -27.53
N GLU JA 116 14.75 -76.37 -27.52
CA GLU JA 116 15.44 -76.62 -26.25
C GLU JA 116 15.72 -75.32 -25.50
N ILE JA 117 16.15 -74.29 -26.21
CA ILE JA 117 16.43 -73.02 -25.54
C ILE JA 117 15.14 -72.35 -25.11
N LEU JA 118 14.05 -72.53 -25.86
CA LEU JA 118 12.76 -72.02 -25.42
C LEU JA 118 12.29 -72.73 -24.16
N ASP JA 119 12.52 -74.04 -24.08
CA ASP JA 119 12.24 -74.78 -22.86
C ASP JA 119 13.05 -74.25 -21.69
N ALA JA 120 14.35 -73.99 -21.91
CA ALA JA 120 15.21 -73.51 -20.84
C ALA JA 120 14.78 -72.13 -20.36
N VAL JA 121 14.35 -71.26 -21.28
CA VAL JA 121 13.89 -69.93 -20.90
C VAL JA 121 12.57 -70.03 -20.12
N THR JA 122 11.62 -70.83 -20.62
CA THR JA 122 10.38 -71.04 -19.89
C THR JA 122 10.62 -71.64 -18.52
N ASN JA 123 11.66 -72.45 -18.37
CA ASN JA 123 12.00 -73.03 -17.08
C ASN JA 123 12.55 -71.98 -16.12
N ILE JA 124 13.46 -71.12 -16.60
CA ILE JA 124 13.98 -70.12 -15.69
C ILE JA 124 12.90 -69.11 -15.30
N ILE JA 125 11.89 -68.91 -16.15
CA ILE JA 125 10.87 -67.92 -15.84
C ILE JA 125 9.73 -68.49 -15.00
N LEU JA 126 9.13 -69.60 -15.45
CA LEU JA 126 7.94 -70.12 -14.82
C LEU JA 126 8.21 -71.26 -13.86
N GLY JA 127 9.32 -71.98 -14.00
CA GLY JA 127 9.67 -73.07 -13.13
C GLY JA 127 9.66 -74.43 -13.79
N SER JA 128 8.83 -74.62 -14.82
CA SER JA 128 8.81 -75.85 -15.56
C SER JA 128 8.74 -75.52 -17.04
N PRO JA 129 9.27 -76.39 -17.91
CA PRO JA 129 9.24 -76.10 -19.36
C PRO JA 129 7.85 -75.83 -19.92
N THR JA 130 6.84 -76.61 -19.50
CA THR JA 130 5.49 -76.36 -19.97
C THR JA 130 4.81 -75.24 -19.22
N GLY JA 131 5.23 -74.99 -17.97
CA GLY JA 131 4.68 -73.91 -17.18
C GLY JA 131 3.56 -74.27 -16.24
N TYR JA 132 3.32 -75.56 -16.00
CA TYR JA 132 2.23 -75.98 -15.12
C TYR JA 132 2.46 -75.48 -13.70
N ALA KA 2 -39.68 26.06 31.69
CA ALA KA 2 -39.52 26.34 30.27
C ALA KA 2 -39.44 25.05 29.47
N LYS KA 3 -40.31 24.10 29.78
CA LYS KA 3 -40.31 22.80 29.12
C LYS KA 3 -41.62 22.51 28.39
N GLY KA 4 -42.76 22.77 29.01
CA GLY KA 4 -44.02 22.49 28.37
C GLY KA 4 -44.77 23.75 28.02
N ARG KA 5 -44.06 24.74 27.50
CA ARG KA 5 -44.64 26.06 27.29
C ARG KA 5 -45.15 26.28 25.88
N THR KA 6 -44.44 25.80 24.88
CA THR KA 6 -44.94 25.92 23.52
C THR KA 6 -45.36 24.55 23.01
N PRO KA 7 -46.40 24.50 22.17
CA PRO KA 7 -46.86 23.20 21.65
C PRO KA 7 -45.90 22.65 20.61
N ARG KA 8 -45.65 21.35 20.69
CA ARG KA 8 -44.81 20.63 19.73
C ARG KA 8 -45.64 19.65 18.93
N SER KA 9 -45.48 19.69 17.61
CA SER KA 9 -46.14 18.78 16.69
C SER KA 9 -45.35 17.47 16.60
N PHE KA 10 -45.80 16.55 15.74
CA PHE KA 10 -45.11 15.28 15.61
C PHE KA 10 -43.71 15.45 15.05
N SER KA 11 -43.51 16.38 14.13
CA SER KA 11 -42.19 16.59 13.56
C SER KA 11 -41.19 17.07 14.60
N GLN KA 12 -41.61 17.98 15.48
CA GLN KA 12 -40.70 18.49 16.50
C GLN KA 12 -40.38 17.42 17.54
N ARG KA 13 -41.41 16.70 18.01
CA ARG KA 13 -41.18 15.61 18.96
C ARG KA 13 -40.25 14.57 18.38
N TYR KA 14 -40.53 14.13 17.15
CA TYR KA 14 -39.69 13.11 16.53
C TYR KA 14 -38.27 13.61 16.32
N GLY KA 15 -38.11 14.86 15.89
CA GLY KA 15 -36.77 15.40 15.69
C GLY KA 15 -35.95 15.45 16.96
N LYS KA 16 -36.55 15.97 18.04
CA LYS KA 16 -35.80 16.06 19.28
C LYS KA 16 -35.55 14.70 19.90
N TRP KA 17 -36.57 13.81 19.88
CA TRP KA 17 -36.37 12.46 20.38
C TRP KA 17 -35.28 11.74 19.62
N ASN KA 18 -35.23 11.92 18.30
CA ASN KA 18 -34.22 11.24 17.49
C ASN KA 18 -32.83 11.83 17.73
N ALA KA 19 -32.75 13.15 17.88
CA ALA KA 19 -31.47 13.78 18.21
C ALA KA 19 -30.92 13.25 19.54
N LYS KA 20 -31.78 13.18 20.55
CA LYS KA 20 -31.33 12.72 21.86
C LYS KA 20 -31.00 11.22 21.85
N PHE KA 21 -31.79 10.42 21.13
CA PHE KA 21 -31.52 8.99 21.05
C PHE KA 21 -30.21 8.73 20.31
N THR KA 22 -29.93 9.48 19.25
CA THR KA 22 -28.68 9.31 18.53
C THR KA 22 -27.49 9.76 19.38
N ALA KA 23 -27.66 10.84 20.15
CA ALA KA 23 -26.58 11.27 21.04
C ALA KA 23 -26.29 10.21 22.11
N PHE KA 24 -27.34 9.64 22.71
CA PHE KA 24 -27.14 8.69 23.79
C PHE KA 24 -26.50 7.39 23.32
N SER KA 25 -26.61 7.05 22.04
CA SER KA 25 -26.01 5.83 21.51
C SER KA 25 -24.48 5.89 21.45
N ASN KA 26 -23.90 7.07 21.58
CA ASN KA 26 -22.45 7.19 21.60
C ASN KA 26 -21.89 6.43 22.80
N PRO KA 27 -20.75 5.74 22.65
CA PRO KA 27 -20.22 4.98 23.79
C PRO KA 27 -19.90 5.84 24.99
N THR KA 28 -19.24 6.98 24.76
CA THR KA 28 -18.84 7.86 25.85
C THR KA 28 -20.04 8.45 26.57
N VAL KA 29 -21.03 8.92 25.81
CA VAL KA 29 -22.18 9.59 26.43
C VAL KA 29 -22.94 8.62 27.33
N ALA KA 30 -23.30 7.46 26.80
CA ALA KA 30 -24.06 6.49 27.57
C ALA KA 30 -23.27 5.97 28.76
N SER KA 31 -22.00 5.61 28.53
CA SER KA 31 -21.20 5.08 29.63
C SER KA 31 -21.05 6.11 30.74
N THR KA 32 -20.78 7.37 30.39
CA THR KA 32 -20.59 8.42 31.38
C THR KA 32 -21.87 8.66 32.17
N ILE KA 33 -23.00 8.80 31.47
CA ILE KA 33 -24.25 9.10 32.16
C ILE KA 33 -24.64 7.97 33.09
N LEU KA 34 -24.55 6.73 32.61
CA LEU KA 34 -25.01 5.61 33.44
C LEU KA 34 -24.05 5.31 34.57
N THR KA 35 -22.74 5.49 34.35
CA THR KA 35 -21.78 5.28 35.42
C THR KA 35 -21.90 6.36 36.48
N ASN KA 36 -22.32 7.56 36.10
CA ASN KA 36 -22.54 8.61 37.08
C ASN KA 36 -23.81 8.38 37.88
N VAL KA 37 -24.89 7.92 37.22
CA VAL KA 37 -26.15 7.78 37.93
C VAL KA 37 -26.35 6.40 38.56
N ALA KA 38 -25.38 5.50 38.44
CA ALA KA 38 -25.52 4.17 39.03
C ALA KA 38 -25.78 4.18 40.54
N PRO KA 39 -24.99 4.87 41.38
CA PRO KA 39 -25.25 4.78 42.83
C PRO KA 39 -26.60 5.35 43.26
N ILE KA 40 -27.04 6.44 42.65
CA ILE KA 40 -28.34 7.01 42.99
C ILE KA 40 -29.47 6.08 42.57
N ALA KA 41 -29.31 5.41 41.43
CA ALA KA 41 -30.30 4.43 40.98
C ALA KA 41 -30.36 3.24 41.92
N GLN KA 42 -29.20 2.75 42.36
CA GLN KA 42 -29.18 1.68 43.35
C GLN KA 42 -29.88 2.10 44.63
N GLY KA 43 -29.63 3.32 45.09
CA GLY KA 43 -30.29 3.80 46.30
C GLY KA 43 -31.79 3.92 46.16
N ASN KA 44 -32.26 4.40 45.01
CA ASN KA 44 -33.70 4.52 44.79
C ASN KA 44 -34.37 3.16 44.70
N PHE KA 45 -33.71 2.20 44.04
CA PHE KA 45 -34.22 0.83 44.02
C PHE KA 45 -34.34 0.27 45.44
N GLN KA 46 -33.26 0.38 46.22
CA GLN KA 46 -33.26 -0.15 47.58
C GLN KA 46 -34.28 0.56 48.47
N THR KA 47 -34.59 1.81 48.17
CA THR KA 47 -35.55 2.55 48.97
C THR KA 47 -36.98 2.14 48.65
N ASN KA 48 -37.27 1.88 47.37
CA ASN KA 48 -38.67 1.76 46.98
C ASN KA 48 -39.17 0.34 46.72
N VAL KA 49 -38.33 -0.57 46.24
CA VAL KA 49 -38.84 -1.86 45.78
C VAL KA 49 -39.29 -2.80 46.90
N PRO KA 50 -38.66 -2.83 48.09
CA PRO KA 50 -39.18 -3.73 49.14
C PRO KA 50 -40.66 -3.55 49.46
N LYS KA 51 -41.15 -2.31 49.47
CA LYS KA 51 -42.56 -2.04 49.73
C LYS KA 51 -43.48 -2.73 48.73
N PHE KA 52 -42.99 -3.02 47.53
CA PHE KA 52 -43.80 -3.66 46.50
C PHE KA 52 -43.59 -5.16 46.43
N THR KA 53 -42.37 -5.63 46.72
CA THR KA 53 -42.15 -7.07 46.83
C THR KA 53 -42.97 -7.68 47.95
N SER KA 54 -43.07 -6.98 49.09
CA SER KA 54 -43.88 -7.49 50.19
C SER KA 54 -45.37 -7.53 49.83
N VAL KA 55 -45.84 -6.53 49.09
CA VAL KA 55 -47.22 -6.52 48.63
C VAL KA 55 -47.48 -7.70 47.70
N ASN KA 56 -46.53 -7.96 46.79
CA ASN KA 56 -46.64 -9.14 45.93
C ASN KA 56 -46.83 -10.41 46.74
N GLU KA 57 -45.98 -10.61 47.75
CA GLU KA 57 -46.06 -11.83 48.55
C GLU KA 57 -47.39 -11.94 49.30
N GLN KA 58 -47.83 -10.84 49.94
CA GLN KA 58 -49.06 -10.90 50.71
C GLN KA 58 -50.28 -11.10 49.81
N VAL KA 59 -50.30 -10.46 48.65
CA VAL KA 59 -51.45 -10.60 47.76
C VAL KA 59 -51.50 -12.00 47.17
N SER KA 60 -50.34 -12.61 46.88
CA SER KA 60 -50.37 -13.99 46.43
C SER KA 60 -50.90 -14.91 47.51
N ALA KA 61 -50.50 -14.68 48.77
CA ALA KA 61 -51.04 -15.46 49.87
C ALA KA 61 -52.56 -15.31 49.96
N VAL KA 62 -53.07 -14.10 49.75
CA VAL KA 62 -54.51 -13.87 49.79
C VAL KA 62 -55.21 -14.55 48.62
N LEU KA 63 -54.58 -14.55 47.45
CA LEU KA 63 -55.19 -15.09 46.23
C LEU KA 63 -55.26 -16.61 46.28
N THR KA 64 -54.28 -17.26 46.91
CA THR KA 64 -54.33 -18.72 47.00
C THR KA 64 -55.51 -19.19 47.83
N GLN KA 65 -55.92 -18.42 48.86
CA GLN KA 65 -57.07 -18.79 49.68
C GLN KA 65 -58.39 -18.62 48.95
N TYR KA 66 -58.44 -17.89 47.85
CA TYR KA 66 -59.66 -17.66 47.11
C TYR KA 66 -59.77 -18.47 45.83
N GLY KA 67 -58.73 -19.20 45.45
CA GLY KA 67 -58.80 -20.10 44.32
C GLY KA 67 -58.46 -19.48 42.98
N VAL KA 68 -57.78 -18.34 42.97
CA VAL KA 68 -57.47 -17.64 41.72
C VAL KA 68 -56.17 -18.19 41.15
N THR KA 69 -56.19 -18.56 39.88
CA THR KA 69 -55.08 -19.21 39.22
C THR KA 69 -54.87 -18.62 37.84
N GLY KA 70 -53.63 -18.69 37.35
CA GLY KA 70 -53.31 -18.27 36.01
C GLY KA 70 -53.25 -16.77 35.83
N PRO KA 71 -53.52 -16.30 34.60
CA PRO KA 71 -53.47 -14.86 34.34
C PRO KA 71 -54.47 -14.06 35.14
N SER KA 72 -55.56 -14.67 35.61
CA SER KA 72 -56.50 -13.96 36.48
C SER KA 72 -55.85 -13.50 37.77
N ARG KA 73 -54.76 -14.15 38.19
CA ARG KA 73 -54.03 -13.63 39.35
C ARG KA 73 -53.42 -12.27 39.04
N ALA KA 74 -52.85 -12.11 37.84
CA ALA KA 74 -52.23 -10.84 37.45
C ALA KA 74 -53.16 -9.67 37.71
N ILE KA 75 -54.43 -9.80 37.33
CA ILE KA 75 -55.42 -8.76 37.58
C ILE KA 75 -55.27 -8.22 39.00
N TYR KA 76 -55.46 -9.11 39.97
CA TYR KA 76 -55.49 -8.66 41.34
C TYR KA 76 -54.13 -8.17 41.80
N GLN KA 77 -53.05 -8.83 41.34
CA GLN KA 77 -51.74 -8.33 41.67
C GLN KA 77 -51.59 -6.90 41.19
N GLY KA 78 -51.97 -6.64 39.95
CA GLY KA 78 -51.93 -5.28 39.43
C GLY KA 78 -52.69 -4.33 40.34
N TYR KA 79 -53.93 -4.70 40.68
CA TYR KA 79 -54.71 -3.85 41.57
C TYR KA 79 -53.93 -3.54 42.83
N GLY KA 80 -53.40 -4.59 43.48
CA GLY KA 80 -52.65 -4.38 44.70
C GLY KA 80 -51.52 -3.39 44.50
N LEU KA 81 -50.72 -3.60 43.46
CA LEU KA 81 -49.62 -2.69 43.21
C LEU KA 81 -50.12 -1.28 43.02
N LYS KA 82 -51.20 -1.12 42.25
CA LYS KA 82 -51.80 0.20 42.08
C LYS KA 82 -52.07 0.83 43.43
N VAL KA 83 -52.76 0.11 44.32
CA VAL KA 83 -53.04 0.65 45.65
C VAL KA 83 -51.76 1.01 46.35
N ALA KA 84 -50.79 0.09 46.35
CA ALA KA 84 -49.52 0.38 47.03
C ALA KA 84 -48.91 1.65 46.50
N ARG KA 85 -48.95 1.85 45.18
CA ARG KA 85 -48.36 3.06 44.60
C ARG KA 85 -48.98 4.30 45.21
N ALA KA 86 -50.32 4.34 45.28
CA ALA KA 86 -50.97 5.51 45.87
C ALA KA 86 -50.49 5.73 47.29
N LEU KA 87 -50.40 4.67 48.09
CA LEU KA 87 -49.98 4.83 49.47
C LEU KA 87 -48.57 5.39 49.54
N ASN KA 88 -47.72 5.02 48.59
CA ASN KA 88 -46.36 5.52 48.61
C ASN KA 88 -46.31 6.98 48.17
N ARG KA 89 -47.25 7.41 47.35
CA ARG KA 89 -47.16 8.75 46.76
C ARG KA 89 -47.73 9.81 47.71
N ILE KA 90 -48.99 9.65 48.10
CA ILE KA 90 -49.68 10.70 48.82
C ILE KA 90 -49.83 10.42 50.30
N GLY KA 91 -49.83 9.16 50.72
CA GLY KA 91 -49.95 8.80 52.12
C GLY KA 91 -51.36 8.43 52.51
N ALA KA 92 -51.52 8.16 53.80
CA ALA KA 92 -52.83 7.81 54.34
C ALA KA 92 -53.65 9.05 54.64
N GLY KA 93 -54.95 8.98 54.38
CA GLY KA 93 -55.84 10.10 54.56
C GLY KA 93 -57.03 10.01 53.64
N PRO KA 94 -57.85 11.07 53.61
CA PRO KA 94 -59.00 11.07 52.69
C PRO KA 94 -58.65 10.92 51.22
N ALA KA 95 -57.48 11.43 50.80
CA ALA KA 95 -57.08 11.30 49.41
C ALA KA 95 -56.86 9.83 49.04
N LEU KA 96 -56.28 9.06 49.96
CA LEU KA 96 -56.10 7.64 49.73
C LEU KA 96 -57.45 6.92 49.65
N THR KA 97 -58.42 7.35 50.43
CA THR KA 97 -59.76 6.79 50.34
C THR KA 97 -60.37 7.05 48.96
N ASN KA 98 -60.24 8.29 48.47
CA ASN KA 98 -60.77 8.63 47.16
C ASN KA 98 -60.13 7.79 46.07
N MET KA 99 -58.80 7.67 46.10
CA MET KA 99 -58.14 6.90 45.06
C MET KA 99 -58.43 5.40 45.18
N VAL KA 100 -58.63 4.88 46.39
CA VAL KA 100 -58.98 3.47 46.51
C VAL KA 100 -60.35 3.21 45.92
N ALA KA 101 -61.33 4.07 46.22
CA ALA KA 101 -62.65 3.91 45.62
C ALA KA 101 -62.58 4.02 44.10
N GLY KA 102 -61.79 4.97 43.60
CA GLY KA 102 -61.66 5.11 42.16
C GLY KA 102 -61.00 3.93 41.48
N LEU KA 103 -59.99 3.34 42.12
CA LEU KA 103 -59.33 2.17 41.55
C LEU KA 103 -60.26 0.95 41.56
N LYS KA 104 -61.05 0.81 42.62
CA LYS KA 104 -62.02 -0.29 42.64
C LYS KA 104 -63.04 -0.13 41.53
N ALA KA 105 -63.53 1.10 41.31
CA ALA KA 105 -64.44 1.35 40.20
C ALA KA 105 -63.78 1.02 38.86
N TYR KA 106 -62.55 1.53 38.66
CA TYR KA 106 -61.77 1.22 37.46
C TYR KA 106 -61.73 -0.28 37.19
N TYR KA 107 -61.21 -1.05 38.15
CA TYR KA 107 -60.97 -2.46 37.88
C TYR KA 107 -62.26 -3.25 37.76
N VAL KA 108 -63.26 -2.98 38.59
CA VAL KA 108 -64.51 -3.71 38.51
C VAL KA 108 -65.22 -3.44 37.20
N SER KA 109 -65.22 -2.19 36.72
CA SER KA 109 -66.03 -1.89 35.55
C SER KA 109 -65.26 -2.08 34.24
N ALA KA 110 -63.93 -2.14 34.30
CA ALA KA 110 -63.17 -2.32 33.06
C ALA KA 110 -62.65 -3.73 32.87
N TYR KA 111 -62.15 -4.37 33.93
CA TYR KA 111 -61.43 -5.63 33.80
C TYR KA 111 -62.18 -6.81 34.38
N GLY KA 112 -63.45 -6.61 34.77
CA GLY KA 112 -64.26 -7.72 35.26
C GLY KA 112 -63.79 -8.32 36.56
N ALA KA 113 -63.25 -7.51 37.47
CA ALA KA 113 -62.74 -8.02 38.72
C ALA KA 113 -63.86 -8.28 39.71
N ASN KA 114 -63.59 -9.16 40.66
CA ASN KA 114 -64.49 -9.55 41.74
C ASN KA 114 -64.41 -8.54 42.88
N PRO KA 115 -65.53 -7.98 43.32
CA PRO KA 115 -65.46 -7.02 44.44
C PRO KA 115 -64.96 -7.62 45.74
N GLU KA 116 -65.28 -8.89 46.02
CA GLU KA 116 -64.85 -9.48 47.28
C GLU KA 116 -63.34 -9.70 47.32
N ILE KA 117 -62.76 -10.13 46.20
CA ILE KA 117 -61.31 -10.31 46.18
C ILE KA 117 -60.60 -8.97 46.20
N LEU KA 118 -61.20 -7.94 45.61
CA LEU KA 118 -60.61 -6.60 45.72
C LEU KA 118 -60.67 -6.10 47.16
N ASP KA 119 -61.76 -6.40 47.87
CA ASP KA 119 -61.82 -6.05 49.28
C ASP KA 119 -60.79 -6.81 50.09
N ALA KA 120 -60.56 -8.08 49.77
CA ALA KA 120 -59.56 -8.87 50.48
C ALA KA 120 -58.14 -8.34 50.24
N VAL KA 121 -57.86 -7.93 49.00
CA VAL KA 121 -56.53 -7.38 48.69
C VAL KA 121 -56.33 -6.03 49.37
N THR KA 122 -57.35 -5.16 49.32
CA THR KA 122 -57.27 -3.90 50.04
C THR KA 122 -57.13 -4.11 51.54
N ASN KA 123 -57.73 -5.16 52.08
CA ASN KA 123 -57.60 -5.44 53.50
C ASN KA 123 -56.20 -5.91 53.87
N ILE KA 124 -55.60 -6.75 53.03
CA ILE KA 124 -54.25 -7.20 53.35
C ILE KA 124 -53.24 -6.06 53.17
N ILE KA 125 -53.54 -5.08 52.33
CA ILE KA 125 -52.58 -4.00 52.08
C ILE KA 125 -52.77 -2.84 53.04
N LEU KA 126 -53.95 -2.24 53.04
CA LEU KA 126 -54.19 -1.00 53.79
C LEU KA 126 -54.68 -1.24 55.21
N GLY KA 127 -55.21 -2.42 55.51
CA GLY KA 127 -55.72 -2.73 56.83
C GLY KA 127 -57.22 -2.78 56.91
N SER KA 128 -57.93 -2.25 55.93
CA SER KA 128 -59.38 -2.22 55.91
C SER KA 128 -59.86 -2.32 54.48
N PRO KA 129 -61.05 -2.90 54.25
CA PRO KA 129 -61.56 -3.00 52.88
C PRO KA 129 -61.76 -1.65 52.20
N THR KA 130 -62.38 -0.70 52.89
CA THR KA 130 -62.54 0.64 52.32
C THR KA 130 -61.26 1.45 52.43
N GLY KA 131 -60.39 1.13 53.37
CA GLY KA 131 -59.11 1.77 53.50
C GLY KA 131 -59.02 2.89 54.51
N TYR KA 132 -60.04 3.10 55.34
CA TYR KA 132 -60.02 4.19 56.31
C TYR KA 132 -58.91 3.98 57.32
N ALA LA 2 -40.08 -30.85 -19.18
CA ALA LA 2 -40.25 -30.07 -20.40
C ALA LA 2 -39.00 -30.13 -21.26
N LYS LA 3 -38.48 -31.34 -21.47
CA LYS LA 3 -37.26 -31.56 -22.24
C LYS LA 3 -37.48 -32.40 -23.47
N GLY LA 4 -38.27 -33.46 -23.38
CA GLY LA 4 -38.51 -34.32 -24.51
C GLY LA 4 -39.96 -34.36 -24.95
N ARG LA 5 -40.60 -33.20 -25.02
CA ARG LA 5 -42.04 -33.13 -25.25
C ARG LA 5 -42.42 -32.95 -26.71
N THR LA 6 -41.67 -32.16 -27.46
CA THR LA 6 -41.94 -32.03 -28.87
C THR LA 6 -40.91 -32.79 -29.69
N PRO LA 7 -41.30 -33.33 -30.84
CA PRO LA 7 -40.34 -34.07 -31.68
C PRO LA 7 -39.27 -33.16 -32.29
N ARG LA 8 -38.04 -33.65 -32.32
CA ARG LA 8 -36.90 -32.93 -32.87
C ARG LA 8 -36.34 -33.68 -34.08
N SER LA 9 -36.17 -32.97 -35.20
CA SER LA 9 -35.65 -33.56 -36.42
C SER LA 9 -34.12 -33.49 -36.42
N PHE LA 10 -33.49 -34.03 -37.47
CA PHE LA 10 -32.04 -34.02 -37.53
C PHE LA 10 -31.47 -32.61 -37.52
N SER LA 11 -32.09 -31.69 -38.26
CA SER LA 11 -31.55 -30.34 -38.35
C SER LA 11 -31.65 -29.62 -37.01
N GLN LA 12 -32.71 -29.86 -36.27
CA GLN LA 12 -32.87 -29.23 -34.95
C GLN LA 12 -31.87 -29.80 -33.95
N ARG LA 13 -31.76 -31.12 -33.88
CA ARG LA 13 -30.76 -31.74 -33.02
C ARG LA 13 -29.36 -31.27 -33.37
N TYR LA 14 -29.04 -31.23 -34.67
CA TYR LA 14 -27.71 -30.83 -35.08
C TYR LA 14 -27.44 -29.36 -34.73
N GLY LA 15 -28.42 -28.49 -34.95
CA GLY LA 15 -28.23 -27.09 -34.63
C GLY LA 15 -28.02 -26.87 -33.14
N LYS LA 16 -28.80 -27.55 -32.31
CA LYS LA 16 -28.65 -27.34 -30.87
C LYS LA 16 -27.37 -27.97 -30.35
N TRP LA 17 -27.04 -29.18 -30.81
CA TRP LA 17 -25.78 -29.79 -30.40
C TRP LA 17 -24.60 -28.95 -30.82
N ASN LA 18 -24.66 -28.39 -32.03
CA ASN LA 18 -23.56 -27.56 -32.52
C ASN LA 18 -23.46 -26.27 -31.72
N ALA LA 19 -24.59 -25.67 -31.36
CA ALA LA 19 -24.56 -24.46 -30.55
C ALA LA 19 -23.92 -24.73 -29.18
N LYS LA 20 -24.34 -25.81 -28.52
CA LYS LA 20 -23.79 -26.12 -27.20
C LYS LA 20 -22.32 -26.51 -27.30
N PHE LA 21 -21.92 -27.23 -28.35
CA PHE LA 21 -20.53 -27.64 -28.51
C PHE LA 21 -19.64 -26.44 -28.80
N THR LA 22 -20.14 -25.50 -29.60
CA THR LA 22 -19.40 -24.27 -29.87
C THR LA 22 -19.28 -23.42 -28.62
N ALA LA 23 -20.32 -23.42 -27.78
CA ALA LA 23 -20.26 -22.64 -26.54
C ALA LA 23 -19.27 -23.24 -25.56
N PHE LA 24 -19.26 -24.57 -25.42
CA PHE LA 24 -18.37 -25.21 -24.46
C PHE LA 24 -16.90 -25.03 -24.82
N SER LA 25 -16.58 -24.85 -26.10
CA SER LA 25 -15.20 -24.66 -26.54
C SER LA 25 -14.62 -23.32 -26.10
N ASN LA 26 -15.45 -22.40 -25.62
CA ASN LA 26 -14.94 -21.16 -25.05
C ASN LA 26 -14.03 -21.50 -23.86
N PRO LA 27 -12.91 -20.79 -23.70
CA PRO LA 27 -12.03 -21.10 -22.56
C PRO LA 27 -12.71 -20.91 -21.21
N THR LA 28 -13.39 -19.78 -21.03
CA THR LA 28 -14.01 -19.47 -19.76
C THR LA 28 -15.15 -20.42 -19.43
N VAL LA 29 -15.97 -20.76 -20.42
CA VAL LA 29 -17.13 -21.62 -20.17
C VAL LA 29 -16.67 -23.00 -19.70
N ALA LA 30 -15.80 -23.63 -20.50
CA ALA LA 30 -15.31 -24.96 -20.14
C ALA LA 30 -14.56 -24.94 -18.81
N SER LA 31 -13.64 -24.00 -18.66
CA SER LA 31 -12.86 -23.90 -17.44
C SER LA 31 -13.77 -23.78 -16.22
N THR LA 32 -14.75 -22.87 -16.29
CA THR LA 32 -15.65 -22.64 -15.17
C THR LA 32 -16.45 -23.89 -14.84
N ILE LA 33 -17.10 -24.49 -15.85
CA ILE LA 33 -17.96 -25.64 -15.59
C ILE LA 33 -17.16 -26.78 -14.99
N LEU LA 34 -16.00 -27.08 -15.56
CA LEU LA 34 -15.25 -28.24 -15.11
C LEU LA 34 -14.62 -28.00 -13.73
N THR LA 35 -14.11 -26.79 -13.49
CA THR LA 35 -13.55 -26.48 -12.18
C THR LA 35 -14.62 -26.51 -11.11
N ASN LA 36 -15.87 -26.21 -11.48
CA ASN LA 36 -16.95 -26.26 -10.50
C ASN LA 36 -17.38 -27.68 -10.22
N VAL LA 37 -17.41 -28.56 -11.24
CA VAL LA 37 -17.91 -29.91 -11.03
C VAL LA 37 -16.83 -30.90 -10.63
N ALA LA 38 -15.57 -30.49 -10.55
CA ALA LA 38 -14.51 -31.44 -10.19
C ALA LA 38 -14.75 -32.20 -8.89
N PRO LA 39 -15.08 -31.56 -7.75
CA PRO LA 39 -15.22 -32.36 -6.51
C PRO LA 39 -16.36 -33.37 -6.55
N ILE LA 40 -17.47 -33.04 -7.21
CA ILE LA 40 -18.58 -33.98 -7.28
C ILE LA 40 -18.23 -35.16 -8.19
N ALA LA 41 -17.50 -34.89 -9.27
CA ALA LA 41 -17.05 -35.98 -10.14
C ALA LA 41 -16.09 -36.89 -9.42
N GLN LA 42 -15.17 -36.33 -8.63
CA GLN LA 42 -14.28 -37.16 -7.82
C GLN LA 42 -15.06 -38.00 -6.81
N GLY LA 43 -16.05 -37.40 -6.15
CA GLY LA 43 -16.87 -38.16 -5.23
C GLY LA 43 -17.62 -39.29 -5.89
N ASN LA 44 -18.17 -39.06 -7.08
CA ASN LA 44 -18.90 -40.11 -7.78
C ASN LA 44 -17.98 -41.24 -8.22
N PHE LA 45 -16.80 -40.88 -8.75
CA PHE LA 45 -15.81 -41.89 -9.09
C PHE LA 45 -15.44 -42.74 -7.88
N GLN LA 46 -15.13 -42.09 -6.76
CA GLN LA 46 -14.73 -42.82 -5.56
C GLN LA 46 -15.85 -43.67 -5.01
N THR LA 47 -17.10 -43.24 -5.18
CA THR LA 47 -18.21 -44.03 -4.67
C THR LA 47 -18.46 -45.26 -5.55
N ASN LA 48 -18.25 -45.15 -6.85
CA ASN LA 48 -18.72 -46.19 -7.76
C ASN LA 48 -17.66 -47.14 -8.27
N VAL LA 49 -16.48 -46.67 -8.65
CA VAL LA 49 -15.52 -47.49 -9.41
C VAL LA 49 -14.96 -48.69 -8.65
N PRO LA 50 -14.73 -48.63 -7.32
CA PRO LA 50 -14.23 -49.83 -6.63
C PRO LA 50 -15.08 -51.08 -6.81
N LYS LA 51 -16.40 -50.94 -6.84
CA LYS LA 51 -17.28 -52.08 -7.05
C LYS LA 51 -17.02 -52.78 -8.37
N PHE LA 52 -16.55 -52.05 -9.38
CA PHE LA 52 -16.29 -52.62 -10.70
C PHE LA 52 -14.86 -53.08 -10.87
N THR LA 53 -13.89 -52.42 -10.22
CA THR LA 53 -12.53 -52.94 -10.24
C THR LA 53 -12.44 -54.28 -9.51
N SER LA 54 -13.18 -54.43 -8.41
CA SER LA 54 -13.18 -55.72 -7.73
C SER LA 54 -13.77 -56.82 -8.60
N VAL LA 55 -14.82 -56.49 -9.34
CA VAL LA 55 -15.41 -57.45 -10.28
C VAL LA 55 -14.40 -57.81 -11.36
N ASN LA 56 -13.69 -56.83 -11.88
CA ASN LA 56 -12.62 -57.10 -12.85
C ASN LA 56 -11.64 -58.13 -12.30
N GLU LA 57 -11.15 -57.91 -11.08
CA GLU LA 57 -10.14 -58.81 -10.52
C GLU LA 57 -10.70 -60.22 -10.31
N GLN LA 58 -11.91 -60.32 -9.76
CA GLN LA 58 -12.48 -61.64 -9.49
C GLN LA 58 -12.78 -62.40 -10.78
N VAL LA 59 -13.29 -61.71 -11.80
CA VAL LA 59 -13.57 -62.39 -13.06
C VAL LA 59 -12.26 -62.77 -13.76
N SER LA 60 -11.21 -61.97 -13.59
CA SER LA 60 -9.90 -62.38 -14.08
C SER LA 60 -9.49 -63.71 -13.46
N ALA LA 61 -9.63 -63.82 -12.14
CA ALA LA 61 -9.29 -65.07 -11.45
C ALA LA 61 -10.13 -66.23 -11.98
N VAL LA 62 -11.43 -66.01 -12.18
CA VAL LA 62 -12.31 -67.08 -12.65
C VAL LA 62 -11.93 -67.49 -14.07
N LEU LA 63 -11.56 -66.52 -14.91
CA LEU LA 63 -11.28 -66.81 -16.31
C LEU LA 63 -9.96 -67.52 -16.50
N THR LA 64 -9.00 -67.28 -15.61
CA THR LA 64 -7.73 -67.99 -15.71
C THR LA 64 -7.86 -69.46 -15.34
N GLN LA 65 -8.85 -69.82 -14.53
CA GLN LA 65 -9.06 -71.22 -14.18
C GLN LA 65 -9.82 -71.99 -15.26
N TYR LA 66 -10.43 -71.29 -16.22
CA TYR LA 66 -11.15 -71.94 -17.30
C TYR LA 66 -10.40 -71.90 -18.62
N GLY LA 67 -9.21 -71.30 -18.67
CA GLY LA 67 -8.39 -71.33 -19.85
C GLY LA 67 -8.74 -70.33 -20.91
N VAL LA 68 -9.38 -69.23 -20.56
CA VAL LA 68 -9.80 -68.23 -21.53
C VAL LA 68 -8.69 -67.20 -21.69
N THR LA 69 -8.31 -66.95 -22.94
CA THR LA 69 -7.20 -66.05 -23.24
C THR LA 69 -7.61 -65.08 -24.35
N GLY LA 70 -6.99 -63.91 -24.34
CA GLY LA 70 -7.13 -62.96 -25.42
C GLY LA 70 -8.44 -62.19 -25.38
N PRO LA 71 -8.91 -61.73 -26.55
CA PRO LA 71 -10.19 -61.01 -26.60
C PRO LA 71 -11.37 -61.83 -26.15
N SER LA 72 -11.28 -63.16 -26.17
CA SER LA 72 -12.35 -63.97 -25.60
C SER LA 72 -12.59 -63.65 -24.13
N ARG LA 73 -11.55 -63.20 -23.41
CA ARG LA 73 -11.77 -62.76 -22.04
C ARG LA 73 -12.68 -61.55 -21.98
N ALA LA 74 -12.49 -60.60 -22.89
CA ALA LA 74 -13.30 -59.39 -22.91
C ALA LA 74 -14.78 -59.71 -22.80
N ILE LA 75 -15.26 -60.67 -23.61
CA ILE LA 75 -16.66 -61.10 -23.56
C ILE LA 75 -17.10 -61.26 -22.12
N TYR LA 76 -16.47 -62.21 -21.43
CA TYR LA 76 -16.91 -62.52 -20.08
C TYR LA 76 -16.69 -61.35 -19.15
N GLN LA 77 -15.56 -60.66 -19.29
CA GLN LA 77 -15.36 -59.45 -18.48
C GLN LA 77 -16.52 -58.51 -18.68
N GLY LA 78 -16.85 -58.20 -19.94
CA GLY LA 78 -17.96 -57.32 -20.21
C GLY LA 78 -19.23 -57.79 -19.54
N TYR LA 79 -19.56 -59.07 -19.70
CA TYR LA 79 -20.79 -59.59 -19.13
C TYR LA 79 -20.81 -59.35 -17.63
N GLY LA 80 -19.70 -59.67 -16.95
CA GLY LA 80 -19.64 -59.44 -15.53
C GLY LA 80 -19.95 -58.01 -15.16
N LEU LA 81 -19.33 -57.06 -15.85
CA LEU LA 81 -19.59 -55.67 -15.55
C LEU LA 81 -21.06 -55.33 -15.74
N LYS LA 82 -21.66 -55.81 -16.83
CA LYS LA 82 -23.08 -55.63 -17.04
C LYS LA 82 -23.86 -56.09 -15.82
N VAL LA 83 -23.58 -57.29 -15.34
CA VAL LA 83 -24.28 -57.80 -14.16
C VAL LA 83 -24.07 -56.87 -12.98
N ALA LA 84 -22.81 -56.48 -12.73
CA ALA LA 84 -22.55 -55.58 -11.62
C ALA LA 84 -23.36 -54.30 -11.77
N ARG LA 85 -23.47 -53.79 -12.99
CA ARG LA 85 -24.25 -52.59 -13.24
C ARG LA 85 -25.67 -52.78 -12.72
N ALA LA 86 -26.29 -53.90 -13.06
CA ALA LA 86 -27.65 -54.16 -12.61
C ALA LA 86 -27.72 -54.17 -11.10
N LEU LA 87 -26.77 -54.85 -10.45
CA LEU LA 87 -26.79 -54.92 -8.99
C LEU LA 87 -26.62 -53.54 -8.39
N ASN LA 88 -25.95 -52.65 -9.11
CA ASN LA 88 -25.75 -51.31 -8.58
C ASN LA 88 -26.98 -50.44 -8.82
N ARG LA 89 -27.77 -50.75 -9.85
CA ARG LA 89 -28.86 -49.86 -10.22
C ARG LA 89 -30.12 -50.17 -9.42
N ILE LA 90 -30.51 -51.44 -9.38
CA ILE LA 90 -31.79 -51.80 -8.78
C ILE LA 90 -31.65 -52.61 -7.50
N GLY LA 91 -30.54 -53.32 -7.29
CA GLY LA 91 -30.34 -54.11 -6.10
C GLY LA 91 -30.74 -55.56 -6.31
N ALA LA 92 -30.69 -56.31 -5.21
CA ALA LA 92 -31.00 -57.73 -5.26
C ALA LA 92 -32.49 -57.99 -5.08
N GLY LA 93 -32.99 -58.98 -5.80
CA GLY LA 93 -34.39 -59.30 -5.78
C GLY LA 93 -34.81 -59.96 -7.09
N PRO LA 94 -36.12 -60.17 -7.26
CA PRO LA 94 -36.61 -60.81 -8.48
C PRO LA 94 -36.26 -60.06 -9.76
N ALA LA 95 -36.19 -58.73 -9.72
CA ALA LA 95 -35.83 -57.96 -10.90
C ALA LA 95 -34.40 -58.28 -11.33
N LEU LA 96 -33.50 -58.48 -10.37
CA LEU LA 96 -32.14 -58.85 -10.70
C LEU LA 96 -32.08 -60.25 -11.31
N THR LA 97 -32.92 -61.16 -10.86
CA THR LA 97 -33.00 -62.48 -11.49
C THR LA 97 -33.46 -62.35 -12.94
N ASN LA 98 -34.50 -61.55 -13.18
CA ASN LA 98 -34.98 -61.34 -14.54
C ASN LA 98 -33.88 -60.78 -15.44
N MET LA 99 -33.16 -59.77 -14.95
CA MET LA 99 -32.10 -59.19 -15.78
C MET LA 99 -30.93 -60.13 -15.97
N VAL LA 100 -30.60 -60.96 -14.98
CA VAL LA 100 -29.50 -61.91 -15.17
C VAL LA 100 -29.87 -62.94 -16.22
N ALA LA 101 -31.11 -63.43 -16.20
CA ALA LA 101 -31.55 -64.33 -17.25
C ALA LA 101 -31.51 -63.67 -18.62
N GLY LA 102 -31.98 -62.42 -18.70
CA GLY LA 102 -31.95 -61.71 -19.97
C GLY LA 102 -30.55 -61.46 -20.48
N LEU LA 103 -29.61 -61.18 -19.58
CA LEU LA 103 -28.24 -60.93 -19.99
C LEU LA 103 -27.57 -62.21 -20.47
N LYS LA 104 -27.83 -63.34 -19.81
CA LYS LA 104 -27.28 -64.59 -20.30
C LYS LA 104 -27.84 -64.93 -21.68
N ALA LA 105 -29.14 -64.75 -21.88
CA ALA LA 105 -29.72 -64.95 -23.20
C ALA LA 105 -29.05 -64.05 -24.24
N TYR LA 106 -28.91 -62.76 -23.92
CA TYR LA 106 -28.25 -61.80 -24.78
C TYR LA 106 -26.86 -62.29 -25.21
N TYR LA 107 -26.00 -62.56 -24.24
CA TYR LA 107 -24.61 -62.86 -24.58
C TYR LA 107 -24.48 -64.22 -25.26
N VAL LA 108 -25.22 -65.23 -24.82
CA VAL LA 108 -25.14 -66.54 -25.46
C VAL LA 108 -25.63 -66.49 -26.89
N SER LA 109 -26.71 -65.75 -27.17
CA SER LA 109 -27.26 -65.78 -28.51
C SER LA 109 -26.53 -64.85 -29.46
N ALA LA 110 -26.11 -63.67 -29.00
CA ALA LA 110 -25.52 -62.71 -29.91
C ALA LA 110 -24.01 -62.84 -30.02
N TYR LA 111 -23.31 -63.20 -28.94
CA TYR LA 111 -21.86 -63.23 -28.96
C TYR LA 111 -21.28 -64.63 -28.78
N GLY LA 112 -22.13 -65.65 -28.75
CA GLY LA 112 -21.65 -67.03 -28.72
C GLY LA 112 -20.87 -67.39 -27.48
N ALA LA 113 -21.30 -66.90 -26.32
CA ALA LA 113 -20.62 -67.18 -25.06
C ALA LA 113 -20.92 -68.59 -24.59
N ASN LA 114 -20.06 -69.08 -23.70
CA ASN LA 114 -20.18 -70.39 -23.07
C ASN LA 114 -21.08 -70.30 -21.85
N PRO LA 115 -22.14 -71.11 -21.77
CA PRO LA 115 -23.01 -71.04 -20.59
C PRO LA 115 -22.31 -71.37 -19.28
N GLU LA 116 -21.35 -72.31 -19.29
CA GLU LA 116 -20.67 -72.69 -18.06
C GLU LA 116 -19.83 -71.54 -17.52
N ILE LA 117 -19.12 -70.82 -18.39
CA ILE LA 117 -18.30 -69.71 -17.93
C ILE LA 117 -19.17 -68.55 -17.50
N LEU LA 118 -20.33 -68.36 -18.15
CA LEU LA 118 -21.27 -67.36 -17.69
C LEU LA 118 -21.79 -67.70 -16.30
N ASP LA 119 -22.03 -68.99 -16.03
CA ASP LA 119 -22.44 -69.41 -14.71
C ASP LA 119 -21.34 -69.16 -13.68
N ALA LA 120 -20.10 -69.46 -14.02
CA ALA LA 120 -19.00 -69.22 -13.10
C ALA LA 120 -18.84 -67.73 -12.81
N VAL LA 121 -19.03 -66.88 -13.81
CA VAL LA 121 -18.87 -65.43 -13.60
C VAL LA 121 -20.00 -64.90 -12.72
N THR LA 122 -21.24 -65.26 -13.03
CA THR LA 122 -22.34 -64.79 -12.20
C THR LA 122 -22.30 -65.43 -10.82
N ASN LA 123 -21.60 -66.54 -10.65
CA ASN LA 123 -21.42 -67.13 -9.33
C ASN LA 123 -20.38 -66.38 -8.51
N ILE LA 124 -19.29 -65.95 -9.15
CA ILE LA 124 -18.31 -65.16 -8.39
C ILE LA 124 -18.86 -63.77 -8.09
N ILE LA 125 -19.80 -63.27 -8.90
CA ILE LA 125 -20.33 -61.93 -8.67
C ILE LA 125 -21.50 -61.94 -7.69
N LEU LA 126 -22.53 -62.73 -7.97
CA LEU LA 126 -23.75 -62.68 -7.19
C LEU LA 126 -23.83 -63.76 -6.11
N GLY LA 127 -23.02 -64.80 -6.21
CA GLY LA 127 -23.01 -65.87 -5.22
C GLY LA 127 -23.66 -67.15 -5.71
N SER LA 128 -24.50 -67.09 -6.73
CA SER LA 128 -25.18 -68.25 -7.27
C SER LA 128 -25.23 -68.13 -8.79
N PRO LA 129 -25.26 -69.26 -9.51
CA PRO LA 129 -25.38 -69.18 -10.97
C PRO LA 129 -26.68 -68.54 -11.44
N THR LA 130 -27.79 -68.82 -10.76
CA THR LA 130 -29.04 -68.16 -11.11
C THR LA 130 -29.12 -66.77 -10.51
N GLY LA 131 -28.48 -66.55 -9.37
CA GLY LA 131 -28.46 -65.25 -8.74
C GLY LA 131 -29.55 -65.00 -7.70
N TYR LA 132 -30.26 -66.03 -7.26
CA TYR LA 132 -31.31 -65.86 -6.26
C TYR LA 132 -30.74 -65.32 -4.96
N ALA MA 2 -44.58 -0.16 30.06
CA ALA MA 2 -44.45 0.28 28.68
C ALA MA 2 -43.71 -0.74 27.85
N LYS MA 3 -44.17 -1.99 27.87
CA LYS MA 3 -43.56 -3.08 27.13
C LYS MA 3 -44.52 -3.75 26.17
N GLY MA 4 -45.78 -3.93 26.57
CA GLY MA 4 -46.75 -4.55 25.70
C GLY MA 4 -47.93 -3.66 25.39
N ARG MA 5 -47.68 -2.39 25.13
CA ARG MA 5 -48.74 -1.41 25.00
C ARG MA 5 -49.17 -1.19 23.55
N THR MA 6 -48.29 -1.36 22.60
CA THR MA 6 -48.66 -1.23 21.21
C THR MA 6 -48.50 -2.57 20.48
N PRO MA 7 -49.40 -2.88 19.55
CA PRO MA 7 -49.31 -4.16 18.85
C PRO MA 7 -48.12 -4.22 17.91
N ARG MA 8 -47.44 -5.36 17.89
CA ARG MA 8 -46.23 -5.56 17.10
C ARG MA 8 -46.45 -6.67 16.09
N SER MA 9 -46.21 -6.38 14.82
CA SER MA 9 -46.41 -7.33 13.73
C SER MA 9 -45.17 -8.20 13.58
N PHE MA 10 -45.19 -9.08 12.57
CA PHE MA 10 -44.05 -9.97 12.38
C PHE MA 10 -42.79 -9.22 11.99
N SER MA 11 -42.91 -8.20 11.14
CA SER MA 11 -41.73 -7.44 10.75
C SER MA 11 -41.11 -6.72 11.93
N GLN MA 12 -41.93 -6.14 12.80
CA GLN MA 12 -41.40 -5.43 13.97
C GLN MA 12 -40.76 -6.39 14.95
N ARG MA 13 -41.46 -7.48 15.29
CA ARG MA 13 -40.90 -8.49 16.17
C ARG MA 13 -39.59 -9.03 15.63
N TYR MA 14 -39.57 -9.39 14.36
CA TYR MA 14 -38.35 -9.95 13.76
C TYR MA 14 -37.22 -8.93 13.74
N GLY MA 15 -37.53 -7.67 13.42
CA GLY MA 15 -36.49 -6.66 13.41
C GLY MA 15 -35.86 -6.47 14.78
N LYS MA 16 -36.70 -6.35 15.82
CA LYS MA 16 -36.13 -6.14 17.15
C LYS MA 16 -35.40 -7.39 17.64
N TRP MA 17 -35.98 -8.57 17.42
CA TRP MA 17 -35.31 -9.80 17.86
C TRP MA 17 -33.97 -9.97 17.16
N ASN MA 18 -33.92 -9.72 15.86
CA ASN MA 18 -32.68 -9.86 15.12
C ASN MA 18 -31.66 -8.82 15.56
N ALA MA 19 -32.09 -7.60 15.85
CA ALA MA 19 -31.16 -6.58 16.35
C ALA MA 19 -30.55 -7.01 17.67
N LYS MA 20 -31.38 -7.50 18.59
CA LYS MA 20 -30.86 -7.89 19.90
C LYS MA 20 -29.97 -9.13 19.79
N PHE MA 21 -30.32 -10.07 18.92
CA PHE MA 21 -29.51 -11.28 18.75
C PHE MA 21 -28.17 -10.94 18.14
N THR MA 22 -28.15 -10.03 17.16
CA THR MA 22 -26.89 -9.59 16.56
C THR MA 22 -26.04 -8.85 17.58
N ALA MA 23 -26.66 -8.03 18.43
CA ALA MA 23 -25.91 -7.31 19.44
C ALA MA 23 -25.31 -8.25 20.48
N PHE MA 24 -26.05 -9.29 20.86
CA PHE MA 24 -25.58 -10.20 21.88
C PHE MA 24 -24.47 -11.13 21.39
N SER MA 25 -24.25 -11.24 20.08
CA SER MA 25 -23.17 -12.06 19.56
C SER MA 25 -21.81 -11.38 19.66
N ASN MA 26 -21.77 -10.08 19.98
CA ASN MA 26 -20.53 -9.40 20.23
C ASN MA 26 -19.79 -10.08 21.38
N PRO MA 27 -18.47 -10.23 21.31
CA PRO MA 27 -17.75 -10.89 22.41
C PRO MA 27 -17.86 -10.15 23.73
N THR MA 28 -17.63 -8.84 23.70
CA THR MA 28 -17.67 -8.04 24.91
C THR MA 28 -19.07 -8.01 25.51
N VAL MA 29 -20.10 -7.83 24.68
CA VAL MA 29 -21.47 -7.73 25.18
C VAL MA 29 -21.87 -9.01 25.89
N ALA MA 30 -21.72 -10.15 25.22
CA ALA MA 30 -22.12 -11.42 25.80
C ALA MA 30 -21.31 -11.74 27.05
N SER MA 31 -19.99 -11.60 26.97
CA SER MA 31 -19.15 -11.96 28.10
C SER MA 31 -19.46 -11.09 29.32
N THR MA 32 -19.65 -9.78 29.10
CA THR MA 32 -19.98 -8.88 30.20
C THR MA 32 -21.30 -9.26 30.85
N ILE MA 33 -22.35 -9.45 30.03
CA ILE MA 33 -23.67 -9.75 30.59
C ILE MA 33 -23.64 -11.06 31.37
N LEU MA 34 -23.05 -12.10 30.78
CA LEU MA 34 -23.07 -13.42 31.42
C LEU MA 34 -22.19 -13.46 32.65
N THR MA 35 -21.01 -12.84 32.60
CA THR MA 35 -20.14 -12.77 33.76
C THR MA 35 -20.81 -12.01 34.90
N ASN MA 36 -21.59 -10.98 34.57
CA ASN MA 36 -22.26 -10.23 35.62
C ASN MA 36 -23.42 -11.01 36.23
N VAL MA 37 -24.17 -11.77 35.42
CA VAL MA 37 -25.31 -12.50 35.96
C VAL MA 37 -24.96 -13.88 36.48
N ALA MA 38 -23.70 -14.31 36.38
CA ALA MA 38 -23.33 -15.65 36.84
C ALA MA 38 -23.69 -15.94 38.29
N PRO MA 39 -23.31 -15.12 39.28
CA PRO MA 39 -23.62 -15.52 40.68
C PRO MA 39 -25.11 -15.56 40.99
N ILE MA 40 -25.90 -14.66 40.40
CA ILE MA 40 -27.34 -14.68 40.64
C ILE MA 40 -27.97 -15.91 40.00
N ALA MA 41 -27.49 -16.30 38.82
CA ALA MA 41 -27.97 -17.50 38.15
C ALA MA 41 -27.65 -18.75 38.97
N GLN MA 42 -26.43 -18.83 39.50
CA GLN MA 42 -26.08 -19.95 40.38
C GLN MA 42 -26.97 -19.98 41.61
N GLY MA 43 -27.24 -18.81 42.20
CA GLY MA 43 -28.10 -18.76 43.36
C GLY MA 43 -29.51 -19.23 43.07
N ASN MA 44 -30.07 -18.82 41.93
CA ASN MA 44 -31.41 -19.23 41.56
C ASN MA 44 -31.48 -20.73 41.31
N PHE MA 45 -30.48 -21.27 40.60
CA PHE MA 45 -30.40 -22.70 40.38
C PHE MA 45 -30.37 -23.45 41.71
N GLN MA 46 -29.47 -23.05 42.60
CA GLN MA 46 -29.35 -23.73 43.89
C GLN MA 46 -30.61 -23.61 44.73
N THR MA 47 -31.34 -22.51 44.57
CA THR MA 47 -32.56 -22.34 45.35
C THR MA 47 -33.69 -23.21 44.84
N ASN MA 48 -33.80 -23.39 43.53
CA ASN MA 48 -35.00 -23.98 42.96
C ASN MA 48 -34.87 -25.44 42.54
N VAL MA 49 -33.72 -25.88 42.04
CA VAL MA 49 -33.63 -27.19 41.39
C VAL MA 49 -33.74 -28.40 42.34
N PRO MA 50 -33.24 -28.34 43.58
CA PRO MA 50 -33.41 -29.51 44.46
C PRO MA 50 -34.84 -29.96 44.65
N LYS MA 51 -35.79 -29.02 44.71
CA LYS MA 51 -37.20 -29.38 44.84
C LYS MA 51 -37.70 -30.22 43.67
N PHE MA 52 -37.05 -30.15 42.52
CA PHE MA 52 -37.46 -30.89 41.35
C PHE MA 52 -36.67 -32.17 41.16
N THR MA 53 -35.38 -32.19 41.53
CA THR MA 53 -34.66 -33.45 41.55
C THR MA 53 -35.26 -34.41 42.56
N SER MA 54 -35.72 -33.89 43.70
CA SER MA 54 -36.40 -34.74 44.69
C SER MA 54 -37.67 -35.35 44.12
N VAL MA 55 -38.48 -34.55 43.42
CA VAL MA 55 -39.70 -35.07 42.82
C VAL MA 55 -39.37 -36.10 41.76
N ASN MA 56 -38.32 -35.88 40.99
CA ASN MA 56 -37.89 -36.86 40.00
C ASN MA 56 -37.61 -38.20 40.65
N GLU MA 57 -36.82 -38.19 41.72
CA GLU MA 57 -36.46 -39.45 42.39
C GLU MA 57 -37.68 -40.14 43.00
N GLN MA 58 -38.55 -39.38 43.64
CA GLN MA 58 -39.73 -39.98 44.27
C GLN MA 58 -40.70 -40.55 43.25
N VAL MA 59 -40.95 -39.81 42.17
CA VAL MA 59 -41.86 -40.31 41.14
C VAL MA 59 -41.26 -41.50 40.42
N SER MA 60 -39.94 -41.55 40.27
CA SER MA 60 -39.32 -42.74 39.70
C SER MA 60 -39.56 -43.96 40.59
N ALA MA 61 -39.36 -43.79 41.89
CA ALA MA 61 -39.65 -44.86 42.84
C ALA MA 61 -41.11 -45.31 42.75
N VAL MA 62 -42.03 -44.37 42.55
CA VAL MA 62 -43.44 -44.73 42.46
C VAL MA 62 -43.74 -45.44 41.15
N LEU MA 63 -43.11 -45.00 40.06
CA LEU MA 63 -43.38 -45.57 38.75
C LEU MA 63 -42.83 -46.98 38.60
N THR MA 64 -41.74 -47.29 39.31
CA THR MA 64 -41.24 -48.67 39.24
C THR MA 64 -42.17 -49.65 39.93
N GLN MA 65 -42.98 -49.19 40.89
CA GLN MA 65 -43.93 -50.06 41.58
C GLN MA 65 -45.19 -50.32 40.77
N TYR MA 66 -45.42 -49.58 39.68
CA TYR MA 66 -46.59 -49.79 38.85
C TYR MA 66 -46.26 -50.40 37.50
N GLY MA 67 -44.99 -50.67 37.22
CA GLY MA 67 -44.61 -51.34 36.00
C GLY MA 67 -44.43 -50.47 34.79
N VAL MA 68 -44.29 -49.17 34.98
CA VAL MA 68 -44.18 -48.24 33.85
C VAL MA 68 -42.74 -48.19 33.38
N THR MA 69 -42.53 -48.39 32.08
CA THR MA 69 -41.21 -48.41 31.47
C THR MA 69 -41.20 -47.55 30.22
N GLY MA 70 -40.01 -47.09 29.85
CA GLY MA 70 -39.80 -46.43 28.58
C GLY MA 70 -40.31 -45.00 28.54
N PRO MA 71 -40.62 -44.51 27.33
CA PRO MA 71 -41.14 -43.15 27.21
C PRO MA 71 -42.45 -42.92 27.94
N SER MA 72 -43.24 -43.97 28.19
CA SER MA 72 -44.43 -43.84 29.01
C SER MA 72 -44.13 -43.32 30.40
N ARG MA 73 -42.90 -43.49 30.89
CA ARG MA 73 -42.55 -42.89 32.17
C ARG MA 73 -42.53 -41.38 32.07
N ALA MA 74 -41.99 -40.83 30.98
CA ALA MA 74 -41.88 -39.40 30.84
C ALA MA 74 -43.22 -38.71 31.09
N ILE MA 75 -44.31 -39.28 30.58
CA ILE MA 75 -45.64 -38.74 30.81
C ILE MA 75 -45.80 -38.38 32.28
N TYR MA 76 -45.70 -39.38 33.15
CA TYR MA 76 -45.94 -39.13 34.56
C TYR MA 76 -44.86 -38.24 35.14
N GLN MA 77 -43.61 -38.45 34.75
CA GLN MA 77 -42.57 -37.52 35.17
C GLN MA 77 -42.97 -36.10 34.87
N GLY MA 78 -43.38 -35.84 33.63
CA GLY MA 78 -43.82 -34.52 33.27
C GLY MA 78 -44.91 -34.02 34.18
N TYR MA 79 -45.97 -34.82 34.35
CA TYR MA 79 -47.06 -34.43 35.23
C TYR MA 79 -46.52 -34.05 36.60
N GLY MA 80 -45.68 -34.91 37.18
CA GLY MA 80 -45.14 -34.61 38.49
C GLY MA 80 -44.48 -33.25 38.53
N LEU MA 81 -43.58 -33.00 37.58
CA LEU MA 81 -42.88 -31.73 37.58
C LEU MA 81 -43.85 -30.58 37.45
N LYS MA 82 -44.84 -30.73 36.56
CA LYS MA 82 -45.88 -29.73 36.43
C LYS MA 82 -46.52 -29.44 37.78
N VAL MA 83 -46.98 -30.48 38.49
CA VAL MA 83 -47.57 -30.29 39.80
C VAL MA 83 -46.61 -29.54 40.71
N ALA MA 84 -45.35 -29.98 40.74
CA ALA MA 84 -44.38 -29.31 41.59
C ALA MA 84 -44.26 -27.84 41.25
N ARG MA 85 -44.24 -27.52 39.96
CA ARG MA 85 -44.17 -26.11 39.56
C ARG MA 85 -45.28 -25.32 40.20
N ALA MA 86 -46.52 -25.83 40.14
CA ALA MA 86 -47.64 -25.14 40.75
C ALA MA 86 -47.40 -24.92 42.23
N LEU MA 87 -46.95 -25.95 42.94
CA LEU MA 87 -46.72 -25.81 44.37
C LEU MA 87 -45.65 -24.78 44.65
N ASN MA 88 -44.67 -24.66 43.75
CA ASN MA 88 -43.62 -23.68 43.96
C ASN MA 88 -44.12 -22.27 43.71
N ARG MA 89 -45.12 -22.11 42.84
CA ARG MA 89 -45.50 -20.78 42.40
C ARG MA 89 -46.52 -20.15 43.35
N ILE MA 90 -47.64 -20.83 43.56
CA ILE MA 90 -48.75 -20.23 44.29
C ILE MA 90 -48.90 -20.75 45.71
N GLY MA 91 -48.30 -21.89 46.03
CA GLY MA 91 -48.36 -22.43 47.37
C GLY MA 91 -49.53 -23.37 47.56
N ALA MA 92 -49.69 -23.81 48.80
CA ALA MA 92 -50.76 -24.74 49.14
C ALA MA 92 -52.04 -23.99 49.50
N GLY MA 93 -53.17 -24.56 49.09
CA GLY MA 93 -54.45 -23.92 49.27
C GLY MA 93 -55.42 -24.31 48.17
N PRO MA 94 -56.61 -23.72 48.19
CA PRO MA 94 -57.62 -24.07 47.16
C PRO MA 94 -57.16 -23.85 45.73
N ALA MA 95 -56.29 -22.89 45.48
CA ALA MA 95 -55.81 -22.66 44.12
C ALA MA 95 -54.97 -23.84 43.64
N LEU MA 96 -54.20 -24.45 44.53
CA LEU MA 96 -53.45 -25.64 44.16
C LEU MA 96 -54.37 -26.82 43.86
N THR MA 97 -55.48 -26.94 44.60
CA THR MA 97 -56.48 -27.96 44.30
C THR MA 97 -57.06 -27.75 42.90
N ASN MA 98 -57.44 -26.51 42.58
CA ASN MA 98 -57.97 -26.22 41.25
C ASN MA 98 -56.97 -26.57 40.16
N MET MA 99 -55.71 -26.16 40.35
CA MET MA 99 -54.71 -26.47 39.33
C MET MA 99 -54.43 -27.97 39.22
N VAL MA 100 -54.45 -28.71 40.33
CA VAL MA 100 -54.20 -30.14 40.26
C VAL MA 100 -55.31 -30.84 39.50
N ALA MA 101 -56.58 -30.45 39.76
CA ALA MA 101 -57.68 -31.04 39.01
C ALA MA 101 -57.57 -30.72 37.52
N GLY MA 102 -57.27 -29.45 37.19
CA GLY MA 102 -57.11 -29.09 35.79
C GLY MA 102 -55.99 -29.84 35.10
N LEU MA 103 -54.87 -30.05 35.80
CA LEU MA 103 -53.75 -30.78 35.23
C LEU MA 103 -54.07 -32.25 35.02
N LYS MA 104 -54.82 -32.86 35.96
CA LYS MA 104 -55.22 -34.24 35.77
C LYS MA 104 -56.12 -34.37 34.55
N ALA MA 105 -57.09 -33.46 34.39
CA ALA MA 105 -57.94 -33.48 33.21
C ALA MA 105 -57.12 -33.32 31.94
N TYR MA 106 -56.20 -32.35 31.95
CA TYR MA 106 -55.30 -32.14 30.82
C TYR MA 106 -54.58 -33.42 30.42
N TYR MA 107 -53.83 -34.02 31.35
CA TYR MA 107 -53.02 -35.18 31.02
C TYR MA 107 -53.87 -36.38 30.63
N VAL MA 108 -54.98 -36.61 31.32
CA VAL MA 108 -55.81 -37.77 31.02
C VAL MA 108 -56.44 -37.66 29.65
N SER MA 109 -57.01 -36.50 29.31
CA SER MA 109 -57.77 -36.43 28.06
C SER MA 109 -56.89 -36.04 26.88
N ALA MA 110 -55.67 -35.58 27.12
CA ALA MA 110 -54.80 -35.26 26.00
C ALA MA 110 -53.76 -36.33 25.71
N TYR MA 111 -53.25 -37.00 26.74
CA TYR MA 111 -52.10 -37.89 26.58
C TYR MA 111 -52.39 -39.32 26.96
N GLY MA 112 -53.63 -39.68 27.24
CA GLY MA 112 -53.97 -41.04 27.56
C GLY MA 112 -53.35 -41.56 28.84
N ALA MA 113 -53.05 -40.67 29.78
CA ALA MA 113 -52.48 -41.05 31.05
C ALA MA 113 -53.51 -41.80 31.89
N ASN MA 114 -53.01 -42.61 32.81
CA ASN MA 114 -53.79 -43.47 33.70
C ASN MA 114 -54.18 -42.71 34.96
N PRO MA 115 -55.47 -42.65 35.30
CA PRO MA 115 -55.86 -41.95 36.53
C PRO MA 115 -55.27 -42.54 37.80
N GLU MA 116 -55.07 -43.86 37.84
CA GLU MA 116 -54.49 -44.50 39.02
C GLU MA 116 -53.06 -44.03 39.27
N ILE MA 117 -52.23 -44.03 38.22
CA ILE MA 117 -50.85 -43.63 38.37
C ILE MA 117 -50.74 -42.13 38.61
N LEU MA 118 -51.65 -41.33 38.04
CA LEU MA 118 -51.65 -39.91 38.34
C LEU MA 118 -52.01 -39.66 39.79
N ASP MA 119 -52.97 -40.41 40.33
CA ASP MA 119 -53.28 -40.33 41.75
C ASP MA 119 -52.07 -40.70 42.60
N ALA MA 120 -51.36 -41.76 42.23
CA ALA MA 120 -50.17 -42.15 42.99
C ALA MA 120 -49.10 -41.06 42.95
N VAL MA 121 -48.91 -40.44 41.80
CA VAL MA 121 -47.88 -39.40 41.65
C VAL MA 121 -48.24 -38.18 42.49
N THR MA 122 -49.48 -37.71 42.40
CA THR MA 122 -49.87 -36.57 43.20
C THR MA 122 -49.92 -36.89 44.68
N ASN MA 123 -50.12 -38.16 45.04
CA ASN MA 123 -50.02 -38.58 46.43
C ASN MA 123 -48.59 -38.51 46.95
N ILE MA 124 -47.62 -38.93 46.14
CA ILE MA 124 -46.24 -38.88 46.60
C ILE MA 124 -45.72 -37.44 46.61
N ILE MA 125 -46.32 -36.56 45.81
CA ILE MA 125 -45.85 -35.18 45.79
C ILE MA 125 -46.52 -34.33 46.87
N LEU MA 126 -47.85 -34.35 46.92
CA LEU MA 126 -48.59 -33.45 47.80
C LEU MA 126 -49.06 -34.11 49.09
N GLY MA 127 -49.22 -35.43 49.12
CA GLY MA 127 -49.68 -36.14 50.30
C GLY MA 127 -51.06 -36.72 50.18
N SER MA 128 -51.87 -36.24 49.25
CA SER MA 128 -53.21 -36.76 49.01
C SER MA 128 -53.44 -36.87 47.52
N PRO MA 129 -54.26 -37.82 47.08
CA PRO MA 129 -54.61 -37.88 45.65
C PRO MA 129 -55.25 -36.62 45.11
N THR MA 130 -56.08 -35.95 45.90
CA THR MA 130 -56.68 -34.70 45.43
C THR MA 130 -55.78 -33.50 45.69
N GLY MA 131 -54.91 -33.60 46.69
CA GLY MA 131 -54.01 -32.52 47.02
C GLY MA 131 -54.48 -31.61 48.14
N TYR MA 132 -55.54 -31.96 48.84
CA TYR MA 132 -56.06 -31.12 49.93
C TYR MA 132 -55.03 -30.99 51.03
N ALA NA 2 -53.29 -8.04 -13.25
CA ALA NA 2 -53.21 -7.46 -14.58
C ALA NA 2 -52.14 -8.14 -15.42
N LYS NA 3 -52.20 -9.47 -15.49
CA LYS NA 3 -51.23 -10.26 -16.25
C LYS NA 3 -51.87 -11.05 -17.36
N GLY NA 4 -52.99 -11.71 -17.10
CA GLY NA 4 -53.64 -12.51 -18.13
C GLY NA 4 -55.02 -12.00 -18.48
N ARG NA 5 -55.16 -10.69 -18.61
CA ARG NA 5 -56.48 -10.07 -18.72
C ARG NA 5 -56.94 -9.89 -20.16
N THR NA 6 -56.03 -9.60 -21.08
CA THR NA 6 -56.40 -9.51 -22.47
C THR NA 6 -55.80 -10.67 -23.25
N PRO NA 7 -56.51 -11.18 -24.26
CA PRO NA 7 -55.99 -12.33 -25.03
C PRO NA 7 -54.77 -11.94 -25.86
N ARG NA 8 -53.81 -12.86 -25.94
CA ARG NA 8 -52.57 -12.68 -26.69
C ARG NA 8 -52.51 -13.71 -27.81
N SER NA 9 -52.26 -13.24 -29.03
CA SER NA 9 -52.13 -14.10 -30.19
C SER NA 9 -50.71 -14.62 -30.29
N PHE NA 10 -50.46 -15.47 -31.29
CA PHE NA 10 -49.11 -16.02 -31.46
C PHE NA 10 -48.09 -14.93 -31.71
N SER NA 11 -48.44 -13.92 -32.50
CA SER NA 11 -47.50 -12.86 -32.84
C SER NA 11 -47.09 -12.08 -31.60
N GLN NA 12 -48.05 -11.80 -30.71
CA GLN NA 12 -47.75 -11.05 -29.49
C GLN NA 12 -46.94 -11.89 -28.51
N ARG NA 13 -47.33 -13.15 -28.30
CA ARG NA 13 -46.58 -14.05 -27.44
C ARG NA 13 -45.15 -14.19 -27.92
N TYR NA 14 -44.96 -14.37 -29.23
CA TYR NA 14 -43.62 -14.51 -29.77
C TYR NA 14 -42.82 -13.23 -29.63
N GLY NA 15 -43.42 -12.07 -29.91
CA GLY NA 15 -42.71 -10.83 -29.77
C GLY NA 15 -42.22 -10.60 -28.36
N LYS NA 16 -43.09 -10.81 -27.37
CA LYS NA 16 -42.68 -10.58 -25.99
C LYS NA 16 -41.69 -11.63 -25.50
N TRP NA 17 -41.92 -12.91 -25.82
CA TRP NA 17 -40.97 -13.94 -25.44
C TRP NA 17 -39.60 -13.68 -26.03
N ASN NA 18 -39.56 -13.24 -27.28
CA ASN NA 18 -38.29 -13.00 -27.94
C ASN NA 18 -37.59 -11.78 -27.37
N ALA NA 19 -38.35 -10.73 -27.03
CA ALA NA 19 -37.77 -9.58 -26.38
C ALA NA 19 -37.13 -9.95 -25.05
N LYS NA 20 -37.83 -10.76 -24.25
CA LYS NA 20 -37.30 -11.15 -22.94
C LYS NA 20 -36.11 -12.10 -23.07
N PHE NA 21 -36.15 -13.01 -24.03
CA PHE NA 21 -35.03 -13.93 -24.23
C PHE NA 21 -33.79 -13.19 -24.74
N THR NA 22 -34.00 -12.18 -25.59
CA THR NA 22 -32.88 -11.37 -26.06
C THR NA 22 -32.32 -10.51 -24.94
N ALA NA 23 -33.19 -10.01 -24.06
CA ALA NA 23 -32.71 -9.23 -22.92
C ALA NA 23 -31.89 -10.08 -21.97
N PHE NA 24 -32.37 -11.29 -21.65
CA PHE NA 24 -31.68 -12.14 -20.69
C PHE NA 24 -30.34 -12.65 -21.22
N SER NA 25 -30.13 -12.65 -22.54
CA SER NA 25 -28.86 -13.06 -23.11
C SER NA 25 -27.74 -12.07 -22.83
N ASN NA 26 -28.06 -10.88 -22.34
CA ASN NA 26 -27.04 -9.92 -21.97
C ASN NA 26 -26.20 -10.48 -20.83
N PRO NA 27 -24.88 -10.24 -20.83
CA PRO NA 27 -24.06 -10.74 -19.71
C PRO NA 27 -24.48 -10.17 -18.37
N THR NA 28 -24.67 -8.86 -18.30
CA THR NA 28 -24.99 -8.21 -17.04
C THR NA 28 -26.37 -8.64 -16.53
N VAL NA 29 -27.37 -8.66 -17.42
CA VAL NA 29 -28.72 -9.00 -16.99
C VAL NA 29 -28.76 -10.40 -16.39
N ALA NA 30 -28.28 -11.38 -17.13
CA ALA NA 30 -28.30 -12.77 -16.66
C ALA NA 30 -27.48 -12.93 -15.38
N SER NA 31 -26.24 -12.44 -15.38
CA SER NA 31 -25.39 -12.63 -14.21
C SER NA 31 -26.00 -11.98 -12.98
N THR NA 32 -26.54 -10.77 -13.12
CA THR NA 32 -27.15 -10.08 -11.99
C THR NA 32 -28.35 -10.84 -11.45
N ILE NA 33 -29.26 -11.25 -12.33
CA ILE NA 33 -30.48 -11.92 -11.87
C ILE NA 33 -30.14 -13.24 -11.20
N LEU NA 34 -29.27 -14.03 -11.80
CA LEU NA 34 -28.96 -15.36 -11.27
C LEU NA 34 -28.15 -15.26 -9.98
N THR NA 35 -27.21 -14.32 -9.91
CA THR NA 35 -26.44 -14.13 -8.70
C THR NA 35 -27.32 -13.65 -7.56
N ASN NA 36 -28.35 -12.87 -7.85
CA ASN NA 36 -29.26 -12.43 -6.80
C ASN NA 36 -30.16 -13.57 -6.33
N VAL NA 37 -30.64 -14.42 -7.24
CA VAL NA 37 -31.56 -15.47 -6.84
C VAL NA 37 -30.87 -16.76 -6.41
N ALA NA 38 -29.54 -16.82 -6.45
CA ALA NA 38 -28.85 -18.06 -6.06
C ALA NA 38 -29.21 -18.56 -4.65
N PRO NA 39 -29.13 -17.75 -3.58
CA PRO NA 39 -29.42 -18.33 -2.25
C PRO NA 39 -30.86 -18.75 -2.04
N ILE NA 40 -31.82 -18.01 -2.60
CA ILE NA 40 -33.22 -18.40 -2.48
C ILE NA 40 -33.49 -19.69 -3.24
N ALA NA 41 -32.88 -19.84 -4.41
CA ALA NA 41 -33.01 -21.07 -5.18
C ALA NA 41 -32.39 -22.25 -4.44
N GLN NA 42 -31.22 -22.03 -3.82
CA GLN NA 42 -30.60 -23.10 -3.05
C GLN NA 42 -31.48 -23.52 -1.88
N GLY NA 43 -32.09 -22.55 -1.19
CA GLY NA 43 -32.97 -22.89 -0.09
C GLY NA 43 -34.21 -23.63 -0.53
N ASN NA 44 -34.80 -23.23 -1.65
CA ASN NA 44 -35.96 -23.93 -2.17
C ASN NA 44 -35.61 -25.38 -2.54
N PHE NA 45 -34.47 -25.57 -3.20
CA PHE NA 45 -34.01 -26.92 -3.52
C PHE NA 45 -33.84 -27.77 -2.27
N GLN NA 46 -33.10 -27.24 -1.28
CA GLN NA 46 -32.87 -27.97 -0.05
C GLN NA 46 -34.15 -28.28 0.69
N THR NA 47 -35.15 -27.42 0.59
CA THR NA 47 -36.41 -27.63 1.29
C THR NA 47 -37.24 -28.71 0.61
N ASN NA 48 -37.25 -28.76 -0.72
CA ASN NA 48 -38.20 -29.61 -1.41
C ASN NA 48 -37.66 -30.96 -1.87
N VAL NA 49 -36.42 -31.04 -2.36
CA VAL NA 49 -35.97 -32.24 -3.08
C VAL NA 49 -35.86 -33.50 -2.20
N PRO NA 50 -35.46 -33.43 -0.93
CA PRO NA 50 -35.39 -34.67 -0.13
C PRO NA 50 -36.67 -35.49 -0.09
N LYS NA 51 -37.83 -34.83 -0.08
CA LYS NA 51 -39.10 -35.54 -0.09
C LYS NA 51 -39.29 -36.39 -1.34
N PHE NA 52 -38.60 -36.06 -2.42
CA PHE NA 52 -38.71 -36.80 -3.66
C PHE NA 52 -37.57 -37.79 -3.87
N THR NA 53 -36.38 -37.48 -3.36
CA THR NA 53 -35.31 -38.48 -3.34
C THR NA 53 -35.70 -39.68 -2.49
N SER NA 54 -36.37 -39.44 -1.35
CA SER NA 54 -36.82 -40.54 -0.52
C SER NA 54 -37.88 -41.38 -1.22
N VAL NA 55 -38.81 -40.73 -1.91
CA VAL NA 55 -39.81 -41.45 -2.68
C VAL NA 55 -39.15 -42.31 -3.75
N ASN NA 56 -38.14 -41.76 -4.43
CA ASN NA 56 -37.41 -42.53 -5.43
C ASN NA 56 -36.81 -43.80 -4.83
N GLU NA 57 -36.13 -43.67 -3.69
CA GLU NA 57 -35.47 -44.83 -3.10
C GLU NA 57 -36.49 -45.88 -2.63
N GLN NA 58 -37.59 -45.44 -2.02
CA GLN NA 58 -38.60 -46.39 -1.55
C GLN NA 58 -39.29 -47.10 -2.71
N VAL NA 59 -39.64 -46.36 -3.77
CA VAL NA 59 -40.29 -46.99 -4.90
C VAL NA 59 -39.33 -47.93 -5.63
N SER NA 60 -38.04 -47.63 -5.63
CA SER NA 60 -37.07 -48.56 -6.21
C SER NA 60 -37.04 -49.87 -5.42
N ALA NA 61 -36.97 -49.76 -4.09
CA ALA NA 61 -37.03 -50.95 -3.25
C ALA NA 61 -38.31 -51.76 -3.51
N VAL NA 62 -39.43 -51.07 -3.75
CA VAL NA 62 -40.69 -51.78 -3.98
C VAL NA 62 -40.71 -52.42 -5.35
N LEU NA 63 -40.17 -51.74 -6.37
CA LEU NA 63 -40.23 -52.25 -7.73
C LEU NA 63 -39.32 -53.46 -7.91
N THR NA 64 -38.19 -53.50 -7.20
CA THR NA 64 -37.33 -54.68 -7.31
C THR NA 64 -38.00 -55.94 -6.76
N GLN NA 65 -38.94 -55.79 -5.83
CA GLN NA 65 -39.66 -56.93 -5.27
C GLN NA 65 -40.72 -57.49 -6.22
N TYR NA 66 -41.12 -56.73 -7.23
CA TYR NA 66 -42.14 -57.17 -8.17
C TYR NA 66 -41.57 -57.54 -9.52
N GLY NA 67 -40.25 -57.49 -9.70
CA GLY NA 67 -39.63 -57.92 -10.93
C GLY NA 67 -39.69 -56.91 -12.06
N VAL NA 68 -39.87 -55.64 -11.76
CA VAL NA 68 -39.99 -54.61 -12.79
C VAL NA 68 -38.59 -54.13 -13.16
N THR NA 69 -38.31 -54.11 -14.47
CA THR NA 69 -36.98 -53.77 -14.97
C THR NA 69 -37.11 -52.86 -16.18
N GLY NA 70 -36.13 -51.97 -16.32
CA GLY NA 70 -36.01 -51.14 -17.50
C GLY NA 70 -36.94 -49.95 -17.49
N PRO NA 71 -37.29 -49.46 -18.68
CA PRO NA 71 -38.18 -48.28 -18.75
C PRO NA 71 -39.53 -48.50 -18.08
N SER NA 72 -40.00 -49.74 -17.95
CA SER NA 72 -41.24 -50.00 -17.24
C SER NA 72 -41.18 -49.54 -15.80
N ARG NA 73 -39.99 -49.43 -15.22
CA ARG NA 73 -39.89 -48.87 -13.89
C ARG NA 73 -40.26 -47.39 -13.88
N ALA NA 74 -39.82 -46.64 -14.89
CA ALA NA 74 -40.10 -45.21 -14.94
C ALA NA 74 -41.56 -44.92 -14.77
N ILE NA 75 -42.43 -45.70 -15.42
CA ILE NA 75 -43.88 -45.55 -15.26
C ILE NA 75 -44.22 -45.41 -13.80
N TYR NA 76 -43.93 -46.45 -13.03
CA TYR NA 76 -44.28 -46.43 -11.62
C TYR NA 76 -43.53 -45.36 -10.88
N GLN NA 77 -42.25 -45.17 -11.20
CA GLN NA 77 -41.50 -44.10 -10.57
C GLN NA 77 -42.21 -42.77 -10.80
N GLY NA 78 -42.59 -42.50 -12.04
CA GLY NA 78 -43.29 -41.26 -12.32
C GLY NA 78 -44.55 -41.13 -11.50
N TYR NA 79 -45.35 -42.20 -11.46
CA TYR NA 79 -46.58 -42.17 -10.66
C TYR NA 79 -46.26 -41.79 -9.24
N GLY NA 80 -45.24 -42.44 -8.65
CA GLY NA 80 -44.86 -42.12 -7.29
C GLY NA 80 -44.61 -40.64 -7.11
N LEU NA 81 -43.77 -40.07 -7.97
CA LEU NA 81 -43.46 -38.65 -7.81
C LEU NA 81 -44.71 -37.81 -7.94
N LYS NA 82 -45.58 -38.15 -8.89
CA LYS NA 82 -46.83 -37.43 -9.03
C LYS NA 82 -47.59 -37.41 -7.71
N VAL NA 83 -47.73 -38.58 -7.08
CA VAL NA 83 -48.43 -38.63 -5.80
C VAL NA 83 -47.72 -37.76 -4.78
N ALA NA 84 -46.39 -37.85 -4.73
CA ALA NA 84 -45.65 -37.01 -3.79
C ALA NA 84 -45.93 -35.54 -4.06
N ARG NA 85 -46.00 -35.14 -5.33
CA ARG NA 85 -46.33 -33.77 -5.66
C ARG NA 85 -47.64 -33.37 -5.00
N ALA NA 86 -48.67 -34.20 -5.14
CA ALA NA 86 -49.96 -33.90 -4.53
C ALA NA 86 -49.80 -33.73 -3.02
N LEU NA 87 -49.05 -34.64 -2.38
CA LEU NA 87 -48.91 -34.56 -0.94
C LEU NA 87 -48.21 -33.28 -0.52
N ASN NA 88 -47.29 -32.80 -1.36
CA ASN NA 88 -46.60 -31.58 -1.04
C ASN NA 88 -47.50 -30.37 -1.21
N ARG NA 89 -48.43 -30.43 -2.17
CA ARG NA 89 -49.16 -29.23 -2.56
C ARG NA 89 -50.35 -28.99 -1.64
N ILE NA 90 -51.23 -29.98 -1.53
CA ILE NA 90 -52.51 -29.76 -0.88
C ILE NA 90 -52.61 -30.45 0.48
N GLY NA 91 -51.73 -31.39 0.78
CA GLY NA 91 -51.74 -32.06 2.07
C GLY NA 91 -52.67 -33.26 2.08
N ALA NA 92 -52.67 -33.94 3.23
CA ALA NA 92 -53.47 -35.14 3.39
C ALA NA 92 -54.91 -34.81 3.74
N GLY NA 93 -55.84 -35.59 3.20
CA GLY NA 93 -57.25 -35.35 3.37
C GLY NA 93 -58.06 -35.84 2.20
N PRO NA 94 -59.34 -35.49 2.15
CA PRO NA 94 -60.19 -35.95 1.04
C PRO NA 94 -59.74 -35.49 -0.34
N ALA NA 95 -59.12 -34.32 -0.45
CA ALA NA 95 -58.62 -33.87 -1.74
C ALA NA 95 -57.49 -34.77 -2.24
N LEU NA 96 -56.61 -35.21 -1.32
CA LEU NA 96 -55.56 -36.14 -1.69
C LEU NA 96 -56.13 -37.49 -2.13
N THR NA 97 -57.23 -37.92 -1.52
CA THR NA 97 -57.87 -39.16 -1.96
C THR NA 97 -58.43 -39.02 -3.37
N ASN NA 98 -59.11 -37.90 -3.64
CA ASN NA 98 -59.60 -37.65 -5.00
C ASN NA 98 -58.47 -37.67 -6.01
N MET NA 99 -57.36 -37.00 -5.71
CA MET NA 99 -56.28 -36.96 -6.68
C MET NA 99 -55.58 -38.30 -6.84
N VAL NA 100 -55.50 -39.11 -5.77
CA VAL NA 100 -54.91 -40.44 -5.93
C VAL NA 100 -55.77 -41.32 -6.82
N ALA NA 101 -57.10 -41.25 -6.65
CA ALA NA 101 -57.97 -42.00 -7.54
C ALA NA 101 -57.83 -41.53 -8.98
N GLY NA 102 -57.76 -40.21 -9.19
CA GLY NA 102 -57.60 -39.69 -10.53
C GLY NA 102 -56.28 -40.08 -11.18
N LEU NA 103 -55.21 -40.08 -10.40
CA LEU NA 103 -53.91 -40.48 -10.93
C LEU NA 103 -53.87 -41.96 -11.27
N LYS NA 104 -54.49 -42.79 -10.45
CA LYS NA 104 -54.54 -44.22 -10.77
C LYS NA 104 -55.33 -44.46 -12.05
N ALA NA 105 -56.49 -43.80 -12.20
CA ALA NA 105 -57.25 -43.91 -13.44
C ALA NA 105 -56.43 -43.45 -14.63
N TYR NA 106 -55.78 -42.29 -14.50
CA TYR NA 106 -54.92 -41.76 -15.54
C TYR NA 106 -53.89 -42.78 -15.99
N TYR NA 107 -53.09 -43.29 -15.04
CA TYR NA 107 -51.98 -44.17 -15.40
C TYR NA 107 -52.46 -45.50 -15.95
N VAL NA 108 -53.48 -46.10 -15.34
CA VAL NA 108 -53.97 -47.39 -15.81
C VAL NA 108 -54.57 -47.27 -17.21
N SER NA 109 -55.30 -46.19 -17.49
CA SER NA 109 -55.97 -46.11 -18.79
C SER NA 109 -55.03 -45.61 -19.89
N ALA NA 110 -54.08 -44.75 -19.56
CA ALA NA 110 -53.27 -44.14 -20.61
C ALA NA 110 -51.96 -44.88 -20.85
N TYR NA 111 -51.37 -45.50 -19.82
CA TYR NA 111 -50.04 -46.06 -19.95
C TYR NA 111 -49.97 -47.55 -19.66
N GLY NA 112 -51.11 -48.21 -19.44
CA GLY NA 112 -51.11 -49.64 -19.24
C GLY NA 112 -50.37 -50.08 -18.00
N ALA NA 113 -50.43 -49.30 -16.93
CA ALA NA 113 -49.79 -49.66 -15.67
C ALA NA 113 -50.59 -50.74 -14.97
N ASN NA 114 -49.89 -51.50 -14.14
CA ASN NA 114 -50.49 -52.59 -13.37
C ASN NA 114 -51.15 -52.05 -12.11
N PRO NA 115 -52.43 -52.33 -11.88
CA PRO NA 115 -53.08 -51.81 -10.67
C PRO NA 115 -52.45 -52.30 -9.37
N GLU NA 116 -51.93 -53.54 -9.35
CA GLU NA 116 -51.34 -54.08 -8.13
C GLU NA 116 -50.06 -53.34 -7.74
N ILE NA 117 -49.20 -53.07 -8.72
CA ILE NA 117 -47.98 -52.34 -8.43
C ILE NA 117 -48.28 -50.88 -8.08
N LEU NA 118 -49.32 -50.30 -8.67
CA LEU NA 118 -49.74 -48.96 -8.29
C LEU NA 118 -50.22 -48.93 -6.84
N ASP NA 119 -50.94 -49.98 -6.42
CA ASP NA 119 -51.35 -50.09 -5.03
C ASP NA 119 -50.14 -50.20 -4.11
N ALA NA 120 -49.16 -51.02 -4.48
CA ALA NA 120 -47.96 -51.15 -3.65
C ALA NA 120 -47.19 -49.84 -3.57
N VAL NA 121 -47.15 -49.08 -4.67
CA VAL NA 121 -46.40 -47.82 -4.68
C VAL NA 121 -47.11 -46.78 -3.81
N THR NA 122 -48.42 -46.63 -3.99
CA THR NA 122 -49.14 -45.67 -3.15
C THR NA 122 -49.21 -46.13 -1.70
N ASN NA 123 -49.02 -47.42 -1.43
CA ASN NA 123 -48.93 -47.88 -0.05
C ASN NA 123 -47.59 -47.55 0.57
N ILE NA 124 -46.50 -47.64 -0.19
CA ILE NA 124 -45.21 -47.24 0.37
C ILE NA 124 -45.14 -45.72 0.53
N ILE NA 125 -45.88 -44.96 -0.27
CA ILE NA 125 -45.81 -43.51 -0.18
C ILE NA 125 -46.77 -42.96 0.88
N LEU NA 126 -48.06 -43.32 0.80
CA LEU NA 126 -49.05 -42.72 1.67
C LEU NA 126 -49.40 -43.57 2.88
N GLY NA 127 -49.16 -44.87 2.82
CA GLY NA 127 -49.47 -45.78 3.91
C GLY NA 127 -50.62 -46.70 3.65
N SER NA 128 -51.46 -46.39 2.67
CA SER NA 128 -52.61 -47.20 2.31
C SER NA 128 -52.71 -47.28 0.80
N PRO NA 129 -53.27 -48.36 0.26
CA PRO NA 129 -53.52 -48.42 -1.18
C PRO NA 129 -54.46 -47.32 -1.68
N THR NA 130 -55.44 -46.94 -0.86
CA THR NA 130 -56.36 -45.86 -1.26
C THR NA 130 -55.88 -44.50 -0.79
N GLY NA 131 -55.08 -44.46 0.27
CA GLY NA 131 -54.54 -43.22 0.77
C GLY NA 131 -55.31 -42.57 1.91
N TYR NA 132 -56.27 -43.26 2.51
CA TYR NA 132 -57.04 -42.68 3.60
C TYR NA 132 -56.15 -42.48 4.80
N ALA OA 2 -38.58 -25.74 25.37
CA ALA OA 2 -38.47 -25.01 24.12
C ALA OA 2 -37.31 -25.53 23.28
N LYS OA 3 -37.20 -26.85 23.19
CA LYS OA 3 -36.15 -27.49 22.41
C LYS OA 3 -36.70 -28.33 21.26
N GLY OA 4 -37.75 -29.10 21.48
CA GLY OA 4 -38.30 -29.92 20.44
C GLY OA 4 -39.73 -29.59 20.08
N ARG OA 5 -40.04 -28.31 19.93
CA ARG OA 5 -41.42 -27.86 19.79
C ARG OA 5 -41.83 -27.65 18.34
N THR OA 6 -40.89 -27.35 17.46
CA THR OA 6 -41.19 -27.20 16.05
C THR OA 6 -40.47 -28.27 15.24
N PRO OA 7 -41.08 -28.78 14.17
CA PRO OA 7 -40.42 -29.78 13.33
C PRO OA 7 -39.21 -29.20 12.61
N ARG OA 8 -38.14 -29.99 12.54
CA ARG OA 8 -36.90 -29.62 11.87
C ARG OA 8 -36.63 -30.56 10.72
N SER OA 9 -36.46 -30.01 9.52
CA SER OA 9 -36.20 -30.79 8.32
C SER OA 9 -34.73 -31.13 8.24
N PHE OA 10 -34.34 -31.84 7.18
CA PHE OA 10 -32.95 -32.23 7.05
C PHE OA 10 -32.02 -31.04 6.92
N SER OA 11 -32.40 -30.03 6.14
CA SER OA 11 -31.52 -28.88 5.93
C SER OA 11 -31.35 -28.09 7.22
N GLN OA 12 -32.39 -27.99 8.04
CA GLN OA 12 -32.27 -27.28 9.30
C GLN OA 12 -31.38 -28.03 10.29
N ARG OA 13 -31.61 -29.34 10.44
CA ARG OA 13 -30.77 -30.16 11.31
C ARG OA 13 -29.31 -30.11 10.86
N TYR OA 14 -29.08 -30.24 9.56
CA TYR OA 14 -27.72 -30.24 9.04
C TYR OA 14 -27.05 -28.89 9.23
N GLY OA 15 -27.75 -27.80 8.94
CA GLY OA 15 -27.16 -26.49 9.13
C GLY OA 15 -26.80 -26.23 10.59
N LYS OA 16 -27.69 -26.57 11.51
CA LYS OA 16 -27.38 -26.31 12.91
C LYS OA 16 -26.28 -27.22 13.42
N TRP OA 17 -26.30 -28.50 13.05
CA TRP OA 17 -25.23 -29.41 13.47
C TRP OA 17 -23.89 -28.94 12.92
N ASN OA 18 -23.87 -28.47 11.67
CA ASN OA 18 -22.62 -28.04 11.06
C ASN OA 18 -22.12 -26.76 11.69
N ALA OA 19 -23.02 -25.86 12.06
CA ALA OA 19 -22.62 -24.65 12.77
C ALA OA 19 -21.99 -25.01 14.12
N LYS OA 20 -22.66 -25.86 14.90
CA LYS OA 20 -22.12 -26.23 16.20
C LYS OA 20 -20.80 -26.98 16.07
N PHE OA 21 -20.67 -27.81 15.04
CA PHE OA 21 -19.43 -28.57 14.84
C PHE OA 21 -18.28 -27.65 14.44
N THR OA 22 -18.54 -26.71 13.53
CA THR OA 22 -17.52 -25.74 13.15
C THR OA 22 -17.12 -24.86 14.33
N ALA OA 23 -18.07 -24.55 15.21
CA ALA OA 23 -17.75 -23.75 16.38
C ALA OA 23 -16.89 -24.54 17.36
N PHE OA 24 -17.25 -25.79 17.62
CA PHE OA 24 -16.50 -26.59 18.59
C PHE OA 24 -15.07 -26.89 18.13
N SER OA 25 -14.79 -26.80 16.83
CA SER OA 25 -13.46 -27.04 16.32
C SER OA 25 -12.50 -25.89 16.58
N ASN OA 26 -13.00 -24.74 17.03
CA ASN OA 26 -12.13 -23.65 17.44
C ASN OA 26 -11.28 -24.10 18.64
N PRO OA 27 -9.99 -23.75 18.67
CA PRO OA 27 -9.15 -24.22 19.79
C PRO OA 27 -9.66 -23.79 21.15
N THR OA 28 -10.04 -22.52 21.28
CA THR OA 28 -10.46 -21.99 22.57
C THR OA 28 -11.78 -22.58 23.02
N VAL OA 29 -12.72 -22.77 22.10
CA VAL OA 29 -14.04 -23.29 22.47
C VAL OA 29 -13.92 -24.70 23.03
N ALA OA 30 -13.29 -25.60 22.26
CA ALA OA 30 -13.12 -26.98 22.70
C ALA OA 30 -12.31 -27.04 23.98
N SER OA 31 -11.18 -26.34 24.02
CA SER OA 31 -10.33 -26.35 25.20
C SER OA 31 -11.10 -25.93 26.44
N THR OA 32 -11.80 -24.79 26.37
CA THR OA 32 -12.52 -24.26 27.51
C THR OA 32 -13.61 -25.22 27.98
N ILE OA 33 -14.41 -25.74 27.05
CA ILE OA 33 -15.53 -26.60 27.43
C ILE OA 33 -15.02 -27.87 28.08
N LEU OA 34 -14.04 -28.54 27.45
CA LEU OA 34 -13.58 -29.82 27.95
C LEU OA 34 -12.82 -29.67 29.26
N THR OA 35 -11.98 -28.66 29.38
CA THR OA 35 -11.27 -28.43 30.63
C THR OA 35 -12.24 -28.09 31.76
N ASN OA 36 -13.35 -27.41 31.44
CA ASN OA 36 -14.33 -27.09 32.48
C ASN OA 36 -15.10 -28.33 32.91
N VAL OA 37 -15.45 -29.23 31.98
CA VAL OA 37 -16.25 -30.38 32.35
C VAL OA 37 -15.43 -31.59 32.77
N ALA OA 38 -14.09 -31.50 32.76
CA ALA OA 38 -13.27 -32.65 33.12
C ALA OA 38 -13.61 -33.27 34.47
N PRO OA 39 -13.67 -32.54 35.60
CA PRO OA 39 -13.93 -33.22 36.89
C PRO OA 39 -15.30 -33.86 37.00
N ILE OA 40 -16.32 -33.26 36.38
CA ILE OA 40 -17.65 -33.85 36.40
C ILE OA 40 -17.67 -35.13 35.59
N ALA OA 41 -17.00 -35.14 34.44
CA ALA OA 41 -16.90 -36.36 33.64
C ALA OA 41 -16.17 -37.46 34.40
N GLN OA 42 -15.08 -37.11 35.08
CA GLN OA 42 -14.36 -38.09 35.89
C GLN OA 42 -15.25 -38.66 36.98
N GLY OA 43 -16.00 -37.80 37.67
CA GLY OA 43 -16.89 -38.28 38.71
C GLY OA 43 -18.01 -39.18 38.19
N ASN OA 44 -18.57 -38.84 37.03
CA ASN OA 44 -19.62 -39.68 36.46
C ASN OA 44 -19.07 -41.03 36.05
N PHE OA 45 -17.89 -41.06 35.43
CA PHE OA 45 -17.23 -42.32 35.11
C PHE OA 45 -17.00 -43.15 36.37
N GLN OA 46 -16.39 -42.54 37.39
CA GLN OA 46 -16.10 -43.27 38.62
C GLN OA 46 -17.36 -43.77 39.31
N THR OA 47 -18.47 -43.05 39.15
CA THR OA 47 -19.71 -43.47 39.79
C THR OA 47 -20.36 -44.63 39.05
N ASN OA 48 -20.25 -44.65 37.72
CA ASN OA 48 -21.07 -45.59 36.95
C ASN OA 48 -20.34 -46.82 36.46
N VAL OA 49 -19.11 -46.71 35.98
CA VAL OA 49 -18.46 -47.80 35.26
C VAL OA 49 -18.20 -49.06 36.09
N PRO OA 50 -17.92 -48.99 37.40
CA PRO OA 50 -17.70 -50.23 38.17
C PRO OA 50 -18.85 -51.22 38.12
N LYS OA 51 -20.10 -50.74 38.14
CA LYS OA 51 -21.26 -51.63 38.06
C LYS OA 51 -21.28 -52.44 36.78
N PHE OA 52 -20.65 -51.95 35.72
CA PHE OA 52 -20.65 -52.62 34.44
C PHE OA 52 -19.40 -53.46 34.21
N THR OA 53 -18.25 -53.05 34.76
CA THR OA 53 -17.08 -53.93 34.72
C THR OA 53 -17.31 -55.18 35.56
N SER OA 54 -17.97 -55.05 36.72
CA SER OA 54 -18.23 -56.25 37.51
C SER OA 54 -19.19 -57.18 36.79
N VAL OA 55 -20.17 -56.63 36.09
CA VAL OA 55 -21.08 -57.44 35.29
C VAL OA 55 -20.30 -58.16 34.18
N ASN OA 56 -19.37 -57.47 33.54
CA ASN OA 56 -18.53 -58.11 32.53
C ASN OA 56 -17.79 -59.30 33.11
N GLU OA 57 -17.19 -59.13 34.28
CA GLU OA 57 -16.41 -60.23 34.88
C GLU OA 57 -17.30 -61.41 35.25
N GLN OA 58 -18.46 -61.15 35.87
CA GLN OA 58 -19.35 -62.23 36.26
C GLN OA 58 -19.91 -62.97 35.04
N VAL OA 59 -20.31 -62.23 34.00
CA VAL OA 59 -20.86 -62.88 32.82
C VAL OA 59 -19.77 -63.65 32.08
N SER OA 60 -18.53 -63.18 32.13
CA SER OA 60 -17.42 -63.96 31.58
C SER OA 60 -17.28 -65.30 32.30
N ALA OA 61 -17.34 -65.26 33.63
CA ALA OA 61 -17.28 -66.49 34.41
C ALA OA 61 -18.42 -67.44 34.05
N VAL OA 62 -19.62 -66.89 33.83
CA VAL OA 62 -20.77 -67.74 33.51
C VAL OA 62 -20.64 -68.33 32.12
N LEU OA 63 -20.18 -67.53 31.15
CA LEU OA 63 -20.09 -67.99 29.77
C LEU OA 63 -19.01 -69.03 29.59
N THR OA 64 -17.93 -68.96 30.39
CA THR OA 64 -16.88 -69.95 30.25
C THR OA 64 -17.33 -71.33 30.69
N GLN OA 65 -18.23 -71.42 31.66
CA GLN OA 65 -18.70 -72.73 32.12
C GLN OA 65 -19.84 -73.27 31.25
N TYR OA 66 -20.40 -72.47 30.36
CA TYR OA 66 -21.37 -72.95 29.39
C TYR OA 66 -20.75 -73.23 28.02
N GLY OA 67 -19.45 -73.00 27.85
CA GLY OA 67 -18.78 -73.36 26.62
C GLY OA 67 -18.90 -72.37 25.49
N VAL OA 68 -19.21 -71.11 25.79
CA VAL OA 68 -19.43 -70.11 24.76
C VAL OA 68 -18.08 -69.46 24.44
N THR OA 69 -17.76 -69.38 23.15
CA THR OA 69 -16.48 -68.85 22.71
C THR OA 69 -16.68 -67.87 21.56
N GLY OA 70 -15.74 -66.93 21.42
CA GLY OA 70 -15.67 -66.07 20.28
C GLY OA 70 -16.71 -64.98 20.28
N PRO OA 71 -17.09 -64.52 19.08
CA PRO OA 71 -18.10 -63.45 18.99
C PRO OA 71 -19.43 -63.82 19.62
N SER OA 72 -19.76 -65.11 19.71
CA SER OA 72 -20.99 -65.51 20.39
C SER OA 72 -21.01 -65.10 21.85
N ARG OA 73 -19.85 -64.92 22.47
CA ARG OA 73 -19.84 -64.38 23.82
C ARG OA 73 -20.45 -62.99 23.85
N ALA OA 74 -20.08 -62.15 22.88
CA ALA OA 74 -20.52 -60.77 22.84
C ALA OA 74 -22.03 -60.65 23.02
N ILE OA 75 -22.78 -61.50 22.33
CA ILE OA 75 -24.25 -61.51 22.46
C ILE OA 75 -24.63 -61.45 23.92
N TYR OA 76 -24.26 -62.47 24.68
CA TYR OA 76 -24.66 -62.53 26.07
C TYR OA 76 -24.05 -61.41 26.87
N GLN OA 77 -22.79 -61.05 26.59
CA GLN OA 77 -22.22 -59.89 27.26
C GLN OA 77 -23.12 -58.69 27.06
N GLY OA 78 -23.44 -58.38 25.81
CA GLY OA 78 -24.34 -57.27 25.53
C GLY OA 78 -25.64 -57.40 26.29
N TYR OA 79 -26.25 -58.59 26.25
CA TYR OA 79 -27.51 -58.76 26.94
C TYR OA 79 -27.35 -58.42 28.42
N GLY OA 80 -26.30 -58.96 29.04
CA GLY OA 80 -26.06 -58.66 30.44
C GLY OA 80 -25.97 -57.18 30.69
N LEU OA 81 -25.17 -56.48 29.88
CA LEU OA 81 -25.04 -55.04 30.07
C LEU OA 81 -26.38 -54.36 29.93
N LYS OA 82 -27.16 -54.75 28.93
CA LYS OA 82 -28.50 -54.21 28.78
C LYS OA 82 -29.28 -54.34 30.07
N VAL OA 83 -29.31 -55.54 30.66
CA VAL OA 83 -30.05 -55.74 31.89
C VAL OA 83 -29.51 -54.82 32.98
N ALA OA 84 -28.19 -54.76 33.10
CA ALA OA 84 -27.60 -53.88 34.12
C ALA OA 84 -28.02 -52.45 33.91
N ARG OA 85 -28.07 -52.00 32.65
CA ARG OA 85 -28.52 -50.64 32.38
C ARG OA 85 -29.89 -50.39 32.97
N ALA OA 86 -30.83 -51.34 32.76
CA ALA OA 86 -32.16 -51.18 33.33
C ALA OA 86 -32.08 -51.06 34.85
N LEU OA 87 -31.29 -51.92 35.49
CA LEU OA 87 -31.20 -51.88 36.94
C LEU OA 87 -30.63 -50.54 37.40
N ASN OA 88 -29.81 -49.91 36.58
CA ASN OA 88 -29.23 -48.64 37.00
C ASN OA 88 -30.22 -47.49 36.80
N ARG OA 89 -31.15 -47.64 35.85
CA ARG OA 89 -32.02 -46.52 35.50
C ARG OA 89 -33.25 -46.48 36.40
N ILE OA 90 -33.97 -47.59 36.48
CA ILE OA 90 -35.26 -47.60 37.16
C ILE OA 90 -35.25 -48.38 38.46
N GLY OA 91 -34.31 -49.30 38.64
CA GLY OA 91 -34.20 -50.05 39.89
C GLY OA 91 -35.03 -51.31 39.87
N ALA OA 92 -35.04 -51.99 41.01
CA ALA OA 92 -35.73 -53.26 41.14
C ALA OA 92 -37.22 -53.06 41.38
N GLY OA 93 -38.03 -53.96 40.84
CA GLY OA 93 -39.46 -53.87 40.93
C GLY OA 93 -40.14 -54.41 39.69
N PRO OA 94 -41.47 -54.30 39.64
CA PRO OA 94 -42.20 -54.84 38.48
C PRO OA 94 -41.77 -54.30 37.13
N ALA OA 95 -41.39 -53.01 37.05
CA ALA OA 95 -40.92 -52.46 35.79
C ALA OA 95 -39.66 -53.17 35.31
N LEU OA 96 -38.79 -53.54 36.24
CA LEU OA 96 -37.58 -54.28 35.87
C LEU OA 96 -37.91 -55.68 35.38
N THR OA 97 -38.91 -56.33 35.95
CA THR OA 97 -39.36 -57.62 35.44
C THR OA 97 -39.89 -57.49 34.01
N ASN OA 98 -40.67 -56.44 33.76
CA ASN OA 98 -41.19 -56.22 32.41
C ASN OA 98 -40.06 -56.01 31.41
N MET OA 99 -39.08 -55.18 31.78
CA MET OA 99 -37.96 -54.97 30.85
C MET OA 99 -37.12 -56.22 30.66
N VAL OA 100 -36.96 -57.04 31.70
CA VAL OA 100 -36.18 -58.27 31.53
C VAL OA 100 -36.88 -59.21 30.56
N ALA OA 101 -38.21 -59.34 30.68
CA ALA OA 101 -38.94 -60.16 29.73
C ALA OA 101 -38.82 -59.61 28.31
N GLY OA 102 -38.94 -58.30 28.16
CA GLY OA 102 -38.81 -57.70 26.83
C GLY OA 102 -37.43 -57.89 26.24
N LEU OA 103 -36.39 -57.82 27.07
CA LEU OA 103 -35.03 -58.01 26.59
C LEU OA 103 -34.78 -59.46 26.18
N LYS OA 104 -35.31 -60.41 26.94
CA LYS OA 104 -35.17 -61.81 26.54
C LYS OA 104 -35.87 -62.06 25.22
N ALA OA 105 -37.08 -61.53 25.05
CA ALA OA 105 -37.77 -61.67 23.76
C ALA OA 105 -36.96 -61.03 22.63
N TYR OA 106 -36.48 -59.80 22.86
CA TYR OA 106 -35.62 -59.13 21.90
C TYR OA 106 -34.48 -60.02 21.44
N TYR OA 107 -33.69 -60.53 22.39
CA TYR OA 107 -32.48 -61.25 22.00
C TYR OA 107 -32.79 -62.61 21.40
N VAL OA 108 -33.73 -63.35 21.96
CA VAL OA 108 -34.06 -64.67 21.43
C VAL OA 108 -34.64 -64.57 20.02
N SER OA 109 -35.43 -63.54 19.75
CA SER OA 109 -36.06 -63.45 18.43
C SER OA 109 -35.17 -62.81 17.39
N ALA OA 110 -34.42 -61.77 17.75
CA ALA OA 110 -33.64 -61.06 16.74
C ALA OA 110 -32.25 -61.61 16.55
N TYR OA 111 -31.62 -62.17 17.59
CA TYR OA 111 -30.23 -62.58 17.51
C TYR OA 111 -30.02 -64.06 17.77
N GLY OA 112 -31.08 -64.84 17.93
CA GLY OA 112 -30.95 -66.28 18.08
C GLY OA 112 -30.19 -66.73 19.30
N ALA OA 113 -30.26 -65.97 20.38
CA ALA OA 113 -29.59 -66.33 21.62
C ALA OA 113 -30.26 -67.54 22.26
N ASN OA 114 -29.53 -68.18 23.17
CA ASN OA 114 -29.97 -69.37 23.89
C ASN OA 114 -30.73 -68.98 25.14
N PRO OA 115 -31.95 -69.50 25.34
CA PRO OA 115 -32.70 -69.14 26.55
C PRO OA 115 -32.03 -69.57 27.84
N GLU OA 116 -31.33 -70.71 27.86
CA GLU OA 116 -30.69 -71.17 29.08
C GLU OA 116 -29.52 -70.28 29.47
N ILE OA 117 -28.73 -69.84 28.51
CA ILE OA 117 -27.61 -68.97 28.83
C ILE OA 117 -28.11 -67.58 29.21
N LEU OA 118 -29.21 -67.14 28.61
CA LEU OA 118 -29.82 -65.88 29.05
C LEU OA 118 -30.34 -66.00 30.48
N ASP OA 119 -30.88 -67.17 30.84
CA ASP OA 119 -31.29 -67.42 32.22
C ASP OA 119 -30.11 -67.37 33.18
N ALA OA 120 -28.97 -67.98 32.78
CA ALA OA 120 -27.79 -67.96 33.63
C ALA OA 120 -27.24 -66.55 33.80
N VAL OA 121 -27.26 -65.76 32.74
CA VAL OA 121 -26.79 -64.38 32.82
C VAL OA 121 -27.71 -63.55 33.72
N THR OA 122 -29.03 -63.69 33.54
CA THR OA 122 -29.96 -62.98 34.38
C THR OA 122 -29.86 -63.43 35.84
N ASN OA 123 -29.52 -64.69 36.08
CA ASN OA 123 -29.38 -65.18 37.45
C ASN OA 123 -28.12 -64.65 38.11
N ILE OA 124 -27.02 -64.55 37.36
CA ILE OA 124 -25.81 -64.01 37.96
C ILE OA 124 -25.94 -62.50 38.17
N ILE OA 125 -26.78 -61.82 37.40
CA ILE OA 125 -26.90 -60.37 37.55
C ILE OA 125 -27.94 -59.99 38.59
N LEU OA 126 -29.14 -60.53 38.48
CA LEU OA 126 -30.26 -60.12 39.32
C LEU OA 126 -30.57 -61.09 40.46
N GLY OA 127 -30.07 -62.32 40.40
CA GLY OA 127 -30.30 -63.30 41.44
C GLY OA 127 -31.30 -64.38 41.07
N SER OA 128 -32.12 -64.15 40.06
CA SER OA 128 -33.15 -65.09 39.65
C SER OA 128 -33.26 -65.05 38.13
N PRO OA 129 -33.63 -66.17 37.50
CA PRO OA 129 -33.82 -66.14 36.04
C PRO OA 129 -34.88 -65.14 35.58
N THR OA 130 -35.98 -65.04 36.32
CA THR OA 130 -37.01 -64.08 35.97
C THR OA 130 -36.69 -62.69 36.50
N GLY OA 131 -35.99 -62.59 37.61
CA GLY OA 131 -35.60 -61.31 38.16
C GLY OA 131 -36.50 -60.73 39.23
N TYR OA 132 -37.41 -61.52 39.79
CA TYR OA 132 -38.31 -61.01 40.83
C TYR OA 132 -37.51 -60.62 42.06
N ALA PA 2 -55.78 18.15 -9.45
CA ALA PA 2 -55.60 18.59 -10.81
C ALA PA 2 -55.02 17.48 -11.68
N LYS PA 3 -55.61 16.29 -11.57
CA LYS PA 3 -55.15 15.13 -12.32
C LYS PA 3 -56.23 14.57 -13.25
N GLY PA 4 -57.48 14.47 -12.79
CA GLY PA 4 -58.54 13.94 -13.60
C GLY PA 4 -59.65 14.92 -13.87
N ARG PA 5 -59.30 16.15 -14.21
CA ARG PA 5 -60.28 17.21 -14.34
C ARG PA 5 -60.76 17.43 -15.76
N THR PA 6 -59.93 17.14 -16.74
CA THR PA 6 -60.32 17.27 -18.12
C THR PA 6 -60.37 15.89 -18.78
N PRO PA 7 -61.30 15.67 -19.71
CA PRO PA 7 -61.37 14.36 -20.38
C PRO PA 7 -60.23 14.17 -21.36
N ARG PA 8 -59.60 13.00 -21.29
CA ARG PA 8 -58.52 12.63 -22.20
C ARG PA 8 -58.98 11.53 -23.14
N SER PA 9 -58.71 11.70 -24.43
CA SER PA 9 -59.06 10.74 -25.45
C SER PA 9 -57.96 9.70 -25.58
N PHE PA 10 -58.12 8.78 -26.52
CA PHE PA 10 -57.12 7.73 -26.68
C PHE PA 10 -55.78 8.27 -27.13
N SER PA 11 -55.77 9.28 -28.00
CA SER PA 11 -54.51 9.82 -28.47
C SER PA 11 -53.76 10.54 -27.35
N GLN PA 12 -54.47 11.24 -26.47
CA GLN PA 12 -53.82 11.90 -25.35
C GLN PA 12 -53.29 10.90 -24.34
N ARG PA 13 -54.11 9.92 -23.96
CA ARG PA 13 -53.66 8.87 -23.07
C ARG PA 13 -52.44 8.16 -23.64
N TYR PA 14 -52.49 7.80 -24.92
CA TYR PA 14 -51.39 7.06 -25.53
C TYR PA 14 -50.14 7.91 -25.63
N GLY PA 15 -50.27 9.19 -25.98
CA GLY PA 15 -49.10 10.05 -26.05
C GLY PA 15 -48.42 10.23 -24.72
N LYS PA 16 -49.20 10.47 -23.66
CA LYS PA 16 -48.57 10.65 -22.36
C LYS PA 16 -48.01 9.35 -21.82
N TRP PA 17 -48.74 8.24 -21.97
CA TRP PA 17 -48.22 6.96 -21.54
C TRP PA 17 -46.93 6.61 -22.26
N ASN PA 18 -46.87 6.90 -23.56
CA ASN PA 18 -45.69 6.56 -24.34
C ASN PA 18 -44.51 7.44 -23.97
N ALA PA 19 -44.76 8.73 -23.71
CA ALA PA 19 -43.68 9.61 -23.28
C ALA PA 19 -43.11 9.15 -21.94
N LYS PA 20 -43.99 8.82 -20.99
CA LYS PA 20 -43.51 8.38 -19.68
C LYS PA 20 -42.80 7.03 -19.76
N PHE PA 21 -43.31 6.11 -20.57
CA PHE PA 21 -42.66 4.80 -20.72
C PHE PA 21 -41.30 4.94 -21.38
N THR PA 22 -41.18 5.82 -22.37
CA THR PA 22 -39.89 6.06 -23.00
C THR PA 22 -38.92 6.72 -22.04
N ALA PA 23 -39.40 7.61 -21.18
CA ALA PA 23 -38.53 8.24 -20.20
C ALA PA 23 -38.02 7.23 -19.18
N PHE PA 24 -38.91 6.35 -18.70
CA PHE PA 24 -38.51 5.39 -17.68
C PHE PA 24 -37.52 4.35 -18.19
N SER PA 25 -37.38 4.18 -19.49
CA SER PA 25 -36.43 3.22 -20.05
C SER PA 25 -34.99 3.72 -20.00
N ASN PA 26 -34.78 5.01 -19.76
CA ASN PA 26 -33.44 5.53 -19.57
C ASN PA 26 -32.76 4.80 -18.43
N PRO PA 27 -31.47 4.47 -18.54
CA PRO PA 27 -30.80 3.77 -17.44
C PRO PA 27 -30.81 4.56 -16.14
N THR PA 28 -30.48 5.84 -16.23
CA THR PA 28 -30.38 6.68 -15.03
C THR PA 28 -31.73 6.88 -14.38
N VAL PA 29 -32.78 7.15 -15.18
CA VAL PA 29 -34.09 7.43 -14.62
C VAL PA 29 -34.61 6.21 -13.87
N ALA PA 30 -34.62 5.06 -14.53
CA ALA PA 30 -35.13 3.83 -13.92
C ALA PA 30 -34.31 3.45 -12.69
N SER PA 31 -32.99 3.46 -12.81
CA SER PA 31 -32.16 3.05 -11.68
C SER PA 31 -32.33 3.99 -10.50
N THR PA 32 -32.37 5.30 -10.76
CA THR PA 32 -32.51 6.26 -9.68
C THR PA 32 -33.86 6.11 -8.96
N ILE PA 33 -34.94 6.01 -9.73
CA ILE PA 33 -36.27 5.93 -9.11
C ILE PA 33 -36.40 4.64 -8.31
N LEU PA 34 -35.96 3.51 -8.89
CA LEU PA 34 -36.12 2.24 -8.20
C LEU PA 34 -35.21 2.14 -6.99
N THR PA 35 -33.98 2.64 -7.09
CA THR PA 35 -33.06 2.60 -5.95
C THR PA 35 -33.54 3.50 -4.83
N ASN PA 36 -34.21 4.60 -5.17
CA ASN PA 36 -34.73 5.48 -4.14
C ASN PA 36 -35.95 4.88 -3.45
N VAL PA 37 -36.83 4.20 -4.21
CA VAL PA 37 -38.05 3.66 -3.59
C VAL PA 37 -37.89 2.24 -3.07
N ALA PA 38 -36.70 1.65 -3.19
CA ALA PA 38 -36.51 0.28 -2.70
C ALA PA 38 -36.84 0.07 -1.23
N PRO PA 39 -36.31 0.85 -0.27
CA PRO PA 39 -36.63 0.54 1.14
C PRO PA 39 -38.09 0.72 1.50
N ILE PA 40 -38.77 1.69 0.91
CA ILE PA 40 -40.19 1.90 1.18
C ILE PA 40 -41.01 0.74 0.63
N ALA PA 41 -40.63 0.24 -0.54
CA ALA PA 41 -41.31 -0.92 -1.11
C ALA PA 41 -41.10 -2.16 -0.26
N GLN PA 42 -39.87 -2.38 0.21
CA GLN PA 42 -39.62 -3.49 1.11
C GLN PA 42 -40.47 -3.39 2.37
N GLY PA 43 -40.57 -2.19 2.93
CA GLY PA 43 -41.38 -2.02 4.12
C GLY PA 43 -42.85 -2.29 3.89
N ASN PA 44 -43.39 -1.80 2.78
CA ASN PA 44 -44.81 -2.04 2.49
C ASN PA 44 -45.08 -3.52 2.25
N PHE PA 45 -44.16 -4.20 1.58
CA PHE PA 45 -44.28 -5.65 1.40
C PHE PA 45 -44.30 -6.36 2.74
N GLN PA 46 -43.31 -6.07 3.60
CA GLN PA 46 -43.24 -6.73 4.90
C GLN PA 46 -44.44 -6.39 5.76
N THR PA 47 -45.05 -5.24 5.54
CA THR PA 47 -46.20 -4.84 6.35
C THR PA 47 -47.47 -5.56 5.91
N ASN PA 48 -47.64 -5.76 4.61
CA ASN PA 48 -48.95 -6.21 4.12
C ASN PA 48 -49.01 -7.69 3.74
N VAL PA 49 -47.95 -8.28 3.19
CA VAL PA 49 -48.07 -9.60 2.60
C VAL PA 49 -48.27 -10.74 3.60
N PRO PA 50 -47.73 -10.69 4.84
CA PRO PA 50 -48.01 -11.80 5.77
C PRO PA 50 -49.48 -12.06 6.04
N LYS PA 51 -50.30 -10.99 6.11
CA LYS PA 51 -51.73 -11.15 6.30
C LYS PA 51 -52.39 -11.96 5.19
N PHE PA 52 -51.80 -11.96 4.00
CA PHE PA 52 -52.36 -12.68 2.87
C PHE PA 52 -51.77 -14.06 2.69
N THR PA 53 -50.48 -14.24 3.02
CA THR PA 53 -49.91 -15.59 3.03
C THR PA 53 -50.60 -16.47 4.06
N SER PA 54 -50.92 -15.92 5.23
CA SER PA 54 -51.62 -16.71 6.24
C SER PA 54 -53.02 -17.10 5.79
N VAL PA 55 -53.72 -16.19 5.12
CA VAL PA 55 -55.03 -16.51 4.57
C VAL PA 55 -54.93 -17.61 3.52
N ASN PA 56 -53.90 -17.53 2.67
CA ASN PA 56 -53.63 -18.60 1.71
C ASN PA 56 -53.53 -19.95 2.41
N GLU PA 57 -52.71 -20.03 3.45
CA GLU PA 57 -52.47 -21.30 4.13
C GLU PA 57 -53.72 -21.82 4.81
N GLN PA 58 -54.49 -20.94 5.46
CA GLN PA 58 -55.70 -21.36 6.15
C GLN PA 58 -56.78 -21.83 5.17
N VAL PA 59 -56.94 -21.11 4.06
CA VAL PA 59 -57.94 -21.52 3.08
C VAL PA 59 -57.52 -22.82 2.41
N SER PA 60 -56.23 -23.03 2.20
CA SER PA 60 -55.77 -24.31 1.65
C SER PA 60 -56.12 -25.45 2.59
N ALA PA 61 -55.87 -25.27 3.89
CA ALA PA 61 -56.26 -26.28 4.87
C ALA PA 61 -57.75 -26.56 4.82
N VAL PA 62 -58.57 -25.52 4.71
CA VAL PA 62 -60.02 -25.70 4.65
C VAL PA 62 -60.42 -26.42 3.37
N LEU PA 63 -59.75 -26.11 2.26
CA LEU PA 63 -60.11 -26.67 0.96
C LEU PA 63 -59.78 -28.14 0.86
N THR PA 64 -58.69 -28.57 1.48
CA THR PA 64 -58.36 -30.00 1.47
C THR PA 64 -59.40 -30.82 2.21
N GLN PA 65 -60.08 -30.24 3.19
CA GLN PA 65 -61.11 -30.97 3.93
C GLN PA 65 -62.43 -31.10 3.18
N TYR PA 66 -62.63 -30.31 2.12
CA TYR PA 66 -63.86 -30.38 1.35
C TYR PA 66 -63.69 -31.07 0.00
N GLY PA 67 -62.51 -31.58 -0.31
CA GLY PA 67 -62.29 -32.34 -1.52
C GLY PA 67 -62.10 -31.52 -2.77
N VAL PA 68 -61.66 -30.28 -2.64
CA VAL PA 68 -61.49 -29.39 -3.79
C VAL PA 68 -60.08 -29.55 -4.33
N THR PA 69 -59.96 -29.83 -5.62
CA THR PA 69 -58.69 -30.11 -6.27
C THR PA 69 -58.61 -29.36 -7.59
N GLY PA 70 -57.39 -28.97 -7.96
CA GLY PA 70 -57.13 -28.37 -9.24
C GLY PA 70 -57.43 -26.89 -9.30
N PRO PA 71 -57.71 -26.38 -10.51
CA PRO PA 71 -58.04 -24.97 -10.65
C PRO PA 71 -59.29 -24.56 -9.88
N SER PA 72 -60.17 -25.50 -9.57
CA SER PA 72 -61.32 -25.20 -8.71
C SER PA 72 -60.89 -24.65 -7.36
N ARG PA 73 -59.70 -25.00 -6.89
CA ARG PA 73 -59.20 -24.40 -5.67
C ARG PA 73 -58.99 -22.91 -5.83
N ALA PA 74 -58.42 -22.48 -6.96
CA ALA PA 74 -58.14 -21.07 -7.19
C ALA PA 74 -59.35 -20.20 -6.90
N ILE PA 75 -60.52 -20.61 -7.39
CA ILE PA 75 -61.77 -19.89 -7.15
C ILE PA 75 -61.85 -19.47 -5.69
N TYR PA 76 -61.84 -20.46 -4.79
CA TYR PA 76 -62.03 -20.16 -3.39
C TYR PA 76 -60.86 -19.38 -2.83
N GLN PA 77 -59.63 -19.74 -3.23
CA GLN PA 77 -58.49 -18.94 -2.84
C GLN PA 77 -58.72 -17.49 -3.20
N GLY PA 78 -59.10 -17.23 -4.46
CA GLY PA 78 -59.36 -15.86 -4.87
C GLY PA 78 -60.37 -15.19 -3.98
N TYR PA 79 -61.50 -15.87 -3.71
CA TYR PA 79 -62.51 -15.30 -2.84
C TYR PA 79 -61.90 -14.90 -1.51
N GLY PA 80 -61.17 -15.83 -0.88
CA GLY PA 80 -60.55 -15.54 0.39
C GLY PA 80 -59.67 -14.30 0.31
N LEU PA 81 -58.83 -14.22 -0.71
CA LEU PA 81 -57.96 -13.06 -0.81
C LEU PA 81 -58.78 -11.79 -0.92
N LYS PA 82 -59.81 -11.81 -1.77
CA LYS PA 82 -60.70 -10.67 -1.88
C LYS PA 82 -61.25 -10.28 -0.52
N VAL PA 83 -61.74 -11.25 0.25
CA VAL PA 83 -62.29 -10.93 1.56
C VAL PA 83 -61.22 -10.32 2.44
N ALA PA 84 -60.03 -10.93 2.47
CA ALA PA 84 -58.95 -10.39 3.27
C ALA PA 84 -58.67 -8.96 2.87
N ARG PA 85 -58.69 -8.66 1.57
CA ARG PA 85 -58.45 -7.31 1.11
C ARG PA 85 -59.40 -6.33 1.79
N ALA PA 86 -60.70 -6.67 1.78
CA ALA PA 86 -61.67 -5.79 2.40
C ALA PA 86 -61.35 -5.57 3.87
N LEU PA 87 -61.00 -6.64 4.59
CA LEU PA 87 -60.72 -6.49 6.02
C LEU PA 87 -59.50 -5.61 6.23
N ASN PA 88 -58.57 -5.62 5.28
CA ASN PA 88 -57.39 -4.78 5.41
C ASN PA 88 -57.70 -3.33 5.07
N ARG PA 89 -58.70 -3.08 4.23
CA ARG PA 89 -58.92 -1.74 3.73
C ARG PA 89 -59.81 -0.93 4.65
N ILE PA 90 -61.00 -1.44 4.96
CA ILE PA 90 -61.99 -0.66 5.67
C ILE PA 90 -62.15 -1.08 7.12
N GLY PA 91 -61.77 -2.30 7.48
CA GLY PA 91 -61.88 -2.78 8.84
C GLY PA 91 -63.17 -3.53 9.08
N ALA PA 92 -63.29 -4.05 10.30
CA ALA PA 92 -64.45 -4.82 10.70
C ALA PA 92 -65.61 -3.92 11.06
N GLY PA 93 -66.82 -4.31 10.64
CA GLY PA 93 -68.00 -3.54 10.90
C GLY PA 93 -69.09 -3.80 9.88
N PRO PA 94 -70.16 -3.00 9.90
CA PRO PA 94 -71.23 -3.17 8.92
C PRO PA 94 -70.76 -3.12 7.46
N ALA PA 95 -69.76 -2.30 7.17
CA ALA PA 95 -69.28 -2.21 5.80
C ALA PA 95 -68.65 -3.52 5.33
N LEU PA 96 -67.90 -4.18 6.22
CA LEU PA 96 -67.34 -5.49 5.88
C LEU PA 96 -68.44 -6.52 5.68
N THR PA 97 -69.53 -6.43 6.44
CA THR PA 97 -70.68 -7.31 6.23
C THR PA 97 -71.27 -7.11 4.84
N ASN PA 98 -71.47 -5.85 4.44
CA ASN PA 98 -72.00 -5.55 3.12
C ASN PA 98 -71.09 -6.08 2.03
N MET PA 99 -69.78 -5.91 2.20
CA MET PA 99 -68.86 -6.37 1.16
C MET PA 99 -68.76 -7.89 1.11
N VAL PA 100 -68.87 -8.58 2.25
CA VAL PA 100 -68.88 -10.04 2.22
C VAL PA 100 -70.13 -10.54 1.50
N ALA PA 101 -71.29 -9.94 1.79
CA ALA PA 101 -72.50 -10.31 1.06
C ALA PA 101 -72.35 -10.08 -0.43
N GLY PA 102 -71.78 -8.93 -0.81
CA GLY PA 102 -71.60 -8.63 -2.21
C GLY PA 102 -70.63 -9.56 -2.91
N LEU PA 103 -69.54 -9.93 -2.23
CA LEU PA 103 -68.57 -10.83 -2.83
C LEU PA 103 -69.12 -12.24 -2.96
N LYS PA 104 -69.94 -12.67 -1.99
CA LYS PA 104 -70.56 -13.98 -2.11
C LYS PA 104 -71.53 -14.01 -3.28
N ALA PA 105 -72.33 -12.96 -3.44
CA ALA PA 105 -73.20 -12.88 -4.60
C ALA PA 105 -72.40 -12.91 -5.90
N TYR PA 106 -71.35 -12.09 -5.97
CA TYR PA 106 -70.44 -12.09 -7.10
C TYR PA 106 -69.98 -13.49 -7.46
N TYR PA 107 -69.39 -14.20 -6.51
CA TYR PA 107 -68.75 -15.47 -6.84
C TYR PA 107 -69.77 -16.55 -7.16
N VAL PA 108 -70.84 -16.64 -6.38
CA VAL PA 108 -71.84 -17.69 -6.62
C VAL PA 108 -72.55 -17.47 -7.94
N SER PA 109 -72.78 -16.21 -8.33
CA SER PA 109 -73.56 -15.98 -9.54
C SER PA 109 -72.69 -15.94 -10.79
N ALA PA 110 -71.48 -15.41 -10.71
CA ALA PA 110 -70.65 -15.27 -11.90
C ALA PA 110 -69.76 -16.47 -12.15
N TYR PA 111 -69.30 -17.15 -11.09
CA TYR PA 111 -68.27 -18.18 -11.24
C TYR PA 111 -68.75 -19.56 -10.78
N GLY PA 112 -70.02 -19.69 -10.43
CA GLY PA 112 -70.57 -20.99 -10.06
C GLY PA 112 -69.92 -21.64 -8.87
N ALA PA 113 -69.46 -20.84 -7.91
CA ALA PA 113 -68.85 -21.36 -6.70
C ALA PA 113 -69.91 -21.93 -5.77
N ASN PA 114 -69.47 -22.78 -4.85
CA ASN PA 114 -70.30 -23.49 -3.89
C ASN PA 114 -70.57 -22.61 -2.67
N PRO PA 115 -71.83 -22.39 -2.30
CA PRO PA 115 -72.11 -21.54 -1.13
C PRO PA 115 -71.53 -22.07 0.17
N GLU PA 116 -71.53 -23.39 0.36
CA GLU PA 116 -71.02 -23.96 1.62
C GLU PA 116 -69.53 -23.73 1.76
N ILE PA 117 -68.77 -23.90 0.68
CA ILE PA 117 -67.33 -23.70 0.76
C ILE PA 117 -67.00 -22.23 0.92
N LEU PA 118 -67.81 -21.34 0.36
CA LEU PA 118 -67.62 -19.92 0.60
C LEU PA 118 -67.90 -19.56 2.05
N ASP PA 119 -68.92 -20.19 2.65
CA ASP PA 119 -69.15 -20.03 4.08
C ASP PA 119 -67.97 -20.53 4.89
N ALA PA 120 -67.40 -21.67 4.50
CA ALA PA 120 -66.23 -22.20 5.21
C ALA PA 120 -65.05 -21.26 5.12
N VAL PA 121 -64.83 -20.66 3.94
CA VAL PA 121 -63.68 -19.76 3.77
C VAL PA 121 -63.88 -18.48 4.57
N THR PA 122 -65.06 -17.87 4.46
CA THR PA 122 -65.29 -16.66 5.24
C THR PA 122 -65.31 -16.93 6.73
N ASN PA 123 -65.60 -18.17 7.14
CA ASN PA 123 -65.55 -18.53 8.54
C ASN PA 123 -64.12 -18.69 9.04
N ILE PA 124 -63.25 -19.31 8.24
CA ILE PA 124 -61.86 -19.43 8.66
C ILE PA 124 -61.17 -18.06 8.64
N ILE PA 125 -61.66 -17.12 7.83
CA ILE PA 125 -61.01 -15.82 7.74
C ILE PA 125 -61.56 -14.86 8.79
N LEU PA 126 -62.87 -14.66 8.80
CA LEU PA 126 -63.47 -13.62 9.65
C LEU PA 126 -64.01 -14.14 10.96
N GLY PA 127 -64.31 -15.43 11.07
CA GLY PA 127 -64.83 -16.01 12.29
C GLY PA 127 -66.29 -16.38 12.23
N SER PA 128 -66.99 -16.00 11.18
CA SER PA 128 -68.41 -16.28 11.04
C SER PA 128 -68.74 -16.41 9.56
N PRO PA 129 -69.70 -17.26 9.21
CA PRO PA 129 -70.11 -17.35 7.79
C PRO PA 129 -70.65 -16.03 7.24
N THR PA 130 -71.34 -15.24 8.07
CA THR PA 130 -71.82 -13.95 7.62
C THR PA 130 -70.78 -12.86 7.84
N GLY PA 131 -69.87 -13.05 8.78
CA GLY PA 131 -68.80 -12.10 9.02
C GLY PA 131 -69.07 -11.05 10.05
N TYR PA 132 -70.14 -11.18 10.84
CA TYR PA 132 -70.50 -10.19 11.84
C TYR PA 132 -69.39 -10.07 12.87
N ALA QA 2 -22.28 -46.43 19.18
CA ALA QA 2 -22.56 -45.64 18.00
C ALA QA 2 -21.31 -45.48 17.14
N LYS QA 3 -20.64 -46.59 16.87
CA LYS QA 3 -19.40 -46.60 16.10
C LYS QA 3 -19.49 -47.45 14.85
N GLY QA 4 -20.13 -48.61 14.92
CA GLY QA 4 -20.22 -49.47 13.76
C GLY QA 4 -21.64 -49.66 13.27
N ARG QA 5 -22.38 -48.55 13.20
CA ARG QA 5 -23.82 -48.63 12.95
C ARG QA 5 -24.20 -48.40 11.50
N THR QA 6 -23.50 -47.52 10.79
CA THR QA 6 -23.74 -47.36 9.38
C THR QA 6 -22.57 -47.92 8.58
N PRO QA 7 -22.83 -48.51 7.41
CA PRO QA 7 -21.73 -49.08 6.61
C PRO QA 7 -20.84 -48.00 6.01
N ARG QA 8 -19.53 -48.27 6.02
CA ARG QA 8 -18.53 -47.36 5.47
C ARG QA 8 -17.85 -48.03 4.29
N SER QA 9 -17.77 -47.32 3.17
CA SER QA 9 -17.16 -47.82 1.95
C SER QA 9 -15.65 -47.60 2.01
N PHE QA 10 -14.94 -47.93 0.93
CA PHE QA 10 -13.50 -47.72 0.93
C PHE QA 10 -13.14 -46.25 1.02
N SER QA 11 -13.89 -45.38 0.33
CA SER QA 11 -13.54 -43.97 0.33
C SER QA 11 -13.76 -43.34 1.71
N GLN QA 12 -14.80 -43.76 2.43
CA GLN QA 12 -15.04 -43.23 3.76
C GLN QA 12 -13.99 -43.72 4.76
N ARG QA 13 -13.68 -45.02 4.73
CA ARG QA 13 -12.62 -45.56 5.58
C ARG QA 13 -11.30 -44.88 5.30
N TYR QA 14 -10.93 -44.74 4.02
CA TYR QA 14 -9.67 -44.11 3.68
C TYR QA 14 -9.65 -42.64 4.09
N GLY QA 15 -10.76 -41.93 3.90
CA GLY QA 15 -10.79 -40.54 4.28
C GLY QA 15 -10.63 -40.34 5.77
N LYS QA 16 -11.32 -41.14 6.57
CA LYS QA 16 -11.22 -40.97 8.01
C LYS QA 16 -9.87 -41.43 8.54
N TRP QA 17 -9.36 -42.56 8.04
CA TRP QA 17 -8.03 -43.02 8.46
C TRP QA 17 -6.97 -42.01 8.08
N ASN QA 18 -7.06 -41.42 6.90
CA ASN QA 18 -6.08 -40.44 6.47
C ASN QA 18 -6.14 -39.18 7.32
N ALA QA 19 -7.35 -38.70 7.62
CA ALA QA 19 -7.49 -37.54 8.49
C ALA QA 19 -6.88 -37.79 9.86
N LYS QA 20 -7.15 -38.96 10.43
CA LYS QA 20 -6.62 -39.26 11.76
C LYS QA 20 -5.10 -39.45 11.74
N PHE QA 21 -4.56 -40.09 10.70
CA PHE QA 21 -3.12 -40.29 10.61
C PHE QA 21 -2.39 -38.96 10.40
N THR QA 22 -2.97 -38.07 9.60
CA THR QA 22 -2.40 -36.74 9.43
C THR QA 22 -2.44 -35.97 10.74
N ALA QA 23 -3.51 -36.11 11.50
CA ALA QA 23 -3.60 -35.41 12.78
C ALA QA 23 -2.58 -35.93 13.78
N PHE QA 24 -2.37 -37.24 13.82
CA PHE QA 24 -1.46 -37.81 14.82
C PHE QA 24 0.00 -37.49 14.54
N SER QA 25 0.37 -37.12 13.31
CA SER QA 25 1.76 -36.82 13.02
C SER QA 25 2.15 -35.40 13.40
N ASN QA 26 1.21 -34.60 13.87
CA ASN QA 26 1.56 -33.31 14.45
C ASN QA 26 2.44 -33.53 15.69
N PRO QA 27 3.43 -32.67 15.93
CA PRO QA 27 4.30 -32.89 17.10
C PRO QA 27 3.54 -32.87 18.42
N THR QA 28 2.69 -31.86 18.61
CA THR QA 28 1.99 -31.70 19.87
C THR QA 28 0.99 -32.83 20.11
N VAL QA 29 0.25 -33.23 19.08
CA VAL QA 29 -0.77 -34.26 19.26
C VAL QA 29 -0.13 -35.58 19.70
N ALA QA 30 0.84 -36.05 18.91
CA ALA QA 30 1.51 -37.32 19.23
C ALA QA 30 2.20 -37.25 20.58
N SER QA 31 2.95 -36.18 20.82
CA SER QA 31 3.67 -36.04 22.08
C SER QA 31 2.72 -36.08 23.27
N THR QA 32 1.64 -35.30 23.21
CA THR QA 32 0.69 -35.25 24.31
C THR QA 32 0.03 -36.60 24.55
N ILE QA 33 -0.47 -37.23 23.49
CA ILE QA 33 -1.18 -38.50 23.67
C ILE QA 33 -0.25 -39.55 24.25
N LEU QA 34 0.98 -39.63 23.73
CA LEU QA 34 1.89 -40.69 24.16
C LEU QA 34 2.40 -40.45 25.57
N THR QA 35 2.75 -39.21 25.92
CA THR QA 35 3.22 -38.95 27.28
C THR QA 35 2.08 -39.05 28.28
N ASN QA 36 0.83 -38.98 27.82
CA ASN QA 36 -0.28 -39.20 28.74
C ASN QA 36 -0.54 -40.68 28.95
N VAL QA 37 -0.43 -41.49 27.90
CA VAL QA 37 -0.73 -42.92 28.03
C VAL QA 37 0.47 -43.75 28.45
N ALA QA 38 1.66 -43.15 28.61
CA ALA QA 38 2.84 -43.93 28.96
C ALA QA 38 2.69 -44.76 30.22
N PRO QA 39 2.28 -44.21 31.38
CA PRO QA 39 2.20 -45.06 32.59
C PRO QA 39 1.21 -46.20 32.48
N ILE QA 40 0.07 -45.98 31.82
CA ILE QA 40 -0.93 -47.03 31.67
C ILE QA 40 -0.40 -48.13 30.74
N ALA QA 41 0.30 -47.74 29.67
CA ALA QA 41 0.90 -48.73 28.79
C ALA QA 41 1.95 -49.55 29.52
N GLN QA 42 2.79 -48.90 30.33
CA GLN QA 42 3.78 -49.62 31.11
C GLN QA 42 3.12 -50.61 32.06
N GLY QA 43 2.05 -50.20 32.73
CA GLY QA 43 1.34 -51.10 33.61
C GLY QA 43 0.73 -52.29 32.88
N ASN QA 44 0.15 -52.05 31.71
CA ASN QA 44 -0.44 -53.16 30.94
C ASN QA 44 0.63 -54.14 30.48
N PHE QA 45 1.75 -53.62 29.97
CA PHE QA 45 2.87 -54.48 29.59
C PHE QA 45 3.34 -55.31 30.78
N GLN QA 46 3.57 -54.66 31.92
CA GLN QA 46 4.07 -55.37 33.10
C GLN QA 46 3.11 -56.45 33.57
N THR QA 47 1.80 -56.20 33.51
CA THR QA 47 0.89 -57.21 34.04
C THR QA 47 0.62 -58.33 33.03
N ASN QA 48 0.85 -58.09 31.73
CA ASN QA 48 0.48 -59.11 30.75
C ASN QA 48 1.64 -59.92 30.21
N VAL QA 49 2.80 -59.33 29.91
CA VAL QA 49 3.84 -60.02 29.15
C VAL QA 49 4.52 -61.17 29.90
N PRO QA 50 4.69 -61.14 31.22
CA PRO QA 50 5.32 -62.30 31.88
C PRO QA 50 4.66 -63.64 31.60
N LYS QA 51 3.33 -63.69 31.55
CA LYS QA 51 2.63 -64.92 31.26
C LYS QA 51 3.02 -65.51 29.92
N PHE QA 52 3.43 -64.69 28.96
CA PHE QA 52 3.79 -65.15 27.64
C PHE QA 52 5.29 -65.40 27.49
N THR QA 53 6.11 -64.63 28.20
CA THR QA 53 7.54 -64.93 28.23
C THR QA 53 7.81 -66.29 28.88
N SER QA 54 7.10 -66.59 29.97
CA SER QA 54 7.29 -67.89 30.62
C SER QA 54 6.82 -69.03 29.72
N VAL QA 55 5.73 -68.82 28.98
CA VAL QA 55 5.28 -69.82 28.02
C VAL QA 55 6.33 -70.04 26.94
N ASN QA 56 6.94 -68.96 26.45
CA ASN QA 56 8.01 -69.09 25.46
C ASN QA 56 9.13 -69.96 26.00
N GLU QA 57 9.56 -69.72 27.24
CA GLU QA 57 10.65 -70.49 27.81
C GLU QA 57 10.29 -71.97 27.95
N GLN QA 58 9.09 -72.26 28.45
CA GLN QA 58 8.70 -73.65 28.67
C GLN QA 58 8.53 -74.39 27.35
N VAL QA 59 7.96 -73.73 26.33
CA VAL QA 59 7.79 -74.38 25.04
C VAL QA 59 9.14 -74.57 24.36
N SER QA 60 10.08 -73.65 24.57
CA SER QA 60 11.43 -73.86 24.06
C SER QA 60 12.05 -75.13 24.65
N ALA QA 61 11.95 -75.28 25.96
CA ALA QA 61 12.47 -76.49 26.62
C ALA QA 61 11.79 -77.74 26.08
N VAL QA 62 10.49 -77.69 25.84
CA VAL QA 62 9.77 -78.85 25.33
C VAL QA 62 10.21 -79.18 23.91
N LEU QA 63 10.43 -78.15 23.08
CA LEU QA 63 10.77 -78.38 21.68
C LEU QA 63 12.18 -78.92 21.54
N THR QA 64 13.10 -78.53 22.42
CA THR QA 64 14.45 -79.07 22.33
C THR QA 64 14.46 -80.58 22.63
N GLN QA 65 13.53 -81.06 23.44
CA GLN QA 65 13.45 -82.49 23.73
C GLN QA 65 12.87 -83.32 22.59
N TYR QA 66 12.29 -82.68 21.57
CA TYR QA 66 11.68 -83.39 20.46
C TYR QA 66 12.44 -83.21 19.15
N GLY QA 67 13.51 -82.42 19.13
CA GLY QA 67 14.33 -82.29 17.96
C GLY QA 67 13.90 -81.25 16.95
N VAL QA 68 13.04 -80.31 17.35
CA VAL QA 68 12.53 -79.30 16.43
C VAL QA 68 13.52 -78.15 16.38
N THR QA 69 13.92 -77.78 15.16
CA THR QA 69 14.93 -76.76 14.94
C THR QA 69 14.47 -75.79 13.86
N GLY QA 70 14.93 -74.55 13.97
CA GLY QA 70 14.70 -73.57 12.93
C GLY QA 70 13.29 -73.02 12.90
N PRO QA 71 12.83 -72.61 11.72
CA PRO QA 71 11.48 -72.06 11.61
C PRO QA 71 10.39 -73.03 12.00
N SER QA 72 10.63 -74.35 11.92
CA SER QA 72 9.65 -75.32 12.39
C SER QA 72 9.35 -75.15 13.87
N ARG QA 73 10.22 -74.46 14.62
CA ARG QA 73 9.90 -74.15 16.00
C ARG QA 73 8.81 -73.10 16.10
N ALA QA 74 8.88 -72.07 15.26
CA ALA QA 74 7.89 -70.99 15.29
C ALA QA 74 6.49 -71.53 15.33
N ILE QA 75 6.20 -72.55 14.51
CA ILE QA 75 4.87 -73.16 14.48
C ILE QA 75 4.39 -73.41 15.91
N TYR QA 76 5.09 -74.28 16.63
CA TYR QA 76 4.63 -74.64 17.94
C TYR QA 76 4.70 -73.47 18.90
N GLN QA 77 5.73 -72.63 18.78
CA GLN QA 77 5.76 -71.43 19.60
C GLN QA 77 4.49 -70.63 19.39
N GLY QA 78 4.17 -70.36 18.13
CA GLY QA 78 2.93 -69.66 17.83
C GLY QA 78 1.75 -70.36 18.47
N TYR QA 79 1.64 -71.67 18.27
CA TYR QA 79 0.52 -72.41 18.82
C TYR QA 79 0.40 -72.16 20.32
N GLY QA 80 1.52 -72.30 21.04
CA GLY QA 80 1.48 -72.11 22.47
C GLY QA 80 0.94 -70.76 22.85
N LEU QA 81 1.46 -69.70 22.20
CA LEU QA 81 1.00 -68.37 22.54
C LEU QA 81 -0.49 -68.25 22.29
N LYS QA 82 -0.97 -68.81 21.18
CA LYS QA 82 -2.41 -68.84 20.94
C LYS QA 82 -3.15 -69.40 22.13
N VAL QA 83 -2.76 -70.59 22.59
CA VAL QA 83 -3.41 -71.19 23.76
C VAL QA 83 -3.31 -70.25 24.94
N ALA QA 84 -2.13 -69.69 25.17
CA ALA QA 84 -1.95 -68.79 26.30
C ALA QA 84 -2.91 -67.62 26.21
N ARG QA 85 -3.07 -67.04 25.02
CA ARG QA 85 -4.00 -65.93 24.87
C ARG QA 85 -5.39 -66.34 25.31
N ALA QA 86 -5.82 -67.52 24.90
CA ALA QA 86 -7.13 -68.02 25.31
C ALA QA 86 -7.23 -68.11 26.82
N LEU QA 87 -6.22 -68.69 27.47
CA LEU QA 87 -6.26 -68.82 28.91
C LEU QA 87 -6.31 -67.45 29.59
N ASN QA 88 -5.77 -66.43 28.92
CA ASN QA 88 -5.81 -65.10 29.49
C ASN QA 88 -7.17 -64.46 29.27
N ARG QA 89 -7.84 -64.76 28.15
CA ARG QA 89 -9.04 -64.04 27.78
C ARG QA 89 -10.27 -64.57 28.52
N ILE QA 90 -10.48 -65.88 28.48
CA ILE QA 90 -11.75 -66.44 28.96
C ILE QA 90 -11.59 -67.25 30.24
N GLY QA 91 -10.40 -67.75 30.54
CA GLY QA 91 -10.18 -68.56 31.73
C GLY QA 91 -10.27 -70.04 31.43
N ALA QA 92 -10.10 -70.83 32.49
CA ALA QA 92 -10.15 -72.28 32.37
C ALA QA 92 -11.58 -72.78 32.51
N GLY QA 93 -11.91 -73.81 31.74
CA GLY QA 93 -13.24 -74.36 31.71
C GLY QA 93 -13.58 -74.95 30.36
N PRO QA 94 -14.85 -75.33 30.17
CA PRO QA 94 -15.25 -75.95 28.89
C PRO QA 94 -15.03 -75.08 27.67
N ALA QA 95 -15.15 -73.75 27.79
CA ALA QA 95 -14.85 -72.88 26.67
C ALA QA 95 -13.40 -72.99 26.25
N LEU QA 96 -12.49 -73.11 27.23
CA LEU QA 96 -11.09 -73.30 26.90
C LEU QA 96 -10.84 -74.65 26.25
N THR QA 97 -11.62 -75.67 26.63
CA THR QA 97 -11.51 -76.96 25.97
C THR QA 97 -11.91 -76.87 24.50
N ASN QA 98 -13.04 -76.20 24.23
CA ASN QA 98 -13.47 -76.02 22.84
C ASN QA 98 -12.43 -75.25 22.05
N MET QA 99 -11.86 -74.20 22.64
CA MET QA 99 -10.87 -73.41 21.90
C MET QA 99 -9.57 -74.17 21.68
N VAL QA 100 -9.14 -74.99 22.63
CA VAL QA 100 -7.91 -75.75 22.44
C VAL QA 100 -8.11 -76.79 21.34
N ALA QA 101 -9.27 -77.46 21.32
CA ALA QA 101 -9.56 -78.39 20.23
C ALA QA 101 -9.57 -77.68 18.89
N GLY QA 102 -10.20 -76.51 18.82
CA GLY QA 102 -10.24 -75.77 17.57
C GLY QA 102 -8.88 -75.33 17.11
N LEU QA 103 -8.02 -74.90 18.03
CA LEU QA 103 -6.66 -74.50 17.66
C LEU QA 103 -5.83 -75.67 17.19
N LYS QA 104 -5.99 -76.84 17.81
CA LYS QA 104 -5.26 -78.01 17.33
C LYS QA 104 -5.69 -78.39 15.92
N ALA QA 105 -7.00 -78.42 15.68
CA ALA QA 105 -7.49 -78.69 14.33
C ALA QA 105 -6.95 -77.68 13.33
N TYR QA 106 -6.99 -76.39 13.70
CA TYR QA 106 -6.44 -75.33 12.87
C TYR QA 106 -5.00 -75.61 12.46
N TYR QA 107 -4.12 -75.76 13.46
CA TYR QA 107 -2.70 -75.86 13.13
C TYR QA 107 -2.37 -77.17 12.42
N VAL QA 108 -3.02 -78.27 12.79
CA VAL QA 108 -2.77 -79.54 12.15
C VAL QA 108 -3.21 -79.51 10.69
N SER QA 109 -4.34 -78.88 10.39
CA SER QA 109 -4.85 -78.92 9.02
C SER QA 109 -4.20 -77.87 8.13
N ALA QA 110 -3.84 -76.72 8.68
CA ALA QA 110 -3.30 -75.67 7.82
C ALA QA 110 -1.78 -75.70 7.74
N TYR QA 111 -1.09 -75.91 8.85
CA TYR QA 111 0.35 -75.70 8.89
C TYR QA 111 1.14 -77.00 9.05
N GLY QA 112 0.47 -78.16 8.95
CA GLY QA 112 1.17 -79.42 8.99
C GLY QA 112 1.89 -79.70 10.29
N ALA QA 113 1.38 -79.17 11.40
CA ALA QA 113 1.98 -79.43 12.71
C ALA QA 113 1.73 -80.87 13.13
N ASN QA 114 2.62 -81.36 13.98
CA ASN QA 114 2.63 -82.71 14.53
C ASN QA 114 1.66 -82.79 15.71
N PRO QA 115 0.74 -83.76 15.73
CA PRO QA 115 -0.16 -83.87 16.88
C PRO QA 115 0.55 -84.17 18.19
N GLU QA 116 1.65 -84.93 18.16
CA GLU QA 116 2.36 -85.28 19.39
C GLU QA 116 3.00 -84.06 20.03
N ILE QA 117 3.68 -83.24 19.23
CA ILE QA 117 4.32 -82.05 19.78
C ILE QA 117 3.27 -81.03 20.20
N LEU QA 118 2.12 -81.00 19.53
CA LEU QA 118 1.04 -80.14 19.99
C LEU QA 118 0.51 -80.58 21.34
N ASP QA 119 0.35 -81.89 21.52
CA ASP QA 119 -0.04 -82.41 22.84
C ASP QA 119 0.99 -82.05 23.90
N ALA QA 120 2.27 -82.18 23.58
CA ALA QA 120 3.31 -81.85 24.54
C ALA QA 120 3.28 -80.37 24.91
N VAL QA 121 3.07 -79.50 23.93
CA VAL QA 121 3.03 -78.07 24.20
C VAL QA 121 1.83 -77.71 25.06
N THR QA 122 0.65 -78.22 24.70
CA THR QA 122 -0.52 -77.90 25.49
C THR QA 122 -0.49 -78.56 26.86
N ASN QA 123 0.29 -79.63 27.02
CA ASN QA 123 0.45 -80.23 28.34
C ASN QA 123 1.40 -79.42 29.22
N ILE QA 124 2.46 -78.87 28.64
CA ILE QA 124 3.33 -78.03 29.46
C ILE QA 124 2.64 -76.72 29.80
N ILE QA 125 1.69 -76.28 28.97
CA ILE QA 125 1.02 -75.00 29.23
C ILE QA 125 -0.17 -75.17 30.17
N LEU QA 126 -1.09 -76.08 29.85
CA LEU QA 126 -2.32 -76.22 30.61
C LEU QA 126 -2.29 -77.34 31.65
N GLY QA 127 -1.40 -78.31 31.50
CA GLY QA 127 -1.29 -79.41 32.44
C GLY QA 127 -1.76 -80.74 31.88
N SER QA 128 -2.59 -80.73 30.84
CA SER QA 128 -3.12 -81.94 30.24
C SER QA 128 -3.10 -81.78 28.73
N PRO QA 129 -2.96 -82.88 27.99
CA PRO QA 129 -2.99 -82.78 26.52
C PRO QA 129 -4.31 -82.25 25.97
N THR QA 130 -5.43 -82.62 26.59
CA THR QA 130 -6.71 -82.10 26.15
C THR QA 130 -7.03 -80.76 26.80
N GLY QA 131 -6.48 -80.49 27.97
CA GLY QA 131 -6.69 -79.24 28.65
C GLY QA 131 -7.80 -79.20 29.69
N TYR QA 132 -8.31 -80.36 30.10
CA TYR QA 132 -9.39 -80.38 31.10
C TYR QA 132 -8.91 -79.84 32.42
N ALA RA 2 -47.69 43.63 -8.74
CA ALA RA 2 -47.47 43.84 -10.16
C ALA RA 2 -47.51 42.53 -10.93
N LYS RA 3 -48.52 41.70 -10.65
CA LYS RA 3 -48.66 40.41 -11.29
C LYS RA 3 -49.97 40.26 -12.05
N GLY RA 4 -51.09 40.68 -11.47
CA GLY RA 4 -52.37 40.54 -12.12
C GLY RA 4 -52.99 41.86 -12.45
N ARG RA 5 -52.20 42.77 -13.01
CA ARG RA 5 -52.63 44.16 -13.20
C ARG RA 5 -53.15 44.43 -14.60
N THR RA 6 -52.58 43.79 -15.61
CA THR RA 6 -53.09 43.92 -16.97
C THR RA 6 -53.67 42.58 -17.43
N PRO RA 7 -54.73 42.61 -18.22
CA PRO RA 7 -55.36 41.35 -18.67
C PRO RA 7 -54.47 40.60 -19.66
N ARG RA 8 -54.53 39.27 -19.61
CA ARG RA 8 -53.75 38.42 -20.48
C ARG RA 8 -54.67 37.50 -21.28
N SER RA 9 -54.54 37.55 -22.60
CA SER RA 9 -55.32 36.74 -23.50
C SER RA 9 -54.74 35.33 -23.57
N PHE RA 10 -55.36 34.46 -24.36
CA PHE RA 10 -54.88 33.08 -24.43
C PHE RA 10 -53.47 33.00 -25.00
N SER RA 11 -53.16 33.79 -26.03
CA SER RA 11 -51.85 33.70 -26.65
C SER RA 11 -50.76 34.17 -25.70
N GLN RA 12 -51.06 35.16 -24.86
CA GLN RA 12 -50.06 35.64 -23.90
C GLN RA 12 -49.83 34.62 -22.79
N ARG RA 13 -50.91 34.09 -22.20
CA ARG RA 13 -50.77 33.03 -21.22
C ARG RA 13 -50.00 31.85 -21.79
N TYR RA 14 -50.33 31.45 -23.02
CA TYR RA 14 -49.68 30.29 -23.62
C TYR RA 14 -48.21 30.56 -23.89
N GLY RA 15 -47.88 31.75 -24.40
CA GLY RA 15 -46.49 32.07 -24.66
C GLY RA 15 -45.65 32.08 -23.41
N LYS RA 16 -46.16 32.69 -22.34
CA LYS RA 16 -45.37 32.74 -21.11
C LYS RA 16 -45.28 31.38 -20.44
N TRP RA 17 -46.39 30.63 -20.38
CA TRP RA 17 -46.34 29.29 -19.82
C TRP RA 17 -45.39 28.40 -20.59
N ASN RA 18 -45.39 28.52 -21.92
CA ASN RA 18 -44.53 27.70 -22.75
C ASN RA 18 -43.06 28.08 -22.56
N ALA RA 19 -42.76 29.38 -22.48
CA ALA RA 19 -41.40 29.81 -22.21
C ALA RA 19 -40.91 29.27 -20.88
N LYS RA 20 -41.74 29.35 -19.84
CA LYS RA 20 -41.33 28.88 -18.52
C LYS RA 20 -41.17 27.37 -18.48
N PHE RA 21 -42.05 26.63 -19.15
CA PHE RA 21 -41.95 25.18 -19.19
C PHE RA 21 -40.71 24.72 -19.95
N THR RA 22 -40.42 25.38 -21.07
CA THR RA 22 -39.21 25.05 -21.81
C THR RA 22 -37.96 25.37 -21.00
N ALA RA 23 -37.97 26.47 -20.25
CA ALA RA 23 -36.81 26.80 -19.43
C ALA RA 23 -36.62 25.79 -18.30
N PHE RA 24 -37.71 25.34 -17.68
CA PHE RA 24 -37.59 24.41 -16.57
C PHE RA 24 -37.13 23.03 -17.01
N SER RA 25 -37.33 22.65 -18.27
CA SER RA 25 -36.90 21.35 -18.77
C SER RA 25 -35.39 21.23 -18.90
N ASN RA 26 -34.66 22.34 -18.78
CA ASN RA 26 -33.20 22.29 -18.79
C ASN RA 26 -32.72 21.48 -17.60
N PRO RA 27 -31.67 20.65 -17.75
CA PRO RA 27 -31.20 19.88 -16.60
C PRO RA 27 -30.73 20.74 -15.44
N THR RA 28 -29.96 21.78 -15.73
CA THR RA 28 -29.40 22.62 -14.69
C THR RA 28 -30.47 23.41 -13.97
N VAL RA 29 -31.42 23.97 -14.71
CA VAL RA 29 -32.48 24.79 -14.09
C VAL RA 29 -33.29 23.95 -13.12
N ALA RA 30 -33.83 22.84 -13.60
CA ALA RA 30 -34.67 21.98 -12.77
C ALA RA 30 -33.88 21.44 -11.59
N SER RA 31 -32.66 20.94 -11.84
CA SER RA 31 -31.84 20.40 -10.77
C SER RA 31 -31.60 21.45 -9.69
N THR RA 32 -31.17 22.65 -10.08
CA THR RA 32 -30.85 23.69 -9.11
C THR RA 32 -32.08 24.09 -8.30
N ILE RA 33 -33.19 24.37 -8.97
CA ILE RA 33 -34.40 24.80 -8.27
C ILE RA 33 -34.87 23.73 -7.30
N LEU RA 34 -34.89 22.48 -7.74
CA LEU RA 34 -35.47 21.41 -6.92
C LEU RA 34 -34.58 21.07 -5.75
N THR RA 35 -33.26 20.98 -5.95
CA THR RA 35 -32.39 20.68 -4.83
C THR RA 35 -32.33 21.83 -3.84
N ASN RA 36 -32.55 23.07 -4.31
CA ASN RA 36 -32.56 24.20 -3.39
C ASN RA 36 -33.83 24.22 -2.55
N VAL RA 37 -34.99 23.90 -3.15
CA VAL RA 37 -36.24 23.93 -2.38
C VAL RA 37 -36.54 22.61 -1.69
N ALA RA 38 -35.69 21.58 -1.83
CA ALA RA 38 -35.96 20.30 -1.18
C ALA RA 38 -36.20 20.39 0.33
N PRO RA 39 -35.32 21.00 1.13
CA PRO RA 39 -35.56 20.99 2.59
C PRO RA 39 -36.81 21.74 3.03
N ILE RA 40 -37.12 22.86 2.39
CA ILE RA 40 -38.31 23.62 2.75
C ILE RA 40 -39.56 22.83 2.40
N ALA RA 41 -39.54 22.13 1.26
CA ALA RA 41 -40.66 21.28 0.88
C ALA RA 41 -40.84 20.14 1.86
N GLN RA 42 -39.74 19.50 2.28
CA GLN RA 42 -39.83 18.45 3.28
C GLN RA 42 -40.42 18.98 4.58
N GLY RA 43 -39.99 20.16 5.02
CA GLY RA 43 -40.56 20.76 6.22
C GLY RA 43 -42.04 21.04 6.10
N ASN RA 44 -42.48 21.55 4.95
CA ASN RA 44 -43.89 21.87 4.76
C ASN RA 44 -44.74 20.60 4.75
N PHE RA 45 -44.28 19.56 4.05
CA PHE RA 45 -44.98 18.28 4.08
C PHE RA 45 -45.09 17.75 5.50
N GLN RA 46 -43.98 17.77 6.24
CA GLN RA 46 -43.95 17.23 7.60
C GLN RA 46 -44.88 18.00 8.52
N THR RA 47 -44.99 19.32 8.36
CA THR RA 47 -45.82 20.07 9.29
C THR RA 47 -47.29 20.03 8.90
N ASN RA 48 -47.60 19.74 7.64
CA ASN RA 48 -49.01 19.81 7.24
C ASN RA 48 -49.71 18.46 7.13
N VAL RA 49 -49.14 17.47 6.45
CA VAL RA 49 -49.94 16.30 6.09
C VAL RA 49 -50.40 15.44 7.27
N PRO RA 50 -49.72 15.41 8.45
CA PRO RA 50 -50.29 14.61 9.55
C PRO RA 50 -51.72 14.98 9.94
N LYS RA 51 -52.05 16.28 9.93
CA LYS RA 51 -53.40 16.71 10.25
C LYS RA 51 -54.44 16.13 9.31
N PHE RA 52 -54.06 15.80 8.09
CA PHE RA 52 -54.97 15.23 7.11
C PHE RA 52 -54.96 13.71 7.10
N THR RA 53 -53.82 13.09 7.40
CA THR RA 53 -53.78 11.64 7.57
C THR RA 53 -54.62 11.20 8.77
N SER RA 54 -54.57 11.97 9.86
CA SER RA 54 -55.43 11.68 11.01
C SER RA 54 -56.90 11.75 10.64
N VAL RA 55 -57.27 12.77 9.86
CA VAL RA 55 -58.66 12.90 9.41
C VAL RA 55 -59.05 11.70 8.57
N ASN RA 56 -58.16 11.27 7.67
CA ASN RA 56 -58.44 10.09 6.86
C ASN RA 56 -58.74 8.88 7.73
N GLU RA 57 -57.90 8.63 8.73
CA GLU RA 57 -58.11 7.45 9.58
C GLU RA 57 -59.43 7.54 10.35
N GLN RA 58 -59.72 8.71 10.94
CA GLN RA 58 -60.93 8.85 11.74
C GLN RA 58 -62.19 8.76 10.90
N VAL RA 59 -62.18 9.37 9.71
CA VAL RA 59 -63.34 9.29 8.83
C VAL RA 59 -63.53 7.87 8.32
N SER RA 60 -62.43 7.15 8.06
CA SER RA 60 -62.54 5.74 7.70
C SER RA 60 -63.27 4.96 8.79
N ALA RA 61 -62.85 5.13 10.04
CA ALA RA 61 -63.52 4.46 11.15
C ALA RA 61 -64.99 4.83 11.19
N VAL RA 62 -65.32 6.11 11.03
CA VAL RA 62 -66.71 6.56 11.13
C VAL RA 62 -67.54 6.00 9.99
N LEU RA 63 -66.95 5.87 8.79
CA LEU RA 63 -67.69 5.38 7.63
C LEU RA 63 -67.96 3.90 7.74
N THR RA 64 -67.02 3.13 8.30
CA THR RA 64 -67.26 1.69 8.44
C THR RA 64 -68.44 1.39 9.36
N GLN RA 65 -68.70 2.25 10.35
CA GLN RA 65 -69.82 2.07 11.25
C GLN RA 65 -71.16 2.42 10.62
N TYR RA 66 -71.16 3.01 9.42
CA TYR RA 66 -72.39 3.38 8.73
C TYR RA 66 -72.66 2.56 7.50
N GLY RA 67 -71.78 1.64 7.13
CA GLY RA 67 -72.03 0.74 6.02
C GLY RA 67 -71.66 1.29 4.66
N VAL RA 68 -70.84 2.33 4.59
CA VAL RA 68 -70.46 2.93 3.33
C VAL RA 68 -69.26 2.19 2.76
N THR RA 69 -69.37 1.75 1.51
CA THR RA 69 -68.34 0.97 0.85
C THR RA 69 -68.07 1.53 -0.54
N GLY RA 70 -66.85 1.33 -1.02
CA GLY RA 70 -66.51 1.64 -2.38
C GLY RA 70 -66.31 3.11 -2.66
N PRO RA 71 -66.55 3.51 -3.92
CA PRO RA 71 -66.38 4.92 -4.28
C PRO RA 71 -67.25 5.87 -3.48
N SER RA 72 -68.40 5.40 -2.97
CA SER RA 72 -69.24 6.25 -2.14
C SER RA 72 -68.53 6.69 -0.86
N ARG RA 73 -67.50 5.96 -0.44
CA ARG RA 73 -66.70 6.44 0.69
C ARG RA 73 -65.93 7.69 0.33
N ALA RA 74 -65.39 7.75 -0.90
CA ALA RA 74 -64.61 8.90 -1.33
C ALA RA 74 -65.35 10.21 -1.08
N ILE RA 75 -66.64 10.25 -1.40
CA ILE RA 75 -67.45 11.45 -1.16
C ILE RA 75 -67.16 11.99 0.23
N TYR RA 76 -67.43 11.18 1.25
CA TYR RA 76 -67.29 11.67 2.61
C TYR RA 76 -65.85 11.98 2.94
N GLN RA 77 -64.92 11.15 2.47
CA GLN RA 77 -63.51 11.47 2.67
C GLN RA 77 -63.21 12.85 2.12
N GLY RA 78 -63.63 13.10 0.87
CA GLY RA 78 -63.46 14.42 0.31
C GLY RA 78 -64.01 15.49 1.22
N TYR RA 79 -65.27 15.34 1.64
CA TYR RA 79 -65.87 16.33 2.52
C TYR RA 79 -64.99 16.52 3.74
N GLY RA 80 -64.62 15.41 4.40
CA GLY RA 80 -63.77 15.52 5.57
C GLY RA 80 -62.53 16.34 5.29
N LEU RA 81 -61.80 15.99 4.23
CA LEU RA 81 -60.58 16.73 3.94
C LEU RA 81 -60.88 18.20 3.71
N LYS RA 82 -61.93 18.49 2.94
CA LYS RA 82 -62.31 19.87 2.71
C LYS RA 82 -62.49 20.61 4.03
N VAL RA 83 -63.24 20.01 4.96
CA VAL RA 83 -63.48 20.66 6.25
C VAL RA 83 -62.14 20.91 6.95
N ALA RA 84 -61.26 19.90 6.96
CA ALA RA 84 -59.98 20.06 7.63
C ALA RA 84 -59.19 21.20 7.01
N ARG RA 85 -59.25 21.35 5.69
CA ARG RA 85 -58.56 22.45 5.03
C ARG RA 85 -58.99 23.77 5.63
N ALA RA 86 -60.30 23.95 5.82
CA ALA RA 86 -60.80 25.18 6.42
C ALA RA 86 -60.23 25.36 7.82
N LEU RA 87 -60.25 24.31 8.63
CA LEU RA 87 -59.71 24.42 9.98
C LEU RA 87 -58.23 24.76 9.93
N ASN RA 88 -57.53 24.33 8.88
CA ASN RA 88 -56.12 24.65 8.78
C ASN RA 88 -55.90 26.08 8.31
N ARG RA 89 -56.84 26.63 7.54
CA ARG RA 89 -56.58 27.90 6.88
C ARG RA 89 -56.98 29.08 7.77
N ILE RA 90 -58.18 29.04 8.34
CA ILE RA 90 -58.72 30.22 9.01
C ILE RA 90 -58.91 30.05 10.51
N GLY RA 91 -59.03 28.82 11.00
CA GLY RA 91 -59.18 28.58 12.43
C GLY RA 91 -60.63 28.44 12.84
N ALA RA 92 -60.82 28.25 14.15
CA ALA RA 92 -62.14 28.05 14.71
C ALA RA 92 -62.81 29.39 15.00
N GLY RA 93 -64.12 29.45 14.79
CA GLY RA 93 -64.86 30.67 14.96
C GLY RA 93 -66.03 30.75 14.00
N PRO RA 94 -66.72 31.89 13.99
CA PRO RA 94 -67.91 32.03 13.11
C PRO RA 94 -67.62 31.81 11.63
N ALA RA 95 -66.44 32.19 11.16
CA ALA RA 95 -66.07 31.93 9.78
C ALA RA 95 -66.06 30.44 9.48
N LEU RA 96 -65.55 29.64 10.42
CA LEU RA 96 -65.48 28.20 10.21
C LEU RA 96 -66.87 27.57 10.18
N THR RA 97 -67.81 28.08 10.98
CA THR RA 97 -69.17 27.53 10.93
C THR RA 97 -69.86 27.91 9.63
N ASN RA 98 -69.64 29.15 9.16
CA ASN RA 98 -70.16 29.54 7.86
C ASN RA 98 -69.64 28.61 6.76
N MET RA 99 -68.34 28.32 6.79
CA MET RA 99 -67.78 27.45 5.76
C MET RA 99 -68.27 26.01 5.89
N VAL RA 100 -68.47 25.50 7.11
CA VAL RA 100 -69.00 24.16 7.26
C VAL RA 100 -70.42 24.08 6.69
N ALA RA 101 -71.26 25.08 6.98
CA ALA RA 101 -72.60 25.10 6.42
C ALA RA 101 -72.57 25.16 4.90
N GLY RA 102 -71.69 25.99 4.33
CA GLY RA 102 -71.58 26.07 2.89
C GLY RA 102 -71.10 24.77 2.25
N LEU RA 103 -70.14 24.10 2.88
CA LEU RA 103 -69.63 22.84 2.34
C LEU RA 103 -70.70 21.74 2.42
N LYS RA 104 -71.48 21.73 3.48
CA LYS RA 104 -72.56 20.74 3.57
C LYS RA 104 -73.62 20.99 2.51
N ALA RA 105 -74.00 22.25 2.30
CA ALA RA 105 -74.94 22.57 1.22
C ALA RA 105 -74.38 22.13 -0.12
N TYR RA 106 -73.10 22.45 -0.37
CA TYR RA 106 -72.41 22.00 -1.57
C TYR RA 106 -72.58 20.52 -1.81
N TYR RA 107 -72.13 19.70 -0.85
CA TYR RA 107 -72.11 18.26 -1.08
C TYR RA 107 -73.51 17.66 -1.13
N VAL RA 108 -74.42 18.15 -0.29
CA VAL RA 108 -75.78 17.63 -0.30
C VAL RA 108 -76.47 17.92 -1.62
N SER RA 109 -76.28 19.12 -2.17
CA SER RA 109 -77.02 19.51 -3.37
C SER RA 109 -76.36 19.03 -4.65
N ALA RA 110 -75.03 18.86 -4.64
CA ALA RA 110 -74.37 18.51 -5.89
C ALA RA 110 -74.03 17.03 -6.00
N TYR RA 111 -73.69 16.38 -4.89
CA TYR RA 111 -73.15 15.02 -4.95
C TYR RA 111 -74.04 14.00 -4.27
N GLY RA 112 -75.24 14.38 -3.84
CA GLY RA 112 -76.15 13.43 -3.25
C GLY RA 112 -75.65 12.79 -1.97
N ALA RA 113 -74.87 13.51 -1.18
CA ALA RA 113 -74.38 13.00 0.08
C ALA RA 113 -75.51 12.95 1.11
N ASN RA 114 -75.37 12.04 2.06
CA ASN RA 114 -76.32 11.84 3.16
C ASN RA 114 -76.05 12.86 4.25
N PRO RA 115 -77.07 13.62 4.69
CA PRO RA 115 -76.83 14.60 5.76
C PRO RA 115 -76.37 13.98 7.06
N GLU RA 116 -76.87 12.78 7.41
CA GLU RA 116 -76.49 12.17 8.67
C GLU RA 116 -75.01 11.80 8.69
N ILE RA 117 -74.49 11.24 7.59
CA ILE RA 117 -73.08 10.89 7.55
C ILE RA 117 -72.21 12.12 7.48
N LEU RA 118 -72.68 13.19 6.84
CA LEU RA 118 -71.93 14.45 6.88
C LEU RA 118 -71.86 15.00 8.29
N ASP RA 119 -72.95 14.87 9.05
CA ASP RA 119 -72.94 15.24 10.46
C ASP RA 119 -71.95 14.40 11.25
N ALA RA 120 -71.91 13.09 11.00
CA ALA RA 120 -70.99 12.22 11.71
C ALA RA 120 -69.54 12.57 11.40
N VAL RA 121 -69.25 12.91 10.14
CA VAL RA 121 -67.89 13.29 9.77
C VAL RA 121 -67.51 14.62 10.40
N THR RA 122 -68.41 15.60 10.36
CA THR RA 122 -68.15 16.87 11.03
C THR RA 122 -67.98 16.69 12.53
N ASN RA 123 -68.68 15.72 13.11
CA ASN RA 123 -68.57 15.46 14.53
C ASN RA 123 -67.23 14.83 14.90
N ILE RA 124 -66.71 13.95 14.05
CA ILE RA 124 -65.41 13.38 14.36
C ILE RA 124 -64.29 14.40 14.11
N ILE RA 125 -64.49 15.34 13.20
CA ILE RA 125 -63.43 16.31 12.90
C ILE RA 125 -63.43 17.46 13.90
N LEU RA 126 -64.56 18.15 14.02
CA LEU RA 126 -64.62 19.38 14.80
C LEU RA 126 -65.16 19.19 16.21
N GLY RA 127 -65.89 18.11 16.47
CA GLY RA 127 -66.43 17.82 17.78
C GLY RA 127 -67.92 17.97 17.87
N SER RA 128 -68.53 18.73 16.97
CA SER RA 128 -69.97 18.96 16.97
C SER RA 128 -70.46 18.84 15.53
N PRO RA 129 -71.72 18.42 15.34
CA PRO RA 129 -72.25 18.32 13.96
C PRO RA 129 -72.26 19.64 13.23
N THR RA 130 -72.66 20.72 13.91
CA THR RA 130 -72.66 22.04 13.28
C THR RA 130 -71.27 22.65 13.29
N GLY RA 131 -70.47 22.36 14.30
CA GLY RA 131 -69.09 22.82 14.35
C GLY RA 131 -68.81 24.02 15.20
N TYR RA 132 -69.73 24.41 16.09
CA TYR RA 132 -69.52 25.60 16.91
C TYR RA 132 -68.31 25.41 17.83
N ALA SA 2 1.05 -58.18 12.79
CA ALA SA 2 0.57 -57.33 11.72
C ALA SA 2 1.74 -56.63 11.02
N LYS SA 3 2.78 -57.38 10.72
CA LYS SA 3 4.00 -56.84 10.12
C LYS SA 3 4.30 -57.44 8.76
N GLY SA 4 4.13 -58.75 8.60
CA GLY SA 4 4.44 -59.38 7.34
C GLY SA 4 3.23 -60.04 6.70
N ARG SA 5 2.10 -59.34 6.71
CA ARG SA 5 0.84 -59.92 6.29
C ARG SA 5 0.49 -59.66 4.83
N THR SA 6 0.91 -58.53 4.29
CA THR SA 6 0.69 -58.23 2.89
C THR SA 6 2.03 -58.23 2.15
N PRO SA 7 2.05 -58.73 0.92
CA PRO SA 7 3.32 -58.77 0.16
C PRO SA 7 3.79 -57.38 -0.21
N ARG SA 8 5.09 -57.15 -0.06
CA ARG SA 8 5.71 -55.85 -0.30
C ARG SA 8 6.68 -55.98 -1.47
N SER SA 9 6.56 -55.07 -2.44
CA SER SA 9 7.41 -55.09 -3.62
C SER SA 9 8.69 -54.32 -3.35
N PHE SA 10 9.58 -54.26 -4.35
CA PHE SA 10 10.83 -53.54 -4.16
C PHE SA 10 10.60 -52.06 -3.93
N SER SA 11 9.66 -51.46 -4.66
CA SER SA 11 9.40 -50.03 -4.49
C SER SA 11 8.84 -49.73 -3.11
N GLN SA 12 8.00 -50.60 -2.56
CA GLN SA 12 7.48 -50.39 -1.22
C GLN SA 12 8.56 -50.54 -0.17
N ARG SA 13 9.35 -51.61 -0.26
CA ARG SA 13 10.46 -51.80 0.66
C ARG SA 13 11.42 -50.62 0.60
N TYR SA 14 11.75 -50.16 -0.61
CA TYR SA 14 12.70 -49.06 -0.75
C TYR SA 14 12.12 -47.77 -0.22
N GLY SA 15 10.83 -47.51 -0.47
CA GLY SA 15 10.23 -46.29 0.03
C GLY SA 15 10.21 -46.24 1.55
N LYS SA 16 9.79 -47.34 2.18
CA LYS SA 16 9.74 -47.32 3.64
C LYS SA 16 11.14 -47.30 4.25
N TRP SA 17 12.07 -48.07 3.68
CA TRP SA 17 13.44 -48.05 4.18
C TRP SA 17 14.06 -46.66 4.06
N ASN SA 18 13.85 -45.99 2.93
CA ASN SA 18 14.40 -44.66 2.74
C ASN SA 18 13.76 -43.65 3.68
N ALA SA 19 12.44 -43.76 3.90
CA ALA SA 19 11.79 -42.88 4.84
C ALA SA 19 12.36 -43.04 6.24
N LYS SA 20 12.51 -44.28 6.70
CA LYS SA 20 13.02 -44.51 8.05
C LYS SA 20 14.48 -44.11 8.18
N PHE SA 21 15.28 -44.34 7.13
CA PHE SA 21 16.68 -43.94 7.17
C PHE SA 21 16.83 -42.43 7.20
N THR SA 22 16.00 -41.71 6.43
CA THR SA 22 16.03 -40.26 6.47
C THR SA 22 15.57 -39.73 7.82
N ALA SA 23 14.56 -40.35 8.41
CA ALA SA 23 14.10 -39.93 9.74
C ALA SA 23 15.19 -40.13 10.78
N PHE SA 24 15.88 -41.28 10.73
CA PHE SA 24 16.89 -41.58 11.75
C PHE SA 24 18.12 -40.70 11.63
N SER SA 25 18.36 -40.07 10.47
CA SER SA 25 19.52 -39.20 10.30
C SER SA 25 19.35 -37.86 10.99
N ASN SA 26 18.14 -37.54 11.44
CA ASN SA 26 17.92 -36.34 12.23
C ASN SA 26 18.75 -36.41 13.51
N PRO SA 27 19.34 -35.30 13.94
CA PRO SA 27 20.16 -35.35 15.17
C PRO SA 27 19.36 -35.71 16.41
N THR SA 28 18.19 -35.10 16.57
CA THR SA 28 17.37 -35.37 17.75
C THR SA 28 16.86 -36.80 17.76
N VAL SA 29 16.39 -37.30 16.62
CA VAL SA 29 15.82 -38.65 16.56
C VAL SA 29 16.87 -39.68 16.94
N ALA SA 30 18.01 -39.65 16.23
CA ALA SA 30 19.08 -40.61 16.49
C ALA SA 30 19.61 -40.49 17.90
N SER SA 31 19.90 -39.26 18.33
CA SER SA 31 20.42 -39.03 19.67
C SER SA 31 19.48 -39.61 20.72
N THR SA 32 18.18 -39.33 20.60
CA THR SA 32 17.22 -39.78 21.60
C THR SA 32 17.11 -41.29 21.63
N ILE SA 33 16.95 -41.92 20.46
CA ILE SA 33 16.78 -43.36 20.40
C ILE SA 33 18.02 -44.06 20.99
N LEU SA 34 19.21 -43.62 20.60
CA LEU SA 34 20.43 -44.29 21.04
C LEU SA 34 20.71 -44.04 22.51
N THR SA 35 20.50 -42.81 22.99
CA THR SA 35 20.75 -42.52 24.39
C THR SA 35 19.73 -43.23 25.29
N ASN SA 36 18.54 -43.50 24.77
CA ASN SA 36 17.57 -44.27 25.54
C ASN SA 36 17.92 -45.75 25.58
N VAL SA 37 18.34 -46.34 24.46
CA VAL SA 37 18.61 -47.76 24.43
C VAL SA 37 20.03 -48.12 24.86
N ALA SA 38 20.86 -47.14 25.21
CA ALA SA 38 22.23 -47.44 25.62
C ALA SA 38 22.36 -48.45 26.76
N PRO SA 39 21.71 -48.28 27.92
CA PRO SA 39 21.93 -49.24 29.01
C PRO SA 39 21.46 -50.65 28.70
N ILE SA 40 20.37 -50.80 27.95
CA ILE SA 40 19.89 -52.12 27.58
C ILE SA 40 20.86 -52.80 26.63
N ALA SA 41 21.42 -52.03 25.70
CA ALA SA 41 22.43 -52.57 24.79
C ALA SA 41 23.66 -53.02 25.54
N GLN SA 42 24.12 -52.21 26.51
CA GLN SA 42 25.26 -52.62 27.34
C GLN SA 42 24.95 -53.91 28.10
N GLY SA 43 23.75 -54.01 28.65
CA GLY SA 43 23.40 -55.22 29.39
C GLY SA 43 23.36 -56.46 28.50
N ASN SA 44 22.81 -56.34 27.30
CA ASN SA 44 22.78 -57.47 26.39
C ASN SA 44 24.19 -57.88 25.95
N PHE SA 45 25.06 -56.90 25.70
CA PHE SA 45 26.45 -57.20 25.36
C PHE SA 45 27.13 -57.95 26.49
N GLN SA 46 27.05 -57.40 27.71
CA GLN SA 46 27.67 -58.03 28.88
C GLN SA 46 27.09 -59.42 29.15
N THR SA 47 25.83 -59.64 28.79
CA THR SA 47 25.23 -60.95 29.02
C THR SA 47 25.72 -61.97 28.02
N ASN SA 48 25.86 -61.59 26.75
CA ASN SA 48 26.02 -62.59 25.70
C ASN SA 48 27.45 -62.77 25.20
N VAL SA 49 28.29 -61.74 25.18
CA VAL SA 49 29.57 -61.84 24.48
C VAL SA 49 30.61 -62.72 25.19
N PRO SA 50 30.67 -62.79 26.54
CA PRO SA 50 31.65 -63.69 27.16
C PRO SA 50 31.60 -65.13 26.67
N LYS SA 51 30.41 -65.67 26.45
CA LYS SA 51 30.28 -67.04 25.95
C LYS SA 51 30.97 -67.24 24.62
N PHE SA 52 31.11 -66.19 23.83
CA PHE SA 52 31.73 -66.30 22.52
C PHE SA 52 33.21 -65.94 22.52
N THR SA 53 33.64 -65.02 23.38
CA THR SA 53 35.09 -64.82 23.53
C THR SA 53 35.77 -66.05 24.12
N SER SA 54 35.10 -66.73 25.04
CA SER SA 54 35.64 -67.98 25.56
C SER SA 54 35.80 -69.02 24.45
N VAL SA 55 34.81 -69.11 23.57
CA VAL SA 55 34.88 -70.05 22.46
C VAL SA 55 36.02 -69.68 21.52
N ASN SA 56 36.20 -68.39 21.25
CA ASN SA 56 37.31 -67.94 20.43
C ASN SA 56 38.64 -68.44 20.99
N GLU SA 57 38.88 -68.21 22.29
CA GLU SA 57 40.17 -68.59 22.86
C GLU SA 57 40.37 -70.11 22.90
N GLN SA 58 39.31 -70.86 23.23
CA GLN SA 58 39.45 -72.31 23.28
C GLN SA 58 39.69 -72.91 21.90
N VAL SA 59 38.93 -72.47 20.90
CA VAL SA 59 39.12 -72.97 19.55
C VAL SA 59 40.48 -72.56 19.01
N SER SA 60 40.97 -71.38 19.39
CA SER SA 60 42.33 -70.99 19.00
C SER SA 60 43.36 -71.96 19.56
N ALA SA 61 43.25 -72.27 20.85
CA ALA SA 61 44.15 -73.24 21.46
C ALA SA 61 44.10 -74.59 20.74
N VAL SA 62 42.89 -75.04 20.36
CA VAL SA 62 42.77 -76.31 19.65
C VAL SA 62 43.40 -76.22 18.26
N LEU SA 63 43.22 -75.09 17.58
CA LEU SA 63 43.71 -74.97 16.21
C LEU SA 63 45.22 -74.91 16.16
N THR SA 64 45.85 -74.33 17.19
CA THR SA 64 47.31 -74.27 17.20
C THR SA 64 47.93 -75.66 17.30
N GLN SA 65 47.32 -76.58 18.05
CA GLN SA 65 47.90 -77.91 18.17
C GLN SA 65 47.58 -78.81 16.99
N TYR SA 66 46.73 -78.37 16.06
CA TYR SA 66 46.49 -79.10 14.83
C TYR SA 66 47.20 -78.51 13.63
N GLY SA 67 47.94 -77.41 13.80
CA GLY SA 67 48.76 -76.87 12.75
C GLY SA 67 48.08 -75.97 11.77
N VAL SA 68 46.92 -75.40 12.12
CA VAL SA 68 46.16 -74.56 11.21
C VAL SA 68 46.61 -73.12 11.36
N THR SA 69 46.91 -72.48 10.23
CA THR SA 69 47.38 -71.10 10.21
C THR SA 69 46.64 -70.32 9.14
N GLY SA 70 46.68 -69.00 9.26
CA GLY SA 70 46.15 -68.13 8.24
C GLY SA 70 44.64 -68.07 8.20
N PRO SA 71 44.09 -67.67 7.05
CA PRO SA 71 42.63 -67.55 6.93
C PRO SA 71 41.90 -68.88 7.10
N SER SA 72 42.57 -70.01 6.92
CA SER SA 72 41.95 -71.30 7.18
C SER SA 72 41.54 -71.45 8.63
N ARG SA 73 42.14 -70.69 9.55
CA ARG SA 73 41.65 -70.70 10.92
C ARG SA 73 40.24 -70.14 11.01
N ALA SA 74 39.96 -69.06 10.27
CA ALA SA 74 38.65 -68.44 10.30
C ALA SA 74 37.54 -69.47 10.12
N ILE SA 75 37.70 -70.36 9.13
CA ILE SA 75 36.73 -71.43 8.89
C ILE SA 75 36.31 -72.06 10.21
N TYR SA 76 37.27 -72.64 10.91
CA TYR SA 76 36.95 -73.35 12.14
C TYR SA 76 36.44 -72.40 13.20
N GLN SA 77 37.07 -71.23 13.33
CA GLN SA 77 36.55 -70.23 14.24
C GLN SA 77 35.08 -69.97 13.95
N GLY SA 78 34.76 -69.71 12.68
CA GLY SA 78 33.37 -69.49 12.32
C GLY SA 78 32.49 -70.64 12.72
N TYR SA 79 32.89 -71.86 12.36
CA TYR SA 79 32.13 -73.03 12.75
C TYR SA 79 31.90 -73.04 14.25
N GLY SA 80 32.97 -72.83 15.02
CA GLY SA 80 32.83 -72.85 16.47
C GLY SA 80 31.75 -71.89 16.92
N LEU SA 81 31.81 -70.65 16.43
CA LEU SA 81 30.85 -69.66 16.85
C LEU SA 81 29.43 -70.09 16.51
N LYS SA 82 29.24 -70.62 15.29
CA LYS SA 82 27.94 -71.11 14.90
C LYS SA 82 27.41 -72.10 15.92
N VAL SA 83 28.23 -73.08 16.31
CA VAL SA 83 27.77 -74.06 17.28
C VAL SA 83 27.41 -73.39 18.58
N ALA SA 84 28.26 -72.48 19.06
CA ALA SA 84 27.95 -71.76 20.29
C ALA SA 84 26.61 -71.07 20.16
N ARG SA 85 26.34 -70.47 19.01
CA ARG SA 85 25.05 -69.82 18.78
C ARG SA 85 23.91 -70.77 19.06
N ALA SA 86 23.95 -71.96 18.45
CA ALA SA 86 22.89 -72.93 18.67
C ALA SA 86 22.75 -73.25 20.15
N LEU SA 87 23.87 -73.42 20.84
CA LEU SA 87 23.80 -73.76 22.27
C LEU SA 87 23.15 -72.64 23.05
N ASN SA 88 23.42 -71.39 22.66
CA ASN SA 88 22.81 -70.28 23.37
C ASN SA 88 21.33 -70.15 23.03
N ARG SA 89 20.93 -70.64 21.85
CA ARG SA 89 19.58 -70.35 21.37
C ARG SA 89 18.57 -71.36 21.91
N ILE SA 90 18.81 -72.64 21.68
CA ILE SA 90 17.79 -73.66 21.95
C ILE SA 90 18.15 -74.57 23.11
N GLY SA 91 19.39 -74.55 23.57
CA GLY SA 91 19.80 -75.38 24.70
C GLY SA 91 20.35 -76.72 24.24
N ALA SA 92 20.74 -77.52 25.23
CA ALA SA 92 21.31 -78.83 24.97
C ALA SA 92 20.21 -79.89 24.90
N GLY SA 93 20.37 -80.83 23.97
CA GLY SA 93 19.38 -81.85 23.75
C GLY SA 93 19.40 -82.31 22.31
N PRO SA 94 18.42 -83.13 21.91
CA PRO SA 94 18.41 -83.67 20.55
C PRO SA 94 18.40 -82.61 19.45
N ALA SA 95 17.78 -81.45 19.70
CA ALA SA 95 17.79 -80.39 18.70
C ALA SA 95 19.20 -79.87 18.45
N LEU SA 96 19.99 -79.75 19.53
CA LEU SA 96 21.38 -79.33 19.38
C LEU SA 96 22.18 -80.37 18.61
N THR SA 97 21.88 -81.65 18.81
CA THR SA 97 22.54 -82.71 18.05
C THR SA 97 22.23 -82.58 16.56
N ASN SA 98 20.95 -82.38 16.22
CA ASN SA 98 20.56 -82.20 14.83
C ASN SA 98 21.28 -81.00 14.22
N MET SA 99 21.35 -79.89 14.95
CA MET SA 99 22.00 -78.72 14.38
C MET SA 99 23.50 -78.91 14.24
N VAL SA 100 24.16 -79.58 15.18
CA VAL SA 100 25.60 -79.82 15.04
C VAL SA 100 25.87 -80.68 13.81
N ALA SA 101 25.08 -81.74 13.62
CA ALA SA 101 25.25 -82.58 12.44
C ALA SA 101 25.05 -81.80 11.16
N GLY SA 102 23.96 -81.01 11.09
CA GLY SA 102 23.73 -80.21 9.88
C GLY SA 102 24.79 -79.17 9.64
N LEU SA 103 25.33 -78.58 10.70
CA LEU SA 103 26.36 -77.56 10.56
C LEU SA 103 27.66 -78.14 10.05
N LYS SA 104 28.06 -79.32 10.53
CA LYS SA 104 29.30 -79.88 10.01
C LYS SA 104 29.11 -80.42 8.62
N ALA SA 105 27.90 -80.89 8.27
CA ALA SA 105 27.62 -81.23 6.88
C ALA SA 105 27.78 -80.00 5.98
N TYR SA 106 27.15 -78.89 6.38
CA TYR SA 106 27.33 -77.60 5.73
C TYR SA 106 28.79 -77.29 5.51
N TYR SA 107 29.59 -77.25 6.58
CA TYR SA 107 30.96 -76.79 6.47
C TYR SA 107 31.83 -77.75 5.66
N VAL SA 108 31.64 -79.06 5.84
CA VAL SA 108 32.45 -80.03 5.12
C VAL SA 108 32.17 -80.01 3.63
N SER SA 109 30.89 -79.94 3.23
CA SER SA 109 30.60 -80.06 1.81
C SER SA 109 30.63 -78.71 1.10
N ALA SA 110 30.55 -77.60 1.84
CA ALA SA 110 30.57 -76.30 1.19
C ALA SA 110 31.94 -75.64 1.21
N TYR SA 111 32.69 -75.76 2.31
CA TYR SA 111 33.90 -74.97 2.48
C TYR SA 111 35.16 -75.82 2.57
N GLY SA 112 35.08 -77.11 2.28
CA GLY SA 112 36.26 -77.95 2.30
C GLY SA 112 36.90 -78.09 3.66
N ALA SA 113 36.11 -78.10 4.72
CA ALA SA 113 36.65 -78.23 6.06
C ALA SA 113 37.05 -79.67 6.35
N ASN SA 114 37.92 -79.83 7.34
CA ASN SA 114 38.44 -81.12 7.78
C ASN SA 114 37.52 -81.72 8.83
N PRO SA 115 37.03 -82.95 8.64
CA PRO SA 115 36.17 -83.55 9.67
C PRO SA 115 36.86 -83.76 11.00
N GLU SA 116 38.17 -84.06 10.99
CA GLU SA 116 38.90 -84.28 12.24
C GLU SA 116 38.97 -83.01 13.08
N ILE SA 117 39.28 -81.88 12.44
CA ILE SA 117 39.38 -80.62 13.19
C ILE SA 117 38.00 -80.13 13.60
N LEU SA 118 36.97 -80.39 12.80
CA LEU SA 118 35.62 -80.04 13.21
C LEU SA 118 35.19 -80.85 14.42
N ASP SA 119 35.56 -82.14 14.46
CA ASP SA 119 35.28 -82.95 15.64
C ASP SA 119 36.02 -82.42 16.85
N ALA SA 120 37.28 -82.01 16.68
CA ALA SA 120 38.04 -81.45 17.80
C ALA SA 120 37.40 -80.16 18.32
N VAL SA 121 36.91 -79.31 17.43
CA VAL SA 121 36.28 -78.05 17.84
C VAL SA 121 34.97 -78.34 18.58
N THR SA 122 34.16 -79.24 18.04
CA THR SA 122 32.94 -79.63 18.73
C THR SA 122 33.23 -80.24 20.09
N ASN SA 123 34.35 -80.96 20.21
CA ASN SA 123 34.76 -81.53 21.48
C ASN SA 123 35.10 -80.45 22.50
N ILE SA 124 35.86 -79.44 22.08
CA ILE SA 124 36.22 -78.39 23.03
C ILE SA 124 35.00 -77.56 23.41
N ILE SA 125 33.97 -77.53 22.57
CA ILE SA 125 32.81 -76.68 22.88
C ILE SA 125 31.75 -77.43 23.67
N LEU SA 126 31.24 -78.55 23.15
CA LEU SA 126 30.11 -79.23 23.77
C LEU SA 126 30.51 -80.42 24.63
N GLY SA 127 31.78 -80.83 24.59
CA GLY SA 127 32.27 -81.93 25.40
C GLY SA 127 32.46 -83.21 24.63
N SER SA 128 31.84 -83.36 23.48
CA SER SA 128 31.89 -84.59 22.71
C SER SA 128 31.91 -84.23 21.23
N PRO SA 129 32.52 -85.08 20.39
CA PRO SA 129 32.49 -84.81 18.94
C PRO SA 129 31.09 -84.74 18.35
N THR SA 130 30.20 -85.67 18.73
CA THR SA 130 28.83 -85.62 18.21
C THR SA 130 27.96 -84.65 18.99
N GLY SA 131 28.35 -84.31 20.22
CA GLY SA 131 27.64 -83.34 21.01
C GLY SA 131 26.59 -83.87 21.95
N TYR SA 132 26.49 -85.20 22.11
CA TYR SA 132 25.47 -85.78 23.00
C TYR SA 132 25.74 -85.36 24.43
N ALA TA 2 -30.33 63.86 -12.13
CA ALA TA 2 -30.19 63.76 -13.57
C ALA TA 2 -30.76 62.46 -14.10
N LYS TA 3 -31.96 62.10 -13.62
CA LYS TA 3 -32.64 60.89 -14.05
C LYS TA 3 -33.99 61.17 -14.67
N GLY TA 4 -34.75 62.11 -14.12
CA GLY TA 4 -36.07 62.41 -14.66
C GLY TA 4 -36.21 63.83 -15.16
N ARG TA 5 -35.22 64.31 -15.91
CA ARG TA 5 -35.15 65.73 -16.23
C ARG TA 5 -35.68 66.07 -17.61
N THR TA 6 -35.57 65.17 -18.56
CA THR TA 6 -36.14 65.40 -19.87
C THR TA 6 -37.29 64.42 -20.12
N PRO TA 7 -38.32 64.84 -20.84
CA PRO TA 7 -39.44 63.93 -21.13
C PRO TA 7 -39.01 62.79 -22.05
N ARG TA 8 -39.49 61.59 -21.75
CA ARG TA 8 -39.18 60.39 -22.52
C ARG TA 8 -40.47 59.81 -23.07
N SER TA 9 -40.51 59.59 -24.38
CA SER TA 9 -41.70 59.08 -25.04
C SER TA 9 -41.68 57.55 -25.06
N PHE TA 10 -42.69 56.95 -25.70
CA PHE TA 10 -42.79 55.49 -25.66
C PHE TA 10 -41.61 54.83 -26.34
N SER TA 11 -41.15 55.35 -27.48
CA SER TA 11 -40.07 54.70 -28.19
C SER TA 11 -38.77 54.77 -27.39
N GLN TA 12 -38.51 55.90 -26.73
CA GLN TA 12 -37.32 56.02 -25.90
C GLN TA 12 -37.38 55.10 -24.68
N ARG TA 13 -38.50 55.12 -23.96
CA ARG TA 13 -38.68 54.23 -22.82
C ARG TA 13 -38.51 52.78 -23.24
N TYR TA 14 -39.19 52.37 -24.31
CA TYR TA 14 -39.10 50.99 -24.77
C TYR TA 14 -37.69 50.63 -25.21
N GLY TA 15 -37.00 51.54 -25.89
CA GLY TA 15 -35.65 51.23 -26.35
C GLY TA 15 -34.68 51.04 -25.20
N LYS TA 16 -34.72 51.95 -24.23
CA LYS TA 16 -33.82 51.80 -23.08
C LYS TA 16 -34.17 50.58 -22.24
N TRP TA 17 -35.47 50.33 -22.03
CA TRP TA 17 -35.87 49.15 -21.28
C TRP TA 17 -35.40 47.89 -21.98
N ASN TA 18 -35.54 47.84 -23.31
CA ASN TA 18 -35.16 46.65 -24.05
C ASN TA 18 -33.66 46.46 -24.04
N ALA TA 19 -32.89 47.55 -24.10
CA ALA TA 19 -31.45 47.45 -24.02
C ALA TA 19 -31.02 46.89 -22.66
N LYS TA 20 -31.58 47.43 -21.58
CA LYS TA 20 -31.22 46.95 -20.25
C LYS TA 20 -31.67 45.51 -20.03
N PHE TA 21 -32.81 45.13 -20.61
CA PHE TA 21 -33.31 43.77 -20.42
C PHE TA 21 -32.47 42.77 -21.20
N THR TA 22 -32.09 43.11 -22.43
CA THR TA 22 -31.20 42.25 -23.21
C THR TA 22 -29.83 42.14 -22.55
N ALA TA 23 -29.38 43.22 -21.90
CA ALA TA 23 -28.11 43.16 -21.19
C ALA TA 23 -28.19 42.24 -19.98
N PHE TA 24 -29.28 42.34 -19.22
CA PHE TA 24 -29.39 41.57 -17.98
C PHE TA 24 -29.55 40.07 -18.25
N SER TA 25 -29.98 39.67 -19.45
CA SER TA 25 -30.13 38.27 -19.80
C SER TA 25 -28.80 37.58 -20.07
N ASN TA 26 -27.71 38.33 -20.15
CA ASN TA 26 -26.39 37.73 -20.27
C ASN TA 26 -26.10 36.90 -19.02
N PRO TA 27 -25.47 35.72 -19.17
CA PRO TA 27 -25.19 34.91 -17.98
C PRO TA 27 -24.33 35.63 -16.95
N THR TA 28 -23.25 36.26 -17.40
CA THR TA 28 -22.30 36.88 -16.48
C THR TA 28 -22.90 38.10 -15.81
N VAL TA 29 -23.67 38.90 -16.54
CA VAL TA 29 -24.25 40.12 -15.98
C VAL TA 29 -25.21 39.80 -14.85
N ALA TA 30 -26.22 38.97 -15.14
CA ALA TA 30 -27.20 38.60 -14.12
C ALA TA 30 -26.54 37.86 -12.97
N SER TA 31 -25.66 36.91 -13.28
CA SER TA 31 -24.98 36.16 -12.23
C SER TA 31 -24.23 37.10 -11.28
N THR TA 32 -23.42 37.99 -11.84
CA THR TA 32 -22.62 38.90 -11.03
C THR TA 32 -23.49 39.80 -10.18
N ILE TA 33 -24.52 40.41 -10.78
CA ILE TA 33 -25.36 41.36 -10.05
C ILE TA 33 -26.09 40.67 -8.90
N LEU TA 34 -26.70 39.51 -9.18
CA LEU TA 34 -27.50 38.85 -8.16
C LEU TA 34 -26.62 38.25 -7.07
N THR TA 35 -25.48 37.68 -7.43
CA THR TA 35 -24.57 37.14 -6.43
C THR TA 35 -24.03 38.25 -5.54
N ASN TA 36 -23.85 39.46 -6.09
CA ASN TA 36 -23.34 40.56 -5.28
C ASN TA 36 -24.42 41.13 -4.36
N VAL TA 37 -25.67 41.18 -4.81
CA VAL TA 37 -26.72 41.77 -3.96
C VAL TA 37 -27.42 40.75 -3.08
N ALA TA 38 -27.05 39.47 -3.15
CA ALA TA 38 -27.70 38.47 -2.29
C ALA TA 38 -27.68 38.80 -0.81
N PRO TA 39 -26.55 39.12 -0.16
CA PRO TA 39 -26.59 39.34 1.30
C PRO TA 39 -27.39 40.56 1.72
N ILE TA 40 -27.34 41.63 0.93
CA ILE TA 40 -28.10 42.84 1.27
C ILE TA 40 -29.59 42.59 1.12
N ALA TA 41 -29.99 41.85 0.08
CA ALA TA 41 -31.39 41.50 -0.10
C ALA TA 41 -31.89 40.60 1.01
N GLN TA 42 -31.05 39.63 1.44
CA GLN TA 42 -31.39 38.82 2.60
C GLN TA 42 -31.61 39.66 3.84
N GLY TA 43 -30.70 40.61 4.10
CA GLY TA 43 -30.85 41.49 5.24
C GLY TA 43 -32.11 42.34 5.18
N ASN TA 44 -32.46 42.83 3.99
CA ASN TA 44 -33.66 43.65 3.86
C ASN TA 44 -34.92 42.83 4.09
N PHE TA 45 -34.97 41.62 3.52
CA PHE TA 45 -36.08 40.71 3.79
C PHE TA 45 -36.21 40.45 5.29
N GLN TA 46 -35.10 40.12 5.95
CA GLN TA 46 -35.15 39.81 7.37
C GLN TA 46 -35.55 41.01 8.21
N THR TA 47 -35.19 42.21 7.77
CA THR TA 47 -35.53 43.40 8.53
C THR TA 47 -37.01 43.75 8.38
N ASN TA 48 -37.58 43.53 7.20
CA ASN TA 48 -38.92 44.06 6.93
C ASN TA 48 -40.05 43.06 7.06
N VAL TA 49 -39.90 41.83 6.57
CA VAL TA 49 -41.04 40.94 6.39
C VAL TA 49 -41.72 40.49 7.68
N PRO TA 50 -41.02 40.30 8.81
CA PRO TA 50 -41.73 39.88 10.04
C PRO TA 50 -42.85 40.84 10.46
N LYS TA 51 -42.65 42.15 10.28
CA LYS TA 51 -43.68 43.12 10.61
C LYS TA 51 -44.96 42.92 9.82
N PHE TA 52 -44.88 42.28 8.65
CA PHE TA 52 -46.04 42.07 7.81
C PHE TA 52 -46.65 40.68 7.97
N THR TA 53 -45.81 39.67 8.23
CA THR TA 53 -46.36 38.35 8.58
C THR TA 53 -47.14 38.40 9.88
N SER TA 54 -46.66 39.16 10.87
CA SER TA 54 -47.40 39.26 12.13
C SER TA 54 -48.74 39.92 11.94
N VAL TA 55 -48.80 40.94 11.07
CA VAL TA 55 -50.07 41.56 10.73
C VAL TA 55 -50.98 40.57 10.04
N ASN TA 56 -50.42 39.71 9.19
CA ASN TA 56 -51.23 38.68 8.55
C ASN TA 56 -51.89 37.79 9.60
N GLU TA 57 -51.13 37.31 10.59
CA GLU TA 57 -51.73 36.44 11.60
C GLU TA 57 -52.79 37.16 12.44
N GLN TA 58 -52.50 38.39 12.87
CA GLN TA 58 -53.45 39.11 13.71
C GLN TA 58 -54.73 39.43 12.96
N VAL TA 59 -54.62 39.87 11.69
CA VAL TA 59 -55.82 40.19 10.94
C VAL TA 59 -56.59 38.94 10.59
N SER TA 60 -55.92 37.80 10.42
CA SER TA 60 -56.62 36.54 10.25
C SER TA 60 -57.47 36.23 11.48
N ALA TA 61 -56.87 36.37 12.66
CA ALA TA 61 -57.61 36.12 13.90
C ALA TA 61 -58.81 37.06 14.04
N VAL TA 62 -58.65 38.32 13.62
CA VAL TA 62 -59.76 39.26 13.68
C VAL TA 62 -60.85 38.89 12.67
N LEU TA 63 -60.46 38.43 11.48
CA LEU TA 63 -61.44 38.12 10.45
C LEU TA 63 -62.24 36.88 10.78
N THR TA 64 -61.64 35.90 11.45
CA THR TA 64 -62.39 34.70 11.81
C THR TA 64 -63.48 35.00 12.82
N GLN TA 65 -63.28 35.99 13.69
CA GLN TA 65 -64.30 36.33 14.68
C GLN TA 65 -65.48 37.09 14.07
N TYR TA 66 -65.33 37.62 12.87
CA TYR TA 66 -66.40 38.36 12.20
C TYR TA 66 -67.09 37.57 11.12
N GLY TA 67 -66.69 36.33 10.88
CA GLY TA 67 -67.37 35.49 9.91
C GLY TA 67 -66.99 35.73 8.47
N VAL TA 68 -65.82 36.31 8.20
CA VAL TA 68 -65.41 36.63 6.85
C VAL TA 68 -64.68 35.44 6.25
N THR TA 69 -65.14 34.99 5.09
CA THR TA 69 -64.58 33.83 4.43
C THR TA 69 -64.33 34.14 2.96
N GLY TA 70 -63.34 33.45 2.39
CA GLY TA 70 -63.10 33.50 0.97
C GLY TA 70 -62.28 34.70 0.53
N PRO TA 71 -62.42 35.08 -0.75
CA PRO TA 71 -61.70 36.26 -1.24
C PRO TA 71 -62.05 37.54 -0.50
N SER TA 72 -63.23 37.62 0.11
CA SER TA 72 -63.57 38.77 0.94
C SER TA 72 -62.59 38.97 2.08
N ARG TA 73 -61.90 37.92 2.52
CA ARG TA 73 -60.86 38.11 3.52
C ARG TA 73 -59.72 38.95 2.98
N ALA TA 74 -59.32 38.70 1.72
CA ALA TA 74 -58.19 39.41 1.13
C ALA TA 74 -58.37 40.91 1.22
N ILE TA 75 -59.58 41.40 0.94
CA ILE TA 75 -59.89 42.83 1.07
C ILE TA 75 -59.31 43.37 2.37
N TYR TA 76 -59.77 42.82 3.48
CA TYR TA 76 -59.33 43.33 4.76
C TYR TA 76 -57.85 43.05 4.99
N GLN TA 77 -57.39 41.85 4.59
CA GLN TA 77 -55.96 41.60 4.65
C GLN TA 77 -55.22 42.70 3.92
N GLY TA 78 -55.62 42.98 2.67
CA GLY TA 78 -54.97 44.03 1.91
C GLY TA 78 -54.96 45.34 2.67
N TYR TA 79 -56.13 45.75 3.19
CA TYR TA 79 -56.19 47.01 3.90
C TYR TA 79 -55.21 47.01 5.05
N GLY TA 80 -55.22 45.94 5.84
CA GLY TA 80 -54.28 45.84 6.95
C GLY TA 80 -52.85 46.04 6.48
N LEU TA 81 -52.45 45.31 5.45
CA LEU TA 81 -51.09 45.44 4.96
C LEU TA 81 -50.82 46.88 4.53
N LYS TA 82 -51.74 47.47 3.78
CA LYS TA 82 -51.59 48.88 3.41
C LYS TA 82 -51.34 49.73 4.63
N VAL TA 83 -52.17 49.59 5.67
CA VAL TA 83 -51.98 50.40 6.87
C VAL TA 83 -50.63 50.12 7.48
N ALA TA 84 -50.25 48.84 7.58
CA ALA TA 84 -48.95 48.51 8.14
C ALA TA 84 -47.85 49.19 7.35
N ARG TA 85 -47.97 49.20 6.02
CA ARG TA 85 -46.96 49.84 5.19
C ARG TA 85 -46.78 51.30 5.59
N ALA TA 86 -47.89 52.00 5.83
CA ALA TA 86 -47.81 53.39 6.25
C ALA TA 86 -47.01 53.52 7.53
N LEU TA 87 -47.30 52.68 8.52
CA LEU TA 87 -46.58 52.75 9.79
C LEU TA 87 -45.10 52.49 9.59
N ASN TA 88 -44.74 51.73 8.56
CA ASN TA 88 -43.33 51.49 8.33
C ASN TA 88 -42.65 52.69 7.69
N ARG TA 89 -43.36 53.40 6.83
CA ARG TA 89 -42.72 54.45 6.04
C ARG TA 89 -42.52 55.73 6.85
N ILE TA 90 -43.59 56.24 7.42
CA ILE TA 90 -43.56 57.58 8.00
C ILE TA 90 -43.60 57.59 9.53
N GLY TA 91 -43.97 56.49 10.16
CA GLY TA 91 -44.06 56.43 11.60
C GLY TA 91 -45.43 56.84 12.11
N ALA TA 92 -45.54 56.91 13.43
CA ALA TA 92 -46.79 57.28 14.07
C ALA TA 92 -46.88 58.79 14.25
N GLY TA 93 -48.08 59.34 14.14
CA GLY TA 93 -48.30 60.75 14.25
C GLY TA 93 -49.49 61.21 13.43
N PRO TA 94 -49.67 62.53 13.32
CA PRO TA 94 -50.81 63.06 12.54
C PRO TA 94 -50.81 62.64 11.07
N ALA TA 95 -49.63 62.47 10.46
CA ALA TA 95 -49.59 61.99 9.08
C ALA TA 95 -50.17 60.58 8.98
N LEU TA 96 -49.90 59.73 9.97
CA LEU TA 96 -50.48 58.40 9.98
C LEU TA 96 -51.99 58.45 10.14
N THR TA 97 -52.50 59.39 10.93
CA THR TA 97 -53.94 59.56 11.04
C THR TA 97 -54.55 59.97 9.70
N ASN TA 98 -53.92 60.90 9.01
CA ASN TA 98 -54.42 61.33 7.71
C ASN TA 98 -54.43 60.18 6.71
N MET TA 99 -53.35 59.39 6.68
CA MET TA 99 -53.32 58.28 5.75
C MET TA 99 -54.29 57.18 6.12
N VAL TA 100 -54.53 56.93 7.42
CA VAL TA 100 -55.50 55.91 7.79
C VAL TA 100 -56.90 56.35 7.38
N ALA TA 101 -57.22 57.62 7.55
CA ALA TA 101 -58.52 58.11 7.09
C ALA TA 101 -58.65 58.00 5.57
N GLY TA 102 -57.59 58.37 4.84
CA GLY TA 102 -57.63 58.23 3.39
C GLY TA 102 -57.77 56.79 2.94
N LEU TA 103 -57.13 55.86 3.64
CA LEU TA 103 -57.23 54.45 3.27
C LEU TA 103 -58.61 53.89 3.54
N LYS TA 104 -59.22 54.28 4.65
CA LYS TA 104 -60.59 53.84 4.92
C LYS TA 104 -61.55 54.38 3.88
N ALA TA 105 -61.41 55.66 3.52
CA ALA TA 105 -62.23 56.21 2.45
C ALA TA 105 -62.04 55.44 1.15
N TYR TA 106 -60.78 55.20 0.79
CA TYR TA 106 -60.45 54.43 -0.40
C TYR TA 106 -61.18 53.09 -0.42
N TYR TA 107 -61.01 52.29 0.64
CA TYR TA 107 -61.55 50.94 0.60
C TYR TA 107 -63.06 50.91 0.68
N VAL TA 108 -63.66 51.75 1.52
CA VAL TA 108 -65.11 51.78 1.64
C VAL TA 108 -65.76 52.25 0.33
N SER TA 109 -65.16 53.26 -0.32
CA SER TA 109 -65.83 53.85 -1.48
C SER TA 109 -65.54 53.09 -2.76
N ALA TA 110 -64.38 52.44 -2.87
CA ALA TA 110 -64.04 51.75 -4.10
C ALA TA 110 -64.36 50.25 -4.05
N TYR TA 111 -64.10 49.58 -2.94
CA TYR TA 111 -64.17 48.12 -2.89
C TYR TA 111 -65.32 47.59 -2.04
N GLY TA 112 -66.17 48.47 -1.51
CA GLY TA 112 -67.34 48.01 -0.77
C GLY TA 112 -67.03 47.32 0.53
N ALA TA 113 -65.92 47.66 1.17
CA ALA TA 113 -65.56 47.07 2.45
C ALA TA 113 -66.47 47.60 3.57
N ASN TA 114 -66.54 46.83 4.64
CA ASN TA 114 -67.37 47.11 5.82
C ASN TA 114 -66.62 48.01 6.78
N PRO TA 115 -67.20 49.15 7.17
CA PRO TA 115 -66.49 50.04 8.10
C PRO TA 115 -66.17 49.42 9.45
N GLU TA 116 -67.03 48.54 9.96
CA GLU TA 116 -66.79 47.91 11.25
C GLU TA 116 -65.56 47.02 11.23
N ILE TA 117 -65.43 46.19 10.20
CA ILE TA 117 -64.27 45.32 10.11
C ILE TA 117 -63.01 46.12 9.83
N LEU TA 118 -63.13 47.26 9.12
CA LEU TA 118 -61.98 48.13 8.95
C LEU TA 118 -61.55 48.73 10.28
N ASP TA 119 -62.51 49.12 11.12
CA ASP TA 119 -62.19 49.60 12.46
C ASP TA 119 -61.49 48.53 13.28
N ALA TA 120 -61.98 47.29 13.21
CA ALA TA 120 -61.35 46.21 13.96
C ALA TA 120 -59.94 45.93 13.47
N VAL TA 121 -59.71 46.00 12.16
CA VAL TA 121 -58.38 45.74 11.63
C VAL TA 121 -57.40 46.84 12.04
N THR TA 122 -57.81 48.09 11.89
CA THR TA 122 -56.91 49.17 12.32
C THR TA 122 -56.75 49.20 13.82
N ASN TA 123 -57.69 48.62 14.57
CA ASN TA 123 -57.53 48.55 16.02
C ASN TA 123 -56.57 47.44 16.42
N ILE TA 124 -56.55 46.33 15.70
CA ILE TA 124 -55.58 45.28 15.99
C ILE TA 124 -54.19 45.70 15.52
N ILE TA 125 -54.10 46.59 14.53
CA ILE TA 125 -52.79 47.02 14.03
C ILE TA 125 -52.22 48.18 14.83
N LEU TA 126 -52.99 49.27 14.96
CA LEU TA 126 -52.48 50.48 15.58
C LEU TA 126 -52.88 50.65 17.03
N GLY TA 127 -53.94 49.98 17.48
CA GLY TA 127 -54.40 50.09 18.85
C GLY TA 127 -55.67 50.89 19.01
N SER TA 128 -56.08 51.61 17.98
CA SER TA 128 -57.29 52.41 18.02
C SER TA 128 -57.97 52.36 16.65
N PRO TA 129 -59.30 52.46 16.61
CA PRO TA 129 -59.97 52.53 15.31
C PRO TA 129 -59.54 53.73 14.46
N THR TA 130 -59.29 54.87 15.09
CA THR TA 130 -58.82 56.03 14.35
C THR TA 130 -57.32 56.03 14.19
N GLY TA 131 -56.59 55.46 15.13
CA GLY TA 131 -55.15 55.41 15.07
C GLY TA 131 -54.41 56.47 15.86
N TYR TA 132 -55.09 57.22 16.73
CA TYR TA 132 -54.43 58.24 17.54
C TYR TA 132 -53.40 57.59 18.45
N ALA UA 2 27.12 -58.97 8.02
CA ALA UA 2 26.55 -58.16 6.95
C ALA UA 2 27.50 -57.01 6.59
N LYS UA 3 28.78 -57.33 6.43
CA LYS UA 3 29.79 -56.32 6.10
C LYS UA 3 30.44 -56.57 4.76
N GLY UA 4 30.76 -57.82 4.43
CA GLY UA 4 31.36 -58.11 3.15
C GLY UA 4 30.54 -59.08 2.31
N ARG UA 5 29.22 -58.90 2.31
CA ARG UA 5 28.33 -59.87 1.71
C ARG UA 5 28.04 -59.59 0.23
N THR UA 6 28.06 -58.34 -0.18
CA THR UA 6 27.89 -58.00 -1.58
C THR UA 6 29.16 -57.36 -2.12
N PRO UA 7 29.48 -57.58 -3.39
CA PRO UA 7 30.71 -57.00 -3.97
C PRO UA 7 30.58 -55.50 -4.15
N ARG UA 8 31.67 -54.79 -3.85
CA ARG UA 8 31.72 -53.34 -3.97
C ARG UA 8 32.79 -52.95 -4.98
N SER UA 9 32.41 -52.20 -6.00
CA SER UA 9 33.32 -51.79 -7.06
C SER UA 9 34.09 -50.56 -6.61
N PHE UA 10 34.95 -50.03 -7.49
CA PHE UA 10 35.77 -48.89 -7.11
C PHE UA 10 34.91 -47.68 -6.78
N SER UA 11 33.86 -47.43 -7.56
CA SER UA 11 33.04 -46.25 -7.32
C SER UA 11 32.34 -46.31 -5.96
N GLN UA 12 31.85 -47.48 -5.58
CA GLN UA 12 31.18 -47.62 -4.29
C GLN UA 12 32.17 -47.53 -3.13
N ARG UA 13 33.30 -48.22 -3.26
CA ARG UA 13 34.35 -48.12 -2.24
C ARG UA 13 34.78 -46.68 -2.02
N TYR UA 14 35.07 -45.98 -3.12
CA TYR UA 14 35.53 -44.60 -3.02
C TYR UA 14 34.44 -43.71 -2.45
N GLY UA 15 33.19 -43.91 -2.86
CA GLY UA 15 32.11 -43.09 -2.32
C GLY UA 15 31.97 -43.24 -0.82
N LYS UA 16 31.93 -44.48 -0.34
CA LYS UA 16 31.78 -44.69 1.10
C LYS UA 16 33.01 -44.22 1.87
N TRP UA 17 34.21 -44.48 1.34
CA TRP UA 17 35.41 -44.02 2.03
C TRP UA 17 35.46 -42.51 2.11
N ASN UA 18 35.08 -41.82 1.04
CA ASN UA 18 35.11 -40.37 1.04
C ASN UA 18 34.05 -39.79 1.96
N ALA UA 19 32.87 -40.41 2.01
CA ALA UA 19 31.84 -39.97 2.94
C ALA UA 19 32.33 -40.08 4.37
N LYS UA 20 32.93 -41.23 4.72
CA LYS UA 20 33.39 -41.42 6.09
C LYS UA 20 34.56 -40.51 6.43
N PHE UA 21 35.46 -40.27 5.47
CA PHE UA 21 36.60 -39.38 5.72
C PHE UA 21 36.14 -37.93 5.88
N THR UA 22 35.16 -37.51 5.09
CA THR UA 22 34.61 -36.17 5.23
C THR UA 22 33.85 -36.02 6.55
N ALA UA 23 33.18 -37.07 6.99
CA ALA UA 23 32.50 -37.02 8.29
C ALA UA 23 33.51 -36.90 9.42
N PHE UA 24 34.57 -37.72 9.40
CA PHE UA 24 35.54 -37.70 10.48
C PHE UA 24 36.31 -36.39 10.57
N SER UA 25 36.33 -35.59 9.51
CA SER UA 25 37.05 -34.31 9.51
C SER UA 25 36.33 -33.24 10.30
N ASN UA 26 35.09 -33.48 10.74
CA ASN UA 26 34.38 -32.54 11.57
C ASN UA 26 35.09 -32.39 12.91
N PRO UA 27 35.13 -31.19 13.48
CA PRO UA 27 35.75 -31.04 14.81
C PRO UA 27 35.12 -31.94 15.87
N THR UA 28 33.78 -31.91 15.96
CA THR UA 28 33.09 -32.64 17.01
C THR UA 28 33.21 -34.14 16.83
N VAL UA 29 33.07 -34.64 15.61
CA VAL UA 29 33.09 -36.08 15.37
C VAL UA 29 34.45 -36.67 15.75
N ALA UA 30 35.52 -36.09 15.20
CA ALA UA 30 36.87 -36.56 15.49
C ALA UA 30 37.20 -36.41 16.97
N SER UA 31 36.91 -35.23 17.54
CA SER UA 31 37.20 -35.00 18.95
C SER UA 31 36.49 -36.02 19.83
N THR UA 32 35.20 -36.26 19.57
CA THR UA 32 34.42 -37.16 20.41
C THR UA 32 34.92 -38.60 20.30
N ILE UA 33 35.16 -39.08 19.07
CA ILE UA 33 35.59 -40.46 18.91
C ILE UA 33 36.95 -40.69 19.57
N LEU UA 34 37.89 -39.76 19.34
CA LEU UA 34 39.23 -39.96 19.86
C LEU UA 34 39.27 -39.82 21.38
N THR UA 35 38.51 -38.87 21.92
CA THR UA 35 38.48 -38.69 23.37
C THR UA 35 37.81 -39.88 24.06
N ASN UA 36 36.84 -40.52 23.38
CA ASN UA 36 36.20 -41.68 23.97
C ASN UA 36 37.09 -42.92 23.91
N VAL UA 37 37.85 -43.10 22.82
CA VAL UA 37 38.69 -44.29 22.71
C VAL UA 37 40.09 -44.10 23.26
N ALA UA 38 40.43 -42.92 23.80
CA ALA UA 38 41.76 -42.72 24.35
C ALA UA 38 42.18 -43.73 25.41
N PRO UA 39 41.42 -43.98 26.49
CA PRO UA 39 41.92 -44.92 27.52
C PRO UA 39 42.07 -46.36 27.04
N ILE UA 40 41.18 -46.81 26.16
CA ILE UA 40 41.26 -48.16 25.64
C ILE UA 40 42.47 -48.31 24.73
N ALA UA 41 42.74 -47.30 23.91
CA ALA UA 41 43.93 -47.32 23.05
C ALA UA 41 45.20 -47.30 23.88
N GLN UA 42 45.21 -46.52 24.97
CA GLN UA 42 46.36 -46.52 25.87
C GLN UA 42 46.58 -47.89 26.48
N GLY UA 43 45.52 -48.53 26.96
CA GLY UA 43 45.66 -49.85 27.53
C GLY UA 43 46.14 -50.89 26.53
N ASN UA 44 45.68 -50.77 25.28
CA ASN UA 44 46.13 -51.70 24.26
C ASN UA 44 47.62 -51.51 23.94
N PHE UA 45 48.05 -50.26 23.82
CA PHE UA 45 49.47 -49.97 23.63
C PHE UA 45 50.31 -50.54 24.77
N GLN UA 46 49.90 -50.27 26.01
CA GLN UA 46 50.64 -50.74 27.17
C GLN UA 46 50.66 -52.26 27.26
N THR UA 47 49.60 -52.92 26.81
CA THR UA 47 49.57 -54.37 26.86
C THR UA 47 50.46 -54.99 25.80
N ASN UA 48 50.54 -54.39 24.62
CA ASN UA 48 51.15 -55.07 23.49
C ASN UA 48 52.58 -54.66 23.17
N VAL UA 49 52.95 -53.39 23.27
CA VAL UA 49 54.22 -52.93 22.72
C VAL UA 49 55.48 -53.45 23.44
N PRO UA 50 55.46 -53.68 24.77
CA PRO UA 50 56.68 -54.21 25.41
C PRO UA 50 57.22 -55.50 24.80
N LYS UA 51 56.34 -56.39 24.35
CA LYS UA 51 56.77 -57.65 23.75
C LYS UA 51 57.57 -57.44 22.47
N PHE UA 52 57.36 -56.32 21.79
CA PHE UA 52 58.08 -56.03 20.56
C PHE UA 52 59.27 -55.13 20.77
N THR UA 53 59.23 -54.26 21.79
CA THR UA 53 60.42 -53.50 22.17
C THR UA 53 61.52 -54.42 22.67
N SER UA 54 61.15 -55.45 23.44
CA SER UA 54 62.12 -56.43 23.91
C SER UA 54 62.76 -57.18 22.74
N VAL UA 55 61.95 -57.54 21.74
CA VAL UA 55 62.46 -58.22 20.57
C VAL UA 55 63.43 -57.32 19.82
N ASN UA 56 63.11 -56.03 19.71
CA ASN UA 56 64.03 -55.10 19.08
C ASN UA 56 65.38 -55.09 19.78
N GLU UA 57 65.38 -55.00 21.11
CA GLU UA 57 66.63 -54.95 21.85
C GLU UA 57 67.44 -56.24 21.69
N GLN UA 58 66.78 -57.40 21.80
CA GLN UA 58 67.50 -58.66 21.69
C GLN UA 58 68.02 -58.92 20.29
N VAL UA 59 67.23 -58.60 19.26
CA VAL UA 59 67.69 -58.78 17.90
C VAL UA 59 68.82 -57.81 17.58
N SER UA 60 68.80 -56.61 18.15
CA SER UA 60 69.93 -55.70 17.97
C SER UA 60 71.19 -56.28 18.58
N ALA UA 61 71.09 -56.81 19.80
CA ALA UA 61 72.23 -57.46 20.42
C ALA UA 61 72.77 -58.60 19.56
N VAL UA 62 71.87 -59.37 18.93
CA VAL UA 62 72.31 -60.50 18.10
C VAL UA 62 72.96 -60.00 16.82
N LEU UA 63 72.37 -58.98 16.19
CA LEU UA 63 72.89 -58.48 14.92
C LEU UA 63 74.26 -57.84 15.09
N THR UA 64 74.52 -57.23 16.25
CA THR UA 64 75.82 -56.59 16.46
C THR UA 64 76.94 -57.61 16.54
N GLN UA 65 76.66 -58.83 17.02
CA GLN UA 65 77.72 -59.83 17.10
C GLN UA 65 77.93 -60.57 15.78
N TYR UA 66 77.06 -60.36 14.79
CA TYR UA 66 77.26 -60.91 13.46
C TYR UA 66 77.77 -59.90 12.45
N GLY UA 67 77.95 -58.64 12.84
CA GLY UA 67 78.53 -57.64 11.97
C GLY UA 67 77.58 -56.97 11.01
N VAL UA 68 76.28 -57.06 11.25
CA VAL UA 68 75.29 -56.49 10.35
C VAL UA 68 75.13 -55.01 10.65
N THR UA 69 75.23 -54.18 9.61
CA THR UA 69 75.15 -52.74 9.75
C THR UA 69 74.17 -52.18 8.72
N GLY UA 70 73.63 -51.01 9.01
CA GLY UA 70 72.85 -50.26 8.06
C GLY UA 70 71.48 -50.83 7.79
N PRO UA 71 70.93 -50.53 6.62
CA PRO UA 71 69.58 -51.03 6.30
C PRO UA 71 69.47 -52.54 6.28
N SER UA 72 70.58 -53.26 6.11
CA SER UA 72 70.55 -54.71 6.19
C SER UA 72 70.08 -55.19 7.55
N ARG UA 73 70.28 -54.40 8.60
CA ARG UA 73 69.71 -54.76 9.89
C ARG UA 73 68.20 -54.82 9.82
N ALA UA 74 67.57 -53.84 9.17
CA ALA UA 74 66.13 -53.78 9.08
C ALA UA 74 65.54 -55.11 8.64
N ILE UA 75 66.14 -55.74 7.63
CA ILE UA 75 65.67 -57.05 7.17
C ILE UA 75 65.45 -57.97 8.36
N TYR UA 76 66.52 -58.27 9.08
CA TYR UA 76 66.40 -59.20 10.19
C TYR UA 76 65.51 -58.64 11.28
N GLN UA 77 65.60 -57.34 11.56
CA GLN UA 77 64.70 -56.75 12.53
C GLN UA 77 63.26 -57.02 12.12
N GLY UA 78 62.93 -56.73 10.87
CA GLY UA 78 61.59 -57.01 10.39
C GLY UA 78 61.21 -58.45 10.61
N TYR UA 79 62.08 -59.38 10.19
CA TYR UA 79 61.80 -60.79 10.37
C TYR UA 79 61.47 -61.07 11.83
N GLY UA 80 62.32 -60.59 12.74
CA GLY UA 80 62.07 -60.81 14.15
C GLY UA 80 60.69 -60.36 14.56
N LEU UA 81 60.34 -59.11 14.22
CA LEU UA 81 59.04 -58.60 14.60
C LEU UA 81 57.94 -59.48 14.02
N LYS UA 82 58.08 -59.86 12.75
CA LYS UA 82 57.10 -60.74 12.13
C LYS UA 82 56.91 -61.99 12.98
N VAL UA 83 58.00 -62.66 13.35
CA VAL UA 83 57.88 -63.87 14.16
C VAL UA 83 57.19 -63.56 15.48
N ALA UA 84 57.57 -62.45 16.13
CA ALA UA 84 56.93 -62.10 17.38
C ALA UA 84 55.43 -61.90 17.18
N ARG UA 85 55.03 -61.30 16.06
CA ARG UA 85 53.61 -61.16 15.77
C ARG UA 85 52.93 -62.51 15.80
N ALA UA 86 53.52 -63.51 15.11
CA ALA UA 86 52.95 -64.85 15.14
C ALA UA 86 52.81 -65.36 16.56
N LEU UA 87 53.85 -65.17 17.38
CA LEU UA 87 53.81 -65.69 18.74
C LEU UA 87 52.69 -65.03 19.53
N ASN UA 88 52.39 -63.77 19.22
CA ASN UA 88 51.34 -63.08 19.95
C ASN UA 88 49.96 -63.55 19.49
N ARG UA 89 49.84 -64.02 18.25
CA ARG UA 89 48.51 -64.27 17.70
C ARG UA 89 48.05 -65.69 18.01
N ILE UA 90 48.81 -66.70 17.60
CA ILE UA 90 48.33 -68.08 17.67
C ILE UA 90 48.95 -68.87 18.81
N GLY UA 91 50.06 -68.40 19.39
CA GLY UA 91 50.72 -69.12 20.47
C GLY UA 91 51.73 -70.11 19.95
N ALA UA 92 52.37 -70.80 20.90
CA ALA UA 92 53.39 -71.79 20.56
C ALA UA 92 52.76 -73.14 20.30
N GLY UA 93 53.28 -73.85 19.30
CA GLY UA 93 52.74 -75.11 18.87
C GLY UA 93 53.04 -75.35 17.41
N PRO UA 94 52.52 -76.46 16.87
CA PRO UA 94 52.79 -76.78 15.45
C PRO UA 94 52.43 -75.68 14.47
N ALA UA 95 51.41 -74.88 14.77
CA ALA UA 95 51.09 -73.76 13.90
C ALA UA 95 52.21 -72.74 13.87
N LEU UA 96 52.85 -72.50 15.02
CA LEU UA 96 53.99 -71.60 15.04
C LEU UA 96 55.18 -72.18 14.29
N THR UA 97 55.38 -73.49 14.32
CA THR UA 97 56.44 -74.11 13.53
C THR UA 97 56.19 -73.90 12.04
N ASN UA 98 54.96 -74.14 11.59
CA ASN UA 98 54.61 -73.93 10.19
C ASN UA 98 54.84 -72.48 9.78
N MET UA 99 54.43 -71.54 10.63
CA MET UA 99 54.59 -70.13 10.26
C MET UA 99 56.05 -69.70 10.28
N VAL UA 100 56.87 -70.23 11.19
CA VAL UA 100 58.28 -69.89 11.17
C VAL UA 100 58.94 -70.41 9.91
N ALA UA 101 58.58 -71.63 9.49
CA ALA UA 101 59.12 -72.16 8.24
C ALA UA 101 58.72 -71.30 7.04
N GLY UA 102 57.43 -70.93 6.98
CA GLY UA 102 56.97 -70.09 5.88
C GLY UA 102 57.64 -68.73 5.86
N LEU UA 103 57.85 -68.14 7.03
CA LEU UA 103 58.51 -66.83 7.11
C LEU UA 103 59.97 -66.91 6.70
N LYS UA 104 60.67 -67.96 7.10
CA LYS UA 104 62.04 -68.14 6.65
C LYS UA 104 62.12 -68.29 5.13
N ALA UA 105 61.23 -69.10 4.55
CA ALA UA 105 61.20 -69.22 3.09
C ALA UA 105 60.93 -67.87 2.44
N TYR UA 106 59.94 -67.14 2.96
CA TYR UA 106 59.62 -65.81 2.46
C TYR UA 106 60.84 -64.91 2.42
N TYR UA 107 61.52 -64.77 3.56
CA TYR UA 107 62.63 -63.81 3.64
C TYR UA 107 63.82 -64.26 2.82
N VAL UA 108 64.16 -65.55 2.85
CA VAL UA 108 65.33 -66.03 2.12
C VAL UA 108 65.10 -65.91 0.62
N SER UA 109 63.89 -66.18 0.14
CA SER UA 109 63.66 -66.18 -1.30
C SER UA 109 63.39 -64.79 -1.84
N ALA UA 110 62.74 -63.93 -1.06
CA ALA UA 110 62.34 -62.63 -1.59
C ALA UA 110 63.33 -61.53 -1.28
N TYR UA 111 64.05 -61.60 -0.16
CA TYR UA 111 64.88 -60.48 0.26
C TYR UA 111 66.35 -60.84 0.42
N GLY UA 112 66.74 -62.06 0.05
CA GLY UA 112 68.14 -62.43 0.10
C GLY UA 112 68.74 -62.45 1.48
N ALA UA 113 67.96 -62.81 2.50
CA ALA UA 113 68.46 -62.84 3.85
C ALA UA 113 69.37 -64.04 4.06
N ASN UA 114 70.25 -63.93 5.04
CA ASN UA 114 71.19 -64.99 5.39
C ASN UA 114 70.49 -66.01 6.28
N PRO UA 115 70.53 -67.30 5.93
CA PRO UA 115 69.87 -68.30 6.80
C PRO UA 115 70.49 -68.39 8.19
N GLU UA 116 71.79 -68.19 8.31
CA GLU UA 116 72.43 -68.25 9.63
C GLU UA 116 71.89 -67.20 10.57
N ILE UA 117 71.75 -65.96 10.08
CA ILE UA 117 71.30 -64.88 10.95
C ILE UA 117 69.81 -65.02 11.25
N LEU UA 118 69.03 -65.57 10.31
CA LEU UA 118 67.62 -65.83 10.59
C LEU UA 118 67.48 -66.90 11.66
N ASP UA 119 68.32 -67.94 11.61
CA ASP UA 119 68.35 -68.95 12.65
C ASP UA 119 68.70 -68.34 14.01
N ALA UA 120 69.72 -67.48 14.05
CA ALA UA 120 70.12 -66.87 15.31
C ALA UA 120 69.03 -65.94 15.85
N VAL UA 121 68.33 -65.23 14.97
CA VAL UA 121 67.27 -64.33 15.41
C VAL UA 121 66.10 -65.12 15.98
N THR UA 122 65.63 -66.14 15.24
CA THR UA 122 64.55 -66.95 15.76
C THR UA 122 64.98 -67.77 16.98
N ASN UA 123 66.28 -67.97 17.15
CA ASN UA 123 66.78 -68.61 18.36
C ASN UA 123 66.69 -67.69 19.57
N ILE UA 124 67.06 -66.42 19.40
CA ILE UA 124 66.94 -65.50 20.52
C ILE UA 124 65.47 -65.22 20.84
N ILE UA 125 64.57 -65.39 19.86
CA ILE UA 125 63.17 -65.06 20.09
C ILE UA 125 62.39 -66.26 20.65
N LEU UA 126 62.51 -67.41 20.01
CA LEU UA 126 61.71 -68.58 20.38
C LEU UA 126 62.46 -69.58 21.24
N GLY UA 127 63.79 -69.53 21.27
CA GLY UA 127 64.59 -70.46 22.03
C GLY UA 127 65.30 -71.48 21.19
N SER UA 128 64.81 -71.75 19.98
CA SER UA 128 65.39 -72.73 19.08
C SER UA 128 65.41 -72.15 17.68
N PRO UA 129 66.35 -72.59 16.83
CA PRO UA 129 66.31 -72.13 15.43
C PRO UA 129 65.09 -72.59 14.66
N THR UA 130 64.68 -73.85 14.85
CA THR UA 130 63.49 -74.34 14.17
C THR UA 130 62.21 -73.84 14.84
N GLY UA 131 62.26 -73.55 16.13
CA GLY UA 131 61.13 -73.00 16.84
C GLY UA 131 60.31 -73.98 17.63
N TYR UA 132 60.75 -75.23 17.77
CA TYR UA 132 59.98 -76.22 18.51
C TYR UA 132 59.90 -75.84 19.97
N ALA VA 2 -6.99 75.12 -19.20
CA ALA VA 2 -7.14 74.92 -20.64
C ALA VA 2 -8.23 73.90 -20.94
N LYS VA 3 -9.41 74.09 -20.35
CA LYS VA 3 -10.54 73.19 -20.55
C LYS VA 3 -11.74 73.87 -21.17
N GLY VA 4 -12.06 75.09 -20.74
CA GLY VA 4 -13.21 75.79 -21.28
C GLY VA 4 -12.85 77.10 -21.92
N ARG VA 5 -11.78 77.13 -22.68
CA ARG VA 5 -11.22 78.38 -23.17
C ARG VA 5 -11.75 78.77 -24.54
N THR VA 6 -12.10 77.82 -25.37
CA THR VA 6 -12.70 78.10 -26.65
C THR VA 6 -14.14 77.61 -26.68
N PRO VA 7 -15.03 78.31 -27.39
CA PRO VA 7 -16.43 77.89 -27.44
C PRO VA 7 -16.61 76.63 -28.29
N ARG VA 8 -17.46 75.73 -27.81
CA ARG VA 8 -17.74 74.47 -28.48
C ARG VA 8 -19.21 74.44 -28.91
N SER VA 9 -19.44 74.21 -30.20
CA SER VA 9 -20.77 74.13 -30.76
C SER VA 9 -21.38 72.78 -30.45
N PHE VA 10 -22.63 72.56 -30.90
CA PHE VA 10 -23.28 71.28 -30.63
C PHE VA 10 -22.54 70.13 -31.28
N SER VA 11 -22.05 70.32 -32.51
CA SER VA 11 -21.39 69.23 -33.21
C SER VA 11 -20.09 68.83 -32.54
N GLN VA 12 -19.33 69.80 -32.02
CA GLN VA 12 -18.09 69.47 -31.32
C GLN VA 12 -18.36 68.78 -30.00
N ARG VA 13 -19.31 69.30 -29.21
CA ARG VA 13 -19.69 68.65 -27.98
C ARG VA 13 -20.15 67.21 -28.22
N TYR VA 14 -21.01 67.02 -29.22
CA TYR VA 14 -21.51 65.68 -29.50
C TYR VA 14 -20.40 64.76 -29.97
N GLY VA 15 -19.50 65.27 -30.82
CA GLY VA 15 -18.41 64.43 -31.30
C GLY VA 15 -17.50 63.96 -30.19
N LYS VA 16 -17.15 64.87 -29.27
CA LYS VA 16 -16.25 64.48 -28.19
C LYS VA 16 -16.96 63.60 -27.17
N TRP VA 17 -18.21 63.90 -26.84
CA TRP VA 17 -18.96 63.03 -25.94
C TRP VA 17 -19.10 61.63 -26.51
N ASN VA 18 -19.32 61.53 -27.83
CA ASN VA 18 -19.47 60.23 -28.46
C ASN VA 18 -18.15 59.47 -28.49
N ALA VA 19 -17.05 60.17 -28.78
CA ALA VA 19 -15.74 59.51 -28.76
C ALA VA 19 -15.43 58.96 -27.38
N LYS VA 20 -15.65 59.76 -26.34
CA LYS VA 20 -15.37 59.32 -24.98
C LYS VA 20 -16.31 58.19 -24.54
N PHE VA 21 -17.60 58.27 -24.91
CA PHE VA 21 -18.54 57.22 -24.54
C PHE VA 21 -18.20 55.91 -25.23
N THR VA 22 -17.82 55.98 -26.51
CA THR VA 22 -17.44 54.78 -27.24
C THR VA 22 -16.15 54.18 -26.69
N ALA VA 23 -15.23 55.03 -26.24
CA ALA VA 23 -14.01 54.52 -25.60
C ALA VA 23 -14.34 53.81 -24.29
N PHE VA 24 -15.23 54.40 -23.48
CA PHE VA 24 -15.52 53.82 -22.16
C PHE VA 24 -16.28 52.50 -22.25
N SER VA 25 -16.89 52.19 -23.39
CA SER VA 25 -17.61 50.93 -23.54
C SER VA 25 -16.69 49.74 -23.78
N ASN VA 26 -15.40 49.97 -23.99
CA ASN VA 26 -14.44 48.89 -24.10
C ASN VA 26 -14.40 48.11 -22.78
N PRO VA 27 -14.24 46.79 -22.82
CA PRO VA 27 -14.18 46.04 -21.55
C PRO VA 27 -13.00 46.43 -20.69
N THR VA 28 -11.82 46.51 -21.28
CA THR VA 28 -10.61 46.82 -20.54
C THR VA 28 -10.63 48.24 -19.98
N VAL VA 29 -11.07 49.20 -20.79
CA VAL VA 29 -11.06 50.60 -20.36
C VAL VA 29 -11.97 50.79 -19.15
N ALA VA 30 -13.23 50.34 -19.27
CA ALA VA 30 -14.19 50.49 -18.19
C ALA VA 30 -13.75 49.73 -16.95
N SER VA 31 -13.37 48.47 -17.11
CA SER VA 31 -12.97 47.67 -15.95
C SER VA 31 -11.76 48.28 -15.26
N THR VA 32 -10.78 48.75 -16.02
CA THR VA 32 -9.57 49.32 -15.43
C THR VA 32 -9.88 50.60 -14.66
N ILE VA 33 -10.59 51.54 -15.29
CA ILE VA 33 -10.87 52.81 -14.63
C ILE VA 33 -11.71 52.59 -13.38
N LEU VA 34 -12.71 51.72 -13.46
CA LEU VA 34 -13.60 51.52 -12.31
C LEU VA 34 -12.91 50.75 -11.19
N THR VA 35 -12.11 49.74 -11.53
CA THR VA 35 -11.39 48.99 -10.52
C THR VA 35 -10.32 49.84 -9.85
N ASN VA 36 -9.79 50.83 -10.58
CA ASN VA 36 -8.80 51.72 -9.99
C ASN VA 36 -9.44 52.75 -9.07
N VAL VA 37 -10.61 53.28 -9.43
CA VAL VA 37 -11.23 54.31 -8.59
C VAL VA 37 -12.17 53.74 -7.54
N ALA VA 38 -12.35 52.42 -7.47
CA ALA VA 38 -13.25 51.83 -6.48
C ALA VA 38 -12.97 52.24 -5.05
N PRO VA 39 -11.74 52.11 -4.50
CA PRO VA 39 -11.55 52.44 -3.08
C PRO VA 39 -11.74 53.91 -2.76
N ILE VA 40 -11.34 54.81 -3.66
CA ILE VA 40 -11.51 56.23 -3.43
C ILE VA 40 -13.00 56.58 -3.45
N ALA VA 41 -13.76 55.95 -4.34
CA ALA VA 41 -15.20 56.17 -4.39
C ALA VA 41 -15.87 55.67 -3.12
N GLN VA 42 -15.48 54.48 -2.63
CA GLN VA 42 -15.99 54.00 -1.36
C GLN VA 42 -15.69 54.97 -0.23
N GLY VA 43 -14.47 55.50 -0.19
CA GLY VA 43 -14.13 56.44 0.87
C GLY VA 43 -14.93 57.72 0.80
N ASN VA 44 -15.15 58.25 -0.40
CA ASN VA 44 -15.97 59.45 -0.55
C ASN VA 44 -17.41 59.20 -0.12
N PHE VA 45 -17.98 58.06 -0.51
CA PHE VA 45 -19.32 57.70 -0.08
C PHE VA 45 -19.41 57.63 1.44
N GLN VA 46 -18.51 56.85 2.06
CA GLN VA 46 -18.50 56.72 3.52
C GLN VA 46 -18.29 58.05 4.21
N THR VA 47 -17.56 58.98 3.58
CA THR VA 47 -17.30 60.25 4.22
C THR VA 47 -18.50 61.18 4.14
N ASN VA 48 -19.28 61.09 3.06
CA ASN VA 48 -20.29 62.12 2.82
C ASN VA 48 -21.72 61.72 3.10
N VAL VA 49 -22.13 60.47 2.86
CA VAL VA 49 -23.56 60.12 2.87
C VAL VA 49 -24.20 60.15 4.26
N PRO VA 50 -23.52 59.80 5.37
CA PRO VA 50 -24.18 59.86 6.68
C PRO VA 50 -24.80 61.22 7.02
N LYS VA 51 -24.15 62.32 6.64
CA LYS VA 51 -24.68 63.64 6.89
C LYS VA 51 -26.03 63.87 6.23
N PHE VA 52 -26.35 63.11 5.19
CA PHE VA 52 -27.60 63.25 4.48
C PHE VA 52 -28.64 62.23 4.88
N THR VA 53 -28.23 61.01 5.23
CA THR VA 53 -29.18 60.06 5.82
C THR VA 53 -29.72 60.57 7.16
N SER VA 54 -28.85 61.21 7.95
CA SER VA 54 -29.31 61.80 9.21
C SER VA 54 -30.36 62.88 8.95
N VAL VA 55 -30.11 63.75 7.98
CA VAL VA 55 -31.06 64.80 7.64
C VAL VA 55 -32.37 64.19 7.17
N ASN VA 56 -32.30 63.10 6.40
CA ASN VA 56 -33.50 62.42 5.95
C ASN VA 56 -34.34 61.95 7.13
N GLU VA 57 -33.73 61.26 8.09
CA GLU VA 57 -34.49 60.73 9.22
C GLU VA 57 -35.05 61.86 10.09
N GLN VA 58 -34.28 62.92 10.32
CA GLN VA 58 -34.75 64.03 11.14
C GLN VA 58 -35.89 64.79 10.48
N VAL VA 59 -35.76 65.07 9.17
CA VAL VA 59 -36.83 65.76 8.47
C VAL VA 59 -38.07 64.87 8.38
N SER VA 60 -37.89 63.55 8.28
CA SER VA 60 -39.04 62.66 8.29
C SER VA 60 -39.79 62.73 9.61
N ALA VA 61 -39.06 62.67 10.72
CA ALA VA 61 -39.69 62.82 12.03
C ALA VA 61 -40.40 64.16 12.15
N VAL VA 62 -39.83 65.22 11.58
CA VAL VA 62 -40.47 66.54 11.65
C VAL VA 62 -41.72 66.58 10.80
N LEU VA 63 -41.68 66.00 9.60
CA LEU VA 63 -42.82 66.04 8.69
C LEU VA 63 -43.99 65.21 9.20
N THR VA 64 -43.72 64.11 9.91
CA THR VA 64 -44.81 63.32 10.47
C THR VA 64 -45.57 64.09 11.54
N GLN VA 65 -44.91 65.05 12.21
CA GLN VA 65 -45.58 65.87 13.21
C GLN VA 65 -46.47 66.94 12.59
N TYR VA 66 -46.31 67.24 11.31
CA TYR VA 66 -47.06 68.29 10.66
C TYR VA 66 -48.11 67.78 9.68
N GLY VA 67 -48.31 66.47 9.58
CA GLY VA 67 -49.36 65.91 8.76
C GLY VA 67 -49.05 65.80 7.29
N VAL VA 68 -47.78 65.85 6.91
CA VAL VA 68 -47.40 65.85 5.50
C VAL VA 68 -47.24 64.40 5.03
N THR VA 69 -47.89 64.08 3.92
CA THR VA 69 -47.93 62.71 3.41
C THR VA 69 -47.74 62.73 1.89
N GLY VA 70 -47.19 61.64 1.37
CA GLY VA 70 -47.11 61.42 -0.05
C GLY VA 70 -46.00 62.21 -0.72
N PRO VA 71 -46.19 62.50 -2.02
CA PRO VA 71 -45.17 63.28 -2.74
C PRO VA 71 -44.92 64.65 -2.16
N SER VA 72 -45.89 65.22 -1.43
CA SER VA 72 -45.66 66.50 -0.77
C SER VA 72 -44.53 66.43 0.25
N ARG VA 73 -44.25 65.25 0.79
CA ARG VA 73 -43.10 65.12 1.67
C ARG VA 73 -41.80 65.37 0.91
N ALA VA 74 -41.72 64.86 -0.32
CA ALA VA 74 -40.50 65.01 -1.11
C ALA VA 74 -40.05 66.45 -1.17
N ILE VA 75 -40.98 67.38 -1.43
CA ILE VA 75 -40.66 68.80 -1.44
C ILE VA 75 -39.76 69.15 -0.27
N TYR VA 76 -40.27 68.92 0.94
CA TYR VA 76 -39.53 69.32 2.12
C TYR VA 76 -38.25 68.50 2.26
N GLN VA 77 -38.32 67.19 2.02
CA GLN VA 77 -37.10 66.40 2.02
C GLN VA 77 -36.08 67.03 1.10
N GLY VA 78 -36.48 67.30 -0.15
CA GLY VA 78 -35.56 67.92 -1.08
C GLY VA 78 -34.99 69.20 -0.53
N TYR VA 79 -35.86 70.08 -0.04
CA TYR VA 79 -35.39 71.35 0.51
C TYR VA 79 -34.37 71.10 1.60
N GLY VA 80 -34.70 70.20 2.54
CA GLY VA 80 -33.78 69.90 3.61
C GLY VA 80 -32.43 69.46 3.08
N LEU VA 81 -32.43 68.54 2.12
CA LEU VA 81 -31.18 68.07 1.57
C LEU VA 81 -30.41 69.22 0.94
N LYS VA 82 -31.10 70.10 0.21
CA LYS VA 82 -30.46 71.26 -0.36
C LYS VA 82 -29.71 72.04 0.71
N VAL VA 83 -30.38 72.30 1.84
CA VAL VA 83 -29.74 73.07 2.90
C VAL VA 83 -28.48 72.35 3.37
N ALA VA 84 -28.57 71.03 3.59
CA ALA VA 84 -27.39 70.30 4.03
C ALA VA 84 -26.25 70.45 3.04
N ARG VA 85 -26.56 70.48 1.74
CA ARG VA 85 -25.51 70.67 0.74
C ARG VA 85 -24.75 71.96 1.02
N ALA VA 86 -25.46 73.07 1.22
CA ALA VA 86 -24.79 74.31 1.55
C ALA VA 86 -23.93 74.16 2.79
N LEU VA 87 -24.49 73.52 3.84
CA LEU VA 87 -23.74 73.37 5.07
C LEU VA 87 -22.49 72.54 4.83
N ASN VA 88 -22.56 71.58 3.91
CA ASN VA 88 -21.39 70.78 3.63
C ASN VA 88 -20.38 71.53 2.80
N ARG VA 89 -20.84 72.45 1.95
CA ARG VA 89 -19.95 73.07 0.97
C ARG VA 89 -19.22 74.27 1.55
N ILE VA 90 -19.97 75.25 2.05
CA ILE VA 90 -19.38 76.52 2.46
C ILE VA 90 -19.26 76.66 3.98
N GLY VA 91 -20.03 75.93 4.75
CA GLY VA 91 -19.95 75.98 6.20
C GLY VA 91 -20.89 77.00 6.80
N ALA VA 92 -20.84 77.08 8.12
CA ALA VA 92 -21.69 78.00 8.86
C ALA VA 92 -21.11 79.41 8.83
N GLY VA 93 -21.99 80.40 8.70
CA GLY VA 93 -21.59 81.78 8.57
C GLY VA 93 -22.59 82.55 7.74
N PRO VA 94 -22.31 83.83 7.50
CA PRO VA 94 -23.27 84.69 6.77
C PRO VA 94 -23.62 84.19 5.38
N ALA VA 95 -22.68 83.54 4.69
CA ALA VA 95 -23.00 82.96 3.39
C ALA VA 95 -24.10 81.91 3.51
N LEU VA 96 -24.10 81.16 4.61
CA LEU VA 96 -25.15 80.17 4.83
C LEU VA 96 -26.50 80.84 5.08
N THR VA 97 -26.52 81.97 5.78
CA THR VA 97 -27.76 82.71 5.95
C THR VA 97 -28.30 83.19 4.61
N ASN VA 98 -27.41 83.73 3.76
CA ASN VA 98 -27.83 84.17 2.44
C ASN VA 98 -28.40 83.03 1.61
N MET VA 99 -27.72 81.88 1.61
CA MET VA 99 -28.21 80.75 0.82
C MET VA 99 -29.51 80.18 1.39
N VAL VA 100 -29.68 80.18 2.71
CA VAL VA 100 -30.93 79.67 3.28
C VAL VA 100 -32.10 80.57 2.90
N ALA VA 101 -31.89 81.89 2.97
CA ALA VA 101 -32.95 82.80 2.54
C ALA VA 101 -33.28 82.62 1.06
N GLY VA 102 -32.25 82.48 0.22
CA GLY VA 102 -32.49 82.26 -1.19
C GLY VA 102 -33.24 80.98 -1.47
N LEU VA 103 -32.91 79.90 -0.76
CA LEU VA 103 -33.58 78.62 -0.96
C LEU VA 103 -35.02 78.67 -0.47
N LYS VA 104 -35.28 79.36 0.63
CA LYS VA 104 -36.66 79.49 1.09
C LYS VA 104 -37.50 80.26 0.08
N ALA VA 105 -36.98 81.38 -0.43
CA ALA VA 105 -37.68 82.11 -1.48
C ALA VA 105 -37.92 81.21 -2.69
N TYR VA 106 -36.90 80.47 -3.10
CA TYR VA 106 -37.01 79.56 -4.24
C TYR VA 106 -38.16 78.58 -4.06
N TYR VA 107 -38.17 77.85 -2.94
CA TYR VA 107 -39.17 76.82 -2.74
C TYR VA 107 -40.56 77.40 -2.56
N VAL VA 108 -40.71 78.46 -1.78
CA VAL VA 108 -42.04 79.02 -1.54
C VAL VA 108 -42.64 79.58 -2.81
N SER VA 109 -41.84 80.26 -3.64
CA SER VA 109 -42.44 80.95 -4.79
C SER VA 109 -42.45 80.07 -6.04
N ALA VA 110 -41.65 79.01 -6.08
CA ALA VA 110 -41.65 78.13 -7.25
C ALA VA 110 -42.48 76.87 -7.06
N TYR VA 111 -42.46 76.28 -5.87
CA TYR VA 111 -43.05 74.97 -5.66
C TYR VA 111 -44.21 74.97 -4.68
N GLY VA 112 -44.62 76.14 -4.20
CA GLY VA 112 -45.76 76.23 -3.32
C GLY VA 112 -45.57 75.58 -1.97
N ALA VA 113 -44.34 75.59 -1.45
CA ALA VA 113 -44.09 75.04 -0.13
C ALA VA 113 -44.60 75.98 0.94
N ASN VA 114 -44.88 75.41 2.11
CA ASN VA 114 -45.37 76.13 3.28
C ASN VA 114 -44.22 76.77 4.04
N PRO VA 115 -44.24 78.08 4.27
CA PRO VA 115 -43.12 78.71 4.99
C PRO VA 115 -42.91 78.15 6.39
N GLU VA 116 -43.98 77.77 7.08
CA GLU VA 116 -43.86 77.27 8.46
C GLU VA 116 -43.14 75.93 8.49
N ILE VA 117 -43.45 75.03 7.57
CA ILE VA 117 -42.76 73.74 7.55
C ILE VA 117 -41.33 73.90 7.07
N LEU VA 118 -41.06 74.87 6.19
CA LEU VA 118 -39.68 75.16 5.83
C LEU VA 118 -38.90 75.67 7.04
N ASP VA 119 -39.54 76.48 7.88
CA ASP VA 119 -38.92 76.91 9.12
C ASP VA 119 -38.62 75.74 10.03
N ALA VA 120 -39.57 74.81 10.17
CA ALA VA 120 -39.35 73.65 11.04
C ALA VA 120 -38.22 72.77 10.52
N VAL VA 121 -38.14 72.60 9.20
CA VAL VA 121 -37.09 71.77 8.61
C VAL VA 121 -35.72 72.41 8.80
N THR VA 122 -35.60 73.70 8.46
CA THR VA 122 -34.30 74.35 8.65
C THR VA 122 -33.94 74.50 10.12
N ASN VA 123 -34.92 74.49 11.02
CA ASN VA 123 -34.64 74.50 12.45
C ASN VA 123 -34.10 73.15 12.92
N ILE VA 124 -34.68 72.04 12.46
CA ILE VA 124 -34.13 70.75 12.86
C ILE VA 124 -32.76 70.52 12.23
N ILE VA 125 -32.47 71.19 11.11
CA ILE VA 125 -31.17 70.99 10.47
C ILE VA 125 -30.09 71.90 11.07
N LEU VA 126 -30.32 73.20 11.06
CA LEU VA 126 -29.28 74.16 11.41
C LEU VA 126 -29.35 74.64 12.86
N GLY VA 127 -30.50 74.54 13.50
CA GLY VA 127 -30.67 74.95 14.88
C GLY VA 127 -31.57 76.14 15.06
N SER VA 128 -31.80 76.91 14.00
CA SER VA 128 -32.67 78.08 14.06
C SER VA 128 -33.41 78.20 12.75
N PRO VA 129 -34.62 78.78 12.76
CA PRO VA 129 -35.34 79.00 11.49
C PRO VA 129 -34.58 79.83 10.48
N THR VA 130 -33.89 80.87 10.93
CA THR VA 130 -33.09 81.68 10.01
C THR VA 130 -31.73 81.05 9.74
N GLY VA 131 -31.14 80.40 10.73
CA GLY VA 131 -29.87 79.75 10.57
C GLY VA 131 -28.66 80.51 11.08
N TYR VA 132 -28.86 81.55 11.89
CA TYR VA 132 -27.74 82.33 12.41
C TYR VA 132 -26.87 81.47 13.31
#